data_6TA6
#
_entry.id   6TA6
#
_cell.length_a   1.00
_cell.length_b   1.00
_cell.length_c   1.00
_cell.angle_alpha   90.00
_cell.angle_beta   90.00
_cell.angle_gamma   90.00
#
_symmetry.space_group_name_H-M   'P 1'
#
loop_
_entity.id
_entity.type
_entity.pdbx_description
1 polymer 'Outer membrane protein OprM'
2 polymer 'MexA family multidrug efflux RND transporter periplasmic adaptor subunit'
3 polymer 'Efflux pump membrane transporter'
#
loop_
_entity_poly.entity_id
_entity_poly.type
_entity_poly.pdbx_seq_one_letter_code
_entity_poly.pdbx_strand_id
1 'polypeptide(L)'
;CSLIPDYQRPEAPVAAAYPQGQAYGQNTGAAAVPAADIGWREFFRDPQLQQLIGVALENNRDLRVAALNVEAFRAQYRIQ
RADLFPRIGVDGSGTRQRLPGDLSTTGSPAISSQYGVTLGTTAWELDLFGRLRSLRDQALEQYLATEQAQRSAQTTLVAS
VATAYLTLKADQAQLQLTKDTLGTYQKSFDLTQRSYDVGVASALDLRQAQTAVEGARATLAQYTRLVAQDQNALVLLLGS
GIPANLPQGLGLDQTLLTEVPAGLPSDLLQRRPDILEAEHQLMAANASIGAARAAFFPSISLTANAGTMSRQLSGLFDAG
SGSWLFQPSINLPIFTAGSLRASLDYAKIQKDINVAQYEKAIQTAFQEVADGLAARGTFTEQLQAQRDLVKASDEYYQLA
DKRYRTGVDNYLTLLDAQRSLFTAQQQLITDRLNQLTSEVNLYKALGGGWNQQTVTQQQTAKKEDPQAHHHHHH
;
A,B,C
2 'polypeptide(L)'
;CGKSEAPPPAQTPEVGIVTLEAQTVTLNTELPGRTNAFRIAEVRPQVNGIILKRLFKEGSDVKAGQQLYQIDPATYEADY
QSAQANLASTQEQAQRYKLLVADQAVSKQQYADANAAYLQSKAAVEQARINLRYTKVLSPISGRIGRSAVTEGALVTNGQ
ANAMATVQQLDPIYVDVTQPSTALLRLRRELASGQLERAGDNAAKVSLKLEDGSQYPLEGRLEFSEVSVDEGTGSVTIRA
VFPNPNNELLPGMFVHAQLQEGVKQKAILAPQQGVTRDLKGQATALVVNAQNKVELRVIKADRVIGDKWLVTEGLNAGDK
IITEGLQFVQPGVEVKTVPAKNVASAQKADAAPAKTDSKGHHHHHH
;
D,E,F,G,H,I
3 'polypeptide(L)'
;MSKFFIDRPIFAWVIALVIMLAGGLSILSLPVNQYPAIAPPAIAVQVSYPGASAETVQDTVVQVIEQQMNGIDNLRYISS
ESNSDGSMTITVTFEQGTDPDIAQVQVQNKLQLATPLLPQEVQRQGIRVTKAVKNFLMVVGVVSTDGSMTKEDLSNYIVS
NIQDPLSRTKGVGDFQVFGSQYSMRIWLDPAKLNSYQLTPGDVSSAIQAQNVQISSGQLGGLPAVKGQQLNATIIGKTRL
QTAEQFENILLKVNPDGSQVRLKDVADVGLGGQDYSINAQFNGSPASGIAIKLATGANALDTAKAIRQTIANLEPFMPQG
MKVVYPYDTTPVVSASIHEVVKTLGEAILLVFLVMYLFLQNFRATLIPTIAVPVVLLGTFGVLAAFGFSINTLTMFGMVL
AIGLLVDDAIVVVENVERVMAEEGLSPREAARKSMGQIQGALVGIAMVLSAVFLPMAFFGGSTGVIYRQFSITIVSAMAL
SVIVALILTPALCATMLKPIEKGDHGEHKGGFFGWFNRMFLSTTHGYERGVASILKHRAPYLLIYVVIVAGMIWMFTRIP
TAFLPDEDQGVLFAQVQTPPGSSAERTQVVVDSMREYLLEKESSSVSSVFTVTGFNFAGRGQSSGMAFIMLKPWEERPGG
ENSVFELAKRAQMHFFSFKDAMVFAFAPPSVLELGNATGFDLFLQDQAGVGHEVLLQARNKFLMLAAQNPALQRVRPNGM
SDEPQYKLEIDDEKASALGVSLADINSTVSIAWGSSYVNDFIDRGRVKRVYLQGRPDARMNPDDLSKWYVRNDKGEMVPF
NAFATGKWEYGSPKLERYNGVPAMEILGEPAPGLSSGDAMAAVEEIVKQLPKGVGYSWTGLSYEERLSGSQAPALYALSL
LVVFLCLAALYESWSIPFSVMLVVPLGVIGALLATSMRGLSNDVFFQVGLLTTIGLSAKNAILIVEFAKELHEQGKGIVE
AAIEACRMRLRPIVMTSLAFILGVVPLAISTGAGSGSQHAIGTGVIGGMVTATVLAIFWVPLFYVAVSTLFKDEASKQQA
SVEKGQHHHHHH
;
J,K,L
#
# COMPACT_ATOMS: atom_id res chain seq x y z
N CYS A 1 -50.22 157.56 -41.52
CA CYS A 1 -49.55 156.94 -42.65
C CYS A 1 -49.02 155.56 -42.27
N SER A 2 -49.13 154.61 -43.19
CA SER A 2 -48.63 153.26 -42.95
C SER A 2 -47.16 153.17 -43.31
N LEU A 3 -46.33 152.77 -42.34
CA LEU A 3 -44.91 152.64 -42.57
C LEU A 3 -44.31 151.34 -42.06
N ILE A 4 -44.99 150.60 -41.18
CA ILE A 4 -44.49 149.27 -40.79
C ILE A 4 -44.74 148.30 -41.94
N PRO A 5 -43.74 147.53 -42.36
CA PRO A 5 -43.93 146.61 -43.48
C PRO A 5 -44.82 145.42 -43.11
N ASP A 6 -45.21 144.68 -44.15
CA ASP A 6 -46.11 143.54 -43.95
C ASP A 6 -45.37 142.40 -43.26
N TYR A 7 -45.98 141.85 -42.22
CA TYR A 7 -45.40 140.75 -41.48
C TYR A 7 -45.69 139.43 -42.18
N GLN A 8 -44.67 138.55 -42.22
CA GLN A 8 -44.79 137.25 -42.83
C GLN A 8 -44.07 136.22 -41.97
N ARG A 9 -44.72 135.08 -41.75
CA ARG A 9 -44.13 134.02 -40.95
C ARG A 9 -43.05 133.30 -41.76
N PRO A 10 -41.84 133.13 -41.21
CA PRO A 10 -40.79 132.41 -41.93
C PRO A 10 -41.10 130.93 -42.03
N GLU A 11 -40.59 130.32 -43.10
CA GLU A 11 -40.86 128.92 -43.39
C GLU A 11 -40.04 128.01 -42.50
N ALA A 12 -40.68 126.95 -42.02
CA ALA A 12 -40.01 125.94 -41.22
C ALA A 12 -39.13 125.08 -42.13
N PRO A 13 -37.82 125.04 -41.89
CA PRO A 13 -36.94 124.27 -42.80
C PRO A 13 -37.03 122.77 -42.60
N VAL A 14 -37.62 122.30 -41.52
CA VAL A 14 -37.64 120.88 -41.18
C VAL A 14 -38.64 120.14 -42.06
N ALA A 15 -38.59 118.82 -42.04
CA ALA A 15 -39.54 118.02 -42.79
C ALA A 15 -40.93 118.13 -42.15
N ALA A 16 -41.95 118.12 -43.00
CA ALA A 16 -43.33 118.29 -42.54
C ALA A 16 -43.86 117.07 -41.79
N ALA A 17 -43.21 115.92 -41.93
CA ALA A 17 -43.55 114.73 -41.16
C ALA A 17 -42.34 114.32 -40.35
N TYR A 18 -42.58 113.55 -39.29
CA TYR A 18 -41.48 113.09 -38.45
C TYR A 18 -40.66 112.03 -39.18
N PRO A 19 -39.34 112.04 -39.04
CA PRO A 19 -38.52 111.04 -39.71
C PRO A 19 -38.66 109.68 -39.05
N GLN A 20 -38.44 108.63 -39.82
CA GLN A 20 -38.61 107.27 -39.37
C GLN A 20 -37.26 106.57 -39.18
N GLY A 21 -37.33 105.37 -38.64
CA GLY A 21 -36.13 104.58 -38.37
C GLY A 21 -36.53 103.27 -37.71
N GLN A 22 -35.50 102.52 -37.32
CA GLN A 22 -35.74 101.23 -36.69
C GLN A 22 -36.19 101.38 -35.24
N ALA A 23 -35.78 102.46 -34.58
CA ALA A 23 -36.21 102.67 -33.20
C ALA A 23 -37.64 103.20 -33.13
N TYR A 24 -38.11 103.88 -34.17
CA TYR A 24 -39.44 104.46 -34.21
C TYR A 24 -40.46 103.46 -34.73
N GLY A 25 -41.71 103.66 -34.33
CA GLY A 25 -42.83 102.93 -34.87
C GLY A 25 -43.38 103.60 -36.10
N GLN A 26 -44.70 103.51 -36.28
CA GLN A 26 -45.36 104.19 -37.37
C GLN A 26 -45.81 105.57 -36.92
N ASN A 27 -45.55 106.58 -37.76
CA ASN A 27 -46.06 107.92 -37.49
C ASN A 27 -47.57 107.91 -37.67
N THR A 28 -48.30 108.31 -36.61
CA THR A 28 -49.74 108.40 -36.67
C THR A 28 -50.22 109.62 -37.45
N GLY A 29 -49.32 110.52 -37.85
CA GLY A 29 -49.70 111.71 -38.57
C GLY A 29 -50.34 112.72 -37.65
N ALA A 30 -51.04 113.68 -38.24
CA ALA A 30 -51.74 114.70 -37.48
C ALA A 30 -52.93 114.10 -36.76
N ALA A 31 -53.30 114.72 -35.63
CA ALA A 31 -54.38 114.21 -34.81
C ALA A 31 -55.26 115.38 -34.37
N ALA A 32 -56.40 115.02 -33.76
CA ALA A 32 -57.37 116.05 -33.38
C ALA A 32 -56.93 116.79 -32.12
N VAL A 33 -56.28 116.10 -31.19
CA VAL A 33 -55.95 116.70 -29.91
C VAL A 33 -54.47 116.49 -29.58
N PRO A 34 -53.62 117.53 -29.74
CA PRO A 34 -52.21 117.41 -29.33
C PRO A 34 -51.97 117.72 -27.87
N ALA A 35 -50.69 117.68 -27.45
CA ALA A 35 -50.35 117.69 -26.03
C ALA A 35 -50.59 119.05 -25.38
N ALA A 36 -50.66 120.12 -26.19
CA ALA A 36 -50.99 121.43 -25.64
C ALA A 36 -52.44 121.51 -25.19
N ASP A 37 -53.30 120.62 -25.71
CA ASP A 37 -54.71 120.67 -25.35
C ASP A 37 -54.99 119.93 -24.04
N ILE A 38 -54.38 118.76 -23.84
CA ILE A 38 -54.59 118.00 -22.61
C ILE A 38 -53.94 118.71 -21.44
N GLY A 39 -54.73 119.00 -20.41
CA GLY A 39 -54.21 119.59 -19.20
C GLY A 39 -53.53 118.58 -18.30
N TRP A 40 -52.93 119.09 -17.22
CA TRP A 40 -52.17 118.23 -16.32
C TRP A 40 -53.04 117.42 -15.39
N ARG A 41 -54.31 117.79 -15.22
CA ARG A 41 -55.22 117.00 -14.41
C ARG A 41 -55.62 115.71 -15.13
N GLU A 42 -55.52 115.67 -16.46
CA GLU A 42 -55.84 114.48 -17.24
C GLU A 42 -54.63 113.63 -17.58
N PHE A 43 -53.43 114.23 -17.64
CA PHE A 43 -52.26 113.48 -18.06
C PHE A 43 -51.76 112.59 -16.94
N PHE A 44 -51.64 113.13 -15.73
CA PHE A 44 -51.13 112.38 -14.58
C PHE A 44 -52.31 111.70 -13.90
N ARG A 45 -52.31 110.36 -13.90
CA ARG A 45 -53.40 109.64 -13.28
C ARG A 45 -53.27 109.51 -11.77
N ASP A 46 -52.11 109.86 -11.22
CA ASP A 46 -51.95 109.85 -9.77
C ASP A 46 -52.57 111.11 -9.17
N PRO A 47 -53.42 110.98 -8.15
CA PRO A 47 -54.05 112.18 -7.57
C PRO A 47 -53.12 112.96 -6.66
N GLN A 48 -52.10 112.33 -6.09
CA GLN A 48 -51.25 112.98 -5.10
C GLN A 48 -50.38 114.06 -5.74
N LEU A 49 -49.74 113.73 -6.86
CA LEU A 49 -48.91 114.72 -7.53
C LEU A 49 -49.78 115.78 -8.19
N GLN A 50 -51.02 115.42 -8.53
CA GLN A 50 -51.97 116.42 -9.02
C GLN A 50 -52.32 117.44 -7.94
N GLN A 51 -52.49 116.99 -6.70
CA GLN A 51 -52.72 117.95 -5.62
C GLN A 51 -51.46 118.74 -5.32
N LEU A 52 -50.29 118.14 -5.54
CA LEU A 52 -49.04 118.90 -5.40
C LEU A 52 -48.92 119.99 -6.47
N ILE A 53 -49.33 119.69 -7.70
CA ILE A 53 -49.33 120.69 -8.75
C ILE A 53 -50.38 121.77 -8.47
N GLY A 54 -51.51 121.38 -7.88
CA GLY A 54 -52.50 122.36 -7.46
C GLY A 54 -51.99 123.27 -6.34
N VAL A 55 -51.12 122.75 -5.50
CA VAL A 55 -50.45 123.58 -4.50
C VAL A 55 -49.47 124.54 -5.18
N ALA A 56 -48.65 124.02 -6.10
CA ALA A 56 -47.65 124.82 -6.79
C ALA A 56 -48.26 125.80 -7.79
N LEU A 57 -49.56 125.69 -8.08
CA LEU A 57 -50.26 126.68 -8.87
C LEU A 57 -50.25 128.06 -8.24
N GLU A 58 -50.23 128.11 -6.92
CA GLU A 58 -50.29 129.38 -6.21
C GLU A 58 -49.12 129.59 -5.26
N ASN A 59 -48.43 128.53 -4.85
CA ASN A 59 -47.39 128.67 -3.85
C ASN A 59 -45.99 128.75 -4.42
N ASN A 60 -45.83 128.72 -5.75
CA ASN A 60 -44.50 128.79 -6.32
C ASN A 60 -44.04 130.24 -6.46
N ARG A 61 -42.73 130.42 -6.49
CA ARG A 61 -42.12 131.74 -6.60
C ARG A 61 -42.00 132.21 -8.04
N ASP A 62 -41.52 131.35 -8.94
CA ASP A 62 -41.27 131.77 -10.31
C ASP A 62 -42.55 131.98 -11.09
N LEU A 63 -43.59 131.19 -10.79
CA LEU A 63 -44.89 131.42 -11.40
C LEU A 63 -45.47 132.76 -10.96
N ARG A 64 -45.23 133.13 -9.70
CA ARG A 64 -45.64 134.43 -9.20
C ARG A 64 -44.84 135.55 -9.86
N VAL A 65 -43.55 135.32 -10.10
CA VAL A 65 -42.68 136.29 -10.76
C VAL A 65 -43.17 136.55 -12.18
N ALA A 66 -43.47 135.49 -12.92
CA ALA A 66 -43.93 135.66 -14.29
C ALA A 66 -45.34 136.25 -14.35
N ALA A 67 -46.20 135.90 -13.39
CA ALA A 67 -47.53 136.49 -13.32
C ALA A 67 -47.48 137.98 -13.00
N LEU A 68 -46.48 138.39 -12.20
CA LEU A 68 -46.31 139.82 -11.96
C LEU A 68 -45.70 140.51 -13.17
N ASN A 69 -44.78 139.85 -13.88
CA ASN A 69 -44.15 140.44 -15.06
C ASN A 69 -45.15 140.65 -16.19
N VAL A 70 -46.17 139.81 -16.25
CA VAL A 70 -47.26 140.02 -17.21
C VAL A 70 -47.96 141.35 -16.94
N GLU A 71 -48.25 141.63 -15.67
CA GLU A 71 -48.90 142.88 -15.31
C GLU A 71 -47.95 144.06 -15.46
N ALA A 72 -46.65 143.82 -15.28
CA ALA A 72 -45.64 144.85 -15.51
C ALA A 72 -45.62 145.28 -16.97
N PHE A 73 -45.63 144.31 -17.88
CA PHE A 73 -45.64 144.66 -19.30
C PHE A 73 -46.99 145.20 -19.74
N ARG A 74 -48.07 144.82 -19.04
CA ARG A 74 -49.38 145.44 -19.30
C ARG A 74 -49.37 146.92 -18.92
N ALA A 75 -48.77 147.25 -17.77
CA ALA A 75 -48.66 148.65 -17.36
C ALA A 75 -47.72 149.42 -18.27
N GLN A 76 -46.65 148.76 -18.75
CA GLN A 76 -45.74 149.41 -19.68
C GLN A 76 -46.39 149.66 -21.04
N TYR A 77 -47.32 148.78 -21.43
CA TYR A 77 -48.10 149.01 -22.64
C TYR A 77 -49.08 150.16 -22.44
N ARG A 78 -49.68 150.23 -21.25
CA ARG A 78 -50.66 151.28 -20.98
C ARG A 78 -50.00 152.65 -20.83
N ILE A 79 -48.71 152.68 -20.47
CA ILE A 79 -47.98 153.94 -20.45
C ILE A 79 -47.87 154.53 -21.86
N GLN A 80 -47.47 153.70 -22.83
CA GLN A 80 -47.39 154.17 -24.21
C GLN A 80 -48.77 154.40 -24.81
N ARG A 81 -49.78 153.67 -24.34
CA ARG A 81 -51.15 153.94 -24.76
C ARG A 81 -51.62 155.31 -24.26
N ALA A 82 -51.18 155.69 -23.05
CA ALA A 82 -51.49 157.02 -22.54
C ALA A 82 -50.67 158.10 -23.23
N ASP A 83 -49.49 157.75 -23.75
CA ASP A 83 -48.64 158.73 -24.40
C ASP A 83 -49.18 159.21 -25.74
N LEU A 84 -50.17 158.53 -26.32
CA LEU A 84 -50.78 158.99 -27.55
C LEU A 84 -51.65 160.23 -27.33
N PHE A 85 -52.10 160.44 -26.10
CA PHE A 85 -52.94 161.58 -25.75
C PHE A 85 -52.07 162.77 -25.39
N PRO A 86 -52.57 164.01 -25.58
CA PRO A 86 -51.78 165.18 -25.21
C PRO A 86 -51.62 165.33 -23.71
N ARG A 87 -50.51 165.95 -23.31
CA ARG A 87 -50.11 166.04 -21.92
C ARG A 87 -50.43 167.45 -21.39
N ILE A 88 -51.48 167.55 -20.60
CA ILE A 88 -51.84 168.81 -19.97
C ILE A 88 -51.01 168.99 -18.71
N GLY A 89 -50.34 170.14 -18.61
CA GLY A 89 -49.48 170.38 -17.46
C GLY A 89 -49.48 171.80 -16.95
N VAL A 90 -49.69 171.96 -15.65
CA VAL A 90 -49.56 173.26 -15.01
C VAL A 90 -48.11 173.69 -14.99
N ASP A 91 -47.83 174.86 -15.58
CA ASP A 91 -46.49 175.43 -15.64
C ASP A 91 -46.58 176.82 -15.01
N GLY A 92 -45.94 177.00 -13.86
CA GLY A 92 -45.87 178.29 -13.22
C GLY A 92 -44.45 178.84 -13.31
N SER A 93 -44.34 180.12 -13.61
CA SER A 93 -43.05 180.74 -13.86
C SER A 93 -42.86 181.94 -12.93
N GLY A 94 -41.78 182.69 -13.17
CA GLY A 94 -41.45 183.88 -12.43
C GLY A 94 -40.16 184.45 -12.99
N THR A 95 -40.02 185.78 -12.99
CA THR A 95 -38.87 186.40 -13.62
C THR A 95 -38.55 187.71 -12.91
N ARG A 96 -37.33 187.83 -12.41
CA ARG A 96 -36.83 189.10 -11.91
C ARG A 96 -35.39 189.23 -12.38
N GLN A 97 -35.16 190.07 -13.38
CA GLN A 97 -33.83 190.13 -13.97
C GLN A 97 -33.40 191.56 -14.24
N ARG A 98 -32.15 191.84 -13.92
CA ARG A 98 -31.51 193.08 -14.35
C ARG A 98 -30.92 192.90 -15.75
N LEU A 99 -30.78 194.01 -16.46
CA LEU A 99 -30.27 194.01 -17.81
C LEU A 99 -29.18 195.07 -17.89
N PRO A 100 -28.24 194.94 -18.83
CA PRO A 100 -27.30 196.02 -19.10
C PRO A 100 -27.98 197.18 -19.83
N GLY A 101 -27.21 198.26 -19.99
CA GLY A 101 -27.77 199.48 -20.54
C GLY A 101 -28.04 199.40 -22.03
N ASP A 102 -27.10 198.81 -22.78
CA ASP A 102 -27.24 198.79 -24.24
C ASP A 102 -28.21 197.70 -24.70
N LEU A 103 -28.64 196.82 -23.80
CA LEU A 103 -29.56 195.75 -24.15
C LEU A 103 -30.94 195.91 -23.51
N SER A 104 -31.13 196.94 -22.69
CA SER A 104 -32.39 197.11 -21.98
C SER A 104 -33.47 197.69 -22.90
N THR A 105 -34.70 197.72 -22.36
CA THR A 105 -35.78 198.43 -23.03
C THR A 105 -35.73 199.92 -22.70
N THR A 106 -34.99 200.29 -21.66
CA THR A 106 -34.92 201.65 -21.16
C THR A 106 -33.68 202.38 -21.66
N GLY A 107 -32.64 201.65 -22.04
CA GLY A 107 -31.33 202.26 -22.22
C GLY A 107 -30.57 202.46 -20.93
N SER A 108 -31.03 201.84 -19.85
CA SER A 108 -30.51 201.95 -18.51
C SER A 108 -30.75 200.65 -17.78
N PRO A 109 -29.89 200.27 -16.82
CA PRO A 109 -30.08 198.99 -16.11
C PRO A 109 -31.30 198.94 -15.22
N ALA A 110 -32.47 198.74 -15.82
CA ALA A 110 -33.71 198.58 -15.08
C ALA A 110 -33.92 197.10 -14.73
N ILE A 111 -34.46 196.84 -13.55
CA ILE A 111 -34.67 195.47 -13.08
C ILE A 111 -36.13 195.13 -13.42
N SER A 112 -36.30 194.35 -14.48
CA SER A 112 -37.64 194.02 -14.95
C SER A 112 -38.18 192.77 -14.26
N SER A 113 -39.48 192.80 -13.96
CA SER A 113 -40.18 191.70 -13.32
C SER A 113 -41.31 191.22 -14.20
N GLN A 114 -41.68 189.94 -14.01
CA GLN A 114 -42.73 189.28 -14.77
C GLN A 114 -43.18 188.05 -13.99
N TYR A 115 -44.47 187.74 -14.09
CA TYR A 115 -45.00 186.53 -13.49
C TYR A 115 -46.05 185.96 -14.43
N GLY A 116 -46.22 184.64 -14.38
CA GLY A 116 -47.20 184.00 -15.25
C GLY A 116 -47.38 182.54 -14.93
N VAL A 117 -48.64 182.13 -14.82
CA VAL A 117 -48.98 180.72 -14.68
C VAL A 117 -49.86 180.33 -15.87
N THR A 118 -49.73 179.08 -16.31
CA THR A 118 -50.47 178.62 -17.48
C THR A 118 -50.72 177.13 -17.37
N LEU A 119 -51.66 176.65 -18.18
CA LEU A 119 -51.95 175.23 -18.30
C LEU A 119 -52.27 174.93 -19.76
N GLY A 120 -51.84 173.77 -20.23
CA GLY A 120 -52.10 173.38 -21.60
C GLY A 120 -51.21 172.22 -21.99
N THR A 121 -51.09 172.03 -23.31
CA THR A 121 -50.28 170.96 -23.86
C THR A 121 -49.05 171.53 -24.56
N THR A 122 -47.93 170.86 -24.35
CA THR A 122 -46.64 171.26 -24.89
C THR A 122 -46.05 170.09 -25.68
N ALA A 123 -45.62 170.38 -26.92
CA ALA A 123 -44.93 169.43 -27.80
C ALA A 123 -45.78 168.20 -28.09
N TRP A 124 -47.07 168.42 -28.37
CA TRP A 124 -47.99 167.32 -28.68
C TRP A 124 -47.68 166.83 -30.08
N GLU A 125 -46.76 165.87 -30.15
CA GLU A 125 -46.38 165.29 -31.43
C GLU A 125 -47.50 164.38 -31.94
N LEU A 126 -47.92 164.62 -33.17
CA LEU A 126 -48.99 163.84 -33.79
C LEU A 126 -48.38 162.63 -34.50
N ASP A 127 -48.96 161.45 -34.25
CA ASP A 127 -48.49 160.20 -34.83
C ASP A 127 -49.07 160.02 -36.24
N LEU A 128 -48.69 160.94 -37.13
CA LEU A 128 -49.17 160.90 -38.50
C LEU A 128 -48.48 159.80 -39.31
N PHE A 129 -47.27 159.42 -38.90
CA PHE A 129 -46.44 158.48 -39.65
C PHE A 129 -46.22 157.18 -38.89
N GLY A 130 -47.00 156.95 -37.83
CA GLY A 130 -47.04 155.66 -37.18
C GLY A 130 -45.85 155.29 -36.33
N ARG A 131 -45.21 156.28 -35.71
CA ARG A 131 -44.10 155.98 -34.81
C ARG A 131 -44.62 155.51 -33.45
N LEU A 132 -45.55 156.27 -32.87
CA LEU A 132 -46.11 155.90 -31.58
C LEU A 132 -47.02 154.68 -31.70
N ARG A 133 -47.65 154.48 -32.86
CA ARG A 133 -48.39 153.25 -33.08
C ARG A 133 -47.45 152.05 -33.19
N SER A 134 -46.25 152.27 -33.73
CA SER A 134 -45.25 151.20 -33.76
C SER A 134 -44.76 150.88 -32.36
N LEU A 135 -44.61 151.90 -31.51
CA LEU A 135 -44.22 151.64 -30.13
C LEU A 135 -45.33 150.95 -29.34
N ARG A 136 -46.59 151.27 -29.69
CA ARG A 136 -47.74 150.57 -29.11
C ARG A 136 -47.72 149.10 -29.49
N ASP A 137 -47.47 148.81 -30.76
CA ASP A 137 -47.36 147.42 -31.22
C ASP A 137 -46.18 146.70 -30.57
N GLN A 138 -45.08 147.43 -30.35
CA GLN A 138 -43.90 146.83 -29.73
C GLN A 138 -44.17 146.48 -28.27
N ALA A 139 -44.83 147.37 -27.54
CA ALA A 139 -45.19 147.08 -26.15
C ALA A 139 -46.21 145.95 -26.06
N LEU A 140 -47.14 145.90 -27.01
CA LEU A 140 -48.10 144.80 -27.05
C LEU A 140 -47.43 143.47 -27.32
N GLU A 141 -46.45 143.46 -28.23
CA GLU A 141 -45.75 142.22 -28.55
C GLU A 141 -44.85 141.79 -27.39
N GLN A 142 -44.29 142.74 -26.66
CA GLN A 142 -43.49 142.38 -25.48
C GLN A 142 -44.36 141.83 -24.37
N TYR A 143 -45.57 142.36 -24.22
CA TYR A 143 -46.52 141.84 -23.23
C TYR A 143 -46.98 140.43 -23.60
N LEU A 144 -47.19 140.18 -24.89
CA LEU A 144 -47.55 138.85 -25.36
C LEU A 144 -46.38 137.88 -25.18
N ALA A 145 -45.15 138.34 -25.37
CA ALA A 145 -43.99 137.51 -25.10
C ALA A 145 -43.88 137.19 -23.62
N THR A 146 -44.27 138.13 -22.75
CA THR A 146 -44.25 137.87 -21.32
C THR A 146 -45.26 136.82 -20.91
N GLU A 147 -46.46 136.84 -21.50
CA GLU A 147 -47.45 135.83 -21.11
C GLU A 147 -47.10 134.45 -21.68
N GLN A 148 -46.46 134.43 -22.86
CA GLN A 148 -45.94 133.15 -23.37
C GLN A 148 -44.80 132.63 -22.48
N ALA A 149 -44.00 133.54 -21.92
CA ALA A 149 -42.95 133.14 -21.00
C ALA A 149 -43.52 132.58 -19.71
N GLN A 150 -44.64 133.15 -19.24
CA GLN A 150 -45.32 132.59 -18.07
C GLN A 150 -45.85 131.19 -18.34
N ARG A 151 -46.39 130.97 -19.55
CA ARG A 151 -46.85 129.64 -19.95
C ARG A 151 -45.70 128.63 -19.94
N SER A 152 -44.54 129.03 -20.49
CA SER A 152 -43.38 128.15 -20.53
C SER A 152 -42.87 127.84 -19.13
N ALA A 153 -42.85 128.84 -18.25
CA ALA A 153 -42.38 128.63 -16.89
C ALA A 153 -43.31 127.70 -16.12
N GLN A 154 -44.62 127.82 -16.33
CA GLN A 154 -45.57 126.95 -15.64
C GLN A 154 -45.44 125.51 -16.12
N THR A 155 -45.25 125.31 -17.43
CA THR A 155 -45.12 123.96 -17.97
C THR A 155 -43.84 123.30 -17.46
N THR A 156 -42.74 124.05 -17.42
CA THR A 156 -41.49 123.50 -16.91
C THR A 156 -41.56 123.20 -15.42
N LEU A 157 -42.26 124.03 -14.66
CA LEU A 157 -42.43 123.76 -13.23
C LEU A 157 -43.27 122.50 -12.99
N VAL A 158 -44.32 122.31 -13.81
CA VAL A 158 -45.15 121.11 -13.71
C VAL A 158 -44.33 119.86 -14.01
N ALA A 159 -43.51 119.91 -15.07
CA ALA A 159 -42.68 118.76 -15.42
C ALA A 159 -41.65 118.46 -14.35
N SER A 160 -41.06 119.51 -13.76
CA SER A 160 -40.03 119.31 -12.74
C SER A 160 -40.61 118.69 -11.46
N VAL A 161 -41.77 119.19 -11.02
CA VAL A 161 -42.41 118.64 -9.83
C VAL A 161 -42.85 117.20 -10.06
N ALA A 162 -43.33 116.91 -11.27
CA ALA A 162 -43.75 115.54 -11.59
C ALA A 162 -42.57 114.56 -11.59
N THR A 163 -41.44 114.97 -12.19
CA THR A 163 -40.26 114.09 -12.20
C THR A 163 -39.69 113.91 -10.80
N ALA A 164 -39.74 114.95 -9.96
CA ALA A 164 -39.25 114.82 -8.60
C ALA A 164 -40.11 113.85 -7.79
N TYR A 165 -41.43 113.91 -7.97
CA TYR A 165 -42.32 113.01 -7.24
C TYR A 165 -42.14 111.57 -7.70
N LEU A 166 -42.03 111.35 -9.02
CA LEU A 166 -41.83 109.99 -9.50
C LEU A 166 -40.46 109.43 -9.13
N THR A 167 -39.45 110.30 -9.03
CA THR A 167 -38.12 109.86 -8.58
C THR A 167 -38.15 109.43 -7.12
N LEU A 168 -38.87 110.17 -6.28
CA LEU A 168 -39.04 109.78 -4.89
C LEU A 168 -39.81 108.47 -4.76
N LYS A 169 -40.86 108.31 -5.59
CA LYS A 169 -41.66 107.09 -5.57
C LYS A 169 -40.85 105.87 -6.00
N ALA A 170 -39.95 106.04 -6.96
CA ALA A 170 -39.07 104.94 -7.36
C ALA A 170 -38.06 104.62 -6.26
N ASP A 171 -37.44 105.66 -5.69
CA ASP A 171 -36.34 105.41 -4.76
C ASP A 171 -36.82 104.87 -3.42
N GLN A 172 -38.11 105.05 -3.08
CA GLN A 172 -38.64 104.43 -1.87
C GLN A 172 -38.64 102.90 -1.98
N ALA A 173 -39.19 102.37 -3.09
CA ALA A 173 -39.18 100.93 -3.29
C ALA A 173 -37.77 100.39 -3.51
N GLN A 174 -36.89 101.21 -4.13
CA GLN A 174 -35.50 100.79 -4.28
C GLN A 174 -34.79 100.69 -2.93
N LEU A 175 -35.11 101.60 -2.01
CA LEU A 175 -34.57 101.51 -0.65
C LEU A 175 -35.10 100.28 0.07
N GLN A 176 -36.37 99.94 -0.17
CA GLN A 176 -36.94 98.73 0.42
C GLN A 176 -36.22 97.47 -0.08
N LEU A 177 -35.91 97.42 -1.38
CA LEU A 177 -35.21 96.27 -1.93
C LEU A 177 -33.77 96.21 -1.45
N THR A 178 -33.14 97.36 -1.22
CA THR A 178 -31.77 97.34 -0.69
C THR A 178 -31.77 96.90 0.78
N LYS A 179 -32.84 97.21 1.51
CA LYS A 179 -32.98 96.68 2.87
C LYS A 179 -33.16 95.17 2.85
N ASP A 180 -33.89 94.66 1.84
CA ASP A 180 -34.01 93.20 1.67
C ASP A 180 -32.66 92.57 1.37
N THR A 181 -31.84 93.24 0.57
CA THR A 181 -30.50 92.74 0.25
C THR A 181 -29.62 92.70 1.51
N LEU A 182 -29.74 93.73 2.34
CA LEU A 182 -28.96 93.78 3.57
C LEU A 182 -29.39 92.67 4.54
N GLY A 183 -30.70 92.38 4.59
CA GLY A 183 -31.17 91.30 5.44
C GLY A 183 -30.70 89.93 4.95
N THR A 184 -30.73 89.73 3.63
CA THR A 184 -30.22 88.49 3.03
C THR A 184 -28.74 88.31 3.32
N TYR A 185 -27.95 89.37 3.17
CA TYR A 185 -26.52 89.28 3.43
C TYR A 185 -26.22 89.09 4.91
N GLN A 186 -27.04 89.64 5.79
CA GLN A 186 -26.84 89.41 7.22
C GLN A 186 -27.14 87.97 7.60
N LYS A 187 -28.19 87.39 7.00
CA LYS A 187 -28.47 85.98 7.23
C LYS A 187 -27.34 85.09 6.71
N SER A 188 -26.81 85.42 5.53
CA SER A 188 -25.73 84.63 4.95
C SER A 188 -24.46 84.74 5.80
N PHE A 189 -24.16 85.94 6.30
CA PHE A 189 -22.99 86.12 7.14
C PHE A 189 -23.15 85.40 8.47
N ASP A 190 -24.37 85.35 9.01
CA ASP A 190 -24.60 84.63 10.26
C ASP A 190 -24.46 83.12 10.06
N LEU A 191 -24.90 82.62 8.90
CA LEU A 191 -24.74 81.20 8.59
C LEU A 191 -23.28 80.84 8.44
N THR A 192 -22.50 81.67 7.75
CA THR A 192 -21.08 81.38 7.60
C THR A 192 -20.33 81.56 8.92
N GLN A 193 -20.83 82.44 9.79
CA GLN A 193 -20.24 82.58 11.12
C GLN A 193 -20.48 81.34 11.96
N ARG A 194 -21.68 80.78 11.86
CA ARG A 194 -21.98 79.51 12.53
C ARG A 194 -21.11 78.38 11.97
N SER A 195 -20.93 78.37 10.65
CA SER A 195 -20.12 77.33 10.02
C SER A 195 -18.64 77.48 10.36
N TYR A 196 -18.18 78.71 10.60
CA TYR A 196 -16.81 78.91 11.02
C TYR A 196 -16.63 78.57 12.49
N ASP A 197 -17.63 78.84 13.31
CA ASP A 197 -17.54 78.52 14.74
C ASP A 197 -17.60 77.02 14.96
N VAL A 198 -18.34 76.30 14.12
CA VAL A 198 -18.32 74.84 14.22
C VAL A 198 -16.98 74.28 13.77
N GLY A 199 -16.47 74.71 12.62
CA GLY A 199 -15.18 74.30 12.15
C GLY A 199 -15.15 73.73 10.74
N VAL A 200 -16.18 73.96 9.94
CA VAL A 200 -16.23 73.40 8.60
C VAL A 200 -15.54 74.32 7.60
N ALA A 201 -15.86 75.61 7.63
CA ALA A 201 -15.27 76.58 6.73
C ALA A 201 -14.06 77.24 7.38
N SER A 202 -13.20 77.81 6.55
CA SER A 202 -12.04 78.54 7.04
C SER A 202 -12.42 79.97 7.41
N ALA A 203 -11.42 80.74 7.82
CA ALA A 203 -11.66 82.16 8.09
C ALA A 203 -11.85 82.94 6.80
N LEU A 204 -11.28 82.45 5.69
CA LEU A 204 -11.30 83.17 4.43
C LEU A 204 -12.70 83.28 3.84
N ASP A 205 -13.53 82.25 4.01
CA ASP A 205 -14.91 82.35 3.55
C ASP A 205 -15.70 83.35 4.38
N LEU A 206 -15.39 83.44 5.67
CA LEU A 206 -16.02 84.44 6.53
C LEU A 206 -15.63 85.85 6.10
N ARG A 207 -14.35 86.06 5.78
CA ARG A 207 -13.91 87.37 5.30
C ARG A 207 -14.54 87.72 3.97
N GLN A 208 -14.61 86.75 3.06
CA GLN A 208 -15.18 87.01 1.74
C GLN A 208 -16.70 87.13 1.76
N ALA A 209 -17.36 86.70 2.82
CA ALA A 209 -18.78 87.02 2.98
C ALA A 209 -18.97 88.41 3.59
N GLN A 210 -18.12 88.75 4.56
CA GLN A 210 -18.18 90.06 5.19
C GLN A 210 -17.90 91.19 4.22
N THR A 211 -17.00 90.95 3.25
CA THR A 211 -16.66 91.97 2.27
C THR A 211 -17.82 92.32 1.36
N ALA A 212 -18.74 91.38 1.13
CA ALA A 212 -19.93 91.68 0.35
C ALA A 212 -21.08 92.21 1.20
N VAL A 213 -21.10 91.84 2.48
CA VAL A 213 -22.03 92.45 3.43
C VAL A 213 -21.78 93.96 3.52
N GLU A 214 -20.50 94.36 3.58
CA GLU A 214 -20.17 95.78 3.63
C GLU A 214 -20.56 96.50 2.34
N GLY A 215 -20.48 95.80 1.20
CA GLY A 215 -20.88 96.41 -0.06
C GLY A 215 -22.38 96.66 -0.12
N ALA A 216 -23.17 95.71 0.38
CA ALA A 216 -24.62 95.92 0.46
C ALA A 216 -24.97 97.06 1.42
N ARG A 217 -24.23 97.17 2.53
CA ARG A 217 -24.48 98.25 3.48
C ARG A 217 -24.14 99.61 2.88
N ALA A 218 -23.07 99.69 2.09
CA ALA A 218 -22.71 100.93 1.44
C ALA A 218 -23.73 101.33 0.38
N THR A 219 -24.27 100.35 -0.35
CA THR A 219 -25.33 100.64 -1.31
C THR A 219 -26.60 101.12 -0.61
N LEU A 220 -26.87 100.58 0.58
CA LEU A 220 -28.01 101.05 1.37
C LEU A 220 -27.84 102.50 1.81
N ALA A 221 -26.62 102.85 2.25
CA ALA A 221 -26.35 104.24 2.66
C ALA A 221 -26.50 105.20 1.48
N GLN A 222 -26.00 104.79 0.31
CA GLN A 222 -26.13 105.60 -0.90
C GLN A 222 -27.58 105.81 -1.29
N TYR A 223 -28.39 104.75 -1.21
CA TYR A 223 -29.78 104.88 -1.61
C TYR A 223 -30.60 105.69 -0.61
N THR A 224 -30.25 105.63 0.68
CA THR A 224 -30.89 106.49 1.66
C THR A 224 -30.56 107.96 1.41
N ARG A 225 -29.31 108.23 1.01
CA ARG A 225 -28.94 109.60 0.63
C ARG A 225 -29.72 110.08 -0.58
N LEU A 226 -29.94 109.18 -1.55
CA LEU A 226 -30.71 109.53 -2.75
C LEU A 226 -32.17 109.81 -2.40
N VAL A 227 -32.75 109.03 -1.49
CA VAL A 227 -34.13 109.24 -1.06
C VAL A 227 -34.29 110.59 -0.37
N ALA A 228 -33.36 110.92 0.53
CA ALA A 228 -33.44 112.18 1.26
C ALA A 228 -33.24 113.38 0.33
N GLN A 229 -32.33 113.26 -0.64
CA GLN A 229 -32.12 114.36 -1.56
C GLN A 229 -33.30 114.54 -2.52
N ASP A 230 -33.98 113.46 -2.88
CA ASP A 230 -35.18 113.61 -3.69
C ASP A 230 -36.33 114.23 -2.89
N GLN A 231 -36.39 113.93 -1.59
CA GLN A 231 -37.37 114.57 -0.72
C GLN A 231 -37.15 116.08 -0.64
N ASN A 232 -35.92 116.50 -0.34
CA ASN A 232 -35.71 117.94 -0.18
C ASN A 232 -35.65 118.66 -1.54
N ALA A 233 -35.50 117.91 -2.63
CA ALA A 233 -35.68 118.52 -3.94
C ALA A 233 -37.15 118.74 -4.25
N LEU A 234 -38.02 117.79 -3.88
CA LEU A 234 -39.46 117.96 -4.09
C LEU A 234 -40.00 119.08 -3.20
N VAL A 235 -39.41 119.24 -2.01
CA VAL A 235 -39.82 120.34 -1.11
C VAL A 235 -39.49 121.69 -1.72
N LEU A 236 -38.29 121.81 -2.32
CA LEU A 236 -37.91 123.05 -2.99
C LEU A 236 -38.75 123.32 -4.22
N LEU A 237 -39.06 122.27 -4.99
CA LEU A 237 -39.85 122.46 -6.21
C LEU A 237 -41.31 122.74 -5.88
N LEU A 238 -41.77 122.38 -4.69
CA LEU A 238 -43.12 122.71 -4.28
C LEU A 238 -43.25 124.09 -3.68
N GLY A 239 -42.18 124.62 -3.09
CA GLY A 239 -42.27 125.88 -2.39
C GLY A 239 -42.62 125.67 -0.93
N SER A 240 -43.82 125.19 -0.66
CA SER A 240 -44.20 124.81 0.69
C SER A 240 -43.71 123.40 1.00
N GLY A 241 -44.00 122.95 2.22
CA GLY A 241 -43.61 121.63 2.63
C GLY A 241 -44.48 120.54 2.02
N ILE A 242 -44.05 119.29 2.21
CA ILE A 242 -44.83 118.16 1.71
C ILE A 242 -46.06 117.97 2.59
N PRO A 243 -47.26 118.05 2.03
CA PRO A 243 -48.47 117.99 2.85
C PRO A 243 -48.78 116.58 3.32
N ALA A 244 -49.61 116.50 4.35
CA ALA A 244 -50.06 115.23 4.89
C ALA A 244 -51.46 114.84 4.42
N ASN A 245 -52.21 115.75 3.80
CA ASN A 245 -53.55 115.46 3.33
C ASN A 245 -53.57 114.91 1.90
N LEU A 246 -52.44 114.37 1.43
CA LEU A 246 -52.34 113.90 0.06
C LEU A 246 -53.05 112.55 -0.09
N PRO A 247 -53.62 112.29 -1.27
CA PRO A 247 -54.22 110.99 -1.52
C PRO A 247 -53.16 109.90 -1.66
N GLN A 248 -53.62 108.66 -1.76
CA GLN A 248 -52.71 107.55 -1.93
C GLN A 248 -52.09 107.57 -3.33
N GLY A 249 -50.79 107.43 -3.39
CA GLY A 249 -50.12 107.37 -4.66
C GLY A 249 -50.27 106.02 -5.32
N LEU A 250 -50.14 106.01 -6.63
CA LEU A 250 -50.25 104.79 -7.41
C LEU A 250 -48.86 104.37 -7.86
N GLY A 251 -48.69 103.05 -8.01
CA GLY A 251 -47.39 102.51 -8.32
C GLY A 251 -46.92 102.84 -9.73
N LEU A 252 -45.65 102.56 -9.99
CA LEU A 252 -45.02 103.02 -11.22
C LEU A 252 -45.45 102.21 -12.43
N ASP A 253 -45.52 100.88 -12.29
CA ASP A 253 -45.61 100.03 -13.47
C ASP A 253 -47.02 100.03 -14.06
N GLN A 254 -48.04 100.16 -13.23
CA GLN A 254 -49.35 100.46 -13.82
C GLN A 254 -49.35 101.90 -14.31
N THR A 255 -50.07 102.13 -15.40
CA THR A 255 -49.88 103.32 -16.23
C THR A 255 -50.40 104.56 -15.52
N LEU A 256 -49.49 105.49 -15.25
CA LEU A 256 -49.83 106.76 -14.63
C LEU A 256 -49.99 107.89 -15.64
N LEU A 257 -49.46 107.74 -16.85
CA LEU A 257 -49.50 108.77 -17.87
C LEU A 257 -50.23 108.25 -19.10
N THR A 258 -51.20 109.02 -19.57
CA THR A 258 -51.90 108.68 -20.81
C THR A 258 -50.99 108.95 -22.00
N GLU A 259 -51.32 108.32 -23.13
CA GLU A 259 -50.53 108.48 -24.34
C GLU A 259 -51.04 109.68 -25.13
N VAL A 260 -50.11 110.46 -25.69
CA VAL A 260 -50.45 111.59 -26.54
C VAL A 260 -50.05 111.23 -27.96
N PRO A 261 -50.89 111.49 -28.97
CA PRO A 261 -50.46 111.32 -30.35
C PRO A 261 -49.39 112.32 -30.72
N ALA A 262 -48.50 111.91 -31.65
CA ALA A 262 -47.34 112.71 -32.00
C ALA A 262 -47.72 113.94 -32.81
N GLY A 263 -48.76 113.83 -33.64
CA GLY A 263 -49.21 114.99 -34.38
C GLY A 263 -48.30 115.29 -35.55
N LEU A 264 -48.00 116.58 -35.71
CA LEU A 264 -47.13 117.08 -36.77
C LEU A 264 -46.24 118.15 -36.17
N PRO A 265 -45.09 118.43 -36.78
CA PRO A 265 -44.23 119.51 -36.24
C PRO A 265 -44.85 120.89 -36.33
N SER A 266 -45.67 121.15 -37.36
CA SER A 266 -46.16 122.49 -37.66
C SER A 266 -47.08 123.01 -36.55
N ASP A 267 -47.97 122.15 -36.06
CA ASP A 267 -48.84 122.54 -34.95
C ASP A 267 -48.05 122.80 -33.68
N LEU A 268 -46.85 122.22 -33.57
CA LEU A 268 -45.99 122.52 -32.43
C LEU A 268 -45.53 123.97 -32.44
N LEU A 269 -45.27 124.53 -33.63
CA LEU A 269 -44.97 125.96 -33.65
C LEU A 269 -46.23 126.78 -33.56
N GLN A 270 -47.39 126.14 -33.68
CA GLN A 270 -48.66 126.72 -33.28
C GLN A 270 -48.89 126.64 -31.78
N ARG A 271 -48.18 125.77 -31.08
CA ARG A 271 -48.60 125.49 -29.71
C ARG A 271 -47.52 125.67 -28.67
N ARG A 272 -46.26 125.47 -29.01
CA ARG A 272 -45.20 125.62 -28.01
C ARG A 272 -44.94 127.10 -27.76
N PRO A 273 -44.88 127.54 -26.51
CA PRO A 273 -44.91 128.99 -26.23
C PRO A 273 -43.63 129.75 -26.58
N ASP A 274 -42.46 129.11 -26.54
CA ASP A 274 -41.23 129.85 -26.77
C ASP A 274 -41.05 130.19 -28.26
N ILE A 275 -41.61 129.36 -29.15
CA ILE A 275 -41.65 129.70 -30.55
C ILE A 275 -42.54 130.92 -30.79
N LEU A 276 -43.66 131.00 -30.07
CA LEU A 276 -44.49 132.20 -30.13
C LEU A 276 -43.78 133.39 -29.51
N GLU A 277 -42.90 133.15 -28.54
CA GLU A 277 -42.12 134.24 -27.96
C GLU A 277 -41.10 134.78 -28.96
N ALA A 278 -40.45 133.89 -29.71
CA ALA A 278 -39.56 134.34 -30.77
C ALA A 278 -40.33 135.05 -31.88
N GLU A 279 -41.56 134.61 -32.15
CA GLU A 279 -42.41 135.29 -33.12
C GLU A 279 -42.77 136.70 -32.63
N HIS A 280 -43.03 136.84 -31.34
CA HIS A 280 -43.33 138.16 -30.77
C HIS A 280 -42.11 139.06 -30.80
N GLN A 281 -40.92 138.49 -30.60
CA GLN A 281 -39.69 139.27 -30.74
C GLN A 281 -39.48 139.72 -32.17
N LEU A 282 -39.85 138.88 -33.13
CA LEU A 282 -39.74 139.26 -34.55
C LEU A 282 -40.72 140.37 -34.89
N MET A 283 -41.94 140.29 -34.36
CA MET A 283 -42.91 141.36 -34.58
C MET A 283 -42.50 142.65 -33.89
N ALA A 284 -41.82 142.55 -32.75
CA ALA A 284 -41.29 143.75 -32.09
C ALA A 284 -40.16 144.38 -32.90
N ALA A 285 -39.33 143.55 -33.54
CA ALA A 285 -38.29 144.08 -34.41
C ALA A 285 -38.90 144.73 -35.66
N ASN A 286 -40.01 144.19 -36.15
CA ASN A 286 -40.69 144.82 -37.29
C ASN A 286 -41.32 146.15 -36.87
N ALA A 287 -41.81 146.22 -35.63
CA ALA A 287 -42.30 147.49 -35.10
C ALA A 287 -41.18 148.51 -34.95
N SER A 288 -39.98 148.04 -34.58
CA SER A 288 -38.84 148.94 -34.52
C SER A 288 -38.40 149.40 -35.91
N ILE A 289 -38.57 148.53 -36.92
CA ILE A 289 -38.37 148.95 -38.32
C ILE A 289 -39.33 150.06 -38.69
N GLY A 290 -40.60 149.90 -38.31
CA GLY A 290 -41.58 150.96 -38.54
C GLY A 290 -41.26 152.26 -37.83
N ALA A 291 -40.72 152.17 -36.61
CA ALA A 291 -40.33 153.36 -35.87
C ALA A 291 -39.15 154.06 -36.52
N ALA A 292 -38.14 153.30 -36.95
CA ALA A 292 -36.99 153.89 -37.62
C ALA A 292 -37.36 154.43 -38.99
N ARG A 293 -38.37 153.84 -39.63
CA ARG A 293 -38.86 154.39 -40.90
C ARG A 293 -39.62 155.69 -40.67
N ALA A 294 -40.35 155.78 -39.56
CA ALA A 294 -41.04 157.02 -39.22
C ALA A 294 -40.09 158.08 -38.69
N ALA A 295 -38.86 157.70 -38.33
CA ALA A 295 -37.88 158.69 -37.91
C ALA A 295 -37.39 159.56 -39.07
N PHE A 296 -37.52 159.06 -40.31
CA PHE A 296 -37.06 159.82 -41.47
C PHE A 296 -37.95 161.02 -41.78
N PHE A 297 -39.26 160.85 -41.62
CA PHE A 297 -40.23 161.86 -42.00
C PHE A 297 -40.20 163.03 -41.02
N PRO A 298 -40.68 164.20 -41.42
CA PRO A 298 -40.70 165.36 -40.51
C PRO A 298 -41.62 165.14 -39.32
N SER A 299 -41.36 165.91 -38.27
CA SER A 299 -42.10 165.81 -37.01
C SER A 299 -42.97 167.07 -36.84
N ILE A 300 -44.26 166.85 -36.62
CA ILE A 300 -45.21 167.90 -36.31
C ILE A 300 -45.33 168.03 -34.80
N SER A 301 -45.32 169.25 -34.30
CA SER A 301 -45.39 169.52 -32.88
C SER A 301 -46.37 170.66 -32.64
N LEU A 302 -47.03 170.62 -31.48
CA LEU A 302 -48.05 171.60 -31.16
C LEU A 302 -47.88 172.05 -29.72
N THR A 303 -48.01 173.35 -29.49
CA THR A 303 -48.06 173.87 -28.14
C THR A 303 -49.21 174.85 -28.01
N ALA A 304 -50.15 174.52 -27.14
CA ALA A 304 -51.33 175.36 -26.95
C ALA A 304 -51.63 175.41 -25.47
N ASN A 305 -51.63 176.62 -24.91
CA ASN A 305 -51.89 176.76 -23.49
C ASN A 305 -52.68 178.04 -23.27
N ALA A 306 -53.23 178.16 -22.07
CA ALA A 306 -53.93 179.36 -21.64
C ALA A 306 -53.59 179.62 -20.19
N GLY A 307 -53.59 180.89 -19.81
CA GLY A 307 -53.28 181.21 -18.43
C GLY A 307 -53.33 182.70 -18.17
N THR A 308 -52.71 183.09 -17.06
CA THR A 308 -52.67 184.50 -16.69
C THR A 308 -51.24 184.92 -16.39
N MET A 309 -50.84 186.04 -16.99
CA MET A 309 -49.52 186.62 -16.78
C MET A 309 -49.70 188.11 -16.46
N SER A 310 -48.74 188.65 -15.72
CA SER A 310 -48.73 190.06 -15.37
C SER A 310 -47.29 190.45 -15.03
N ARG A 311 -47.11 191.69 -14.59
CA ARG A 311 -45.82 192.17 -14.15
C ARG A 311 -45.60 191.92 -12.66
N GLN A 312 -46.65 192.01 -11.86
CA GLN A 312 -46.57 191.82 -10.42
C GLN A 312 -47.32 190.55 -10.01
N LEU A 313 -47.28 190.27 -8.70
CA LEU A 313 -47.83 189.03 -8.18
C LEU A 313 -49.32 189.12 -7.91
N SER A 314 -49.78 190.21 -7.30
CA SER A 314 -51.19 190.32 -6.94
C SER A 314 -52.06 190.61 -8.15
N GLY A 315 -51.49 191.21 -9.19
CA GLY A 315 -52.20 191.51 -10.41
C GLY A 315 -52.29 190.37 -11.41
N LEU A 316 -52.02 189.14 -10.99
CA LEU A 316 -52.06 188.01 -11.91
C LEU A 316 -53.50 187.60 -12.22
N PHE A 317 -54.29 187.34 -11.19
CA PHE A 317 -55.64 186.81 -11.36
C PHE A 317 -56.69 187.89 -11.62
N ASP A 318 -56.28 189.07 -12.10
CA ASP A 318 -57.23 190.14 -12.38
C ASP A 318 -58.03 189.83 -13.63
N ALA A 319 -59.16 190.52 -13.78
CA ALA A 319 -59.98 190.37 -14.97
C ALA A 319 -59.31 191.04 -16.16
N GLY A 320 -59.31 190.34 -17.29
CA GLY A 320 -58.65 190.82 -18.49
C GLY A 320 -57.20 190.42 -18.62
N SER A 321 -56.64 189.73 -17.62
CA SER A 321 -55.24 189.31 -17.64
C SER A 321 -55.04 187.95 -18.31
N GLY A 322 -56.02 187.47 -19.08
CA GLY A 322 -55.89 186.20 -19.72
C GLY A 322 -55.00 186.24 -20.95
N SER A 323 -54.41 185.09 -21.27
CA SER A 323 -53.55 184.97 -22.43
C SER A 323 -53.68 183.56 -22.99
N TRP A 324 -53.84 183.47 -24.31
CA TRP A 324 -53.86 182.20 -25.01
C TRP A 324 -52.63 182.11 -25.92
N LEU A 325 -52.24 180.88 -26.24
CA LEU A 325 -51.11 180.64 -27.13
C LEU A 325 -51.46 179.50 -28.08
N PHE A 326 -51.07 179.68 -29.35
CA PHE A 326 -51.15 178.59 -30.33
C PHE A 326 -49.90 178.64 -31.17
N GLN A 327 -49.07 177.59 -31.11
CA GLN A 327 -47.89 177.53 -31.97
C GLN A 327 -47.72 176.12 -32.54
N PRO A 328 -47.79 175.99 -33.86
CA PRO A 328 -47.37 174.74 -34.51
C PRO A 328 -45.91 174.81 -34.95
N SER A 329 -45.28 173.63 -34.99
CA SER A 329 -43.87 173.54 -35.34
C SER A 329 -43.65 172.32 -36.22
N ILE A 330 -42.74 172.46 -37.17
CA ILE A 330 -42.37 171.40 -38.09
C ILE A 330 -40.86 171.27 -38.07
N ASN A 331 -40.35 170.06 -37.82
CA ASN A 331 -38.92 169.82 -37.81
C ASN A 331 -38.56 168.75 -38.82
N LEU A 332 -37.54 169.00 -39.62
CA LEU A 332 -37.04 167.95 -40.50
C LEU A 332 -35.54 168.11 -40.71
N PRO A 333 -34.73 167.21 -40.16
CA PRO A 333 -33.29 167.21 -40.50
C PRO A 333 -33.06 166.73 -41.92
N ILE A 334 -31.97 167.23 -42.51
CA ILE A 334 -31.68 166.92 -43.91
C ILE A 334 -30.37 166.15 -44.01
N PHE A 335 -29.29 166.70 -43.47
CA PHE A 335 -27.96 166.14 -43.63
C PHE A 335 -27.77 164.96 -42.67
N THR A 336 -28.36 163.83 -43.04
CA THR A 336 -28.16 162.58 -42.31
C THR A 336 -27.12 161.75 -43.07
N ALA A 337 -25.85 162.05 -42.79
CA ALA A 337 -24.75 161.41 -43.50
C ALA A 337 -24.41 160.04 -42.91
N GLY A 338 -25.39 159.14 -42.87
CA GLY A 338 -25.20 157.86 -42.24
C GLY A 338 -25.65 157.77 -40.79
N SER A 339 -26.60 158.63 -40.38
CA SER A 339 -27.21 158.49 -39.06
C SER A 339 -28.53 157.73 -39.15
N LEU A 340 -29.50 158.29 -39.86
CA LEU A 340 -30.82 157.68 -39.92
C LEU A 340 -30.83 156.47 -40.85
N ARG A 341 -30.03 156.50 -41.91
CA ARG A 341 -29.89 155.32 -42.77
C ARG A 341 -29.24 154.17 -42.01
N ALA A 342 -28.26 154.47 -41.16
CA ALA A 342 -27.66 153.43 -40.34
C ALA A 342 -28.61 152.93 -39.26
N SER A 343 -29.50 153.81 -38.77
CA SER A 343 -30.51 153.36 -37.82
C SER A 343 -31.53 152.43 -38.48
N LEU A 344 -31.95 152.76 -39.70
CA LEU A 344 -32.83 151.88 -40.46
C LEU A 344 -32.15 150.55 -40.78
N ASP A 345 -30.85 150.59 -41.06
CA ASP A 345 -30.07 149.37 -41.28
C ASP A 345 -29.98 148.54 -40.01
N TYR A 346 -29.81 149.19 -38.86
CA TYR A 346 -29.82 148.52 -37.57
C TYR A 346 -31.15 147.80 -37.33
N ALA A 347 -32.26 148.47 -37.67
CA ALA A 347 -33.57 147.87 -37.45
C ALA A 347 -33.81 146.69 -38.38
N LYS A 348 -33.39 146.79 -39.64
CA LYS A 348 -33.52 145.68 -40.57
C LYS A 348 -32.65 144.49 -40.15
N ILE A 349 -31.47 144.80 -39.58
CA ILE A 349 -30.60 143.76 -39.04
C ILE A 349 -31.26 143.05 -37.86
N GLN A 350 -31.94 143.81 -36.99
CA GLN A 350 -32.63 143.20 -35.86
C GLN A 350 -33.77 142.29 -36.33
N LYS A 351 -34.46 142.69 -37.40
CA LYS A 351 -35.50 141.81 -37.96
C LYS A 351 -34.91 140.52 -38.52
N ASP A 352 -33.79 140.62 -39.25
CA ASP A 352 -33.18 139.42 -39.81
C ASP A 352 -32.60 138.51 -38.72
N ILE A 353 -32.09 139.12 -37.64
CA ILE A 353 -31.57 138.36 -36.51
C ILE A 353 -32.69 137.60 -35.81
N ASN A 354 -33.85 138.25 -35.65
CA ASN A 354 -34.98 137.56 -35.02
C ASN A 354 -35.56 136.48 -35.94
N VAL A 355 -35.45 136.67 -37.25
CA VAL A 355 -35.83 135.61 -38.20
C VAL A 355 -34.95 134.38 -38.00
N ALA A 356 -33.63 134.61 -37.90
CA ALA A 356 -32.69 133.50 -37.73
C ALA A 356 -32.88 132.81 -36.38
N GLN A 357 -33.16 133.58 -35.33
CA GLN A 357 -33.39 132.99 -34.01
C GLN A 357 -34.71 132.23 -33.97
N TYR A 358 -35.70 132.69 -34.73
CA TYR A 358 -36.97 131.99 -34.85
C TYR A 358 -36.78 130.62 -35.49
N GLU A 359 -36.02 130.57 -36.59
CA GLU A 359 -35.76 129.30 -37.25
C GLU A 359 -34.89 128.39 -36.39
N LYS A 360 -33.97 128.98 -35.61
CA LYS A 360 -33.14 128.21 -34.70
C LYS A 360 -33.97 127.56 -33.60
N ALA A 361 -34.92 128.30 -33.03
CA ALA A 361 -35.78 127.76 -31.99
C ALA A 361 -36.71 126.68 -32.55
N ILE A 362 -37.16 126.85 -33.80
CA ILE A 362 -37.96 125.83 -34.47
C ILE A 362 -37.17 124.53 -34.61
N GLN A 363 -35.90 124.65 -35.04
CA GLN A 363 -35.07 123.45 -35.23
C GLN A 363 -34.74 122.79 -33.90
N THR A 364 -34.53 123.58 -32.86
CA THR A 364 -34.24 123.02 -31.53
C THR A 364 -35.45 122.26 -30.97
N ALA A 365 -36.64 122.85 -31.09
CA ALA A 365 -37.86 122.19 -30.64
C ALA A 365 -38.11 120.90 -31.40
N PHE A 366 -37.83 120.90 -32.71
CA PHE A 366 -37.96 119.68 -33.50
C PHE A 366 -36.96 118.62 -33.05
N GLN A 367 -35.75 119.04 -32.67
CA GLN A 367 -34.74 118.10 -32.20
C GLN A 367 -35.15 117.43 -30.90
N GLU A 368 -35.66 118.22 -29.94
CA GLU A 368 -36.02 117.59 -28.67
C GLU A 368 -37.27 116.73 -28.79
N VAL A 369 -38.22 117.09 -29.65
CA VAL A 369 -39.37 116.20 -29.77
C VAL A 369 -39.01 114.93 -30.54
N ALA A 370 -38.01 115.00 -31.43
CA ALA A 370 -37.54 113.79 -32.08
C ALA A 370 -36.79 112.88 -31.10
N ASP A 371 -36.03 113.48 -30.17
CA ASP A 371 -35.40 112.69 -29.12
C ASP A 371 -36.42 112.04 -28.20
N GLY A 372 -37.50 112.75 -27.90
CA GLY A 372 -38.58 112.15 -27.12
C GLY A 372 -39.27 111.02 -27.86
N LEU A 373 -39.43 111.15 -29.18
CA LEU A 373 -40.00 110.06 -29.97
C LEU A 373 -39.08 108.84 -29.98
N ALA A 374 -37.76 109.06 -29.99
CA ALA A 374 -36.82 107.95 -29.92
C ALA A 374 -36.89 107.23 -28.58
N ALA A 375 -36.96 108.00 -27.50
CA ALA A 375 -37.07 107.41 -26.16
C ALA A 375 -38.38 106.63 -26.01
N ARG A 376 -39.46 107.15 -26.59
CA ARG A 376 -40.74 106.44 -26.58
C ARG A 376 -40.64 105.15 -27.38
N GLY A 377 -39.94 105.19 -28.52
CA GLY A 377 -39.82 103.99 -29.34
C GLY A 377 -38.94 102.93 -28.73
N THR A 378 -38.03 103.30 -27.83
CA THR A 378 -37.08 102.32 -27.31
C THR A 378 -37.36 101.82 -25.89
N PHE A 379 -37.93 102.66 -25.02
CA PHE A 379 -38.02 102.30 -23.62
C PHE A 379 -39.05 101.20 -23.35
N THR A 380 -40.03 101.05 -24.25
CA THR A 380 -41.00 99.97 -24.12
C THR A 380 -40.34 98.61 -24.28
N GLU A 381 -39.52 98.45 -25.31
CA GLU A 381 -38.78 97.21 -25.50
C GLU A 381 -37.72 97.00 -24.45
N GLN A 382 -37.11 98.10 -23.95
CA GLN A 382 -36.15 97.97 -22.86
C GLN A 382 -36.81 97.43 -21.59
N LEU A 383 -37.99 97.95 -21.23
CA LEU A 383 -38.65 97.45 -20.03
C LEU A 383 -39.29 96.10 -20.27
N GLN A 384 -39.58 95.75 -21.53
CA GLN A 384 -40.01 94.39 -21.84
C GLN A 384 -38.90 93.39 -21.57
N ALA A 385 -37.67 93.72 -22.00
CA ALA A 385 -36.51 92.88 -21.72
C ALA A 385 -36.25 92.80 -20.21
N GLN A 386 -36.41 93.92 -19.51
CA GLN A 386 -36.22 93.93 -18.05
C GLN A 386 -37.26 93.09 -17.33
N ARG A 387 -38.52 93.14 -17.77
CA ARG A 387 -39.56 92.37 -17.12
C ARG A 387 -39.38 90.87 -17.38
N ASP A 388 -38.93 90.52 -18.58
CA ASP A 388 -38.63 89.12 -18.86
C ASP A 388 -37.44 88.62 -18.05
N LEU A 389 -36.46 89.50 -17.81
CA LEU A 389 -35.33 89.14 -16.96
C LEU A 389 -35.75 88.91 -15.51
N VAL A 390 -36.66 89.76 -15.01
CA VAL A 390 -37.16 89.59 -13.65
C VAL A 390 -38.02 88.33 -13.55
N LYS A 391 -38.75 88.00 -14.61
CA LYS A 391 -39.51 86.75 -14.65
C LYS A 391 -38.60 85.53 -14.59
N ALA A 392 -37.48 85.58 -15.32
CA ALA A 392 -36.53 84.47 -15.31
C ALA A 392 -35.88 84.32 -13.94
N SER A 393 -35.54 85.45 -13.30
CA SER A 393 -35.00 85.40 -11.95
C SER A 393 -36.02 84.88 -10.94
N ASP A 394 -37.31 85.15 -11.16
CA ASP A 394 -38.33 84.66 -10.25
C ASP A 394 -38.53 83.16 -10.40
N GLU A 395 -38.49 82.65 -11.63
CA GLU A 395 -38.59 81.21 -11.83
C GLU A 395 -37.36 80.49 -11.27
N TYR A 396 -36.19 81.12 -11.41
CA TYR A 396 -34.97 80.61 -10.79
C TYR A 396 -35.10 80.53 -9.28
N TYR A 397 -35.67 81.57 -8.67
CA TYR A 397 -35.84 81.57 -7.22
C TYR A 397 -36.86 80.53 -6.77
N GLN A 398 -37.91 80.31 -7.56
CA GLN A 398 -38.90 79.29 -7.22
C GLN A 398 -38.30 77.89 -7.30
N LEU A 399 -37.48 77.63 -8.33
CA LEU A 399 -36.83 76.33 -8.44
C LEU A 399 -35.82 76.11 -7.33
N ALA A 400 -35.09 77.16 -6.94
CA ALA A 400 -34.15 77.04 -5.84
C ALA A 400 -34.87 76.83 -4.51
N ASP A 401 -36.06 77.42 -4.36
CA ASP A 401 -36.84 77.21 -3.14
C ASP A 401 -37.40 75.80 -3.07
N LYS A 402 -37.83 75.24 -4.21
CA LYS A 402 -38.28 73.85 -4.22
C LYS A 402 -37.14 72.90 -3.94
N ARG A 403 -35.96 73.19 -4.49
CA ARG A 403 -34.78 72.39 -4.22
C ARG A 403 -34.35 72.47 -2.76
N TYR A 404 -34.56 73.63 -2.13
CA TYR A 404 -34.20 73.77 -0.72
C TYR A 404 -35.21 73.04 0.17
N ARG A 405 -36.49 73.15 -0.15
CA ARG A 405 -37.51 72.56 0.70
C ARG A 405 -37.59 71.05 0.52
N THR A 406 -37.06 70.52 -0.58
CA THR A 406 -36.89 69.07 -0.66
C THR A 406 -35.76 68.60 0.24
N GLY A 407 -34.68 69.37 0.32
CA GLY A 407 -33.56 69.04 1.18
C GLY A 407 -32.25 68.81 0.45
N VAL A 408 -32.17 69.17 -0.83
CA VAL A 408 -30.98 68.89 -1.64
C VAL A 408 -29.87 69.89 -1.34
N ASP A 409 -30.18 71.17 -1.27
CA ASP A 409 -29.18 72.20 -1.06
C ASP A 409 -29.52 73.08 0.14
N ASN A 410 -28.53 73.82 0.60
CA ASN A 410 -28.60 74.54 1.85
C ASN A 410 -29.23 75.92 1.66
N TYR A 411 -29.12 76.74 2.72
CA TYR A 411 -29.76 78.04 2.73
C TYR A 411 -28.93 79.08 1.99
N LEU A 412 -27.64 78.81 1.77
CA LEU A 412 -26.75 79.76 1.10
C LEU A 412 -27.14 79.95 -0.36
N THR A 413 -27.31 78.84 -1.08
CA THR A 413 -27.67 78.92 -2.48
C THR A 413 -29.16 79.17 -2.68
N LEU A 414 -29.94 79.23 -1.61
CA LEU A 414 -31.25 79.86 -1.69
C LEU A 414 -31.12 81.37 -1.55
N LEU A 415 -30.24 81.81 -0.65
CA LEU A 415 -30.10 83.23 -0.35
C LEU A 415 -29.49 84.00 -1.52
N ASP A 416 -28.57 83.38 -2.26
CA ASP A 416 -27.97 84.13 -3.36
C ASP A 416 -28.94 84.30 -4.52
N ALA A 417 -29.81 83.30 -4.74
CA ALA A 417 -30.86 83.42 -5.75
C ALA A 417 -31.90 84.45 -5.32
N GLN A 418 -32.20 84.49 -4.02
CA GLN A 418 -33.07 85.52 -3.46
C GLN A 418 -32.48 86.91 -3.68
N ARG A 419 -31.15 87.02 -3.55
CA ARG A 419 -30.45 88.28 -3.81
C ARG A 419 -30.55 88.68 -5.27
N SER A 420 -30.37 87.70 -6.17
CA SER A 420 -30.46 87.95 -7.60
C SER A 420 -31.84 88.40 -8.02
N LEU A 421 -32.89 87.88 -7.36
CA LEU A 421 -34.26 88.27 -7.62
C LEU A 421 -34.52 89.77 -7.45
N PHE A 422 -34.30 90.30 -6.25
CA PHE A 422 -34.61 91.72 -6.12
C PHE A 422 -33.52 92.63 -6.67
N THR A 423 -32.29 92.15 -6.91
CA THR A 423 -31.38 93.02 -7.64
C THR A 423 -31.70 93.03 -9.13
N ALA A 424 -32.52 92.09 -9.61
CA ALA A 424 -33.10 92.25 -10.93
C ALA A 424 -34.30 93.19 -10.91
N GLN A 425 -35.16 93.08 -9.89
CA GLN A 425 -36.38 93.88 -9.95
C GLN A 425 -36.14 95.34 -9.56
N GLN A 426 -35.06 95.63 -8.83
CA GLN A 426 -34.72 97.04 -8.61
C GLN A 426 -34.14 97.66 -9.89
N GLN A 427 -33.53 96.84 -10.76
CA GLN A 427 -33.15 97.33 -12.07
C GLN A 427 -34.28 97.25 -13.08
N LEU A 428 -35.44 96.74 -12.67
CA LEU A 428 -36.67 97.04 -13.39
C LEU A 428 -37.22 98.40 -12.98
N ILE A 429 -37.22 98.68 -11.67
CA ILE A 429 -37.72 99.94 -11.13
C ILE A 429 -36.90 101.13 -11.64
N THR A 430 -35.58 101.01 -11.59
CA THR A 430 -34.74 101.83 -12.45
C THR A 430 -34.98 101.42 -13.89
N ASP A 431 -35.12 102.43 -14.75
CA ASP A 431 -35.58 102.48 -16.14
C ASP A 431 -37.10 102.37 -16.28
N ARG A 432 -37.81 101.92 -15.23
CA ARG A 432 -39.22 102.32 -15.16
C ARG A 432 -39.31 103.80 -14.86
N LEU A 433 -38.47 104.25 -13.92
CA LEU A 433 -38.33 105.68 -13.64
C LEU A 433 -37.87 106.45 -14.86
N ASN A 434 -37.01 105.85 -15.69
CA ASN A 434 -36.51 106.57 -16.86
C ASN A 434 -37.57 106.67 -17.94
N GLN A 435 -38.41 105.64 -18.12
CA GLN A 435 -39.50 105.79 -19.08
C GLN A 435 -40.52 106.81 -18.60
N LEU A 436 -40.74 106.87 -17.27
CA LEU A 436 -41.67 107.86 -16.74
C LEU A 436 -41.15 109.29 -16.92
N THR A 437 -39.85 109.50 -16.65
CA THR A 437 -39.25 110.82 -16.82
C THR A 437 -39.18 111.21 -18.29
N SER A 438 -38.90 110.26 -19.18
CA SER A 438 -38.84 110.56 -20.61
C SER A 438 -40.22 110.89 -21.16
N GLU A 439 -41.26 110.23 -20.66
CA GLU A 439 -42.60 110.54 -21.11
C GLU A 439 -43.07 111.89 -20.59
N VAL A 440 -42.65 112.26 -19.38
CA VAL A 440 -42.98 113.57 -18.84
C VAL A 440 -42.29 114.67 -19.65
N ASN A 441 -41.01 114.45 -19.99
CA ASN A 441 -40.28 115.44 -20.78
C ASN A 441 -40.82 115.53 -22.21
N LEU A 442 -41.28 114.42 -22.77
CA LEU A 442 -41.89 114.45 -24.09
C LEU A 442 -43.23 115.17 -24.06
N TYR A 443 -43.99 115.02 -22.98
CA TYR A 443 -45.24 115.76 -22.86
C TYR A 443 -44.98 117.25 -22.66
N LYS A 444 -43.89 117.60 -21.97
CA LYS A 444 -43.58 119.01 -21.76
C LYS A 444 -43.11 119.68 -23.04
N ALA A 445 -42.21 119.03 -23.78
CA ALA A 445 -41.66 119.64 -24.99
C ALA A 445 -42.66 119.68 -26.13
N LEU A 446 -43.71 118.86 -26.09
CA LEU A 446 -44.70 118.86 -27.16
C LEU A 446 -45.75 119.96 -27.00
N GLY A 447 -45.62 120.82 -25.99
CA GLY A 447 -46.59 121.86 -25.76
C GLY A 447 -46.87 122.09 -24.29
N GLY A 448 -46.70 121.04 -23.49
CA GLY A 448 -46.80 121.16 -22.06
C GLY A 448 -48.22 121.33 -21.53
N GLY A 449 -48.33 121.21 -20.22
CA GLY A 449 -49.59 121.36 -19.51
C GLY A 449 -49.84 122.75 -18.97
N TRP A 450 -50.00 123.73 -19.86
CA TRP A 450 -50.33 125.08 -19.42
C TRP A 450 -51.73 125.15 -18.83
N ASN A 451 -52.70 124.50 -19.48
CA ASN A 451 -54.05 124.41 -18.96
C ASN A 451 -54.14 123.31 -17.92
N GLN A 452 -55.20 123.36 -17.12
CA GLN A 452 -55.43 122.32 -16.13
C GLN A 452 -56.24 121.16 -16.70
N GLN A 453 -57.27 121.46 -17.49
CA GLN A 453 -58.14 120.45 -18.07
C GLN A 453 -57.96 120.40 -19.58
N THR A 454 -58.51 119.35 -20.18
CA THR A 454 -58.43 119.16 -21.62
C THR A 454 -59.43 120.07 -22.32
N VAL A 455 -58.95 120.82 -23.31
CA VAL A 455 -59.78 121.75 -24.07
C VAL A 455 -60.84 121.00 -24.88
N CYS B 1 -41.69 166.29 2.68
CA CYS B 1 -40.86 165.29 3.38
C CYS B 1 -40.48 164.15 2.44
N SER B 2 -40.68 162.92 2.89
CA SER B 2 -40.29 161.71 2.15
C SER B 2 -41.54 160.89 1.88
N LEU B 3 -41.72 160.50 0.62
CA LEU B 3 -42.85 159.68 0.20
C LEU B 3 -42.52 158.19 0.14
N ILE B 4 -41.36 157.80 0.65
CA ILE B 4 -40.91 156.40 0.52
C ILE B 4 -41.73 155.52 1.46
N PRO B 5 -42.34 154.44 0.97
CA PRO B 5 -43.02 153.51 1.88
C PRO B 5 -42.01 152.77 2.74
N ASP B 6 -42.39 152.56 4.00
CA ASP B 6 -41.46 152.01 4.98
C ASP B 6 -41.33 150.51 4.81
N TYR B 7 -40.09 150.03 4.88
CA TYR B 7 -39.79 148.64 4.57
C TYR B 7 -39.90 147.76 5.81
N GLN B 8 -40.38 146.53 5.61
CA GLN B 8 -40.36 145.49 6.62
C GLN B 8 -40.11 144.16 5.94
N ARG B 9 -39.57 143.20 6.69
CA ARG B 9 -39.04 141.99 6.09
C ARG B 9 -40.17 140.99 5.76
N PRO B 10 -40.12 140.37 4.58
CA PRO B 10 -41.15 139.38 4.23
C PRO B 10 -40.98 138.08 5.00
N GLU B 11 -41.96 137.20 4.85
CA GLU B 11 -42.03 135.96 5.60
C GLU B 11 -41.24 134.85 4.94
N ALA B 12 -40.43 134.15 5.73
CA ALA B 12 -39.68 133.00 5.21
C ALA B 12 -40.60 131.80 5.12
N PRO B 13 -40.89 131.29 3.92
CA PRO B 13 -41.94 130.29 3.77
C PRO B 13 -41.55 128.89 4.21
N VAL B 14 -40.24 128.65 4.39
CA VAL B 14 -39.76 127.32 4.75
C VAL B 14 -39.99 127.07 6.23
N ALA B 15 -39.82 125.82 6.65
CA ALA B 15 -39.98 125.47 8.06
C ALA B 15 -38.81 126.02 8.87
N ALA B 16 -39.12 126.51 10.07
CA ALA B 16 -38.13 127.12 10.94
C ALA B 16 -37.28 126.10 11.69
N ALA B 17 -37.54 124.80 11.50
CA ALA B 17 -36.71 123.74 12.06
C ALA B 17 -36.21 122.88 10.91
N TYR B 18 -35.02 122.32 11.09
CA TYR B 18 -34.43 121.45 10.08
C TYR B 18 -35.19 120.13 10.03
N PRO B 19 -35.54 119.62 8.86
CA PRO B 19 -36.37 118.41 8.80
C PRO B 19 -35.55 117.17 9.16
N GLN B 20 -36.24 116.19 9.73
CA GLN B 20 -35.59 115.00 10.25
C GLN B 20 -35.98 113.76 9.47
N GLY B 21 -35.12 112.75 9.55
CA GLY B 21 -35.36 111.48 8.90
C GLY B 21 -34.50 110.41 9.53
N GLN B 22 -34.38 109.29 8.82
CA GLN B 22 -33.56 108.19 9.33
C GLN B 22 -32.08 108.47 9.12
N ALA B 23 -31.73 109.08 7.99
CA ALA B 23 -30.33 109.41 7.73
C ALA B 23 -29.91 110.68 8.44
N TYR B 24 -30.87 111.53 8.82
CA TYR B 24 -30.54 112.77 9.50
C TYR B 24 -30.18 112.50 10.95
N GLY B 25 -29.11 113.15 11.42
CA GLY B 25 -28.75 113.06 12.81
C GLY B 25 -29.59 113.98 13.68
N GLN B 26 -29.19 114.11 14.94
CA GLN B 26 -29.89 114.98 15.86
C GLN B 26 -29.55 116.44 15.56
N ASN B 27 -30.56 117.31 15.62
CA ASN B 27 -30.31 118.73 15.47
C ASN B 27 -29.79 119.29 16.78
N THR B 28 -28.68 120.02 16.71
CA THR B 28 -28.11 120.64 17.90
C THR B 28 -28.72 122.00 18.21
N GLY B 29 -29.83 122.37 17.56
CA GLY B 29 -30.49 123.62 17.83
C GLY B 29 -29.70 124.81 17.27
N ALA B 30 -30.01 125.98 17.80
CA ALA B 30 -29.29 127.19 17.43
C ALA B 30 -27.91 127.17 18.07
N ALA B 31 -26.96 127.85 17.42
CA ALA B 31 -25.61 127.94 17.92
C ALA B 31 -25.12 129.37 17.82
N ALA B 32 -24.19 129.73 18.70
CA ALA B 32 -23.64 131.07 18.73
C ALA B 32 -22.54 131.28 17.69
N VAL B 33 -21.89 130.21 17.23
CA VAL B 33 -20.80 130.33 16.28
C VAL B 33 -21.17 129.59 15.00
N PRO B 34 -21.73 130.28 14.00
CA PRO B 34 -22.00 129.63 12.71
C PRO B 34 -20.78 129.60 11.83
N ALA B 35 -21.00 129.19 10.57
CA ALA B 35 -19.92 129.05 9.61
C ALA B 35 -19.33 130.39 9.21
N ALA B 36 -20.17 131.44 9.17
CA ALA B 36 -19.66 132.76 8.83
C ALA B 36 -18.88 133.37 9.98
N ASP B 37 -19.06 132.86 11.20
CA ASP B 37 -18.35 133.40 12.35
C ASP B 37 -16.88 133.04 12.33
N ILE B 38 -16.57 131.74 12.18
CA ILE B 38 -15.17 131.32 12.11
C ILE B 38 -14.62 131.56 10.72
N GLY B 39 -13.34 131.87 10.65
CA GLY B 39 -12.69 132.12 9.39
C GLY B 39 -12.20 130.85 8.72
N TRP B 40 -11.64 131.01 7.53
CA TRP B 40 -11.21 129.85 6.76
C TRP B 40 -9.88 129.31 7.25
N ARG B 41 -9.12 130.10 8.01
CA ARG B 41 -7.76 129.71 8.38
C ARG B 41 -7.75 128.56 9.39
N GLU B 42 -8.68 128.54 10.34
CA GLU B 42 -8.72 127.45 11.31
C GLU B 42 -9.67 126.35 10.89
N PHE B 43 -10.39 126.51 9.78
CA PHE B 43 -11.29 125.46 9.33
C PHE B 43 -10.53 124.35 8.61
N PHE B 44 -9.80 124.69 7.55
CA PHE B 44 -8.97 123.73 6.83
C PHE B 44 -7.68 123.52 7.62
N ARG B 45 -7.47 122.29 8.09
CA ARG B 45 -6.34 122.00 8.97
C ARG B 45 -5.04 121.77 8.22
N ASP B 46 -5.05 121.84 6.91
CA ASP B 46 -3.80 121.71 6.16
C ASP B 46 -3.16 123.07 6.00
N PRO B 47 -1.89 123.24 6.38
CA PRO B 47 -1.25 124.55 6.20
C PRO B 47 -0.97 124.89 4.75
N GLN B 48 -0.78 123.87 3.91
CA GLN B 48 -0.57 124.11 2.49
C GLN B 48 -1.83 124.68 1.84
N LEU B 49 -2.99 124.11 2.16
CA LEU B 49 -4.25 124.60 1.62
C LEU B 49 -4.55 126.01 2.12
N GLN B 50 -4.20 126.29 3.38
CA GLN B 50 -4.35 127.64 3.91
C GLN B 50 -3.46 128.64 3.19
N GLN B 51 -2.24 128.22 2.83
CA GLN B 51 -1.34 129.09 2.06
C GLN B 51 -1.88 129.33 0.65
N LEU B 52 -2.49 128.31 0.05
CA LEU B 52 -3.04 128.51 -1.30
C LEU B 52 -4.29 129.39 -1.26
N ILE B 53 -5.09 129.31 -0.20
CA ILE B 53 -6.20 130.24 -0.03
C ILE B 53 -5.66 131.65 0.21
N GLY B 54 -4.54 131.75 0.95
CA GLY B 54 -3.92 133.04 1.19
C GLY B 54 -3.39 133.72 -0.07
N VAL B 55 -2.87 132.94 -1.02
CA VAL B 55 -2.42 133.55 -2.27
C VAL B 55 -3.61 133.74 -3.22
N ALA B 56 -4.68 132.98 -3.02
CA ALA B 56 -5.90 133.20 -3.78
C ALA B 56 -6.62 134.47 -3.31
N LEU B 57 -6.33 134.92 -2.09
CA LEU B 57 -6.89 136.16 -1.57
C LEU B 57 -6.47 137.38 -2.35
N GLU B 58 -5.32 137.35 -3.02
CA GLU B 58 -4.85 138.50 -3.76
C GLU B 58 -4.66 138.24 -5.24
N ASN B 59 -4.28 137.02 -5.64
CA ASN B 59 -3.87 136.79 -7.01
C ASN B 59 -5.00 136.28 -7.90
N ASN B 60 -6.23 136.20 -7.40
CA ASN B 60 -7.33 135.76 -8.23
C ASN B 60 -7.90 136.93 -9.03
N ARG B 61 -8.59 136.60 -10.11
CA ARG B 61 -9.12 137.61 -11.02
C ARG B 61 -10.52 138.06 -10.66
N ASP B 62 -11.41 137.11 -10.34
CA ASP B 62 -12.81 137.46 -10.09
C ASP B 62 -12.97 138.20 -8.77
N LEU B 63 -12.07 137.96 -7.81
CA LEU B 63 -12.06 138.73 -6.58
C LEU B 63 -11.71 140.19 -6.86
N ARG B 64 -10.75 140.41 -7.76
CA ARG B 64 -10.40 141.76 -8.18
C ARG B 64 -11.54 142.42 -8.93
N VAL B 65 -12.22 141.65 -9.78
CA VAL B 65 -13.41 142.13 -10.51
C VAL B 65 -14.49 142.57 -9.53
N ALA B 66 -14.69 141.78 -8.47
CA ALA B 66 -15.72 142.08 -7.49
C ALA B 66 -15.39 143.33 -6.68
N ALA B 67 -14.13 143.47 -6.26
CA ALA B 67 -13.72 144.68 -5.52
C ALA B 67 -13.81 145.92 -6.40
N LEU B 68 -13.47 145.79 -7.68
CA LEU B 68 -13.58 146.94 -8.56
C LEU B 68 -15.03 147.30 -8.86
N ASN B 69 -15.91 146.30 -8.97
CA ASN B 69 -17.34 146.61 -9.12
C ASN B 69 -17.92 147.25 -7.87
N VAL B 70 -17.38 146.88 -6.70
CA VAL B 70 -17.74 147.55 -5.44
C VAL B 70 -17.39 149.03 -5.52
N GLU B 71 -16.17 149.33 -5.96
CA GLU B 71 -15.76 150.73 -6.09
C GLU B 71 -16.53 151.45 -7.21
N ALA B 72 -16.95 150.71 -8.23
CA ALA B 72 -17.76 151.27 -9.32
C ALA B 72 -19.13 151.70 -8.81
N PHE B 73 -19.78 150.84 -8.04
CA PHE B 73 -21.08 151.21 -7.50
C PHE B 73 -20.96 152.28 -6.41
N ARG B 74 -19.80 152.35 -5.75
CA ARG B 74 -19.55 153.47 -4.84
C ARG B 74 -19.46 154.79 -5.61
N ALA B 75 -18.78 154.79 -6.75
CA ALA B 75 -18.69 156.00 -7.57
C ALA B 75 -20.05 156.37 -8.16
N GLN B 76 -20.84 155.38 -8.54
CA GLN B 76 -22.19 155.63 -9.04
C GLN B 76 -23.09 156.15 -7.93
N TYR B 77 -22.82 155.75 -6.69
CA TYR B 77 -23.53 156.32 -5.55
C TYR B 77 -23.12 157.77 -5.30
N ARG B 78 -21.83 158.07 -5.46
CA ARG B 78 -21.36 159.44 -5.25
C ARG B 78 -21.85 160.37 -6.35
N ILE B 79 -22.16 159.85 -7.53
CA ILE B 79 -22.79 160.65 -8.57
C ILE B 79 -24.16 161.16 -8.11
N GLN B 80 -25.01 160.26 -7.61
CA GLN B 80 -26.32 160.67 -7.16
C GLN B 80 -26.25 161.43 -5.84
N ARG B 81 -25.17 161.26 -5.08
CA ARG B 81 -24.97 162.10 -3.89
C ARG B 81 -24.61 163.52 -4.28
N ALA B 82 -23.82 163.68 -5.35
CA ALA B 82 -23.49 165.02 -5.83
C ALA B 82 -24.65 165.63 -6.59
N ASP B 83 -25.62 164.82 -7.03
CA ASP B 83 -26.78 165.33 -7.75
C ASP B 83 -27.69 166.20 -6.91
N LEU B 84 -27.57 166.16 -5.57
CA LEU B 84 -28.37 167.04 -4.73
C LEU B 84 -27.93 168.49 -4.86
N PHE B 85 -26.64 168.70 -5.07
CA PHE B 85 -26.08 170.04 -5.14
C PHE B 85 -26.41 170.69 -6.48
N PRO B 86 -26.51 172.03 -6.53
CA PRO B 86 -26.76 172.70 -7.80
C PRO B 86 -25.54 172.65 -8.71
N ARG B 87 -25.79 172.50 -10.01
CA ARG B 87 -24.72 172.48 -11.01
C ARG B 87 -24.44 173.91 -11.46
N ILE B 88 -23.50 174.55 -10.78
CA ILE B 88 -23.09 175.90 -11.15
C ILE B 88 -22.22 175.82 -12.40
N GLY B 89 -22.60 176.57 -13.42
CA GLY B 89 -21.88 176.57 -14.68
C GLY B 89 -21.84 177.95 -15.30
N VAL B 90 -20.83 178.14 -16.15
CA VAL B 90 -20.69 179.34 -16.95
C VAL B 90 -21.19 179.06 -18.36
N ASP B 91 -21.91 180.03 -18.92
CA ASP B 91 -22.51 179.92 -20.25
C ASP B 91 -22.14 181.16 -21.06
N GLY B 92 -21.07 181.06 -21.85
CA GLY B 92 -20.71 182.16 -22.74
C GLY B 92 -21.63 182.17 -23.95
N SER B 93 -22.05 183.36 -24.36
CA SER B 93 -23.04 183.52 -25.42
C SER B 93 -22.63 184.63 -26.37
N GLY B 94 -22.63 184.33 -27.67
CA GLY B 94 -22.54 185.36 -28.68
C GLY B 94 -23.80 185.34 -29.51
N THR B 95 -24.18 186.47 -30.12
CA THR B 95 -25.42 186.54 -30.87
C THR B 95 -25.29 187.65 -31.91
N ARG B 96 -25.49 187.30 -33.17
CA ARG B 96 -25.52 188.27 -34.27
C ARG B 96 -26.55 187.77 -35.27
N GLN B 97 -27.63 188.53 -35.46
CA GLN B 97 -28.69 188.03 -36.32
C GLN B 97 -29.35 189.15 -37.10
N ARG B 98 -29.66 188.87 -38.35
CA ARG B 98 -30.49 189.73 -39.17
C ARG B 98 -31.95 189.37 -38.92
N LEU B 99 -32.84 190.34 -39.17
CA LEU B 99 -34.26 190.14 -38.95
C LEU B 99 -35.05 190.70 -40.13
N PRO B 100 -36.22 190.16 -40.44
CA PRO B 100 -37.05 190.76 -41.47
C PRO B 100 -37.63 192.09 -41.02
N GLY B 101 -38.12 192.85 -42.01
CA GLY B 101 -38.54 194.23 -41.74
C GLY B 101 -39.80 194.33 -40.92
N ASP B 102 -40.78 193.46 -41.18
CA ASP B 102 -42.04 193.54 -40.45
C ASP B 102 -41.93 192.98 -39.04
N LEU B 103 -40.84 192.26 -38.75
CA LEU B 103 -40.64 191.68 -37.42
C LEU B 103 -39.55 192.37 -36.61
N SER B 104 -38.82 193.31 -37.22
CA SER B 104 -37.71 193.96 -36.54
C SER B 104 -38.20 195.04 -35.58
N THR B 105 -37.23 195.69 -34.93
CA THR B 105 -37.54 196.78 -34.01
C THR B 105 -37.49 198.13 -34.72
N THR B 106 -36.95 198.17 -35.93
CA THR B 106 -36.78 199.42 -36.68
C THR B 106 -37.63 199.47 -37.94
N GLY B 107 -38.24 198.36 -38.35
CA GLY B 107 -38.86 198.30 -39.65
C GLY B 107 -37.88 198.06 -40.79
N SER B 108 -36.66 197.69 -40.49
CA SER B 108 -35.57 197.54 -41.44
C SER B 108 -34.90 196.20 -41.23
N PRO B 109 -34.19 195.68 -42.25
CA PRO B 109 -33.38 194.48 -42.03
C PRO B 109 -32.17 194.77 -41.15
N ALA B 110 -32.40 194.82 -39.83
CA ALA B 110 -31.36 195.20 -38.89
C ALA B 110 -30.62 193.97 -38.37
N ILE B 111 -29.31 194.10 -38.25
CA ILE B 111 -28.47 193.02 -37.72
C ILE B 111 -28.20 193.37 -36.26
N SER B 112 -28.98 192.77 -35.38
CA SER B 112 -28.82 192.99 -33.95
C SER B 112 -27.67 192.13 -33.42
N SER B 113 -27.05 192.62 -32.34
CA SER B 113 -25.89 191.98 -31.74
C SER B 113 -26.06 191.91 -30.23
N GLN B 114 -25.39 190.93 -29.64
CA GLN B 114 -25.42 190.67 -28.20
C GLN B 114 -24.25 189.77 -27.83
N TYR B 115 -23.64 190.05 -26.68
CA TYR B 115 -22.60 189.19 -26.15
C TYR B 115 -22.81 189.10 -24.65
N GLY B 116 -22.45 187.95 -24.08
CA GLY B 116 -22.69 187.73 -22.67
C GLY B 116 -21.85 186.66 -22.02
N VAL B 117 -21.35 186.95 -20.82
CA VAL B 117 -20.65 185.99 -19.98
C VAL B 117 -21.46 185.89 -18.69
N THR B 118 -22.16 184.77 -18.49
CA THR B 118 -23.02 184.58 -17.35
C THR B 118 -22.63 183.32 -16.58
N LEU B 119 -22.87 183.35 -15.28
CA LEU B 119 -22.45 182.31 -14.36
C LEU B 119 -23.59 182.03 -13.39
N GLY B 120 -23.95 180.76 -13.23
CA GLY B 120 -24.94 180.44 -12.21
C GLY B 120 -25.53 179.06 -12.41
N THR B 121 -26.73 178.88 -11.86
CA THR B 121 -27.40 177.59 -11.80
C THR B 121 -28.55 177.54 -12.80
N THR B 122 -28.68 176.39 -13.45
CA THR B 122 -29.69 176.17 -14.48
C THR B 122 -30.45 174.90 -14.16
N ALA B 123 -31.79 175.01 -14.16
CA ALA B 123 -32.73 173.87 -14.09
C ALA B 123 -32.53 173.04 -12.83
N TRP B 124 -32.19 173.69 -11.72
CA TRP B 124 -31.85 173.00 -10.48
C TRP B 124 -33.14 172.56 -9.79
N GLU B 125 -33.34 171.24 -9.73
CA GLU B 125 -34.48 170.70 -9.03
C GLU B 125 -34.25 170.74 -7.52
N LEU B 126 -35.31 171.05 -6.78
CA LEU B 126 -35.31 171.02 -5.33
C LEU B 126 -36.05 169.77 -4.88
N ASP B 127 -35.33 168.85 -4.22
CA ASP B 127 -35.87 167.55 -3.83
C ASP B 127 -36.82 167.74 -2.65
N LEU B 128 -38.06 168.15 -2.98
CA LEU B 128 -39.05 168.41 -1.95
C LEU B 128 -39.75 167.15 -1.48
N PHE B 129 -39.89 166.15 -2.34
CA PHE B 129 -40.66 164.95 -2.03
C PHE B 129 -39.78 163.71 -2.13
N GLY B 130 -38.46 163.91 -1.98
CA GLY B 130 -37.55 162.80 -1.77
C GLY B 130 -37.26 161.94 -2.97
N ARG B 131 -37.12 162.53 -4.15
CA ARG B 131 -36.80 161.73 -5.34
C ARG B 131 -35.30 161.49 -5.45
N LEU B 132 -34.51 162.55 -5.31
CA LEU B 132 -33.06 162.44 -5.48
C LEU B 132 -32.44 161.67 -4.33
N ARG B 133 -33.00 161.81 -3.12
CA ARG B 133 -32.57 161.00 -1.99
C ARG B 133 -32.89 159.53 -2.23
N SER B 134 -34.03 159.26 -2.87
CA SER B 134 -34.41 157.89 -3.21
C SER B 134 -33.46 157.29 -4.23
N LEU B 135 -33.05 158.08 -5.23
CA LEU B 135 -32.07 157.59 -6.18
C LEU B 135 -30.71 157.39 -5.53
N ARG B 136 -30.36 158.25 -4.57
CA ARG B 136 -29.09 158.15 -3.87
C ARG B 136 -29.00 156.88 -3.04
N ASP B 137 -30.00 156.61 -2.20
CA ASP B 137 -29.89 155.38 -1.41
C ASP B 137 -30.26 154.15 -2.24
N GLN B 138 -30.89 154.32 -3.41
CA GLN B 138 -30.99 153.23 -4.38
C GLN B 138 -29.61 152.80 -4.86
N ALA B 139 -28.78 153.78 -5.23
CA ALA B 139 -27.42 153.46 -5.65
C ALA B 139 -26.59 152.94 -4.48
N LEU B 140 -26.89 153.41 -3.26
CA LEU B 140 -26.20 152.90 -2.08
C LEU B 140 -26.56 151.45 -1.78
N GLU B 141 -27.83 151.09 -1.95
CA GLU B 141 -28.25 149.70 -1.77
C GLU B 141 -27.66 148.80 -2.85
N GLN B 142 -27.54 149.31 -4.07
CA GLN B 142 -26.85 148.55 -5.11
C GLN B 142 -25.38 148.37 -4.79
N TYR B 143 -24.77 149.36 -4.13
CA TYR B 143 -23.38 149.24 -3.71
C TYR B 143 -23.20 148.19 -2.62
N LEU B 144 -24.13 148.14 -1.66
CA LEU B 144 -24.07 147.07 -0.64
C LEU B 144 -24.36 145.71 -1.25
N ALA B 145 -25.22 145.65 -2.28
CA ALA B 145 -25.44 144.40 -3.00
C ALA B 145 -24.17 143.93 -3.70
N THR B 146 -23.40 144.87 -4.24
CA THR B 146 -22.14 144.52 -4.88
C THR B 146 -21.11 144.06 -3.85
N GLU B 147 -21.17 144.62 -2.64
CA GLU B 147 -20.30 144.14 -1.56
C GLU B 147 -20.63 142.71 -1.17
N GLN B 148 -21.92 142.38 -1.10
CA GLN B 148 -22.32 141.00 -0.80
C GLN B 148 -21.94 140.07 -1.95
N ALA B 149 -21.97 140.58 -3.19
CA ALA B 149 -21.50 139.80 -4.33
C ALA B 149 -20.00 139.50 -4.22
N GLN B 150 -19.24 140.47 -3.70
CA GLN B 150 -17.81 140.25 -3.46
C GLN B 150 -17.58 139.17 -2.42
N ARG B 151 -18.36 139.21 -1.34
CA ARG B 151 -18.24 138.17 -0.30
C ARG B 151 -18.59 136.79 -0.84
N SER B 152 -19.63 136.73 -1.68
CA SER B 152 -20.03 135.47 -2.29
C SER B 152 -18.96 134.93 -3.23
N ALA B 153 -18.33 135.82 -4.00
CA ALA B 153 -17.25 135.40 -4.90
C ALA B 153 -16.04 134.90 -4.13
N GLN B 154 -15.73 135.54 -3.00
CA GLN B 154 -14.60 135.10 -2.18
C GLN B 154 -14.87 133.72 -1.57
N THR B 155 -16.07 133.50 -1.04
CA THR B 155 -16.39 132.21 -0.44
C THR B 155 -16.43 131.10 -1.49
N THR B 156 -16.94 131.42 -2.69
CA THR B 156 -16.93 130.46 -3.79
C THR B 156 -15.51 130.11 -4.21
N LEU B 157 -14.61 131.11 -4.20
CA LEU B 157 -13.22 130.86 -4.53
C LEU B 157 -12.54 129.94 -3.50
N VAL B 158 -12.81 130.19 -2.21
CA VAL B 158 -12.22 129.35 -1.16
C VAL B 158 -12.72 127.92 -1.27
N ALA B 159 -14.01 127.74 -1.55
CA ALA B 159 -14.57 126.40 -1.70
C ALA B 159 -13.99 125.68 -2.91
N SER B 160 -13.81 126.40 -4.02
CA SER B 160 -13.27 125.79 -5.22
C SER B 160 -11.80 125.40 -5.04
N VAL B 161 -11.02 126.25 -4.36
CA VAL B 161 -9.62 125.96 -4.10
C VAL B 161 -9.47 124.74 -3.20
N ALA B 162 -10.32 124.64 -2.17
CA ALA B 162 -10.26 123.49 -1.26
C ALA B 162 -10.65 122.19 -1.95
N THR B 163 -11.71 122.23 -2.76
CA THR B 163 -12.13 121.03 -3.49
C THR B 163 -11.08 120.59 -4.49
N ALA B 164 -10.41 121.55 -5.16
CA ALA B 164 -9.36 121.20 -6.10
C ALA B 164 -8.15 120.58 -5.40
N TYR B 165 -7.77 121.12 -4.24
CA TYR B 165 -6.61 120.58 -3.53
C TYR B 165 -6.88 119.17 -3.01
N LEU B 166 -8.09 118.95 -2.47
CA LEU B 166 -8.41 117.62 -1.95
C LEU B 166 -8.57 116.61 -3.08
N THR B 167 -9.07 117.06 -4.24
CA THR B 167 -9.15 116.17 -5.40
C THR B 167 -7.77 115.82 -5.93
N LEU B 168 -6.82 116.76 -5.81
CA LEU B 168 -5.43 116.47 -6.17
C LEU B 168 -4.85 115.40 -5.27
N LYS B 169 -5.07 115.51 -3.96
CA LYS B 169 -4.55 114.49 -3.04
C LYS B 169 -5.19 113.13 -3.27
N ALA B 170 -6.50 113.11 -3.55
CA ALA B 170 -7.21 111.87 -3.80
C ALA B 170 -6.72 111.20 -5.08
N ASP B 171 -6.51 111.99 -6.14
CA ASP B 171 -6.03 111.42 -7.39
C ASP B 171 -4.58 110.95 -7.28
N GLN B 172 -3.78 111.60 -6.42
CA GLN B 172 -2.42 111.14 -6.22
C GLN B 172 -2.37 109.80 -5.50
N ALA B 173 -3.20 109.63 -4.47
CA ALA B 173 -3.25 108.35 -3.76
C ALA B 173 -3.79 107.24 -4.65
N GLN B 174 -4.79 107.56 -5.48
CA GLN B 174 -5.33 106.56 -6.41
C GLN B 174 -4.30 106.19 -7.47
N LEU B 175 -3.47 107.14 -7.89
CA LEU B 175 -2.42 106.85 -8.87
C LEU B 175 -1.35 105.94 -8.27
N GLN B 176 -1.00 106.17 -7.00
CA GLN B 176 -0.03 105.31 -6.33
C GLN B 176 -0.54 103.87 -6.20
N LEU B 177 -1.82 103.73 -5.83
CA LEU B 177 -2.37 102.38 -5.69
C LEU B 177 -2.53 101.69 -7.05
N THR B 178 -2.80 102.45 -8.11
CA THR B 178 -2.87 101.83 -9.43
C THR B 178 -1.47 101.45 -9.93
N LYS B 179 -0.44 102.18 -9.50
CA LYS B 179 0.94 101.76 -9.77
C LYS B 179 1.25 100.43 -9.10
N ASP B 180 0.80 100.27 -7.84
CA ASP B 180 0.97 98.99 -7.16
C ASP B 180 0.20 97.87 -7.87
N THR B 181 -0.98 98.19 -8.41
CA THR B 181 -1.76 97.21 -9.17
C THR B 181 -1.03 96.77 -10.43
N LEU B 182 -0.43 97.72 -11.15
CA LEU B 182 0.34 97.39 -12.34
C LEU B 182 1.55 96.53 -12.00
N GLY B 183 2.18 96.80 -10.86
CA GLY B 183 3.32 95.98 -10.44
C GLY B 183 2.95 94.54 -10.12
N THR B 184 1.85 94.35 -9.39
CA THR B 184 1.42 92.98 -9.06
C THR B 184 0.92 92.24 -10.29
N TYR B 185 0.28 92.96 -11.22
CA TYR B 185 -0.16 92.31 -12.46
C TYR B 185 1.02 91.91 -13.32
N GLN B 186 2.07 92.73 -13.32
CA GLN B 186 3.28 92.37 -14.06
C GLN B 186 3.97 91.16 -13.47
N LYS B 187 3.97 91.05 -12.13
CA LYS B 187 4.53 89.87 -11.49
C LYS B 187 3.72 88.61 -11.82
N SER B 188 2.39 88.73 -11.83
CA SER B 188 1.55 87.59 -12.16
C SER B 188 1.72 87.18 -13.62
N PHE B 189 1.91 88.15 -14.51
CA PHE B 189 2.13 87.83 -15.91
C PHE B 189 3.49 87.19 -16.13
N ASP B 190 4.50 87.60 -15.34
CA ASP B 190 5.81 86.97 -15.46
C ASP B 190 5.79 85.53 -14.97
N LEU B 191 5.05 85.27 -13.89
CA LEU B 191 4.94 83.89 -13.41
C LEU B 191 4.13 83.03 -14.37
N THR B 192 3.10 83.60 -15.00
CA THR B 192 2.35 82.86 -16.00
C THR B 192 3.20 82.60 -17.25
N GLN B 193 4.08 83.54 -17.60
CA GLN B 193 4.98 83.34 -18.73
C GLN B 193 5.99 82.25 -18.43
N ARG B 194 6.46 82.18 -17.19
CA ARG B 194 7.36 81.10 -16.79
C ARG B 194 6.65 79.74 -16.83
N SER B 195 5.39 79.70 -16.36
CA SER B 195 4.63 78.46 -16.41
C SER B 195 4.29 78.04 -17.83
N TYR B 196 4.15 79.00 -18.74
CA TYR B 196 3.89 78.66 -20.13
C TYR B 196 5.17 78.19 -20.82
N ASP B 197 6.30 78.81 -20.50
CA ASP B 197 7.55 78.43 -21.14
C ASP B 197 8.06 77.09 -20.64
N VAL B 198 7.71 76.72 -19.41
CA VAL B 198 8.07 75.39 -18.92
C VAL B 198 7.23 74.33 -19.61
N GLY B 199 5.91 74.52 -19.63
CA GLY B 199 5.05 73.64 -20.40
C GLY B 199 3.82 73.16 -19.66
N VAL B 200 3.65 73.62 -18.42
CA VAL B 200 2.51 73.17 -17.62
C VAL B 200 1.25 73.93 -18.01
N ALA B 201 1.37 75.22 -18.26
CA ALA B 201 0.22 76.06 -18.57
C ALA B 201 0.10 76.25 -20.07
N SER B 202 -1.14 76.18 -20.57
CA SER B 202 -1.39 76.42 -21.98
C SER B 202 -1.36 77.91 -22.28
N ALA B 203 -1.55 78.23 -23.57
CA ALA B 203 -1.40 79.62 -24.01
C ALA B 203 -2.60 80.46 -23.58
N LEU B 204 -3.74 79.82 -23.32
CA LEU B 204 -4.96 80.55 -23.00
C LEU B 204 -4.88 81.24 -21.64
N ASP B 205 -4.22 80.60 -20.68
CA ASP B 205 -3.99 81.25 -19.39
C ASP B 205 -3.07 82.46 -19.54
N LEU B 206 -2.10 82.36 -20.44
CA LEU B 206 -1.21 83.48 -20.71
C LEU B 206 -1.95 84.64 -21.36
N ARG B 207 -2.86 84.34 -22.29
CA ARG B 207 -3.65 85.39 -22.93
C ARG B 207 -4.59 86.06 -21.92
N GLN B 208 -5.25 85.26 -21.09
CA GLN B 208 -6.18 85.86 -20.14
C GLN B 208 -5.48 86.49 -18.95
N ALA B 209 -4.18 86.26 -18.76
CA ALA B 209 -3.42 87.08 -17.81
C ALA B 209 -3.00 88.40 -18.46
N GLN B 210 -2.62 88.34 -19.73
CA GLN B 210 -2.19 89.54 -20.45
C GLN B 210 -3.33 90.53 -20.63
N THR B 211 -4.55 90.04 -20.80
CA THR B 211 -5.72 90.92 -20.90
C THR B 211 -5.93 91.69 -19.62
N ALA B 212 -5.74 91.04 -18.47
CA ALA B 212 -5.87 91.72 -17.19
C ALA B 212 -4.76 92.75 -16.99
N VAL B 213 -3.53 92.42 -17.42
CA VAL B 213 -2.42 93.35 -17.32
C VAL B 213 -2.68 94.61 -18.15
N GLU B 214 -3.23 94.43 -19.36
CA GLU B 214 -3.60 95.58 -20.17
C GLU B 214 -4.75 96.36 -19.56
N GLY B 215 -5.68 95.67 -18.90
CA GLY B 215 -6.79 96.36 -18.24
C GLY B 215 -6.33 97.22 -17.08
N ALA B 216 -5.28 96.79 -16.38
CA ALA B 216 -4.73 97.64 -15.32
C ALA B 216 -3.89 98.78 -15.89
N ARG B 217 -3.19 98.51 -17.01
CA ARG B 217 -2.37 99.54 -17.63
C ARG B 217 -3.23 100.65 -18.23
N ALA B 218 -4.47 100.34 -18.64
CA ALA B 218 -5.37 101.39 -19.09
C ALA B 218 -5.80 102.29 -17.93
N THR B 219 -6.06 101.69 -16.76
CA THR B 219 -6.49 102.45 -15.59
C THR B 219 -5.37 103.34 -15.07
N LEU B 220 -4.12 102.90 -15.24
CA LEU B 220 -2.99 103.73 -14.83
C LEU B 220 -2.93 105.03 -15.62
N ALA B 221 -3.09 104.93 -16.94
CA ALA B 221 -3.09 106.13 -17.79
C ALA B 221 -4.32 106.98 -17.52
N GLN B 222 -5.46 106.34 -17.23
CA GLN B 222 -6.69 107.08 -16.97
C GLN B 222 -6.60 107.86 -15.65
N TYR B 223 -5.84 107.38 -14.69
CA TYR B 223 -5.66 108.14 -13.46
C TYR B 223 -4.55 109.18 -13.54
N THR B 224 -3.48 108.91 -14.30
CA THR B 224 -2.44 109.92 -14.45
C THR B 224 -2.89 111.05 -15.38
N ARG B 225 -3.96 110.84 -16.15
CA ARG B 225 -4.63 111.93 -16.83
C ARG B 225 -5.31 112.86 -15.82
N LEU B 226 -6.02 112.26 -14.87
CA LEU B 226 -6.83 113.05 -13.95
C LEU B 226 -5.99 113.80 -12.95
N VAL B 227 -4.82 113.26 -12.57
CA VAL B 227 -3.90 113.97 -11.67
C VAL B 227 -3.44 115.27 -12.31
N ALA B 228 -3.01 115.19 -13.57
CA ALA B 228 -2.53 116.38 -14.28
C ALA B 228 -3.67 117.36 -14.58
N GLN B 229 -4.85 116.85 -14.92
CA GLN B 229 -5.98 117.75 -15.19
C GLN B 229 -6.44 118.46 -13.93
N ASP B 230 -6.34 117.79 -12.78
CA ASP B 230 -6.69 118.46 -11.54
C ASP B 230 -5.62 119.47 -11.12
N GLN B 231 -4.36 119.20 -11.44
CA GLN B 231 -3.31 120.21 -11.25
C GLN B 231 -3.59 121.45 -12.11
N ASN B 232 -4.06 121.22 -13.33
CA ASN B 232 -4.44 122.32 -14.22
C ASN B 232 -5.59 123.13 -13.65
N ALA B 233 -6.60 122.46 -13.11
CA ALA B 233 -7.73 123.15 -12.50
C ALA B 233 -7.30 123.94 -11.27
N LEU B 234 -6.36 123.39 -10.50
CA LEU B 234 -5.85 124.10 -9.33
C LEU B 234 -5.08 125.35 -9.73
N VAL B 235 -4.25 125.26 -10.78
CA VAL B 235 -3.50 126.41 -11.25
C VAL B 235 -4.45 127.48 -11.81
N LEU B 236 -5.52 127.07 -12.49
CA LEU B 236 -6.50 128.02 -12.98
C LEU B 236 -7.23 128.71 -11.83
N LEU B 237 -7.55 127.97 -10.78
CA LEU B 237 -8.23 128.57 -9.64
C LEU B 237 -7.31 129.47 -8.83
N LEU B 238 -6.00 129.20 -8.87
CA LEU B 238 -5.03 129.96 -8.10
C LEU B 238 -4.63 131.26 -8.77
N GLY B 239 -4.69 131.31 -10.10
CA GLY B 239 -4.29 132.49 -10.84
C GLY B 239 -2.81 132.63 -11.10
N SER B 240 -1.98 131.82 -10.46
CA SER B 240 -0.54 131.86 -10.68
C SER B 240 0.00 130.44 -10.64
N GLY B 241 1.32 130.33 -10.52
CA GLY B 241 1.94 129.03 -10.45
C GLY B 241 1.87 128.43 -9.06
N ILE B 242 2.11 127.13 -8.99
CA ILE B 242 2.15 126.42 -7.70
C ILE B 242 3.42 126.80 -6.96
N PRO B 243 3.34 127.25 -5.71
CA PRO B 243 4.54 127.71 -5.00
C PRO B 243 5.43 126.55 -4.59
N ALA B 244 6.74 126.81 -4.61
CA ALA B 244 7.71 125.80 -4.19
C ALA B 244 7.99 125.83 -2.70
N ASN B 245 7.61 126.91 -2.01
CA ASN B 245 7.86 127.06 -0.58
C ASN B 245 6.64 126.66 0.26
N LEU B 246 5.87 125.67 -0.22
CA LEU B 246 4.64 125.29 0.45
C LEU B 246 4.94 124.44 1.67
N PRO B 247 4.10 124.53 2.71
CA PRO B 247 4.21 123.59 3.83
C PRO B 247 3.78 122.19 3.42
N GLN B 248 4.03 121.23 4.30
CA GLN B 248 3.69 119.84 4.01
C GLN B 248 2.18 119.63 4.09
N GLY B 249 1.65 118.86 3.15
CA GLY B 249 0.24 118.54 3.16
C GLY B 249 -0.06 117.37 4.07
N LEU B 250 -1.30 117.34 4.56
CA LEU B 250 -1.79 116.27 5.40
C LEU B 250 -2.71 115.38 4.60
N GLY B 251 -2.65 114.08 4.86
CA GLY B 251 -3.43 113.14 4.09
C GLY B 251 -4.91 113.20 4.41
N LEU B 252 -5.70 112.50 3.59
CA LEU B 252 -7.16 112.62 3.67
C LEU B 252 -7.71 111.95 4.92
N ASP B 253 -7.07 110.89 5.41
CA ASP B 253 -7.59 110.20 6.59
C ASP B 253 -7.36 111.00 7.88
N GLN B 254 -6.37 111.89 7.89
CA GLN B 254 -6.23 112.76 9.04
C GLN B 254 -7.30 113.85 9.02
N THR B 255 -7.45 114.49 10.17
CA THR B 255 -8.47 115.53 10.37
C THR B 255 -8.07 116.76 9.57
N LEU B 256 -8.77 116.99 8.46
CA LEU B 256 -8.49 118.14 7.61
C LEU B 256 -9.46 119.30 7.83
N LEU B 257 -10.66 119.02 8.31
CA LEU B 257 -11.68 120.03 8.53
C LEU B 257 -12.11 120.02 9.99
N THR B 258 -12.99 120.94 10.37
CA THR B 258 -13.49 121.03 11.73
C THR B 258 -15.01 121.00 11.70
N GLU B 259 -15.61 120.74 12.87
CA GLU B 259 -17.06 120.66 12.98
C GLU B 259 -17.67 122.06 12.92
N VAL B 260 -18.67 122.21 12.05
CA VAL B 260 -19.47 123.44 11.99
C VAL B 260 -20.91 123.08 12.34
N PRO B 261 -21.52 123.75 13.32
CA PRO B 261 -22.93 123.47 13.62
C PRO B 261 -23.85 124.02 12.56
N ALA B 262 -24.89 123.24 12.25
CA ALA B 262 -25.84 123.62 11.20
C ALA B 262 -26.77 124.73 11.66
N GLY B 263 -27.01 124.84 12.97
CA GLY B 263 -27.78 125.93 13.52
C GLY B 263 -29.26 125.86 13.24
N LEU B 264 -29.79 126.87 12.55
CA LEU B 264 -31.21 127.01 12.31
C LEU B 264 -31.40 127.52 10.89
N PRO B 265 -32.61 127.38 10.32
CA PRO B 265 -32.90 128.08 9.06
C PRO B 265 -32.85 129.60 9.16
N SER B 266 -33.07 130.16 10.35
CA SER B 266 -33.10 131.61 10.49
C SER B 266 -31.71 132.22 10.43
N ASP B 267 -30.67 131.47 10.82
CA ASP B 267 -29.32 132.01 10.92
C ASP B 267 -28.77 132.41 9.56
N LEU B 268 -29.11 131.64 8.53
CA LEU B 268 -28.74 131.96 7.16
C LEU B 268 -29.37 133.26 6.70
N LEU B 269 -30.55 133.61 7.25
CA LEU B 269 -31.19 134.90 7.00
C LEU B 269 -30.30 136.07 7.40
N GLN B 270 -29.38 135.86 8.33
CA GLN B 270 -28.39 136.87 8.66
C GLN B 270 -27.07 136.70 7.92
N ARG B 271 -26.75 135.50 7.44
CA ARG B 271 -25.33 135.21 7.22
C ARG B 271 -24.94 134.87 5.79
N ARG B 272 -25.80 134.23 5.01
CA ARG B 272 -25.39 133.87 3.66
C ARG B 272 -25.53 135.10 2.75
N PRO B 273 -24.48 135.47 2.01
CA PRO B 273 -24.47 136.80 1.37
C PRO B 273 -25.40 136.96 0.18
N ASP B 274 -25.84 135.88 -0.47
CA ASP B 274 -26.74 136.04 -1.61
C ASP B 274 -28.13 136.45 -1.16
N ILE B 275 -28.54 136.01 0.03
CA ILE B 275 -29.77 136.48 0.64
C ILE B 275 -29.67 137.96 0.96
N LEU B 276 -28.50 138.41 1.40
CA LEU B 276 -28.29 139.83 1.68
C LEU B 276 -28.28 140.64 0.39
N GLU B 277 -27.77 140.06 -0.69
CA GLU B 277 -27.86 140.69 -2.00
C GLU B 277 -29.31 140.79 -2.47
N ALA B 278 -30.11 139.76 -2.18
CA ALA B 278 -31.51 139.78 -2.57
C ALA B 278 -32.30 140.83 -1.79
N GLU B 279 -32.01 141.00 -0.50
CA GLU B 279 -32.74 142.02 0.26
C GLU B 279 -32.19 143.41 -0.05
N HIS B 280 -30.96 143.51 -0.53
CA HIS B 280 -30.49 144.79 -1.05
C HIS B 280 -31.19 145.13 -2.36
N GLN B 281 -31.48 144.12 -3.19
CA GLN B 281 -32.31 144.35 -4.37
C GLN B 281 -33.74 144.72 -3.98
N LEU B 282 -34.22 144.17 -2.86
CA LEU B 282 -35.52 144.57 -2.31
C LEU B 282 -35.55 146.05 -1.96
N MET B 283 -34.54 146.51 -1.23
CA MET B 283 -34.50 147.92 -0.84
C MET B 283 -34.24 148.82 -2.04
N ALA B 284 -33.56 148.30 -3.07
CA ALA B 284 -33.40 149.07 -4.31
C ALA B 284 -34.72 149.22 -5.05
N ALA B 285 -35.53 148.17 -5.09
CA ALA B 285 -36.85 148.28 -5.72
C ALA B 285 -37.78 149.17 -4.91
N ASN B 286 -37.63 149.17 -3.58
CA ASN B 286 -38.41 150.08 -2.75
C ASN B 286 -38.00 151.53 -2.96
N ALA B 287 -36.71 151.76 -3.18
CA ALA B 287 -36.27 153.11 -3.52
C ALA B 287 -36.71 153.51 -4.91
N SER B 288 -36.87 152.53 -5.81
CA SER B 288 -37.46 152.82 -7.12
C SER B 288 -38.92 153.24 -6.99
N ILE B 289 -39.65 152.61 -6.07
CA ILE B 289 -41.01 153.05 -5.73
C ILE B 289 -41.00 154.47 -5.19
N GLY B 290 -40.08 154.75 -4.26
CA GLY B 290 -39.99 156.09 -3.68
C GLY B 290 -39.60 157.16 -4.68
N ALA B 291 -38.81 156.79 -5.70
CA ALA B 291 -38.48 157.74 -6.75
C ALA B 291 -39.65 157.92 -7.72
N ALA B 292 -40.41 156.86 -7.97
CA ALA B 292 -41.55 156.99 -8.87
C ALA B 292 -42.73 157.71 -8.23
N ARG B 293 -42.76 157.76 -6.89
CA ARG B 293 -43.89 158.44 -6.22
C ARG B 293 -43.80 159.95 -6.34
N ALA B 294 -42.63 160.50 -6.69
CA ALA B 294 -42.50 161.94 -6.75
C ALA B 294 -42.96 162.50 -8.09
N ALA B 295 -43.32 161.63 -9.05
CA ALA B 295 -43.81 162.10 -10.33
C ALA B 295 -45.23 162.65 -10.22
N PHE B 296 -46.02 162.16 -9.26
CA PHE B 296 -47.37 162.66 -9.08
C PHE B 296 -47.38 164.05 -8.47
N PHE B 297 -46.36 164.40 -7.74
CA PHE B 297 -46.26 165.66 -7.04
C PHE B 297 -45.58 166.70 -7.92
N PRO B 298 -45.82 168.00 -7.66
CA PRO B 298 -45.17 169.03 -8.48
C PRO B 298 -43.67 169.08 -8.25
N SER B 299 -42.96 169.50 -9.29
CA SER B 299 -41.51 169.59 -9.27
C SER B 299 -41.07 171.04 -9.35
N ILE B 300 -40.01 171.36 -8.60
CA ILE B 300 -39.47 172.71 -8.51
C ILE B 300 -38.30 172.80 -9.49
N SER B 301 -38.15 173.95 -10.13
CA SER B 301 -37.02 174.21 -10.99
C SER B 301 -36.54 175.64 -10.75
N LEU B 302 -35.24 175.85 -10.84
CA LEU B 302 -34.65 177.14 -10.53
C LEU B 302 -33.60 177.49 -11.57
N THR B 303 -33.59 178.76 -11.98
CA THR B 303 -32.59 179.25 -12.93
C THR B 303 -32.17 180.63 -12.48
N ALA B 304 -30.90 180.77 -12.09
CA ALA B 304 -30.41 182.02 -11.54
C ALA B 304 -28.95 182.19 -11.93
N ASN B 305 -28.66 183.25 -12.69
CA ASN B 305 -27.29 183.51 -13.10
C ASN B 305 -27.02 185.00 -13.10
N ALA B 306 -25.76 185.35 -12.88
CA ALA B 306 -25.32 186.74 -12.90
C ALA B 306 -24.08 186.86 -13.77
N GLY B 307 -23.86 188.06 -14.29
CA GLY B 307 -22.67 188.24 -15.11
C GLY B 307 -22.71 189.57 -15.84
N THR B 308 -22.06 189.58 -17.01
CA THR B 308 -21.87 190.78 -17.80
C THR B 308 -22.35 190.55 -19.22
N MET B 309 -23.32 191.34 -19.66
CA MET B 309 -23.81 191.31 -21.03
C MET B 309 -23.65 192.69 -21.64
N SER B 310 -23.56 192.72 -22.97
CA SER B 310 -23.41 193.97 -23.73
C SER B 310 -23.81 193.69 -25.17
N ARG B 311 -23.68 194.71 -26.01
CA ARG B 311 -23.87 194.55 -27.46
C ARG B 311 -22.55 194.33 -28.19
N GLN B 312 -21.45 194.85 -27.66
CA GLN B 312 -20.14 194.73 -28.28
C GLN B 312 -19.27 193.72 -27.52
N LEU B 313 -18.19 193.29 -28.17
CA LEU B 313 -17.33 192.27 -27.61
C LEU B 313 -16.46 192.83 -26.50
N SER B 314 -15.68 193.87 -26.79
CA SER B 314 -14.78 194.45 -25.80
C SER B 314 -15.52 195.26 -24.75
N GLY B 315 -16.76 195.65 -25.01
CA GLY B 315 -17.57 196.35 -24.05
C GLY B 315 -18.27 195.49 -23.02
N LEU B 316 -17.86 194.24 -22.87
CA LEU B 316 -18.49 193.34 -21.91
C LEU B 316 -18.06 193.67 -20.48
N PHE B 317 -16.76 193.62 -20.21
CA PHE B 317 -16.23 193.87 -18.87
C PHE B 317 -16.14 195.38 -18.62
N ASP B 318 -17.31 195.97 -18.38
CA ASP B 318 -17.41 197.39 -18.08
C ASP B 318 -18.17 197.56 -16.78
N ALA B 319 -18.00 198.74 -16.16
CA ALA B 319 -18.79 199.05 -14.96
C ALA B 319 -20.24 199.33 -15.35
N GLY B 320 -21.16 198.79 -14.57
CA GLY B 320 -22.57 198.86 -14.88
C GLY B 320 -23.10 197.71 -15.71
N SER B 321 -22.22 196.89 -16.28
CA SER B 321 -22.64 195.73 -17.06
C SER B 321 -23.04 194.54 -16.20
N GLY B 322 -22.87 194.63 -14.89
CA GLY B 322 -23.28 193.52 -14.04
C GLY B 322 -24.79 193.43 -13.93
N SER B 323 -25.31 192.23 -14.16
CA SER B 323 -26.75 191.99 -14.13
C SER B 323 -26.99 190.61 -13.56
N TRP B 324 -28.24 190.36 -13.14
CA TRP B 324 -28.62 189.10 -12.53
C TRP B 324 -29.96 188.64 -13.09
N LEU B 325 -30.30 187.39 -12.78
CA LEU B 325 -31.59 186.81 -13.14
C LEU B 325 -32.04 185.90 -12.01
N PHE B 326 -33.34 185.91 -11.74
CA PHE B 326 -33.96 184.93 -10.84
C PHE B 326 -35.22 184.41 -11.52
N GLN B 327 -35.33 183.09 -11.64
CA GLN B 327 -36.44 182.46 -12.34
C GLN B 327 -36.83 181.16 -11.66
N PRO B 328 -37.95 181.17 -10.93
CA PRO B 328 -38.50 179.92 -10.40
C PRO B 328 -39.53 179.32 -11.35
N SER B 329 -39.72 178.01 -11.23
CA SER B 329 -40.68 177.31 -12.07
C SER B 329 -41.25 176.13 -11.31
N ILE B 330 -42.53 175.87 -11.53
CA ILE B 330 -43.24 174.75 -10.92
C ILE B 330 -43.93 173.96 -12.04
N ASN B 331 -43.67 172.66 -12.09
CA ASN B 331 -44.22 171.80 -13.13
C ASN B 331 -45.10 170.72 -12.50
N LEU B 332 -46.27 170.53 -13.11
CA LEU B 332 -47.17 169.47 -12.65
C LEU B 332 -48.07 168.99 -13.79
N PRO B 333 -47.75 167.87 -14.43
CA PRO B 333 -48.66 167.32 -15.44
C PRO B 333 -49.90 166.73 -14.78
N ILE B 334 -51.05 166.92 -15.44
CA ILE B 334 -52.33 166.56 -14.83
C ILE B 334 -53.02 165.45 -15.61
N PHE B 335 -53.36 165.71 -16.87
CA PHE B 335 -54.16 164.76 -17.63
C PHE B 335 -53.28 163.65 -18.19
N THR B 336 -53.47 162.44 -17.67
CA THR B 336 -52.86 161.24 -18.22
C THR B 336 -53.91 160.15 -18.23
N ALA B 337 -53.77 159.22 -19.17
CA ALA B 337 -54.64 158.03 -19.19
C ALA B 337 -54.00 156.89 -18.40
N GLY B 338 -53.64 157.18 -17.14
CA GLY B 338 -52.92 156.21 -16.33
C GLY B 338 -51.46 156.03 -16.70
N SER B 339 -50.76 157.12 -17.00
CA SER B 339 -49.33 157.01 -17.30
C SER B 339 -48.51 156.85 -16.03
N LEU B 340 -48.59 157.85 -15.14
CA LEU B 340 -47.84 157.82 -13.89
C LEU B 340 -48.37 156.76 -12.95
N ARG B 341 -49.67 156.46 -13.03
CA ARG B 341 -50.24 155.37 -12.26
C ARG B 341 -49.65 154.03 -12.67
N ALA B 342 -49.50 153.81 -13.98
CA ALA B 342 -48.91 152.55 -14.44
C ALA B 342 -47.43 152.50 -14.14
N SER B 343 -46.75 153.65 -14.16
CA SER B 343 -45.33 153.67 -13.78
C SER B 343 -45.14 153.34 -12.30
N LEU B 344 -46.01 153.90 -11.45
CA LEU B 344 -45.94 153.61 -10.02
C LEU B 344 -46.28 152.16 -9.72
N ASP B 345 -47.33 151.62 -10.35
CA ASP B 345 -47.70 150.24 -10.07
C ASP B 345 -46.72 149.29 -10.76
N TYR B 346 -46.02 149.77 -11.78
CA TYR B 346 -44.92 149.02 -12.37
C TYR B 346 -43.76 148.90 -11.39
N ALA B 347 -43.44 150.00 -10.70
CA ALA B 347 -42.41 149.94 -9.65
C ALA B 347 -42.84 149.04 -8.49
N LYS B 348 -44.12 149.08 -8.13
CA LYS B 348 -44.63 148.19 -7.09
C LYS B 348 -44.56 146.73 -7.52
N ILE B 349 -44.83 146.46 -8.79
CA ILE B 349 -44.76 145.11 -9.32
C ILE B 349 -43.31 144.62 -9.34
N GLN B 350 -42.36 145.51 -9.66
CA GLN B 350 -40.95 145.16 -9.57
C GLN B 350 -40.55 144.84 -8.12
N LYS B 351 -41.14 145.55 -7.16
CA LYS B 351 -40.91 145.23 -5.76
C LYS B 351 -41.46 143.85 -5.39
N ASP B 352 -42.63 143.50 -5.92
CA ASP B 352 -43.20 142.18 -5.62
C ASP B 352 -42.45 141.05 -6.30
N ILE B 353 -41.91 141.31 -7.50
CA ILE B 353 -41.00 140.39 -8.14
C ILE B 353 -39.76 140.19 -7.28
N ASN B 354 -39.31 141.28 -6.66
CA ASN B 354 -38.14 141.16 -5.78
C ASN B 354 -38.45 140.39 -4.49
N VAL B 355 -39.67 140.51 -3.94
CA VAL B 355 -39.97 139.74 -2.72
C VAL B 355 -40.10 138.25 -3.07
N ALA B 356 -40.58 137.95 -4.29
CA ALA B 356 -40.69 136.55 -4.67
C ALA B 356 -39.33 135.93 -4.94
N GLN B 357 -38.43 136.70 -5.58
CA GLN B 357 -37.07 136.22 -5.78
C GLN B 357 -36.31 136.09 -4.46
N TYR B 358 -36.61 136.99 -3.51
CA TYR B 358 -35.99 136.93 -2.19
C TYR B 358 -36.43 135.70 -1.42
N GLU B 359 -37.69 135.29 -1.60
CA GLU B 359 -38.13 134.04 -0.97
C GLU B 359 -37.54 132.83 -1.68
N LYS B 360 -37.41 132.89 -3.01
CA LYS B 360 -36.86 131.78 -3.77
C LYS B 360 -35.40 131.52 -3.43
N ALA B 361 -34.63 132.60 -3.17
CA ALA B 361 -33.23 132.44 -2.79
C ALA B 361 -33.10 131.75 -1.44
N ILE B 362 -33.99 132.07 -0.50
CA ILE B 362 -33.99 131.42 0.81
C ILE B 362 -34.34 129.95 0.67
N GLN B 363 -35.30 129.63 -0.21
CA GLN B 363 -35.68 128.24 -0.42
C GLN B 363 -34.55 127.43 -1.03
N THR B 364 -33.83 128.01 -1.99
CA THR B 364 -32.71 127.30 -2.61
C THR B 364 -31.56 127.12 -1.64
N ALA B 365 -31.29 128.13 -0.80
CA ALA B 365 -30.25 128.00 0.22
C ALA B 365 -30.60 126.92 1.24
N PHE B 366 -31.88 126.84 1.61
CA PHE B 366 -32.32 125.81 2.55
C PHE B 366 -32.21 124.42 1.94
N GLN B 367 -32.48 124.31 0.64
CA GLN B 367 -32.31 123.02 -0.05
C GLN B 367 -30.85 122.59 -0.07
N GLU B 368 -29.94 123.54 -0.31
CA GLU B 368 -28.51 123.22 -0.33
C GLU B 368 -28.02 122.80 1.05
N VAL B 369 -28.50 123.47 2.09
CA VAL B 369 -28.08 123.10 3.45
C VAL B 369 -28.67 121.75 3.84
N ALA B 370 -29.87 121.42 3.34
CA ALA B 370 -30.44 120.09 3.57
C ALA B 370 -29.63 119.01 2.88
N ASP B 371 -29.12 119.29 1.67
CA ASP B 371 -28.23 118.35 0.98
C ASP B 371 -26.95 118.12 1.76
N GLY B 372 -26.37 119.20 2.29
CA GLY B 372 -25.16 119.06 3.09
C GLY B 372 -25.39 118.27 4.37
N LEU B 373 -26.54 118.48 5.02
CA LEU B 373 -26.85 117.74 6.23
C LEU B 373 -27.09 116.27 5.95
N ALA B 374 -27.70 115.95 4.81
CA ALA B 374 -27.89 114.54 4.43
C ALA B 374 -26.56 113.87 4.11
N ALA B 375 -25.64 114.59 3.44
CA ALA B 375 -24.32 114.04 3.14
C ALA B 375 -23.53 113.81 4.42
N ARG B 376 -23.65 114.73 5.38
CA ARG B 376 -23.02 114.54 6.70
C ARG B 376 -23.63 113.36 7.43
N GLY B 377 -24.94 113.16 7.28
CA GLY B 377 -25.58 112.04 7.95
C GLY B 377 -25.29 110.69 7.33
N THR B 378 -24.79 110.67 6.09
CA THR B 378 -24.57 109.39 5.43
C THR B 378 -23.11 109.01 5.18
N PHE B 379 -22.21 109.98 4.94
CA PHE B 379 -20.85 109.62 4.53
C PHE B 379 -20.02 109.04 5.67
N THR B 380 -20.43 109.27 6.92
CA THR B 380 -19.72 108.66 8.05
C THR B 380 -19.91 107.15 8.05
N GLU B 381 -21.15 106.70 7.85
CA GLU B 381 -21.41 105.27 7.76
C GLU B 381 -20.83 104.67 6.50
N GLN B 382 -20.84 105.44 5.39
CA GLN B 382 -20.23 104.95 4.16
C GLN B 382 -18.72 104.77 4.31
N LEU B 383 -18.07 105.70 5.00
CA LEU B 383 -16.64 105.58 5.25
C LEU B 383 -16.33 104.46 6.24
N GLN B 384 -17.21 104.22 7.22
CA GLN B 384 -17.00 103.11 8.14
C GLN B 384 -17.12 101.78 7.41
N ALA B 385 -18.07 101.68 6.47
CA ALA B 385 -18.23 100.47 5.66
C ALA B 385 -17.00 100.24 4.78
N GLN B 386 -16.49 101.30 4.16
CA GLN B 386 -15.29 101.14 3.34
C GLN B 386 -14.07 100.83 4.19
N ARG B 387 -14.01 101.35 5.42
CA ARG B 387 -12.85 101.13 6.27
C ARG B 387 -12.79 99.69 6.79
N ASP B 388 -13.91 99.14 7.27
CA ASP B 388 -13.82 97.76 7.74
C ASP B 388 -13.85 96.78 6.57
N LEU B 389 -14.28 97.22 5.39
CA LEU B 389 -14.03 96.44 4.17
C LEU B 389 -12.54 96.33 3.89
N VAL B 390 -11.81 97.45 4.03
CA VAL B 390 -10.35 97.44 3.89
C VAL B 390 -9.71 96.55 4.93
N LYS B 391 -10.22 96.59 6.17
CA LYS B 391 -9.66 95.75 7.23
C LYS B 391 -9.91 94.26 6.98
N ALA B 392 -11.07 93.93 6.41
CA ALA B 392 -11.35 92.53 6.06
C ALA B 392 -10.43 92.05 4.95
N SER B 393 -10.22 92.88 3.92
CA SER B 393 -9.29 92.51 2.86
C SER B 393 -7.85 92.43 3.35
N ASP B 394 -7.51 93.21 4.37
CA ASP B 394 -6.15 93.15 4.93
C ASP B 394 -5.94 91.88 5.72
N GLU B 395 -6.94 91.46 6.50
CA GLU B 395 -6.83 90.18 7.21
C GLU B 395 -6.80 89.02 6.23
N TYR B 396 -7.58 89.13 5.14
CA TYR B 396 -7.54 88.16 4.05
C TYR B 396 -6.14 88.04 3.46
N TYR B 397 -5.50 89.18 3.18
CA TYR B 397 -4.18 89.19 2.59
C TYR B 397 -3.14 88.62 3.54
N GLN B 398 -3.26 88.93 4.85
CA GLN B 398 -2.29 88.41 5.81
C GLN B 398 -2.42 86.91 5.98
N LEU B 399 -3.64 86.38 5.96
CA LEU B 399 -3.82 84.93 6.02
C LEU B 399 -3.30 84.25 4.76
N ALA B 400 -3.50 84.89 3.60
CA ALA B 400 -2.94 84.34 2.37
C ALA B 400 -1.43 84.39 2.36
N ASP B 401 -0.84 85.41 3.00
CA ASP B 401 0.61 85.49 3.07
C ASP B 401 1.19 84.43 4.01
N LYS B 402 0.51 84.16 5.11
CA LYS B 402 0.93 83.07 5.99
C LYS B 402 0.81 81.73 5.29
N ARG B 403 -0.27 81.53 4.54
CA ARG B 403 -0.45 80.28 3.80
C ARG B 403 0.58 80.13 2.70
N TYR B 404 1.03 81.25 2.13
CA TYR B 404 2.09 81.19 1.13
C TYR B 404 3.43 80.85 1.76
N ARG B 405 3.75 81.51 2.88
CA ARG B 405 5.06 81.32 3.46
C ARG B 405 5.18 79.99 4.21
N THR B 406 4.07 79.32 4.51
CA THR B 406 4.19 77.94 4.95
C THR B 406 4.31 76.98 3.78
N GLY B 407 3.99 77.42 2.57
CA GLY B 407 4.22 76.64 1.37
C GLY B 407 3.01 75.93 0.82
N VAL B 408 1.80 76.30 1.24
CA VAL B 408 0.62 75.57 0.80
C VAL B 408 0.16 76.03 -0.57
N ASP B 409 0.01 77.34 -0.75
CA ASP B 409 -0.32 77.87 -2.07
C ASP B 409 0.86 78.67 -2.62
N ASN B 410 0.76 78.98 -3.90
CA ASN B 410 1.83 79.59 -4.67
C ASN B 410 1.82 81.10 -4.50
N TYR B 411 2.61 81.77 -5.34
CA TYR B 411 2.65 83.23 -5.32
C TYR B 411 1.46 83.82 -6.05
N LEU B 412 0.78 83.03 -6.88
CA LEU B 412 -0.29 83.54 -7.73
C LEU B 412 -1.51 83.96 -6.91
N THR B 413 -1.94 83.11 -5.98
CA THR B 413 -3.07 83.44 -5.12
C THR B 413 -2.73 84.57 -4.18
N LEU B 414 -1.46 84.67 -3.76
CA LEU B 414 -1.01 85.80 -2.97
C LEU B 414 -1.12 87.10 -3.75
N LEU B 415 -0.76 87.06 -5.04
CA LEU B 415 -0.86 88.26 -5.86
C LEU B 415 -2.30 88.66 -6.13
N ASP B 416 -3.17 87.68 -6.39
CA ASP B 416 -4.57 88.08 -6.61
C ASP B 416 -5.30 88.40 -5.30
N ALA B 417 -4.73 88.06 -4.15
CA ALA B 417 -5.25 88.57 -2.89
C ALA B 417 -4.83 90.02 -2.67
N GLN B 418 -3.57 90.32 -2.95
CA GLN B 418 -3.08 91.70 -2.84
C GLN B 418 -3.78 92.63 -3.83
N ARG B 419 -4.16 92.08 -4.99
CA ARG B 419 -4.93 92.81 -5.98
C ARG B 419 -6.25 93.33 -5.41
N SER B 420 -7.04 92.44 -4.81
CA SER B 420 -8.31 92.85 -4.21
C SER B 420 -8.08 93.71 -2.98
N LEU B 421 -6.95 93.51 -2.29
CA LEU B 421 -6.58 94.35 -1.14
C LEU B 421 -6.44 95.80 -1.52
N PHE B 422 -5.56 96.14 -2.46
CA PHE B 422 -5.48 97.56 -2.75
C PHE B 422 -6.58 98.04 -3.69
N THR B 423 -7.35 97.15 -4.31
CA THR B 423 -8.59 97.59 -4.97
C THR B 423 -9.58 98.14 -3.95
N ALA B 424 -9.83 97.37 -2.88
CA ALA B 424 -10.69 97.86 -1.81
C ALA B 424 -10.07 99.04 -1.07
N GLN B 425 -8.74 99.14 -1.05
CA GLN B 425 -8.09 100.30 -0.46
C GLN B 425 -8.23 101.56 -1.29
N GLN B 426 -8.13 101.47 -2.62
CA GLN B 426 -8.37 102.63 -3.47
C GLN B 426 -9.84 102.97 -3.58
N GLN B 427 -10.74 102.04 -3.22
CA GLN B 427 -12.15 102.42 -3.13
C GLN B 427 -12.49 103.14 -1.83
N LEU B 428 -11.50 103.40 -0.97
CA LEU B 428 -11.74 104.22 0.21
C LEU B 428 -11.50 105.70 -0.08
N ILE B 429 -10.53 105.97 -0.96
CA ILE B 429 -10.15 107.35 -1.27
C ILE B 429 -11.26 108.04 -2.04
N THR B 430 -11.85 107.36 -3.00
CA THR B 430 -13.19 107.71 -3.43
C THR B 430 -14.15 107.37 -2.30
N ASP B 431 -15.02 108.34 -1.97
CA ASP B 431 -15.94 108.47 -0.84
C ASP B 431 -15.22 108.89 0.45
N ARG B 432 -13.89 109.02 0.46
CA ARG B 432 -13.28 109.94 1.41
C ARG B 432 -13.27 111.36 0.82
N LEU B 433 -12.86 111.45 -0.44
CA LEU B 433 -12.87 112.71 -1.18
C LEU B 433 -14.27 113.27 -1.31
N ASN B 434 -15.26 112.41 -1.53
CA ASN B 434 -16.63 112.88 -1.68
C ASN B 434 -17.17 113.43 -0.38
N GLN B 435 -16.80 112.82 0.75
CA GLN B 435 -17.20 113.34 2.06
C GLN B 435 -16.55 114.70 2.32
N LEU B 436 -15.26 114.82 2.03
CA LEU B 436 -14.58 116.10 2.28
C LEU B 436 -15.09 117.19 1.35
N THR B 437 -15.40 116.84 0.10
CA THR B 437 -15.97 117.80 -0.85
C THR B 437 -17.36 118.24 -0.41
N SER B 438 -18.17 117.30 0.09
CA SER B 438 -19.50 117.66 0.57
C SER B 438 -19.43 118.55 1.80
N GLU B 439 -18.45 118.31 2.68
CA GLU B 439 -18.32 119.16 3.87
C GLU B 439 -17.80 120.54 3.50
N VAL B 440 -16.93 120.64 2.49
CA VAL B 440 -16.46 121.94 2.03
C VAL B 440 -17.59 122.73 1.40
N ASN B 441 -18.42 122.05 0.57
CA ASN B 441 -19.56 122.73 -0.03
C ASN B 441 -20.61 123.11 1.02
N LEU B 442 -20.74 122.31 2.08
CA LEU B 442 -21.63 122.66 3.18
C LEU B 442 -21.14 123.89 3.92
N TYR B 443 -19.83 123.96 4.17
CA TYR B 443 -19.27 125.15 4.82
C TYR B 443 -19.38 126.38 3.94
N LYS B 444 -19.32 126.21 2.62
CA LYS B 444 -19.52 127.33 1.71
C LYS B 444 -20.97 127.81 1.74
N ALA B 445 -21.92 126.88 1.62
CA ALA B 445 -23.32 127.27 1.55
C ALA B 445 -23.88 127.74 2.89
N LEU B 446 -23.18 127.45 3.99
CA LEU B 446 -23.63 127.90 5.30
C LEU B 446 -23.14 129.29 5.67
N GLY B 447 -22.38 129.93 4.79
CA GLY B 447 -21.91 131.27 5.07
C GLY B 447 -20.47 131.49 4.67
N GLY B 448 -19.66 130.45 4.73
CA GLY B 448 -18.29 130.51 4.24
C GLY B 448 -17.35 131.27 5.16
N GLY B 449 -16.07 131.18 4.83
CA GLY B 449 -15.04 131.91 5.52
C GLY B 449 -14.73 133.26 4.87
N TRP B 450 -15.66 134.20 5.02
CA TRP B 450 -15.44 135.54 4.48
C TRP B 450 -14.32 136.25 5.21
N ASN B 451 -14.30 136.15 6.54
CA ASN B 451 -13.16 136.61 7.32
C ASN B 451 -12.09 135.53 7.33
N GLN B 452 -10.88 135.93 7.76
CA GLN B 452 -9.77 134.98 7.79
C GLN B 452 -9.78 134.18 9.08
N GLN B 453 -10.03 134.82 10.22
CA GLN B 453 -10.10 134.15 11.50
C GLN B 453 -11.49 134.36 12.11
N THR B 454 -11.68 133.78 13.29
CA THR B 454 -12.91 134.02 14.03
C THR B 454 -12.82 135.36 14.76
N VAL B 455 -13.97 136.02 14.90
CA VAL B 455 -14.03 137.30 15.62
C VAL B 455 -15.16 137.28 16.65
N CYS C 1 -7.52 168.61 -30.41
CA CYS C 1 -6.75 167.88 -29.41
C CYS C 1 -7.47 166.61 -29.00
N SER C 2 -6.73 165.69 -28.38
CA SER C 2 -7.28 164.43 -27.92
C SER C 2 -6.57 164.01 -26.64
N LEU C 3 -7.35 163.57 -25.65
CA LEU C 3 -6.81 163.21 -24.35
C LEU C 3 -7.17 161.77 -23.99
N ILE C 4 -7.27 160.89 -24.98
CA ILE C 4 -7.46 159.46 -24.72
C ILE C 4 -6.15 158.89 -24.17
N PRO C 5 -6.18 158.11 -23.10
CA PRO C 5 -4.93 157.54 -22.56
C PRO C 5 -4.34 156.50 -23.50
N ASP C 6 -3.03 156.32 -23.38
CA ASP C 6 -2.31 155.40 -24.25
C ASP C 6 -2.59 153.96 -23.86
N TYR C 7 -2.62 153.07 -24.84
CA TYR C 7 -2.92 151.68 -24.59
C TYR C 7 -1.64 150.87 -24.41
N GLN C 8 -1.65 150.00 -23.39
CA GLN C 8 -0.56 149.06 -23.17
C GLN C 8 -1.18 147.69 -22.89
N ARG C 9 -0.70 146.66 -23.58
CA ARG C 9 -1.19 145.31 -23.33
C ARG C 9 -0.59 144.78 -22.03
N PRO C 10 -1.41 144.26 -21.12
CA PRO C 10 -0.88 143.75 -19.85
C PRO C 10 -0.12 142.45 -20.04
N GLU C 11 0.64 142.10 -19.00
CA GLU C 11 1.47 140.89 -19.04
C GLU C 11 0.67 139.70 -18.54
N ALA C 12 0.78 138.58 -19.26
CA ALA C 12 0.05 137.38 -18.91
C ALA C 12 0.74 136.67 -17.75
N PRO C 13 0.02 136.30 -16.69
CA PRO C 13 0.69 135.68 -15.54
C PRO C 13 1.02 134.21 -15.72
N VAL C 14 0.76 133.63 -16.89
CA VAL C 14 1.01 132.21 -17.13
C VAL C 14 2.50 131.97 -17.36
N ALA C 15 2.90 130.70 -17.35
CA ALA C 15 4.27 130.35 -17.69
C ALA C 15 4.49 130.53 -19.18
N ALA C 16 5.71 130.94 -19.55
CA ALA C 16 6.04 131.17 -20.94
C ALA C 16 6.11 129.88 -21.74
N ALA C 17 6.45 128.77 -21.10
CA ALA C 17 6.45 127.46 -21.74
C ALA C 17 5.27 126.65 -21.23
N TYR C 18 4.91 125.62 -21.99
CA TYR C 18 3.86 124.72 -21.56
C TYR C 18 4.36 123.86 -20.39
N PRO C 19 3.48 123.57 -19.42
CA PRO C 19 3.91 122.79 -18.26
C PRO C 19 4.19 121.35 -18.61
N GLN C 20 5.14 120.75 -17.91
CA GLN C 20 5.59 119.39 -18.17
C GLN C 20 5.34 118.50 -16.96
N GLY C 21 5.52 117.20 -17.18
CA GLY C 21 5.26 116.23 -16.12
C GLY C 21 5.56 114.82 -16.59
N GLN C 22 4.70 113.89 -16.18
CA GLN C 22 4.89 112.49 -16.55
C GLN C 22 4.13 112.14 -17.83
N ALA C 23 2.82 112.38 -17.83
CA ALA C 23 2.02 112.10 -19.02
C ALA C 23 2.17 113.18 -20.09
N TYR C 24 2.85 114.28 -19.77
CA TYR C 24 3.08 115.32 -20.76
C TYR C 24 4.14 114.88 -21.75
N GLY C 25 3.82 114.95 -23.04
CA GLY C 25 4.81 114.71 -24.06
C GLY C 25 5.75 115.89 -24.20
N GLN C 26 6.82 115.67 -24.96
CA GLN C 26 7.81 116.72 -25.16
C GLN C 26 7.28 117.76 -26.14
N ASN C 27 7.48 119.04 -25.79
CA ASN C 27 7.00 120.13 -26.63
C ASN C 27 7.84 120.23 -27.90
N THR C 28 7.17 120.49 -29.02
CA THR C 28 7.84 120.61 -30.31
C THR C 28 8.38 122.01 -30.58
N GLY C 29 8.53 122.85 -29.54
CA GLY C 29 9.07 124.18 -29.73
C GLY C 29 8.03 125.15 -30.25
N ALA C 30 8.52 126.19 -30.92
CA ALA C 30 7.65 127.18 -31.51
C ALA C 30 6.97 126.62 -32.75
N ALA C 31 5.69 126.94 -32.90
CA ALA C 31 4.88 126.44 -34.01
C ALA C 31 4.98 127.41 -35.18
N ALA C 32 5.50 126.92 -36.32
CA ALA C 32 5.53 127.73 -37.52
C ALA C 32 4.15 127.93 -38.12
N VAL C 33 3.32 126.87 -38.13
CA VAL C 33 1.94 126.99 -38.57
C VAL C 33 1.05 126.50 -37.42
N PRO C 34 0.46 127.38 -36.63
CA PRO C 34 -0.44 126.94 -35.56
C PRO C 34 -1.84 126.65 -36.09
N ALA C 35 -2.75 126.39 -35.15
CA ALA C 35 -4.08 125.92 -35.49
C ALA C 35 -4.95 127.01 -36.12
N ALA C 36 -4.69 128.28 -35.80
CA ALA C 36 -5.48 129.36 -36.37
C ALA C 36 -5.18 129.55 -37.85
N ASP C 37 -3.97 129.19 -38.29
CA ASP C 37 -3.64 129.26 -39.70
C ASP C 37 -4.28 128.09 -40.45
N ILE C 38 -4.38 126.93 -39.81
CA ILE C 38 -4.88 125.73 -40.48
C ILE C 38 -6.39 125.81 -40.64
N GLY C 39 -6.85 125.64 -41.88
CA GLY C 39 -8.26 125.66 -42.18
C GLY C 39 -8.91 124.31 -41.95
N TRP C 40 -10.24 124.31 -41.93
CA TRP C 40 -10.97 123.08 -41.63
C TRP C 40 -10.97 122.12 -42.82
N ARG C 41 -10.74 122.62 -44.03
CA ARG C 41 -10.70 121.74 -45.20
C ARG C 41 -9.45 120.86 -45.21
N GLU C 42 -8.40 121.25 -44.49
CA GLU C 42 -7.19 120.46 -44.41
C GLU C 42 -7.11 119.62 -43.14
N PHE C 43 -7.84 119.99 -42.09
CA PHE C 43 -7.71 119.29 -40.81
C PHE C 43 -8.45 117.96 -40.81
N PHE C 44 -9.71 117.96 -41.21
CA PHE C 44 -10.51 116.74 -41.23
C PHE C 44 -10.25 115.99 -42.53
N ARG C 45 -9.87 114.73 -42.42
CA ARG C 45 -9.49 113.95 -43.60
C ARG C 45 -10.68 113.30 -44.30
N ASP C 46 -11.85 113.33 -43.68
CA ASP C 46 -13.03 112.75 -44.29
C ASP C 46 -13.67 113.76 -45.24
N PRO C 47 -13.93 113.40 -46.49
CA PRO C 47 -14.65 114.33 -47.38
C PRO C 47 -16.10 114.54 -46.97
N GLN C 48 -16.72 113.53 -46.35
CA GLN C 48 -18.10 113.65 -45.92
C GLN C 48 -18.25 114.68 -44.80
N LEU C 49 -17.28 114.74 -43.88
CA LEU C 49 -17.34 115.72 -42.81
C LEU C 49 -17.13 117.13 -43.35
N GLN C 50 -16.21 117.28 -44.30
CA GLN C 50 -15.94 118.60 -44.87
C GLN C 50 -17.11 119.10 -45.71
N GLN C 51 -17.83 118.19 -46.37
CA GLN C 51 -19.03 118.59 -47.10
C GLN C 51 -20.10 119.12 -46.16
N LEU C 52 -20.29 118.48 -45.01
CA LEU C 52 -21.32 118.94 -44.09
C LEU C 52 -20.89 120.19 -43.34
N ILE C 53 -19.58 120.40 -43.17
CA ILE C 53 -19.11 121.67 -42.62
C ILE C 53 -19.32 122.78 -43.65
N GLY C 54 -19.17 122.46 -44.94
CA GLY C 54 -19.52 123.41 -45.98
C GLY C 54 -21.00 123.74 -46.01
N VAL C 55 -21.84 122.77 -45.65
CA VAL C 55 -23.27 123.04 -45.48
C VAL C 55 -23.51 123.95 -44.29
N ALA C 56 -22.85 123.64 -43.16
CA ALA C 56 -23.05 124.41 -41.92
C ALA C 56 -22.45 125.81 -41.99
N LEU C 57 -21.57 126.07 -42.97
CA LEU C 57 -21.07 127.43 -43.17
C LEU C 57 -22.17 128.38 -43.62
N GLU C 58 -23.15 127.88 -44.37
CA GLU C 58 -24.16 128.74 -44.97
C GLU C 58 -25.56 128.51 -44.41
N ASN C 59 -25.88 127.32 -43.91
CA ASN C 59 -27.24 126.98 -43.52
C ASN C 59 -27.40 126.80 -42.02
N ASN C 60 -26.68 127.57 -41.22
CA ASN C 60 -26.88 127.60 -39.78
C ASN C 60 -27.39 128.98 -39.39
N ARG C 61 -28.02 129.06 -38.22
CA ARG C 61 -28.67 130.29 -37.80
C ARG C 61 -27.73 131.21 -37.03
N ASP C 62 -26.99 130.69 -36.05
CA ASP C 62 -26.18 131.55 -35.20
C ASP C 62 -24.96 132.09 -35.93
N LEU C 63 -24.45 131.35 -36.91
CA LEU C 63 -23.37 131.86 -37.74
C LEU C 63 -23.84 133.01 -38.61
N ARG C 64 -25.12 132.99 -39.00
CA ARG C 64 -25.71 134.12 -39.70
C ARG C 64 -25.98 135.28 -38.73
N VAL C 65 -26.36 134.95 -37.50
CA VAL C 65 -26.62 135.94 -36.44
C VAL C 65 -25.36 136.73 -36.12
N ALA C 66 -24.21 136.06 -36.08
CA ALA C 66 -22.95 136.74 -35.78
C ALA C 66 -22.56 137.71 -36.89
N ALA C 67 -22.78 137.33 -38.15
CA ALA C 67 -22.46 138.22 -39.27
C ALA C 67 -23.41 139.40 -39.31
N LEU C 68 -24.69 139.17 -38.99
CA LEU C 68 -25.64 140.27 -38.95
C LEU C 68 -25.34 141.22 -37.79
N ASN C 69 -24.82 140.68 -36.68
CA ASN C 69 -24.40 141.53 -35.57
C ASN C 69 -23.14 142.32 -35.92
N VAL C 70 -22.27 141.73 -36.75
CA VAL C 70 -21.13 142.47 -37.28
C VAL C 70 -21.58 143.66 -38.10
N GLU C 71 -22.59 143.44 -38.96
CA GLU C 71 -23.16 144.53 -39.75
C GLU C 71 -23.86 145.56 -38.84
N ALA C 72 -24.47 145.10 -37.74
CA ALA C 72 -25.10 146.00 -36.78
C ALA C 72 -24.09 146.91 -36.11
N PHE C 73 -22.96 146.34 -35.69
CA PHE C 73 -21.95 147.15 -35.03
C PHE C 73 -21.23 148.06 -36.02
N ARG C 74 -21.16 147.65 -37.29
CA ARG C 74 -20.69 148.55 -38.34
C ARG C 74 -21.64 149.74 -38.50
N ALA C 75 -22.95 149.48 -38.45
CA ALA C 75 -23.92 150.57 -38.59
C ALA C 75 -23.88 151.51 -37.40
N GLN C 76 -23.75 150.97 -36.19
CA GLN C 76 -23.70 151.83 -35.01
C GLN C 76 -22.35 152.52 -34.90
N TYR C 77 -21.33 152.00 -35.58
CA TYR C 77 -20.08 152.75 -35.71
C TYR C 77 -20.23 153.89 -36.72
N ARG C 78 -20.99 153.65 -37.80
CA ARG C 78 -21.25 154.69 -38.78
C ARG C 78 -22.09 155.82 -38.21
N ILE C 79 -22.95 155.50 -37.22
CA ILE C 79 -23.75 156.53 -36.56
C ILE C 79 -22.84 157.52 -35.83
N GLN C 80 -21.88 157.01 -35.06
CA GLN C 80 -21.00 157.93 -34.34
C GLN C 80 -19.89 158.46 -35.23
N ARG C 81 -19.70 157.88 -36.42
CA ARG C 81 -18.91 158.53 -37.45
C ARG C 81 -19.62 159.75 -38.01
N ALA C 82 -20.94 159.64 -38.23
CA ALA C 82 -21.72 160.76 -38.75
C ALA C 82 -21.97 161.81 -37.67
N ASP C 83 -21.82 161.42 -36.41
CA ASP C 83 -22.01 162.32 -35.27
C ASP C 83 -21.05 163.52 -35.29
N LEU C 84 -19.88 163.39 -35.91
CA LEU C 84 -18.95 164.52 -35.96
C LEU C 84 -19.45 165.64 -36.87
N PHE C 85 -20.28 165.30 -37.85
CA PHE C 85 -20.74 166.29 -38.81
C PHE C 85 -21.93 167.07 -38.25
N PRO C 86 -22.09 168.33 -38.65
CA PRO C 86 -23.24 169.11 -38.18
C PRO C 86 -24.55 168.62 -38.77
N ARG C 87 -25.63 168.86 -38.03
CA ARG C 87 -26.96 168.39 -38.40
C ARG C 87 -27.82 169.60 -38.75
N ILE C 88 -27.88 169.92 -40.04
CA ILE C 88 -28.74 171.00 -40.49
C ILE C 88 -30.14 170.47 -40.77
N GLY C 89 -31.10 171.38 -40.89
CA GLY C 89 -32.47 170.96 -41.13
C GLY C 89 -33.38 172.16 -41.28
N VAL C 90 -34.62 171.88 -41.66
CA VAL C 90 -35.64 172.92 -41.79
C VAL C 90 -36.51 172.93 -40.55
N ASP C 91 -36.93 174.14 -40.15
CA ASP C 91 -37.74 174.39 -38.97
C ASP C 91 -38.83 175.38 -39.37
N GLY C 92 -40.06 174.91 -39.43
CA GLY C 92 -41.20 175.77 -39.63
C GLY C 92 -41.89 176.08 -38.31
N SER C 93 -42.33 177.33 -38.18
CA SER C 93 -42.92 177.80 -36.93
C SER C 93 -44.08 178.74 -37.23
N GLY C 94 -45.20 178.50 -36.55
CA GLY C 94 -46.30 179.44 -36.55
C GLY C 94 -46.52 179.94 -35.14
N THR C 95 -47.14 181.12 -35.05
CA THR C 95 -47.40 181.72 -33.74
C THR C 95 -48.62 182.62 -33.83
N ARG C 96 -49.63 182.34 -33.01
CA ARG C 96 -50.74 183.25 -32.81
C ARG C 96 -51.07 183.24 -31.32
N GLN C 97 -50.86 184.36 -30.66
CA GLN C 97 -51.00 184.38 -29.21
C GLN C 97 -51.56 185.71 -28.73
N ARG C 98 -52.32 185.66 -27.66
CA ARG C 98 -52.78 186.83 -26.93
C ARG C 98 -51.80 187.14 -25.81
N LEU C 99 -51.76 188.40 -25.42
CA LEU C 99 -50.90 188.90 -24.37
C LEU C 99 -51.74 189.64 -23.35
N PRO C 100 -51.29 189.71 -22.10
CA PRO C 100 -51.97 190.57 -21.12
C PRO C 100 -51.74 192.04 -21.43
N GLY C 101 -52.57 192.88 -20.82
CA GLY C 101 -52.53 194.31 -21.11
C GLY C 101 -51.34 195.01 -20.49
N ASP C 102 -50.92 194.57 -19.31
CA ASP C 102 -49.82 195.24 -18.63
C ASP C 102 -48.47 194.83 -19.19
N LEU C 103 -48.38 193.62 -19.74
CA LEU C 103 -47.11 193.11 -20.26
C LEU C 103 -46.91 193.38 -21.74
N SER C 104 -47.94 193.85 -22.44
CA SER C 104 -47.82 194.13 -23.87
C SER C 104 -47.04 195.42 -24.09
N THR C 105 -46.39 195.50 -25.26
CA THR C 105 -45.68 196.72 -25.61
C THR C 105 -46.66 197.81 -26.07
N THR C 106 -47.87 197.42 -26.47
CA THR C 106 -48.91 198.35 -26.89
C THR C 106 -49.91 198.64 -25.80
N GLY C 107 -49.91 197.89 -24.70
CA GLY C 107 -50.87 198.10 -23.63
C GLY C 107 -52.24 197.50 -23.89
N SER C 108 -52.35 196.59 -24.86
CA SER C 108 -53.62 196.01 -25.26
C SER C 108 -53.52 194.49 -25.26
N PRO C 109 -54.65 193.79 -25.11
CA PRO C 109 -54.64 192.33 -25.31
C PRO C 109 -54.48 191.97 -26.78
N ALA C 110 -53.25 192.08 -27.29
CA ALA C 110 -53.02 191.92 -28.72
C ALA C 110 -52.92 190.45 -29.10
N ILE C 111 -53.73 190.05 -30.07
CA ILE C 111 -53.65 188.70 -30.65
C ILE C 111 -52.63 188.80 -31.79
N SER C 112 -51.35 188.73 -31.42
CA SER C 112 -50.28 188.89 -32.38
C SER C 112 -49.99 187.59 -33.12
N SER C 113 -49.36 187.73 -34.28
CA SER C 113 -49.07 186.61 -35.17
C SER C 113 -47.63 186.70 -35.65
N GLN C 114 -47.10 185.55 -36.06
CA GLN C 114 -45.76 185.40 -36.60
C GLN C 114 -45.68 184.08 -37.34
N TYR C 115 -44.90 184.06 -38.42
CA TYR C 115 -44.67 182.84 -39.17
C TYR C 115 -43.22 182.83 -39.64
N GLY C 116 -42.67 181.63 -39.81
CA GLY C 116 -41.31 181.54 -40.31
C GLY C 116 -40.86 180.16 -40.70
N VAL C 117 -40.01 180.06 -41.73
CA VAL C 117 -39.42 178.79 -42.12
C VAL C 117 -37.92 178.94 -42.27
N THR C 118 -37.17 178.53 -41.25
CA THR C 118 -35.73 178.69 -41.27
C THR C 118 -35.04 177.38 -41.64
N LEU C 119 -33.77 177.48 -42.00
CA LEU C 119 -32.98 176.37 -42.50
C LEU C 119 -31.56 176.53 -41.97
N GLY C 120 -31.06 175.51 -41.27
CA GLY C 120 -29.67 175.57 -40.85
C GLY C 120 -29.38 174.63 -39.69
N THR C 121 -28.29 174.93 -39.00
CA THR C 121 -27.73 174.11 -37.94
C THR C 121 -28.22 174.60 -36.58
N THR C 122 -28.61 173.66 -35.74
CA THR C 122 -28.99 173.96 -34.36
C THR C 122 -28.18 173.07 -33.42
N ALA C 123 -27.52 173.70 -32.44
CA ALA C 123 -26.79 173.02 -31.36
C ALA C 123 -25.68 172.11 -31.90
N TRP C 124 -24.74 172.68 -32.66
CA TRP C 124 -23.68 171.91 -33.29
C TRP C 124 -22.65 171.51 -32.24
N GLU C 125 -22.58 170.21 -31.99
CA GLU C 125 -21.59 169.65 -31.08
C GLU C 125 -20.21 169.70 -31.72
N LEU C 126 -19.27 170.38 -31.05
CA LEU C 126 -17.91 170.51 -31.53
C LEU C 126 -16.98 169.59 -30.74
N ASP C 127 -16.30 168.69 -31.44
CA ASP C 127 -15.35 167.76 -30.81
C ASP C 127 -13.97 168.41 -30.77
N LEU C 128 -13.82 169.35 -29.84
CA LEU C 128 -12.54 170.03 -29.68
C LEU C 128 -11.54 169.20 -28.87
N PHE C 129 -12.01 168.29 -28.02
CA PHE C 129 -11.11 167.57 -27.13
C PHE C 129 -11.31 166.05 -27.24
N GLY C 130 -11.82 165.57 -28.36
CA GLY C 130 -11.80 164.15 -28.65
C GLY C 130 -12.84 163.32 -27.94
N ARG C 131 -13.94 163.92 -27.49
CA ARG C 131 -14.99 163.14 -26.84
C ARG C 131 -15.76 162.31 -27.85
N LEU C 132 -16.20 162.95 -28.94
CA LEU C 132 -16.86 162.22 -30.02
C LEU C 132 -15.88 161.29 -30.73
N ARG C 133 -14.59 161.65 -30.76
CA ARG C 133 -13.58 160.73 -31.27
C ARG C 133 -13.43 159.52 -30.35
N SER C 134 -13.58 159.72 -29.03
CA SER C 134 -13.52 158.59 -28.10
C SER C 134 -14.73 157.69 -28.26
N LEU C 135 -15.91 158.27 -28.50
CA LEU C 135 -17.09 157.45 -28.75
C LEU C 135 -16.98 156.70 -30.07
N ARG C 136 -16.35 157.32 -31.07
CA ARG C 136 -16.13 156.65 -32.34
C ARG C 136 -15.14 155.49 -32.18
N ASP C 137 -14.10 155.69 -31.37
CA ASP C 137 -13.15 154.60 -31.09
C ASP C 137 -13.80 153.48 -30.28
N GLN C 138 -14.72 153.83 -29.37
CA GLN C 138 -15.44 152.81 -28.62
C GLN C 138 -16.33 151.99 -29.54
N ALA C 139 -17.00 152.65 -30.47
CA ALA C 139 -17.82 151.94 -31.46
C ALA C 139 -16.97 151.06 -32.36
N LEU C 140 -15.78 151.53 -32.73
CA LEU C 140 -14.89 150.72 -33.56
C LEU C 140 -14.37 149.50 -32.80
N GLU C 141 -14.05 149.67 -31.52
CA GLU C 141 -13.59 148.54 -30.72
C GLU C 141 -14.69 147.52 -30.51
N GLN C 142 -15.93 147.98 -30.31
CA GLN C 142 -17.04 147.06 -30.20
C GLN C 142 -17.33 146.36 -31.52
N TYR C 143 -17.07 147.05 -32.64
CA TYR C 143 -17.20 146.40 -33.95
C TYR C 143 -16.16 145.32 -34.15
N LEU C 144 -14.92 145.55 -33.71
CA LEU C 144 -13.90 144.52 -33.80
C LEU C 144 -14.21 143.34 -32.87
N ALA C 145 -14.77 143.61 -31.69
CA ALA C 145 -15.17 142.53 -30.79
C ALA C 145 -16.29 141.69 -31.39
N THR C 146 -17.26 142.34 -32.03
CA THR C 146 -18.31 141.60 -32.71
C THR C 146 -17.76 140.84 -33.91
N GLU C 147 -16.71 141.35 -34.55
CA GLU C 147 -16.04 140.62 -35.63
C GLU C 147 -15.38 139.36 -35.12
N GLN C 148 -14.77 139.42 -33.94
CA GLN C 148 -14.12 138.23 -33.39
C GLN C 148 -15.14 137.21 -32.88
N ALA C 149 -16.34 137.68 -32.51
CA ALA C 149 -17.39 136.77 -32.05
C ALA C 149 -17.82 135.79 -33.15
N GLN C 150 -17.77 136.24 -34.41
CA GLN C 150 -18.13 135.35 -35.51
C GLN C 150 -17.10 134.23 -35.68
N ARG C 151 -15.82 134.55 -35.47
CA ARG C 151 -14.79 133.53 -35.53
C ARG C 151 -14.92 132.53 -34.38
N SER C 152 -15.24 133.04 -33.18
CA SER C 152 -15.46 132.14 -32.04
C SER C 152 -16.65 131.20 -32.29
N ALA C 153 -17.74 131.75 -32.84
CA ALA C 153 -18.92 130.93 -33.13
C ALA C 153 -18.64 129.91 -34.22
N GLN C 154 -17.85 130.29 -35.23
CA GLN C 154 -17.56 129.36 -36.32
C GLN C 154 -16.65 128.23 -35.84
N THR C 155 -15.68 128.54 -34.98
CA THR C 155 -14.80 127.49 -34.45
C THR C 155 -15.58 126.52 -33.55
N THR C 156 -16.47 127.05 -32.70
CA THR C 156 -17.27 126.16 -31.86
C THR C 156 -18.24 125.32 -32.68
N LEU C 157 -18.78 125.90 -33.77
CA LEU C 157 -19.65 125.13 -34.65
C LEU C 157 -18.90 124.02 -35.37
N VAL C 158 -17.68 124.31 -35.86
CA VAL C 158 -16.88 123.31 -36.57
C VAL C 158 -16.54 122.15 -35.63
N ALA C 159 -16.15 122.49 -34.39
CA ALA C 159 -15.83 121.46 -33.40
C ALA C 159 -17.06 120.62 -33.04
N SER C 160 -18.21 121.26 -32.89
CA SER C 160 -19.42 120.55 -32.50
C SER C 160 -19.90 119.61 -33.59
N VAL C 161 -19.84 120.08 -34.85
CA VAL C 161 -20.27 119.25 -35.98
C VAL C 161 -19.33 118.07 -36.17
N ALA C 162 -18.02 118.29 -35.99
CA ALA C 162 -17.05 117.22 -36.12
C ALA C 162 -17.25 116.15 -35.04
N THR C 163 -17.40 116.58 -33.79
CA THR C 163 -17.60 115.61 -32.70
C THR C 163 -18.93 114.88 -32.84
N ALA C 164 -19.95 115.56 -33.36
CA ALA C 164 -21.25 114.89 -33.54
C ALA C 164 -21.18 113.81 -34.62
N TYR C 165 -20.47 114.10 -35.72
CA TYR C 165 -20.31 113.10 -36.78
C TYR C 165 -19.47 111.91 -36.29
N LEU C 166 -18.45 112.18 -35.47
CA LEU C 166 -17.62 111.10 -34.94
C LEU C 166 -18.40 110.23 -33.96
N THR C 167 -19.24 110.85 -33.13
CA THR C 167 -20.07 110.07 -32.21
C THR C 167 -21.09 109.24 -32.96
N LEU C 168 -21.59 109.75 -34.09
CA LEU C 168 -22.53 108.97 -34.90
C LEU C 168 -21.85 107.74 -35.49
N LYS C 169 -20.63 107.91 -36.03
CA LYS C 169 -19.92 106.76 -36.59
C LYS C 169 -19.54 105.74 -35.53
N ALA C 170 -19.11 106.21 -34.35
CA ALA C 170 -18.74 105.31 -33.27
C ALA C 170 -19.95 104.55 -32.74
N ASP C 171 -21.10 105.23 -32.64
CA ASP C 171 -22.31 104.56 -32.21
C ASP C 171 -22.80 103.55 -33.22
N GLN C 172 -22.59 103.81 -34.51
CA GLN C 172 -22.99 102.84 -35.53
C GLN C 172 -22.13 101.57 -35.47
N ALA C 173 -20.81 101.75 -35.26
CA ALA C 173 -19.94 100.59 -35.13
C ALA C 173 -20.24 99.78 -33.86
N GLN C 174 -20.50 100.47 -32.76
CA GLN C 174 -20.87 99.78 -31.53
C GLN C 174 -22.23 99.11 -31.64
N LEU C 175 -23.13 99.67 -32.46
CA LEU C 175 -24.42 99.02 -32.70
C LEU C 175 -24.25 97.73 -33.49
N GLN C 176 -23.33 97.73 -34.45
CA GLN C 176 -23.04 96.50 -35.19
C GLN C 176 -22.44 95.43 -34.28
N LEU C 177 -21.57 95.84 -33.36
CA LEU C 177 -20.99 94.86 -32.43
C LEU C 177 -22.02 94.33 -31.43
N THR C 178 -22.96 95.17 -31.00
CA THR C 178 -24.02 94.65 -30.13
C THR C 178 -24.99 93.75 -30.89
N LYS C 179 -25.16 93.99 -32.20
CA LYS C 179 -25.93 93.05 -33.02
C LYS C 179 -25.25 91.69 -33.08
N ASP C 180 -23.92 91.68 -33.20
CA ASP C 180 -23.19 90.41 -33.19
C ASP C 180 -23.28 89.72 -31.83
N THR C 181 -23.26 90.49 -30.75
CA THR C 181 -23.42 89.93 -29.41
C THR C 181 -24.80 89.30 -29.23
N LEU C 182 -25.83 89.96 -29.78
CA LEU C 182 -27.17 89.41 -29.71
C LEU C 182 -27.30 88.12 -30.52
N GLY C 183 -26.64 88.06 -31.68
CA GLY C 183 -26.64 86.82 -32.45
C GLY C 183 -25.93 85.69 -31.73
N THR C 184 -24.83 85.98 -31.05
CA THR C 184 -24.09 84.97 -30.30
C THR C 184 -24.92 84.44 -29.12
N TYR C 185 -25.54 85.35 -28.37
CA TYR C 185 -26.42 84.95 -27.28
C TYR C 185 -27.64 84.18 -27.76
N GLN C 186 -28.15 84.50 -28.95
CA GLN C 186 -29.27 83.73 -29.49
C GLN C 186 -28.85 82.32 -29.83
N LYS C 187 -27.65 82.15 -30.41
CA LYS C 187 -27.15 80.81 -30.70
C LYS C 187 -26.91 80.01 -29.43
N SER C 188 -26.35 80.65 -28.40
CA SER C 188 -26.05 79.95 -27.16
C SER C 188 -27.33 79.57 -26.42
N PHE C 189 -28.35 80.45 -26.45
CA PHE C 189 -29.62 80.13 -25.83
C PHE C 189 -30.33 79.01 -26.57
N ASP C 190 -30.19 78.96 -27.91
CA ASP C 190 -30.80 77.88 -28.66
C ASP C 190 -30.11 76.54 -28.37
N LEU C 191 -28.80 76.58 -28.16
CA LEU C 191 -28.08 75.34 -27.82
C LEU C 191 -28.45 74.85 -26.43
N THR C 192 -28.60 75.76 -25.46
CA THR C 192 -29.02 75.35 -24.13
C THR C 192 -30.46 74.88 -24.14
N GLN C 193 -31.29 75.46 -25.01
CA GLN C 193 -32.66 74.98 -25.16
C GLN C 193 -32.69 73.57 -25.73
N ARG C 194 -31.79 73.27 -26.67
CA ARG C 194 -31.69 71.92 -27.20
C ARG C 194 -31.22 70.94 -26.15
N SER C 195 -30.25 71.34 -25.32
CA SER C 195 -29.75 70.47 -24.26
C SER C 195 -30.81 70.24 -23.18
N TYR C 196 -31.65 71.24 -22.92
CA TYR C 196 -32.72 71.06 -21.94
C TYR C 196 -33.86 70.23 -22.51
N ASP C 197 -34.12 70.36 -23.81
CA ASP C 197 -35.17 69.57 -24.44
C ASP C 197 -34.76 68.12 -24.58
N VAL C 198 -33.46 67.85 -24.70
CA VAL C 198 -32.99 66.47 -24.71
C VAL C 198 -33.09 65.86 -23.32
N GLY C 199 -32.59 66.59 -22.31
CA GLY C 199 -32.74 66.14 -20.95
C GLY C 199 -31.44 66.17 -20.17
N VAL C 200 -30.41 66.77 -20.75
CA VAL C 200 -29.09 66.73 -20.14
C VAL C 200 -28.91 67.91 -19.19
N ALA C 201 -29.45 69.07 -19.55
CA ALA C 201 -29.34 70.26 -18.71
C ALA C 201 -30.66 70.53 -18.00
N SER C 202 -30.55 71.09 -16.80
CA SER C 202 -31.73 71.43 -16.02
C SER C 202 -32.31 72.77 -16.48
N ALA C 203 -33.38 73.19 -15.81
CA ALA C 203 -34.06 74.41 -16.22
C ALA C 203 -33.28 75.64 -15.79
N LEU C 204 -32.46 75.52 -14.74
CA LEU C 204 -31.70 76.66 -14.23
C LEU C 204 -30.65 77.14 -15.23
N ASP C 205 -30.02 76.20 -15.93
CA ASP C 205 -29.07 76.56 -16.97
C ASP C 205 -29.76 77.22 -18.16
N LEU C 206 -31.03 76.89 -18.38
CA LEU C 206 -31.80 77.60 -19.39
C LEU C 206 -32.14 79.02 -18.93
N ARG C 207 -32.46 79.16 -17.63
CA ARG C 207 -32.89 80.46 -17.11
C ARG C 207 -31.75 81.47 -17.10
N GLN C 208 -30.53 81.02 -16.80
CA GLN C 208 -29.42 81.98 -16.77
C GLN C 208 -29.04 82.43 -18.18
N ALA C 209 -29.15 81.55 -19.17
CA ALA C 209 -28.94 81.95 -20.56
C ALA C 209 -30.04 82.89 -21.03
N GLN C 210 -31.26 82.70 -20.52
CA GLN C 210 -32.35 83.62 -20.83
C GLN C 210 -32.07 85.01 -20.26
N THR C 211 -31.55 85.06 -19.02
CA THR C 211 -31.20 86.35 -18.43
C THR C 211 -30.09 87.04 -19.21
N ALA C 212 -29.11 86.26 -19.71
CA ALA C 212 -28.03 86.84 -20.51
C ALA C 212 -28.55 87.42 -21.83
N VAL C 213 -29.42 86.68 -22.52
CA VAL C 213 -29.89 87.17 -23.81
C VAL C 213 -30.86 88.34 -23.63
N GLU C 214 -31.57 88.40 -22.49
CA GLU C 214 -32.44 89.56 -22.24
C GLU C 214 -31.63 90.80 -21.91
N GLY C 215 -30.54 90.63 -21.15
CA GLY C 215 -29.67 91.76 -20.86
C GLY C 215 -29.01 92.32 -22.11
N ALA C 216 -28.61 91.43 -23.02
CA ALA C 216 -28.04 91.89 -24.28
C ALA C 216 -29.08 92.56 -25.17
N ARG C 217 -30.33 92.09 -25.12
CA ARG C 217 -31.39 92.73 -25.89
C ARG C 217 -31.67 94.13 -25.39
N ALA C 218 -31.63 94.32 -24.06
CA ALA C 218 -31.78 95.65 -23.50
C ALA C 218 -30.62 96.56 -23.90
N THR C 219 -29.40 96.02 -23.92
CA THR C 219 -28.24 96.82 -24.34
C THR C 219 -28.33 97.21 -25.81
N LEU C 220 -28.87 96.30 -26.64
CA LEU C 220 -29.05 96.60 -28.06
C LEU C 220 -30.08 97.70 -28.27
N ALA C 221 -31.17 97.65 -27.50
CA ALA C 221 -32.18 98.72 -27.56
C ALA C 221 -31.61 100.06 -27.12
N GLN C 222 -30.75 100.06 -26.09
CA GLN C 222 -30.13 101.28 -25.62
C GLN C 222 -29.19 101.88 -26.66
N TYR C 223 -28.40 101.03 -27.31
CA TYR C 223 -27.48 101.56 -28.31
C TYR C 223 -28.20 101.99 -29.59
N THR C 224 -29.33 101.35 -29.92
CA THR C 224 -30.13 101.83 -31.04
C THR C 224 -30.75 103.20 -30.73
N ARG C 225 -31.12 103.41 -29.46
CA ARG C 225 -31.56 104.74 -29.04
C ARG C 225 -30.45 105.78 -29.18
N LEU C 226 -29.22 105.39 -28.83
CA LEU C 226 -28.09 106.31 -28.98
C LEU C 226 -27.82 106.67 -30.44
N VAL C 227 -27.88 105.67 -31.33
CA VAL C 227 -27.69 105.91 -32.76
C VAL C 227 -28.80 106.80 -33.30
N ALA C 228 -30.04 106.57 -32.86
CA ALA C 228 -31.16 107.35 -33.37
C ALA C 228 -31.13 108.78 -32.86
N GLN C 229 -30.58 109.01 -31.66
CA GLN C 229 -30.57 110.37 -31.14
C GLN C 229 -29.36 111.16 -31.64
N ASP C 230 -28.24 110.51 -31.98
CA ASP C 230 -27.10 111.30 -32.40
C ASP C 230 -27.26 111.84 -33.81
N GLN C 231 -28.06 111.17 -34.64
CA GLN C 231 -28.44 111.75 -35.93
C GLN C 231 -29.22 113.03 -35.74
N ASN C 232 -30.08 113.06 -34.73
CA ASN C 232 -30.85 114.26 -34.40
C ASN C 232 -29.95 115.38 -33.92
N ALA C 233 -28.99 115.03 -33.05
CA ALA C 233 -28.04 116.03 -32.55
C ALA C 233 -27.11 116.54 -33.65
N LEU C 234 -26.87 115.75 -34.69
CA LEU C 234 -26.09 116.24 -35.80
C LEU C 234 -26.93 117.13 -36.72
N VAL C 235 -28.16 116.71 -37.04
CA VAL C 235 -29.00 117.45 -37.98
C VAL C 235 -29.40 118.80 -37.40
N LEU C 236 -29.55 118.88 -36.08
CA LEU C 236 -29.81 120.17 -35.43
C LEU C 236 -28.65 121.14 -35.61
N LEU C 237 -27.42 120.67 -35.44
CA LEU C 237 -26.27 121.55 -35.57
C LEU C 237 -25.99 121.89 -37.03
N LEU C 238 -26.40 121.02 -37.95
CA LEU C 238 -26.23 121.31 -39.36
C LEU C 238 -27.25 122.30 -39.89
N GLY C 239 -28.42 122.38 -39.26
CA GLY C 239 -29.49 123.18 -39.81
C GLY C 239 -30.35 122.35 -40.74
N SER C 240 -29.79 121.95 -41.87
CA SER C 240 -30.46 121.02 -42.75
C SER C 240 -30.24 119.58 -42.27
N GLY C 241 -30.86 118.65 -42.99
CA GLY C 241 -30.70 117.24 -42.67
C GLY C 241 -29.46 116.66 -43.32
N ILE C 242 -29.42 115.33 -43.34
CA ILE C 242 -28.32 114.58 -43.95
C ILE C 242 -28.60 114.43 -45.44
N PRO C 243 -27.70 114.88 -46.30
CA PRO C 243 -27.92 114.75 -47.75
C PRO C 243 -27.74 113.31 -48.22
N ALA C 244 -28.22 113.05 -49.43
CA ALA C 244 -28.15 111.70 -49.98
C ALA C 244 -26.82 111.45 -50.68
N ASN C 245 -26.35 112.42 -51.47
CA ASN C 245 -25.13 112.28 -52.25
C ASN C 245 -23.89 112.62 -51.43
N LEU C 246 -23.61 111.80 -50.42
CA LEU C 246 -22.50 112.07 -49.53
C LEU C 246 -21.28 111.23 -49.89
N PRO C 247 -20.07 111.75 -49.63
CA PRO C 247 -18.87 110.97 -49.89
C PRO C 247 -18.70 109.85 -48.87
N GLN C 248 -17.71 109.00 -49.12
CA GLN C 248 -17.48 107.85 -48.27
C GLN C 248 -16.83 108.28 -46.95
N GLY C 249 -17.48 107.92 -45.84
CA GLY C 249 -16.92 108.21 -44.54
C GLY C 249 -15.80 107.25 -44.22
N LEU C 250 -14.65 107.78 -43.84
CA LEU C 250 -13.50 106.92 -43.53
C LEU C 250 -13.65 106.33 -42.13
N GLY C 251 -12.80 105.35 -41.84
CA GLY C 251 -12.94 104.61 -40.60
C GLY C 251 -12.51 105.42 -39.38
N LEU C 252 -12.96 104.96 -38.21
CA LEU C 252 -12.64 105.65 -36.96
C LEU C 252 -11.18 105.47 -36.57
N ASP C 253 -10.69 104.23 -36.59
CA ASP C 253 -9.30 103.99 -36.25
C ASP C 253 -8.39 104.47 -37.38
N GLN C 254 -8.91 104.55 -38.59
CA GLN C 254 -8.21 105.22 -39.67
C GLN C 254 -8.04 106.71 -39.36
N THR C 255 -7.00 107.29 -39.93
CA THR C 255 -6.62 108.65 -39.59
C THR C 255 -7.60 109.66 -40.19
N LEU C 256 -8.24 110.44 -39.32
CA LEU C 256 -9.23 111.41 -39.73
C LEU C 256 -8.78 112.85 -39.48
N LEU C 257 -7.79 113.05 -38.62
CA LEU C 257 -7.34 114.39 -38.25
C LEU C 257 -5.86 114.51 -38.60
N THR C 258 -5.32 115.71 -38.49
CA THR C 258 -3.91 115.95 -38.74
C THR C 258 -3.26 116.48 -37.48
N GLU C 259 -1.94 116.37 -37.41
CA GLU C 259 -1.21 116.87 -36.26
C GLU C 259 -1.15 118.40 -36.28
N VAL C 260 -1.33 119.00 -35.12
CA VAL C 260 -1.26 120.44 -34.96
C VAL C 260 -0.25 120.76 -33.87
N PRO C 261 0.78 121.55 -34.16
CA PRO C 261 1.74 121.93 -33.11
C PRO C 261 1.14 122.92 -32.14
N ALA C 262 1.27 122.61 -30.84
CA ALA C 262 0.72 123.48 -29.81
C ALA C 262 1.52 124.77 -29.64
N GLY C 263 2.83 124.71 -29.87
CA GLY C 263 3.65 125.91 -29.87
C GLY C 263 3.88 126.55 -28.51
N LEU C 264 3.32 127.73 -28.33
CA LEU C 264 3.52 128.54 -27.14
C LEU C 264 2.20 129.14 -26.72
N PRO C 265 2.03 129.47 -25.43
CA PRO C 265 0.80 130.15 -25.02
C PRO C 265 0.69 131.57 -25.56
N SER C 266 1.84 132.23 -25.78
CA SER C 266 1.83 133.61 -26.24
C SER C 266 1.30 133.71 -27.66
N ASP C 267 1.49 132.67 -28.47
CA ASP C 267 0.88 132.60 -29.79
C ASP C 267 -0.64 132.59 -29.69
N LEU C 268 -1.17 131.98 -28.63
CA LEU C 268 -2.61 132.02 -28.39
C LEU C 268 -3.09 133.43 -28.08
N LEU C 269 -2.18 134.27 -27.55
CA LEU C 269 -2.45 135.70 -27.41
C LEU C 269 -2.75 136.37 -28.74
N GLN C 270 -2.21 135.83 -29.83
CA GLN C 270 -2.57 136.32 -31.16
C GLN C 270 -3.70 135.53 -31.80
N ARG C 271 -4.09 134.38 -31.25
CA ARG C 271 -4.85 133.45 -32.08
C ARG C 271 -6.20 133.05 -31.53
N ARG C 272 -6.36 132.89 -30.22
CA ARG C 272 -7.69 132.56 -29.73
C ARG C 272 -8.54 133.82 -29.64
N PRO C 273 -9.74 133.81 -30.22
CA PRO C 273 -10.49 135.08 -30.38
C PRO C 273 -11.06 135.65 -29.10
N ASP C 274 -11.16 134.87 -28.01
CA ASP C 274 -11.77 135.40 -26.80
C ASP C 274 -10.84 136.35 -26.08
N ILE C 275 -9.53 136.13 -26.19
CA ILE C 275 -8.55 137.09 -25.67
C ILE C 275 -8.62 138.37 -26.49
N LEU C 276 -8.92 138.25 -27.78
CA LEU C 276 -9.16 139.44 -28.59
C LEU C 276 -10.45 140.15 -28.20
N GLU C 277 -11.47 139.39 -27.77
CA GLU C 277 -12.68 140.01 -27.22
C GLU C 277 -12.36 140.83 -25.98
N ALA C 278 -11.57 140.25 -25.08
CA ALA C 278 -11.20 140.94 -23.85
C ALA C 278 -10.33 142.16 -24.13
N GLU C 279 -9.47 142.06 -25.14
CA GLU C 279 -8.64 143.20 -25.53
C GLU C 279 -9.46 144.32 -26.14
N HIS C 280 -10.44 143.98 -26.98
CA HIS C 280 -11.30 145.00 -27.58
C HIS C 280 -12.20 145.64 -26.53
N GLN C 281 -12.65 144.87 -25.54
CA GLN C 281 -13.43 145.44 -24.44
C GLN C 281 -12.56 146.35 -23.59
N LEU C 282 -11.27 146.01 -23.43
CA LEU C 282 -10.35 146.85 -22.68
C LEU C 282 -10.12 148.18 -23.39
N MET C 283 -9.95 148.14 -24.71
CA MET C 283 -9.77 149.38 -25.45
C MET C 283 -11.06 150.19 -25.52
N ALA C 284 -12.22 149.53 -25.49
CA ALA C 284 -13.48 150.26 -25.40
C ALA C 284 -13.63 150.94 -24.05
N ALA C 285 -13.16 150.30 -22.98
CA ALA C 285 -13.17 150.94 -21.68
C ALA C 285 -12.20 152.12 -21.61
N ASN C 286 -11.07 152.00 -22.32
CA ASN C 286 -10.16 153.14 -22.42
C ASN C 286 -10.77 154.30 -23.20
N ALA C 287 -11.56 153.98 -24.22
CA ALA C 287 -12.29 155.01 -24.94
C ALA C 287 -13.36 155.66 -24.05
N SER C 288 -13.97 154.88 -23.16
CA SER C 288 -14.90 155.47 -22.20
C SER C 288 -14.19 156.36 -21.20
N ILE C 289 -12.94 156.02 -20.85
CA ILE C 289 -12.12 156.91 -20.02
C ILE C 289 -11.89 158.23 -20.74
N GLY C 290 -11.54 158.16 -22.03
CA GLY C 290 -11.37 159.36 -22.83
C GLY C 290 -12.62 160.21 -22.91
N ALA C 291 -13.79 159.57 -23.01
CA ALA C 291 -15.06 160.29 -23.03
C ALA C 291 -15.34 160.97 -21.70
N ALA C 292 -15.19 160.23 -20.60
CA ALA C 292 -15.51 160.78 -19.28
C ALA C 292 -14.49 161.81 -18.83
N ARG C 293 -13.27 161.76 -19.38
CA ARG C 293 -12.28 162.79 -19.07
C ARG C 293 -12.49 164.03 -19.93
N ALA C 294 -12.91 163.84 -21.18
CA ALA C 294 -13.23 164.98 -22.03
C ALA C 294 -14.56 165.62 -21.66
N ALA C 295 -15.36 164.99 -20.79
CA ALA C 295 -16.57 165.63 -20.29
C ALA C 295 -16.27 166.74 -19.30
N PHE C 296 -15.04 166.81 -18.79
CA PHE C 296 -14.65 167.89 -17.89
C PHE C 296 -14.59 169.22 -18.64
N PHE C 297 -14.10 169.20 -19.86
CA PHE C 297 -13.71 170.36 -20.65
C PHE C 297 -14.95 171.08 -21.18
N PRO C 298 -14.87 172.36 -21.55
CA PRO C 298 -16.08 173.09 -21.98
C PRO C 298 -16.62 172.57 -23.30
N SER C 299 -17.95 172.55 -23.41
CA SER C 299 -18.63 172.09 -24.61
C SER C 299 -19.07 173.30 -25.42
N ILE C 300 -18.70 173.33 -26.69
CA ILE C 300 -19.09 174.43 -27.57
C ILE C 300 -20.26 174.00 -28.44
N SER C 301 -21.23 174.90 -28.59
CA SER C 301 -22.40 174.66 -29.41
C SER C 301 -22.61 175.85 -30.34
N LEU C 302 -23.28 175.61 -31.46
CA LEU C 302 -23.45 176.63 -32.48
C LEU C 302 -24.85 176.52 -33.07
N THR C 303 -25.47 177.68 -33.31
CA THR C 303 -26.79 177.71 -33.94
C THR C 303 -26.78 178.79 -35.01
N ALA C 304 -26.89 178.37 -36.27
CA ALA C 304 -26.86 179.29 -37.40
C ALA C 304 -27.86 178.83 -38.44
N ASN C 305 -28.86 179.65 -38.71
CA ASN C 305 -29.87 179.29 -39.69
C ASN C 305 -30.35 180.56 -40.38
N ALA C 306 -30.76 180.40 -41.64
CA ALA C 306 -31.26 181.51 -42.43
C ALA C 306 -32.57 181.11 -43.09
N GLY C 307 -33.35 182.10 -43.49
CA GLY C 307 -34.59 181.85 -44.18
C GLY C 307 -35.56 183.00 -44.01
N THR C 308 -36.80 182.73 -44.39
CA THR C 308 -37.84 183.76 -44.40
C THR C 308 -38.65 183.74 -43.10
N MET C 309 -38.94 184.93 -42.61
CA MET C 309 -39.80 185.14 -41.46
C MET C 309 -40.68 186.35 -41.74
N SER C 310 -41.90 186.32 -41.22
CA SER C 310 -42.83 187.42 -41.42
C SER C 310 -43.84 187.45 -40.27
N ARG C 311 -44.66 188.51 -40.26
CA ARG C 311 -45.79 188.56 -39.35
C ARG C 311 -46.99 187.79 -39.89
N GLN C 312 -47.22 187.81 -41.19
CA GLN C 312 -48.33 187.10 -41.79
C GLN C 312 -47.83 185.92 -42.62
N LEU C 313 -48.76 185.22 -43.28
CA LEU C 313 -48.44 183.98 -43.98
C LEU C 313 -47.98 184.23 -45.42
N SER C 314 -48.83 184.88 -46.22
CA SER C 314 -48.55 185.05 -47.65
C SER C 314 -47.42 186.03 -47.89
N GLY C 315 -47.08 186.85 -46.89
CA GLY C 315 -45.90 187.69 -46.94
C GLY C 315 -44.63 186.99 -46.54
N LEU C 316 -44.62 185.66 -46.42
CA LEU C 316 -43.40 184.95 -46.07
C LEU C 316 -42.43 184.91 -47.25
N PHE C 317 -42.91 184.49 -48.42
CA PHE C 317 -42.05 184.36 -49.61
C PHE C 317 -42.03 185.67 -50.40
N ASP C 318 -41.41 186.69 -49.79
CA ASP C 318 -41.29 188.00 -50.40
C ASP C 318 -39.82 188.38 -50.50
N ALA C 319 -39.55 189.41 -51.30
CA ALA C 319 -38.20 189.94 -51.41
C ALA C 319 -37.83 190.71 -50.16
N GLY C 320 -36.60 190.48 -49.67
CA GLY C 320 -36.15 191.09 -48.45
C GLY C 320 -36.60 190.39 -47.18
N SER C 321 -37.36 189.31 -47.29
CA SER C 321 -37.83 188.58 -46.11
C SER C 321 -36.77 187.66 -45.53
N GLY C 322 -35.59 187.55 -46.16
CA GLY C 322 -34.56 186.67 -45.64
C GLY C 322 -33.88 187.26 -44.42
N SER C 323 -33.42 186.36 -43.55
CA SER C 323 -32.76 186.74 -42.32
C SER C 323 -31.86 185.58 -41.88
N TRP C 324 -30.76 185.92 -41.20
CA TRP C 324 -29.80 184.93 -40.74
C TRP C 324 -29.63 185.03 -39.23
N LEU C 325 -29.07 183.96 -38.66
CA LEU C 325 -28.81 183.85 -37.24
C LEU C 325 -27.39 183.35 -37.02
N PHE C 326 -26.75 183.81 -35.94
CA PHE C 326 -25.46 183.27 -35.54
C PHE C 326 -25.39 183.33 -34.02
N GLN C 327 -25.31 182.16 -33.37
CA GLN C 327 -25.31 182.06 -31.92
C GLN C 327 -24.30 181.01 -31.50
N PRO C 328 -23.08 181.41 -31.15
CA PRO C 328 -22.15 180.47 -30.50
C PRO C 328 -22.26 180.51 -28.99
N SER C 329 -22.44 179.33 -28.39
CA SER C 329 -22.55 179.19 -26.95
C SER C 329 -21.47 178.25 -26.44
N ILE C 330 -21.04 178.48 -25.20
CA ILE C 330 -20.05 177.64 -24.54
C ILE C 330 -20.55 177.31 -23.15
N ASN C 331 -20.79 176.03 -22.89
CA ASN C 331 -21.25 175.56 -21.60
C ASN C 331 -20.13 174.89 -20.83
N LEU C 332 -20.01 175.25 -19.55
CA LEU C 332 -19.00 174.63 -18.70
C LEU C 332 -19.45 174.56 -17.25
N PRO C 333 -19.81 173.39 -16.74
CA PRO C 333 -20.05 173.27 -15.29
C PRO C 333 -18.73 173.27 -14.52
N ILE C 334 -18.76 173.87 -13.35
CA ILE C 334 -17.53 174.02 -12.55
C ILE C 334 -17.67 173.31 -11.22
N PHE C 335 -18.62 173.73 -10.38
CA PHE C 335 -18.71 173.20 -9.04
C PHE C 335 -19.60 171.98 -9.00
N THR C 336 -18.99 170.83 -8.74
CA THR C 336 -19.72 169.61 -8.38
C THR C 336 -19.07 169.04 -7.14
N ALA C 337 -19.75 168.09 -6.52
CA ALA C 337 -19.13 167.32 -5.43
C ALA C 337 -18.45 166.06 -5.97
N GLY C 338 -17.60 166.26 -6.97
CA GLY C 338 -16.96 165.14 -7.63
C GLY C 338 -17.85 164.33 -8.52
N SER C 339 -18.80 164.96 -9.21
CA SER C 339 -19.70 164.24 -10.11
C SER C 339 -18.94 163.73 -11.33
N LEU C 340 -18.30 164.65 -12.06
CA LEU C 340 -17.50 164.26 -13.22
C LEU C 340 -16.26 163.49 -12.79
N ARG C 341 -15.75 163.76 -11.58
CA ARG C 341 -14.67 162.96 -11.02
C ARG C 341 -15.12 161.52 -10.77
N ALA C 342 -16.37 161.33 -10.33
CA ALA C 342 -16.87 159.98 -10.13
C ALA C 342 -17.13 159.29 -11.46
N SER C 343 -17.54 160.04 -12.49
CA SER C 343 -17.64 159.46 -13.82
C SER C 343 -16.27 159.04 -14.34
N LEU C 344 -15.25 159.85 -14.06
CA LEU C 344 -13.90 159.56 -14.53
C LEU C 344 -13.32 158.32 -13.86
N ASP C 345 -13.42 158.24 -12.52
CA ASP C 345 -12.82 157.07 -11.87
C ASP C 345 -13.72 155.85 -12.04
N TYR C 346 -15.01 156.05 -12.34
CA TYR C 346 -15.87 154.94 -12.75
C TYR C 346 -15.38 154.33 -14.06
N ALA C 347 -15.03 155.18 -15.03
CA ALA C 347 -14.50 154.67 -16.30
C ALA C 347 -13.13 154.01 -16.11
N LYS C 348 -12.30 154.56 -15.21
CA LYS C 348 -11.02 153.94 -14.89
C LYS C 348 -11.21 152.57 -14.24
N ILE C 349 -12.23 152.46 -13.40
CA ILE C 349 -12.54 151.20 -12.75
C ILE C 349 -13.05 150.19 -13.79
N GLN C 350 -13.82 150.65 -14.78
CA GLN C 350 -14.24 149.79 -15.88
C GLN C 350 -13.03 149.28 -16.67
N LYS C 351 -12.02 150.14 -16.85
CA LYS C 351 -10.77 149.70 -17.47
C LYS C 351 -10.09 148.61 -16.65
N ASP C 352 -10.05 148.78 -15.33
CA ASP C 352 -9.38 147.80 -14.47
C ASP C 352 -10.14 146.47 -14.44
N ILE C 353 -11.46 146.53 -14.50
CA ILE C 353 -12.29 145.33 -14.63
C ILE C 353 -11.95 144.61 -15.93
N ASN C 354 -11.78 145.36 -17.02
CA ASN C 354 -11.48 144.73 -18.29
C ASN C 354 -10.05 144.18 -18.32
N VAL C 355 -9.12 144.77 -17.55
CA VAL C 355 -7.79 144.19 -17.38
C VAL C 355 -7.88 142.85 -16.65
N ALA C 356 -8.68 142.79 -15.59
CA ALA C 356 -8.78 141.58 -14.80
C ALA C 356 -9.45 140.44 -15.58
N GLN C 357 -10.49 140.76 -16.35
CA GLN C 357 -11.10 139.70 -17.16
C GLN C 357 -10.23 139.35 -18.37
N TYR C 358 -9.41 140.29 -18.83
CA TYR C 358 -8.42 139.99 -19.85
C TYR C 358 -7.39 138.99 -19.36
N GLU C 359 -7.02 139.08 -18.08
CA GLU C 359 -6.11 138.08 -17.53
C GLU C 359 -6.80 136.76 -17.27
N LYS C 360 -8.08 136.80 -16.85
CA LYS C 360 -8.78 135.54 -16.58
C LYS C 360 -9.09 134.78 -17.87
N ALA C 361 -9.22 135.48 -19.01
CA ALA C 361 -9.39 134.78 -20.28
C ALA C 361 -8.12 134.07 -20.68
N ILE C 362 -6.96 134.68 -20.40
CA ILE C 362 -5.67 134.04 -20.65
C ILE C 362 -5.51 132.80 -19.78
N GLN C 363 -5.92 132.90 -18.52
CA GLN C 363 -5.82 131.75 -17.62
C GLN C 363 -6.74 130.61 -18.03
N THR C 364 -7.95 130.95 -18.51
CA THR C 364 -8.87 129.92 -18.97
C THR C 364 -8.35 129.24 -20.23
N ALA C 365 -7.77 130.01 -21.15
CA ALA C 365 -7.19 129.43 -22.35
C ALA C 365 -5.99 128.55 -22.03
N PHE C 366 -5.19 128.96 -21.04
CA PHE C 366 -4.06 128.16 -20.60
C PHE C 366 -4.50 126.82 -20.01
N GLN C 367 -5.55 126.84 -19.18
CA GLN C 367 -6.04 125.60 -18.58
C GLN C 367 -6.65 124.68 -19.63
N GLU C 368 -7.33 125.26 -20.63
CA GLU C 368 -7.92 124.45 -21.68
C GLU C 368 -6.86 123.77 -22.54
N VAL C 369 -5.82 124.51 -22.94
CA VAL C 369 -4.80 123.90 -23.79
C VAL C 369 -3.94 122.94 -22.98
N ALA C 370 -3.84 123.14 -21.66
CA ALA C 370 -3.11 122.18 -20.84
C ALA C 370 -3.90 120.88 -20.68
N ASP C 371 -5.23 120.97 -20.55
CA ASP C 371 -6.05 119.76 -20.53
C ASP C 371 -6.00 119.02 -21.87
N GLY C 372 -5.98 119.77 -22.97
CA GLY C 372 -5.83 119.14 -24.28
C GLY C 372 -4.49 118.45 -24.45
N LEU C 373 -3.41 119.06 -23.94
CA LEU C 373 -2.10 118.43 -24.01
C LEU C 373 -2.04 117.18 -23.15
N ALA C 374 -2.73 117.18 -22.00
CA ALA C 374 -2.78 115.98 -21.16
C ALA C 374 -3.55 114.85 -21.86
N ALA C 375 -4.67 115.18 -22.51
CA ALA C 375 -5.43 114.17 -23.22
C ALA C 375 -4.65 113.62 -24.42
N ARG C 376 -3.89 114.50 -25.08
CA ARG C 376 -3.03 114.05 -26.18
C ARG C 376 -1.93 113.12 -25.67
N GLY C 377 -1.35 113.45 -24.52
CA GLY C 377 -0.32 112.61 -23.94
C GLY C 377 -0.80 111.29 -23.38
N THR C 378 -2.11 111.16 -23.10
CA THR C 378 -2.61 109.93 -22.51
C THR C 378 -3.34 109.00 -23.49
N PHE C 379 -4.07 109.56 -24.46
CA PHE C 379 -4.97 108.73 -25.27
C PHE C 379 -4.24 107.81 -26.22
N THR C 380 -3.05 108.21 -26.68
CA THR C 380 -2.30 107.40 -27.63
C THR C 380 -1.78 106.12 -26.98
N GLU C 381 -1.51 106.16 -25.68
CA GLU C 381 -1.12 104.97 -24.94
C GLU C 381 -2.31 104.17 -24.45
N GLN C 382 -3.42 104.85 -24.10
CA GLN C 382 -4.63 104.14 -23.69
C GLN C 382 -5.21 103.33 -24.84
N LEU C 383 -5.20 103.89 -26.05
CA LEU C 383 -5.68 103.15 -27.20
C LEU C 383 -4.75 102.02 -27.60
N GLN C 384 -3.44 102.18 -27.34
CA GLN C 384 -2.51 101.10 -27.60
C GLN C 384 -2.74 99.93 -26.64
N ALA C 385 -3.03 100.24 -25.37
CA ALA C 385 -3.38 99.21 -24.41
C ALA C 385 -4.67 98.51 -24.81
N GLN C 386 -5.65 99.27 -25.30
CA GLN C 386 -6.91 98.67 -25.76
C GLN C 386 -6.70 97.80 -27.00
N ARG C 387 -5.78 98.19 -27.89
CA ARG C 387 -5.51 97.39 -29.08
C ARG C 387 -4.81 96.09 -28.72
N ASP C 388 -3.89 96.15 -27.74
CA ASP C 388 -3.24 94.93 -27.27
C ASP C 388 -4.23 93.99 -26.60
N LEU C 389 -5.19 94.55 -25.86
CA LEU C 389 -6.28 93.77 -25.27
C LEU C 389 -7.13 93.09 -26.34
N VAL C 390 -7.44 93.84 -27.41
CA VAL C 390 -8.24 93.31 -28.51
C VAL C 390 -7.52 92.16 -29.21
N LYS C 391 -6.22 92.31 -29.45
CA LYS C 391 -5.49 91.27 -30.16
C LYS C 391 -5.24 90.05 -29.28
N ALA C 392 -5.12 90.25 -27.96
CA ALA C 392 -5.03 89.12 -27.06
C ALA C 392 -6.33 88.33 -27.05
N SER C 393 -7.47 89.03 -27.03
CA SER C 393 -8.76 88.34 -27.13
C SER C 393 -8.93 87.66 -28.49
N ASP C 394 -8.35 88.22 -29.55
CA ASP C 394 -8.46 87.59 -30.85
C ASP C 394 -7.63 86.32 -30.95
N GLU C 395 -6.44 86.33 -30.34
CA GLU C 395 -5.65 85.10 -30.27
C GLU C 395 -6.33 84.04 -29.43
N TYR C 396 -7.00 84.46 -28.35
CA TYR C 396 -7.80 83.55 -27.53
C TYR C 396 -8.92 82.92 -28.35
N TYR C 397 -9.61 83.73 -29.16
CA TYR C 397 -10.70 83.21 -29.98
C TYR C 397 -10.19 82.28 -31.06
N GLN C 398 -9.01 82.57 -31.62
CA GLN C 398 -8.47 81.72 -32.67
C GLN C 398 -8.04 80.36 -32.12
N LEU C 399 -7.41 80.34 -30.94
CA LEU C 399 -7.07 79.07 -30.32
C LEU C 399 -8.31 78.29 -29.92
N ALA C 400 -9.35 78.99 -29.45
CA ALA C 400 -10.60 78.31 -29.14
C ALA C 400 -11.29 77.77 -30.38
N ASP C 401 -11.12 78.43 -31.52
CA ASP C 401 -11.72 77.94 -32.76
C ASP C 401 -11.00 76.71 -33.26
N LYS C 402 -9.67 76.69 -33.15
CA LYS C 402 -8.91 75.48 -33.49
C LYS C 402 -9.28 74.33 -32.56
N ARG C 403 -9.43 74.62 -31.27
CA ARG C 403 -9.80 73.60 -30.30
C ARG C 403 -11.23 73.09 -30.53
N TYR C 404 -12.10 73.94 -31.09
CA TYR C 404 -13.43 73.49 -31.46
C TYR C 404 -13.37 72.57 -32.68
N ARG C 405 -12.68 73.00 -33.74
CA ARG C 405 -12.71 72.24 -34.98
C ARG C 405 -11.88 70.96 -34.92
N THR C 406 -10.99 70.82 -33.94
CA THR C 406 -10.42 69.49 -33.71
C THR C 406 -11.39 68.56 -33.00
N GLY C 407 -12.43 69.09 -32.36
CA GLY C 407 -13.44 68.29 -31.72
C GLY C 407 -13.37 68.21 -30.21
N VAL C 408 -12.48 68.98 -29.59
CA VAL C 408 -12.26 68.85 -28.16
C VAL C 408 -13.39 69.50 -27.37
N ASP C 409 -13.80 70.70 -27.76
CA ASP C 409 -14.83 71.42 -27.03
C ASP C 409 -16.11 71.56 -27.85
N ASN C 410 -17.16 72.00 -27.18
CA ASN C 410 -18.46 72.20 -27.81
C ASN C 410 -18.57 73.62 -28.34
N TYR C 411 -19.72 73.92 -28.93
CA TYR C 411 -19.90 75.22 -29.57
C TYR C 411 -20.12 76.33 -28.57
N LEU C 412 -20.53 76.00 -27.34
CA LEU C 412 -20.85 77.01 -26.35
C LEU C 412 -19.60 77.75 -25.87
N THR C 413 -18.54 77.01 -25.57
CA THR C 413 -17.31 77.67 -25.15
C THR C 413 -16.47 78.14 -26.33
N LEU C 414 -16.95 77.98 -27.56
CA LEU C 414 -16.48 78.78 -28.68
C LEU C 414 -17.24 80.10 -28.78
N LEU C 415 -18.55 80.05 -28.56
CA LEU C 415 -19.37 81.23 -28.70
C LEU C 415 -19.09 82.24 -27.60
N ASP C 416 -18.72 81.78 -26.40
CA ASP C 416 -18.45 82.75 -25.34
C ASP C 416 -17.15 83.50 -25.60
N ALA C 417 -16.16 82.81 -26.18
CA ALA C 417 -14.91 83.49 -26.55
C ALA C 417 -15.12 84.42 -27.72
N GLN C 418 -15.94 84.01 -28.69
CA GLN C 418 -16.33 84.89 -29.80
C GLN C 418 -17.06 86.12 -29.29
N ARG C 419 -17.86 85.95 -28.24
CA ARG C 419 -18.57 87.06 -27.62
C ARG C 419 -17.61 88.01 -26.91
N SER C 420 -16.67 87.44 -26.14
CA SER C 420 -15.69 88.24 -25.42
C SER C 420 -14.79 89.03 -26.38
N LEU C 421 -14.57 88.49 -27.58
CA LEU C 421 -13.82 89.17 -28.63
C LEU C 421 -14.43 90.52 -28.98
N PHE C 422 -15.68 90.55 -29.44
CA PHE C 422 -16.17 91.86 -29.84
C PHE C 422 -16.70 92.70 -28.69
N THR C 423 -16.98 92.11 -27.51
CA THR C 423 -17.26 92.97 -26.38
C THR C 423 -15.98 93.64 -25.84
N ALA C 424 -14.82 93.05 -26.12
CA ALA C 424 -13.58 93.78 -25.87
C ALA C 424 -13.26 94.73 -27.02
N GLN C 425 -13.70 94.40 -28.23
CA GLN C 425 -13.43 95.21 -29.41
C GLN C 425 -14.20 96.52 -29.41
N GLN C 426 -15.39 96.55 -28.80
CA GLN C 426 -16.12 97.82 -28.72
C GLN C 426 -15.45 98.81 -27.78
N GLN C 427 -14.59 98.33 -26.87
CA GLN C 427 -13.76 99.17 -26.03
C GLN C 427 -12.56 99.75 -26.76
N LEU C 428 -12.43 99.51 -28.07
CA LEU C 428 -11.48 100.25 -28.89
C LEU C 428 -12.16 101.44 -29.54
N ILE C 429 -13.37 101.22 -30.08
CA ILE C 429 -14.18 102.29 -30.65
C ILE C 429 -14.54 103.32 -29.58
N THR C 430 -14.99 102.83 -28.42
CA THR C 430 -14.93 103.66 -27.24
C THR C 430 -13.46 103.88 -26.87
N ASP C 431 -13.14 105.14 -26.56
CA ASP C 431 -11.84 105.79 -26.38
C ASP C 431 -11.11 106.06 -27.70
N ARG C 432 -11.51 105.44 -28.81
CA ARG C 432 -11.08 106.00 -30.09
C ARG C 432 -11.87 107.26 -30.39
N LEU C 433 -13.19 107.18 -30.15
CA LEU C 433 -14.04 108.35 -30.21
C LEU C 433 -13.60 109.43 -29.23
N ASN C 434 -13.16 109.03 -28.05
CA ASN C 434 -12.74 110.02 -27.05
C ASN C 434 -11.42 110.67 -27.43
N GLN C 435 -10.49 109.91 -28.03
CA GLN C 435 -9.25 110.52 -28.54
C GLN C 435 -9.54 111.50 -29.66
N LEU C 436 -10.45 111.14 -30.56
CA LEU C 436 -10.79 112.04 -31.67
C LEU C 436 -11.48 113.30 -31.18
N THR C 437 -12.37 113.17 -30.19
CA THR C 437 -13.05 114.33 -29.62
C THR C 437 -12.06 115.23 -28.87
N SER C 438 -11.10 114.63 -28.16
CA SER C 438 -10.08 115.41 -27.47
C SER C 438 -9.18 116.16 -28.45
N GLU C 439 -8.85 115.53 -29.58
CA GLU C 439 -8.04 116.22 -30.57
C GLU C 439 -8.83 117.33 -31.27
N VAL C 440 -10.13 117.12 -31.46
CA VAL C 440 -10.95 118.13 -32.14
C VAL C 440 -11.11 119.37 -31.27
N ASN C 441 -11.45 119.18 -29.99
CA ASN C 441 -11.64 120.38 -29.17
C ASN C 441 -10.31 120.96 -28.70
N LEU C 442 -9.21 120.20 -28.78
CA LEU C 442 -7.90 120.81 -28.62
C LEU C 442 -7.56 121.69 -29.82
N TYR C 443 -7.95 121.24 -31.02
CA TYR C 443 -7.76 122.05 -32.21
C TYR C 443 -8.63 123.31 -32.16
N LYS C 444 -9.82 123.21 -31.58
CA LYS C 444 -10.68 124.38 -31.42
C LYS C 444 -10.11 125.34 -30.39
N ALA C 445 -9.59 124.80 -29.28
CA ALA C 445 -9.06 125.64 -28.20
C ALA C 445 -7.78 126.36 -28.59
N LEU C 446 -7.04 125.85 -29.58
CA LEU C 446 -5.81 126.53 -30.00
C LEU C 446 -6.07 127.63 -31.00
N GLY C 447 -7.29 127.78 -31.48
CA GLY C 447 -7.60 128.82 -32.44
C GLY C 447 -8.56 128.39 -33.54
N GLY C 448 -8.52 127.12 -33.91
CA GLY C 448 -9.51 126.55 -34.80
C GLY C 448 -9.39 127.01 -36.25
N GLY C 449 -10.23 126.40 -37.09
CA GLY C 449 -10.27 126.70 -38.50
C GLY C 449 -11.27 127.77 -38.91
N TRP C 450 -10.97 129.04 -38.59
CA TRP C 450 -11.82 130.13 -39.03
C TRP C 450 -11.79 130.29 -40.55
N ASN C 451 -10.64 130.09 -41.17
CA ASN C 451 -10.59 130.07 -42.62
C ASN C 451 -10.93 128.67 -43.13
N GLN C 452 -11.31 128.60 -44.40
CA GLN C 452 -11.54 127.31 -45.01
C GLN C 452 -10.23 126.63 -45.38
N GLN C 453 -9.33 127.35 -46.01
CA GLN C 453 -8.04 126.80 -46.45
C GLN C 453 -6.93 127.40 -45.60
N THR C 454 -5.81 126.69 -45.55
CA THR C 454 -4.67 127.14 -44.77
C THR C 454 -3.87 128.19 -45.55
N VAL C 455 -3.60 129.32 -44.89
CA VAL C 455 -2.80 130.38 -45.49
C VAL C 455 -1.33 130.19 -45.14
N CYS D 1 7.88 -66.79 67.18
CA CYS D 1 7.21 -66.11 66.08
C CYS D 1 6.78 -64.70 66.48
N GLY D 2 5.71 -64.21 65.86
CA GLY D 2 5.22 -62.88 66.14
C GLY D 2 5.64 -61.86 65.10
N LYS D 3 6.65 -61.05 65.44
CA LYS D 3 7.28 -60.06 64.57
C LYS D 3 6.31 -59.01 64.06
N SER D 4 5.40 -58.54 64.91
CA SER D 4 4.42 -57.55 64.49
C SER D 4 5.00 -56.14 64.53
N GLU D 5 5.36 -55.67 65.73
CA GLU D 5 5.95 -54.35 66.01
C GLU D 5 5.04 -53.24 65.47
N ALA D 6 3.91 -53.08 66.15
CA ALA D 6 2.94 -52.04 65.84
C ALA D 6 3.53 -50.67 66.16
N PRO D 7 3.74 -49.82 65.16
CA PRO D 7 4.32 -48.50 65.41
C PRO D 7 3.29 -47.56 66.03
N PRO D 8 3.72 -46.49 66.68
CA PRO D 8 2.75 -45.51 67.21
C PRO D 8 2.06 -44.75 66.09
N PRO D 9 0.74 -44.92 65.94
CA PRO D 9 0.05 -44.29 64.81
C PRO D 9 -0.14 -42.78 64.97
N ALA D 10 -0.48 -42.34 66.17
CA ALA D 10 -0.68 -40.91 66.41
C ALA D 10 0.65 -40.20 66.45
N GLN D 11 0.84 -39.27 65.52
CA GLN D 11 2.10 -38.55 65.47
C GLN D 11 1.93 -37.05 65.68
N THR D 12 0.80 -36.47 65.22
CA THR D 12 0.51 -35.04 65.20
C THR D 12 1.67 -34.30 64.53
N PRO D 13 1.78 -34.39 63.20
CA PRO D 13 3.05 -34.15 62.54
C PRO D 13 3.49 -32.68 62.58
N GLU D 14 4.80 -32.48 62.50
CA GLU D 14 5.36 -31.15 62.57
C GLU D 14 5.07 -30.38 61.28
N VAL D 15 4.85 -29.08 61.42
CA VAL D 15 4.43 -28.24 60.31
C VAL D 15 5.29 -26.97 60.32
N GLY D 16 5.89 -26.68 59.18
CA GLY D 16 6.65 -25.45 59.03
C GLY D 16 5.73 -24.24 59.03
N ILE D 17 5.96 -23.31 59.95
CA ILE D 17 5.05 -22.20 60.15
C ILE D 17 5.80 -20.90 59.87
N VAL D 18 5.06 -19.89 59.43
CA VAL D 18 5.55 -18.51 59.35
C VAL D 18 4.47 -17.61 59.90
N THR D 19 4.80 -16.85 60.95
CA THR D 19 3.83 -15.91 61.48
C THR D 19 3.80 -14.65 60.63
N LEU D 20 2.60 -14.21 60.27
CA LEU D 20 2.47 -13.04 59.43
C LEU D 20 2.43 -11.77 60.27
N GLU D 21 3.15 -10.76 59.83
CA GLU D 21 3.19 -9.48 60.51
C GLU D 21 2.91 -8.39 59.50
N ALA D 22 2.23 -7.34 59.95
CA ALA D 22 1.82 -6.27 59.06
C ALA D 22 2.99 -5.35 58.74
N GLN D 23 3.22 -5.11 57.45
CA GLN D 23 4.35 -4.33 56.99
C GLN D 23 3.93 -3.51 55.78
N THR D 24 4.20 -2.21 55.82
CA THR D 24 3.77 -1.31 54.76
C THR D 24 4.59 -1.52 53.49
N VAL D 25 3.98 -1.24 52.35
CA VAL D 25 4.59 -1.48 51.05
C VAL D 25 4.07 -0.44 50.08
N THR D 26 4.95 0.04 49.20
CA THR D 26 4.55 0.98 48.16
C THR D 26 4.41 0.26 46.83
N LEU D 27 3.64 0.86 45.93
CA LEU D 27 3.35 0.27 44.63
C LEU D 27 3.75 1.25 43.54
N ASN D 28 4.51 0.76 42.56
CA ASN D 28 5.08 1.60 41.52
C ASN D 28 5.17 0.80 40.23
N THR D 29 5.00 1.50 39.11
CA THR D 29 4.97 0.87 37.80
C THR D 29 5.98 1.52 36.87
N GLU D 30 6.54 0.70 35.99
CA GLU D 30 7.44 1.12 34.93
C GLU D 30 6.65 1.19 33.63
N LEU D 31 6.72 2.33 32.96
CA LEU D 31 5.94 2.58 31.76
C LEU D 31 6.82 3.17 30.67
N PRO D 32 6.56 2.82 29.42
CA PRO D 32 7.42 3.33 28.33
C PRO D 32 6.95 4.67 27.79
N GLY D 33 7.94 5.50 27.40
CA GLY D 33 7.62 6.79 26.85
C GLY D 33 8.72 7.32 25.96
N ARG D 34 8.43 8.46 25.36
CA ARG D 34 9.39 9.18 24.53
C ARG D 34 9.69 10.53 25.15
N THR D 35 10.79 11.13 24.69
CA THR D 35 11.15 12.47 25.15
C THR D 35 10.79 13.49 24.08
N ASN D 36 10.44 14.69 24.55
CA ASN D 36 10.08 15.78 23.66
C ASN D 36 10.66 17.08 24.20
N ALA D 37 11.00 17.99 23.29
CA ALA D 37 11.59 19.24 23.69
C ALA D 37 10.54 20.15 24.33
N PHE D 38 11.03 21.12 25.10
CA PHE D 38 10.13 22.07 25.75
C PHE D 38 9.45 22.97 24.73
N ARG D 39 10.18 23.40 23.71
CA ARG D 39 9.57 24.06 22.56
C ARG D 39 10.41 23.79 21.33
N ILE D 40 9.74 23.39 20.25
CA ILE D 40 10.34 23.24 18.94
C ILE D 40 9.70 24.25 18.01
N ALA D 41 10.52 24.89 17.19
CA ALA D 41 10.06 25.87 16.23
C ALA D 41 10.68 25.53 14.89
N GLU D 42 9.85 25.13 13.93
CA GLU D 42 10.31 24.88 12.58
C GLU D 42 10.19 26.20 11.82
N VAL D 43 11.32 26.70 11.32
CA VAL D 43 11.28 27.99 10.66
C VAL D 43 10.76 27.81 9.25
N ARG D 44 9.70 28.54 8.93
CA ARG D 44 9.03 28.44 7.65
C ARG D 44 8.96 29.83 7.05
N PRO D 45 9.08 29.95 5.73
CA PRO D 45 9.13 31.28 5.11
C PRO D 45 7.76 31.94 5.12
N GLN D 46 7.73 33.22 5.49
CA GLN D 46 6.53 34.02 5.44
C GLN D 46 6.44 34.87 4.19
N VAL D 47 7.40 34.73 3.27
CA VAL D 47 7.43 35.43 1.99
C VAL D 47 7.80 34.44 0.90
N ASN D 48 7.97 34.94 -0.31
CA ASN D 48 8.45 34.14 -1.43
C ASN D 48 9.80 34.66 -1.88
N GLY D 49 10.62 33.79 -2.44
CA GLY D 49 11.87 34.24 -3.03
C GLY D 49 12.95 33.20 -2.94
N ILE D 50 14.11 33.57 -3.45
CA ILE D 50 15.30 32.72 -3.48
C ILE D 50 16.12 32.97 -2.23
N ILE D 51 16.63 31.90 -1.64
CA ILE D 51 17.56 32.01 -0.52
C ILE D 51 18.90 32.50 -1.04
N LEU D 52 19.30 33.70 -0.63
CA LEU D 52 20.57 34.26 -1.04
C LEU D 52 21.72 33.88 -0.13
N LYS D 53 21.47 33.69 1.16
CA LYS D 53 22.54 33.39 2.10
C LYS D 53 21.98 32.61 3.27
N ARG D 54 22.88 32.11 4.11
CA ARG D 54 22.53 31.28 5.26
C ARG D 54 23.45 31.70 6.41
N LEU D 55 22.97 32.63 7.24
CA LEU D 55 23.83 33.36 8.16
C LEU D 55 23.88 32.71 9.53
N PHE D 56 24.16 31.41 9.57
CA PHE D 56 24.38 30.73 10.84
C PHE D 56 25.20 29.48 10.59
N LYS D 57 26.00 29.11 11.59
CA LYS D 57 26.65 27.81 11.59
C LYS D 57 25.69 26.78 12.16
N GLU D 58 25.57 25.65 11.48
CA GLU D 58 24.64 24.60 11.91
C GLU D 58 25.14 23.96 13.19
N GLY D 59 24.20 23.54 14.02
CA GLY D 59 24.52 22.92 15.29
C GLY D 59 24.93 23.89 16.38
N SER D 60 24.86 25.19 16.15
CA SER D 60 25.23 26.19 17.13
C SER D 60 23.99 26.77 17.79
N ASP D 61 24.18 27.32 18.98
CA ASP D 61 23.08 27.93 19.68
C ASP D 61 22.71 29.26 19.05
N VAL D 62 21.41 29.58 19.03
CA VAL D 62 20.93 30.82 18.47
C VAL D 62 20.05 31.51 19.50
N LYS D 63 20.14 32.84 19.54
CA LYS D 63 19.30 33.66 20.37
C LYS D 63 18.06 34.10 19.61
N ALA D 64 17.03 34.51 20.35
CA ALA D 64 15.78 34.90 19.72
C ALA D 64 15.94 36.23 18.99
N GLY D 65 15.43 36.29 17.76
CA GLY D 65 15.56 37.46 16.93
C GLY D 65 16.82 37.50 16.08
N GLN D 66 17.68 36.49 16.18
CA GLN D 66 18.87 36.44 15.35
C GLN D 66 18.50 36.10 13.91
N GLN D 67 19.08 36.84 12.97
CA GLN D 67 18.82 36.60 11.55
C GLN D 67 19.45 35.29 11.11
N LEU D 68 18.67 34.49 10.38
CA LEU D 68 19.11 33.19 9.92
C LEU D 68 19.38 33.14 8.43
N TYR D 69 18.50 33.72 7.61
CA TYR D 69 18.68 33.66 6.17
C TYR D 69 18.56 35.04 5.53
N GLN D 70 18.47 35.07 4.22
CA GLN D 70 18.10 36.27 3.46
C GLN D 70 17.34 35.78 2.25
N ILE D 71 16.13 36.29 2.05
CA ILE D 71 15.23 35.71 1.04
C ILE D 71 15.11 36.60 -0.19
N ASP D 72 16.11 37.50 -0.41
CA ASP D 72 16.28 38.30 -1.63
C ASP D 72 15.04 39.13 -1.93
N PRO D 73 14.80 40.23 -1.19
CA PRO D 73 13.46 40.85 -1.17
C PRO D 73 12.96 41.37 -2.51
N ALA D 74 13.58 42.41 -3.07
CA ALA D 74 13.46 42.85 -4.46
C ALA D 74 12.07 43.30 -4.92
N THR D 75 11.04 43.04 -4.12
CA THR D 75 9.64 43.43 -4.27
C THR D 75 9.20 44.24 -3.07
N TYR D 76 9.49 43.74 -1.88
CA TYR D 76 9.14 44.44 -0.65
C TYR D 76 9.95 45.71 -0.51
N GLU D 77 11.18 45.71 -1.06
CA GLU D 77 11.96 46.93 -1.14
C GLU D 77 11.28 47.97 -2.01
N ALA D 78 10.69 47.54 -3.13
CA ALA D 78 10.05 48.48 -4.05
C ALA D 78 8.76 49.04 -3.46
N ASP D 79 7.93 48.19 -2.85
CA ASP D 79 6.73 48.73 -2.24
C ASP D 79 7.03 49.49 -0.96
N TYR D 80 8.17 49.21 -0.33
CA TYR D 80 8.64 50.05 0.78
C TYR D 80 9.03 51.43 0.28
N GLN D 81 9.66 51.50 -0.90
CA GLN D 81 9.96 52.79 -1.50
C GLN D 81 8.68 53.56 -1.82
N SER D 82 7.65 52.86 -2.32
CA SER D 82 6.39 53.50 -2.65
C SER D 82 5.69 54.04 -1.41
N ALA D 83 5.65 53.23 -0.34
CA ALA D 83 5.03 53.66 0.89
C ALA D 83 5.81 54.78 1.55
N GLN D 84 7.14 54.76 1.41
CA GLN D 84 7.97 55.82 1.95
C GLN D 84 7.73 57.13 1.21
N ALA D 85 7.51 57.06 -0.10
CA ALA D 85 7.22 58.27 -0.87
C ALA D 85 5.87 58.86 -0.47
N ASN D 86 4.86 58.00 -0.31
CA ASN D 86 3.54 58.49 0.08
C ASN D 86 3.55 59.08 1.49
N LEU D 87 4.31 58.45 2.40
CA LEU D 87 4.44 58.99 3.75
C LEU D 87 5.18 60.31 3.75
N ALA D 88 6.22 60.44 2.92
CA ALA D 88 6.98 61.69 2.87
C ALA D 88 6.18 62.82 2.27
N SER D 89 5.22 62.51 1.39
CA SER D 89 4.30 63.55 0.92
C SER D 89 3.33 63.96 2.03
N THR D 90 2.59 62.98 2.57
CA THR D 90 1.48 63.32 3.46
C THR D 90 1.97 63.82 4.82
N GLN D 91 3.21 63.53 5.19
CA GLN D 91 3.72 63.99 6.49
C GLN D 91 3.93 65.49 6.49
N GLU D 92 4.61 66.02 5.48
CA GLU D 92 4.78 67.47 5.41
C GLU D 92 3.48 68.16 5.04
N GLN D 93 2.57 67.46 4.35
CA GLN D 93 1.21 67.99 4.16
C GLN D 93 0.51 68.23 5.49
N ALA D 94 0.52 67.22 6.37
CA ALA D 94 -0.14 67.35 7.66
C ALA D 94 0.60 68.32 8.56
N GLN D 95 1.92 68.44 8.42
CA GLN D 95 2.67 69.39 9.22
C GLN D 95 2.37 70.83 8.82
N ARG D 96 2.22 71.09 7.52
CA ARG D 96 1.85 72.42 7.08
C ARG D 96 0.42 72.77 7.48
N TYR D 97 -0.48 71.80 7.44
CA TYR D 97 -1.85 72.08 7.88
C TYR D 97 -1.91 72.29 9.39
N LYS D 98 -1.05 71.59 10.14
CA LYS D 98 -0.97 71.81 11.58
C LYS D 98 -0.42 73.20 11.90
N LEU D 99 0.53 73.68 11.08
CA LEU D 99 1.03 75.03 11.27
C LEU D 99 -0.01 76.07 10.91
N LEU D 100 -0.85 75.79 9.90
CA LEU D 100 -1.85 76.77 9.49
C LEU D 100 -3.06 76.79 10.42
N VAL D 101 -3.36 75.68 11.09
CA VAL D 101 -4.61 75.59 11.83
C VAL D 101 -4.58 76.42 13.11
N ALA D 102 -3.40 76.85 13.55
CA ALA D 102 -3.33 77.68 14.75
C ALA D 102 -3.80 79.10 14.47
N ASP D 103 -3.56 79.61 13.27
CA ASP D 103 -3.98 80.94 12.88
C ASP D 103 -5.31 80.95 12.16
N GLN D 104 -6.03 79.83 12.17
CA GLN D 104 -7.33 79.63 11.54
C GLN D 104 -7.34 79.88 10.04
N ALA D 105 -6.19 79.81 9.37
CA ALA D 105 -6.16 79.94 7.92
C ALA D 105 -6.77 78.73 7.24
N VAL D 106 -6.65 77.55 7.83
CA VAL D 106 -7.23 76.33 7.30
C VAL D 106 -8.25 75.83 8.32
N SER D 107 -9.29 75.14 7.83
CA SER D 107 -10.35 74.71 8.72
C SER D 107 -9.91 73.49 9.53
N LYS D 108 -10.71 73.15 10.55
CA LYS D 108 -10.38 72.01 11.39
C LYS D 108 -10.66 70.70 10.68
N GLN D 109 -11.62 70.69 9.74
CA GLN D 109 -11.93 69.48 9.00
C GLN D 109 -10.79 69.11 8.06
N GLN D 110 -10.15 70.11 7.45
CA GLN D 110 -9.04 69.85 6.55
C GLN D 110 -7.83 69.32 7.32
N TYR D 111 -7.58 69.87 8.50
CA TYR D 111 -6.51 69.34 9.33
C TYR D 111 -6.84 67.93 9.81
N ALA D 112 -8.12 67.66 10.07
CA ALA D 112 -8.54 66.34 10.53
C ALA D 112 -8.30 65.27 9.47
N ASP D 113 -8.80 65.48 8.26
CA ASP D 113 -8.59 64.43 7.27
C ASP D 113 -7.18 64.43 6.68
N ALA D 114 -6.44 65.54 6.79
CA ALA D 114 -5.03 65.49 6.42
C ALA D 114 -4.24 64.64 7.41
N ASN D 115 -4.51 64.80 8.71
CA ASN D 115 -3.88 63.95 9.72
C ASN D 115 -4.32 62.50 9.58
N ALA D 116 -5.56 62.27 9.14
CA ALA D 116 -6.05 60.92 8.90
C ALA D 116 -5.29 60.26 7.75
N ALA D 117 -5.10 60.98 6.64
CA ALA D 117 -4.37 60.42 5.51
C ALA D 117 -2.90 60.21 5.85
N TYR D 118 -2.34 61.08 6.70
CA TYR D 118 -0.96 60.90 7.15
C TYR D 118 -0.81 59.64 7.99
N LEU D 119 -1.75 59.40 8.92
CA LEU D 119 -1.68 58.21 9.74
C LEU D 119 -1.96 56.95 8.92
N GLN D 120 -2.76 57.09 7.86
CA GLN D 120 -3.03 55.96 6.97
C GLN D 120 -1.77 55.54 6.20
N SER D 121 -1.04 56.53 5.67
CA SER D 121 0.23 56.23 5.01
C SER D 121 1.27 55.72 6.00
N LYS D 122 1.21 56.21 7.24
CA LYS D 122 2.11 55.74 8.29
C LYS D 122 1.83 54.29 8.66
N ALA D 123 0.58 53.86 8.53
CA ALA D 123 0.27 52.44 8.74
C ALA D 123 0.73 51.60 7.56
N ALA D 124 0.58 52.14 6.34
CA ALA D 124 0.98 51.38 5.15
C ALA D 124 2.49 51.17 5.09
N VAL D 125 3.27 52.15 5.56
CA VAL D 125 4.72 51.96 5.54
C VAL D 125 5.16 50.96 6.60
N GLU D 126 4.38 50.81 7.69
CA GLU D 126 4.69 49.75 8.65
C GLU D 126 4.31 48.39 8.09
N GLN D 127 3.22 48.34 7.30
CA GLN D 127 2.84 47.12 6.62
C GLN D 127 3.89 46.68 5.60
N ALA D 128 4.63 47.64 5.03
CA ALA D 128 5.75 47.26 4.17
C ALA D 128 6.98 46.90 4.99
N ARG D 129 7.19 47.54 6.14
CA ARG D 129 8.39 47.31 6.93
C ARG D 129 8.37 45.92 7.56
N ILE D 130 7.20 45.42 7.92
CA ILE D 130 7.14 44.06 8.48
C ILE D 130 7.42 43.02 7.40
N ASN D 131 7.07 43.32 6.15
CA ASN D 131 7.41 42.41 5.06
C ASN D 131 8.90 42.44 4.77
N LEU D 132 9.53 43.61 4.98
CA LEU D 132 10.98 43.64 4.96
C LEU D 132 11.58 42.82 6.09
N ARG D 133 10.94 42.84 7.26
CA ARG D 133 11.42 42.06 8.38
C ARG D 133 11.21 40.56 8.17
N TYR D 134 10.29 40.17 7.29
CA TYR D 134 10.12 38.75 7.01
C TYR D 134 11.21 38.21 6.10
N THR D 135 11.83 39.07 5.27
CA THR D 135 12.85 38.60 4.34
C THR D 135 14.16 38.26 5.03
N LYS D 136 14.35 38.71 6.25
CA LYS D 136 15.39 38.20 7.13
C LYS D 136 14.68 37.42 8.23
N VAL D 137 14.58 36.10 8.05
CA VAL D 137 13.82 35.29 8.99
C VAL D 137 14.60 35.17 10.29
N LEU D 138 13.95 35.58 11.38
CA LEU D 138 14.56 35.62 12.69
C LEU D 138 14.18 34.36 13.46
N SER D 139 15.07 33.95 14.35
CA SER D 139 14.79 32.83 15.23
C SER D 139 13.72 33.22 16.23
N PRO D 140 12.57 32.56 16.22
CA PRO D 140 11.49 32.96 17.15
C PRO D 140 11.77 32.61 18.59
N ILE D 141 12.70 31.69 18.86
CA ILE D 141 13.06 31.31 20.22
C ILE D 141 14.57 31.16 20.30
N SER D 142 15.06 30.86 21.49
CA SER D 142 16.48 30.59 21.71
C SER D 142 16.68 29.09 21.90
N GLY D 143 17.83 28.60 21.47
CA GLY D 143 18.17 27.22 21.69
C GLY D 143 19.05 26.68 20.58
N ARG D 144 19.09 25.36 20.49
CA ARG D 144 19.89 24.72 19.46
C ARG D 144 19.15 24.72 18.14
N ILE D 145 19.89 24.67 17.04
CA ILE D 145 19.30 24.58 15.72
C ILE D 145 19.88 23.34 15.04
N GLY D 146 19.04 22.63 14.28
CA GLY D 146 19.50 21.53 13.48
C GLY D 146 20.18 22.01 12.21
N ARG D 147 20.49 21.05 11.34
CA ARG D 147 21.06 21.42 10.05
C ARG D 147 19.97 21.98 9.15
N SER D 148 20.40 22.78 8.19
CA SER D 148 19.45 23.42 7.29
C SER D 148 18.96 22.42 6.27
N ALA D 149 17.66 22.15 6.28
CA ALA D 149 17.09 21.18 5.34
C ALA D 149 17.07 21.73 3.93
N VAL D 150 17.06 23.04 3.78
CA VAL D 150 17.15 23.69 2.49
C VAL D 150 18.40 24.56 2.49
N THR D 151 18.95 24.83 1.32
CA THR D 151 20.21 25.53 1.22
C THR D 151 20.06 26.74 0.30
N GLU D 152 21.18 27.40 0.02
CA GLU D 152 21.17 28.63 -0.77
C GLU D 152 20.79 28.34 -2.22
N GLY D 153 20.23 29.36 -2.86
CA GLY D 153 19.80 29.23 -4.23
C GLY D 153 18.46 28.56 -4.43
N ALA D 154 17.75 28.22 -3.36
CA ALA D 154 16.50 27.51 -3.49
C ALA D 154 15.32 28.46 -3.31
N LEU D 155 14.23 28.17 -4.00
CA LEU D 155 13.03 28.99 -3.97
C LEU D 155 12.10 28.51 -2.88
N VAL D 156 11.62 29.46 -2.06
CA VAL D 156 10.67 29.16 -1.01
C VAL D 156 9.44 30.04 -1.20
N THR D 157 8.30 29.52 -0.76
CA THR D 157 7.01 30.13 -0.97
C THR D 157 6.36 30.38 0.39
N ASN D 158 5.53 31.42 0.48
CA ASN D 158 4.84 31.74 1.72
C ASN D 158 3.89 30.62 2.12
N GLY D 159 4.01 30.19 3.37
CA GLY D 159 3.15 29.14 3.88
C GLY D 159 3.44 27.77 3.34
N GLN D 160 4.68 27.49 2.95
CA GLN D 160 5.01 26.18 2.44
C GLN D 160 5.03 25.15 3.56
N ALA D 161 4.88 23.89 3.18
CA ALA D 161 4.71 22.83 4.18
C ALA D 161 6.04 22.46 4.82
N ASN D 162 7.04 22.15 4.01
CA ASN D 162 8.32 21.70 4.52
C ASN D 162 9.10 22.86 5.15
N ALA D 163 9.76 22.57 6.26
CA ALA D 163 10.50 23.58 6.99
C ALA D 163 11.88 23.77 6.40
N MET D 164 12.58 24.79 6.90
CA MET D 164 13.96 25.02 6.53
C MET D 164 14.94 24.54 7.59
N ALA D 165 14.62 24.80 8.87
CA ALA D 165 15.41 24.32 9.98
C ALA D 165 14.51 24.19 11.20
N THR D 166 15.04 23.59 12.25
CA THR D 166 14.30 23.36 13.48
C THR D 166 15.13 23.84 14.66
N VAL D 167 14.55 24.74 15.45
CA VAL D 167 15.15 25.20 16.70
C VAL D 167 14.47 24.45 17.85
N GLN D 168 15.29 23.89 18.73
CA GLN D 168 14.82 23.10 19.85
C GLN D 168 15.36 23.67 21.14
N GLN D 169 14.52 23.71 22.17
CA GLN D 169 14.94 24.09 23.51
C GLN D 169 15.05 22.82 24.35
N LEU D 170 16.25 22.52 24.83
CA LEU D 170 16.53 21.27 25.51
C LEU D 170 16.51 21.38 27.02
N ASP D 171 15.99 22.47 27.57
CA ASP D 171 15.98 22.61 29.02
C ASP D 171 14.78 23.42 29.48
N PRO D 172 13.82 22.82 30.19
CA PRO D 172 13.71 21.41 30.58
C PRO D 172 13.17 20.54 29.44
N ILE D 173 12.81 19.30 29.72
CA ILE D 173 12.43 18.36 28.68
C ILE D 173 11.19 17.60 29.12
N TYR D 174 10.21 17.50 28.23
CA TYR D 174 9.00 16.75 28.51
C TYR D 174 9.22 15.28 28.25
N VAL D 175 8.48 14.45 29.00
CA VAL D 175 8.45 13.02 28.81
C VAL D 175 6.99 12.64 28.58
N ASP D 176 6.67 12.12 27.41
CA ASP D 176 5.35 11.63 27.09
C ASP D 176 5.36 10.11 27.31
N VAL D 177 4.80 9.66 28.41
CA VAL D 177 4.78 8.27 28.76
C VAL D 177 3.38 7.75 28.51
N THR D 178 3.24 6.45 28.28
CA THR D 178 1.92 5.90 27.95
C THR D 178 1.47 4.91 29.01
N GLN D 179 0.16 4.64 29.04
CA GLN D 179 -0.41 3.71 30.00
C GLN D 179 -1.72 3.15 29.47
N PRO D 180 -1.91 1.84 29.49
CA PRO D 180 -3.17 1.27 28.98
C PRO D 180 -4.36 1.63 29.86
N SER D 181 -5.54 1.67 29.23
CA SER D 181 -6.72 2.19 29.90
C SER D 181 -7.24 1.25 30.97
N THR D 182 -7.10 -0.06 30.75
CA THR D 182 -7.58 -1.03 31.73
C THR D 182 -6.76 -0.99 33.00
N ALA D 183 -5.47 -0.63 32.90
CA ALA D 183 -4.63 -0.54 34.08
C ALA D 183 -5.06 0.59 34.99
N LEU D 184 -5.30 1.77 34.42
CA LEU D 184 -5.76 2.88 35.24
C LEU D 184 -7.20 2.67 35.69
N LEU D 185 -7.99 1.93 34.92
CA LEU D 185 -9.36 1.64 35.32
C LEU D 185 -9.39 0.74 36.55
N ARG D 186 -8.61 -0.34 36.52
CA ARG D 186 -8.56 -1.22 37.68
C ARG D 186 -7.82 -0.57 38.85
N LEU D 187 -6.92 0.37 38.57
CA LEU D 187 -6.27 1.11 39.64
C LEU D 187 -7.24 2.05 40.33
N ARG D 188 -8.09 2.72 39.55
CA ARG D 188 -9.07 3.63 40.12
C ARG D 188 -10.17 2.88 40.85
N ARG D 189 -10.49 1.66 40.38
CA ARG D 189 -11.44 0.83 41.11
C ARG D 189 -10.84 0.31 42.41
N GLU D 190 -9.55 -0.06 42.36
CA GLU D 190 -8.88 -0.58 43.54
C GLU D 190 -8.66 0.49 44.60
N LEU D 191 -8.40 1.73 44.17
CA LEU D 191 -8.19 2.80 45.13
C LEU D 191 -9.49 3.23 45.78
N ALA D 192 -10.60 3.13 45.06
CA ALA D 192 -11.88 3.49 45.65
C ALA D 192 -12.42 2.37 46.52
N SER D 193 -12.53 1.16 45.97
CA SER D 193 -13.04 0.02 46.72
C SER D 193 -11.99 -0.46 47.70
N GLY D 194 -11.91 0.18 48.85
CA GLY D 194 -10.88 -0.20 49.80
C GLY D 194 -9.54 0.35 49.39
N GLN D 195 -8.51 -0.16 50.05
CA GLN D 195 -7.07 0.04 49.80
C GLN D 195 -6.57 1.47 50.08
N LEU D 196 -7.49 2.40 50.38
CA LEU D 196 -7.36 3.53 51.30
C LEU D 196 -6.15 4.46 51.19
N GLU D 197 -5.40 4.49 50.07
CA GLU D 197 -4.22 5.38 50.08
C GLU D 197 -4.50 6.76 49.49
N ARG D 198 -4.66 6.83 48.18
CA ARG D 198 -4.63 8.08 47.41
C ARG D 198 -3.50 9.00 47.88
N ALA D 199 -2.27 8.56 47.60
CA ALA D 199 -1.05 8.99 48.29
C ALA D 199 -0.79 10.49 48.27
N GLY D 200 -0.52 11.06 47.10
CA GLY D 200 -0.46 12.50 46.96
C GLY D 200 0.73 13.26 47.52
N ASP D 201 1.43 12.67 48.51
CA ASP D 201 2.55 13.38 49.12
C ASP D 201 3.76 13.41 48.20
N ASN D 202 4.07 12.28 47.56
CA ASN D 202 5.13 12.22 46.56
C ASN D 202 4.65 11.51 45.30
N ALA D 203 3.37 11.67 44.97
CA ALA D 203 2.85 11.10 43.74
C ALA D 203 3.22 11.94 42.53
N ALA D 204 3.67 13.18 42.73
CA ALA D 204 4.03 14.02 41.60
C ALA D 204 5.44 13.74 41.12
N LYS D 205 6.34 13.29 41.99
CA LYS D 205 7.72 13.09 41.58
C LYS D 205 7.87 11.78 40.82
N VAL D 206 8.64 11.84 39.74
CA VAL D 206 8.82 10.75 38.80
C VAL D 206 10.30 10.58 38.55
N SER D 207 10.78 9.33 38.57
CA SER D 207 12.12 9.00 38.12
C SER D 207 12.04 8.22 36.82
N LEU D 208 13.18 8.09 36.15
CA LEU D 208 13.21 7.35 34.89
C LEU D 208 14.57 6.73 34.70
N LYS D 209 14.62 5.75 33.79
CA LYS D 209 15.87 5.17 33.35
C LYS D 209 15.90 5.16 31.82
N LEU D 210 17.10 5.01 31.29
CA LEU D 210 17.30 4.98 29.84
C LEU D 210 17.32 3.52 29.37
N GLU D 211 17.60 3.34 28.09
CA GLU D 211 17.58 2.01 27.51
C GLU D 211 18.76 1.16 27.94
N ASP D 212 19.84 1.79 28.42
CA ASP D 212 20.96 1.01 28.93
C ASP D 212 20.76 0.58 30.38
N GLY D 213 19.67 0.97 31.02
CA GLY D 213 19.41 0.62 32.39
C GLY D 213 20.00 1.58 33.40
N SER D 214 20.65 2.65 32.95
CA SER D 214 21.25 3.60 33.87
C SER D 214 20.18 4.47 34.53
N GLN D 215 20.33 4.69 35.82
CA GLN D 215 19.40 5.51 36.57
C GLN D 215 19.70 6.99 36.32
N TYR D 216 18.65 7.75 36.06
CA TYR D 216 18.84 9.18 35.87
C TYR D 216 18.88 9.87 37.22
N PRO D 217 19.84 10.78 37.45
CA PRO D 217 20.04 11.29 38.81
C PRO D 217 19.02 12.33 39.24
N LEU D 218 18.31 12.96 38.31
CA LEU D 218 17.41 14.04 38.66
C LEU D 218 15.95 13.58 38.51
N GLU D 219 15.20 13.66 39.61
CA GLU D 219 13.78 13.35 39.55
C GLU D 219 13.01 14.52 38.99
N GLY D 220 11.84 14.23 38.43
CA GLY D 220 11.04 15.24 37.77
C GLY D 220 9.59 15.15 38.19
N ARG D 221 8.85 16.22 37.88
CA ARG D 221 7.46 16.33 38.29
C ARG D 221 6.53 15.75 37.23
N LEU D 222 5.26 15.64 37.59
CA LEU D 222 4.23 15.07 36.73
C LEU D 222 3.04 16.02 36.67
N GLU D 223 2.46 16.15 35.49
CA GLU D 223 1.17 16.81 35.36
C GLU D 223 0.41 16.17 34.20
N PHE D 224 -0.91 16.11 34.35
CA PHE D 224 -1.74 15.38 33.41
C PHE D 224 -2.09 16.27 32.24
N SER D 225 -1.98 15.71 31.03
CA SER D 225 -2.21 16.50 29.82
C SER D 225 -2.92 15.69 28.74
N GLU D 226 -3.64 14.62 29.14
CA GLU D 226 -4.39 13.82 28.17
C GLU D 226 -5.46 13.04 28.94
N VAL D 227 -6.73 13.31 28.62
CA VAL D 227 -7.85 12.73 29.34
C VAL D 227 -8.67 11.79 28.44
N SER D 228 -8.34 11.73 27.16
CA SER D 228 -9.08 10.88 26.23
C SER D 228 -8.18 9.75 25.77
N VAL D 229 -8.70 8.53 25.79
CA VAL D 229 -7.92 7.36 25.43
C VAL D 229 -7.81 7.27 23.91
N ASP D 230 -6.68 6.76 23.44
CA ASP D 230 -6.45 6.64 22.01
C ASP D 230 -7.27 5.50 21.43
N GLU D 231 -7.83 5.71 20.24
CA GLU D 231 -8.66 4.70 19.60
C GLU D 231 -7.88 3.49 19.13
N GLY D 232 -6.63 3.68 18.70
CA GLY D 232 -5.90 2.60 18.06
C GLY D 232 -5.09 1.72 19.00
N THR D 233 -4.69 2.25 20.16
CA THR D 233 -3.87 1.49 21.09
C THR D 233 -4.57 1.17 22.40
N GLY D 234 -5.66 1.85 22.72
CA GLY D 234 -6.29 1.64 24.01
C GLY D 234 -5.49 2.14 25.18
N SER D 235 -4.69 3.18 25.00
CA SER D 235 -3.84 3.73 26.04
C SER D 235 -3.95 5.24 26.06
N VAL D 236 -3.70 5.82 27.24
CA VAL D 236 -3.68 7.26 27.43
C VAL D 236 -2.23 7.70 27.61
N THR D 237 -2.03 9.02 27.54
CA THR D 237 -0.73 9.64 27.68
C THR D 237 -0.65 10.42 28.98
N ILE D 238 0.49 10.30 29.65
CA ILE D 238 0.80 11.08 30.83
C ILE D 238 2.05 11.90 30.52
N ARG D 239 2.09 13.12 31.02
CA ARG D 239 3.14 14.07 30.73
C ARG D 239 3.99 14.28 31.97
N ALA D 240 5.31 14.41 31.79
CA ALA D 240 6.20 14.70 32.90
C ALA D 240 7.22 15.75 32.45
N VAL D 241 7.77 16.48 33.41
CA VAL D 241 8.78 17.51 33.14
C VAL D 241 10.05 17.15 33.90
N PHE D 242 11.18 17.17 33.19
CA PHE D 242 12.45 16.83 33.80
C PHE D 242 13.50 17.90 33.52
N PRO D 243 14.28 18.28 34.52
CA PRO D 243 15.38 19.22 34.26
C PRO D 243 16.52 18.54 33.51
N ASN D 244 17.06 19.24 32.52
CA ASN D 244 18.11 18.71 31.65
C ASN D 244 19.26 19.69 31.57
N PRO D 245 20.14 19.69 32.58
CA PRO D 245 21.21 20.70 32.59
C PRO D 245 22.35 20.40 31.64
N ASN D 246 22.72 19.14 31.46
CA ASN D 246 23.89 18.79 30.66
C ASN D 246 23.52 18.21 29.30
N ASN D 247 22.25 18.30 28.91
CA ASN D 247 21.72 17.85 27.62
C ASN D 247 21.98 16.37 27.36
N GLU D 248 22.00 15.54 28.41
CA GLU D 248 22.19 14.11 28.18
C GLU D 248 20.89 13.46 27.71
N LEU D 249 19.76 14.06 28.04
CA LEU D 249 18.49 13.64 27.46
C LEU D 249 18.24 14.37 26.16
N LEU D 250 17.82 13.64 25.15
CA LEU D 250 17.59 14.18 23.82
C LEU D 250 16.15 13.96 23.40
N PRO D 251 15.58 14.87 22.59
CA PRO D 251 14.20 14.69 22.16
C PRO D 251 14.03 13.53 21.19
N GLY D 252 12.97 12.76 21.41
CA GLY D 252 12.70 11.60 20.62
C GLY D 252 13.29 10.31 21.15
N MET D 253 14.06 10.38 22.24
CA MET D 253 14.69 9.21 22.79
C MET D 253 13.68 8.36 23.55
N PHE D 254 13.81 7.05 23.41
CA PHE D 254 13.00 6.13 24.20
C PHE D 254 13.45 6.19 25.66
N VAL D 255 12.49 6.02 26.57
CA VAL D 255 12.76 6.19 27.98
C VAL D 255 11.80 5.31 28.77
N HIS D 256 12.23 4.89 29.95
CA HIS D 256 11.53 3.89 30.72
C HIS D 256 11.24 4.53 32.07
N ALA D 257 10.07 5.15 32.20
CA ALA D 257 9.74 5.91 33.40
C ALA D 257 9.25 4.98 34.50
N GLN D 258 9.38 5.45 35.74
CA GLN D 258 9.06 4.64 36.92
C GLN D 258 8.31 5.53 37.89
N LEU D 259 6.99 5.44 37.89
CA LEU D 259 6.16 6.32 38.69
C LEU D 259 5.36 5.50 39.71
N GLN D 260 5.10 6.11 40.86
CA GLN D 260 4.54 5.41 42.00
C GLN D 260 3.08 5.82 42.21
N GLU D 261 2.21 4.83 42.38
CA GLU D 261 0.81 5.10 42.74
C GLU D 261 0.40 4.21 43.89
N GLY D 262 -0.02 4.82 44.99
CA GLY D 262 -0.43 4.09 46.16
C GLY D 262 0.74 3.69 47.02
N VAL D 263 0.68 4.04 48.30
CA VAL D 263 1.66 3.59 49.28
C VAL D 263 0.88 2.80 50.32
N LYS D 264 0.76 1.50 50.06
CA LYS D 264 -0.25 0.67 50.71
C LYS D 264 0.05 0.46 52.18
N GLN D 265 -0.98 0.63 53.00
CA GLN D 265 -0.85 0.36 54.42
C GLN D 265 -0.73 -1.14 54.66
N LYS D 266 -0.37 -1.50 55.89
CA LYS D 266 0.47 -2.66 56.09
C LYS D 266 -0.20 -4.03 55.90
N ALA D 267 -0.97 -4.48 56.89
CA ALA D 267 -2.00 -5.50 56.86
C ALA D 267 -1.57 -6.93 56.49
N ILE D 268 -0.49 -7.11 55.72
CA ILE D 268 -0.08 -8.43 55.21
C ILE D 268 1.27 -8.35 54.49
N LEU D 269 1.96 -9.49 54.39
CA LEU D 269 2.74 -9.84 53.19
C LEU D 269 2.89 -11.37 53.18
N ALA D 270 2.06 -12.07 52.30
CA ALA D 270 2.09 -13.52 52.50
C ALA D 270 3.22 -14.16 51.69
N PRO D 271 3.80 -15.25 52.15
CA PRO D 271 4.77 -15.98 51.31
C PRO D 271 4.05 -16.83 50.26
N GLN D 272 4.76 -17.06 49.15
CA GLN D 272 4.17 -17.76 48.03
C GLN D 272 4.01 -19.24 48.29
N GLN D 273 4.76 -19.82 49.23
CA GLN D 273 4.69 -21.25 49.46
C GLN D 273 3.41 -21.63 50.18
N GLY D 274 2.83 -20.72 50.94
CA GLY D 274 1.63 -21.01 51.69
C GLY D 274 0.32 -20.71 50.99
N VAL D 275 0.37 -20.15 49.78
CA VAL D 275 -0.81 -19.77 49.04
C VAL D 275 -0.93 -20.67 47.82
N THR D 276 -2.12 -21.23 47.61
CA THR D 276 -2.27 -22.08 46.43
C THR D 276 -3.70 -22.03 45.92
N ARG D 277 -3.89 -22.28 44.64
CA ARG D 277 -5.23 -22.32 44.07
C ARG D 277 -5.72 -23.75 43.97
N ASP D 278 -7.05 -23.89 44.03
CA ASP D 278 -7.66 -25.22 44.05
C ASP D 278 -9.12 -25.22 43.62
N LEU D 279 -9.46 -26.14 42.71
CA LEU D 279 -10.83 -26.58 42.42
C LEU D 279 -11.72 -25.42 41.96
N LYS D 280 -11.42 -24.96 40.73
CA LYS D 280 -12.08 -23.86 39.99
C LYS D 280 -12.24 -22.58 40.81
N GLY D 281 -11.41 -22.37 41.83
CA GLY D 281 -11.67 -21.37 42.83
C GLY D 281 -10.55 -20.36 42.99
N GLN D 282 -10.70 -19.54 44.03
CA GLN D 282 -9.74 -18.51 44.36
C GLN D 282 -8.54 -19.11 45.10
N ALA D 283 -7.66 -18.23 45.55
CA ALA D 283 -6.52 -18.67 46.33
C ALA D 283 -6.97 -19.08 47.72
N THR D 284 -6.26 -20.06 48.28
CA THR D 284 -6.52 -20.56 49.61
C THR D 284 -5.20 -20.71 50.35
N ALA D 285 -5.32 -20.73 51.68
CA ALA D 285 -4.17 -20.94 52.55
C ALA D 285 -4.62 -21.71 53.77
N LEU D 286 -3.75 -22.62 54.24
CA LEU D 286 -3.97 -23.32 55.49
C LEU D 286 -3.32 -22.56 56.63
N VAL D 287 -4.07 -22.35 57.70
CA VAL D 287 -3.61 -21.57 58.84
C VAL D 287 -3.89 -22.37 60.11
N VAL D 288 -2.92 -22.39 61.02
CA VAL D 288 -3.09 -23.11 62.27
C VAL D 288 -3.99 -22.27 63.18
N ASN D 289 -4.85 -22.95 63.94
CA ASN D 289 -5.80 -22.25 64.79
C ASN D 289 -5.18 -21.96 66.16
N ALA D 290 -6.01 -21.40 67.04
CA ALA D 290 -5.58 -21.19 68.42
C ALA D 290 -5.48 -22.51 69.17
N GLN D 291 -6.33 -23.48 68.81
CA GLN D 291 -6.30 -24.81 69.40
C GLN D 291 -5.45 -25.78 68.59
N ASN D 292 -4.51 -25.27 67.79
CA ASN D 292 -3.61 -26.06 66.92
C ASN D 292 -4.39 -26.94 65.95
N LYS D 293 -5.33 -26.34 65.25
CA LYS D 293 -6.12 -27.02 64.23
C LYS D 293 -5.91 -26.34 62.88
N VAL D 294 -5.97 -27.12 61.81
CA VAL D 294 -5.77 -26.56 60.48
C VAL D 294 -7.09 -26.02 59.95
N GLU D 295 -7.08 -24.77 59.50
CA GLU D 295 -8.26 -24.12 58.95
C GLU D 295 -7.95 -23.62 57.56
N LEU D 296 -8.89 -23.83 56.64
CA LEU D 296 -8.79 -23.31 55.28
C LEU D 296 -9.29 -21.87 55.25
N ARG D 297 -8.57 -21.03 54.52
CA ARG D 297 -8.96 -19.63 54.39
C ARG D 297 -8.91 -19.23 52.94
N VAL D 298 -9.96 -18.55 52.48
CA VAL D 298 -10.05 -18.09 51.10
C VAL D 298 -9.53 -16.66 51.01
N ILE D 299 -8.76 -16.39 49.95
CA ILE D 299 -8.04 -15.15 49.76
C ILE D 299 -8.39 -14.62 48.37
N LYS D 300 -8.25 -13.30 48.19
CA LYS D 300 -8.27 -12.73 46.85
C LYS D 300 -6.93 -12.11 46.50
N ALA D 301 -5.85 -12.81 46.83
CA ALA D 301 -4.51 -12.30 46.55
C ALA D 301 -4.19 -12.40 45.08
N ASP D 302 -3.80 -11.28 44.48
CA ASP D 302 -3.57 -11.22 43.04
C ASP D 302 -2.21 -10.65 42.67
N ARG D 303 -1.71 -9.68 43.42
CA ARG D 303 -0.45 -9.03 43.08
C ARG D 303 0.73 -9.72 43.74
N VAL D 304 1.88 -9.65 43.09
CA VAL D 304 3.10 -10.31 43.55
C VAL D 304 4.16 -9.25 43.83
N ILE D 305 4.76 -9.34 45.02
CA ILE D 305 5.87 -8.48 45.42
C ILE D 305 7.04 -9.39 45.74
N GLY D 306 7.97 -9.50 44.81
CA GLY D 306 9.12 -10.39 45.01
C GLY D 306 8.67 -11.83 44.98
N ASP D 307 8.95 -12.56 46.06
CA ASP D 307 8.44 -13.90 46.25
C ASP D 307 7.24 -13.91 47.19
N LYS D 308 6.47 -12.83 47.23
CA LYS D 308 5.37 -12.69 48.16
C LYS D 308 4.08 -12.39 47.40
N TRP D 309 2.97 -12.80 47.98
CA TRP D 309 1.65 -12.41 47.54
C TRP D 309 1.15 -11.23 48.37
N LEU D 310 0.38 -10.36 47.73
CA LEU D 310 -0.27 -9.24 48.40
C LEU D 310 -1.71 -9.63 48.66
N VAL D 311 -2.00 -9.96 49.92
CA VAL D 311 -3.34 -10.34 50.32
C VAL D 311 -4.18 -9.09 50.51
N THR D 312 -5.33 -9.03 49.84
CA THR D 312 -6.22 -7.89 50.01
C THR D 312 -7.33 -8.16 51.03
N GLU D 313 -7.64 -9.42 51.31
CA GLU D 313 -8.69 -9.77 52.26
C GLU D 313 -8.50 -11.23 52.66
N GLY D 314 -9.10 -11.60 53.79
CA GLY D 314 -9.08 -12.96 54.24
C GLY D 314 -7.97 -13.32 55.20
N LEU D 315 -6.98 -12.45 55.40
CA LEU D 315 -5.90 -12.71 56.33
C LEU D 315 -5.66 -11.47 57.18
N ASN D 316 -5.19 -11.71 58.40
CA ASN D 316 -4.92 -10.62 59.34
C ASN D 316 -3.51 -10.76 59.87
N ALA D 317 -3.02 -9.69 60.49
CA ALA D 317 -1.72 -9.72 61.11
C ALA D 317 -1.73 -10.61 62.35
N GLY D 318 -0.60 -11.23 62.62
CA GLY D 318 -0.50 -12.19 63.71
C GLY D 318 -0.90 -13.60 63.35
N ASP D 319 -1.47 -13.81 62.16
CA ASP D 319 -1.82 -15.14 61.73
C ASP D 319 -0.58 -15.94 61.37
N LYS D 320 -0.67 -17.25 61.53
CA LYS D 320 0.46 -18.16 61.33
C LYS D 320 0.13 -19.07 60.15
N ILE D 321 0.69 -18.75 58.99
CA ILE D 321 0.38 -19.47 57.76
C ILE D 321 1.29 -20.69 57.65
N ILE D 322 0.69 -21.81 57.25
CA ILE D 322 1.42 -23.07 57.05
C ILE D 322 2.18 -22.93 55.74
N THR D 323 3.51 -23.05 55.79
CA THR D 323 4.28 -22.87 54.58
C THR D 323 5.04 -24.11 54.15
N GLU D 324 5.34 -25.03 55.07
CA GLU D 324 6.03 -26.26 54.75
C GLU D 324 5.42 -27.37 55.59
N GLY D 325 5.35 -28.56 55.01
CA GLY D 325 4.69 -29.67 55.66
C GLY D 325 3.23 -29.83 55.31
N LEU D 326 2.71 -29.03 54.38
CA LEU D 326 1.30 -29.04 54.02
C LEU D 326 0.94 -30.12 53.01
N GLN D 327 1.90 -30.99 52.66
CA GLN D 327 1.60 -32.01 51.67
C GLN D 327 0.73 -33.13 52.25
N PHE D 328 0.90 -33.44 53.53
CA PHE D 328 0.05 -34.42 54.21
C PHE D 328 -0.57 -33.73 55.43
N VAL D 329 -1.60 -32.93 55.16
CA VAL D 329 -2.32 -32.14 56.16
C VAL D 329 -3.75 -31.99 55.65
N GLN D 330 -4.71 -32.30 56.49
CA GLN D 330 -6.12 -32.04 56.21
C GLN D 330 -6.60 -30.95 57.14
N PRO D 331 -7.64 -30.20 56.76
CA PRO D 331 -8.22 -29.23 57.68
C PRO D 331 -8.92 -29.93 58.85
N GLY D 332 -8.51 -29.58 60.06
CA GLY D 332 -9.05 -30.17 61.27
C GLY D 332 -8.14 -31.13 62.00
N VAL D 333 -6.87 -31.16 61.67
CA VAL D 333 -5.92 -32.10 62.26
C VAL D 333 -5.10 -31.38 63.33
N GLU D 334 -4.93 -32.04 64.48
CA GLU D 334 -4.07 -31.53 65.53
C GLU D 334 -2.62 -31.49 65.08
N VAL D 335 -1.96 -30.35 65.27
CA VAL D 335 -0.66 -30.06 64.68
C VAL D 335 0.30 -29.55 65.73
N LYS D 336 1.50 -30.11 65.77
CA LYS D 336 2.62 -29.56 66.50
C LYS D 336 3.36 -28.60 65.57
N THR D 337 3.60 -27.39 66.02
CA THR D 337 4.15 -26.37 65.14
C THR D 337 5.65 -26.18 65.39
N VAL D 338 6.32 -25.64 64.36
CA VAL D 338 7.75 -25.36 64.39
C VAL D 338 8.03 -24.29 63.33
N PRO D 339 8.89 -23.32 63.59
CA PRO D 339 9.26 -22.35 62.54
C PRO D 339 9.98 -23.03 61.39
N ALA D 340 9.83 -22.46 60.20
CA ALA D 340 10.22 -23.11 58.96
C ALA D 340 11.54 -22.60 58.42
N LYS D 341 11.97 -23.22 57.33
CA LYS D 341 13.17 -22.82 56.60
C LYS D 341 12.84 -22.57 55.13
N ASN D 342 11.72 -21.88 54.88
CA ASN D 342 11.30 -21.62 53.51
C ASN D 342 12.07 -20.48 52.88
N VAL D 343 12.58 -19.56 53.71
CA VAL D 343 13.19 -18.32 53.21
C VAL D 343 14.16 -17.84 54.26
N ALA D 344 15.08 -16.95 53.86
CA ALA D 344 16.04 -16.40 54.82
C ALA D 344 15.37 -15.46 55.81
N SER D 345 14.28 -14.81 55.41
CA SER D 345 13.56 -13.90 56.29
C SER D 345 12.52 -14.67 57.09
N CYS E 1 -19.91 -75.27 43.74
CA CYS E 1 -20.16 -75.80 42.41
C CYS E 1 -21.44 -75.22 41.83
N GLY E 2 -21.37 -73.97 41.37
CA GLY E 2 -22.52 -73.32 40.78
C GLY E 2 -23.51 -72.84 41.82
N LYS E 3 -24.67 -72.39 41.31
CA LYS E 3 -25.82 -71.94 42.09
C LYS E 3 -25.46 -70.76 43.02
N SER E 4 -25.08 -69.65 42.40
CA SER E 4 -24.68 -68.46 43.14
C SER E 4 -25.10 -67.23 42.34
N GLU E 5 -24.54 -66.07 42.73
CA GLU E 5 -24.75 -64.76 42.10
C GLU E 5 -26.23 -64.37 42.07
N ALA E 6 -26.77 -64.17 43.28
CA ALA E 6 -28.13 -63.68 43.44
C ALA E 6 -28.10 -62.15 43.50
N PRO E 7 -28.61 -61.44 42.49
CA PRO E 7 -28.47 -59.98 42.46
C PRO E 7 -29.49 -59.31 43.36
N PRO E 8 -29.03 -58.42 44.25
CA PRO E 8 -29.97 -57.66 45.07
C PRO E 8 -30.56 -56.51 44.27
N PRO E 9 -31.77 -56.07 44.59
CA PRO E 9 -32.39 -54.97 43.85
C PRO E 9 -32.14 -53.60 44.47
N ALA E 10 -31.87 -52.63 43.58
CA ALA E 10 -31.72 -51.24 43.95
C ALA E 10 -32.62 -50.41 43.05
N GLN E 11 -33.39 -49.49 43.63
CA GLN E 11 -34.53 -48.89 42.96
C GLN E 11 -34.37 -47.38 42.83
N THR E 12 -33.14 -46.93 42.52
CA THR E 12 -32.76 -45.59 42.06
C THR E 12 -33.27 -44.43 42.92
N PRO E 13 -32.71 -44.20 44.10
CA PRO E 13 -33.16 -43.07 44.93
C PRO E 13 -32.58 -41.75 44.45
N GLU E 14 -33.21 -40.67 44.91
CA GLU E 14 -32.76 -39.28 44.74
C GLU E 14 -32.62 -38.88 43.27
N VAL E 15 -33.77 -38.77 42.60
CA VAL E 15 -33.84 -38.08 41.31
C VAL E 15 -34.29 -36.64 41.59
N GLY E 16 -33.58 -35.69 41.00
CA GLY E 16 -33.82 -34.28 41.29
C GLY E 16 -34.93 -33.67 40.46
N ILE E 17 -36.18 -33.95 40.80
CA ILE E 17 -37.31 -33.44 40.03
C ILE E 17 -37.52 -31.97 40.35
N VAL E 18 -37.55 -31.14 39.30
CA VAL E 18 -37.88 -29.72 39.43
C VAL E 18 -38.86 -29.39 38.31
N THR E 19 -40.03 -28.88 38.68
CA THR E 19 -41.03 -28.50 37.69
C THR E 19 -40.82 -27.06 37.23
N LEU E 20 -41.63 -26.64 36.27
CA LEU E 20 -41.51 -25.30 35.70
C LEU E 20 -42.86 -24.84 35.19
N GLU E 21 -42.96 -23.54 34.97
CA GLU E 21 -44.21 -22.88 34.57
C GLU E 21 -43.89 -21.76 33.59
N ALA E 22 -44.94 -21.25 32.95
CA ALA E 22 -44.80 -20.15 32.01
C ALA E 22 -44.42 -18.86 32.73
N GLN E 23 -43.74 -17.98 32.02
CA GLN E 23 -43.23 -16.77 32.65
C GLN E 23 -43.13 -15.67 31.60
N THR E 24 -43.24 -14.43 32.06
CA THR E 24 -43.09 -13.24 31.23
C THR E 24 -41.80 -12.56 31.63
N VAL E 25 -40.84 -12.51 30.70
CA VAL E 25 -39.50 -12.00 30.98
C VAL E 25 -39.07 -11.11 29.83
N THR E 26 -38.22 -10.14 30.14
CA THR E 26 -37.74 -9.19 29.14
C THR E 26 -36.54 -9.78 28.40
N LEU E 27 -36.15 -9.10 27.33
CA LEU E 27 -35.07 -9.55 26.47
C LEU E 27 -34.08 -8.42 26.22
N ASN E 28 -32.80 -8.76 26.30
CA ASN E 28 -31.71 -7.82 26.14
C ASN E 28 -30.68 -8.37 25.16
N THR E 29 -30.02 -7.47 24.45
CA THR E 29 -28.93 -7.82 23.55
C THR E 29 -27.77 -6.88 23.80
N GLU E 30 -26.56 -7.43 23.84
CA GLU E 30 -25.36 -6.63 23.99
C GLU E 30 -24.77 -6.29 22.62
N LEU E 31 -24.30 -5.06 22.50
CA LEU E 31 -23.73 -4.56 21.25
C LEU E 31 -22.43 -3.84 21.57
N PRO E 32 -21.42 -3.98 20.72
CA PRO E 32 -20.16 -3.27 20.96
C PRO E 32 -20.18 -1.85 20.39
N GLY E 33 -19.42 -0.98 21.05
CA GLY E 33 -19.38 0.40 20.59
C GLY E 33 -18.30 1.20 21.26
N ARG E 34 -18.27 2.49 20.89
CA ARG E 34 -17.26 3.41 21.36
C ARG E 34 -17.90 4.58 22.09
N THR E 35 -17.07 5.31 22.83
CA THR E 35 -17.50 6.49 23.55
C THR E 35 -16.93 7.74 22.91
N ASN E 36 -17.79 8.74 22.74
CA ASN E 36 -17.40 10.04 22.22
C ASN E 36 -17.82 11.12 23.21
N ALA E 37 -17.11 12.24 23.15
CA ALA E 37 -17.41 13.36 24.02
C ALA E 37 -18.72 14.02 23.60
N PHE E 38 -19.37 14.69 24.56
CA PHE E 38 -20.62 15.38 24.26
C PHE E 38 -20.39 16.57 23.35
N ARG E 39 -19.32 17.32 23.58
CA ARG E 39 -18.88 18.29 22.59
C ARG E 39 -17.36 18.33 22.60
N ILE E 40 -16.79 18.26 21.41
CA ILE E 40 -15.35 18.20 21.17
C ILE E 40 -14.97 19.29 20.18
N ALA E 41 -14.14 20.23 20.63
CA ALA E 41 -13.75 21.35 19.80
C ALA E 41 -12.24 21.42 19.72
N GLU E 42 -11.70 21.23 18.52
CA GLU E 42 -10.29 21.41 18.27
C GLU E 42 -10.06 22.86 17.85
N VAL E 43 -9.14 23.54 18.52
CA VAL E 43 -8.95 24.96 18.22
C VAL E 43 -8.05 25.11 17.02
N ARG E 44 -8.50 25.89 16.05
CA ARG E 44 -7.76 26.12 14.81
C ARG E 44 -7.66 27.63 14.61
N PRO E 45 -6.51 28.14 14.18
CA PRO E 45 -6.37 29.60 14.07
C PRO E 45 -7.06 30.15 12.85
N GLN E 46 -7.46 31.41 12.96
CA GLN E 46 -8.10 32.13 11.87
C GLN E 46 -7.24 33.22 11.26
N VAL E 47 -6.01 33.40 11.76
CA VAL E 47 -5.08 34.38 11.24
C VAL E 47 -3.76 33.66 10.92
N ASN E 48 -2.78 34.45 10.49
CA ASN E 48 -1.47 33.93 10.12
C ASN E 48 -0.41 34.56 10.99
N GLY E 49 0.59 33.79 11.37
CA GLY E 49 1.69 34.32 12.13
C GLY E 49 2.25 33.27 13.07
N ILE E 50 3.28 33.66 13.78
CA ILE E 50 3.93 32.75 14.72
C ILE E 50 3.26 32.89 16.08
N ILE E 51 3.36 31.84 16.88
CA ILE E 51 2.79 31.83 18.22
C ILE E 51 3.78 32.54 19.14
N LEU E 52 3.36 33.64 19.75
CA LEU E 52 4.21 34.32 20.71
C LEU E 52 4.27 33.57 22.03
N LYS E 53 3.11 33.25 22.59
CA LYS E 53 3.10 32.72 23.95
C LYS E 53 1.84 31.90 24.23
N ARG E 54 2.02 30.71 24.76
CA ARG E 54 0.90 29.94 25.30
C ARG E 54 0.65 30.35 26.74
N LEU E 55 -0.60 30.61 27.08
CA LEU E 55 -0.91 31.20 28.37
C LEU E 55 -1.95 30.40 29.14
N PHE E 56 -2.10 29.11 28.84
CA PHE E 56 -2.90 28.22 29.68
C PHE E 56 -2.02 27.11 30.21
N LYS E 57 -2.31 26.66 31.42
CA LYS E 57 -1.69 25.45 31.93
C LYS E 57 -2.36 24.24 31.27
N GLU E 58 -1.55 23.29 30.81
CA GLU E 58 -2.08 22.17 30.05
C GLU E 58 -2.80 21.18 30.95
N GLY E 59 -3.81 20.54 30.37
CA GLY E 59 -4.58 19.55 31.09
C GLY E 59 -5.52 20.10 32.14
N SER E 60 -5.88 21.38 32.05
CA SER E 60 -6.78 22.00 33.00
C SER E 60 -8.12 22.29 32.35
N ASP E 61 -9.06 22.73 33.18
CA ASP E 61 -10.38 23.12 32.73
C ASP E 61 -10.38 24.60 32.40
N VAL E 62 -10.95 24.94 31.25
CA VAL E 62 -11.01 26.31 30.78
C VAL E 62 -12.46 26.68 30.50
N LYS E 63 -12.78 27.95 30.68
CA LYS E 63 -14.11 28.45 30.39
C LYS E 63 -14.14 29.03 28.98
N ALA E 64 -15.36 29.24 28.48
CA ALA E 64 -15.53 29.80 27.14
C ALA E 64 -15.13 31.26 27.12
N GLY E 65 -14.43 31.65 26.06
CA GLY E 65 -13.90 33.00 25.94
C GLY E 65 -12.53 33.21 26.54
N GLN E 66 -12.01 32.23 27.28
CA GLN E 66 -10.68 32.35 27.85
C GLN E 66 -9.62 32.27 26.76
N GLN E 67 -8.69 33.22 26.78
CA GLN E 67 -7.61 33.28 25.80
C GLN E 67 -6.68 32.09 25.96
N LEU E 68 -6.15 31.60 24.83
CA LEU E 68 -5.21 30.49 24.84
C LEU E 68 -3.85 30.87 24.31
N TYR E 69 -3.77 31.46 23.12
CA TYR E 69 -2.50 31.88 22.55
C TYR E 69 -2.62 33.28 21.97
N GLN E 70 -1.48 33.97 21.95
CA GLN E 70 -1.29 35.21 21.21
C GLN E 70 -0.51 34.90 19.95
N ILE E 71 -0.99 35.36 18.80
CA ILE E 71 -0.39 34.97 17.53
C ILE E 71 0.31 36.16 16.85
N ASP E 72 0.88 37.10 17.64
CA ASP E 72 1.77 38.17 17.20
C ASP E 72 1.16 39.03 16.10
N PRO E 73 0.22 39.93 16.43
CA PRO E 73 -0.63 40.53 15.38
C PRO E 73 0.09 41.32 14.30
N ALA E 74 0.70 42.47 14.64
CA ALA E 74 1.76 43.14 13.89
C ALA E 74 1.41 43.61 12.48
N THR E 75 0.29 43.17 11.93
CA THR E 75 -0.34 43.58 10.68
C THR E 75 -1.77 44.02 10.94
N TYR E 76 -2.50 43.26 11.74
CA TYR E 76 -3.86 43.62 12.09
C TYR E 76 -3.88 44.83 12.99
N GLU E 77 -2.84 44.99 13.82
CA GLU E 77 -2.67 46.22 14.59
C GLU E 77 -2.47 47.42 13.68
N ALA E 78 -1.73 47.23 12.58
CA ALA E 78 -1.49 48.32 11.64
C ALA E 78 -2.75 48.72 10.90
N ASP E 79 -3.50 47.73 10.38
CA ASP E 79 -4.71 48.09 9.66
C ASP E 79 -5.81 48.56 10.61
N TYR E 80 -5.76 48.13 11.87
CA TYR E 80 -6.67 48.66 12.87
C TYR E 80 -6.35 50.12 13.17
N GLN E 81 -5.07 50.47 13.23
CA GLN E 81 -4.68 51.86 13.42
C GLN E 81 -5.09 52.71 12.22
N SER E 82 -5.02 52.15 11.02
CA SER E 82 -5.44 52.89 9.84
C SER E 82 -6.95 53.11 9.83
N ALA E 83 -7.71 52.07 10.20
CA ALA E 83 -9.17 52.20 10.22
C ALA E 83 -9.62 53.15 11.32
N GLN E 84 -8.93 53.14 12.46
CA GLN E 84 -9.28 54.08 13.53
C GLN E 84 -8.89 55.51 13.16
N ALA E 85 -7.81 55.65 12.38
CA ALA E 85 -7.43 56.98 11.90
C ALA E 85 -8.45 57.53 10.92
N ASN E 86 -9.03 56.66 10.09
CA ASN E 86 -10.11 57.10 9.20
C ASN E 86 -11.37 57.43 9.99
N LEU E 87 -11.63 56.65 11.05
CA LEU E 87 -12.81 56.87 11.87
C LEU E 87 -12.73 58.19 12.62
N ALA E 88 -11.52 58.56 13.08
CA ALA E 88 -11.35 59.79 13.84
C ALA E 88 -11.58 61.02 12.99
N SER E 89 -11.46 60.91 11.67
CA SER E 89 -11.84 62.00 10.79
C SER E 89 -13.33 61.99 10.51
N THR E 90 -13.87 60.83 10.13
CA THR E 90 -15.23 60.83 9.61
C THR E 90 -16.27 61.02 10.71
N GLN E 91 -15.94 60.65 11.96
CA GLN E 91 -16.94 60.82 13.01
C GLN E 91 -17.05 62.28 13.43
N GLU E 92 -15.94 63.03 13.40
CA GLU E 92 -16.06 64.43 13.76
C GLU E 92 -16.60 65.24 12.59
N GLN E 93 -16.40 64.78 11.36
CA GLN E 93 -17.11 65.39 10.24
C GLN E 93 -18.60 65.16 10.35
N ALA E 94 -19.01 63.96 10.76
CA ALA E 94 -20.43 63.67 10.94
C ALA E 94 -21.03 64.47 12.08
N GLN E 95 -20.27 64.67 13.15
CA GLN E 95 -20.75 65.47 14.28
C GLN E 95 -20.88 66.93 13.92
N ARG E 96 -19.92 67.47 13.14
CA ARG E 96 -20.01 68.86 12.72
C ARG E 96 -21.17 69.07 11.75
N TYR E 97 -21.42 68.10 10.88
CA TYR E 97 -22.58 68.21 9.98
C TYR E 97 -23.89 68.03 10.74
N LYS E 98 -23.88 67.24 11.82
CA LYS E 98 -25.06 67.12 12.66
C LYS E 98 -25.35 68.43 13.37
N LEU E 99 -24.31 69.12 13.82
CA LEU E 99 -24.51 70.43 14.44
C LEU E 99 -24.97 71.47 13.44
N LEU E 100 -24.45 71.41 12.22
CA LEU E 100 -24.77 72.46 11.24
C LEU E 100 -26.05 72.20 10.48
N VAL E 101 -26.58 70.98 10.52
CA VAL E 101 -27.79 70.68 9.75
C VAL E 101 -29.04 71.23 10.43
N ALA E 102 -28.94 71.57 11.72
CA ALA E 102 -30.11 72.07 12.43
C ALA E 102 -30.46 73.50 11.99
N ASP E 103 -29.44 74.31 11.74
CA ASP E 103 -29.64 75.68 11.30
C ASP E 103 -29.75 75.81 9.78
N GLN E 104 -29.81 74.69 9.07
CA GLN E 104 -29.84 74.60 7.60
C GLN E 104 -28.63 75.25 6.94
N ALA E 105 -27.50 75.31 7.64
CA ALA E 105 -26.27 75.80 7.00
C ALA E 105 -25.71 74.77 6.04
N VAL E 106 -25.96 73.49 6.31
CA VAL E 106 -25.60 72.42 5.41
C VAL E 106 -26.89 71.64 5.10
N SER E 107 -26.98 71.08 3.90
CA SER E 107 -28.20 70.42 3.49
C SER E 107 -28.34 69.06 4.15
N LYS E 108 -29.53 68.47 4.03
CA LYS E 108 -29.78 67.17 4.63
C LYS E 108 -29.08 66.06 3.86
N GLN E 109 -28.89 66.25 2.55
CA GLN E 109 -28.23 65.24 1.75
C GLN E 109 -26.76 65.09 2.13
N GLN E 110 -26.10 66.20 2.43
CA GLN E 110 -24.70 66.16 2.84
C GLN E 110 -24.56 65.54 4.23
N TYR E 111 -25.53 65.77 5.10
CA TYR E 111 -25.52 65.12 6.41
C TYR E 111 -25.76 63.62 6.29
N ALA E 112 -26.62 63.22 5.37
CA ALA E 112 -26.86 61.80 5.13
C ALA E 112 -25.63 61.11 4.58
N ASP E 113 -24.91 61.79 3.68
CA ASP E 113 -23.68 61.21 3.15
C ASP E 113 -22.59 61.18 4.22
N ALA E 114 -22.57 62.18 5.10
CA ALA E 114 -21.59 62.24 6.17
C ALA E 114 -21.75 61.10 7.16
N ASN E 115 -22.98 60.90 7.67
CA ASN E 115 -23.11 59.80 8.62
C ASN E 115 -23.15 58.44 7.93
N ALA E 116 -23.43 58.38 6.62
CA ALA E 116 -23.26 57.13 5.89
C ALA E 116 -21.80 56.72 5.84
N ALA E 117 -20.91 57.66 5.52
CA ALA E 117 -19.48 57.36 5.52
C ALA E 117 -18.99 57.07 6.94
N TYR E 118 -19.58 57.73 7.94
CA TYR E 118 -19.23 57.45 9.33
C TYR E 118 -19.60 56.03 9.73
N LEU E 119 -20.80 55.58 9.34
CA LEU E 119 -21.21 54.21 9.67
C LEU E 119 -20.39 53.18 8.90
N GLN E 120 -20.00 53.49 7.65
CA GLN E 120 -19.18 52.56 6.89
C GLN E 120 -17.79 52.42 7.51
N SER E 121 -17.22 53.52 7.98
CA SER E 121 -15.92 53.43 8.64
C SER E 121 -16.03 52.75 10.00
N LYS E 122 -17.18 52.90 10.67
CA LYS E 122 -17.38 52.17 11.91
C LYS E 122 -17.49 50.67 11.66
N ALA E 123 -18.10 50.29 10.54
CA ALA E 123 -18.12 48.87 10.16
C ALA E 123 -16.72 48.35 9.85
N ALA E 124 -15.90 49.19 9.19
CA ALA E 124 -14.54 48.77 8.88
C ALA E 124 -13.69 48.61 10.13
N VAL E 125 -13.86 49.51 11.11
CA VAL E 125 -13.08 49.35 12.33
C VAL E 125 -13.65 48.22 13.18
N GLU E 126 -14.93 47.86 12.98
CA GLU E 126 -15.44 46.64 13.60
C GLU E 126 -14.80 45.40 13.00
N GLN E 127 -14.57 45.40 11.68
CA GLN E 127 -13.84 44.30 11.04
C GLN E 127 -12.42 44.19 11.58
N ALA E 128 -11.76 45.34 11.76
CA ALA E 128 -10.40 45.34 12.31
C ALA E 128 -10.37 44.85 13.75
N ARG E 129 -11.39 45.21 14.53
CA ARG E 129 -11.47 44.72 15.91
C ARG E 129 -11.76 43.23 15.97
N ILE E 130 -12.50 42.72 14.98
CA ILE E 130 -12.75 41.29 14.89
C ILE E 130 -11.44 40.55 14.61
N ASN E 131 -10.64 41.07 13.66
CA ASN E 131 -9.38 40.43 13.36
C ASN E 131 -8.37 40.57 14.49
N LEU E 132 -8.50 41.61 15.33
CA LEU E 132 -7.69 41.64 16.54
C LEU E 132 -8.19 40.66 17.58
N ARG E 133 -9.49 40.37 17.59
CA ARG E 133 -10.00 39.36 18.50
C ARG E 133 -9.59 37.96 18.07
N TYR E 134 -9.29 37.78 16.79
CA TYR E 134 -8.89 36.46 16.31
C TYR E 134 -7.47 36.11 16.74
N THR E 135 -6.59 37.12 16.84
CA THR E 135 -5.19 36.83 17.12
C THR E 135 -4.93 36.51 18.58
N LYS E 136 -5.92 36.69 19.44
CA LYS E 136 -5.91 36.11 20.77
C LYS E 136 -6.95 35.01 20.73
N VAL E 137 -6.50 33.76 20.55
CA VAL E 137 -7.47 32.69 20.32
C VAL E 137 -8.18 32.31 21.61
N LEU E 138 -9.43 32.73 21.72
CA LEU E 138 -10.26 32.37 22.85
C LEU E 138 -10.82 30.97 22.66
N SER E 139 -11.02 30.27 23.76
CA SER E 139 -11.60 28.94 23.70
C SER E 139 -13.07 29.06 23.33
N PRO E 140 -13.55 28.35 22.32
CA PRO E 140 -14.96 28.52 21.90
C PRO E 140 -15.95 27.90 22.87
N ILE E 141 -15.57 26.84 23.58
CA ILE E 141 -16.43 26.21 24.57
C ILE E 141 -15.64 26.03 25.85
N SER E 142 -16.37 25.70 26.91
CA SER E 142 -15.75 25.38 28.19
C SER E 142 -15.58 23.87 28.31
N GLY E 143 -14.55 23.47 29.04
CA GLY E 143 -14.28 22.06 29.24
C GLY E 143 -12.82 21.82 29.52
N ARG E 144 -12.45 20.54 29.49
CA ARG E 144 -11.08 20.14 29.76
C ARG E 144 -10.25 20.28 28.50
N ILE E 145 -9.07 20.87 28.62
CA ILE E 145 -8.15 21.03 27.50
C ILE E 145 -7.11 19.93 27.57
N GLY E 146 -6.53 19.60 26.44
CA GLY E 146 -5.55 18.54 26.35
C GLY E 146 -4.14 19.05 26.19
N ARG E 147 -3.36 18.29 25.43
CA ARG E 147 -1.98 18.63 25.16
C ARG E 147 -1.89 19.52 23.92
N SER E 148 -1.11 20.59 24.03
CA SER E 148 -0.94 21.51 22.90
C SER E 148 -0.13 20.85 21.80
N ALA E 149 -0.70 20.80 20.60
CA ALA E 149 -0.01 20.15 19.48
C ALA E 149 1.16 20.98 18.99
N VAL E 150 1.02 22.30 18.95
CA VAL E 150 2.12 23.18 18.61
C VAL E 150 2.48 24.01 19.83
N THR E 151 3.64 24.64 19.78
CA THR E 151 4.14 25.43 20.88
C THR E 151 4.56 26.81 20.39
N GLU E 152 5.20 27.57 21.29
CA GLU E 152 5.64 28.91 20.96
C GLU E 152 6.76 28.87 19.93
N GLY E 153 6.70 29.79 18.97
CA GLY E 153 7.64 29.83 17.88
C GLY E 153 7.18 29.14 16.61
N ALA E 154 6.07 28.42 16.65
CA ALA E 154 5.57 27.76 15.46
C ALA E 154 4.70 28.71 14.65
N LEU E 155 4.83 28.64 13.33
CA LEU E 155 4.02 29.45 12.44
C LEU E 155 2.73 28.72 12.09
N VAL E 156 1.60 29.39 12.32
CA VAL E 156 0.30 28.85 11.98
C VAL E 156 -0.34 29.76 10.96
N THR E 157 -1.29 29.21 10.22
CA THR E 157 -1.97 29.92 9.14
C THR E 157 -3.47 29.81 9.30
N ASN E 158 -4.18 30.64 8.54
CA ASN E 158 -5.63 30.69 8.63
C ASN E 158 -6.26 29.46 8.00
N GLY E 159 -7.03 28.73 8.80
CA GLY E 159 -7.75 27.58 8.29
C GLY E 159 -6.90 26.38 7.97
N GLN E 160 -5.84 26.13 8.76
CA GLN E 160 -5.04 24.94 8.55
C GLN E 160 -5.78 23.70 9.03
N ALA E 161 -5.36 22.54 8.53
CA ALA E 161 -6.07 21.31 8.82
C ALA E 161 -5.76 20.83 10.23
N ASN E 162 -4.48 20.71 10.58
CA ASN E 162 -4.09 20.22 11.89
C ASN E 162 -4.40 21.27 12.96
N ALA E 163 -4.92 20.81 14.09
CA ALA E 163 -5.25 21.70 15.18
C ALA E 163 -4.02 21.98 16.03
N MET E 164 -4.16 22.93 16.96
CA MET E 164 -3.10 23.23 17.90
C MET E 164 -3.38 22.71 19.30
N ALA E 165 -4.66 22.61 19.68
CA ALA E 165 -5.04 22.03 20.95
C ALA E 165 -6.49 21.57 20.82
N THR E 166 -6.98 20.94 21.88
CA THR E 166 -8.34 20.43 21.85
C THR E 166 -8.99 20.54 23.22
N VAL E 167 -10.27 20.95 23.23
CA VAL E 167 -11.08 21.06 24.43
C VAL E 167 -12.25 20.11 24.25
N GLN E 168 -12.68 19.49 25.34
CA GLN E 168 -13.81 18.57 25.26
C GLN E 168 -14.57 18.56 26.58
N GLN E 169 -15.84 18.18 26.47
CA GLN E 169 -16.70 18.03 27.64
C GLN E 169 -16.91 16.56 27.95
N LEU E 170 -16.92 16.22 29.23
CA LEU E 170 -17.07 14.86 29.67
C LEU E 170 -18.38 14.60 30.41
N ASP E 171 -19.26 15.59 30.48
CA ASP E 171 -20.55 15.37 31.12
C ASP E 171 -21.65 16.01 30.28
N PRO E 172 -22.51 15.22 29.63
CA PRO E 172 -22.54 13.74 29.60
C PRO E 172 -21.58 13.18 28.55
N ILE E 173 -21.76 11.92 28.17
CA ILE E 173 -20.90 11.25 27.20
C ILE E 173 -21.76 10.44 26.25
N TYR E 174 -21.56 10.65 24.95
CA TYR E 174 -22.22 9.82 23.95
C TYR E 174 -21.52 8.47 23.88
N VAL E 175 -22.31 7.42 23.67
CA VAL E 175 -21.76 6.11 23.35
C VAL E 175 -22.55 5.57 22.16
N ASP E 176 -21.85 5.24 21.09
CA ASP E 176 -22.51 4.72 19.91
C ASP E 176 -22.08 3.29 19.67
N VAL E 177 -23.06 2.40 19.59
CA VAL E 177 -22.83 0.99 19.39
C VAL E 177 -23.31 0.62 17.99
N THR E 178 -23.00 -0.60 17.59
CA THR E 178 -23.34 -1.06 16.26
C THR E 178 -24.28 -2.25 16.34
N GLN E 179 -25.07 -2.44 15.29
CA GLN E 179 -25.96 -3.58 15.25
C GLN E 179 -26.16 -4.04 13.82
N PRO E 180 -26.01 -5.34 13.54
CA PRO E 180 -26.25 -5.83 12.18
C PRO E 180 -27.71 -5.69 11.79
N SER E 181 -27.93 -5.46 10.49
CA SER E 181 -29.27 -5.18 10.00
C SER E 181 -30.15 -6.42 10.02
N THR E 182 -29.55 -7.61 10.03
CA THR E 182 -30.31 -8.85 10.04
C THR E 182 -31.10 -9.00 11.33
N ALA E 183 -30.47 -8.69 12.46
CA ALA E 183 -31.17 -8.73 13.75
C ALA E 183 -32.25 -7.67 13.81
N LEU E 184 -32.03 -6.53 13.14
CA LEU E 184 -33.02 -5.47 13.15
C LEU E 184 -34.27 -5.86 12.36
N LEU E 185 -34.07 -6.45 11.18
CA LEU E 185 -35.24 -6.88 10.40
C LEU E 185 -35.91 -8.10 11.02
N ARG E 186 -35.14 -8.95 11.70
CA ARG E 186 -35.75 -10.08 12.40
C ARG E 186 -36.58 -9.60 13.59
N LEU E 187 -36.10 -8.59 14.30
CA LEU E 187 -36.87 -8.01 15.39
C LEU E 187 -38.11 -7.29 14.85
N ARG E 188 -38.01 -6.70 13.66
CA ARG E 188 -39.17 -6.06 13.05
C ARG E 188 -40.21 -7.08 12.62
N ARG E 189 -39.77 -8.24 12.12
CA ARG E 189 -40.73 -9.25 11.67
C ARG E 189 -41.28 -10.05 12.84
N GLU E 190 -40.58 -10.05 13.98
CA GLU E 190 -41.11 -10.69 15.17
C GLU E 190 -42.02 -9.76 15.95
N LEU E 191 -41.77 -8.45 15.87
CA LEU E 191 -42.45 -7.49 16.74
C LEU E 191 -43.90 -7.27 16.32
N ALA E 192 -44.27 -7.64 15.10
CA ALA E 192 -45.60 -7.33 14.59
C ALA E 192 -46.44 -8.56 14.25
N SER E 193 -45.81 -9.68 13.87
CA SER E 193 -46.60 -10.83 13.41
C SER E 193 -46.19 -12.11 14.13
N GLY E 194 -44.97 -12.16 14.63
CA GLY E 194 -44.49 -13.35 15.32
C GLY E 194 -44.93 -13.36 16.76
N GLN E 195 -43.98 -13.55 17.67
CA GLN E 195 -44.28 -13.37 19.10
C GLN E 195 -44.48 -11.88 19.35
N LEU E 196 -45.74 -11.48 19.50
CA LEU E 196 -46.06 -10.07 19.70
C LEU E 196 -45.59 -9.59 21.06
N GLU E 197 -44.83 -8.51 21.05
CA GLU E 197 -44.25 -7.99 22.29
C GLU E 197 -43.91 -6.52 22.10
N ARG E 198 -44.11 -5.75 23.17
CA ARG E 198 -43.69 -4.35 23.21
C ARG E 198 -43.61 -3.94 24.67
N ALA E 199 -42.43 -3.53 25.12
CA ALA E 199 -42.26 -3.19 26.53
C ALA E 199 -42.77 -1.79 26.82
N GLY E 200 -42.33 -0.80 26.05
CA GLY E 200 -42.76 0.57 26.25
C GLY E 200 -41.65 1.52 26.63
N ASP E 201 -41.97 2.55 27.41
CA ASP E 201 -40.96 3.55 27.77
C ASP E 201 -39.98 3.02 28.81
N ASN E 202 -40.32 1.92 29.48
CA ASN E 202 -39.37 1.24 30.35
C ASN E 202 -38.24 0.59 29.56
N ALA E 203 -38.43 0.38 28.26
CA ALA E 203 -37.37 -0.07 27.36
C ALA E 203 -36.64 1.07 26.70
N ALA E 204 -36.49 2.20 27.40
CA ALA E 204 -35.69 3.30 26.89
C ALA E 204 -34.22 2.89 26.79
N LYS E 205 -33.61 2.56 27.93
CA LYS E 205 -32.20 2.21 27.95
C LYS E 205 -31.89 1.45 29.23
N VAL E 206 -30.96 0.51 29.13
CA VAL E 206 -30.36 -0.14 30.29
C VAL E 206 -28.86 0.11 30.26
N SER E 207 -28.13 -0.47 31.21
CA SER E 207 -26.75 -0.08 31.50
C SER E 207 -25.78 -0.58 30.42
N LEU E 208 -24.49 -0.33 30.64
CA LEU E 208 -23.44 -0.80 29.76
C LEU E 208 -22.34 -1.44 30.61
N LYS E 209 -21.37 -2.04 29.93
CA LYS E 209 -20.29 -2.76 30.58
C LYS E 209 -18.96 -2.29 30.00
N LEU E 210 -18.00 -2.02 30.88
CA LEU E 210 -16.71 -1.47 30.51
C LEU E 210 -15.79 -2.57 29.99
N GLU E 211 -14.50 -2.27 29.88
CA GLU E 211 -13.55 -3.23 29.33
C GLU E 211 -13.30 -4.39 30.29
N ASP E 212 -13.21 -4.12 31.58
CA ASP E 212 -12.87 -5.15 32.54
C ASP E 212 -14.05 -6.05 32.89
N GLY E 213 -15.21 -5.87 32.26
CA GLY E 213 -16.38 -6.65 32.59
C GLY E 213 -17.20 -6.11 33.74
N SER E 214 -16.73 -5.07 34.42
CA SER E 214 -17.48 -4.49 35.52
C SER E 214 -18.67 -3.72 34.99
N GLN E 215 -19.75 -3.71 35.76
CA GLN E 215 -20.94 -2.98 35.35
C GLN E 215 -20.80 -1.51 35.69
N TYR E 216 -21.50 -0.68 34.93
CA TYR E 216 -21.58 0.74 35.22
C TYR E 216 -22.80 1.03 36.07
N PRO E 217 -22.69 1.90 37.08
CA PRO E 217 -23.82 2.07 38.00
C PRO E 217 -24.98 2.84 37.42
N LEU E 218 -24.73 3.76 36.49
CA LEU E 218 -25.77 4.68 36.03
C LEU E 218 -26.43 4.18 34.76
N GLU E 219 -27.75 4.30 34.70
CA GLU E 219 -28.51 3.95 33.52
C GLU E 219 -28.62 5.15 32.60
N GLY E 220 -28.43 4.91 31.30
CA GLY E 220 -28.42 5.96 30.30
C GLY E 220 -29.75 6.16 29.64
N ARG E 221 -29.70 6.80 28.47
CA ARG E 221 -30.90 7.07 27.68
C ARG E 221 -30.57 6.92 26.21
N LEU E 222 -31.49 6.32 25.48
CA LEU E 222 -31.30 6.01 24.07
C LEU E 222 -32.09 6.96 23.19
N GLU E 223 -31.49 7.35 22.07
CA GLU E 223 -32.22 8.04 21.00
C GLU E 223 -31.51 7.74 19.69
N PHE E 224 -32.29 7.51 18.64
CA PHE E 224 -31.70 7.10 17.38
C PHE E 224 -31.07 8.29 16.68
N SER E 225 -29.95 8.03 16.01
CA SER E 225 -29.26 9.11 15.32
C SER E 225 -28.68 8.72 13.96
N GLU E 226 -28.75 7.45 13.54
CA GLU E 226 -28.19 7.05 12.25
C GLU E 226 -29.03 5.92 11.67
N VAL E 227 -29.72 6.19 10.56
CA VAL E 227 -30.42 5.15 9.81
C VAL E 227 -29.81 5.13 8.40
N SER E 228 -28.77 4.31 8.25
CA SER E 228 -28.05 4.10 7.00
C SER E 228 -27.18 2.86 7.14
N VAL E 229 -27.38 1.87 6.27
CA VAL E 229 -26.64 0.63 6.40
C VAL E 229 -25.25 0.79 5.79
N ASP E 230 -24.23 0.51 6.59
CA ASP E 230 -22.84 0.50 6.12
C ASP E 230 -22.64 -0.74 5.25
N GLU E 231 -22.18 -0.54 4.01
CA GLU E 231 -22.12 -1.65 3.06
C GLU E 231 -20.95 -2.58 3.35
N GLY E 232 -19.94 -2.12 4.09
CA GLY E 232 -18.81 -2.97 4.40
C GLY E 232 -19.10 -4.01 5.44
N THR E 233 -20.12 -3.79 6.27
CA THR E 233 -20.43 -4.69 7.38
C THR E 233 -21.91 -5.08 7.42
N GLY E 234 -22.81 -4.28 6.89
CA GLY E 234 -24.23 -4.57 7.00
C GLY E 234 -24.84 -4.12 8.31
N SER E 235 -24.28 -3.10 8.95
CA SER E 235 -24.69 -2.71 10.28
C SER E 235 -25.13 -1.25 10.32
N VAL E 236 -25.81 -0.89 11.41
CA VAL E 236 -26.31 0.44 11.65
C VAL E 236 -25.80 0.90 13.01
N THR E 237 -25.84 2.21 13.23
CA THR E 237 -25.31 2.81 14.44
C THR E 237 -26.44 3.26 15.35
N ILE E 238 -26.33 2.92 16.63
CA ILE E 238 -27.32 3.29 17.63
C ILE E 238 -26.61 4.12 18.69
N ARG E 239 -27.14 5.30 18.97
CA ARG E 239 -26.50 6.28 19.83
C ARG E 239 -27.23 6.34 21.17
N ALA E 240 -26.48 6.49 22.26
CA ALA E 240 -27.04 6.63 23.59
C ALA E 240 -26.26 7.67 24.35
N VAL E 241 -26.90 8.26 25.36
CA VAL E 241 -26.31 9.29 26.20
C VAL E 241 -26.18 8.75 27.61
N PHE E 242 -25.02 8.97 28.23
CA PHE E 242 -24.81 8.50 29.58
C PHE E 242 -24.26 9.61 30.47
N PRO E 243 -24.81 9.80 31.66
CA PRO E 243 -24.24 10.77 32.59
C PRO E 243 -22.92 10.28 33.16
N ASN E 244 -22.02 11.23 33.39
CA ASN E 244 -20.67 10.94 33.88
C ASN E 244 -20.27 12.04 34.86
N PRO E 245 -20.64 11.88 36.13
CA PRO E 245 -20.31 12.94 37.10
C PRO E 245 -18.87 12.90 37.59
N ASN E 246 -18.28 11.72 37.75
CA ASN E 246 -16.97 11.60 38.38
C ASN E 246 -15.84 11.38 37.38
N ASN E 247 -16.10 11.60 36.08
CA ASN E 247 -15.13 11.49 35.00
C ASN E 247 -14.48 10.12 34.90
N GLU E 248 -15.22 9.05 35.25
CA GLU E 248 -14.64 7.73 35.17
C GLU E 248 -14.69 7.18 33.75
N LEU E 249 -15.56 7.72 32.90
CA LEU E 249 -15.60 7.32 31.52
C LEU E 249 -14.78 8.26 30.66
N LEU E 250 -14.14 7.72 29.64
CA LEU E 250 -13.28 8.48 28.75
C LEU E 250 -13.75 8.28 27.32
N PRO E 251 -13.60 9.30 26.47
CA PRO E 251 -13.97 9.14 25.06
C PRO E 251 -13.00 8.24 24.33
N GLY E 252 -13.54 7.36 23.49
CA GLY E 252 -12.74 6.42 22.74
C GLY E 252 -12.62 5.04 23.35
N MET E 253 -13.29 4.79 24.47
CA MET E 253 -13.23 3.50 25.11
C MET E 253 -14.08 2.49 24.37
N PHE E 254 -13.66 1.23 24.36
CA PHE E 254 -14.40 0.15 23.73
C PHE E 254 -15.28 -0.51 24.78
N VAL E 255 -16.60 -0.34 24.65
CA VAL E 255 -17.54 -0.79 25.67
C VAL E 255 -18.61 -1.67 25.03
N HIS E 256 -19.32 -2.40 25.89
CA HIS E 256 -20.40 -3.29 25.45
C HIS E 256 -21.69 -2.82 26.11
N ALA E 257 -22.56 -2.20 25.34
CA ALA E 257 -23.80 -1.67 25.86
C ALA E 257 -24.94 -2.60 25.49
N GLN E 258 -25.76 -2.96 26.46
CA GLN E 258 -26.92 -3.78 26.18
C GLN E 258 -28.15 -2.90 26.05
N LEU E 259 -29.15 -3.44 25.35
CA LEU E 259 -30.39 -2.74 25.07
C LEU E 259 -31.55 -3.48 25.72
N GLN E 260 -32.77 -3.06 25.40
CA GLN E 260 -33.97 -3.65 25.97
C GLN E 260 -35.00 -3.75 24.86
N GLU E 261 -35.14 -4.94 24.28
CA GLU E 261 -36.14 -5.13 23.23
C GLU E 261 -37.45 -5.60 23.89
N GLY E 262 -38.36 -6.14 23.08
CA GLY E 262 -39.70 -6.44 23.57
C GLY E 262 -39.72 -7.57 24.59
N VAL E 263 -40.65 -7.45 25.54
CA VAL E 263 -40.72 -8.37 26.66
C VAL E 263 -41.49 -9.62 26.26
N LYS E 264 -40.83 -10.77 26.41
CA LYS E 264 -41.38 -12.05 25.98
C LYS E 264 -42.34 -12.56 27.05
N GLN E 265 -43.61 -12.69 26.70
CA GLN E 265 -44.60 -13.25 27.60
C GLN E 265 -44.69 -14.76 27.37
N LYS E 266 -45.17 -15.46 28.41
CA LYS E 266 -45.30 -16.92 28.45
C LYS E 266 -43.97 -17.62 28.17
N ALA E 267 -42.88 -17.08 28.70
CA ALA E 267 -41.57 -17.67 28.50
C ALA E 267 -41.40 -18.93 29.33
N ILE E 268 -40.63 -19.87 28.79
CA ILE E 268 -40.42 -21.17 29.41
C ILE E 268 -38.94 -21.26 29.75
N LEU E 269 -38.59 -21.07 31.01
CA LEU E 269 -37.21 -21.07 31.43
C LEU E 269 -36.86 -22.39 32.11
N ALA E 270 -35.69 -22.93 31.77
CA ALA E 270 -35.20 -24.17 32.34
C ALA E 270 -33.81 -23.96 32.91
N PRO E 271 -33.49 -24.52 34.08
CA PRO E 271 -32.22 -24.22 34.74
C PRO E 271 -31.03 -24.81 33.99
N GLN E 272 -29.84 -24.45 34.49
CA GLN E 272 -28.60 -24.73 33.78
C GLN E 272 -28.25 -26.21 33.83
N GLN E 273 -28.42 -26.83 34.99
CA GLN E 273 -28.01 -28.22 35.15
C GLN E 273 -29.00 -29.18 34.50
N GLY E 274 -30.22 -28.72 34.23
CA GLY E 274 -31.24 -29.62 33.72
C GLY E 274 -31.14 -29.91 32.23
N VAL E 275 -30.52 -29.02 31.46
CA VAL E 275 -30.41 -29.18 30.02
C VAL E 275 -28.96 -29.48 29.67
N THR E 276 -28.76 -30.56 28.93
CA THR E 276 -27.43 -31.01 28.53
C THR E 276 -27.46 -31.39 27.06
N ARG E 277 -26.31 -31.24 26.40
CA ARG E 277 -26.22 -31.57 24.99
C ARG E 277 -25.51 -32.90 24.79
N ASP E 278 -25.63 -33.43 23.57
CA ASP E 278 -25.12 -34.74 23.22
C ASP E 278 -24.52 -34.63 21.81
N LEU E 279 -24.40 -35.78 21.14
CA LEU E 279 -23.99 -35.82 19.74
C LEU E 279 -24.96 -35.02 18.87
N LYS E 280 -24.44 -34.53 17.73
CA LYS E 280 -25.11 -33.59 16.82
C LYS E 280 -25.54 -32.30 17.52
N GLY E 281 -24.82 -31.90 18.57
CA GLY E 281 -25.28 -30.78 19.38
C GLY E 281 -26.53 -31.18 20.12
N GLN E 282 -27.67 -30.59 19.72
CA GLN E 282 -29.01 -31.06 20.07
C GLN E 282 -29.23 -31.10 21.58
N ALA E 283 -29.25 -29.90 22.17
CA ALA E 283 -29.51 -29.76 23.60
C ALA E 283 -30.84 -30.39 23.98
N THR E 284 -30.84 -31.16 25.06
CA THR E 284 -31.96 -32.00 25.44
C THR E 284 -32.17 -31.88 26.94
N ALA E 285 -33.34 -32.34 27.37
CA ALA E 285 -33.69 -32.33 28.79
C ALA E 285 -34.45 -33.61 29.13
N LEU E 286 -34.19 -34.14 30.33
CA LEU E 286 -34.84 -35.35 30.81
C LEU E 286 -36.01 -34.98 31.72
N VAL E 287 -37.21 -35.37 31.32
CA VAL E 287 -38.43 -35.06 32.05
C VAL E 287 -39.09 -36.35 32.49
N VAL E 288 -39.98 -36.25 33.48
CA VAL E 288 -40.75 -37.40 33.92
C VAL E 288 -42.20 -37.22 33.47
N ASN E 289 -42.71 -38.23 32.75
CA ASN E 289 -44.06 -38.17 32.21
C ASN E 289 -45.07 -38.57 33.28
N ALA E 290 -46.32 -38.79 32.86
CA ALA E 290 -47.38 -39.13 33.81
C ALA E 290 -47.22 -40.54 34.37
N GLN E 291 -46.61 -41.44 33.60
CA GLN E 291 -46.44 -42.82 34.01
C GLN E 291 -45.10 -43.07 34.71
N ASN E 292 -44.50 -42.03 35.27
CA ASN E 292 -43.24 -42.05 36.04
C ASN E 292 -42.05 -42.58 35.25
N LYS E 293 -42.09 -42.54 33.93
CA LYS E 293 -40.92 -42.86 33.14
C LYS E 293 -40.16 -41.59 32.78
N VAL E 294 -38.87 -41.73 32.54
CA VAL E 294 -38.10 -40.59 32.08
C VAL E 294 -38.16 -40.55 30.55
N GLU E 295 -37.92 -39.36 30.02
CA GLU E 295 -38.02 -39.14 28.58
C GLU E 295 -37.15 -37.94 28.22
N LEU E 296 -36.29 -38.11 27.23
CA LEU E 296 -35.47 -37.00 26.75
C LEU E 296 -36.23 -36.23 25.68
N ARG E 297 -36.09 -34.91 25.71
CA ARG E 297 -36.77 -34.03 24.77
C ARG E 297 -35.76 -33.06 24.18
N VAL E 298 -35.87 -32.86 22.86
CA VAL E 298 -35.02 -31.88 22.19
C VAL E 298 -35.47 -30.48 22.57
N ILE E 299 -34.52 -29.55 22.57
CA ILE E 299 -34.70 -28.23 23.16
C ILE E 299 -34.11 -27.19 22.22
N LYS E 300 -34.90 -26.18 21.86
CA LYS E 300 -34.41 -25.04 21.11
C LYS E 300 -34.08 -23.93 22.09
N ALA E 301 -32.95 -24.10 22.80
CA ALA E 301 -32.48 -23.11 23.76
C ALA E 301 -31.65 -22.07 23.00
N ASP E 302 -32.34 -20.99 22.60
CA ASP E 302 -31.67 -19.98 21.80
C ASP E 302 -30.74 -19.11 22.64
N ARG E 303 -31.17 -18.77 23.85
CA ARG E 303 -30.33 -17.88 24.66
C ARG E 303 -30.50 -18.18 26.14
N VAL E 304 -29.52 -17.71 26.90
CA VAL E 304 -29.42 -17.91 28.33
C VAL E 304 -29.59 -16.57 29.04
N ILE E 305 -30.45 -16.56 30.05
CA ILE E 305 -30.63 -15.42 30.95
C ILE E 305 -30.21 -15.90 32.33
N GLY E 306 -29.08 -15.41 32.82
CA GLY E 306 -28.60 -15.70 34.16
C GLY E 306 -28.34 -17.16 34.44
N ASP E 307 -29.21 -17.76 35.25
CA ASP E 307 -29.08 -19.17 35.58
C ASP E 307 -29.77 -20.07 34.57
N LYS E 308 -30.74 -19.56 33.82
CA LYS E 308 -31.64 -20.41 33.07
C LYS E 308 -31.48 -20.14 31.58
N TRP E 309 -31.89 -21.11 30.77
CA TRP E 309 -32.06 -20.96 29.34
C TRP E 309 -33.54 -20.73 29.06
N LEU E 310 -33.85 -19.85 28.10
CA LEU E 310 -35.24 -19.74 27.71
C LEU E 310 -35.43 -20.60 26.46
N VAL E 311 -36.37 -21.52 26.53
CA VAL E 311 -36.58 -22.45 25.43
C VAL E 311 -37.78 -21.98 24.61
N THR E 312 -37.87 -22.48 23.38
CA THR E 312 -38.98 -22.15 22.50
C THR E 312 -39.71 -23.37 21.98
N GLU E 313 -39.15 -24.56 22.13
CA GLU E 313 -39.80 -25.78 21.66
C GLU E 313 -39.52 -26.89 22.66
N GLY E 314 -40.19 -28.02 22.45
CA GLY E 314 -39.97 -29.19 23.28
C GLY E 314 -40.64 -29.10 24.62
N LEU E 315 -40.11 -28.24 25.51
CA LEU E 315 -40.67 -28.12 26.84
C LEU E 315 -41.92 -27.26 26.83
N ASN E 316 -42.83 -27.58 27.76
CA ASN E 316 -44.04 -26.80 27.98
C ASN E 316 -44.22 -26.61 29.48
N ALA E 317 -45.15 -25.73 29.83
CA ALA E 317 -45.36 -25.39 31.23
C ALA E 317 -46.01 -26.55 31.98
N GLY E 318 -45.50 -26.82 33.18
CA GLY E 318 -45.98 -27.91 33.98
C GLY E 318 -45.11 -29.16 33.93
N ASP E 319 -44.19 -29.24 32.98
CA ASP E 319 -43.31 -30.40 32.88
C ASP E 319 -42.28 -30.37 34.01
N LYS E 320 -41.83 -31.55 34.40
CA LYS E 320 -40.93 -31.73 35.54
C LYS E 320 -39.61 -32.29 35.05
N ILE E 321 -38.61 -31.43 34.90
CA ILE E 321 -37.30 -31.84 34.41
C ILE E 321 -36.47 -32.42 35.54
N ILE E 322 -35.34 -33.03 35.18
CA ILE E 322 -34.43 -33.64 36.14
C ILE E 322 -33.15 -32.82 36.22
N THR E 323 -32.86 -32.25 37.38
CA THR E 323 -31.64 -31.48 37.58
C THR E 323 -30.62 -32.20 38.46
N GLU E 324 -31.01 -33.25 39.17
CA GLU E 324 -30.08 -33.98 40.02
C GLU E 324 -30.31 -35.47 39.86
N GLY E 325 -29.24 -36.24 40.01
CA GLY E 325 -29.30 -37.67 39.81
C GLY E 325 -29.17 -38.10 38.36
N LEU E 326 -28.62 -37.26 37.49
CA LEU E 326 -28.48 -37.60 36.09
C LEU E 326 -27.36 -38.58 35.80
N GLN E 327 -26.48 -38.82 36.77
CA GLN E 327 -25.36 -39.73 36.55
C GLN E 327 -25.78 -41.19 36.61
N PHE E 328 -26.99 -41.48 37.11
CA PHE E 328 -27.41 -42.85 37.31
C PHE E 328 -28.69 -43.16 36.56
N VAL E 329 -29.51 -42.14 36.31
CA VAL E 329 -30.73 -42.36 35.54
C VAL E 329 -30.37 -42.55 34.08
N GLN E 330 -31.17 -43.37 33.39
CA GLN E 330 -30.95 -43.69 32.00
C GLN E 330 -32.22 -43.38 31.20
N PRO E 331 -32.10 -42.69 30.06
CA PRO E 331 -33.30 -42.24 29.36
C PRO E 331 -34.07 -43.38 28.71
N GLY E 332 -35.39 -43.20 28.63
CA GLY E 332 -36.27 -44.15 28.00
C GLY E 332 -36.71 -45.32 28.85
N VAL E 333 -36.60 -45.22 30.18
CA VAL E 333 -36.96 -46.31 31.07
C VAL E 333 -37.78 -45.73 32.22
N GLU E 334 -38.47 -46.60 32.94
CA GLU E 334 -39.27 -46.20 34.09
C GLU E 334 -38.44 -46.31 35.38
N VAL E 335 -37.44 -45.45 35.49
CA VAL E 335 -36.80 -45.20 36.77
C VAL E 335 -37.82 -44.54 37.69
N LYS E 336 -37.89 -45.04 38.92
CA LYS E 336 -38.94 -44.66 39.86
C LYS E 336 -38.82 -43.19 40.26
N THR E 337 -39.97 -42.54 40.44
CA THR E 337 -40.01 -41.13 40.79
C THR E 337 -39.82 -40.99 42.29
N VAL E 338 -38.67 -40.44 42.69
CA VAL E 338 -38.39 -40.08 44.07
C VAL E 338 -37.96 -38.61 44.08
N PRO E 339 -38.91 -37.68 44.08
CA PRO E 339 -38.56 -36.27 43.82
C PRO E 339 -37.91 -35.58 45.00
N ALA E 340 -37.07 -34.60 44.69
CA ALA E 340 -36.44 -33.72 45.66
C ALA E 340 -36.26 -32.37 44.99
N LYS E 341 -36.98 -31.37 45.48
CA LYS E 341 -37.08 -30.10 44.77
C LYS E 341 -35.90 -29.16 45.04
N ASN E 342 -34.88 -29.62 45.77
CA ASN E 342 -33.75 -28.75 46.09
C ASN E 342 -32.87 -28.54 44.86
N VAL E 343 -32.18 -27.40 44.83
CA VAL E 343 -31.30 -27.06 43.72
C VAL E 343 -29.90 -27.61 43.97
N CYS F 1 -27.18 -87.82 -24.86
CA CYS F 1 -28.31 -88.08 -25.77
C CYS F 1 -29.35 -86.98 -25.65
N GLY F 2 -29.12 -85.86 -26.34
CA GLY F 2 -30.06 -84.75 -26.33
C GLY F 2 -29.61 -83.58 -25.47
N LYS F 3 -30.40 -83.28 -24.43
CA LYS F 3 -30.13 -82.24 -23.43
C LYS F 3 -29.96 -80.86 -24.07
N SER F 4 -31.05 -80.36 -24.66
CA SER F 4 -31.00 -79.04 -25.28
C SER F 4 -31.16 -77.93 -24.25
N GLU F 5 -32.34 -77.84 -23.63
CA GLU F 5 -32.74 -76.79 -22.68
C GLU F 5 -32.43 -75.38 -23.20
N ALA F 6 -32.92 -75.09 -24.40
CA ALA F 6 -32.63 -73.83 -25.04
C ALA F 6 -33.45 -72.70 -24.41
N PRO F 7 -32.86 -71.53 -24.20
CA PRO F 7 -33.63 -70.39 -23.69
C PRO F 7 -34.52 -69.80 -24.77
N PRO F 8 -35.60 -69.11 -24.40
CA PRO F 8 -36.43 -68.45 -25.40
C PRO F 8 -35.70 -67.30 -26.04
N PRO F 9 -35.72 -67.21 -27.38
CA PRO F 9 -34.98 -66.14 -28.06
C PRO F 9 -35.75 -64.83 -28.17
N ALA F 10 -37.06 -64.88 -27.93
CA ALA F 10 -37.92 -63.71 -28.05
C ALA F 10 -37.77 -62.85 -26.80
N GLN F 11 -37.23 -61.65 -26.95
CA GLN F 11 -37.13 -60.71 -25.84
C GLN F 11 -38.02 -59.49 -26.03
N THR F 12 -37.84 -58.72 -27.14
CA THR F 12 -38.41 -57.41 -27.50
C THR F 12 -38.63 -56.53 -26.27
N PRO F 13 -37.56 -56.04 -25.66
CA PRO F 13 -37.64 -55.56 -24.27
C PRO F 13 -38.38 -54.24 -24.13
N GLU F 14 -38.99 -54.08 -22.97
CA GLU F 14 -39.79 -52.90 -22.66
C GLU F 14 -38.89 -51.73 -22.24
N VAL F 15 -39.39 -50.51 -22.44
CA VAL F 15 -38.73 -49.31 -21.96
C VAL F 15 -39.77 -48.45 -21.27
N GLY F 16 -39.30 -47.56 -20.39
CA GLY F 16 -40.19 -46.57 -19.80
C GLY F 16 -40.31 -45.36 -20.71
N ILE F 17 -41.53 -44.90 -20.93
CA ILE F 17 -41.78 -43.84 -21.90
C ILE F 17 -42.58 -42.73 -21.24
N VAL F 18 -42.08 -41.51 -21.35
CA VAL F 18 -42.86 -40.30 -21.09
C VAL F 18 -43.05 -39.59 -22.42
N THR F 19 -44.28 -39.15 -22.70
CA THR F 19 -44.58 -38.44 -23.93
C THR F 19 -44.57 -36.95 -23.67
N LEU F 20 -43.93 -36.19 -24.55
CA LEU F 20 -43.75 -34.77 -24.35
C LEU F 20 -44.89 -33.98 -24.96
N GLU F 21 -45.21 -32.87 -24.32
CA GLU F 21 -46.17 -31.92 -24.84
C GLU F 21 -45.65 -30.52 -24.58
N ALA F 22 -46.11 -29.57 -25.39
CA ALA F 22 -45.59 -28.22 -25.29
C ALA F 22 -46.32 -27.44 -24.21
N GLN F 23 -45.62 -26.44 -23.66
CA GLN F 23 -46.16 -25.59 -22.62
C GLN F 23 -45.38 -24.29 -22.59
N THR F 24 -46.04 -23.21 -22.18
CA THR F 24 -45.39 -21.93 -22.04
C THR F 24 -44.69 -21.86 -20.68
N VAL F 25 -43.57 -21.16 -20.65
CA VAL F 25 -42.77 -21.06 -19.43
C VAL F 25 -42.06 -19.70 -19.44
N THR F 26 -42.01 -19.08 -18.27
CA THR F 26 -41.29 -17.83 -18.09
C THR F 26 -39.89 -18.10 -17.58
N LEU F 27 -39.06 -17.06 -17.61
CA LEU F 27 -37.69 -17.14 -17.15
C LEU F 27 -37.41 -15.97 -16.22
N ASN F 28 -36.85 -16.25 -15.05
CA ASN F 28 -36.51 -15.21 -14.10
C ASN F 28 -35.03 -15.23 -13.80
N THR F 29 -34.55 -14.13 -13.21
CA THR F 29 -33.14 -14.02 -12.89
C THR F 29 -32.98 -13.18 -11.62
N GLU F 30 -32.26 -13.73 -10.65
CA GLU F 30 -31.95 -13.03 -9.41
C GLU F 30 -30.58 -12.39 -9.52
N LEU F 31 -30.51 -11.09 -9.28
CA LEU F 31 -29.29 -10.32 -9.41
C LEU F 31 -29.04 -9.51 -8.15
N PRO F 32 -27.78 -9.33 -7.77
CA PRO F 32 -27.48 -8.59 -6.54
C PRO F 32 -27.54 -7.09 -6.75
N GLY F 33 -27.94 -6.38 -5.70
CA GLY F 33 -27.98 -4.94 -5.76
C GLY F 33 -27.97 -4.31 -4.37
N ARG F 34 -27.74 -3.00 -4.38
CA ARG F 34 -27.73 -2.19 -3.17
C ARG F 34 -28.88 -1.20 -3.21
N THR F 35 -29.20 -0.65 -2.04
CA THR F 35 -30.22 0.37 -1.93
C THR F 35 -29.58 1.75 -1.89
N ASN F 36 -30.34 2.74 -2.34
CA ASN F 36 -29.90 4.12 -2.38
C ASN F 36 -31.08 5.01 -2.07
N ALA F 37 -30.83 6.10 -1.36
CA ALA F 37 -31.90 7.02 -1.02
C ALA F 37 -32.30 7.83 -2.24
N PHE F 38 -33.54 8.33 -2.22
CA PHE F 38 -34.04 9.10 -3.35
C PHE F 38 -33.37 10.45 -3.46
N ARG F 39 -33.11 11.10 -2.34
CA ARG F 39 -32.42 12.39 -2.32
C ARG F 39 -31.53 12.43 -1.09
N ILE F 40 -30.22 12.55 -1.32
CA ILE F 40 -29.24 12.69 -0.25
C ILE F 40 -28.64 14.08 -0.36
N ALA F 41 -28.54 14.76 0.78
CA ALA F 41 -27.95 16.10 0.79
C ALA F 41 -27.09 16.19 2.04
N GLU F 42 -25.79 16.29 1.86
CA GLU F 42 -24.88 16.53 2.97
C GLU F 42 -24.82 18.04 3.17
N VAL F 43 -25.05 18.50 4.40
CA VAL F 43 -25.01 19.93 4.63
C VAL F 43 -23.56 20.38 4.73
N ARG F 44 -23.19 21.32 3.87
CA ARG F 44 -21.84 21.83 3.83
C ARG F 44 -21.87 23.33 4.02
N PRO F 45 -20.96 23.88 4.80
CA PRO F 45 -21.01 25.32 5.10
C PRO F 45 -20.55 26.14 3.91
N GLN F 46 -21.25 27.23 3.67
CA GLN F 46 -20.93 28.14 2.58
C GLN F 46 -20.23 29.40 3.07
N VAL F 47 -19.89 29.47 4.36
CA VAL F 47 -19.16 30.60 4.92
C VAL F 47 -18.13 30.06 5.91
N ASN F 48 -17.25 30.95 6.36
CA ASN F 48 -16.28 30.61 7.39
C ASN F 48 -16.86 30.93 8.76
N GLY F 49 -16.43 30.19 9.77
CA GLY F 49 -16.78 30.59 11.12
C GLY F 49 -16.80 29.42 12.08
N ILE F 50 -16.96 29.75 13.36
CA ILE F 50 -17.06 28.79 14.45
C ILE F 50 -18.53 28.51 14.72
N ILE F 51 -18.87 27.23 14.82
CA ILE F 51 -20.24 26.80 15.11
C ILE F 51 -20.58 27.24 16.54
N LEU F 52 -21.57 28.12 16.67
CA LEU F 52 -22.03 28.51 18.00
C LEU F 52 -22.98 27.47 18.59
N LYS F 53 -23.95 27.02 17.80
CA LYS F 53 -25.02 26.19 18.36
C LYS F 53 -25.65 25.28 17.32
N ARG F 54 -25.74 23.99 17.64
CA ARG F 54 -26.56 23.08 16.87
C ARG F 54 -28.02 23.29 17.23
N LEU F 55 -28.87 23.36 16.22
CA LEU F 55 -30.26 23.75 16.41
C LEU F 55 -31.22 22.70 15.88
N PHE F 56 -30.86 21.42 16.01
CA PHE F 56 -31.80 20.37 15.64
C PHE F 56 -31.54 19.15 16.52
N LYS F 57 -32.61 18.43 16.81
CA LYS F 57 -32.50 17.16 17.52
C LYS F 57 -32.07 16.08 16.53
N GLU F 58 -31.06 15.31 16.91
CA GLU F 58 -30.49 14.32 16.00
C GLU F 58 -31.47 13.16 15.77
N GLY F 59 -31.39 12.59 14.58
CA GLY F 59 -32.23 11.45 14.24
C GLY F 59 -33.68 11.79 13.99
N SER F 60 -34.04 13.05 13.82
CA SER F 60 -35.40 13.45 13.56
C SER F 60 -35.57 13.85 12.09
N ASP F 61 -36.81 14.12 11.73
CA ASP F 61 -37.10 14.64 10.40
C ASP F 61 -37.13 16.16 10.44
N VAL F 62 -36.57 16.77 9.40
CA VAL F 62 -36.49 18.21 9.27
C VAL F 62 -37.17 18.62 7.98
N LYS F 63 -37.71 19.84 7.96
CA LYS F 63 -38.34 20.39 6.78
C LYS F 63 -37.38 21.30 6.05
N ALA F 64 -37.75 21.65 4.81
CA ALA F 64 -36.91 22.52 4.00
C ALA F 64 -36.92 23.94 4.55
N GLY F 65 -35.71 24.49 4.73
CA GLY F 65 -35.57 25.82 5.28
C GLY F 65 -35.39 25.89 6.78
N GLN F 66 -35.37 24.75 7.46
CA GLN F 66 -35.17 24.76 8.90
C GLN F 66 -33.70 25.06 9.22
N GLN F 67 -33.49 26.01 10.13
CA GLN F 67 -32.14 26.37 10.53
C GLN F 67 -31.49 25.24 11.31
N LEU F 68 -30.27 24.90 10.95
CA LEU F 68 -29.55 23.81 11.59
C LEU F 68 -28.41 24.27 12.48
N TYR F 69 -27.59 25.22 12.01
CA TYR F 69 -26.49 25.73 12.82
C TYR F 69 -26.36 27.23 12.63
N GLN F 70 -25.88 27.90 13.68
CA GLN F 70 -25.45 29.28 13.62
C GLN F 70 -23.93 29.31 13.58
N ILE F 71 -23.37 30.07 12.64
CA ILE F 71 -21.93 30.03 12.40
C ILE F 71 -21.25 31.35 12.78
N ASP F 72 -21.81 32.10 13.75
CA ASP F 72 -21.22 33.27 14.40
C ASP F 72 -20.82 34.34 13.40
N PRO F 73 -21.77 35.05 12.78
CA PRO F 73 -21.41 35.88 11.62
C PRO F 73 -20.48 37.06 11.89
N ALA F 74 -20.99 38.14 12.50
CA ALA F 74 -20.29 39.35 12.94
C ALA F 74 -19.57 40.14 11.85
N THR F 75 -19.20 39.49 10.76
CA THR F 75 -18.47 40.04 9.63
C THR F 75 -19.40 40.26 8.46
N TYR F 76 -20.23 39.26 8.19
CA TYR F 76 -21.42 39.45 7.39
C TYR F 76 -22.35 40.47 8.04
N GLU F 77 -22.40 40.49 9.38
CA GLU F 77 -23.14 41.53 10.09
C GLU F 77 -22.50 42.91 9.87
N ALA F 78 -21.17 42.98 9.94
CA ALA F 78 -20.48 44.26 9.76
C ALA F 78 -20.67 44.83 8.35
N ASP F 79 -20.42 44.02 7.32
CA ASP F 79 -20.54 44.57 5.98
C ASP F 79 -22.00 44.70 5.54
N TYR F 80 -22.90 43.93 6.16
CA TYR F 80 -24.33 44.16 5.95
C TYR F 80 -24.76 45.51 6.52
N GLN F 81 -24.21 45.87 7.68
CA GLN F 81 -24.49 47.19 8.24
C GLN F 81 -23.92 48.31 7.38
N SER F 82 -22.73 48.09 6.81
CA SER F 82 -22.13 49.11 5.95
C SER F 82 -22.93 49.30 4.67
N ALA F 83 -23.35 48.19 4.04
CA ALA F 83 -24.19 48.29 2.86
C ALA F 83 -25.56 48.87 3.19
N GLN F 84 -26.06 48.62 4.40
CA GLN F 84 -27.34 49.21 4.82
C GLN F 84 -27.23 50.71 4.98
N ALA F 85 -26.08 51.19 5.47
CA ALA F 85 -25.87 52.64 5.59
C ALA F 85 -25.78 53.29 4.21
N ASN F 86 -25.08 52.64 3.28
CA ASN F 86 -24.98 53.17 1.92
C ASN F 86 -26.34 53.18 1.23
N LEU F 87 -27.15 52.16 1.48
CA LEU F 87 -28.51 52.13 0.94
C LEU F 87 -29.38 53.22 1.55
N ALA F 88 -29.21 53.47 2.86
CA ALA F 88 -30.01 54.49 3.53
C ALA F 88 -29.67 55.88 3.05
N SER F 89 -28.43 56.10 2.59
CA SER F 89 -28.14 57.39 1.97
C SER F 89 -28.68 57.48 0.55
N THR F 90 -28.37 56.48 -0.28
CA THR F 90 -28.68 56.58 -1.70
C THR F 90 -30.17 56.48 -1.98
N GLN F 91 -30.94 55.84 -1.09
CA GLN F 91 -32.38 55.71 -1.32
C GLN F 91 -33.09 57.04 -1.14
N GLU F 92 -32.75 57.78 -0.08
CA GLU F 92 -33.37 59.08 0.10
C GLU F 92 -32.84 60.09 -0.90
N GLN F 93 -31.60 59.93 -1.37
CA GLN F 93 -31.13 60.77 -2.47
C GLN F 93 -31.92 60.53 -3.75
N ALA F 94 -32.18 59.26 -4.07
CA ALA F 94 -32.96 58.94 -5.26
C ALA F 94 -34.41 59.40 -5.12
N GLN F 95 -34.94 59.36 -3.90
CA GLN F 95 -36.31 59.84 -3.67
C GLN F 95 -36.41 61.35 -3.84
N ARG F 96 -35.41 62.09 -3.33
CA ARG F 96 -35.40 63.53 -3.48
C ARG F 96 -35.24 63.93 -4.94
N TYR F 97 -34.41 63.20 -5.69
CA TYR F 97 -34.27 63.53 -7.11
C TYR F 97 -35.50 63.12 -7.90
N LYS F 98 -36.20 62.07 -7.47
CA LYS F 98 -37.46 61.70 -8.10
C LYS F 98 -38.53 62.75 -7.85
N LEU F 99 -38.51 63.38 -6.68
CA LEU F 99 -39.43 64.49 -6.42
C LEU F 99 -39.07 65.71 -7.26
N LEU F 100 -37.76 66.00 -7.38
CA LEU F 100 -37.36 67.23 -8.05
C LEU F 100 -37.43 67.12 -9.57
N VAL F 101 -37.42 65.91 -10.12
CA VAL F 101 -37.39 65.75 -11.56
C VAL F 101 -38.75 66.04 -12.20
N ALA F 102 -39.81 66.13 -11.40
CA ALA F 102 -41.14 66.35 -11.95
C ALA F 102 -41.31 67.78 -12.45
N ASP F 103 -40.75 68.75 -11.73
CA ASP F 103 -40.83 70.15 -12.11
C ASP F 103 -39.50 70.66 -12.64
N GLN F 104 -38.64 69.76 -13.13
CA GLN F 104 -37.41 70.05 -13.85
C GLN F 104 -36.39 70.85 -13.05
N ALA F 105 -36.40 70.71 -11.71
CA ALA F 105 -35.36 71.33 -10.92
C ALA F 105 -34.01 70.64 -11.10
N VAL F 106 -34.02 69.37 -11.49
CA VAL F 106 -32.82 68.65 -11.87
C VAL F 106 -33.06 68.01 -13.24
N SER F 107 -31.97 67.77 -13.97
CA SER F 107 -32.10 67.11 -15.26
C SER F 107 -32.42 65.63 -15.06
N LYS F 108 -33.05 65.03 -16.05
CA LYS F 108 -33.46 63.63 -15.93
C LYS F 108 -32.29 62.67 -15.96
N GLN F 109 -31.16 63.08 -16.53
CA GLN F 109 -29.94 62.28 -16.42
C GLN F 109 -29.45 62.25 -14.98
N GLN F 110 -29.54 63.39 -14.29
CA GLN F 110 -29.16 63.47 -12.89
C GLN F 110 -30.09 62.68 -11.99
N TYR F 111 -31.30 62.40 -12.44
CA TYR F 111 -32.18 61.48 -11.73
C TYR F 111 -31.88 60.03 -12.08
N ALA F 112 -31.55 59.77 -13.34
CA ALA F 112 -31.35 58.39 -13.80
C ALA F 112 -30.09 57.77 -13.20
N ASP F 113 -29.00 58.54 -13.12
CA ASP F 113 -27.79 57.96 -12.58
C ASP F 113 -27.87 57.77 -11.06
N ALA F 114 -28.61 58.66 -10.38
CA ALA F 114 -28.84 58.48 -8.95
C ALA F 114 -29.73 57.28 -8.68
N ASN F 115 -30.73 57.06 -9.54
CA ASN F 115 -31.56 55.87 -9.45
C ASN F 115 -30.75 54.60 -9.70
N ALA F 116 -29.80 54.67 -10.64
CA ALA F 116 -28.93 53.53 -10.91
C ALA F 116 -28.01 53.25 -9.72
N ALA F 117 -27.50 54.30 -9.07
CA ALA F 117 -26.66 54.09 -7.89
C ALA F 117 -27.46 53.52 -6.73
N TYR F 118 -28.71 53.95 -6.59
CA TYR F 118 -29.60 53.38 -5.58
C TYR F 118 -29.87 51.90 -5.85
N LEU F 119 -30.07 51.54 -7.12
CA LEU F 119 -30.31 50.14 -7.45
C LEU F 119 -29.07 49.28 -7.23
N GLN F 120 -27.89 49.84 -7.52
CA GLN F 120 -26.64 49.13 -7.26
C GLN F 120 -26.43 48.90 -5.78
N SER F 121 -26.73 49.91 -4.96
CA SER F 121 -26.59 49.74 -3.52
C SER F 121 -27.61 48.76 -2.98
N LYS F 122 -28.80 48.70 -3.58
CA LYS F 122 -29.80 47.72 -3.19
C LYS F 122 -29.35 46.30 -3.54
N ALA F 123 -28.69 46.14 -4.68
CA ALA F 123 -28.17 44.82 -5.06
C ALA F 123 -27.03 44.40 -4.13
N ALA F 124 -26.21 45.35 -3.70
CA ALA F 124 -25.16 45.03 -2.73
C ALA F 124 -25.75 44.63 -1.39
N VAL F 125 -26.82 45.29 -0.97
CA VAL F 125 -27.55 44.91 0.23
C VAL F 125 -28.14 43.51 0.09
N GLU F 126 -28.62 43.17 -1.11
CA GLU F 126 -29.16 41.83 -1.36
C GLU F 126 -28.09 40.76 -1.25
N GLN F 127 -26.88 41.04 -1.76
CA GLN F 127 -25.80 40.06 -1.66
C GLN F 127 -25.32 39.91 -0.22
N ALA F 128 -25.26 41.00 0.54
CA ALA F 128 -24.91 40.90 1.95
C ALA F 128 -25.99 40.18 2.74
N ARG F 129 -27.24 40.31 2.31
CA ARG F 129 -28.34 39.57 2.94
C ARG F 129 -28.23 38.08 2.65
N ILE F 130 -27.77 37.73 1.45
CA ILE F 130 -27.55 36.32 1.12
C ILE F 130 -26.44 35.73 1.98
N ASN F 131 -25.34 36.46 2.12
CA ASN F 131 -24.23 35.99 2.96
C ASN F 131 -24.63 35.94 4.44
N LEU F 132 -25.55 36.80 4.86
CA LEU F 132 -26.08 36.69 6.21
C LEU F 132 -27.07 35.53 6.33
N ARG F 133 -27.69 35.14 5.22
CA ARG F 133 -28.59 33.99 5.25
C ARG F 133 -27.83 32.68 5.26
N TYR F 134 -26.57 32.70 4.82
CA TYR F 134 -25.78 31.46 4.83
C TYR F 134 -25.36 31.06 6.24
N THR F 135 -25.16 32.03 7.13
CA THR F 135 -24.60 31.73 8.44
C THR F 135 -25.62 31.12 9.39
N LYS F 136 -26.90 31.15 9.03
CA LYS F 136 -27.91 30.32 9.68
C LYS F 136 -28.25 29.27 8.65
N VAL F 137 -27.54 28.14 8.72
CA VAL F 137 -27.55 27.21 7.59
C VAL F 137 -28.87 26.45 7.58
N LEU F 138 -29.55 26.48 6.44
CA LEU F 138 -30.85 25.86 6.29
C LEU F 138 -30.72 24.51 5.61
N SER F 139 -31.61 23.60 5.97
CA SER F 139 -31.64 22.31 5.31
C SER F 139 -32.20 22.48 3.91
N PRO F 140 -31.48 22.05 2.87
CA PRO F 140 -31.95 22.28 1.51
C PRO F 140 -33.13 21.42 1.11
N ILE F 141 -33.34 20.28 1.76
CA ILE F 141 -34.46 19.40 1.49
C ILE F 141 -35.04 18.93 2.82
N SER F 142 -36.22 18.34 2.75
CA SER F 142 -36.84 17.75 3.92
C SER F 142 -36.56 16.26 3.97
N GLY F 143 -36.36 15.73 5.17
CA GLY F 143 -36.08 14.33 5.32
C GLY F 143 -35.45 14.04 6.67
N ARG F 144 -34.97 12.80 6.81
CA ARG F 144 -34.37 12.37 8.06
C ARG F 144 -32.93 12.86 8.14
N ILE F 145 -32.57 13.42 9.29
CA ILE F 145 -31.21 13.90 9.54
C ILE F 145 -30.43 12.80 10.24
N GLY F 146 -29.13 12.81 10.05
CA GLY F 146 -28.24 11.86 10.69
C GLY F 146 -27.58 12.44 11.92
N ARG F 147 -26.31 12.07 12.12
CA ARG F 147 -25.53 12.64 13.21
C ARG F 147 -24.84 13.91 12.75
N SER F 148 -24.55 14.79 13.69
CA SER F 148 -23.73 15.96 13.42
C SER F 148 -22.27 15.54 13.53
N ALA F 149 -21.56 15.57 12.39
CA ALA F 149 -20.16 15.16 12.39
C ALA F 149 -19.28 16.17 13.10
N VAL F 150 -19.70 17.43 13.16
CA VAL F 150 -19.03 18.45 13.95
C VAL F 150 -20.04 19.02 14.94
N THR F 151 -19.55 19.42 16.11
CA THR F 151 -20.40 19.99 17.14
C THR F 151 -20.10 21.47 17.29
N GLU F 152 -20.73 22.08 18.30
CA GLU F 152 -20.51 23.50 18.57
C GLU F 152 -19.10 23.74 19.07
N GLY F 153 -18.52 24.84 18.63
CA GLY F 153 -17.14 25.15 18.92
C GLY F 153 -16.17 24.74 17.83
N ALA F 154 -16.64 24.11 16.76
CA ALA F 154 -15.79 23.66 15.68
C ALA F 154 -15.72 24.73 14.59
N LEU F 155 -14.53 24.89 14.02
CA LEU F 155 -14.33 25.84 12.94
C LEU F 155 -14.59 25.18 11.59
N VAL F 156 -15.39 25.84 10.76
CA VAL F 156 -15.71 25.33 9.44
C VAL F 156 -15.38 26.40 8.41
N THR F 157 -14.98 25.96 7.22
CA THR F 157 -14.59 26.83 6.13
C THR F 157 -15.59 26.74 5.00
N ASN F 158 -15.47 27.68 4.06
CA ASN F 158 -16.39 27.74 2.94
C ASN F 158 -16.09 26.63 1.94
N GLY F 159 -17.09 25.78 1.71
CA GLY F 159 -16.98 24.75 0.70
C GLY F 159 -15.98 23.65 1.03
N GLN F 160 -15.91 23.25 2.30
CA GLN F 160 -14.99 22.19 2.68
C GLN F 160 -15.49 20.84 2.19
N ALA F 161 -14.59 19.86 2.14
CA ALA F 161 -14.92 18.57 1.56
C ALA F 161 -15.75 17.73 2.52
N ASN F 162 -15.32 17.63 3.78
CA ASN F 162 -16.04 16.82 4.75
C ASN F 162 -17.33 17.51 5.16
N ALA F 163 -18.36 16.70 5.37
CA ALA F 163 -19.68 17.22 5.64
C ALA F 163 -19.89 17.45 7.13
N MET F 164 -20.95 18.19 7.45
CA MET F 164 -21.33 18.43 8.83
C MET F 164 -22.39 17.44 9.29
N ALA F 165 -23.39 17.21 8.47
CA ALA F 165 -24.42 16.20 8.70
C ALA F 165 -25.01 15.83 7.35
N THR F 166 -25.98 14.95 7.36
CA THR F 166 -26.61 14.53 6.12
C THR F 166 -28.11 14.33 6.33
N VAL F 167 -28.90 14.83 5.39
CA VAL F 167 -30.34 14.64 5.39
C VAL F 167 -30.70 13.84 4.15
N GLN F 168 -31.55 12.84 4.34
CA GLN F 168 -31.91 11.96 3.24
C GLN F 168 -33.40 11.69 3.25
N GLN F 169 -33.96 11.59 2.06
CA GLN F 169 -35.38 11.32 1.87
C GLN F 169 -35.56 9.83 1.63
N LEU F 170 -36.31 9.16 2.52
CA LEU F 170 -36.35 7.71 2.55
C LEU F 170 -37.39 7.10 1.63
N ASP F 171 -38.23 7.90 0.97
CA ASP F 171 -39.26 7.34 0.11
C ASP F 171 -39.32 8.15 -1.19
N PRO F 172 -39.24 7.50 -2.35
CA PRO F 172 -39.02 6.06 -2.59
C PRO F 172 -37.57 5.65 -2.42
N ILE F 173 -37.24 4.42 -2.82
CA ILE F 173 -35.89 3.88 -2.66
C ILE F 173 -35.40 3.41 -4.01
N TYR F 174 -34.23 3.89 -4.42
CA TYR F 174 -33.57 3.35 -5.61
C TYR F 174 -32.87 2.05 -5.25
N VAL F 175 -32.87 1.12 -6.20
CA VAL F 175 -32.11 -0.11 -6.08
C VAL F 175 -31.18 -0.16 -7.27
N ASP F 176 -29.88 -0.05 -7.02
CA ASP F 176 -28.86 -0.15 -8.05
C ASP F 176 -28.40 -1.61 -8.07
N VAL F 177 -28.76 -2.32 -9.12
CA VAL F 177 -28.60 -3.76 -9.20
C VAL F 177 -27.78 -4.09 -10.44
N THR F 178 -26.74 -4.90 -10.25
CA THR F 178 -25.75 -5.10 -11.30
C THR F 178 -26.01 -6.40 -12.06
N GLN F 179 -25.35 -6.51 -13.22
CA GLN F 179 -25.51 -7.69 -14.08
C GLN F 179 -24.30 -7.79 -14.99
N PRO F 180 -23.68 -8.96 -15.11
CA PRO F 180 -22.50 -9.08 -15.98
C PRO F 180 -22.83 -8.91 -17.45
N SER F 181 -21.86 -8.37 -18.19
CA SER F 181 -22.11 -7.94 -19.56
C SER F 181 -22.32 -9.12 -20.50
N THR F 182 -21.64 -10.24 -20.23
CA THR F 182 -21.77 -11.40 -21.10
C THR F 182 -23.14 -12.06 -20.96
N ALA F 183 -23.76 -11.95 -19.78
CA ALA F 183 -25.11 -12.49 -19.59
C ALA F 183 -26.12 -11.67 -20.37
N LEU F 184 -25.98 -10.34 -20.32
CA LEU F 184 -26.83 -9.46 -21.11
C LEU F 184 -26.59 -9.65 -22.61
N LEU F 185 -25.35 -9.94 -22.99
CA LEU F 185 -25.05 -10.20 -24.40
C LEU F 185 -25.69 -11.50 -24.87
N ARG F 186 -25.66 -12.53 -24.03
CA ARG F 186 -26.28 -13.80 -24.38
C ARG F 186 -27.80 -13.66 -24.44
N LEU F 187 -28.38 -12.88 -23.53
CA LEU F 187 -29.83 -12.66 -23.54
C LEU F 187 -30.24 -11.85 -24.77
N ARG F 188 -29.45 -10.87 -25.16
CA ARG F 188 -29.73 -10.08 -26.35
C ARG F 188 -29.60 -10.92 -27.62
N ARG F 189 -28.62 -11.82 -27.65
CA ARG F 189 -28.45 -12.69 -28.82
C ARG F 189 -29.58 -13.71 -28.90
N GLU F 190 -30.01 -14.26 -27.77
CA GLU F 190 -31.08 -15.24 -27.80
C GLU F 190 -32.44 -14.60 -27.96
N LEU F 191 -32.55 -13.29 -27.73
CA LEU F 191 -33.85 -12.64 -27.83
C LEU F 191 -34.24 -12.40 -29.28
N ALA F 192 -33.43 -11.61 -30.00
CA ALA F 192 -33.80 -11.15 -31.32
C ALA F 192 -33.40 -12.11 -32.44
N SER F 193 -32.98 -13.33 -32.12
CA SER F 193 -32.55 -14.28 -33.14
C SER F 193 -32.95 -15.69 -32.74
N GLY F 194 -33.48 -16.44 -33.71
CA GLY F 194 -33.73 -17.86 -33.54
C GLY F 194 -34.78 -18.21 -32.52
N GLN F 195 -34.31 -18.72 -31.38
CA GLN F 195 -35.19 -19.15 -30.30
C GLN F 195 -35.96 -17.97 -29.71
N LEU F 196 -37.21 -18.22 -29.36
CA LEU F 196 -38.11 -17.15 -28.94
C LEU F 196 -37.80 -16.74 -27.50
N GLU F 197 -37.81 -15.43 -27.26
CA GLU F 197 -37.76 -14.92 -25.89
C GLU F 197 -38.97 -14.09 -25.52
N ARG F 198 -39.28 -13.05 -26.32
CA ARG F 198 -40.54 -12.29 -26.27
C ARG F 198 -40.78 -11.66 -24.90
N ALA F 199 -39.98 -10.61 -24.63
CA ALA F 199 -40.02 -9.77 -23.42
C ALA F 199 -41.42 -9.46 -22.91
N GLY F 200 -42.28 -8.95 -23.79
CA GLY F 200 -43.73 -8.99 -23.59
C GLY F 200 -44.32 -8.23 -22.42
N ASP F 201 -44.25 -6.89 -22.46
CA ASP F 201 -44.91 -5.90 -21.60
C ASP F 201 -44.98 -6.22 -20.10
N ASN F 202 -43.94 -6.85 -19.56
CA ASN F 202 -43.90 -7.12 -18.13
C ASN F 202 -42.50 -6.92 -17.55
N ALA F 203 -41.57 -6.37 -18.32
CA ALA F 203 -40.21 -6.19 -17.83
C ALA F 203 -40.09 -5.06 -16.82
N ALA F 204 -41.11 -4.23 -16.68
CA ALA F 204 -41.05 -3.15 -15.70
C ALA F 204 -41.22 -3.68 -14.28
N LYS F 205 -42.04 -4.72 -14.11
CA LYS F 205 -42.32 -5.24 -12.78
C LYS F 205 -41.14 -6.03 -12.25
N VAL F 206 -40.61 -5.60 -11.11
CA VAL F 206 -39.58 -6.35 -10.40
C VAL F 206 -40.01 -6.50 -8.95
N SER F 207 -39.69 -7.64 -8.36
CA SER F 207 -40.04 -7.95 -6.98
C SER F 207 -38.75 -8.37 -6.27
N LEU F 208 -38.20 -7.47 -5.47
CA LEU F 208 -36.92 -7.73 -4.83
C LEU F 208 -37.12 -8.58 -3.59
N LYS F 209 -36.03 -9.22 -3.18
CA LYS F 209 -36.02 -10.12 -2.02
C LYS F 209 -34.93 -9.67 -1.06
N LEU F 210 -35.21 -9.77 0.23
CA LEU F 210 -34.27 -9.35 1.25
C LEU F 210 -33.14 -10.36 1.40
N GLU F 211 -32.27 -10.11 2.37
CA GLU F 211 -31.08 -10.92 2.54
C GLU F 211 -31.41 -12.31 3.10
N ASP F 212 -32.47 -12.41 3.89
CA ASP F 212 -32.84 -13.66 4.53
C ASP F 212 -33.93 -14.40 3.77
N GLY F 213 -34.03 -14.22 2.46
CA GLY F 213 -35.05 -14.86 1.67
C GLY F 213 -36.44 -14.29 1.84
N SER F 214 -36.59 -13.17 2.55
CA SER F 214 -37.90 -12.60 2.79
C SER F 214 -38.36 -11.82 1.57
N GLN F 215 -39.53 -12.18 1.05
CA GLN F 215 -40.07 -11.46 -0.08
C GLN F 215 -40.67 -10.14 0.37
N TYR F 216 -40.24 -9.06 -0.25
CA TYR F 216 -40.81 -7.76 0.03
C TYR F 216 -42.19 -7.67 -0.60
N PRO F 217 -43.20 -7.14 0.11
CA PRO F 217 -44.58 -7.19 -0.40
C PRO F 217 -44.84 -6.32 -1.62
N LEU F 218 -44.40 -5.06 -1.59
CA LEU F 218 -44.67 -4.16 -2.69
C LEU F 218 -43.73 -4.41 -3.85
N GLU F 219 -44.26 -4.27 -5.06
CA GLU F 219 -43.45 -4.38 -6.26
C GLU F 219 -43.10 -3.00 -6.78
N GLY F 220 -42.09 -2.92 -7.63
CA GLY F 220 -41.60 -1.66 -8.12
C GLY F 220 -41.30 -1.70 -9.60
N ARG F 221 -41.00 -0.52 -10.14
CA ARG F 221 -40.76 -0.37 -11.56
C ARG F 221 -39.26 -0.36 -11.86
N LEU F 222 -38.95 -0.60 -13.13
CA LEU F 222 -37.58 -0.59 -13.61
C LEU F 222 -37.37 0.61 -14.53
N GLU F 223 -36.26 1.30 -14.34
CA GLU F 223 -35.89 2.41 -15.22
C GLU F 223 -34.38 2.31 -15.49
N PHE F 224 -34.02 2.14 -16.75
CA PHE F 224 -32.62 1.99 -17.11
C PHE F 224 -31.91 3.33 -17.01
N SER F 225 -30.74 3.34 -16.37
CA SER F 225 -30.08 4.62 -16.11
C SER F 225 -28.57 4.56 -16.30
N GLU F 226 -28.01 3.45 -16.79
CA GLU F 226 -26.56 3.32 -16.91
C GLU F 226 -26.21 2.35 -18.03
N VAL F 227 -25.78 2.90 -19.17
CA VAL F 227 -25.26 2.05 -20.24
C VAL F 227 -23.77 2.33 -20.45
N SER F 228 -22.95 1.63 -19.66
CA SER F 228 -21.49 1.60 -19.76
C SER F 228 -21.01 0.43 -18.93
N VAL F 229 -20.36 -0.55 -19.55
CA VAL F 229 -19.88 -1.70 -18.80
C VAL F 229 -18.65 -1.28 -17.99
N ASP F 230 -18.63 -1.67 -16.71
CA ASP F 230 -17.59 -1.23 -15.81
C ASP F 230 -16.26 -1.90 -16.15
N GLU F 231 -15.17 -1.14 -16.02
CA GLU F 231 -13.85 -1.65 -16.36
C GLU F 231 -13.38 -2.69 -15.36
N GLY F 232 -13.68 -2.49 -14.08
CA GLY F 232 -13.23 -3.40 -13.05
C GLY F 232 -13.97 -4.71 -13.02
N THR F 233 -15.30 -4.66 -12.92
CA THR F 233 -16.09 -5.87 -12.76
C THR F 233 -16.54 -6.48 -14.08
N GLY F 234 -16.61 -5.69 -15.15
CA GLY F 234 -17.16 -6.22 -16.38
C GLY F 234 -18.66 -6.41 -16.31
N SER F 235 -19.36 -5.50 -15.63
CA SER F 235 -20.79 -5.62 -15.44
C SER F 235 -21.44 -4.25 -15.59
N VAL F 236 -22.68 -4.25 -16.04
CA VAL F 236 -23.47 -3.03 -16.17
C VAL F 236 -24.36 -2.90 -14.94
N THR F 237 -24.88 -1.70 -14.74
CA THR F 237 -25.77 -1.43 -13.62
C THR F 237 -27.12 -0.97 -14.15
N ILE F 238 -28.18 -1.56 -13.60
CA ILE F 238 -29.54 -1.13 -13.91
C ILE F 238 -30.18 -0.66 -12.61
N ARG F 239 -31.29 0.06 -12.74
CA ARG F 239 -31.86 0.80 -11.63
C ARG F 239 -33.35 0.50 -11.51
N ALA F 240 -33.82 0.34 -10.27
CA ALA F 240 -35.24 0.16 -10.02
C ALA F 240 -35.69 1.15 -8.95
N VAL F 241 -36.99 1.41 -8.92
CA VAL F 241 -37.59 2.25 -7.90
C VAL F 241 -38.52 1.38 -7.05
N PHE F 242 -38.63 1.70 -5.78
CA PHE F 242 -39.51 0.93 -4.92
C PHE F 242 -40.19 1.83 -3.91
N PRO F 243 -41.51 1.70 -3.76
CA PRO F 243 -42.22 2.47 -2.73
C PRO F 243 -41.89 1.94 -1.34
N ASN F 244 -41.42 2.84 -0.48
CA ASN F 244 -40.99 2.49 0.88
C ASN F 244 -41.85 3.29 1.86
N PRO F 245 -43.04 2.79 2.18
CA PRO F 245 -43.94 3.59 3.03
C PRO F 245 -43.63 3.51 4.51
N ASN F 246 -43.07 2.41 4.98
CA ASN F 246 -42.86 2.20 6.41
C ASN F 246 -41.39 2.22 6.81
N ASN F 247 -40.52 2.76 5.94
CA ASN F 247 -39.06 2.79 6.12
C ASN F 247 -38.49 1.39 6.35
N GLU F 248 -38.98 0.41 5.60
CA GLU F 248 -38.47 -0.95 5.75
C GLU F 248 -37.09 -1.09 5.12
N LEU F 249 -36.94 -0.64 3.88
CA LEU F 249 -35.68 -0.77 3.15
C LEU F 249 -34.82 0.45 3.48
N LEU F 250 -33.82 0.24 4.31
CA LEU F 250 -32.89 1.31 4.61
C LEU F 250 -31.87 1.43 3.49
N PRO F 251 -31.32 2.62 3.25
CA PRO F 251 -30.30 2.75 2.22
C PRO F 251 -28.99 2.09 2.62
N GLY F 252 -28.41 1.37 1.68
CA GLY F 252 -27.21 0.59 1.91
C GLY F 252 -27.43 -0.89 2.10
N MET F 253 -28.69 -1.33 2.14
CA MET F 253 -28.98 -2.75 2.31
C MET F 253 -28.63 -3.54 1.06
N PHE F 254 -28.32 -4.81 1.27
CA PHE F 254 -28.05 -5.73 0.17
C PHE F 254 -29.32 -6.51 -0.15
N VAL F 255 -29.74 -6.46 -1.42
CA VAL F 255 -31.00 -7.06 -1.83
C VAL F 255 -30.78 -7.84 -3.13
N HIS F 256 -31.76 -8.68 -3.45
CA HIS F 256 -31.71 -9.51 -4.66
C HIS F 256 -32.91 -9.16 -5.53
N ALA F 257 -32.65 -8.45 -6.62
CA ALA F 257 -33.72 -8.14 -7.56
C ALA F 257 -34.07 -9.37 -8.39
N GLN F 258 -35.33 -9.47 -8.78
CA GLN F 258 -35.82 -10.62 -9.53
C GLN F 258 -36.47 -10.11 -10.81
N LEU F 259 -35.80 -10.30 -11.93
CA LEU F 259 -36.27 -9.81 -13.21
C LEU F 259 -36.84 -10.93 -14.06
N GLN F 260 -37.69 -10.54 -15.02
CA GLN F 260 -38.21 -11.44 -16.03
C GLN F 260 -37.44 -11.27 -17.33
N GLU F 261 -37.13 -12.39 -17.97
CA GLU F 261 -36.34 -12.40 -19.20
C GLU F 261 -37.20 -12.84 -20.37
N GLY F 262 -38.47 -12.45 -20.33
CA GLY F 262 -39.38 -12.79 -21.40
C GLY F 262 -40.02 -14.15 -21.22
N VAL F 263 -41.22 -14.27 -21.78
CA VAL F 263 -42.02 -15.49 -21.66
C VAL F 263 -41.79 -16.34 -22.90
N LYS F 264 -41.32 -17.56 -22.69
CA LYS F 264 -41.21 -18.51 -23.77
C LYS F 264 -42.57 -19.12 -24.05
N GLN F 265 -42.90 -19.28 -25.33
CA GLN F 265 -44.16 -19.88 -25.75
C GLN F 265 -44.10 -21.40 -25.64
N LYS F 266 -45.01 -22.08 -26.34
CA LYS F 266 -45.26 -23.51 -26.13
C LYS F 266 -44.05 -24.32 -26.61
N ALA F 267 -43.08 -24.43 -25.72
CA ALA F 267 -41.82 -25.11 -25.96
C ALA F 267 -41.80 -26.46 -25.27
N ILE F 268 -40.78 -27.24 -25.58
CA ILE F 268 -40.67 -28.60 -25.07
C ILE F 268 -39.76 -28.62 -23.85
N LEU F 269 -40.17 -29.37 -22.84
CA LEU F 269 -39.45 -29.44 -21.57
C LEU F 269 -39.21 -30.91 -21.27
N ALA F 270 -37.97 -31.36 -21.41
CA ALA F 270 -37.69 -32.79 -21.35
C ALA F 270 -37.20 -33.18 -19.96
N PRO F 271 -37.39 -34.44 -19.53
CA PRO F 271 -36.78 -34.87 -18.27
C PRO F 271 -35.29 -35.11 -18.43
N GLN F 272 -34.56 -34.95 -17.33
CA GLN F 272 -33.11 -35.08 -17.39
C GLN F 272 -32.68 -36.53 -17.55
N GLN F 273 -33.54 -37.47 -17.19
CA GLN F 273 -33.18 -38.88 -17.28
C GLN F 273 -33.17 -39.37 -18.72
N GLY F 274 -33.92 -38.70 -19.60
CA GLY F 274 -33.96 -39.09 -20.98
C GLY F 274 -32.88 -38.44 -21.82
N VAL F 275 -32.71 -37.13 -21.66
CA VAL F 275 -31.68 -36.41 -22.39
C VAL F 275 -30.32 -36.80 -21.85
N THR F 276 -29.45 -37.31 -22.73
CA THR F 276 -28.15 -37.75 -22.28
C THR F 276 -27.06 -37.16 -23.16
N ARG F 277 -25.92 -36.89 -22.55
CA ARG F 277 -24.78 -36.41 -23.32
C ARG F 277 -23.94 -37.59 -23.78
N ASP F 278 -23.63 -37.61 -25.07
CA ASP F 278 -22.74 -38.60 -25.68
C ASP F 278 -22.21 -37.99 -26.97
N LEU F 279 -21.72 -38.84 -27.88
CA LEU F 279 -21.39 -38.57 -29.29
C LEU F 279 -20.07 -37.81 -29.42
N LYS F 280 -19.35 -37.60 -28.31
CA LYS F 280 -18.14 -36.75 -28.24
C LYS F 280 -18.46 -35.35 -28.75
N GLY F 281 -19.40 -34.70 -28.06
CA GLY F 281 -19.96 -33.45 -28.51
C GLY F 281 -21.25 -33.09 -27.80
N GLN F 282 -22.29 -32.82 -28.56
CA GLN F 282 -23.53 -32.26 -28.03
C GLN F 282 -24.41 -33.34 -27.42
N ALA F 283 -25.57 -32.90 -26.94
CA ALA F 283 -26.54 -33.76 -26.28
C ALA F 283 -27.39 -34.51 -27.29
N THR F 284 -27.81 -35.72 -26.91
CA THR F 284 -28.73 -36.51 -27.72
C THR F 284 -29.85 -37.02 -26.83
N ALA F 285 -30.79 -37.72 -27.46
CA ALA F 285 -31.87 -38.40 -26.76
C ALA F 285 -32.37 -39.54 -27.63
N LEU F 286 -32.81 -40.61 -26.98
CA LEU F 286 -33.40 -41.73 -27.69
C LEU F 286 -34.92 -41.61 -27.70
N VAL F 287 -35.51 -41.79 -28.86
CA VAL F 287 -36.95 -41.62 -29.03
C VAL F 287 -37.47 -42.80 -29.84
N VAL F 288 -38.65 -43.27 -29.49
CA VAL F 288 -39.29 -44.35 -30.22
C VAL F 288 -40.29 -43.76 -31.21
N ASN F 289 -40.26 -44.23 -32.45
CA ASN F 289 -41.11 -43.73 -33.50
C ASN F 289 -42.40 -44.57 -33.58
N ALA F 290 -43.18 -44.35 -34.64
CA ALA F 290 -44.44 -45.06 -34.79
C ALA F 290 -44.23 -46.52 -35.13
N GLN F 291 -43.09 -46.86 -35.73
CA GLN F 291 -42.79 -48.25 -36.06
C GLN F 291 -42.11 -49.00 -34.93
N ASN F 292 -42.11 -48.43 -33.72
CA ASN F 292 -41.52 -49.02 -32.52
C ASN F 292 -40.03 -49.31 -32.70
N LYS F 293 -39.30 -48.35 -33.26
CA LYS F 293 -37.86 -48.46 -33.45
C LYS F 293 -37.18 -47.34 -32.70
N VAL F 294 -36.08 -47.67 -32.02
CA VAL F 294 -35.33 -46.67 -31.27
C VAL F 294 -34.47 -45.85 -32.22
N GLU F 295 -34.57 -44.52 -32.11
CA GLU F 295 -33.84 -43.61 -32.97
C GLU F 295 -33.18 -42.55 -32.12
N LEU F 296 -31.90 -42.31 -32.37
CA LEU F 296 -31.16 -41.25 -31.69
C LEU F 296 -31.46 -39.92 -32.37
N ARG F 297 -31.49 -38.85 -31.57
CA ARG F 297 -31.75 -37.51 -32.07
C ARG F 297 -30.85 -36.53 -31.35
N VAL F 298 -30.17 -35.67 -32.11
CA VAL F 298 -29.35 -34.63 -31.51
C VAL F 298 -30.24 -33.50 -31.01
N ILE F 299 -29.97 -33.05 -29.79
CA ILE F 299 -30.78 -32.05 -29.10
C ILE F 299 -29.85 -30.89 -28.77
N LYS F 300 -30.44 -29.72 -28.55
CA LYS F 300 -29.70 -28.52 -28.18
C LYS F 300 -30.14 -28.01 -26.82
N ALA F 301 -30.20 -28.90 -25.84
CA ALA F 301 -30.55 -28.51 -24.47
C ALA F 301 -29.45 -27.69 -23.85
N ASP F 302 -29.83 -26.58 -23.24
CA ASP F 302 -28.86 -25.66 -22.65
C ASP F 302 -29.16 -25.28 -21.21
N ARG F 303 -30.44 -25.15 -20.84
CA ARG F 303 -30.82 -24.64 -19.54
C ARG F 303 -31.53 -25.71 -18.72
N VAL F 304 -31.46 -25.54 -17.41
CA VAL F 304 -32.07 -26.47 -16.45
C VAL F 304 -33.17 -25.74 -15.70
N ILE F 305 -34.39 -26.27 -15.79
CA ILE F 305 -35.54 -25.75 -15.08
C ILE F 305 -36.01 -26.84 -14.13
N GLY F 306 -35.74 -26.69 -12.84
CA GLY F 306 -36.08 -27.69 -11.85
C GLY F 306 -35.28 -28.96 -12.05
N ASP F 307 -35.94 -30.02 -12.50
CA ASP F 307 -35.29 -31.26 -12.88
C ASP F 307 -35.52 -31.56 -14.35
N LYS F 308 -35.64 -30.52 -15.17
CA LYS F 308 -35.97 -30.67 -16.58
C LYS F 308 -34.94 -29.92 -17.42
N TRP F 309 -34.63 -30.47 -18.58
CA TRP F 309 -33.88 -29.73 -19.59
C TRP F 309 -34.82 -28.90 -20.43
N LEU F 310 -34.42 -27.68 -20.73
CA LEU F 310 -35.15 -26.81 -21.66
C LEU F 310 -34.56 -27.04 -23.04
N VAL F 311 -35.25 -27.85 -23.82
CA VAL F 311 -34.75 -28.18 -25.14
C VAL F 311 -35.37 -27.23 -26.16
N THR F 312 -34.64 -26.97 -27.24
CA THR F 312 -35.08 -26.05 -28.28
C THR F 312 -35.25 -26.74 -29.63
N GLU F 313 -34.22 -27.43 -30.11
CA GLU F 313 -34.28 -28.11 -31.40
C GLU F 313 -34.26 -29.62 -31.20
N GLY F 314 -34.61 -30.32 -32.28
CA GLY F 314 -34.58 -31.76 -32.29
C GLY F 314 -35.76 -32.45 -31.62
N LEU F 315 -36.61 -31.72 -30.91
CA LEU F 315 -37.74 -32.31 -30.21
C LEU F 315 -38.95 -31.43 -30.37
N ASN F 316 -40.08 -32.05 -30.67
CA ASN F 316 -41.36 -31.36 -30.73
C ASN F 316 -42.36 -32.12 -29.87
N ALA F 317 -43.59 -31.62 -29.82
CA ALA F 317 -44.60 -32.22 -28.97
C ALA F 317 -45.09 -33.56 -29.55
N GLY F 318 -45.47 -34.46 -28.68
CA GLY F 318 -45.94 -35.77 -29.07
C GLY F 318 -44.86 -36.83 -29.18
N ASP F 319 -43.60 -36.46 -29.04
CA ASP F 319 -42.52 -37.43 -29.09
C ASP F 319 -42.46 -38.23 -27.80
N LYS F 320 -41.94 -39.45 -27.90
CA LYS F 320 -41.90 -40.39 -26.79
C LYS F 320 -40.43 -40.68 -26.46
N ILE F 321 -39.89 -39.91 -25.53
CA ILE F 321 -38.49 -40.03 -25.16
C ILE F 321 -38.32 -41.15 -24.14
N ILE F 322 -37.32 -41.99 -24.36
CA ILE F 322 -37.06 -43.12 -23.47
C ILE F 322 -36.44 -42.63 -22.17
N THR F 323 -36.96 -43.12 -21.06
CA THR F 323 -36.47 -42.73 -19.74
C THR F 323 -35.90 -43.87 -18.93
N GLU F 324 -36.57 -45.01 -18.84
CA GLU F 324 -36.06 -46.11 -18.05
C GLU F 324 -35.91 -47.33 -18.95
N GLY F 325 -34.71 -47.91 -18.92
CA GLY F 325 -34.38 -49.01 -19.80
C GLY F 325 -33.33 -48.69 -20.85
N LEU F 326 -32.51 -47.65 -20.63
CA LEU F 326 -31.53 -47.25 -21.64
C LEU F 326 -30.33 -48.17 -21.71
N GLN F 327 -30.11 -49.01 -20.69
CA GLN F 327 -28.86 -49.72 -20.59
C GLN F 327 -28.75 -50.91 -21.54
N PHE F 328 -29.87 -51.43 -22.04
CA PHE F 328 -29.83 -52.59 -22.92
C PHE F 328 -30.72 -52.37 -24.14
N VAL F 329 -30.65 -51.18 -24.73
CA VAL F 329 -31.30 -50.90 -26.00
C VAL F 329 -30.30 -50.25 -26.93
N GLN F 330 -30.50 -50.45 -28.23
CA GLN F 330 -29.67 -49.92 -29.29
C GLN F 330 -30.54 -49.13 -30.24
N PRO F 331 -29.97 -48.19 -31.01
CA PRO F 331 -30.74 -47.53 -32.06
C PRO F 331 -31.14 -48.51 -33.16
N GLY F 332 -32.41 -48.44 -33.56
CA GLY F 332 -32.94 -49.36 -34.54
C GLY F 332 -33.20 -50.73 -33.96
N VAL F 333 -34.00 -50.80 -32.91
CA VAL F 333 -34.34 -52.05 -32.25
C VAL F 333 -35.83 -52.05 -31.96
N GLU F 334 -36.52 -53.13 -32.33
CA GLU F 334 -37.93 -53.28 -32.06
C GLU F 334 -38.19 -53.39 -30.57
N VAL F 335 -38.98 -52.45 -30.05
CA VAL F 335 -39.10 -52.22 -28.60
C VAL F 335 -40.56 -51.98 -28.26
N LYS F 336 -41.07 -52.69 -27.25
CA LYS F 336 -42.39 -52.40 -26.70
C LYS F 336 -42.31 -51.31 -25.65
N THR F 337 -43.42 -50.61 -25.45
CA THR F 337 -43.45 -49.43 -24.60
C THR F 337 -44.47 -49.56 -23.48
N VAL F 338 -44.09 -49.07 -22.30
CA VAL F 338 -44.97 -48.90 -21.15
C VAL F 338 -44.66 -47.52 -20.56
N PRO F 339 -45.59 -46.88 -19.85
CA PRO F 339 -45.28 -45.57 -19.24
C PRO F 339 -44.25 -45.72 -18.13
N ALA F 340 -43.39 -44.72 -18.02
CA ALA F 340 -42.24 -44.79 -17.13
C ALA F 340 -42.65 -44.54 -15.69
N LYS F 341 -41.83 -45.03 -14.77
CA LYS F 341 -41.95 -44.75 -13.34
C LYS F 341 -40.96 -43.68 -12.92
N ASN F 342 -40.72 -42.72 -13.82
CA ASN F 342 -39.77 -41.64 -13.63
C ASN F 342 -40.15 -40.72 -12.46
N VAL F 343 -41.25 -39.99 -12.61
CA VAL F 343 -41.82 -39.17 -11.55
C VAL F 343 -43.29 -39.59 -11.47
N ALA F 344 -43.95 -39.24 -10.36
CA ALA F 344 -45.38 -39.47 -10.21
C ALA F 344 -46.23 -38.56 -11.11
N SER F 345 -45.61 -37.63 -11.84
CA SER F 345 -46.31 -36.82 -12.84
C SER F 345 -46.85 -37.69 -13.97
N CYS G 1 2.11 -82.06 -43.32
CA CYS G 1 3.09 -81.79 -42.27
C CYS G 1 3.40 -80.30 -42.19
N GLY G 2 2.40 -79.47 -42.47
CA GLY G 2 2.57 -78.04 -42.45
C GLY G 2 2.77 -77.44 -43.83
N LYS G 3 3.99 -76.92 -44.08
CA LYS G 3 4.41 -76.36 -45.36
C LYS G 3 3.50 -75.21 -45.83
N SER G 4 3.06 -74.38 -44.89
CA SER G 4 2.12 -73.31 -45.20
C SER G 4 2.40 -72.14 -44.26
N GLU G 5 1.43 -71.22 -44.15
CA GLU G 5 1.50 -70.00 -43.34
C GLU G 5 2.68 -69.12 -43.78
N ALA G 6 2.55 -68.61 -45.00
CA ALA G 6 3.47 -67.57 -45.47
C ALA G 6 2.88 -66.20 -45.14
N PRO G 7 3.68 -65.26 -44.64
CA PRO G 7 3.14 -63.94 -44.28
C PRO G 7 2.81 -63.13 -45.52
N PRO G 8 1.70 -62.38 -45.49
CA PRO G 8 1.32 -61.57 -46.65
C PRO G 8 2.22 -60.36 -46.78
N PRO G 9 2.93 -60.23 -47.92
CA PRO G 9 3.79 -59.04 -48.14
C PRO G 9 2.95 -57.83 -48.55
N ALA G 10 2.44 -57.14 -47.55
CA ALA G 10 1.52 -56.02 -47.78
C ALA G 10 2.26 -54.82 -48.37
N GLN G 11 1.60 -54.18 -49.34
CA GLN G 11 2.12 -53.01 -50.03
C GLN G 11 1.89 -51.71 -49.26
N THR G 12 1.12 -51.78 -48.15
CA THR G 12 0.55 -50.68 -47.38
C THR G 12 -0.27 -49.80 -48.33
N PRO G 13 -1.44 -50.28 -48.76
CA PRO G 13 -2.23 -49.54 -49.75
C PRO G 13 -3.09 -48.46 -49.12
N GLU G 14 -4.01 -47.89 -49.92
CA GLU G 14 -5.08 -46.97 -49.54
C GLU G 14 -4.58 -45.71 -48.82
N VAL G 15 -3.32 -45.34 -49.06
CA VAL G 15 -2.70 -44.21 -48.36
C VAL G 15 -3.31 -42.90 -48.85
N GLY G 16 -3.68 -42.02 -47.90
CA GLY G 16 -4.42 -40.81 -48.19
C GLY G 16 -3.59 -39.61 -48.59
N ILE G 17 -3.15 -39.60 -49.85
CA ILE G 17 -2.17 -38.63 -50.32
C ILE G 17 -2.88 -37.44 -50.96
N VAL G 18 -2.53 -36.24 -50.51
CA VAL G 18 -2.95 -34.99 -51.15
C VAL G 18 -1.71 -34.12 -51.35
N THR G 19 -1.44 -33.75 -52.60
CA THR G 19 -0.35 -32.84 -52.87
C THR G 19 -0.78 -31.39 -52.64
N LEU G 20 0.20 -30.52 -52.42
CA LEU G 20 -0.07 -29.12 -52.13
C LEU G 20 0.69 -28.23 -53.11
N GLU G 21 0.11 -27.06 -53.35
CA GLU G 21 0.64 -26.10 -54.31
C GLU G 21 0.83 -24.75 -53.64
N ALA G 22 1.51 -23.85 -54.35
CA ALA G 22 1.75 -22.52 -53.83
C ALA G 22 0.46 -21.70 -53.86
N GLN G 23 0.30 -20.86 -52.85
CA GLN G 23 -0.90 -20.06 -52.70
C GLN G 23 -0.59 -18.87 -51.81
N THR G 24 -1.08 -17.70 -52.19
CA THR G 24 -0.90 -16.49 -51.40
C THR G 24 -2.13 -16.23 -50.53
N VAL G 25 -1.89 -15.96 -49.26
CA VAL G 25 -2.94 -15.66 -48.29
C VAL G 25 -2.48 -14.49 -47.44
N THR G 26 -3.44 -13.71 -46.96
CA THR G 26 -3.13 -12.62 -46.07
C THR G 26 -3.02 -13.12 -44.63
N LEU G 27 -2.11 -12.53 -43.87
CA LEU G 27 -1.92 -12.91 -42.49
C LEU G 27 -2.63 -11.93 -41.56
N ASN G 28 -3.06 -12.45 -40.42
CA ASN G 28 -3.89 -11.70 -39.48
C ASN G 28 -3.23 -11.71 -38.12
N THR G 29 -3.73 -10.83 -37.24
CA THR G 29 -3.21 -10.68 -35.89
C THR G 29 -4.36 -10.33 -34.96
N GLU G 30 -4.53 -11.12 -33.90
CA GLU G 30 -5.54 -10.85 -32.89
C GLU G 30 -4.90 -10.03 -31.77
N LEU G 31 -5.57 -8.95 -31.39
CA LEU G 31 -5.03 -8.10 -30.34
C LEU G 31 -6.08 -7.85 -29.28
N PRO G 32 -5.70 -7.80 -28.00
CA PRO G 32 -6.65 -7.44 -26.96
C PRO G 32 -6.76 -5.94 -26.75
N GLY G 33 -7.97 -5.51 -26.39
CA GLY G 33 -8.17 -4.10 -26.15
C GLY G 33 -9.53 -3.82 -25.54
N ARG G 34 -9.80 -2.55 -25.36
CA ARG G 34 -11.03 -2.08 -24.74
C ARG G 34 -11.79 -1.17 -25.71
N THR G 35 -13.11 -1.18 -25.61
CA THR G 35 -13.91 -0.22 -26.34
C THR G 35 -13.98 1.09 -25.57
N ASN G 36 -14.20 2.18 -26.31
CA ASN G 36 -14.20 3.52 -25.74
C ASN G 36 -15.25 4.36 -26.44
N ALA G 37 -15.82 5.30 -25.69
CA ALA G 37 -16.82 6.19 -26.26
C ALA G 37 -16.19 7.17 -27.23
N PHE G 38 -16.91 7.47 -28.31
CA PHE G 38 -16.42 8.42 -29.29
C PHE G 38 -16.40 9.83 -28.73
N ARG G 39 -17.41 10.19 -27.94
CA ARG G 39 -17.48 11.50 -27.31
C ARG G 39 -18.12 11.30 -25.94
N ILE G 40 -17.34 11.47 -24.89
CA ILE G 40 -17.83 11.39 -23.52
C ILE G 40 -17.58 12.73 -22.83
N ALA G 41 -18.64 13.32 -22.31
CA ALA G 41 -18.56 14.61 -21.63
C ALA G 41 -19.10 14.43 -20.22
N GLU G 42 -18.23 14.58 -19.24
CA GLU G 42 -18.64 14.58 -17.85
C GLU G 42 -18.94 16.01 -17.41
N VAL G 43 -20.08 16.19 -16.76
CA VAL G 43 -20.63 17.50 -16.50
C VAL G 43 -20.08 18.03 -15.19
N ARG G 44 -19.27 19.08 -15.26
CA ARG G 44 -18.76 19.72 -14.08
C ARG G 44 -19.36 21.13 -13.95
N PRO G 45 -19.67 21.56 -12.73
CA PRO G 45 -20.33 22.86 -12.58
C PRO G 45 -19.32 24.00 -12.71
N GLN G 46 -19.80 25.13 -13.25
CA GLN G 46 -18.99 26.32 -13.43
C GLN G 46 -19.32 27.41 -12.43
N VAL G 47 -20.21 27.15 -11.48
CA VAL G 47 -20.54 28.10 -10.42
C VAL G 47 -20.51 27.35 -9.09
N ASN G 48 -20.86 28.04 -8.01
CA ASN G 48 -21.05 27.44 -6.70
C ASN G 48 -22.51 27.58 -6.28
N GLY G 49 -23.03 26.60 -5.57
CA GLY G 49 -24.37 26.73 -5.05
C GLY G 49 -25.05 25.40 -4.85
N ILE G 50 -26.30 25.49 -4.43
CA ILE G 50 -27.11 24.33 -4.11
C ILE G 50 -27.95 23.95 -5.33
N ILE G 51 -28.02 22.66 -5.60
CA ILE G 51 -28.79 22.13 -6.73
C ILE G 51 -30.25 22.13 -6.28
N LEU G 52 -31.05 22.99 -6.90
CA LEU G 52 -32.46 23.05 -6.57
C LEU G 52 -33.31 22.06 -7.35
N LYS G 53 -32.90 21.70 -8.56
CA LYS G 53 -33.78 20.90 -9.40
C LYS G 53 -32.94 20.11 -10.38
N ARG G 54 -33.35 18.86 -10.59
CA ARG G 54 -32.78 18.00 -11.62
C ARG G 54 -33.80 17.87 -12.74
N LEU G 55 -33.44 18.31 -13.94
CA LEU G 55 -34.40 18.52 -15.01
C LEU G 55 -34.19 17.58 -16.20
N PHE G 56 -33.84 16.33 -15.93
CA PHE G 56 -33.74 15.37 -17.01
C PHE G 56 -34.18 14.00 -16.51
N LYS G 57 -34.88 13.26 -17.38
CA LYS G 57 -35.16 11.87 -17.12
C LYS G 57 -33.87 11.08 -17.23
N GLU G 58 -33.56 10.30 -16.20
CA GLU G 58 -32.30 9.56 -16.17
C GLU G 58 -32.33 8.42 -17.18
N GLY G 59 -31.20 8.21 -17.85
CA GLY G 59 -31.08 7.17 -18.84
C GLY G 59 -31.85 7.49 -20.12
N SER G 60 -31.67 8.70 -20.63
CA SER G 60 -32.35 9.12 -21.84
C SER G 60 -31.40 9.93 -22.70
N ASP G 61 -31.84 10.25 -23.90
CA ASP G 61 -31.04 11.03 -24.83
C ASP G 61 -31.35 12.51 -24.66
N VAL G 62 -30.29 13.32 -24.65
CA VAL G 62 -30.43 14.76 -24.47
C VAL G 62 -29.75 15.46 -25.63
N LYS G 63 -30.31 16.61 -26.01
CA LYS G 63 -29.78 17.43 -27.08
C LYS G 63 -28.74 18.39 -26.53
N ALA G 64 -27.95 18.97 -27.44
CA ALA G 64 -26.95 19.94 -27.04
C ALA G 64 -27.62 21.24 -26.60
N GLY G 65 -27.15 21.78 -25.48
CA GLY G 65 -27.71 22.98 -24.91
C GLY G 65 -28.95 22.78 -24.06
N GLN G 66 -29.39 21.54 -23.88
CA GLN G 66 -30.56 21.28 -23.07
C GLN G 66 -30.23 21.46 -21.59
N GLN G 67 -31.12 22.12 -20.85
CA GLN G 67 -30.91 22.36 -19.44
C GLN G 67 -31.04 21.06 -18.65
N LEU G 68 -30.07 20.83 -17.77
CA LEU G 68 -30.04 19.62 -16.95
C LEU G 68 -30.24 19.87 -15.47
N TYR G 69 -29.84 21.02 -14.93
CA TYR G 69 -29.98 21.28 -13.51
C TYR G 69 -30.43 22.72 -13.33
N GLN G 70 -30.35 23.18 -12.08
CA GLN G 70 -30.60 24.57 -11.72
C GLN G 70 -29.91 24.76 -10.38
N ILE G 71 -28.93 25.67 -10.32
CA ILE G 71 -28.04 25.72 -9.18
C ILE G 71 -28.26 26.99 -8.34
N ASP G 72 -29.52 27.49 -8.27
CA ASP G 72 -29.98 28.47 -7.28
C ASP G 72 -29.19 29.77 -7.34
N PRO G 73 -29.42 30.64 -8.35
CA PRO G 73 -28.49 31.73 -8.63
C PRO G 73 -28.27 32.73 -7.51
N ALA G 74 -29.28 33.51 -7.14
CA ALA G 74 -29.42 34.22 -5.86
C ALA G 74 -28.33 35.25 -5.53
N THR G 75 -27.26 35.27 -6.28
CA THR G 75 -26.14 36.20 -6.30
C THR G 75 -25.79 36.60 -7.73
N TYR G 76 -25.90 35.67 -8.66
CA TYR G 76 -25.63 35.97 -10.06
C TYR G 76 -26.74 36.81 -10.65
N GLU G 77 -27.99 36.55 -10.25
CA GLU G 77 -29.07 37.45 -10.63
C GLU G 77 -28.93 38.80 -9.94
N ALA G 78 -28.33 38.84 -8.75
CA ALA G 78 -28.17 40.10 -8.03
C ALA G 78 -27.17 41.02 -8.72
N ASP G 79 -25.97 40.51 -9.01
CA ASP G 79 -25.04 41.39 -9.69
C ASP G 79 -25.35 41.52 -11.18
N TYR G 80 -26.19 40.63 -11.73
CA TYR G 80 -26.79 40.91 -13.03
C TYR G 80 -27.72 42.11 -12.98
N GLN G 81 -28.49 42.23 -11.89
CA GLN G 81 -29.37 43.39 -11.73
C GLN G 81 -28.56 44.66 -11.55
N SER G 82 -27.45 44.59 -10.81
CA SER G 82 -26.61 45.77 -10.64
C SER G 82 -25.93 46.16 -11.96
N ALA G 83 -25.53 45.17 -12.76
CA ALA G 83 -24.95 45.47 -14.07
C ALA G 83 -25.99 46.06 -15.01
N GLN G 84 -27.24 45.61 -14.91
CA GLN G 84 -28.31 46.18 -15.73
C GLN G 84 -28.60 47.61 -15.32
N ALA G 85 -28.54 47.89 -14.02
CA ALA G 85 -28.75 49.25 -13.52
C ALA G 85 -27.63 50.17 -13.99
N ASN G 86 -26.39 49.67 -14.00
CA ASN G 86 -25.29 50.47 -14.53
C ASN G 86 -25.38 50.61 -16.04
N LEU G 87 -26.00 49.65 -16.72
CA LEU G 87 -26.09 49.72 -18.17
C LEU G 87 -27.12 50.75 -18.62
N ALA G 88 -28.25 50.84 -17.91
CA ALA G 88 -29.38 51.64 -18.38
C ALA G 88 -29.05 53.13 -18.42
N SER G 89 -28.38 53.64 -17.37
CA SER G 89 -28.06 55.06 -17.30
C SER G 89 -27.04 55.45 -18.37
N THR G 90 -26.00 54.64 -18.54
CA THR G 90 -24.98 54.95 -19.54
C THR G 90 -25.53 54.79 -20.95
N GLN G 91 -26.46 53.87 -21.16
CA GLN G 91 -27.06 53.69 -22.47
C GLN G 91 -27.95 54.88 -22.83
N GLU G 92 -28.76 55.36 -21.88
CA GLU G 92 -29.60 56.51 -22.18
C GLU G 92 -28.78 57.79 -22.29
N GLN G 93 -27.64 57.86 -21.59
CA GLN G 93 -26.77 59.02 -21.73
C GLN G 93 -26.07 59.02 -23.09
N ALA G 94 -25.69 57.84 -23.58
CA ALA G 94 -25.13 57.76 -24.92
C ALA G 94 -26.17 58.09 -25.98
N GLN G 95 -27.42 57.68 -25.76
CA GLN G 95 -28.48 58.01 -26.70
C GLN G 95 -28.79 59.51 -26.69
N ARG G 96 -28.61 60.17 -25.55
CA ARG G 96 -28.81 61.62 -25.50
C ARG G 96 -27.65 62.36 -26.15
N TYR G 97 -26.42 61.89 -25.91
CA TYR G 97 -25.26 62.57 -26.49
C TYR G 97 -25.16 62.35 -27.98
N LYS G 98 -25.72 61.24 -28.49
CA LYS G 98 -25.80 61.05 -29.94
C LYS G 98 -26.69 62.08 -30.59
N LEU G 99 -27.75 62.51 -29.89
CA LEU G 99 -28.59 63.57 -30.43
C LEU G 99 -27.93 64.94 -30.27
N LEU G 100 -27.21 65.14 -29.16
CA LEU G 100 -26.62 66.45 -28.91
C LEU G 100 -25.42 66.72 -29.81
N VAL G 101 -24.69 65.67 -30.20
CA VAL G 101 -23.48 65.90 -30.99
C VAL G 101 -23.80 66.17 -32.46
N ALA G 102 -25.04 65.89 -32.88
CA ALA G 102 -25.42 66.17 -34.27
C ALA G 102 -25.54 67.66 -34.53
N ASP G 103 -25.94 68.43 -33.52
CA ASP G 103 -26.03 69.88 -33.62
C ASP G 103 -24.91 70.58 -32.88
N GLN G 104 -23.84 69.86 -32.56
CA GLN G 104 -22.62 70.35 -31.90
C GLN G 104 -22.89 70.98 -30.54
N ALA G 105 -23.95 70.54 -29.85
CA ALA G 105 -24.21 71.05 -28.50
C ALA G 105 -23.20 70.50 -27.50
N VAL G 106 -22.73 69.28 -27.71
CA VAL G 106 -21.67 68.70 -26.91
C VAL G 106 -20.58 68.27 -27.88
N SER G 107 -19.35 68.16 -27.37
CA SER G 107 -18.21 67.87 -28.23
C SER G 107 -18.22 66.42 -28.69
N LYS G 108 -17.41 66.14 -29.71
CA LYS G 108 -17.29 64.76 -30.18
C LYS G 108 -16.50 63.91 -29.19
N GLN G 109 -15.63 64.53 -28.40
CA GLN G 109 -14.85 63.79 -27.43
C GLN G 109 -15.71 63.26 -26.30
N GLN G 110 -16.64 64.09 -25.81
CA GLN G 110 -17.53 63.64 -24.75
C GLN G 110 -18.50 62.59 -25.25
N TYR G 111 -18.89 62.68 -26.53
CA TYR G 111 -19.72 61.64 -27.13
C TYR G 111 -18.94 60.33 -27.24
N ALA G 112 -17.65 60.41 -27.56
CA ALA G 112 -16.81 59.23 -27.63
C ALA G 112 -16.66 58.59 -26.26
N ASP G 113 -16.50 59.41 -25.22
CA ASP G 113 -16.37 58.89 -23.87
C ASP G 113 -17.67 58.25 -23.38
N ALA G 114 -18.81 58.86 -23.71
CA ALA G 114 -20.10 58.29 -23.33
C ALA G 114 -20.37 56.98 -24.06
N ASN G 115 -19.98 56.91 -25.34
CA ASN G 115 -20.16 55.68 -26.10
C ASN G 115 -19.25 54.57 -25.58
N ALA G 116 -18.04 54.94 -25.15
CA ALA G 116 -17.12 53.96 -24.58
C ALA G 116 -17.65 53.42 -23.26
N ALA G 117 -18.21 54.30 -22.43
CA ALA G 117 -18.77 53.85 -21.16
C ALA G 117 -20.00 52.97 -21.38
N TYR G 118 -20.79 53.28 -22.41
CA TYR G 118 -21.96 52.46 -22.72
C TYR G 118 -21.56 51.08 -23.21
N LEU G 119 -20.54 51.01 -24.07
CA LEU G 119 -20.07 49.71 -24.56
C LEU G 119 -19.42 48.90 -23.44
N GLN G 120 -18.73 49.58 -22.52
CA GLN G 120 -18.10 48.89 -21.40
C GLN G 120 -19.14 48.33 -20.43
N SER G 121 -20.21 49.08 -20.19
CA SER G 121 -21.29 48.56 -19.34
C SER G 121 -22.05 47.43 -20.02
N LYS G 122 -22.17 47.48 -21.35
CA LYS G 122 -22.80 46.36 -22.05
C LYS G 122 -21.93 45.11 -22.00
N ALA G 123 -20.61 45.27 -22.05
CA ALA G 123 -19.72 44.13 -21.88
C ALA G 123 -19.83 43.56 -20.47
N ALA G 124 -20.00 44.43 -19.47
CA ALA G 124 -20.16 43.95 -18.10
C ALA G 124 -21.47 43.21 -17.92
N VAL G 125 -22.54 43.66 -18.57
CA VAL G 125 -23.81 42.96 -18.40
C VAL G 125 -23.80 41.65 -19.20
N GLU G 126 -22.97 41.56 -20.25
CA GLU G 126 -22.79 40.27 -20.91
C GLU G 126 -21.99 39.31 -20.02
N GLN G 127 -21.00 39.84 -19.31
CA GLN G 127 -20.25 39.05 -18.33
C GLN G 127 -21.12 38.56 -17.19
N ALA G 128 -22.18 39.30 -16.85
CA ALA G 128 -23.13 38.79 -15.88
C ALA G 128 -24.11 37.79 -16.48
N ARG G 129 -24.47 37.99 -17.76
CA ARG G 129 -25.44 37.12 -18.41
C ARG G 129 -24.87 35.72 -18.62
N ILE G 130 -23.57 35.61 -18.89
CA ILE G 130 -22.99 34.30 -19.06
C ILE G 130 -22.88 33.56 -17.73
N ASN G 131 -22.68 34.29 -16.63
CA ASN G 131 -22.66 33.65 -15.33
C ASN G 131 -24.06 33.22 -14.91
N LEU G 132 -25.08 33.95 -15.36
CA LEU G 132 -26.45 33.46 -15.19
C LEU G 132 -26.71 32.23 -16.04
N ARG G 133 -26.09 32.16 -17.21
CA ARG G 133 -26.26 30.99 -18.06
C ARG G 133 -25.54 29.77 -17.50
N TYR G 134 -24.51 29.98 -16.67
CA TYR G 134 -23.85 28.83 -16.07
C TYR G 134 -24.68 28.21 -14.95
N THR G 135 -25.64 28.96 -14.39
CA THR G 135 -26.41 28.45 -13.26
C THR G 135 -27.44 27.42 -13.70
N LYS G 136 -27.82 27.44 -14.97
CA LYS G 136 -28.58 26.34 -15.56
C LYS G 136 -27.61 25.65 -16.52
N VAL G 137 -27.03 24.55 -16.06
CA VAL G 137 -26.01 23.88 -16.85
C VAL G 137 -26.63 23.19 -18.04
N LEU G 138 -25.94 23.25 -19.16
CA LEU G 138 -26.44 22.74 -20.42
C LEU G 138 -25.56 21.59 -20.88
N SER G 139 -26.18 20.62 -21.53
CA SER G 139 -25.43 19.49 -22.07
C SER G 139 -24.58 19.97 -23.23
N PRO G 140 -23.26 19.87 -23.13
CA PRO G 140 -22.39 20.40 -24.19
C PRO G 140 -22.45 19.59 -25.47
N ILE G 141 -22.87 18.33 -25.40
CA ILE G 141 -23.08 17.52 -26.60
C ILE G 141 -24.40 16.80 -26.46
N SER G 142 -24.92 16.32 -27.58
CA SER G 142 -26.11 15.48 -27.58
C SER G 142 -25.70 14.02 -27.47
N GLY G 143 -26.44 13.27 -26.68
CA GLY G 143 -26.14 11.87 -26.49
C GLY G 143 -26.91 11.28 -25.34
N ARG G 144 -26.60 10.03 -25.04
CA ARG G 144 -27.27 9.33 -23.95
C ARG G 144 -26.63 9.72 -22.62
N ILE G 145 -27.47 10.04 -21.64
CA ILE G 145 -26.99 10.46 -20.33
C ILE G 145 -27.07 9.27 -19.38
N GLY G 146 -26.16 9.23 -18.41
CA GLY G 146 -26.18 8.21 -17.39
C GLY G 146 -27.08 8.60 -16.24
N ARG G 147 -26.81 8.08 -15.05
CA ARG G 147 -27.55 8.50 -13.88
C ARG G 147 -26.81 9.64 -13.18
N SER G 148 -27.57 10.45 -12.46
CA SER G 148 -26.98 11.61 -11.80
C SER G 148 -26.19 11.18 -10.58
N ALA G 149 -24.93 11.59 -10.53
CA ALA G 149 -24.08 11.29 -9.38
C ALA G 149 -24.39 12.16 -8.18
N VAL G 150 -25.14 13.24 -8.35
CA VAL G 150 -25.55 14.10 -7.26
C VAL G 150 -27.04 14.38 -7.40
N THR G 151 -27.68 14.67 -6.28
CA THR G 151 -29.11 14.94 -6.25
C THR G 151 -29.33 16.37 -5.78
N GLU G 152 -30.60 16.71 -5.53
CA GLU G 152 -30.92 18.02 -5.01
C GLU G 152 -30.36 18.20 -3.61
N GLY G 153 -29.98 19.44 -3.29
CA GLY G 153 -29.39 19.73 -2.01
C GLY G 153 -27.90 19.56 -1.93
N ALA G 154 -27.25 19.10 -3.00
CA ALA G 154 -25.81 18.88 -2.98
C ALA G 154 -25.10 20.16 -3.39
N LEU G 155 -24.30 20.70 -2.48
CA LEU G 155 -23.56 21.92 -2.78
C LEU G 155 -22.41 21.63 -3.74
N VAL G 156 -22.38 22.34 -4.86
CA VAL G 156 -21.33 22.18 -5.85
C VAL G 156 -20.50 23.45 -5.91
N THR G 157 -19.29 23.30 -6.43
CA THR G 157 -18.28 24.35 -6.46
C THR G 157 -17.75 24.47 -7.88
N ASN G 158 -17.35 25.70 -8.25
CA ASN G 158 -16.75 25.93 -9.56
C ASN G 158 -15.45 25.17 -9.70
N GLY G 159 -15.38 24.32 -10.73
CA GLY G 159 -14.17 23.56 -10.98
C GLY G 159 -13.92 22.44 -10.02
N GLN G 160 -14.96 21.78 -9.54
CA GLN G 160 -14.76 20.64 -8.65
C GLN G 160 -14.32 19.43 -9.46
N ALA G 161 -13.72 18.46 -8.74
CA ALA G 161 -13.08 17.33 -9.41
C ALA G 161 -14.12 16.33 -9.89
N ASN G 162 -15.03 15.93 -9.02
CA ASN G 162 -15.99 14.88 -9.35
C ASN G 162 -17.06 15.40 -10.30
N ALA G 163 -17.60 14.49 -11.12
CA ALA G 163 -18.59 14.87 -12.10
C ALA G 163 -19.99 14.74 -11.52
N MET G 164 -20.95 15.39 -12.19
CA MET G 164 -22.35 15.30 -11.80
C MET G 164 -23.10 14.28 -12.64
N ALA G 165 -22.87 14.26 -13.95
CA ALA G 165 -23.45 13.27 -14.83
C ALA G 165 -22.48 13.05 -15.98
N THR G 166 -22.79 12.06 -16.82
CA THR G 166 -21.98 11.77 -17.99
C THR G 166 -22.88 11.62 -19.21
N VAL G 167 -22.47 12.24 -20.31
CA VAL G 167 -23.14 12.11 -21.59
C VAL G 167 -22.19 11.38 -22.53
N GLN G 168 -22.74 10.46 -23.31
CA GLN G 168 -21.93 9.62 -24.18
C GLN G 168 -22.57 9.54 -25.55
N GLN G 169 -21.73 9.51 -26.58
CA GLN G 169 -22.15 9.26 -27.96
C GLN G 169 -21.69 7.86 -28.33
N LEU G 170 -22.64 6.97 -28.56
CA LEU G 170 -22.30 5.57 -28.82
C LEU G 170 -22.19 5.24 -30.30
N ASP G 171 -22.34 6.22 -31.18
CA ASP G 171 -22.18 5.98 -32.61
C ASP G 171 -21.31 7.07 -33.21
N PRO G 172 -20.10 6.75 -33.69
CA PRO G 172 -19.45 5.45 -33.72
C PRO G 172 -18.79 5.11 -32.38
N ILE G 173 -17.91 4.11 -32.36
CA ILE G 173 -17.28 3.68 -31.11
C ILE G 173 -15.81 3.36 -31.36
N TYR G 174 -14.95 3.83 -30.47
CA TYR G 174 -13.53 3.60 -30.58
C TYR G 174 -13.17 2.24 -30.01
N VAL G 175 -12.08 1.68 -30.51
CA VAL G 175 -11.50 0.44 -29.99
C VAL G 175 -10.01 0.67 -29.86
N ASP G 176 -9.50 0.61 -28.63
CA ASP G 176 -8.08 0.81 -28.35
C ASP G 176 -7.49 -0.55 -28.00
N VAL G 177 -6.59 -1.04 -28.84
CA VAL G 177 -5.95 -2.34 -28.65
C VAL G 177 -4.48 -2.12 -28.38
N THR G 178 -3.84 -3.11 -27.77
CA THR G 178 -2.43 -3.03 -27.45
C THR G 178 -1.64 -4.02 -28.29
N GLN G 179 -0.42 -3.63 -28.66
CA GLN G 179 0.44 -4.47 -29.48
C GLN G 179 1.87 -4.39 -28.95
N PRO G 180 2.56 -5.52 -28.82
CA PRO G 180 3.96 -5.47 -28.37
C PRO G 180 4.87 -4.82 -29.39
N SER G 181 5.86 -4.08 -28.90
CA SER G 181 6.76 -3.36 -29.80
C SER G 181 7.69 -4.31 -30.54
N THR G 182 8.00 -5.46 -29.92
CA THR G 182 8.77 -6.49 -30.60
C THR G 182 8.02 -7.04 -31.80
N ALA G 183 6.69 -7.12 -31.71
CA ALA G 183 5.88 -7.60 -32.82
C ALA G 183 5.93 -6.64 -34.00
N LEU G 184 5.90 -5.33 -33.72
CA LEU G 184 5.93 -4.38 -34.84
C LEU G 184 7.33 -4.26 -35.42
N LEU G 185 8.37 -4.35 -34.59
CA LEU G 185 9.71 -4.29 -35.17
C LEU G 185 10.06 -5.59 -35.90
N ARG G 186 9.43 -6.70 -35.53
CA ARG G 186 9.60 -7.92 -36.32
C ARG G 186 8.77 -7.87 -37.59
N LEU G 187 7.64 -7.14 -37.54
CA LEU G 187 6.86 -6.89 -38.74
C LEU G 187 7.60 -5.96 -39.70
N ARG G 188 8.48 -5.11 -39.16
CA ARG G 188 9.33 -4.26 -39.98
C ARG G 188 10.32 -5.04 -40.83
N ARG G 189 10.59 -6.31 -40.50
CA ARG G 189 11.47 -7.16 -41.28
C ARG G 189 10.75 -7.88 -42.42
N GLU G 190 9.62 -7.34 -42.89
CA GLU G 190 8.93 -7.90 -44.03
C GLU G 190 9.51 -7.43 -45.36
N LEU G 191 10.62 -6.69 -45.34
CA LEU G 191 11.26 -6.28 -46.58
C LEU G 191 11.84 -7.48 -47.32
N ALA G 192 12.32 -8.47 -46.57
CA ALA G 192 12.77 -9.74 -47.14
C ALA G 192 11.82 -10.88 -46.85
N SER G 193 11.38 -11.03 -45.61
CA SER G 193 10.47 -12.10 -45.21
C SER G 193 9.09 -11.81 -45.78
N GLY G 194 8.75 -12.45 -46.89
CA GLY G 194 7.48 -12.17 -47.54
C GLY G 194 7.51 -10.80 -48.19
N GLN G 195 6.50 -9.99 -47.91
CA GLN G 195 6.44 -8.65 -48.46
C GLN G 195 5.61 -7.77 -47.55
N LEU G 196 5.54 -6.48 -47.89
CA LEU G 196 4.74 -5.53 -47.14
C LEU G 196 3.27 -5.66 -47.52
N GLU G 197 2.44 -4.80 -46.93
CA GLU G 197 1.05 -4.72 -47.35
C GLU G 197 1.00 -4.03 -48.71
N ARG G 198 1.01 -4.83 -49.77
CA ARG G 198 1.06 -4.30 -51.13
C ARG G 198 -0.17 -4.68 -51.95
N ALA G 199 -1.29 -4.97 -51.29
CA ALA G 199 -2.58 -5.13 -51.94
C ALA G 199 -3.42 -3.87 -51.83
N GLY G 200 -2.78 -2.70 -51.90
CA GLY G 200 -3.48 -1.47 -51.60
C GLY G 200 -3.73 -1.37 -50.11
N ASP G 201 -4.84 -0.72 -49.76
CA ASP G 201 -5.31 -0.71 -48.37
C ASP G 201 -6.79 -1.02 -48.33
N ASN G 202 -7.19 -2.05 -49.08
CA ASN G 202 -8.46 -2.72 -48.81
C ASN G 202 -8.36 -3.58 -47.57
N ALA G 203 -7.14 -3.84 -47.10
CA ALA G 203 -6.87 -4.49 -45.83
C ALA G 203 -6.65 -3.49 -44.70
N ALA G 204 -7.36 -2.37 -44.72
CA ALA G 204 -7.23 -1.38 -43.66
C ALA G 204 -7.77 -1.91 -42.33
N LYS G 205 -8.89 -2.63 -42.35
CA LYS G 205 -9.44 -3.21 -41.13
C LYS G 205 -10.37 -4.36 -41.47
N VAL G 206 -10.36 -5.38 -40.60
CA VAL G 206 -11.31 -6.49 -40.63
C VAL G 206 -11.83 -6.58 -39.19
N SER G 207 -12.52 -7.66 -38.85
CA SER G 207 -13.57 -7.71 -37.85
C SER G 207 -13.07 -7.58 -36.41
N LEU G 208 -14.05 -7.66 -35.51
CA LEU G 208 -13.90 -7.50 -34.07
C LEU G 208 -14.47 -8.74 -33.40
N LYS G 209 -13.64 -9.40 -32.59
CA LYS G 209 -14.05 -10.56 -31.81
C LYS G 209 -14.62 -10.08 -30.48
N LEU G 210 -15.84 -10.52 -30.17
CA LEU G 210 -16.60 -10.02 -29.05
C LEU G 210 -16.14 -10.65 -27.73
N GLU G 211 -16.94 -10.48 -26.69
CA GLU G 211 -16.65 -11.08 -25.40
C GLU G 211 -16.78 -12.59 -25.44
N ASP G 212 -17.92 -13.08 -25.91
CA ASP G 212 -18.22 -14.50 -25.92
C ASP G 212 -17.65 -15.23 -27.13
N GLY G 213 -16.74 -14.62 -27.87
CA GLY G 213 -16.19 -15.24 -29.06
C GLY G 213 -17.04 -15.11 -30.30
N SER G 214 -18.17 -14.43 -30.21
CA SER G 214 -19.01 -14.22 -31.38
C SER G 214 -18.39 -13.16 -32.29
N GLN G 215 -18.75 -13.20 -33.55
CA GLN G 215 -18.20 -12.28 -34.54
C GLN G 215 -19.07 -11.05 -34.69
N TYR G 216 -18.43 -9.91 -34.86
CA TYR G 216 -19.17 -8.69 -35.15
C TYR G 216 -19.47 -8.63 -36.63
N PRO G 217 -20.69 -8.28 -37.04
CA PRO G 217 -21.03 -8.33 -38.47
C PRO G 217 -20.43 -7.20 -39.28
N LEU G 218 -20.09 -6.07 -38.66
CA LEU G 218 -19.64 -4.89 -39.39
C LEU G 218 -18.15 -4.70 -39.18
N GLU G 219 -17.39 -4.65 -40.27
CA GLU G 219 -15.98 -4.33 -40.17
C GLU G 219 -15.79 -2.86 -39.86
N GLY G 220 -14.63 -2.52 -39.30
CA GLY G 220 -14.33 -1.18 -38.88
C GLY G 220 -13.32 -0.51 -39.80
N ARG G 221 -12.65 0.50 -39.25
CA ARG G 221 -11.61 1.23 -39.96
C ARG G 221 -10.50 1.55 -39.00
N LEU G 222 -9.26 1.41 -39.46
CA LEU G 222 -8.09 1.67 -38.64
C LEU G 222 -7.47 3.01 -39.00
N GLU G 223 -7.13 3.78 -37.97
CA GLU G 223 -6.25 4.93 -38.14
C GLU G 223 -5.41 5.02 -36.88
N PHE G 224 -4.12 5.29 -37.05
CA PHE G 224 -3.21 5.24 -35.92
C PHE G 224 -3.33 6.50 -35.10
N SER G 225 -3.15 6.36 -33.78
CA SER G 225 -3.22 7.56 -32.94
C SER G 225 -2.21 7.61 -31.81
N GLU G 226 -1.35 6.61 -31.62
CA GLU G 226 -0.42 6.62 -30.49
C GLU G 226 0.80 5.75 -30.79
N VAL G 227 1.90 6.38 -31.17
CA VAL G 227 3.15 5.64 -31.24
C VAL G 227 4.15 6.24 -30.24
N SER G 228 4.09 5.73 -29.01
CA SER G 228 5.05 6.05 -27.96
C SER G 228 4.96 4.92 -26.94
N VAL G 229 5.93 4.00 -26.97
CA VAL G 229 5.84 2.77 -26.20
C VAL G 229 6.04 3.07 -24.72
N ASP G 230 5.22 2.46 -23.87
CA ASP G 230 5.30 2.69 -22.44
C ASP G 230 6.45 1.88 -21.83
N GLU G 231 6.92 2.35 -20.68
CA GLU G 231 8.06 1.76 -20.00
C GLU G 231 7.68 0.60 -19.10
N GLY G 232 6.45 0.12 -19.17
CA GLY G 232 6.03 -0.99 -18.35
C GLY G 232 6.10 -2.29 -19.12
N THR G 233 4.95 -2.74 -19.61
CA THR G 233 4.90 -3.98 -20.39
C THR G 233 5.46 -3.81 -21.79
N GLY G 234 5.72 -2.58 -22.24
CA GLY G 234 6.38 -2.39 -23.51
C GLY G 234 5.48 -2.56 -24.71
N SER G 235 4.27 -2.02 -24.66
CA SER G 235 3.35 -2.11 -25.78
C SER G 235 2.96 -0.72 -26.27
N VAL G 236 2.45 -0.68 -27.50
CA VAL G 236 1.93 0.54 -28.10
C VAL G 236 0.43 0.37 -28.28
N THR G 237 -0.24 1.50 -28.48
CA THR G 237 -1.70 1.52 -28.59
C THR G 237 -2.10 1.82 -30.03
N ILE G 238 -3.00 0.99 -30.55
CA ILE G 238 -3.56 1.18 -31.88
C ILE G 238 -5.05 1.45 -31.73
N ARG G 239 -5.56 2.41 -32.49
CA ARG G 239 -6.95 2.81 -32.40
C ARG G 239 -7.70 2.40 -33.66
N ALA G 240 -8.97 2.05 -33.50
CA ALA G 240 -9.84 1.74 -34.62
C ALA G 240 -11.22 2.31 -34.36
N VAL G 241 -11.99 2.51 -35.42
CA VAL G 241 -13.31 3.10 -35.34
C VAL G 241 -14.32 2.09 -35.89
N PHE G 242 -15.41 1.87 -35.15
CA PHE G 242 -16.42 0.93 -35.57
C PHE G 242 -17.78 1.59 -35.58
N PRO G 243 -18.59 1.35 -36.62
CA PRO G 243 -19.97 1.83 -36.61
C PRO G 243 -20.82 0.96 -35.71
N ASN G 244 -21.53 1.59 -34.77
CA ASN G 244 -22.36 0.92 -33.78
C ASN G 244 -23.80 1.40 -33.96
N PRO G 245 -24.55 0.81 -34.89
CA PRO G 245 -25.89 1.33 -35.17
C PRO G 245 -26.91 0.99 -34.10
N ASN G 246 -26.93 -0.24 -33.61
CA ASN G 246 -27.99 -0.69 -32.72
C ASN G 246 -27.53 -0.85 -31.28
N ASN G 247 -26.44 -0.17 -30.90
CA ASN G 247 -25.84 -0.19 -29.56
C ASN G 247 -25.47 -1.61 -29.12
N GLU G 248 -24.92 -2.41 -30.03
CA GLU G 248 -24.44 -3.73 -29.63
C GLU G 248 -23.17 -3.61 -28.81
N LEU G 249 -22.33 -2.64 -29.12
CA LEU G 249 -21.09 -2.41 -28.38
C LEU G 249 -21.30 -1.34 -27.33
N LEU G 250 -20.60 -1.49 -26.21
CA LEU G 250 -20.65 -0.55 -25.10
C LEU G 250 -19.23 -0.12 -24.77
N PRO G 251 -19.05 1.09 -24.26
CA PRO G 251 -17.70 1.50 -23.84
C PRO G 251 -17.27 0.76 -22.59
N GLY G 252 -16.12 0.09 -22.70
CA GLY G 252 -15.54 -0.66 -21.62
C GLY G 252 -15.44 -2.15 -21.85
N MET G 253 -15.96 -2.66 -22.96
CA MET G 253 -15.91 -4.08 -23.24
C MET G 253 -14.50 -4.53 -23.57
N PHE G 254 -14.11 -5.68 -23.02
CA PHE G 254 -12.81 -6.28 -23.28
C PHE G 254 -12.94 -7.17 -24.51
N VAL G 255 -12.48 -6.66 -25.65
CA VAL G 255 -12.69 -7.34 -26.92
C VAL G 255 -11.37 -7.57 -27.63
N HIS G 256 -11.37 -8.55 -28.52
CA HIS G 256 -10.23 -8.78 -29.40
C HIS G 256 -10.51 -8.16 -30.77
N ALA G 257 -9.45 -7.80 -31.47
CA ALA G 257 -9.58 -7.16 -32.77
C ALA G 257 -8.68 -7.86 -33.77
N GLN G 258 -9.19 -8.11 -34.97
CA GLN G 258 -8.39 -8.69 -36.03
C GLN G 258 -7.74 -7.59 -36.85
N LEU G 259 -6.48 -7.77 -37.18
CA LEU G 259 -5.79 -6.79 -38.01
C LEU G 259 -5.30 -7.39 -39.31
N GLN G 260 -4.52 -6.63 -40.06
CA GLN G 260 -3.98 -7.07 -41.35
C GLN G 260 -2.53 -6.62 -41.45
N GLU G 261 -1.62 -7.57 -41.37
CA GLU G 261 -0.26 -7.30 -41.80
C GLU G 261 -0.14 -7.59 -43.30
N GLY G 262 1.10 -7.65 -43.77
CA GLY G 262 1.33 -7.85 -45.19
C GLY G 262 0.94 -9.25 -45.64
N VAL G 263 0.32 -9.31 -46.82
CA VAL G 263 -0.06 -10.60 -47.39
C VAL G 263 1.18 -11.34 -47.84
N LYS G 264 1.28 -12.62 -47.49
CA LYS G 264 2.43 -13.43 -47.85
C LYS G 264 2.20 -14.08 -49.21
N GLN G 265 3.10 -13.80 -50.14
CA GLN G 265 3.02 -14.35 -51.48
C GLN G 265 3.64 -15.75 -51.51
N LYS G 266 3.04 -16.62 -52.33
CA LYS G 266 3.50 -18.00 -52.58
C LYS G 266 3.56 -18.81 -51.29
N ALA G 267 2.55 -18.67 -50.45
CA ALA G 267 2.47 -19.45 -49.22
C ALA G 267 2.00 -20.86 -49.53
N ILE G 268 2.25 -21.77 -48.58
CA ILE G 268 1.86 -23.18 -48.71
C ILE G 268 1.10 -23.57 -47.45
N LEU G 269 -0.11 -24.07 -47.63
CA LEU G 269 -0.94 -24.47 -46.51
C LEU G 269 -1.08 -25.98 -46.45
N ALA G 270 -0.94 -26.53 -45.25
CA ALA G 270 -1.09 -27.95 -45.00
C ALA G 270 -2.39 -28.21 -44.26
N PRO G 271 -3.02 -29.37 -44.45
CA PRO G 271 -4.25 -29.68 -43.71
C PRO G 271 -3.98 -29.85 -42.22
N GLN G 272 -5.08 -29.92 -41.46
CA GLN G 272 -5.00 -29.80 -40.00
C GLN G 272 -4.36 -31.04 -39.38
N GLN G 273 -4.98 -32.20 -39.55
CA GLN G 273 -4.46 -33.42 -38.97
C GLN G 273 -3.47 -34.13 -39.88
N GLY G 274 -3.08 -33.52 -40.99
CA GLY G 274 -2.01 -34.09 -41.81
C GLY G 274 -0.63 -33.92 -41.21
N VAL G 275 -0.46 -32.93 -40.35
CA VAL G 275 0.81 -32.70 -39.64
C VAL G 275 0.59 -33.00 -38.16
N THR G 276 1.49 -33.81 -37.60
CA THR G 276 1.38 -34.20 -36.20
C THR G 276 2.75 -34.05 -35.57
N ARG G 277 2.78 -33.85 -34.25
CA ARG G 277 4.05 -33.70 -33.56
C ARG G 277 4.47 -34.98 -32.87
N ASP G 278 5.76 -35.29 -32.98
CA ASP G 278 6.37 -36.39 -32.27
C ASP G 278 6.93 -35.86 -30.94
N LEU G 279 7.84 -36.62 -30.34
CA LEU G 279 8.60 -36.20 -29.17
C LEU G 279 9.38 -34.91 -29.42
N LYS G 280 9.79 -34.25 -28.32
CA LYS G 280 10.41 -32.91 -28.26
C LYS G 280 9.73 -31.88 -29.18
N GLY G 281 8.40 -31.92 -29.22
CA GLY G 281 7.67 -31.03 -30.11
C GLY G 281 7.92 -31.43 -31.55
N GLN G 282 8.36 -30.46 -32.35
CA GLN G 282 8.92 -30.66 -33.69
C GLN G 282 7.92 -31.36 -34.62
N ALA G 283 6.85 -30.63 -34.93
CA ALA G 283 5.77 -31.15 -35.77
C ALA G 283 6.29 -31.57 -37.14
N THR G 284 5.81 -32.72 -37.60
CA THR G 284 6.31 -33.36 -38.80
C THR G 284 5.12 -33.80 -39.65
N ALA G 285 5.41 -33.99 -40.94
CA ALA G 285 4.42 -34.45 -41.89
C ALA G 285 5.07 -35.47 -42.82
N LEU G 286 4.30 -36.51 -43.16
CA LEU G 286 4.81 -37.63 -43.95
C LEU G 286 4.77 -37.27 -45.42
N VAL G 287 5.88 -36.74 -45.94
CA VAL G 287 5.97 -36.43 -47.36
C VAL G 287 6.26 -37.72 -48.11
N VAL G 288 5.86 -37.76 -49.39
CA VAL G 288 5.99 -38.94 -50.23
C VAL G 288 6.98 -38.63 -51.34
N ASN G 289 7.95 -39.52 -51.53
CA ASN G 289 9.01 -39.31 -52.50
C ASN G 289 8.51 -39.53 -53.92
N ALA G 290 9.37 -39.20 -54.88
CA ALA G 290 9.02 -39.37 -56.29
C ALA G 290 9.02 -40.84 -56.71
N GLN G 291 9.80 -41.68 -56.02
CA GLN G 291 9.80 -43.11 -56.26
C GLN G 291 8.82 -43.85 -55.37
N ASN G 292 7.74 -43.18 -54.96
CA ASN G 292 6.66 -43.68 -54.10
C ASN G 292 7.15 -44.11 -52.72
N LYS G 293 8.33 -43.67 -52.29
CA LYS G 293 8.77 -43.88 -50.93
C LYS G 293 8.18 -42.79 -50.03
N VAL G 294 8.23 -43.01 -48.73
CA VAL G 294 7.64 -42.10 -47.76
C VAL G 294 8.68 -41.78 -46.70
N GLU G 295 8.64 -40.54 -46.19
CA GLU G 295 9.57 -40.08 -45.16
C GLU G 295 8.93 -38.88 -44.47
N LEU G 296 9.13 -38.75 -43.17
CA LEU G 296 8.54 -37.63 -42.45
C LEU G 296 9.54 -36.48 -42.38
N ARG G 297 9.06 -35.29 -42.76
CA ARG G 297 9.86 -34.07 -42.75
C ARG G 297 9.38 -33.13 -41.65
N VAL G 298 10.31 -32.34 -41.13
CA VAL G 298 9.99 -31.38 -40.09
C VAL G 298 9.25 -30.19 -40.69
N ILE G 299 8.45 -29.53 -39.85
CA ILE G 299 7.58 -28.44 -40.25
C ILE G 299 7.90 -27.24 -39.38
N LYS G 300 8.09 -26.08 -39.99
CA LYS G 300 8.20 -24.83 -39.24
C LYS G 300 6.84 -24.12 -39.23
N ALA G 301 5.87 -24.79 -38.63
CA ALA G 301 4.52 -24.24 -38.54
C ALA G 301 4.45 -23.16 -37.48
N ASP G 302 3.98 -21.98 -37.87
CA ASP G 302 3.88 -20.85 -36.96
C ASP G 302 2.47 -20.34 -36.75
N ARG G 303 1.54 -20.67 -37.65
CA ARG G 303 0.19 -20.14 -37.55
C ARG G 303 -0.77 -21.14 -38.19
N VAL G 304 -2.05 -20.98 -37.87
CA VAL G 304 -3.11 -21.75 -38.48
C VAL G 304 -4.14 -20.77 -39.05
N ILE G 305 -4.47 -20.95 -40.33
CA ILE G 305 -5.53 -20.18 -40.98
C ILE G 305 -6.68 -21.15 -41.21
N GLY G 306 -7.78 -20.93 -40.50
CA GLY G 306 -8.92 -21.81 -40.57
C GLY G 306 -8.61 -23.19 -40.04
N ASP G 307 -8.50 -24.15 -40.95
CA ASP G 307 -8.08 -25.51 -40.60
C ASP G 307 -6.80 -25.90 -41.32
N LYS G 308 -5.94 -24.93 -41.65
CA LYS G 308 -4.74 -25.22 -42.41
C LYS G 308 -3.54 -24.56 -41.74
N TRP G 309 -2.52 -25.37 -41.47
CA TRP G 309 -1.27 -24.84 -40.92
C TRP G 309 -0.47 -24.13 -42.00
N LEU G 310 0.18 -23.04 -41.61
CA LEU G 310 1.06 -22.31 -42.52
C LEU G 310 2.49 -22.76 -42.27
N VAL G 311 3.01 -23.58 -43.17
CA VAL G 311 4.40 -24.02 -43.09
C VAL G 311 5.28 -23.02 -43.84
N THR G 312 6.29 -22.49 -43.16
CA THR G 312 7.17 -21.54 -43.80
C THR G 312 8.21 -22.24 -44.68
N GLU G 313 8.91 -23.22 -44.12
CA GLU G 313 9.87 -23.99 -44.87
C GLU G 313 9.89 -25.42 -44.35
N GLY G 314 10.51 -26.32 -45.11
CA GLY G 314 10.47 -27.73 -44.86
C GLY G 314 9.71 -28.50 -45.91
N LEU G 315 8.64 -27.92 -46.45
CA LEU G 315 7.89 -28.49 -47.55
C LEU G 315 7.93 -27.52 -48.73
N ASN G 316 7.58 -28.03 -49.90
CA ASN G 316 7.55 -27.23 -51.11
C ASN G 316 6.27 -27.52 -51.89
N ALA G 317 6.02 -26.70 -52.89
CA ALA G 317 4.83 -26.90 -53.73
C ALA G 317 5.02 -28.14 -54.60
N GLY G 318 3.96 -28.93 -54.71
CA GLY G 318 4.03 -30.20 -55.39
C GLY G 318 4.33 -31.38 -54.51
N ASP G 319 4.78 -31.15 -53.28
CA ASP G 319 5.02 -32.25 -52.35
C ASP G 319 3.70 -32.84 -51.86
N LYS G 320 3.70 -34.15 -51.66
CA LYS G 320 2.49 -34.90 -51.34
C LYS G 320 2.56 -35.43 -49.92
N ILE G 321 1.50 -35.18 -49.15
CA ILE G 321 1.46 -35.58 -47.75
C ILE G 321 0.18 -36.35 -47.47
N ILE G 322 0.19 -37.12 -46.39
CA ILE G 322 -0.89 -38.03 -46.05
C ILE G 322 -1.77 -37.40 -44.98
N THR G 323 -3.10 -37.45 -45.19
CA THR G 323 -4.01 -36.82 -44.24
C THR G 323 -5.30 -37.61 -43.99
N GLU G 324 -5.39 -38.86 -44.44
CA GLU G 324 -6.62 -39.63 -44.29
C GLU G 324 -6.56 -40.57 -43.08
N GLY G 325 -5.92 -40.13 -42.00
CA GLY G 325 -5.83 -40.94 -40.80
C GLY G 325 -4.96 -42.16 -40.90
N LEU G 326 -4.05 -42.20 -41.86
CA LEU G 326 -3.21 -43.37 -42.05
C LEU G 326 -2.14 -43.44 -40.97
N GLN G 327 -2.14 -44.54 -40.23
CA GLN G 327 -1.15 -44.77 -39.19
C GLN G 327 -0.31 -46.01 -39.44
N PHE G 328 -0.70 -46.86 -40.40
CA PHE G 328 0.07 -48.07 -40.66
C PHE G 328 1.31 -47.78 -41.48
N VAL G 329 1.39 -46.60 -42.10
CA VAL G 329 2.54 -46.25 -42.90
C VAL G 329 3.70 -45.85 -41.99
N GLN G 330 4.88 -46.33 -42.32
CA GLN G 330 6.12 -46.06 -41.61
C GLN G 330 7.16 -45.61 -42.62
N PRO G 331 8.13 -44.79 -42.21
CA PRO G 331 9.12 -44.29 -43.17
C PRO G 331 10.01 -45.40 -43.73
N GLY G 332 10.27 -45.31 -45.03
CA GLY G 332 11.05 -46.30 -45.75
C GLY G 332 10.25 -47.24 -46.62
N VAL G 333 8.92 -47.21 -46.53
CA VAL G 333 8.07 -48.13 -47.27
C VAL G 333 7.66 -47.49 -48.60
N GLU G 334 7.75 -48.27 -49.67
CA GLU G 334 7.22 -47.88 -50.97
C GLU G 334 5.74 -48.21 -50.98
N VAL G 335 4.91 -47.20 -51.27
CA VAL G 335 3.46 -47.30 -51.13
C VAL G 335 2.79 -46.81 -52.40
N LYS G 336 1.46 -46.77 -52.37
CA LYS G 336 0.69 -46.28 -53.50
C LYS G 336 0.61 -44.75 -53.48
N THR G 337 -0.19 -44.20 -54.39
CA THR G 337 -0.38 -42.76 -54.48
C THR G 337 -1.87 -42.48 -54.62
N VAL G 338 -2.66 -43.06 -53.72
CA VAL G 338 -4.11 -42.89 -53.76
C VAL G 338 -4.47 -41.48 -53.34
N PRO G 339 -5.33 -40.77 -54.06
CA PRO G 339 -5.81 -39.47 -53.58
C PRO G 339 -6.72 -39.64 -52.37
N ALA G 340 -6.61 -38.71 -51.43
CA ALA G 340 -7.39 -38.78 -50.22
C ALA G 340 -8.80 -38.22 -50.46
N LYS G 341 -9.70 -38.59 -49.55
CA LYS G 341 -11.11 -38.21 -49.65
C LYS G 341 -11.59 -37.62 -48.33
N ASN G 342 -10.80 -36.69 -47.79
CA ASN G 342 -11.18 -36.03 -46.55
C ASN G 342 -12.31 -35.03 -46.75
N VAL G 343 -12.39 -34.43 -47.93
CA VAL G 343 -13.46 -33.49 -48.25
C VAL G 343 -14.37 -34.07 -49.32
N CYS H 1 67.83 -67.69 -12.36
CA CYS H 1 68.08 -67.86 -13.78
C CYS H 1 67.81 -66.56 -14.54
N GLY H 2 67.89 -65.43 -13.84
CA GLY H 2 67.66 -64.14 -14.45
C GLY H 2 66.61 -63.31 -13.75
N LYS H 3 65.49 -63.08 -14.46
CA LYS H 3 64.31 -62.35 -13.97
C LYS H 3 64.65 -60.91 -13.58
N SER H 4 65.41 -60.24 -14.44
CA SER H 4 65.80 -58.86 -14.14
C SER H 4 64.70 -57.88 -14.51
N GLU H 5 64.43 -57.73 -15.81
CA GLU H 5 63.40 -56.87 -16.40
C GLU H 5 63.47 -55.43 -15.89
N ALA H 6 64.59 -54.79 -16.18
CA ALA H 6 64.84 -53.43 -15.68
C ALA H 6 64.06 -52.42 -16.52
N PRO H 7 63.31 -51.51 -15.89
CA PRO H 7 62.59 -50.50 -16.65
C PRO H 7 63.50 -49.34 -17.00
N PRO H 8 63.20 -48.61 -18.09
CA PRO H 8 64.00 -47.43 -18.43
C PRO H 8 63.73 -46.29 -17.47
N PRO H 9 64.76 -45.82 -16.77
CA PRO H 9 64.51 -44.78 -15.75
C PRO H 9 64.32 -43.38 -16.33
N ALA H 10 65.04 -43.04 -17.40
CA ALA H 10 64.97 -41.70 -17.96
C ALA H 10 63.67 -41.52 -18.73
N GLN H 11 62.89 -40.51 -18.37
CA GLN H 11 61.62 -40.26 -19.03
C GLN H 11 61.53 -38.87 -19.64
N THR H 12 62.01 -37.82 -18.92
CA THR H 12 62.01 -36.38 -19.23
C THR H 12 60.71 -35.94 -19.88
N PRO H 13 59.64 -35.78 -19.10
CA PRO H 13 58.27 -35.81 -19.65
C PRO H 13 57.95 -34.63 -20.57
N GLU H 14 57.21 -34.94 -21.62
CA GLU H 14 56.82 -33.97 -22.62
C GLU H 14 55.74 -33.04 -22.05
N VAL H 15 55.62 -31.86 -22.64
CA VAL H 15 54.67 -30.87 -22.14
C VAL H 15 54.10 -30.14 -23.34
N GLY H 16 53.00 -29.42 -23.13
CA GLY H 16 52.39 -28.61 -24.16
C GLY H 16 52.66 -27.14 -23.89
N ILE H 17 53.17 -26.44 -24.88
CA ILE H 17 53.67 -25.08 -24.72
C ILE H 17 53.02 -24.19 -25.77
N VAL H 18 52.46 -23.07 -25.31
CA VAL H 18 52.06 -21.99 -26.20
C VAL H 18 52.85 -20.75 -25.80
N THR H 19 53.41 -20.06 -26.80
CA THR H 19 54.19 -18.87 -26.52
C THR H 19 53.29 -17.64 -26.46
N LEU H 20 53.77 -16.60 -25.78
CA LEU H 20 52.98 -15.41 -25.58
C LEU H 20 53.50 -14.26 -26.42
N GLU H 21 52.60 -13.32 -26.73
CA GLU H 21 52.94 -12.18 -27.57
C GLU H 21 51.97 -11.05 -27.26
N ALA H 22 52.44 -9.82 -27.46
CA ALA H 22 51.62 -8.66 -27.12
C ALA H 22 50.65 -8.33 -28.26
N GLN H 23 49.57 -7.65 -27.90
CA GLN H 23 48.53 -7.26 -28.84
C GLN H 23 47.70 -6.15 -28.20
N THR H 24 46.90 -5.49 -29.04
CA THR H 24 45.98 -4.47 -28.57
C THR H 24 44.58 -5.05 -28.39
N VAL H 25 43.91 -4.66 -27.31
CA VAL H 25 42.55 -5.11 -27.04
C VAL H 25 41.67 -3.90 -26.78
N THR H 26 40.39 -4.03 -27.05
CA THR H 26 39.39 -3.03 -26.72
C THR H 26 38.50 -3.57 -25.61
N LEU H 27 37.98 -2.66 -24.80
CA LEU H 27 37.09 -3.00 -23.70
C LEU H 27 35.76 -2.31 -23.90
N ASN H 28 34.68 -3.10 -23.97
CA ASN H 28 33.35 -2.59 -24.22
C ASN H 28 32.39 -3.10 -23.16
N THR H 29 31.40 -2.28 -22.84
CA THR H 29 30.39 -2.62 -21.85
C THR H 29 29.01 -2.44 -22.45
N GLU H 30 28.13 -3.41 -22.21
CA GLU H 30 26.74 -3.31 -22.62
C GLU H 30 25.92 -2.79 -21.44
N LEU H 31 25.22 -1.70 -21.65
CA LEU H 31 24.47 -1.04 -20.59
C LEU H 31 23.01 -0.91 -20.98
N PRO H 32 22.10 -1.07 -20.02
CA PRO H 32 20.68 -0.93 -20.33
C PRO H 32 20.26 0.53 -20.33
N GLY H 33 19.33 0.83 -21.22
CA GLY H 33 18.84 2.19 -21.32
C GLY H 33 17.49 2.29 -21.99
N ARG H 34 16.90 3.47 -21.84
CA ARG H 34 15.57 3.76 -22.38
C ARG H 34 15.66 4.95 -23.31
N THR H 35 14.74 4.99 -24.27
CA THR H 35 14.71 6.09 -25.22
C THR H 35 13.76 7.19 -24.74
N ASN H 36 14.04 8.41 -25.20
CA ASN H 36 13.26 9.57 -24.86
C ASN H 36 13.21 10.47 -26.08
N ALA H 37 12.09 11.17 -26.24
CA ALA H 37 11.96 12.11 -27.34
C ALA H 37 12.86 13.31 -27.13
N PHE H 38 13.33 13.89 -28.24
CA PHE H 38 14.22 15.04 -28.14
C PHE H 38 13.48 16.28 -27.65
N ARG H 39 12.19 16.37 -27.94
CA ARG H 39 11.37 17.47 -27.45
C ARG H 39 9.96 16.94 -27.30
N ILE H 40 9.48 16.85 -26.06
CA ILE H 40 8.11 16.43 -25.79
C ILE H 40 7.39 17.55 -25.06
N ALA H 41 6.23 17.93 -25.58
CA ALA H 41 5.41 18.96 -24.98
C ALA H 41 3.99 18.46 -24.86
N GLU H 42 3.50 18.33 -23.64
CA GLU H 42 2.11 18.01 -23.41
C GLU H 42 1.33 19.33 -23.35
N VAL H 43 0.15 19.34 -23.96
CA VAL H 43 -0.60 20.59 -24.04
C VAL H 43 -1.54 20.70 -22.86
N ARG H 44 -1.40 21.79 -22.11
CA ARG H 44 -2.26 22.09 -20.99
C ARG H 44 -2.95 23.41 -21.28
N PRO H 45 -4.22 23.55 -20.93
CA PRO H 45 -4.93 24.81 -21.21
C PRO H 45 -4.46 25.91 -20.28
N GLN H 46 -4.46 27.14 -20.80
CA GLN H 46 -4.11 28.31 -20.01
C GLN H 46 -5.33 29.16 -19.67
N VAL H 47 -6.53 28.69 -19.99
CA VAL H 47 -7.77 29.37 -19.66
C VAL H 47 -8.73 28.34 -19.07
N ASN H 48 -9.96 28.76 -18.80
CA ASN H 48 -11.00 27.86 -18.32
C ASN H 48 -12.16 27.87 -19.30
N GLY H 49 -12.76 26.71 -19.52
CA GLY H 49 -13.93 26.66 -20.37
C GLY H 49 -14.17 25.28 -20.93
N ILE H 50 -15.19 25.20 -21.76
CA ILE H 50 -15.63 23.96 -22.38
C ILE H 50 -14.97 23.81 -23.73
N ILE H 51 -14.47 22.61 -24.02
CA ILE H 51 -13.98 22.30 -25.36
C ILE H 51 -15.15 22.24 -26.32
N LEU H 52 -15.00 22.87 -27.48
CA LEU H 52 -16.02 22.81 -28.52
C LEU H 52 -15.63 21.95 -29.70
N LYS H 53 -14.36 21.94 -30.08
CA LYS H 53 -13.96 21.23 -31.29
C LYS H 53 -12.50 20.82 -31.23
N ARG H 54 -12.22 19.53 -31.38
CA ARG H 54 -10.87 19.01 -31.48
C ARG H 54 -10.50 19.02 -32.96
N LEU H 55 -9.85 20.09 -33.41
CA LEU H 55 -9.63 20.31 -34.84
C LEU H 55 -8.22 19.88 -35.25
N PHE H 56 -7.96 18.59 -35.05
CA PHE H 56 -6.81 17.93 -35.64
C PHE H 56 -7.08 16.44 -35.73
N LYS H 57 -6.66 15.83 -36.82
CA LYS H 57 -6.70 14.38 -36.92
C LYS H 57 -5.61 13.78 -36.05
N GLU H 58 -5.98 12.80 -35.23
CA GLU H 58 -5.04 12.18 -34.31
C GLU H 58 -4.00 11.36 -35.07
N GLY H 59 -2.81 11.27 -34.48
CA GLY H 59 -1.73 10.53 -35.12
C GLY H 59 -1.13 11.21 -36.31
N SER H 60 -1.21 12.52 -36.39
CA SER H 60 -0.67 13.28 -37.50
C SER H 60 0.56 14.08 -37.05
N ASP H 61 1.10 14.88 -37.94
CA ASP H 61 2.22 15.76 -37.63
C ASP H 61 1.71 17.20 -37.65
N VAL H 62 1.86 17.88 -36.53
CA VAL H 62 1.43 19.26 -36.41
C VAL H 62 2.65 20.17 -36.42
N LYS H 63 2.44 21.40 -36.83
CA LYS H 63 3.50 22.41 -36.85
C LYS H 63 3.28 23.42 -35.75
N ALA H 64 4.26 24.30 -35.57
CA ALA H 64 4.21 25.28 -34.50
C ALA H 64 3.16 26.34 -34.80
N GLY H 65 2.31 26.62 -33.82
CA GLY H 65 1.26 27.60 -33.98
C GLY H 65 -0.04 27.08 -34.56
N GLN H 66 -0.13 25.79 -34.84
CA GLN H 66 -1.38 25.24 -35.35
C GLN H 66 -2.40 25.12 -34.23
N GLN H 67 -3.62 25.58 -34.51
CA GLN H 67 -4.69 25.53 -33.53
C GLN H 67 -5.14 24.09 -33.29
N LEU H 68 -5.27 23.72 -32.02
CA LEU H 68 -5.64 22.37 -31.63
C LEU H 68 -7.07 22.26 -31.12
N TYR H 69 -7.49 23.14 -30.22
CA TYR H 69 -8.83 23.10 -29.67
C TYR H 69 -9.47 24.47 -29.79
N GLN H 70 -10.70 24.59 -29.27
CA GLN H 70 -11.41 25.87 -29.19
C GLN H 70 -12.17 25.87 -27.88
N ILE H 71 -11.78 26.71 -26.94
CA ILE H 71 -12.24 26.54 -25.56
C ILE H 71 -13.37 27.53 -25.25
N ASP H 72 -14.09 27.99 -26.29
CA ASP H 72 -15.34 28.74 -26.19
C ASP H 72 -15.20 30.01 -25.35
N PRO H 73 -14.57 31.07 -25.89
CA PRO H 73 -14.07 32.17 -25.03
C PRO H 73 -15.10 32.90 -24.20
N ALA H 74 -16.02 33.64 -24.84
CA ALA H 74 -17.29 34.12 -24.29
C ALA H 74 -17.19 35.07 -23.08
N THR H 75 -16.01 35.20 -22.48
CA THR H 75 -15.60 36.13 -21.44
C THR H 75 -14.38 36.91 -21.88
N TYR H 76 -13.42 36.22 -22.51
CA TYR H 76 -12.25 36.87 -23.07
C TYR H 76 -12.64 37.74 -24.26
N GLU H 77 -13.63 37.29 -25.03
CA GLU H 77 -14.20 38.14 -26.07
C GLU H 77 -14.89 39.36 -25.48
N ALA H 78 -15.56 39.18 -24.33
CA ALA H 78 -16.31 40.28 -23.73
C ALA H 78 -15.39 41.36 -23.19
N ASP H 79 -14.39 40.99 -22.38
CA ASP H 79 -13.52 42.04 -21.89
C ASP H 79 -12.52 42.51 -22.94
N TYR H 80 -12.31 41.73 -24.00
CA TYR H 80 -11.63 42.25 -25.18
C TYR H 80 -12.43 43.35 -25.84
N GLN H 81 -13.76 43.18 -25.91
CA GLN H 81 -14.62 44.23 -26.45
C GLN H 81 -14.60 45.47 -25.57
N SER H 82 -14.58 45.28 -24.24
CA SER H 82 -14.58 46.43 -23.33
C SER H 82 -13.27 47.21 -23.43
N ALA H 83 -12.13 46.50 -23.43
CA ALA H 83 -10.84 47.16 -23.59
C ALA H 83 -10.71 47.79 -24.97
N GLN H 84 -11.32 47.18 -25.99
CA GLN H 84 -11.31 47.75 -27.32
C GLN H 84 -12.09 49.05 -27.38
N ALA H 85 -13.21 49.12 -26.65
CA ALA H 85 -13.97 50.36 -26.58
C ALA H 85 -13.21 51.46 -25.84
N ASN H 86 -12.51 51.08 -24.77
CA ASN H 86 -11.74 52.07 -24.03
C ASN H 86 -10.58 52.62 -24.86
N LEU H 87 -9.91 51.74 -25.62
CA LEU H 87 -8.87 52.19 -26.53
C LEU H 87 -9.44 53.02 -27.67
N ALA H 88 -10.64 52.66 -28.15
CA ALA H 88 -11.26 53.40 -29.25
C ALA H 88 -11.81 54.75 -28.79
N SER H 89 -11.85 54.99 -27.48
CA SER H 89 -12.07 56.35 -27.02
C SER H 89 -10.75 57.10 -26.88
N THR H 90 -9.80 56.53 -26.11
CA THR H 90 -8.63 57.31 -25.73
C THR H 90 -7.64 57.48 -26.87
N GLN H 91 -7.78 56.72 -27.96
CA GLN H 91 -6.93 56.95 -29.12
C GLN H 91 -7.25 58.27 -29.79
N GLU H 92 -8.54 58.55 -30.01
CA GLU H 92 -8.95 59.86 -30.51
C GLU H 92 -8.68 60.95 -29.48
N GLN H 93 -8.83 60.62 -28.19
CA GLN H 93 -8.51 61.60 -27.15
C GLN H 93 -7.03 62.01 -27.16
N ALA H 94 -6.15 61.08 -27.51
CA ALA H 94 -4.73 61.43 -27.64
C ALA H 94 -4.41 62.06 -28.99
N GLN H 95 -5.11 61.67 -30.06
CA GLN H 95 -4.84 62.21 -31.38
C GLN H 95 -5.24 63.68 -31.49
N ARG H 96 -6.37 64.05 -30.88
CA ARG H 96 -6.79 65.45 -30.91
C ARG H 96 -5.83 66.31 -30.09
N TYR H 97 -5.30 65.77 -28.99
CA TYR H 97 -4.32 66.51 -28.21
C TYR H 97 -3.00 66.63 -28.97
N LYS H 98 -2.66 65.62 -29.76
CA LYS H 98 -1.46 65.69 -30.60
C LYS H 98 -1.61 66.77 -31.67
N LEU H 99 -2.80 66.89 -32.25
CA LEU H 99 -3.02 67.95 -33.23
C LEU H 99 -3.06 69.31 -32.57
N LEU H 100 -3.54 69.38 -31.33
CA LEU H 100 -3.68 70.67 -30.65
C LEU H 100 -2.36 71.20 -30.13
N VAL H 101 -1.45 70.30 -29.72
CA VAL H 101 -0.25 70.73 -29.00
C VAL H 101 0.73 71.44 -29.93
N ALA H 102 0.57 71.28 -31.24
CA ALA H 102 1.40 72.04 -32.18
C ALA H 102 1.03 73.52 -32.18
N ASP H 103 -0.25 73.84 -32.02
CA ASP H 103 -0.71 75.21 -32.00
C ASP H 103 -0.76 75.79 -30.59
N GLN H 104 -0.26 75.06 -29.60
CA GLN H 104 -0.22 75.41 -28.18
C GLN H 104 -1.59 75.70 -27.59
N ALA H 105 -2.65 75.11 -28.14
CA ALA H 105 -3.98 75.29 -27.55
C ALA H 105 -4.11 74.52 -26.25
N VAL H 106 -3.48 73.35 -26.17
CA VAL H 106 -3.43 72.56 -24.95
C VAL H 106 -1.96 72.47 -24.54
N SER H 107 -1.71 72.32 -23.25
CA SER H 107 -0.34 72.34 -22.77
C SER H 107 0.37 71.03 -23.10
N LYS H 108 1.67 70.99 -22.81
CA LYS H 108 2.48 69.83 -23.18
C LYS H 108 2.21 68.64 -22.27
N GLN H 109 2.07 68.89 -20.97
CA GLN H 109 1.90 67.77 -20.04
C GLN H 109 0.51 67.15 -20.15
N GLN H 110 -0.48 67.92 -20.63
CA GLN H 110 -1.79 67.34 -20.89
C GLN H 110 -1.73 66.37 -22.06
N TYR H 111 -0.96 66.71 -23.08
CA TYR H 111 -0.73 65.78 -24.18
C TYR H 111 0.06 64.58 -23.72
N ALA H 112 1.00 64.78 -22.78
CA ALA H 112 1.74 63.66 -22.21
C ALA H 112 0.85 62.72 -21.44
N ASP H 113 -0.11 63.27 -20.69
CA ASP H 113 -1.05 62.43 -19.94
C ASP H 113 -2.00 61.70 -20.87
N ALA H 114 -2.43 62.35 -21.95
CA ALA H 114 -3.28 61.68 -22.93
C ALA H 114 -2.54 60.55 -23.63
N ASN H 115 -1.25 60.78 -23.94
CA ASN H 115 -0.45 59.74 -24.55
C ASN H 115 -0.21 58.57 -23.61
N ALA H 116 0.00 58.86 -22.32
CA ALA H 116 0.20 57.80 -21.34
C ALA H 116 -1.06 56.98 -21.14
N ALA H 117 -2.22 57.63 -21.13
CA ALA H 117 -3.48 56.89 -20.99
C ALA H 117 -3.75 56.05 -22.23
N TYR H 118 -3.40 56.57 -23.41
CA TYR H 118 -3.57 55.80 -24.64
C TYR H 118 -2.67 54.58 -24.68
N LEU H 119 -1.42 54.73 -24.23
CA LEU H 119 -0.51 53.59 -24.21
C LEU H 119 -0.90 52.56 -23.17
N GLN H 120 -1.43 53.02 -22.01
CA GLN H 120 -1.90 52.09 -20.99
C GLN H 120 -3.10 51.30 -21.47
N SER H 121 -4.02 51.96 -22.18
CA SER H 121 -5.17 51.25 -22.72
C SER H 121 -4.77 50.28 -23.82
N LYS H 122 -3.76 50.64 -24.61
CA LYS H 122 -3.28 49.73 -25.65
C LYS H 122 -2.60 48.51 -25.04
N ALA H 123 -1.88 48.71 -23.93
CA ALA H 123 -1.29 47.58 -23.22
C ALA H 123 -2.37 46.67 -22.63
N ALA H 124 -3.47 47.25 -22.14
CA ALA H 124 -4.57 46.44 -21.64
C ALA H 124 -5.26 45.68 -22.78
N VAL H 125 -5.32 46.29 -23.96
CA VAL H 125 -5.90 45.64 -25.13
C VAL H 125 -5.05 44.44 -25.53
N GLU H 126 -3.72 44.60 -25.52
CA GLU H 126 -2.85 43.48 -25.85
C GLU H 126 -2.91 42.39 -24.78
N GLN H 127 -3.11 42.78 -23.52
CA GLN H 127 -3.26 41.81 -22.45
C GLN H 127 -4.53 41.01 -22.61
N ALA H 128 -5.60 41.64 -23.10
CA ALA H 128 -6.82 40.89 -23.41
C ALA H 128 -6.64 40.02 -24.64
N ARG H 129 -5.84 40.49 -25.61
CA ARG H 129 -5.62 39.74 -26.83
C ARG H 129 -4.82 38.48 -26.58
N ILE H 130 -3.94 38.51 -25.58
CA ILE H 130 -3.20 37.30 -25.18
C ILE H 130 -4.14 36.22 -24.68
N ASN H 131 -5.06 36.60 -23.78
CA ASN H 131 -6.04 35.66 -23.25
C ASN H 131 -7.00 35.17 -24.33
N LEU H 132 -7.30 36.03 -25.31
CA LEU H 132 -8.12 35.60 -26.44
C LEU H 132 -7.36 34.62 -27.33
N ARG H 133 -6.04 34.78 -27.44
CA ARG H 133 -5.23 33.85 -28.20
C ARG H 133 -5.05 32.53 -27.48
N TYR H 134 -5.20 32.52 -26.15
CA TYR H 134 -5.06 31.26 -25.42
C TYR H 134 -6.24 30.32 -25.65
N THR H 135 -7.42 30.86 -25.99
CA THR H 135 -8.60 30.02 -26.16
C THR H 135 -8.56 29.21 -27.44
N LYS H 136 -7.72 29.60 -28.39
CA LYS H 136 -7.33 28.75 -29.50
C LYS H 136 -5.93 28.26 -29.14
N VAL H 137 -5.86 27.11 -28.47
CA VAL H 137 -4.58 26.62 -28.00
C VAL H 137 -3.74 26.15 -29.17
N LEU H 138 -2.51 26.65 -29.25
CA LEU H 138 -1.61 26.36 -30.34
C LEU H 138 -0.55 25.39 -29.86
N SER H 139 -0.14 24.49 -30.76
CA SER H 139 0.92 23.55 -30.45
C SER H 139 2.23 24.30 -30.34
N PRO H 140 2.91 24.28 -29.19
CA PRO H 140 4.10 25.12 -29.03
C PRO H 140 5.31 24.63 -29.80
N ILE H 141 5.37 23.34 -30.11
CA ILE H 141 6.44 22.79 -30.93
C ILE H 141 5.83 21.95 -32.03
N SER H 142 6.62 21.68 -33.06
CA SER H 142 6.18 20.86 -34.18
C SER H 142 6.61 19.42 -33.96
N GLY H 143 5.76 18.49 -34.38
CA GLY H 143 6.10 17.09 -34.27
C GLY H 143 4.87 16.21 -34.39
N ARG H 144 5.07 14.94 -34.09
CA ARG H 144 3.98 13.97 -34.14
C ARG H 144 3.12 14.11 -32.89
N ILE H 145 1.80 14.20 -33.11
CA ILE H 145 0.86 14.39 -32.01
C ILE H 145 0.20 13.05 -31.71
N GLY H 146 -0.03 12.78 -30.43
CA GLY H 146 -0.63 11.54 -30.00
C GLY H 146 -2.14 11.54 -30.09
N ARG H 147 -2.79 10.92 -29.11
CA ARG H 147 -4.25 10.88 -29.08
C ARG H 147 -4.78 11.85 -28.05
N SER H 148 -6.03 12.28 -28.25
CA SER H 148 -6.62 13.27 -27.37
C SER H 148 -7.08 12.63 -26.07
N ALA H 149 -6.52 13.08 -24.95
CA ALA H 149 -6.93 12.59 -23.65
C ALA H 149 -8.32 13.05 -23.25
N VAL H 150 -8.79 14.18 -23.78
CA VAL H 150 -10.13 14.66 -23.54
C VAL H 150 -10.77 15.01 -24.87
N THR H 151 -12.01 14.62 -25.06
CA THR H 151 -12.73 14.95 -26.28
C THR H 151 -13.51 16.24 -26.09
N GLU H 152 -14.26 16.62 -27.12
CA GLU H 152 -15.01 17.86 -27.07
C GLU H 152 -16.22 17.72 -26.15
N GLY H 153 -16.44 18.74 -25.34
CA GLY H 153 -17.50 18.74 -24.35
C GLY H 153 -17.00 18.74 -22.93
N ALA H 154 -15.69 18.69 -22.71
CA ALA H 154 -15.14 18.63 -21.37
C ALA H 154 -14.75 20.02 -20.87
N LEU H 155 -14.83 20.20 -19.56
CA LEU H 155 -14.41 21.43 -18.92
C LEU H 155 -12.93 21.33 -18.56
N VAL H 156 -12.17 22.36 -18.89
CA VAL H 156 -10.75 22.42 -18.57
C VAL H 156 -10.46 23.72 -17.84
N THR H 157 -9.47 23.67 -16.96
CA THR H 157 -9.11 24.76 -16.06
C THR H 157 -7.67 25.18 -16.34
N ASN H 158 -7.42 26.49 -16.21
CA ASN H 158 -6.09 27.05 -16.41
C ASN H 158 -5.11 26.46 -15.40
N GLY H 159 -4.07 25.81 -15.92
CA GLY H 159 -3.06 25.23 -15.06
C GLY H 159 -3.42 23.90 -14.45
N GLN H 160 -4.24 23.10 -15.13
CA GLN H 160 -4.57 21.78 -14.62
C GLN H 160 -3.39 20.83 -14.81
N ALA H 161 -3.37 19.78 -14.00
CA ALA H 161 -2.22 18.88 -14.00
C ALA H 161 -2.26 17.94 -15.21
N ASN H 162 -3.40 17.31 -15.45
CA ASN H 162 -3.50 16.34 -16.53
C ASN H 162 -3.55 17.04 -17.88
N ALA H 163 -2.91 16.46 -18.88
CA ALA H 163 -2.80 17.08 -20.18
C ALA H 163 -3.98 16.70 -21.07
N MET H 164 -3.98 17.30 -22.26
CA MET H 164 -4.98 16.98 -23.26
C MET H 164 -4.41 16.15 -24.40
N ALA H 165 -3.17 16.42 -24.79
CA ALA H 165 -2.48 15.68 -25.84
C ALA H 165 -0.99 15.88 -25.66
N THR H 166 -0.22 15.14 -26.44
CA THR H 166 1.23 15.23 -26.39
C THR H 166 1.79 15.37 -27.80
N VAL H 167 2.82 16.20 -27.93
CA VAL H 167 3.54 16.38 -29.18
C VAL H 167 4.98 15.96 -28.94
N GLN H 168 5.54 15.17 -29.86
CA GLN H 168 6.86 14.62 -29.69
C GLN H 168 7.68 14.82 -30.96
N GLN H 169 8.96 15.11 -30.77
CA GLN H 169 9.93 15.16 -31.86
C GLN H 169 10.70 13.84 -31.86
N LEU H 170 10.53 13.06 -32.94
CA LEU H 170 11.15 11.74 -32.99
C LEU H 170 12.57 11.79 -33.55
N ASP H 171 13.03 12.94 -34.01
CA ASP H 171 14.35 13.05 -34.62
C ASP H 171 15.03 14.30 -34.07
N PRO H 172 16.13 14.17 -33.32
CA PRO H 172 16.80 12.94 -32.90
C PRO H 172 16.16 12.26 -31.70
N ILE H 173 16.90 11.37 -31.05
CA ILE H 173 16.39 10.56 -29.95
C ILE H 173 17.41 10.56 -28.83
N TYR H 174 16.99 10.92 -27.62
CA TYR H 174 17.85 10.74 -26.47
C TYR H 174 17.80 9.28 -26.03
N VAL H 175 18.96 8.74 -25.67
CA VAL H 175 19.05 7.40 -25.11
C VAL H 175 19.72 7.54 -23.75
N ASP H 176 18.94 7.38 -22.70
CA ASP H 176 19.46 7.50 -21.33
C ASP H 176 19.77 6.09 -20.84
N VAL H 177 21.05 5.80 -20.65
CA VAL H 177 21.46 4.50 -20.17
C VAL H 177 22.02 4.67 -18.78
N THR H 178 22.15 3.54 -18.07
CA THR H 178 22.58 3.56 -16.69
C THR H 178 23.73 2.58 -16.48
N GLN H 179 24.52 2.84 -15.44
CA GLN H 179 25.59 1.93 -15.05
C GLN H 179 25.85 2.10 -13.56
N PRO H 180 26.21 1.03 -12.86
CA PRO H 180 26.39 1.13 -11.41
C PRO H 180 27.63 1.92 -11.04
N SER H 181 27.60 2.51 -9.85
CA SER H 181 28.67 3.42 -9.44
C SER H 181 29.94 2.67 -9.08
N THR H 182 29.83 1.41 -8.69
CA THR H 182 31.03 0.63 -8.38
C THR H 182 31.81 0.30 -9.64
N ALA H 183 31.10 0.09 -10.76
CA ALA H 183 31.78 -0.11 -12.03
C ALA H 183 32.50 1.15 -12.48
N LEU H 184 31.87 2.31 -12.27
CA LEU H 184 32.53 3.58 -12.56
C LEU H 184 33.72 3.80 -11.64
N LEU H 185 33.63 3.34 -10.39
CA LEU H 185 34.72 3.50 -9.44
C LEU H 185 35.92 2.66 -9.83
N ARG H 186 35.69 1.39 -10.18
CA ARG H 186 36.81 0.54 -10.57
C ARG H 186 37.36 0.94 -11.93
N LEU H 187 36.51 1.48 -12.81
CA LEU H 187 36.99 2.00 -14.09
C LEU H 187 37.85 3.24 -13.89
N ARG H 188 37.47 4.11 -12.95
CA ARG H 188 38.27 5.29 -12.67
C ARG H 188 39.55 4.94 -11.94
N ARG H 189 39.54 3.86 -11.16
CA ARG H 189 40.75 3.44 -10.46
C ARG H 189 41.74 2.80 -11.42
N GLU H 190 41.27 1.90 -12.28
CA GLU H 190 42.15 1.27 -13.26
C GLU H 190 42.51 2.21 -14.40
N LEU H 191 41.71 3.25 -14.62
CA LEU H 191 42.01 4.24 -15.65
C LEU H 191 43.25 5.06 -15.33
N ALA H 192 43.50 5.31 -14.06
CA ALA H 192 44.68 6.05 -13.63
C ALA H 192 45.76 5.15 -13.05
N SER H 193 45.44 4.38 -12.01
CA SER H 193 46.41 3.48 -11.42
C SER H 193 46.59 2.24 -12.31
N GLY H 194 47.80 1.70 -12.29
CA GLY H 194 48.08 0.55 -13.12
C GLY H 194 48.25 0.93 -14.57
N GLN H 195 47.77 0.07 -15.46
CA GLN H 195 47.87 0.33 -16.88
C GLN H 195 46.89 1.42 -17.30
N LEU H 196 47.33 2.28 -18.20
CA LEU H 196 46.52 3.40 -18.67
C LEU H 196 45.57 2.89 -19.75
N GLU H 197 44.27 3.11 -19.56
CA GLU H 197 43.29 2.58 -20.51
C GLU H 197 43.29 3.35 -21.82
N ARG H 198 43.61 4.65 -21.77
CA ARG H 198 43.83 5.51 -22.96
C ARG H 198 42.60 5.54 -23.87
N ALA H 199 41.55 6.20 -23.36
CA ALA H 199 40.24 6.22 -24.01
C ALA H 199 40.29 6.77 -25.42
N GLY H 200 41.08 7.82 -25.65
CA GLY H 200 41.38 8.24 -27.00
C GLY H 200 40.28 9.06 -27.67
N ASP H 201 40.16 8.83 -28.97
CA ASP H 201 39.32 9.65 -29.84
C ASP H 201 37.91 9.09 -30.02
N ASN H 202 37.77 7.77 -30.13
CA ASN H 202 36.47 7.14 -30.35
C ASN H 202 35.73 6.83 -29.06
N ALA H 203 36.08 7.50 -27.96
CA ALA H 203 35.32 7.35 -26.73
C ALA H 203 33.94 7.96 -26.85
N ALA H 204 33.76 8.91 -27.76
CA ALA H 204 32.44 9.47 -28.02
C ALA H 204 31.54 8.49 -28.78
N LYS H 205 32.10 7.49 -29.44
CA LYS H 205 31.31 6.62 -30.30
C LYS H 205 30.49 5.63 -29.46
N VAL H 206 29.19 5.58 -29.76
CA VAL H 206 28.26 4.71 -29.05
C VAL H 206 27.31 4.08 -30.07
N SER H 207 27.19 2.76 -30.01
CA SER H 207 26.24 2.04 -30.85
C SER H 207 25.37 1.16 -29.97
N LEU H 208 24.11 0.98 -30.38
CA LEU H 208 23.15 0.28 -29.55
C LEU H 208 22.55 -0.90 -30.30
N LYS H 209 21.96 -1.80 -29.52
CA LYS H 209 21.18 -2.92 -30.02
C LYS H 209 19.79 -2.87 -29.42
N LEU H 210 18.81 -3.33 -30.20
CA LEU H 210 17.44 -3.38 -29.74
C LEU H 210 17.22 -4.64 -28.90
N GLU H 211 15.97 -4.86 -28.48
CA GLU H 211 15.68 -5.99 -27.62
C GLU H 211 15.62 -7.30 -28.40
N ASP H 212 15.47 -7.23 -29.72
CA ASP H 212 15.48 -8.44 -30.52
C ASP H 212 16.90 -8.93 -30.82
N GLY H 213 17.92 -8.15 -30.47
CA GLY H 213 19.30 -8.51 -30.73
C GLY H 213 19.89 -7.87 -31.97
N SER H 214 19.07 -7.31 -32.85
CA SER H 214 19.58 -6.71 -34.07
C SER H 214 20.23 -5.37 -33.78
N GLN H 215 21.29 -5.06 -34.54
CA GLN H 215 22.03 -3.84 -34.36
C GLN H 215 21.33 -2.67 -35.05
N TYR H 216 21.36 -1.52 -34.42
CA TYR H 216 20.87 -0.30 -35.06
C TYR H 216 21.86 0.11 -36.14
N PRO H 217 21.40 0.49 -37.34
CA PRO H 217 22.34 0.76 -38.43
C PRO H 217 23.14 2.03 -38.25
N LEU H 218 22.52 3.10 -37.74
CA LEU H 218 23.25 4.34 -37.57
C LEU H 218 24.06 4.32 -36.28
N GLU H 219 24.73 5.43 -35.99
CA GLU H 219 25.65 5.51 -34.87
C GLU H 219 25.58 6.91 -34.28
N GLY H 220 25.62 7.00 -32.95
CA GLY H 220 25.45 8.26 -32.27
C GLY H 220 26.53 8.49 -31.23
N ARG H 221 26.59 9.72 -30.74
CA ARG H 221 27.56 10.11 -29.74
C ARG H 221 26.87 10.26 -28.38
N LEU H 222 27.66 10.51 -27.35
CA LEU H 222 27.13 10.65 -26.00
C LEU H 222 27.67 11.91 -25.36
N GLU H 223 27.01 12.33 -24.28
CA GLU H 223 27.48 13.41 -23.43
C GLU H 223 26.98 13.17 -22.01
N PHE H 224 27.75 13.61 -21.03
CA PHE H 224 27.40 13.36 -19.65
C PHE H 224 26.43 14.42 -19.16
N SER H 225 25.40 13.98 -18.43
CA SER H 225 24.36 14.92 -18.03
C SER H 225 23.84 14.71 -16.61
N GLU H 226 24.37 13.75 -15.85
CA GLU H 226 23.84 13.47 -14.51
C GLU H 226 24.99 13.05 -13.60
N VAL H 227 25.54 13.99 -12.84
CA VAL H 227 26.77 13.78 -12.09
C VAL H 227 26.47 13.14 -10.74
N SER H 228 25.19 13.08 -10.36
CA SER H 228 24.80 12.58 -9.05
C SER H 228 24.31 11.14 -9.17
N VAL H 229 24.73 10.30 -8.23
CA VAL H 229 24.32 8.90 -8.21
C VAL H 229 22.98 8.77 -7.51
N ASP H 230 22.11 7.90 -8.03
CA ASP H 230 20.78 7.73 -7.50
C ASP H 230 20.83 7.05 -6.13
N GLU H 231 19.94 7.46 -5.23
CA GLU H 231 19.94 6.91 -3.88
C GLU H 231 19.40 5.48 -3.85
N GLY H 232 18.31 5.23 -4.58
CA GLY H 232 17.67 3.93 -4.52
C GLY H 232 18.39 2.88 -5.34
N THR H 233 18.68 3.20 -6.60
CA THR H 233 19.36 2.26 -7.48
C THR H 233 20.84 2.14 -7.18
N GLY H 234 21.49 3.21 -6.73
CA GLY H 234 22.92 3.18 -6.56
C GLY H 234 23.68 3.23 -7.86
N SER H 235 23.09 3.82 -8.89
CA SER H 235 23.66 3.83 -10.22
C SER H 235 23.64 5.24 -10.79
N VAL H 236 24.58 5.50 -11.69
CA VAL H 236 24.70 6.77 -12.38
C VAL H 236 24.18 6.60 -13.79
N THR H 237 23.43 7.60 -14.27
CA THR H 237 22.86 7.58 -15.60
C THR H 237 23.60 8.56 -16.51
N ILE H 238 23.89 8.13 -17.73
CA ILE H 238 24.47 8.99 -18.74
C ILE H 238 23.54 9.01 -19.94
N ARG H 239 23.80 9.93 -20.88
CA ARG H 239 22.89 10.22 -21.97
C ARG H 239 23.63 10.16 -23.29
N ALA H 240 22.90 9.81 -24.35
CA ALA H 240 23.45 9.78 -25.70
C ALA H 240 22.43 10.33 -26.67
N VAL H 241 22.91 10.79 -27.82
CA VAL H 241 22.06 11.33 -28.88
C VAL H 241 22.17 10.41 -30.09
N PHE H 242 21.03 10.06 -30.67
CA PHE H 242 21.03 9.18 -31.82
C PHE H 242 20.16 9.76 -32.92
N PRO H 243 20.63 9.78 -34.17
CA PRO H 243 19.76 10.20 -35.27
C PRO H 243 18.77 9.12 -35.62
N ASN H 244 17.52 9.53 -35.80
CA ASN H 244 16.40 8.62 -36.06
C ASN H 244 15.66 9.11 -37.30
N PRO H 245 16.18 8.80 -38.50
CA PRO H 245 15.59 9.39 -39.70
C PRO H 245 14.31 8.71 -40.15
N ASN H 246 14.08 7.44 -39.80
CA ASN H 246 12.92 6.70 -40.28
C ASN H 246 11.97 6.33 -39.16
N ASN H 247 12.11 6.94 -37.99
CA ASN H 247 11.28 6.68 -36.79
C ASN H 247 11.32 5.22 -36.36
N GLU H 248 12.48 4.58 -36.52
CA GLU H 248 12.61 3.19 -36.10
C GLU H 248 12.71 3.06 -34.59
N LEU H 249 13.24 4.08 -33.92
CA LEU H 249 13.28 4.14 -32.47
C LEU H 249 12.10 4.94 -31.94
N LEU H 250 11.49 4.41 -30.90
CA LEU H 250 10.34 5.04 -30.26
C LEU H 250 10.71 5.40 -28.83
N PRO H 251 10.16 6.49 -28.30
CA PRO H 251 10.47 6.86 -26.91
C PRO H 251 9.86 5.88 -25.92
N GLY H 252 10.71 5.32 -25.08
CA GLY H 252 10.32 4.29 -24.14
C GLY H 252 10.83 2.91 -24.48
N MET H 253 11.49 2.74 -25.61
CA MET H 253 12.02 1.44 -25.99
C MET H 253 13.21 1.06 -25.10
N PHE H 254 13.31 -0.21 -24.77
CA PHE H 254 14.43 -0.73 -24.01
C PHE H 254 15.53 -1.14 -24.97
N VAL H 255 16.74 -0.59 -24.78
CA VAL H 255 17.86 -0.85 -25.67
C VAL H 255 19.12 -1.10 -24.85
N HIS H 256 20.14 -1.65 -25.51
CA HIS H 256 21.43 -1.91 -24.90
C HIS H 256 22.49 -1.10 -25.62
N ALA H 257 23.04 -0.11 -24.95
CA ALA H 257 24.15 0.63 -25.53
C ALA H 257 25.46 -0.11 -25.31
N GLN H 258 26.44 0.19 -26.17
CA GLN H 258 27.73 -0.47 -26.14
C GLN H 258 28.81 0.60 -26.09
N LEU H 259 29.48 0.70 -24.96
CA LEU H 259 30.41 1.79 -24.69
C LEU H 259 31.82 1.39 -25.12
N GLN H 260 32.81 2.20 -24.72
CA GLN H 260 34.21 1.95 -25.03
C GLN H 260 35.03 2.50 -23.87
N GLU H 261 35.47 1.61 -22.98
CA GLU H 261 36.21 2.03 -21.79
C GLU H 261 37.71 1.83 -21.99
N GLY H 262 38.25 2.57 -22.95
CA GLY H 262 39.69 2.58 -23.17
C GLY H 262 40.18 1.35 -23.92
N VAL H 263 41.44 1.43 -24.33
CA VAL H 263 42.08 0.36 -25.11
C VAL H 263 43.47 0.06 -24.55
N LYS H 264 43.66 -1.17 -24.08
CA LYS H 264 44.97 -1.58 -23.60
C LYS H 264 45.89 -1.85 -24.79
N GLN H 265 47.03 -1.16 -24.82
CA GLN H 265 47.90 -1.19 -26.00
C GLN H 265 48.78 -2.43 -26.01
N LYS H 266 49.66 -2.57 -25.02
CA LYS H 266 50.56 -3.72 -24.95
C LYS H 266 49.93 -4.77 -24.04
N ALA H 267 48.82 -5.31 -24.52
CA ALA H 267 48.07 -6.29 -23.75
C ALA H 267 48.75 -7.66 -23.82
N ILE H 268 48.27 -8.58 -23.00
CA ILE H 268 48.75 -9.96 -23.01
C ILE H 268 47.62 -10.87 -22.54
N LEU H 269 47.32 -11.89 -23.34
CA LEU H 269 46.15 -12.74 -23.13
C LEU H 269 46.62 -14.17 -22.89
N ALA H 270 46.43 -14.63 -21.68
CA ALA H 270 46.83 -16.00 -21.38
C ALA H 270 45.68 -16.97 -21.68
N PRO H 271 45.96 -18.19 -22.09
CA PRO H 271 44.88 -19.17 -22.25
C PRO H 271 44.40 -19.65 -20.89
N GLN H 272 43.12 -20.02 -20.83
CA GLN H 272 42.51 -20.41 -19.56
C GLN H 272 43.02 -21.76 -19.07
N GLN H 273 43.55 -22.57 -19.98
CA GLN H 273 44.04 -23.88 -19.60
C GLN H 273 45.39 -23.82 -18.90
N GLY H 274 46.06 -22.68 -18.92
CA GLY H 274 47.40 -22.59 -18.38
C GLY H 274 47.51 -21.93 -17.03
N VAL H 275 46.46 -21.22 -16.61
CA VAL H 275 46.48 -20.44 -15.37
C VAL H 275 45.41 -20.97 -14.42
N THR H 276 45.83 -21.29 -13.19
CA THR H 276 44.89 -21.82 -12.20
C THR H 276 45.14 -21.14 -10.87
N ARG H 277 44.09 -21.09 -10.05
CA ARG H 277 44.25 -20.58 -8.70
C ARG H 277 44.68 -21.70 -7.76
N ASP H 278 45.21 -21.31 -6.60
CA ASP H 278 45.72 -22.30 -5.64
C ASP H 278 45.82 -21.68 -4.26
N LEU H 279 45.29 -22.40 -3.28
CA LEU H 279 45.69 -22.37 -1.86
C LEU H 279 45.61 -20.95 -1.28
N LYS H 280 44.36 -20.49 -1.15
CA LYS H 280 43.95 -19.16 -0.64
C LYS H 280 44.70 -18.00 -1.30
N GLY H 281 45.20 -18.20 -2.51
CA GLY H 281 46.11 -17.26 -3.14
C GLY H 281 45.59 -16.78 -4.48
N GLN H 282 46.48 -16.16 -5.22
CA GLN H 282 46.16 -15.55 -6.50
C GLN H 282 46.35 -16.58 -7.60
N ALA H 283 46.26 -16.13 -8.84
CA ALA H 283 46.42 -17.01 -9.99
C ALA H 283 47.90 -17.34 -10.19
N THR H 284 48.18 -18.59 -10.55
CA THR H 284 49.52 -19.05 -10.83
C THR H 284 49.56 -19.66 -12.22
N ALA H 285 50.75 -19.64 -12.81
CA ALA H 285 50.98 -20.26 -14.11
C ALA H 285 52.38 -20.85 -14.13
N LEU H 286 52.51 -22.03 -14.74
CA LEU H 286 53.79 -22.69 -14.87
C LEU H 286 54.43 -22.29 -16.19
N VAL H 287 55.67 -21.83 -16.14
CA VAL H 287 56.41 -21.43 -17.33
C VAL H 287 57.77 -22.12 -17.31
N VAL H 288 58.30 -22.39 -18.49
CA VAL H 288 59.64 -22.95 -18.61
C VAL H 288 60.63 -21.82 -18.89
N ASN H 289 61.80 -21.91 -18.27
CA ASN H 289 62.82 -20.89 -18.44
C ASN H 289 63.67 -21.23 -19.67
N ALA H 290 64.82 -20.55 -19.80
CA ALA H 290 65.71 -20.83 -20.93
C ALA H 290 66.38 -22.19 -20.80
N GLN H 291 66.57 -22.68 -19.57
CA GLN H 291 67.19 -23.96 -19.33
C GLN H 291 66.17 -25.09 -19.17
N ASN H 292 64.94 -24.88 -19.63
CA ASN H 292 63.87 -25.88 -19.68
C ASN H 292 63.53 -26.45 -18.31
N LYS H 293 63.55 -25.61 -17.29
CA LYS H 293 63.15 -25.99 -15.94
C LYS H 293 61.83 -25.29 -15.64
N VAL H 294 60.80 -26.08 -15.34
CA VAL H 294 59.48 -25.52 -15.07
C VAL H 294 59.47 -24.82 -13.71
N GLU H 295 58.88 -23.63 -13.69
CA GLU H 295 58.83 -22.79 -12.50
C GLU H 295 57.49 -22.07 -12.48
N LEU H 296 56.92 -21.89 -11.29
CA LEU H 296 55.62 -21.27 -11.15
C LEU H 296 55.77 -19.78 -10.93
N ARG H 297 54.84 -19.00 -11.48
CA ARG H 297 54.84 -17.57 -11.30
C ARG H 297 53.42 -17.10 -11.00
N VAL H 298 53.30 -16.22 -10.02
CA VAL H 298 52.02 -15.63 -9.66
C VAL H 298 51.72 -14.48 -10.60
N ILE H 299 50.44 -14.29 -10.90
CA ILE H 299 49.97 -13.24 -11.79
C ILE H 299 48.71 -12.63 -11.18
N LYS H 300 48.16 -11.64 -11.89
CA LYS H 300 46.99 -10.90 -11.43
C LYS H 300 45.92 -10.83 -12.51
N ALA H 301 45.61 -11.98 -13.09
CA ALA H 301 44.58 -12.05 -14.12
C ALA H 301 43.20 -12.05 -13.48
N ASP H 302 42.35 -11.13 -13.89
CA ASP H 302 41.00 -11.04 -13.35
C ASP H 302 39.92 -10.98 -14.42
N ARG H 303 40.18 -10.30 -15.54
CA ARG H 303 39.17 -10.16 -16.57
C ARG H 303 39.25 -11.31 -17.57
N VAL H 304 38.09 -11.73 -18.06
CA VAL H 304 37.98 -12.86 -18.98
C VAL H 304 37.53 -12.31 -20.32
N ILE H 305 38.38 -12.48 -21.34
CA ILE H 305 38.09 -12.03 -22.69
C ILE H 305 37.98 -13.26 -23.57
N GLY H 306 36.76 -13.63 -23.93
CA GLY H 306 36.55 -14.80 -24.75
C GLY H 306 36.87 -16.07 -23.99
N ASP H 307 37.97 -16.72 -24.40
CA ASP H 307 38.52 -17.86 -23.68
C ASP H 307 39.91 -17.56 -23.15
N LYS H 308 40.22 -16.30 -22.89
CA LYS H 308 41.52 -15.90 -22.39
C LYS H 308 41.37 -15.09 -21.12
N TRP H 309 42.45 -15.03 -20.35
CA TRP H 309 42.55 -14.14 -19.22
C TRP H 309 43.38 -12.93 -19.60
N LEU H 310 42.93 -11.74 -19.18
CA LEU H 310 43.69 -10.51 -19.37
C LEU H 310 44.59 -10.36 -18.15
N VAL H 311 45.78 -10.96 -18.24
CA VAL H 311 46.75 -10.85 -17.16
C VAL H 311 47.38 -9.46 -17.19
N THR H 312 47.38 -8.79 -16.04
CA THR H 312 47.94 -7.44 -15.98
C THR H 312 49.46 -7.48 -15.84
N GLU H 313 49.95 -8.07 -14.76
CA GLU H 313 51.38 -8.16 -14.53
C GLU H 313 51.73 -9.59 -14.13
N GLY H 314 53.02 -9.90 -14.20
CA GLY H 314 53.49 -11.23 -13.92
C GLY H 314 53.72 -12.09 -15.15
N LEU H 315 53.45 -11.57 -16.33
CA LEU H 315 53.70 -12.31 -17.56
C LEU H 315 54.14 -11.33 -18.64
N ASN H 316 55.07 -11.79 -19.48
CA ASN H 316 55.64 -10.95 -20.51
C ASN H 316 55.55 -11.67 -21.86
N ALA H 317 55.73 -10.90 -22.92
CA ALA H 317 55.72 -11.49 -24.26
C ALA H 317 56.94 -12.35 -24.48
N GLY H 318 56.75 -13.47 -25.17
CA GLY H 318 57.81 -14.42 -25.37
C GLY H 318 57.90 -15.51 -24.32
N ASP H 319 57.14 -15.39 -23.23
CA ASP H 319 57.13 -16.44 -22.21
C ASP H 319 56.38 -17.66 -22.73
N LYS H 320 56.88 -18.83 -22.35
CA LYS H 320 56.31 -20.10 -22.78
C LYS H 320 55.52 -20.67 -21.60
N ILE H 321 54.20 -20.56 -21.68
CA ILE H 321 53.33 -21.01 -20.59
C ILE H 321 52.86 -22.43 -20.89
N ILE H 322 52.97 -23.29 -19.88
CA ILE H 322 52.53 -24.67 -19.98
C ILE H 322 51.01 -24.71 -20.02
N THR H 323 50.45 -25.40 -21.02
CA THR H 323 49.02 -25.54 -21.12
C THR H 323 48.55 -26.99 -21.24
N GLU H 324 49.44 -27.94 -21.47
CA GLU H 324 49.05 -29.34 -21.54
C GLU H 324 50.16 -30.18 -20.94
N GLY H 325 49.79 -31.04 -20.00
CA GLY H 325 50.77 -31.83 -19.28
C GLY H 325 50.99 -31.42 -17.85
N LEU H 326 49.99 -30.79 -17.21
CA LEU H 326 50.19 -30.28 -15.87
C LEU H 326 50.12 -31.38 -14.83
N GLN H 327 49.46 -32.49 -15.15
CA GLN H 327 49.28 -33.56 -14.18
C GLN H 327 50.54 -34.39 -13.99
N PHE H 328 51.50 -34.30 -14.91
CA PHE H 328 52.72 -35.09 -14.85
C PHE H 328 53.94 -34.21 -14.60
N VAL H 329 53.79 -33.10 -13.90
CA VAL H 329 54.90 -32.17 -13.73
C VAL H 329 54.72 -31.44 -12.40
N GLN H 330 55.86 -31.10 -11.78
CA GLN H 330 55.98 -30.29 -10.59
C GLN H 330 57.03 -29.23 -10.86
N PRO H 331 56.96 -28.07 -10.19
CA PRO H 331 57.95 -27.01 -10.46
C PRO H 331 59.35 -27.39 -10.01
N GLY H 332 60.29 -27.35 -10.96
CA GLY H 332 61.65 -27.75 -10.71
C GLY H 332 62.10 -29.00 -11.43
N VAL H 333 61.51 -29.31 -12.58
CA VAL H 333 61.78 -30.55 -13.31
C VAL H 333 62.26 -30.20 -14.72
N GLU H 334 63.35 -30.83 -15.15
CA GLU H 334 63.80 -30.68 -16.53
C GLU H 334 62.79 -31.30 -17.49
N VAL H 335 62.30 -30.48 -18.41
CA VAL H 335 61.11 -30.80 -19.20
C VAL H 335 61.35 -30.40 -20.65
N LYS H 336 61.08 -31.31 -21.57
CA LYS H 336 61.12 -31.01 -23.00
C LYS H 336 59.80 -30.39 -23.44
N THR H 337 59.85 -29.63 -24.53
CA THR H 337 58.73 -28.80 -24.96
C THR H 337 58.22 -29.18 -26.34
N VAL H 338 56.89 -29.17 -26.49
CA VAL H 338 56.21 -29.38 -27.77
C VAL H 338 55.02 -28.43 -27.84
N PRO H 339 54.86 -27.76 -28.99
CA PRO H 339 53.67 -26.90 -29.18
C PRO H 339 52.38 -27.70 -29.11
N ALA H 340 51.43 -27.17 -28.34
CA ALA H 340 50.25 -27.91 -27.91
C ALA H 340 49.09 -27.74 -28.87
N LYS H 341 48.06 -28.56 -28.65
CA LYS H 341 46.82 -28.52 -29.42
C LYS H 341 45.66 -28.36 -28.45
N ASN H 342 45.38 -27.12 -28.07
CA ASN H 342 44.23 -26.79 -27.24
C ASN H 342 43.41 -25.63 -27.78
N VAL H 343 44.01 -24.76 -28.58
CA VAL H 343 43.34 -23.58 -29.11
C VAL H 343 43.19 -23.73 -30.61
N ALA H 344 42.33 -22.89 -31.19
CA ALA H 344 42.11 -22.93 -32.63
C ALA H 344 43.32 -22.44 -33.41
N SER H 345 44.14 -21.58 -32.81
CA SER H 345 45.33 -21.07 -33.48
C SER H 345 46.47 -22.07 -33.42
N CYS I 1 63.50 -61.72 26.70
CA CYS I 1 62.83 -61.55 25.43
C CYS I 1 61.61 -60.64 25.56
N GLY I 2 61.81 -59.48 26.15
CA GLY I 2 60.74 -58.54 26.35
C GLY I 2 61.06 -57.56 27.46
N LYS I 3 60.02 -56.86 27.91
CA LYS I 3 60.06 -55.87 28.99
C LYS I 3 61.05 -54.74 28.67
N SER I 4 60.73 -54.00 27.61
CA SER I 4 61.58 -52.92 27.13
C SER I 4 60.69 -51.74 26.75
N GLU I 5 61.27 -50.81 25.98
CA GLU I 5 60.62 -49.59 25.49
C GLU I 5 60.10 -48.73 26.65
N ALA I 6 61.04 -48.23 27.44
CA ALA I 6 60.71 -47.31 28.51
C ALA I 6 60.38 -45.95 27.92
N PRO I 7 59.17 -45.42 28.15
CA PRO I 7 58.78 -44.14 27.53
C PRO I 7 59.47 -42.97 28.20
N PRO I 8 60.15 -42.13 27.44
CA PRO I 8 60.80 -40.96 28.03
C PRO I 8 59.78 -39.89 28.37
N PRO I 9 59.93 -39.23 29.53
CA PRO I 9 59.02 -38.13 29.88
C PRO I 9 59.28 -36.91 29.00
N ALA I 10 58.20 -36.25 28.60
CA ALA I 10 58.31 -35.11 27.70
C ALA I 10 58.84 -33.88 28.43
N GLN I 11 59.66 -33.11 27.72
CA GLN I 11 60.20 -31.86 28.24
C GLN I 11 59.32 -30.66 27.98
N THR I 12 58.28 -30.82 27.14
CA THR I 12 57.29 -29.83 26.71
C THR I 12 57.91 -28.54 26.19
N PRO I 13 58.54 -28.58 25.01
CA PRO I 13 59.22 -27.40 24.46
C PRO I 13 58.33 -26.54 23.59
N GLU I 14 58.97 -25.57 22.91
CA GLU I 14 58.43 -24.71 21.84
C GLU I 14 57.14 -23.98 22.24
N VAL I 15 57.31 -23.12 23.24
CA VAL I 15 56.25 -22.16 23.58
C VAL I 15 56.76 -20.75 23.31
N GLY I 16 56.45 -20.22 22.12
CA GLY I 16 56.84 -18.87 21.78
C GLY I 16 56.10 -17.84 22.59
N ILE I 17 56.79 -17.21 23.53
CA ILE I 17 56.14 -16.40 24.55
C ILE I 17 56.35 -14.92 24.25
N VAL I 18 55.24 -14.18 24.26
CA VAL I 18 55.25 -12.72 24.17
C VAL I 18 54.72 -12.18 25.49
N THR I 19 55.49 -11.32 26.14
CA THR I 19 55.02 -10.66 27.34
C THR I 19 54.18 -9.43 26.99
N LEU I 20 53.33 -9.03 27.92
CA LEU I 20 52.42 -7.93 27.70
C LEU I 20 52.79 -6.72 28.53
N GLU I 21 52.44 -5.54 28.02
CA GLU I 21 52.75 -4.28 28.69
C GLU I 21 51.63 -3.30 28.41
N ALA I 22 51.53 -2.29 29.27
CA ALA I 22 50.54 -1.23 29.07
C ALA I 22 50.95 -0.36 27.89
N GLN I 23 49.97 0.00 27.08
CA GLN I 23 50.25 0.77 25.87
C GLN I 23 49.01 1.57 25.50
N THR I 24 49.19 2.86 25.30
CA THR I 24 48.09 3.74 24.94
C THR I 24 47.85 3.69 23.43
N VAL I 25 46.57 3.65 23.06
CA VAL I 25 46.19 3.62 21.65
C VAL I 25 44.82 4.30 21.54
N THR I 26 44.61 5.00 20.44
CA THR I 26 43.34 5.66 20.21
C THR I 26 42.36 4.68 19.59
N LEU I 27 41.07 5.00 19.73
CA LEU I 27 40.01 4.14 19.23
C LEU I 27 39.24 4.85 18.12
N ASN I 28 38.67 4.04 17.23
CA ASN I 28 37.95 4.59 16.09
C ASN I 28 36.68 3.78 15.86
N THR I 29 35.68 4.45 15.30
CA THR I 29 34.42 3.80 14.95
C THR I 29 34.07 4.08 13.50
N GLU I 30 33.58 3.06 12.80
CA GLU I 30 33.11 3.20 11.44
C GLU I 30 31.59 3.31 11.45
N LEU I 31 31.07 4.35 10.80
CA LEU I 31 29.64 4.56 10.75
C LEU I 31 29.18 4.67 9.31
N PRO I 32 28.01 4.13 8.99
CA PRO I 32 27.51 4.23 7.62
C PRO I 32 26.78 5.54 7.38
N GLY I 33 26.84 6.01 6.13
CA GLY I 33 26.12 7.20 5.78
C GLY I 33 26.15 7.46 4.28
N ARG I 34 25.66 8.64 3.92
CA ARG I 34 25.54 9.04 2.53
C ARG I 34 26.32 10.32 2.28
N THR I 35 26.49 10.64 1.01
CA THR I 35 27.11 11.89 0.60
C THR I 35 26.04 12.88 0.15
N ASN I 36 26.31 14.16 0.38
CA ASN I 36 25.38 15.22 0.04
C ASN I 36 26.15 16.40 -0.52
N ALA I 37 25.50 17.14 -1.41
CA ALA I 37 26.13 18.30 -2.02
C ALA I 37 26.28 19.42 -1.01
N PHE I 38 27.28 20.28 -1.23
CA PHE I 38 27.45 21.43 -0.38
C PHE I 38 26.34 22.45 -0.58
N ARG I 39 25.95 22.68 -1.82
CA ARG I 39 24.75 23.46 -2.12
C ARG I 39 24.14 22.97 -3.42
N ILE I 40 22.86 22.62 -3.37
CA ILE I 40 22.11 22.13 -4.52
C ILE I 40 20.86 22.98 -4.68
N ALA I 41 20.65 23.49 -5.89
CA ALA I 41 19.50 24.32 -6.18
C ALA I 41 18.75 23.70 -7.35
N GLU I 42 17.53 23.29 -7.11
CA GLU I 42 16.62 22.88 -8.18
C GLU I 42 15.92 24.15 -8.65
N VAL I 43 16.01 24.45 -9.95
CA VAL I 43 15.43 25.69 -10.42
C VAL I 43 13.94 25.51 -10.58
N ARG I 44 13.18 26.46 -10.05
CA ARG I 44 11.73 26.43 -10.14
C ARG I 44 11.26 27.74 -10.74
N PRO I 45 10.29 27.71 -11.64
CA PRO I 45 9.85 28.95 -12.28
C PRO I 45 9.06 29.83 -11.33
N GLN I 46 9.36 31.13 -11.38
CA GLN I 46 8.67 32.11 -10.56
C GLN I 46 7.56 32.83 -11.32
N VAL I 47 7.32 32.45 -12.56
CA VAL I 47 6.25 33.01 -13.38
C VAL I 47 5.50 31.87 -14.06
N ASN I 48 4.53 32.22 -14.88
CA ASN I 48 3.77 31.26 -15.66
C ASN I 48 4.08 31.44 -17.13
N GLY I 49 3.92 30.38 -17.90
CA GLY I 49 4.13 30.46 -19.33
C GLY I 49 4.77 29.17 -19.84
N ILE I 50 4.95 29.12 -21.15
CA ILE I 50 5.54 27.95 -21.78
C ILE I 50 7.01 28.22 -22.05
N ILE I 51 7.79 27.14 -22.09
CA ILE I 51 9.21 27.26 -22.41
C ILE I 51 9.38 27.57 -23.89
N LEU I 52 10.31 28.46 -24.20
CA LEU I 52 10.62 28.78 -25.59
C LEU I 52 12.02 28.33 -25.97
N LYS I 53 12.98 28.52 -25.07
CA LYS I 53 14.36 28.19 -25.36
C LYS I 53 15.01 27.55 -24.14
N ARG I 54 16.02 26.73 -24.39
CA ARG I 54 16.82 26.08 -23.35
C ARG I 54 18.26 26.51 -23.59
N LEU I 55 18.64 27.63 -22.95
CA LEU I 55 19.90 28.30 -23.29
C LEU I 55 21.02 27.86 -22.34
N PHE I 56 21.25 26.56 -22.29
CA PHE I 56 22.39 26.02 -21.57
C PHE I 56 22.74 24.66 -22.12
N LYS I 57 24.03 24.32 -22.09
CA LYS I 57 24.49 23.00 -22.48
C LYS I 57 24.34 22.06 -21.29
N GLU I 58 23.74 20.89 -21.53
CA GLU I 58 23.44 19.98 -20.44
C GLU I 58 24.72 19.33 -19.90
N GLY I 59 24.73 19.12 -18.59
CA GLY I 59 25.86 18.49 -17.94
C GLY I 59 27.08 19.37 -17.78
N SER I 60 26.99 20.65 -18.08
CA SER I 60 28.13 21.55 -18.03
C SER I 60 28.06 22.43 -16.79
N ASP I 61 29.09 23.25 -16.61
CA ASP I 61 29.14 24.22 -15.54
C ASP I 61 28.42 25.49 -15.95
N VAL I 62 27.70 26.09 -15.00
CA VAL I 62 27.03 27.36 -15.23
C VAL I 62 27.36 28.28 -14.06
N LYS I 63 27.49 29.57 -14.36
CA LYS I 63 27.80 30.57 -13.37
C LYS I 63 26.53 31.21 -12.82
N ALA I 64 26.70 32.03 -11.79
CA ALA I 64 25.56 32.68 -11.17
C ALA I 64 25.01 33.76 -12.08
N GLY I 65 23.69 33.86 -12.15
CA GLY I 65 23.02 34.82 -12.99
C GLY I 65 22.96 34.45 -14.46
N GLN I 66 23.43 33.27 -14.84
CA GLN I 66 23.39 32.86 -16.23
C GLN I 66 21.96 32.46 -16.62
N GLN I 67 21.50 32.99 -17.74
CA GLN I 67 20.15 32.68 -18.20
C GLN I 67 20.08 31.24 -18.71
N LEU I 68 19.07 30.52 -18.24
CA LEU I 68 18.88 29.12 -18.60
C LEU I 68 17.64 28.85 -19.44
N TYR I 69 16.65 29.72 -19.42
CA TYR I 69 15.38 29.44 -20.07
C TYR I 69 14.78 30.72 -20.62
N GLN I 70 13.55 30.61 -21.10
CA GLN I 70 12.77 31.75 -21.59
C GLN I 70 11.31 31.35 -21.47
N ILE I 71 10.55 32.07 -20.64
CA ILE I 71 9.23 31.58 -20.27
C ILE I 71 8.18 32.33 -21.10
N ASP I 72 8.62 32.94 -22.23
CA ASP I 72 7.75 33.55 -23.24
C ASP I 72 6.86 34.64 -22.66
N PRO I 73 7.40 35.84 -22.37
CA PRO I 73 6.70 36.78 -21.47
C PRO I 73 5.32 37.25 -21.92
N ALA I 74 5.25 38.04 -23.00
CA ALA I 74 4.03 38.36 -23.76
C ALA I 74 2.93 39.09 -22.99
N THR I 75 3.05 39.20 -21.67
CA THR I 75 2.23 39.92 -20.71
C THR I 75 3.09 40.76 -19.79
N TYR I 76 4.25 40.25 -19.41
CA TYR I 76 5.16 41.00 -18.54
C TYR I 76 5.77 42.17 -19.29
N GLU I 77 6.06 41.98 -20.58
CA GLU I 77 6.48 43.11 -21.40
C GLU I 77 5.35 44.11 -21.60
N ALA I 78 4.10 43.63 -21.62
CA ALA I 78 2.95 44.50 -21.83
C ALA I 78 2.73 45.42 -20.62
N ASP I 79 2.64 44.84 -19.42
CA ASP I 79 2.44 45.73 -18.29
C ASP I 79 3.73 46.44 -17.89
N TYR I 80 4.89 45.96 -18.35
CA TYR I 80 6.10 46.78 -18.26
C TYR I 80 6.00 48.01 -19.13
N GLN I 81 5.44 47.87 -20.34
CA GLN I 81 5.21 49.01 -21.21
C GLN I 81 4.22 49.99 -20.59
N SER I 82 3.18 49.47 -19.92
CA SER I 82 2.20 50.35 -19.30
C SER I 82 2.80 51.11 -18.12
N ALA I 83 3.61 50.43 -17.31
CA ALA I 83 4.26 51.08 -16.18
C ALA I 83 5.27 52.12 -16.65
N GLN I 84 5.98 51.83 -17.75
CA GLN I 84 6.92 52.81 -18.30
C GLN I 84 6.21 54.01 -18.89
N ALA I 85 5.04 53.78 -19.51
CA ALA I 85 4.27 54.87 -20.08
C ALA I 85 3.71 55.78 -18.99
N ASN I 86 3.34 55.21 -17.84
CA ASN I 86 2.93 56.04 -16.73
C ASN I 86 4.11 56.81 -16.14
N LEU I 87 5.26 56.13 -16.02
CA LEU I 87 6.45 56.70 -15.42
C LEU I 87 6.97 57.89 -16.21
N ALA I 88 6.91 57.82 -17.54
CA ALA I 88 7.40 58.92 -18.37
C ALA I 88 6.60 60.20 -18.15
N SER I 89 5.27 60.07 -18.08
CA SER I 89 4.42 61.25 -17.89
C SER I 89 4.59 61.85 -16.51
N THR I 90 4.62 61.01 -15.47
CA THR I 90 4.76 61.58 -14.14
C THR I 90 6.18 62.09 -13.88
N GLN I 91 7.17 61.56 -14.61
CA GLN I 91 8.52 62.08 -14.49
C GLN I 91 8.65 63.44 -15.17
N GLU I 92 7.99 63.61 -16.32
CA GLU I 92 7.95 64.91 -16.98
C GLU I 92 7.27 65.95 -16.09
N GLN I 93 6.16 65.56 -15.45
CA GLN I 93 5.47 66.49 -14.56
C GLN I 93 6.30 66.81 -13.33
N ALA I 94 7.05 65.83 -12.81
CA ALA I 94 7.90 66.07 -11.65
C ALA I 94 9.06 67.00 -11.99
N GLN I 95 9.66 66.83 -13.17
CA GLN I 95 10.75 67.71 -13.58
C GLN I 95 10.26 69.13 -13.82
N ARG I 96 9.06 69.27 -14.41
CA ARG I 96 8.52 70.60 -14.65
C ARG I 96 8.13 71.28 -13.33
N TYR I 97 7.64 70.52 -12.36
CA TYR I 97 7.32 71.11 -11.07
C TYR I 97 8.58 71.45 -10.30
N LYS I 98 9.66 70.69 -10.51
CA LYS I 98 10.95 71.05 -9.91
C LYS I 98 11.50 72.32 -10.53
N LEU I 99 11.24 72.53 -11.81
CA LEU I 99 11.64 73.77 -12.45
C LEU I 99 10.83 74.95 -11.92
N LEU I 100 9.53 74.76 -11.73
CA LEU I 100 8.67 75.87 -11.35
C LEU I 100 8.69 76.16 -9.87
N VAL I 101 9.16 75.21 -9.05
CA VAL I 101 9.15 75.40 -7.60
C VAL I 101 10.26 76.33 -7.13
N ALA I 102 11.21 76.67 -8.00
CA ALA I 102 12.33 77.51 -7.58
C ALA I 102 11.89 78.96 -7.40
N ASP I 103 11.15 79.50 -8.36
CA ASP I 103 10.68 80.88 -8.30
C ASP I 103 9.27 80.97 -7.73
N GLN I 104 8.83 79.93 -7.00
CA GLN I 104 7.55 79.88 -6.29
C GLN I 104 6.34 80.06 -7.19
N ALA I 105 6.43 79.63 -8.46
CA ALA I 105 5.26 79.66 -9.32
C ALA I 105 4.29 78.55 -8.96
N VAL I 106 4.82 77.43 -8.47
CA VAL I 106 4.03 76.31 -7.97
C VAL I 106 4.48 76.05 -6.54
N SER I 107 3.52 75.82 -5.65
CA SER I 107 3.83 75.66 -4.23
C SER I 107 4.57 74.35 -3.97
N LYS I 108 5.13 74.27 -2.76
CA LYS I 108 5.99 73.13 -2.42
C LYS I 108 5.19 71.85 -2.24
N GLN I 109 3.92 71.96 -1.84
CA GLN I 109 3.12 70.76 -1.61
C GLN I 109 2.76 70.08 -2.92
N GLN I 110 2.52 70.86 -3.98
CA GLN I 110 2.24 70.26 -5.28
C GLN I 110 3.48 69.60 -5.86
N TYR I 111 4.66 70.16 -5.60
CA TYR I 111 5.90 69.52 -6.03
C TYR I 111 6.15 68.24 -5.25
N ALA I 112 5.82 68.23 -3.96
CA ALA I 112 5.94 67.02 -3.15
C ALA I 112 5.00 65.94 -3.65
N ASP I 113 3.78 66.31 -4.02
CA ASP I 113 2.84 65.33 -4.57
C ASP I 113 3.30 64.83 -5.93
N ALA I 114 3.92 65.72 -6.72
CA ALA I 114 4.39 65.34 -8.05
C ALA I 114 5.52 64.32 -7.97
N ASN I 115 6.56 64.60 -7.17
CA ASN I 115 7.63 63.61 -7.13
C ASN I 115 7.28 62.42 -6.26
N ALA I 116 6.25 62.52 -5.40
CA ALA I 116 5.76 61.32 -4.72
C ALA I 116 5.09 60.38 -5.70
N ALA I 117 4.24 60.91 -6.60
CA ALA I 117 3.64 60.08 -7.63
C ALA I 117 4.68 59.55 -8.60
N TYR I 118 5.74 60.33 -8.85
CA TYR I 118 6.83 59.90 -9.71
C TYR I 118 7.58 58.72 -9.09
N LEU I 119 7.86 58.79 -7.78
CA LEU I 119 8.56 57.71 -7.11
C LEU I 119 7.69 56.45 -7.01
N GLN I 120 6.38 56.63 -6.85
CA GLN I 120 5.48 55.48 -6.82
C GLN I 120 5.43 54.78 -8.17
N SER I 121 5.41 55.55 -9.26
CA SER I 121 5.45 54.94 -10.59
C SER I 121 6.80 54.28 -10.85
N LYS I 122 7.87 54.85 -10.29
CA LYS I 122 9.19 54.24 -10.41
C LYS I 122 9.24 52.88 -9.71
N ALA I 123 8.61 52.79 -8.54
CA ALA I 123 8.51 51.51 -7.86
C ALA I 123 7.67 50.51 -8.65
N ALA I 124 6.60 50.99 -9.31
CA ALA I 124 5.77 50.11 -10.12
C ALA I 124 6.52 49.59 -11.34
N VAL I 125 7.33 50.43 -11.97
CA VAL I 125 8.07 49.95 -13.14
C VAL I 125 9.23 49.08 -12.69
N GLU I 126 9.70 49.22 -11.45
CA GLU I 126 10.68 48.28 -10.92
C GLU I 126 10.06 46.91 -10.70
N GLN I 127 8.82 46.88 -10.20
CA GLN I 127 8.06 45.63 -10.06
C GLN I 127 7.91 44.93 -11.41
N ALA I 128 7.52 45.70 -12.43
CA ALA I 128 7.35 45.13 -13.77
C ALA I 128 8.69 44.69 -14.35
N ARG I 129 9.77 45.38 -13.99
CA ARG I 129 11.09 45.01 -14.48
C ARG I 129 11.57 43.69 -13.89
N ILE I 130 11.33 43.47 -12.60
CA ILE I 130 11.79 42.20 -12.03
C ILE I 130 10.86 41.07 -12.45
N ASN I 131 9.59 41.37 -12.76
CA ASN I 131 8.73 40.34 -13.33
C ASN I 131 9.16 39.99 -14.75
N LEU I 132 9.75 40.96 -15.45
CA LEU I 132 10.35 40.64 -16.74
C LEU I 132 11.63 39.84 -16.56
N ARG I 133 12.37 40.10 -15.48
CA ARG I 133 13.62 39.38 -15.24
C ARG I 133 13.37 37.93 -14.83
N TYR I 134 12.23 37.65 -14.22
CA TYR I 134 11.90 36.27 -13.88
C TYR I 134 11.61 35.42 -15.11
N THR I 135 11.30 36.03 -16.24
CA THR I 135 11.03 35.28 -17.46
C THR I 135 12.28 34.66 -18.06
N LYS I 136 13.44 35.22 -17.75
CA LYS I 136 14.72 34.61 -18.07
C LYS I 136 15.24 33.99 -16.80
N VAL I 137 15.16 32.66 -16.70
CA VAL I 137 15.45 31.96 -15.44
C VAL I 137 16.96 31.99 -15.24
N LEU I 138 17.41 32.92 -14.40
CA LEU I 138 18.83 33.00 -14.10
C LEU I 138 19.21 31.90 -13.13
N SER I 139 20.42 31.38 -13.29
CA SER I 139 20.93 30.38 -12.37
C SER I 139 21.20 31.03 -11.03
N PRO I 140 20.60 30.54 -9.93
CA PRO I 140 20.79 31.21 -8.64
C PRO I 140 22.19 31.03 -8.07
N ILE I 141 22.88 29.94 -8.40
CA ILE I 141 24.25 29.70 -7.96
C ILE I 141 25.04 29.15 -9.13
N SER I 142 26.34 29.00 -8.94
CA SER I 142 27.22 28.39 -9.92
C SER I 142 27.49 26.94 -9.54
N GLY I 143 27.70 26.12 -10.56
CA GLY I 143 28.00 24.73 -10.33
C GLY I 143 27.67 23.91 -11.56
N ARG I 144 27.72 22.60 -11.39
CA ARG I 144 27.40 21.69 -12.49
C ARG I 144 25.90 21.51 -12.56
N ILE I 145 25.36 21.59 -13.78
CA ILE I 145 23.93 21.44 -14.02
C ILE I 145 23.68 20.03 -14.49
N GLY I 146 22.44 19.56 -14.34
CA GLY I 146 22.06 18.22 -14.71
C GLY I 146 21.26 18.17 -15.99
N ARG I 147 20.49 17.10 -16.12
CA ARG I 147 19.58 16.96 -17.25
C ARG I 147 18.30 17.74 -16.97
N SER I 148 17.85 18.50 -17.98
CA SER I 148 16.64 19.29 -17.86
C SER I 148 15.42 18.38 -17.78
N ALA I 149 14.62 18.55 -16.72
CA ALA I 149 13.44 17.70 -16.54
C ALA I 149 12.35 17.98 -17.56
N VAL I 150 12.18 19.24 -17.96
CA VAL I 150 11.25 19.60 -19.02
C VAL I 150 12.04 20.20 -20.15
N THR I 151 11.45 20.24 -21.33
CA THR I 151 12.09 20.80 -22.51
C THR I 151 11.24 21.93 -23.07
N GLU I 152 11.62 22.41 -24.25
CA GLU I 152 10.92 23.53 -24.87
C GLU I 152 9.53 23.12 -25.32
N GLY I 153 8.52 23.86 -24.85
CA GLY I 153 7.14 23.58 -25.15
C GLY I 153 6.29 23.23 -23.94
N ALA I 154 6.90 23.04 -22.78
CA ALA I 154 6.16 22.68 -21.59
C ALA I 154 5.64 23.92 -20.89
N LEU I 155 4.45 23.80 -20.30
CA LEU I 155 3.84 24.90 -19.55
C LEU I 155 4.21 24.78 -18.09
N VAL I 156 4.73 25.87 -17.52
CA VAL I 156 5.13 25.90 -16.12
C VAL I 156 4.44 27.07 -15.44
N THR I 157 4.14 26.90 -14.16
CA THR I 157 3.44 27.89 -13.36
C THR I 157 4.33 28.39 -12.25
N ASN I 158 3.91 29.48 -11.62
CA ASN I 158 4.68 30.09 -10.55
C ASN I 158 4.63 29.23 -9.30
N GLY I 159 5.81 28.89 -8.78
CA GLY I 159 5.90 28.13 -7.55
C GLY I 159 5.46 26.69 -7.65
N GLN I 160 5.68 26.05 -8.79
CA GLN I 160 5.32 24.65 -8.93
C GLN I 160 6.29 23.77 -8.14
N ALA I 161 5.84 22.55 -7.83
CA ALA I 161 6.62 21.68 -6.96
C ALA I 161 7.75 21.01 -7.71
N ASN I 162 7.44 20.42 -8.87
CA ASN I 162 8.44 19.71 -9.64
C ASN I 162 9.37 20.70 -10.32
N ALA I 163 10.67 20.41 -10.26
CA ALA I 163 11.66 21.29 -10.83
C ALA I 163 11.78 21.08 -12.33
N MET I 164 12.50 21.99 -12.98
CA MET I 164 12.80 21.85 -14.40
C MET I 164 14.23 21.45 -14.67
N ALA I 165 15.16 21.82 -13.79
CA ALA I 165 16.55 21.40 -13.87
C ALA I 165 17.14 21.53 -12.47
N THR I 166 18.38 21.06 -12.32
CA THR I 166 19.03 21.04 -11.02
C THR I 166 20.50 21.35 -11.18
N VAL I 167 20.97 22.39 -10.50
CA VAL I 167 22.39 22.72 -10.44
C VAL I 167 22.87 22.34 -9.04
N GLN I 168 24.16 22.01 -8.95
CA GLN I 168 24.72 21.62 -7.66
C GLN I 168 26.22 21.85 -7.67
N GLN I 169 26.77 22.06 -6.47
CA GLN I 169 28.18 22.33 -6.29
C GLN I 169 28.85 21.11 -5.68
N LEU I 170 30.01 20.75 -6.21
CA LEU I 170 30.63 19.48 -5.84
C LEU I 170 31.71 19.62 -4.78
N ASP I 171 32.43 20.73 -4.76
CA ASP I 171 33.52 20.90 -3.81
C ASP I 171 33.22 22.05 -2.87
N PRO I 172 33.24 21.85 -1.55
CA PRO I 172 33.44 20.58 -0.83
C PRO I 172 32.18 19.73 -0.80
N ILE I 173 32.15 18.66 -0.02
CA ILE I 173 31.04 17.72 -0.05
C ILE I 173 30.73 17.27 1.37
N TYR I 174 29.45 17.29 1.73
CA TYR I 174 29.03 16.83 3.04
C TYR I 174 28.92 15.31 3.03
N VAL I 175 29.15 14.71 4.19
CA VAL I 175 28.77 13.32 4.44
C VAL I 175 27.93 13.30 5.71
N ASP I 176 26.88 12.50 5.70
CA ASP I 176 25.97 12.37 6.82
C ASP I 176 26.00 10.91 7.25
N VAL I 177 26.52 10.64 8.44
CA VAL I 177 26.64 9.29 8.95
C VAL I 177 25.82 9.17 10.21
N THR I 178 25.24 7.98 10.41
CA THR I 178 24.34 7.77 11.53
C THR I 178 25.05 7.00 12.64
N GLN I 179 24.58 7.22 13.87
CA GLN I 179 25.17 6.57 15.03
C GLN I 179 24.06 6.19 16.00
N PRO I 180 24.05 4.97 16.51
CA PRO I 180 23.06 4.59 17.52
C PRO I 180 23.29 5.34 18.82
N SER I 181 22.18 5.73 19.46
CA SER I 181 22.27 6.60 20.62
C SER I 181 22.81 5.87 21.84
N THR I 182 22.70 4.54 21.88
CA THR I 182 23.25 3.77 22.98
C THR I 182 24.77 3.85 23.01
N ALA I 183 25.39 3.77 21.83
CA ALA I 183 26.85 3.93 21.75
C ALA I 183 27.26 5.36 22.10
N LEU I 184 26.40 6.32 21.77
CA LEU I 184 26.69 7.72 22.08
C LEU I 184 26.69 7.97 23.58
N LEU I 185 25.67 7.46 24.27
CA LEU I 185 25.63 7.61 25.72
C LEU I 185 26.69 6.76 26.41
N ARG I 186 27.08 5.64 25.78
CA ARG I 186 28.16 4.82 26.32
C ARG I 186 29.48 5.57 26.28
N LEU I 187 29.82 6.17 25.14
CA LEU I 187 31.06 6.92 25.06
C LEU I 187 30.99 8.20 25.88
N ARG I 188 29.79 8.76 26.05
CA ARG I 188 29.65 9.95 26.89
C ARG I 188 29.87 9.63 28.36
N ARG I 189 29.39 8.46 28.81
CA ARG I 189 29.66 8.06 30.18
C ARG I 189 31.09 7.54 30.34
N GLU I 190 31.74 7.17 29.23
CA GLU I 190 33.14 6.78 29.31
C GLU I 190 34.08 7.97 29.28
N LEU I 191 33.63 9.13 28.78
CA LEU I 191 34.47 10.32 28.80
C LEU I 191 34.68 10.84 30.22
N ALA I 192 33.68 10.68 31.08
CA ALA I 192 33.71 11.27 32.41
C ALA I 192 33.85 10.23 33.51
N SER I 193 34.15 8.98 33.16
CA SER I 193 34.28 7.92 34.16
C SER I 193 35.25 6.88 33.64
N GLY I 194 35.65 5.99 34.53
CA GLY I 194 36.54 4.90 34.15
C GLY I 194 37.94 5.38 33.85
N GLN I 195 38.52 4.82 32.80
CA GLN I 195 39.86 5.18 32.39
C GLN I 195 39.82 6.47 31.56
N LEU I 196 41.02 6.91 31.15
CA LEU I 196 41.15 8.17 30.43
C LEU I 196 40.58 8.06 29.03
N GLU I 197 39.75 9.02 28.66
CA GLU I 197 39.23 9.11 27.30
C GLU I 197 39.07 10.58 26.96
N ARG I 198 40.06 11.12 26.25
CA ARG I 198 39.97 12.47 25.69
C ARG I 198 40.94 12.55 24.53
N ALA I 199 40.41 12.70 23.31
CA ALA I 199 41.28 12.68 22.13
C ALA I 199 42.09 13.97 22.01
N GLY I 200 41.44 15.12 22.19
CA GLY I 200 42.16 16.38 22.12
C GLY I 200 41.97 17.13 20.82
N ASP I 201 43.04 17.75 20.34
CA ASP I 201 42.94 18.62 19.16
C ASP I 201 42.85 17.83 17.86
N ASN I 202 43.32 16.59 17.86
CA ASN I 202 43.24 15.73 16.68
C ASN I 202 41.91 15.00 16.57
N ALA I 203 40.90 15.41 17.33
CA ALA I 203 39.57 14.83 17.27
C ALA I 203 38.70 15.47 16.21
N ALA I 204 39.31 16.12 15.22
CA ALA I 204 38.53 16.65 14.11
C ALA I 204 37.86 15.54 13.31
N LYS I 205 38.66 14.69 12.65
CA LYS I 205 38.16 13.70 11.73
C LYS I 205 39.30 12.78 11.32
N VAL I 206 38.96 11.52 11.05
CA VAL I 206 39.82 10.62 10.27
C VAL I 206 39.00 10.16 9.07
N SER I 207 39.60 9.30 8.23
CA SER I 207 39.23 9.25 6.82
C SER I 207 37.90 8.55 6.57
N LEU I 208 37.57 8.49 5.29
CA LEU I 208 36.36 7.90 4.74
C LEU I 208 36.73 6.64 3.97
N LYS I 209 35.78 5.72 3.88
CA LYS I 209 35.92 4.50 3.09
C LYS I 209 34.77 4.46 2.10
N LEU I 210 35.08 4.24 0.83
CA LEU I 210 34.06 4.27 -0.21
C LEU I 210 33.27 2.98 -0.22
N GLU I 211 32.38 2.85 -1.21
CA GLU I 211 31.52 1.68 -1.26
C GLU I 211 32.25 0.43 -1.71
N ASP I 212 33.36 0.60 -2.44
CA ASP I 212 34.16 -0.54 -2.86
C ASP I 212 35.21 -0.94 -1.84
N GLY I 213 35.21 -0.31 -0.66
CA GLY I 213 36.18 -0.60 0.37
C GLY I 213 37.49 0.12 0.25
N SER I 214 37.71 0.87 -0.83
CA SER I 214 38.96 1.59 -1.01
C SER I 214 39.03 2.79 -0.10
N GLN I 215 40.24 3.11 0.35
CA GLN I 215 40.44 4.26 1.22
C GLN I 215 40.38 5.55 0.41
N TYR I 216 40.04 6.63 1.10
CA TYR I 216 40.03 7.96 0.53
C TYR I 216 41.29 8.71 0.95
N PRO I 217 41.94 9.43 0.04
CA PRO I 217 43.24 10.03 0.36
C PRO I 217 43.17 11.21 1.33
N LEU I 218 42.15 12.05 1.19
CA LEU I 218 42.08 13.32 1.90
C LEU I 218 41.15 13.21 3.09
N GLU I 219 41.68 13.43 4.28
CA GLU I 219 40.86 13.44 5.48
C GLU I 219 40.07 14.74 5.55
N GLY I 220 38.92 14.69 6.22
CA GLY I 220 38.00 15.80 6.29
C GLY I 220 37.95 16.45 7.65
N ARG I 221 36.79 16.99 7.98
CA ARG I 221 36.55 17.65 9.25
C ARG I 221 35.10 17.44 9.65
N LEU I 222 34.86 17.31 10.95
CA LEU I 222 33.53 17.05 11.48
C LEU I 222 32.98 18.30 12.17
N GLU I 223 31.69 18.53 11.98
CA GLU I 223 30.97 19.52 12.78
C GLU I 223 29.57 18.99 13.03
N PHE I 224 29.10 19.11 14.27
CA PHE I 224 27.83 18.51 14.64
C PHE I 224 26.69 19.39 14.16
N SER I 225 25.63 18.74 13.65
CA SER I 225 24.56 19.54 13.05
C SER I 225 23.15 19.01 13.33
N GLU I 226 23.00 17.91 14.08
CA GLU I 226 21.67 17.34 14.35
C GLU I 226 21.68 16.64 15.71
N VAL I 227 21.02 17.25 16.70
CA VAL I 227 20.74 16.55 17.96
C VAL I 227 19.22 16.45 18.08
N SER I 228 18.69 15.37 17.48
CA SER I 228 17.29 14.98 17.62
C SER I 228 17.26 13.51 17.20
N VAL I 229 17.23 12.61 18.18
CA VAL I 229 17.34 11.18 17.88
C VAL I 229 16.05 10.67 17.26
N ASP I 230 16.17 9.98 16.13
CA ASP I 230 15.02 9.46 15.41
C ASP I 230 14.38 8.32 16.18
N GLU I 231 13.05 8.31 16.21
CA GLU I 231 12.31 7.30 16.96
C GLU I 231 12.20 5.97 16.22
N GLY I 232 12.50 5.94 14.92
CA GLY I 232 12.39 4.70 14.18
C GLY I 232 13.52 3.74 14.41
N THR I 233 14.74 4.24 14.58
CA THR I 233 15.90 3.40 14.76
C THR I 233 16.73 3.74 15.98
N GLY I 234 16.40 4.78 16.72
CA GLY I 234 17.20 5.17 17.87
C GLY I 234 18.55 5.74 17.54
N SER I 235 18.71 6.35 16.37
CA SER I 235 20.00 6.84 15.93
C SER I 235 19.97 8.35 15.70
N VAL I 236 21.13 8.97 15.86
CA VAL I 236 21.34 10.37 15.57
C VAL I 236 22.14 10.48 14.28
N THR I 237 22.06 11.64 13.66
CA THR I 237 22.79 11.90 12.43
C THR I 237 23.86 12.96 12.68
N ILE I 238 25.11 12.61 12.39
CA ILE I 238 26.20 13.57 12.50
C ILE I 238 26.77 13.82 11.12
N ARG I 239 27.48 14.92 10.98
CA ARG I 239 27.76 15.54 9.68
C ARG I 239 29.25 15.87 9.61
N ALA I 240 29.83 15.71 8.42
CA ALA I 240 31.24 16.06 8.24
C ALA I 240 31.44 16.63 6.85
N VAL I 241 32.51 17.40 6.69
CA VAL I 241 32.85 18.00 5.41
C VAL I 241 34.08 17.30 4.85
N PHE I 242 34.19 17.30 3.52
CA PHE I 242 35.32 16.68 2.87
C PHE I 242 35.70 17.49 1.64
N PRO I 243 36.99 17.73 1.41
CA PRO I 243 37.40 18.32 0.14
C PRO I 243 37.25 17.33 -0.99
N ASN I 244 36.89 17.84 -2.16
CA ASN I 244 36.65 17.03 -3.35
C ASN I 244 37.24 17.76 -4.55
N PRO I 245 38.56 17.68 -4.73
CA PRO I 245 39.20 18.55 -5.74
C PRO I 245 38.93 18.13 -7.17
N ASN I 246 39.04 16.84 -7.48
CA ASN I 246 38.89 16.36 -8.84
C ASN I 246 37.62 15.53 -9.03
N ASN I 247 36.62 15.76 -8.17
CA ASN I 247 35.25 15.24 -8.32
C ASN I 247 35.18 13.72 -8.34
N GLU I 248 36.02 13.05 -7.55
CA GLU I 248 35.93 11.59 -7.51
C GLU I 248 34.80 11.14 -6.58
N LEU I 249 34.29 12.03 -5.75
CA LEU I 249 33.10 11.73 -4.95
C LEU I 249 31.87 12.31 -5.61
N LEU I 250 30.76 11.59 -5.47
CA LEU I 250 29.48 12.01 -6.00
C LEU I 250 28.47 12.06 -4.87
N PRO I 251 27.52 12.99 -4.92
CA PRO I 251 26.54 13.07 -3.85
C PRO I 251 25.52 11.93 -3.92
N GLY I 252 25.31 11.27 -2.79
CA GLY I 252 24.30 10.25 -2.70
C GLY I 252 24.80 8.82 -2.80
N MET I 253 26.03 8.55 -2.39
CA MET I 253 26.57 7.20 -2.43
C MET I 253 26.78 6.67 -1.02
N PHE I 254 26.67 5.36 -0.87
CA PHE I 254 26.85 4.73 0.44
C PHE I 254 28.32 4.68 0.81
N VAL I 255 28.67 5.22 1.96
CA VAL I 255 30.06 5.28 2.41
C VAL I 255 30.13 4.92 3.89
N HIS I 256 31.33 4.59 4.35
CA HIS I 256 31.59 4.26 5.75
C HIS I 256 32.66 5.22 6.25
N ALA I 257 32.26 6.18 7.08
CA ALA I 257 33.20 7.15 7.60
C ALA I 257 33.76 6.67 8.92
N GLN I 258 35.09 6.64 9.02
CA GLN I 258 35.73 6.33 10.28
C GLN I 258 35.91 7.63 11.06
N LEU I 259 35.76 7.56 12.37
CA LEU I 259 35.92 8.75 13.18
C LEU I 259 36.50 8.41 14.54
N GLN I 260 36.88 9.47 15.25
CA GLN I 260 37.72 9.45 16.44
C GLN I 260 36.87 9.47 17.70
N GLU I 261 37.40 8.85 18.75
CA GLU I 261 36.87 8.99 20.10
C GLU I 261 38.05 9.09 21.05
N GLY I 262 37.78 8.91 22.35
CA GLY I 262 38.81 9.15 23.34
C GLY I 262 39.88 8.07 23.31
N VAL I 263 41.14 8.52 23.36
CA VAL I 263 42.28 7.61 23.34
C VAL I 263 42.35 6.89 24.68
N LYS I 264 42.46 5.57 24.63
CA LYS I 264 42.52 4.77 25.85
C LYS I 264 43.95 4.65 26.34
N GLN I 265 44.15 4.98 27.60
CA GLN I 265 45.45 4.86 28.26
C GLN I 265 45.59 3.47 28.86
N LYS I 266 46.85 3.02 28.96
CA LYS I 266 47.24 1.71 29.51
C LYS I 266 46.53 0.55 28.81
N ALA I 267 46.40 0.64 27.48
CA ALA I 267 45.75 -0.41 26.73
C ALA I 267 46.65 -1.62 26.59
N ILE I 268 46.03 -2.79 26.50
CA ILE I 268 46.75 -4.05 26.34
C ILE I 268 46.30 -4.69 25.03
N LEU I 269 47.26 -5.00 24.17
CA LEU I 269 46.98 -5.62 22.89
C LEU I 269 47.64 -6.99 22.84
N ALA I 270 46.90 -7.97 22.32
CA ALA I 270 47.42 -9.32 22.22
C ALA I 270 47.34 -9.79 20.77
N PRO I 271 48.33 -10.56 20.30
CA PRO I 271 48.26 -11.07 18.92
C PRO I 271 47.13 -12.07 18.74
N GLN I 272 46.69 -12.22 17.49
CA GLN I 272 45.49 -13.00 17.21
C GLN I 272 45.74 -14.49 17.38
N GLN I 273 46.99 -14.93 17.35
CA GLN I 273 47.27 -16.35 17.52
C GLN I 273 47.24 -16.73 18.99
N GLY I 274 47.55 -15.79 19.89
CA GLY I 274 47.54 -16.09 21.30
C GLY I 274 46.16 -16.20 21.92
N VAL I 275 45.17 -15.58 21.29
CA VAL I 275 43.80 -15.60 21.78
C VAL I 275 42.98 -16.52 20.86
N THR I 276 42.16 -17.37 21.47
CA THR I 276 41.38 -18.31 20.70
C THR I 276 40.02 -18.51 21.33
N ARG I 277 39.09 -19.04 20.55
CA ARG I 277 37.77 -19.39 21.03
C ARG I 277 37.75 -20.85 21.46
N ASP I 278 36.97 -21.16 22.47
CA ASP I 278 36.71 -22.53 22.88
C ASP I 278 35.21 -22.79 22.74
N LEU I 279 34.76 -23.92 23.29
CA LEU I 279 33.33 -24.19 23.36
C LEU I 279 32.62 -23.13 24.19
N LYS I 280 31.37 -22.86 23.83
CA LYS I 280 30.53 -21.78 24.39
C LYS I 280 31.16 -20.41 24.21
N GLY I 281 31.68 -20.16 23.01
CA GLY I 281 32.25 -18.85 22.69
C GLY I 281 33.52 -18.62 23.48
N GLN I 282 33.47 -17.59 24.33
CA GLN I 282 34.35 -17.42 25.49
C GLN I 282 35.83 -17.33 25.08
N ALA I 283 36.16 -16.20 24.44
CA ALA I 283 37.52 -15.92 24.01
C ALA I 283 38.50 -15.97 25.19
N THR I 284 39.62 -16.66 24.98
CA THR I 284 40.50 -16.98 26.07
C THR I 284 41.93 -17.11 25.58
N ALA I 285 42.86 -17.23 26.51
CA ALA I 285 44.28 -17.33 26.19
C ALA I 285 45.00 -18.19 27.22
N LEU I 286 46.22 -18.58 26.88
CA LEU I 286 47.08 -19.39 27.73
C LEU I 286 48.24 -18.53 28.22
N VAL I 287 48.33 -18.34 29.54
CA VAL I 287 49.33 -17.48 30.15
C VAL I 287 50.22 -18.33 31.04
N VAL I 288 51.53 -18.07 31.00
CA VAL I 288 52.51 -18.83 31.78
C VAL I 288 52.83 -18.06 33.05
N ASN I 289 52.82 -18.75 34.19
CA ASN I 289 53.15 -18.11 35.46
C ASN I 289 54.67 -18.13 35.66
N ALA I 290 55.10 -17.82 36.88
CA ALA I 290 56.53 -17.82 37.18
C ALA I 290 57.09 -19.23 37.31
N GLN I 291 56.24 -20.18 37.69
CA GLN I 291 56.66 -21.56 37.87
C GLN I 291 56.56 -22.40 36.60
N ASN I 292 56.54 -21.76 35.43
CA ASN I 292 56.47 -22.31 34.08
C ASN I 292 55.17 -23.06 33.79
N LYS I 293 54.20 -23.07 34.70
CA LYS I 293 52.92 -23.69 34.43
C LYS I 293 52.06 -22.76 33.57
N VAL I 294 51.28 -23.35 32.69
CA VAL I 294 50.38 -22.56 31.85
C VAL I 294 48.98 -22.63 32.45
N GLU I 295 48.20 -21.59 32.17
CA GLU I 295 46.85 -21.46 32.72
C GLU I 295 45.93 -20.89 31.66
N LEU I 296 44.67 -21.31 31.70
CA LEU I 296 43.63 -20.77 30.87
C LEU I 296 43.05 -19.52 31.53
N ARG I 297 42.92 -18.45 30.75
CA ARG I 297 42.32 -17.23 31.26
C ARG I 297 41.35 -16.67 30.24
N VAL I 298 40.11 -16.48 30.66
CA VAL I 298 39.08 -15.94 29.78
C VAL I 298 39.18 -14.42 29.75
N ILE I 299 38.99 -13.84 28.57
CA ILE I 299 39.17 -12.41 28.36
C ILE I 299 38.02 -11.88 27.53
N LYS I 300 37.62 -10.65 27.81
CA LYS I 300 36.56 -10.00 27.03
C LYS I 300 37.14 -9.10 25.94
N ALA I 301 37.94 -9.69 25.06
CA ALA I 301 38.52 -8.95 23.95
C ALA I 301 37.45 -8.65 22.90
N ASP I 302 37.22 -7.37 22.64
CA ASP I 302 36.12 -6.94 21.79
C ASP I 302 36.57 -6.34 20.48
N ARG I 303 37.48 -5.37 20.49
CA ARG I 303 37.88 -4.65 19.30
C ARG I 303 39.17 -5.24 18.73
N VAL I 304 39.32 -5.14 17.42
CA VAL I 304 40.51 -5.57 16.73
C VAL I 304 41.25 -4.32 16.26
N ILE I 305 42.51 -4.19 16.67
CA ILE I 305 43.38 -3.11 16.24
C ILE I 305 44.41 -3.72 15.32
N GLY I 306 44.18 -3.59 14.02
CA GLY I 306 45.13 -4.10 13.03
C GLY I 306 45.15 -5.61 13.02
N ASP I 307 46.24 -6.17 13.54
CA ASP I 307 46.40 -7.60 13.67
C ASP I 307 46.30 -8.08 15.11
N LYS I 308 45.89 -7.21 16.04
CA LYS I 308 45.83 -7.56 17.44
C LYS I 308 44.42 -7.37 17.98
N TRP I 309 44.19 -7.94 19.15
CA TRP I 309 42.95 -7.76 19.89
C TRP I 309 43.20 -6.83 21.07
N LEU I 310 42.27 -5.91 21.30
CA LEU I 310 42.34 -5.01 22.44
C LEU I 310 41.74 -5.76 23.63
N VAL I 311 42.61 -6.39 24.41
CA VAL I 311 42.11 -7.13 25.57
C VAL I 311 41.89 -6.18 26.74
N THR I 312 40.65 -6.10 27.20
CA THR I 312 40.32 -5.12 28.24
C THR I 312 40.52 -5.70 29.62
N GLU I 313 39.83 -6.79 29.93
CA GLU I 313 39.91 -7.44 31.23
C GLU I 313 40.50 -8.83 31.07
N GLY I 314 40.78 -9.48 32.20
CA GLY I 314 41.38 -10.79 32.16
C GLY I 314 42.89 -10.76 32.17
N LEU I 315 43.49 -10.26 31.10
CA LEU I 315 44.94 -10.16 31.02
C LEU I 315 45.44 -8.88 31.67
N ASN I 316 46.72 -8.87 32.00
CA ASN I 316 47.35 -7.72 32.62
C ASN I 316 48.72 -7.50 31.99
N ALA I 317 49.30 -6.34 32.28
CA ALA I 317 50.67 -6.06 31.85
C ALA I 317 51.65 -6.92 32.63
N GLY I 318 52.68 -7.39 31.94
CA GLY I 318 53.61 -8.33 32.53
C GLY I 318 53.25 -9.78 32.33
N ASP I 319 52.01 -10.08 31.95
CA ASP I 319 51.62 -11.45 31.68
C ASP I 319 52.23 -11.94 30.38
N LYS I 320 52.49 -13.23 30.31
CA LYS I 320 53.25 -13.85 29.24
C LYS I 320 52.37 -14.86 28.52
N ILE I 321 52.00 -14.55 27.28
CA ILE I 321 51.09 -15.41 26.52
C ILE I 321 51.88 -16.19 25.48
N ILE I 322 51.23 -17.23 24.95
CA ILE I 322 51.87 -18.22 24.07
C ILE I 322 51.33 -18.04 22.66
N THR I 323 52.20 -18.15 21.68
CA THR I 323 51.88 -18.00 20.27
C THR I 323 52.33 -19.18 19.43
N GLU I 324 53.52 -19.72 19.69
CA GLU I 324 54.05 -20.83 18.92
C GLU I 324 53.66 -22.16 19.55
N GLY I 325 53.26 -23.10 18.70
CA GLY I 325 52.97 -24.46 19.13
C GLY I 325 51.77 -24.59 20.02
N LEU I 326 50.59 -24.25 19.52
CA LEU I 326 49.36 -24.41 20.29
C LEU I 326 48.70 -25.76 20.00
N GLN I 327 49.50 -26.82 20.08
CA GLN I 327 49.03 -28.18 19.86
C GLN I 327 49.53 -29.16 20.91
N PHE I 328 50.58 -28.83 21.65
CA PHE I 328 51.23 -29.75 22.57
C PHE I 328 51.32 -29.14 23.96
N VAL I 329 50.21 -28.56 24.41
CA VAL I 329 50.19 -27.90 25.71
C VAL I 329 48.78 -28.03 26.29
N GLN I 330 48.72 -28.32 27.59
CA GLN I 330 47.51 -28.41 28.37
C GLN I 330 47.72 -27.65 29.66
N PRO I 331 46.65 -27.10 30.25
CA PRO I 331 46.81 -26.35 31.51
C PRO I 331 47.27 -27.24 32.66
N GLY I 332 48.30 -26.78 33.35
CA GLY I 332 48.94 -27.58 34.38
C GLY I 332 50.21 -28.24 33.94
N VAL I 333 50.94 -27.67 32.98
CA VAL I 333 52.13 -28.27 32.39
C VAL I 333 53.27 -27.27 32.47
N GLU I 334 54.38 -27.67 33.09
CA GLU I 334 55.58 -26.85 33.06
C GLU I 334 56.25 -26.95 31.68
N VAL I 335 56.63 -25.80 31.15
CA VAL I 335 57.13 -25.68 29.79
C VAL I 335 58.48 -24.96 29.81
N LYS I 336 59.18 -25.04 28.68
CA LYS I 336 60.48 -24.40 28.51
C LYS I 336 60.26 -23.08 27.77
N THR I 337 60.30 -21.98 28.52
CA THR I 337 59.97 -20.67 27.99
C THR I 337 61.02 -20.19 27.00
N VAL I 338 60.56 -19.55 25.93
CA VAL I 338 61.42 -19.05 24.85
C VAL I 338 60.68 -17.89 24.19
N PRO I 339 61.37 -16.80 23.83
CA PRO I 339 60.69 -15.70 23.12
C PRO I 339 60.19 -16.12 21.75
N ALA I 340 59.07 -15.52 21.35
CA ALA I 340 58.40 -15.89 20.11
C ALA I 340 59.14 -15.35 18.90
N LYS I 341 58.90 -15.97 17.75
CA LYS I 341 59.53 -15.60 16.48
C LYS I 341 58.44 -15.46 15.42
N ASN I 342 57.83 -14.28 15.34
CA ASN I 342 56.83 -14.02 14.32
C ASN I 342 56.98 -12.65 13.67
N VAL I 343 57.93 -11.83 14.09
CA VAL I 343 58.11 -10.51 13.52
C VAL I 343 59.14 -10.56 12.40
N MET J 1 26.81 -104.10 14.56
CA MET J 1 27.99 -103.38 15.01
C MET J 1 27.62 -102.36 16.09
N SER J 2 27.42 -102.85 17.31
CA SER J 2 27.11 -101.97 18.43
C SER J 2 27.59 -102.63 19.71
N LYS J 3 27.61 -101.83 20.78
CA LYS J 3 28.01 -102.21 22.13
C LYS J 3 29.44 -102.75 22.21
N PHE J 4 30.36 -102.17 21.43
CA PHE J 4 31.77 -102.52 21.43
C PHE J 4 32.59 -101.63 22.35
N PHE J 5 32.01 -101.22 23.48
CA PHE J 5 32.58 -100.17 24.30
C PHE J 5 33.87 -100.61 25.00
N ILE J 6 33.88 -101.78 25.62
CA ILE J 6 34.99 -102.18 26.48
C ILE J 6 36.21 -102.64 25.69
N ASP J 7 36.01 -103.39 24.61
CA ASP J 7 37.14 -103.84 23.80
C ASP J 7 37.64 -102.77 22.85
N ARG J 8 36.98 -101.61 22.79
CA ARG J 8 37.46 -100.45 22.05
C ARG J 8 37.44 -99.27 23.01
N PRO J 9 38.44 -99.16 23.89
CA PRO J 9 38.40 -98.08 24.90
C PRO J 9 38.73 -96.71 24.32
N ILE J 10 39.63 -96.68 23.34
CA ILE J 10 40.02 -95.40 22.78
C ILE J 10 38.96 -94.85 21.84
N PHE J 11 37.94 -95.65 21.50
CA PHE J 11 36.75 -95.09 20.84
C PHE J 11 35.97 -94.20 21.80
N ALA J 12 35.83 -94.65 23.06
CA ALA J 12 35.23 -93.78 24.07
C ALA J 12 36.11 -92.58 24.34
N TRP J 13 37.44 -92.78 24.32
CA TRP J 13 38.37 -91.66 24.49
C TRP J 13 38.25 -90.64 23.36
N VAL J 14 38.10 -91.11 22.12
CA VAL J 14 38.08 -90.19 21.00
C VAL J 14 36.75 -89.45 20.92
N ILE J 15 35.64 -90.07 21.36
CA ILE J 15 34.40 -89.30 21.34
C ILE J 15 34.34 -88.34 22.53
N ALA J 16 35.04 -88.67 23.63
CA ALA J 16 35.22 -87.68 24.69
C ALA J 16 36.06 -86.52 24.20
N LEU J 17 37.03 -86.79 23.33
CA LEU J 17 37.86 -85.70 22.79
C LEU J 17 37.09 -84.84 21.80
N VAL J 18 36.20 -85.44 21.00
CA VAL J 18 35.45 -84.60 20.06
C VAL J 18 34.44 -83.74 20.81
N ILE J 19 33.84 -84.26 21.89
CA ILE J 19 32.89 -83.40 22.59
C ILE J 19 33.62 -82.36 23.43
N MET J 20 34.86 -82.63 23.88
CA MET J 20 35.53 -81.60 24.66
C MET J 20 36.08 -80.48 23.78
N LEU J 21 36.57 -80.80 22.56
CA LEU J 21 37.06 -79.66 21.78
C LEU J 21 35.90 -78.95 21.10
N ALA J 22 34.77 -79.64 20.87
CA ALA J 22 33.57 -78.94 20.45
C ALA J 22 33.09 -77.98 21.54
N GLY J 23 33.15 -78.41 22.80
CA GLY J 23 32.78 -77.53 23.90
C GLY J 23 33.73 -76.35 24.05
N GLY J 24 35.03 -76.57 23.82
CA GLY J 24 35.97 -75.46 23.89
C GLY J 24 35.76 -74.45 22.77
N LEU J 25 35.55 -74.95 21.55
CA LEU J 25 35.27 -74.08 20.41
C LEU J 25 33.92 -73.38 20.57
N SER J 26 33.02 -73.93 21.38
CA SER J 26 31.78 -73.22 21.66
C SER J 26 31.97 -72.16 22.73
N ILE J 27 32.73 -72.47 23.79
CA ILE J 27 32.80 -71.52 24.91
C ILE J 27 33.69 -70.34 24.57
N LEU J 28 34.59 -70.48 23.60
CA LEU J 28 35.34 -69.28 23.26
C LEU J 28 34.68 -68.45 22.15
N SER J 29 33.46 -68.78 21.73
CA SER J 29 32.81 -68.04 20.64
C SER J 29 31.31 -67.86 20.88
N LEU J 30 30.91 -67.48 22.10
CA LEU J 30 29.49 -67.28 22.33
C LEU J 30 29.27 -66.03 23.19
N PRO J 31 28.11 -65.37 23.09
CA PRO J 31 27.90 -64.15 23.86
C PRO J 31 27.66 -64.42 25.34
N VAL J 32 28.09 -63.46 26.15
CA VAL J 32 27.85 -63.45 27.59
C VAL J 32 27.12 -62.16 27.94
N ASN J 33 26.03 -62.28 28.70
CA ASN J 33 25.29 -61.13 29.19
C ASN J 33 24.75 -61.46 30.57
N GLN J 34 23.97 -60.54 31.12
CA GLN J 34 23.38 -60.79 32.44
C GLN J 34 22.08 -61.57 32.32
N TYR J 35 21.17 -61.10 31.49
CA TYR J 35 19.84 -61.67 31.36
C TYR J 35 19.50 -61.86 29.89
N PRO J 36 18.62 -62.80 29.55
CA PRO J 36 18.11 -62.88 28.18
C PRO J 36 16.97 -61.90 27.97
N ALA J 37 16.29 -62.01 26.83
CA ALA J 37 15.13 -61.16 26.57
C ALA J 37 13.97 -61.64 27.44
N ILE J 38 13.98 -61.17 28.69
CA ILE J 38 12.99 -61.62 29.66
C ILE J 38 11.67 -60.89 29.47
N ALA J 39 11.73 -59.56 29.43
CA ALA J 39 10.53 -58.76 29.23
C ALA J 39 10.03 -58.90 27.80
N PRO J 40 8.73 -58.71 27.58
CA PRO J 40 8.24 -58.66 26.21
C PRO J 40 8.76 -57.45 25.49
N PRO J 41 8.92 -57.51 24.17
CA PRO J 41 9.50 -56.38 23.44
C PRO J 41 8.59 -55.17 23.42
N ALA J 42 9.18 -54.02 23.73
CA ALA J 42 8.45 -52.77 23.82
C ALA J 42 9.18 -51.71 23.01
N ILE J 43 8.45 -51.07 22.11
CA ILE J 43 8.98 -50.04 21.24
C ILE J 43 8.44 -48.70 21.72
N ALA J 44 9.34 -47.76 21.99
CA ALA J 44 8.95 -46.48 22.58
C ALA J 44 9.24 -45.37 21.59
N VAL J 45 8.20 -44.62 21.22
CA VAL J 45 8.39 -43.41 20.44
C VAL J 45 8.31 -42.23 21.40
N GLN J 46 9.08 -41.18 21.10
CA GLN J 46 9.22 -40.04 21.99
C GLN J 46 9.38 -38.78 21.19
N VAL J 47 8.95 -37.67 21.77
CA VAL J 47 9.23 -36.36 21.20
C VAL J 47 9.23 -35.34 22.33
N SER J 48 9.88 -34.20 22.10
CA SER J 48 9.83 -33.07 23.00
C SER J 48 9.27 -31.87 22.23
N TYR J 49 8.00 -31.55 22.48
CA TYR J 49 7.34 -30.41 21.84
C TYR J 49 7.48 -29.22 22.78
N PRO J 50 8.34 -28.26 22.47
CA PRO J 50 8.82 -27.33 23.51
C PRO J 50 7.79 -26.29 23.88
N GLY J 51 7.69 -26.01 25.18
CA GLY J 51 6.77 -25.02 25.69
C GLY J 51 5.32 -25.42 25.68
N ALA J 52 5.01 -26.70 25.49
CA ALA J 52 3.62 -27.10 25.41
C ALA J 52 3.09 -27.50 26.78
N SER J 53 1.83 -27.88 26.82
CA SER J 53 1.22 -28.41 28.03
C SER J 53 0.91 -29.89 27.82
N ALA J 54 0.29 -30.50 28.83
CA ALA J 54 -0.11 -31.89 28.71
C ALA J 54 -1.29 -32.03 27.75
N GLU J 55 -2.25 -31.12 27.84
CA GLU J 55 -3.45 -31.21 27.01
C GLU J 55 -3.13 -30.90 25.56
N THR J 56 -2.21 -29.98 25.31
CA THR J 56 -1.82 -29.64 23.94
C THR J 56 -1.14 -30.81 23.26
N VAL J 57 -0.20 -31.44 23.96
CA VAL J 57 0.50 -32.60 23.40
C VAL J 57 -0.48 -33.76 23.22
N GLN J 58 -1.33 -34.01 24.22
CA GLN J 58 -2.26 -35.13 24.15
C GLN J 58 -3.31 -34.96 23.07
N ASP J 59 -3.79 -33.75 22.84
CA ASP J 59 -4.81 -33.52 21.84
C ASP J 59 -4.22 -33.12 20.50
N THR J 60 -2.91 -33.00 20.39
CA THR J 60 -2.30 -32.68 19.12
C THR J 60 -1.54 -33.83 18.48
N VAL J 61 -0.72 -34.58 19.22
CA VAL J 61 0.15 -35.57 18.60
C VAL J 61 -0.21 -37.00 19.00
N VAL J 62 -0.59 -37.23 20.27
CA VAL J 62 -0.75 -38.61 20.70
C VAL J 62 -2.06 -39.16 20.18
N GLN J 63 -3.06 -38.29 20.00
CA GLN J 63 -4.36 -38.74 19.55
C GLN J 63 -4.44 -38.78 18.04
N VAL J 64 -3.37 -38.39 17.34
CA VAL J 64 -3.37 -38.44 15.89
C VAL J 64 -2.38 -39.51 15.46
N ILE J 65 -1.49 -39.94 16.35
CA ILE J 65 -0.64 -41.06 15.99
C ILE J 65 -1.00 -42.33 16.76
N GLU J 66 -2.00 -42.30 17.65
CA GLU J 66 -2.59 -43.55 18.07
C GLU J 66 -3.65 -44.02 17.08
N GLN J 67 -4.21 -43.10 16.31
CA GLN J 67 -5.25 -43.47 15.35
C GLN J 67 -4.67 -44.12 14.12
N GLN J 68 -3.40 -43.86 13.82
CA GLN J 68 -2.71 -44.51 12.73
C GLN J 68 -1.88 -45.70 13.19
N MET J 69 -1.83 -45.97 14.48
CA MET J 69 -1.06 -47.09 15.02
C MET J 69 -1.97 -48.31 15.08
N ASN J 70 -2.10 -48.98 13.95
CA ASN J 70 -2.95 -50.16 13.85
C ASN J 70 -2.42 -51.04 12.74
N GLY J 71 -2.97 -52.25 12.67
CA GLY J 71 -2.51 -53.21 11.68
C GLY J 71 -1.18 -53.84 11.97
N ILE J 72 -0.68 -53.74 13.19
CA ILE J 72 0.59 -54.35 13.56
C ILE J 72 0.35 -55.71 14.17
N ASP J 73 1.09 -56.71 13.71
CA ASP J 73 0.94 -58.07 14.21
C ASP J 73 1.66 -58.24 15.53
N ASN J 74 1.21 -59.24 16.30
CA ASN J 74 1.72 -59.61 17.62
C ASN J 74 1.65 -58.48 18.64
N LEU J 75 0.73 -57.53 18.44
CA LEU J 75 0.61 -56.43 19.38
C LEU J 75 -0.12 -56.87 20.64
N ARG J 76 0.36 -56.42 21.79
CA ARG J 76 -0.31 -56.71 23.05
C ARG J 76 -1.06 -55.49 23.57
N TYR J 77 -0.37 -54.37 23.82
CA TYR J 77 -1.09 -53.12 24.14
C TYR J 77 -0.19 -51.91 23.92
N ILE J 78 -0.83 -50.75 23.79
CA ILE J 78 -0.14 -49.48 23.69
C ILE J 78 -0.48 -48.65 24.93
N SER J 79 0.45 -47.82 25.36
CA SER J 79 0.21 -46.91 26.48
C SER J 79 1.00 -45.64 26.27
N SER J 80 0.33 -44.50 26.38
CA SER J 80 0.92 -43.22 26.06
C SER J 80 0.85 -42.30 27.26
N GLU J 81 1.83 -41.41 27.37
CA GLU J 81 1.76 -40.34 28.37
C GLU J 81 2.32 -39.06 27.77
N SER J 82 1.72 -37.95 28.20
CA SER J 82 2.10 -36.61 27.80
C SER J 82 2.31 -35.79 29.06
N ASN J 83 3.43 -35.08 29.13
CA ASN J 83 3.82 -34.40 30.35
C ASN J 83 3.58 -32.90 30.24
N SER J 84 3.79 -32.21 31.36
CA SER J 84 3.55 -30.77 31.41
C SER J 84 4.66 -29.98 30.74
N ASP J 85 5.88 -30.52 30.72
CA ASP J 85 7.00 -29.81 30.13
C ASP J 85 7.03 -29.91 28.61
N GLY J 86 6.13 -30.69 28.02
CA GLY J 86 6.07 -30.82 26.58
C GLY J 86 6.69 -32.07 26.02
N SER J 87 6.72 -33.16 26.78
CA SER J 87 7.29 -34.40 26.30
C SER J 87 6.20 -35.45 26.08
N MET J 88 6.42 -36.29 25.08
CA MET J 88 5.49 -37.34 24.69
C MET J 88 6.23 -38.66 24.64
N THR J 89 5.64 -39.69 25.27
CA THR J 89 6.20 -41.03 25.23
C THR J 89 5.08 -42.06 25.04
N ILE J 90 5.18 -42.85 23.98
CA ILE J 90 4.22 -43.93 23.71
C ILE J 90 4.99 -45.23 23.66
N THR J 91 4.58 -46.20 24.48
CA THR J 91 5.20 -47.52 24.51
C THR J 91 4.23 -48.54 23.93
N VAL J 92 4.70 -49.29 22.95
CA VAL J 92 3.96 -50.40 22.34
C VAL J 92 4.59 -51.68 22.81
N THR J 93 3.88 -52.44 23.64
CA THR J 93 4.36 -53.73 24.12
C THR J 93 3.72 -54.83 23.30
N PHE J 94 4.53 -55.81 22.92
CA PHE J 94 4.14 -56.89 22.03
C PHE J 94 4.01 -58.20 22.80
N GLU J 95 3.74 -59.26 22.06
CA GLU J 95 3.71 -60.59 22.64
C GLU J 95 5.13 -61.08 22.88
N GLN J 96 5.24 -62.18 23.62
CA GLN J 96 6.55 -62.76 23.87
C GLN J 96 7.02 -63.54 22.66
N GLY J 97 8.33 -63.51 22.43
CA GLY J 97 8.95 -64.32 21.41
C GLY J 97 9.19 -63.63 20.08
N THR J 98 8.50 -62.53 19.81
CA THR J 98 8.72 -61.84 18.54
C THR J 98 10.06 -61.10 18.56
N ASP J 99 10.68 -60.99 17.40
CA ASP J 99 11.98 -60.34 17.32
C ASP J 99 11.78 -58.83 17.30
N PRO J 100 12.67 -58.06 17.91
CA PRO J 100 12.34 -56.64 18.17
C PRO J 100 12.44 -55.72 16.97
N ASP J 101 13.32 -56.02 16.00
CA ASP J 101 13.57 -55.04 14.95
C ASP J 101 12.45 -54.99 13.91
N ILE J 102 11.77 -56.12 13.66
CA ILE J 102 10.60 -56.09 12.79
C ILE J 102 9.47 -55.29 13.43
N ALA J 103 9.32 -55.45 14.75
CA ALA J 103 8.36 -54.64 15.49
C ALA J 103 8.70 -53.17 15.44
N GLN J 104 9.99 -52.84 15.56
CA GLN J 104 10.43 -51.45 15.50
C GLN J 104 10.19 -50.85 14.12
N VAL J 105 10.48 -51.61 13.06
CA VAL J 105 10.31 -51.04 11.73
C VAL J 105 8.82 -50.96 11.37
N GLN J 106 7.98 -51.81 11.95
CA GLN J 106 6.54 -51.68 11.72
C GLN J 106 5.97 -50.45 12.41
N VAL J 107 6.36 -50.23 13.68
CA VAL J 107 5.93 -49.05 14.41
C VAL J 107 6.47 -47.78 13.75
N GLN J 108 7.71 -47.85 13.26
CA GLN J 108 8.32 -46.71 12.60
C GLN J 108 7.66 -46.42 11.25
N ASN J 109 7.20 -47.46 10.55
CA ASN J 109 6.51 -47.23 9.29
C ASN J 109 5.14 -46.62 9.52
N LYS J 110 4.43 -47.07 10.56
CA LYS J 110 3.13 -46.48 10.89
C LYS J 110 3.27 -45.02 11.30
N LEU J 111 4.27 -44.72 12.13
CA LEU J 111 4.54 -43.35 12.51
C LEU J 111 5.04 -42.52 11.34
N GLN J 112 5.73 -43.14 10.39
CA GLN J 112 6.31 -42.40 9.28
C GLN J 112 5.25 -42.01 8.26
N LEU J 113 4.21 -42.83 8.08
CA LEU J 113 3.15 -42.31 7.24
C LEU J 113 2.09 -41.58 8.04
N ALA J 114 2.21 -41.55 9.37
CA ALA J 114 1.37 -40.67 10.17
C ALA J 114 1.92 -39.26 10.32
N THR J 115 3.23 -39.07 10.18
CA THR J 115 3.85 -37.79 10.50
C THR J 115 3.43 -36.55 9.69
N PRO J 116 2.85 -36.62 8.48
CA PRO J 116 2.29 -35.37 7.93
C PRO J 116 1.05 -34.87 8.65
N LEU J 117 0.41 -35.68 9.50
CA LEU J 117 -0.73 -35.19 10.24
C LEU J 117 -0.34 -34.30 11.40
N LEU J 118 0.91 -34.36 11.84
CA LEU J 118 1.39 -33.54 12.92
C LEU J 118 1.56 -32.08 12.46
N PRO J 119 1.56 -31.13 13.39
CA PRO J 119 1.92 -29.76 13.02
C PRO J 119 3.40 -29.64 12.67
N GLN J 120 3.75 -28.49 12.09
CA GLN J 120 5.08 -28.33 11.52
C GLN J 120 6.16 -28.24 12.59
N GLU J 121 5.86 -27.54 13.69
CA GLU J 121 6.88 -27.29 14.70
C GLU J 121 7.16 -28.51 15.56
N VAL J 122 6.41 -29.59 15.42
CA VAL J 122 6.75 -30.81 16.13
C VAL J 122 7.33 -31.86 15.18
N GLN J 123 7.02 -31.76 13.88
CA GLN J 123 7.64 -32.69 12.94
C GLN J 123 8.99 -32.19 12.48
N ARG J 124 9.28 -30.90 12.68
CA ARG J 124 10.66 -30.45 12.53
C ARG J 124 11.49 -30.77 13.76
N GLN J 125 10.86 -31.10 14.88
CA GLN J 125 11.59 -31.57 16.04
C GLN J 125 12.16 -32.96 15.81
N GLY J 126 11.40 -33.81 15.14
CA GLY J 126 11.85 -35.15 14.85
C GLY J 126 11.43 -36.16 15.89
N ILE J 127 10.64 -37.16 15.48
CA ILE J 127 10.23 -38.21 16.40
C ILE J 127 11.37 -39.20 16.56
N ARG J 128 11.55 -39.70 17.79
CA ARG J 128 12.61 -40.65 18.08
C ARG J 128 11.98 -41.97 18.50
N VAL J 129 12.15 -43.00 17.69
CA VAL J 129 11.62 -44.33 17.97
C VAL J 129 12.78 -45.26 18.36
N THR J 130 12.66 -45.90 19.52
CA THR J 130 13.71 -46.77 20.03
C THR J 130 13.11 -48.10 20.45
N LYS J 131 13.98 -49.10 20.59
CA LYS J 131 13.59 -50.42 21.06
C LYS J 131 13.96 -50.65 22.52
N ALA J 132 14.36 -49.61 23.23
CA ALA J 132 14.91 -49.76 24.56
C ALA J 132 13.84 -50.19 25.57
N VAL J 133 14.18 -51.16 26.41
CA VAL J 133 13.21 -51.57 27.42
C VAL J 133 13.49 -50.87 28.75
N LYS J 134 14.50 -51.31 29.52
CA LYS J 134 15.15 -50.45 30.51
C LYS J 134 16.60 -50.83 30.73
N ASN J 135 17.00 -52.03 30.31
CA ASN J 135 18.25 -52.60 30.79
C ASN J 135 19.46 -51.94 30.13
N PHE J 136 20.54 -51.84 30.89
CA PHE J 136 21.78 -51.25 30.42
C PHE J 136 22.94 -52.16 30.78
N LEU J 137 24.00 -52.13 29.97
CA LEU J 137 25.26 -52.68 30.43
C LEU J 137 25.77 -51.86 31.60
N MET J 138 25.90 -50.55 31.42
CA MET J 138 26.38 -49.68 32.50
C MET J 138 25.91 -48.27 32.22
N VAL J 139 26.29 -47.36 33.11
CA VAL J 139 26.12 -45.93 32.90
C VAL J 139 27.38 -45.24 33.42
N VAL J 140 27.93 -44.35 32.61
CA VAL J 140 29.16 -43.64 32.95
C VAL J 140 28.88 -42.15 32.90
N GLY J 141 29.31 -41.44 33.96
CA GLY J 141 29.04 -40.02 34.05
C GLY J 141 30.29 -39.17 33.99
N VAL J 142 30.13 -37.94 33.53
CA VAL J 142 31.18 -36.94 33.49
C VAL J 142 30.75 -35.84 34.45
N VAL J 143 31.59 -35.56 35.44
CA VAL J 143 31.25 -34.65 36.52
C VAL J 143 32.22 -33.47 36.50
N SER J 144 31.69 -32.27 36.70
CA SER J 144 32.50 -31.06 36.82
C SER J 144 32.72 -30.80 38.30
N THR J 145 33.90 -31.20 38.80
CA THR J 145 34.13 -31.23 40.23
C THR J 145 34.32 -29.82 40.79
N ASP J 146 35.02 -28.96 40.06
CA ASP J 146 35.31 -27.61 40.53
C ASP J 146 34.18 -26.63 40.29
N GLY J 147 33.06 -27.08 39.73
CA GLY J 147 31.97 -26.17 39.43
C GLY J 147 32.18 -25.28 38.23
N SER J 148 33.18 -25.58 37.40
CA SER J 148 33.47 -24.73 36.25
C SER J 148 32.46 -24.90 35.13
N MET J 149 31.72 -26.00 35.10
CA MET J 149 30.79 -26.29 34.03
C MET J 149 29.42 -26.62 34.60
N THR J 150 28.39 -26.32 33.82
CA THR J 150 27.02 -26.68 34.17
C THR J 150 26.73 -28.08 33.61
N LYS J 151 25.46 -28.47 33.58
CA LYS J 151 25.12 -29.75 32.98
C LYS J 151 25.18 -29.68 31.46
N GLU J 152 24.91 -28.51 30.89
CA GLU J 152 24.67 -28.42 29.46
C GLU J 152 25.96 -28.52 28.66
N ASP J 153 27.02 -27.84 29.11
CA ASP J 153 28.29 -27.96 28.42
C ASP J 153 28.96 -29.30 28.68
N LEU J 154 28.64 -29.94 29.81
CA LEU J 154 29.08 -31.31 30.04
C LEU J 154 28.44 -32.27 29.05
N SER J 155 27.12 -32.15 28.85
CA SER J 155 26.45 -32.98 27.86
C SER J 155 26.91 -32.64 26.44
N ASN J 156 27.28 -31.39 26.19
CA ASN J 156 27.79 -31.02 24.88
C ASN J 156 29.17 -31.63 24.63
N TYR J 157 30.00 -31.69 25.67
CA TYR J 157 31.29 -32.35 25.53
C TYR J 157 31.12 -33.85 25.36
N ILE J 158 30.08 -34.42 25.96
CA ILE J 158 29.78 -35.83 25.78
C ILE J 158 29.37 -36.11 24.34
N VAL J 159 28.50 -35.26 23.78
CA VAL J 159 28.03 -35.43 22.41
C VAL J 159 29.17 -35.21 21.42
N SER J 160 29.99 -34.19 21.62
CA SER J 160 31.03 -33.87 20.65
C SER J 160 32.22 -34.83 20.74
N ASN J 161 32.82 -34.95 21.92
CA ASN J 161 34.11 -35.60 22.04
C ASN J 161 34.04 -37.07 22.46
N ILE J 162 32.94 -37.51 23.07
CA ILE J 162 32.95 -38.81 23.74
C ILE J 162 32.04 -39.78 22.97
N GLN J 163 31.11 -39.24 22.18
CA GLN J 163 30.10 -40.08 21.55
C GLN J 163 30.68 -40.95 20.45
N ASP J 164 31.59 -40.43 19.66
CA ASP J 164 32.18 -41.21 18.56
C ASP J 164 33.08 -42.39 18.93
N PRO J 165 34.06 -42.31 19.85
CA PRO J 165 34.94 -43.48 20.02
C PRO J 165 34.30 -44.65 20.72
N LEU J 166 33.42 -44.43 21.71
CA LEU J 166 32.80 -45.56 22.37
C LEU J 166 31.69 -46.16 21.52
N SER J 167 31.12 -45.37 20.60
CA SER J 167 30.27 -45.99 19.59
C SER J 167 31.11 -46.76 18.58
N ARG J 168 32.38 -46.39 18.40
CA ARG J 168 33.27 -47.15 17.55
C ARG J 168 33.87 -48.37 18.25
N THR J 169 33.58 -48.59 19.52
CA THR J 169 34.13 -49.76 20.21
C THR J 169 33.27 -51.00 19.95
N LYS J 170 33.88 -52.16 20.14
CA LYS J 170 33.20 -53.42 19.90
C LYS J 170 32.18 -53.70 20.99
N GLY J 171 31.07 -54.32 20.60
CA GLY J 171 30.09 -54.80 21.54
C GLY J 171 29.13 -53.76 22.08
N VAL J 172 29.22 -52.51 21.63
CA VAL J 172 28.34 -51.47 22.12
C VAL J 172 27.14 -51.37 21.18
N GLY J 173 25.95 -51.66 21.70
CA GLY J 173 24.75 -51.58 20.90
C GLY J 173 24.23 -50.17 20.73
N ASP J 174 23.79 -49.57 21.83
CA ASP J 174 23.25 -48.22 21.79
C ASP J 174 23.39 -47.59 23.16
N PHE J 175 23.02 -46.32 23.23
CA PHE J 175 23.27 -45.49 24.41
C PHE J 175 22.31 -44.32 24.38
N GLN J 176 22.06 -43.77 25.57
CA GLN J 176 21.29 -42.53 25.66
C GLN J 176 21.99 -41.60 26.63
N VAL J 177 21.84 -40.29 26.39
CA VAL J 177 22.60 -39.27 27.10
C VAL J 177 21.64 -38.41 27.91
N PHE J 178 22.03 -38.09 29.14
CA PHE J 178 21.26 -37.12 29.92
C PHE J 178 21.58 -35.72 29.43
N GLY J 179 20.56 -35.01 28.96
CA GLY J 179 20.76 -33.72 28.33
C GLY J 179 21.21 -33.87 26.88
N SER J 180 21.44 -32.73 26.24
CA SER J 180 21.80 -32.73 24.84
C SER J 180 22.88 -31.69 24.60
N GLN J 181 23.15 -31.44 23.32
CA GLN J 181 24.27 -30.61 22.91
C GLN J 181 23.95 -29.13 23.08
N TYR J 182 24.84 -28.28 22.56
CA TYR J 182 24.64 -26.85 22.56
C TYR J 182 23.49 -26.44 21.65
N SER J 183 23.06 -25.20 21.84
CA SER J 183 22.15 -24.52 20.93
C SER J 183 22.49 -23.05 20.98
N MET J 184 22.01 -22.30 19.99
CA MET J 184 22.24 -20.86 19.94
C MET J 184 21.03 -20.18 20.56
N ARG J 185 21.11 -19.95 21.87
CA ARG J 185 20.01 -19.27 22.53
C ARG J 185 20.05 -17.78 22.26
N ILE J 186 18.90 -17.25 21.88
CA ILE J 186 18.72 -15.82 21.66
C ILE J 186 17.62 -15.33 22.57
N TRP J 187 17.99 -14.60 23.62
CA TRP J 187 17.02 -14.10 24.58
C TRP J 187 16.51 -12.74 24.14
N LEU J 188 15.21 -12.64 23.90
CA LEU J 188 14.60 -11.40 23.47
C LEU J 188 14.25 -10.53 24.65
N ASP J 189 14.34 -9.22 24.45
CA ASP J 189 13.97 -8.23 25.46
C ASP J 189 12.75 -7.47 24.98
N PRO J 190 11.67 -7.41 25.76
CA PRO J 190 10.45 -6.78 25.25
C PRO J 190 10.53 -5.27 25.18
N ALA J 191 11.32 -4.64 26.04
CA ALA J 191 11.38 -3.19 26.09
C ALA J 191 12.05 -2.62 24.84
N LYS J 192 13.12 -3.27 24.37
CA LYS J 192 13.79 -2.74 23.19
C LYS J 192 13.05 -3.11 21.92
N LEU J 193 12.29 -4.21 21.94
CA LEU J 193 11.35 -4.49 20.85
C LEU J 193 10.26 -3.43 20.79
N ASN J 194 9.82 -2.95 21.96
CA ASN J 194 8.84 -1.88 22.00
C ASN J 194 9.46 -0.56 21.53
N SER J 195 10.74 -0.36 21.81
CA SER J 195 11.41 0.86 21.40
C SER J 195 11.64 0.90 19.90
N TYR J 196 12.05 -0.21 19.30
CA TYR J 196 12.39 -0.24 17.89
C TYR J 196 11.20 -0.62 17.01
N GLN J 197 9.99 -0.73 17.60
CA GLN J 197 8.75 -1.08 16.91
C GLN J 197 8.86 -2.41 16.18
N LEU J 198 9.25 -3.45 16.92
CA LEU J 198 9.49 -4.76 16.34
C LEU J 198 8.78 -5.83 17.14
N THR J 199 8.35 -6.88 16.44
CA THR J 199 7.73 -8.05 17.00
C THR J 199 8.67 -9.24 16.84
N PRO J 200 8.54 -10.28 17.67
CA PRO J 200 9.42 -11.45 17.51
C PRO J 200 9.23 -12.20 16.19
N GLY J 201 8.07 -12.06 15.53
CA GLY J 201 7.92 -12.65 14.21
C GLY J 201 8.84 -12.03 13.18
N ASP J 202 9.12 -10.73 13.33
CA ASP J 202 10.08 -10.06 12.45
C ASP J 202 11.49 -10.58 12.70
N VAL J 203 11.82 -10.86 13.96
CA VAL J 203 13.13 -11.40 14.29
C VAL J 203 13.29 -12.81 13.73
N SER J 204 12.23 -13.62 13.82
CA SER J 204 12.28 -14.97 13.28
C SER J 204 12.39 -14.97 11.76
N SER J 205 11.66 -14.05 11.10
CA SER J 205 11.73 -13.98 9.65
C SER J 205 13.09 -13.44 9.19
N ALA J 206 13.67 -12.52 9.96
CA ALA J 206 14.99 -12.00 9.60
C ALA J 206 16.07 -13.05 9.78
N ILE J 207 15.95 -13.89 10.81
CA ILE J 207 16.91 -14.98 11.00
C ILE J 207 16.75 -16.01 9.89
N GLN J 208 15.51 -16.33 9.54
CA GLN J 208 15.26 -17.27 8.44
C GLN J 208 15.68 -16.72 7.09
N ALA J 209 15.79 -15.40 6.94
CA ALA J 209 16.27 -14.85 5.68
C ALA J 209 17.80 -14.76 5.66
N GLN J 210 18.42 -14.44 6.78
CA GLN J 210 19.84 -14.14 6.80
C GLN J 210 20.71 -15.29 7.31
N ASN J 211 20.14 -16.45 7.61
CA ASN J 211 20.94 -17.62 7.98
C ASN J 211 20.41 -18.80 7.18
N VAL J 212 20.95 -19.00 5.98
CA VAL J 212 20.50 -20.05 5.08
C VAL J 212 21.69 -20.64 4.33
N GLN J 213 21.46 -21.78 3.71
CA GLN J 213 22.36 -22.35 2.71
C GLN J 213 21.71 -22.22 1.35
N ILE J 214 22.42 -21.65 0.40
CA ILE J 214 21.86 -21.33 -0.91
C ILE J 214 22.66 -22.04 -1.98
N SER J 215 22.00 -22.89 -2.76
CA SER J 215 22.62 -23.59 -3.87
C SER J 215 22.79 -22.59 -5.02
N SER J 216 24.03 -22.25 -5.34
CA SER J 216 24.31 -21.22 -6.32
C SER J 216 24.98 -21.74 -7.59
N GLY J 217 25.03 -23.06 -7.79
CA GLY J 217 25.44 -23.59 -9.08
C GLY J 217 26.92 -23.45 -9.39
N GLN J 218 27.22 -23.40 -10.68
CA GLN J 218 28.59 -23.37 -11.17
C GLN J 218 28.72 -22.30 -12.24
N LEU J 219 29.98 -21.95 -12.53
CA LEU J 219 30.27 -21.00 -13.59
C LEU J 219 29.99 -21.60 -14.96
N GLY J 220 30.68 -22.68 -15.29
CA GLY J 220 30.55 -23.29 -16.60
C GLY J 220 29.59 -24.46 -16.59
N GLY J 221 28.45 -24.29 -15.94
CA GLY J 221 27.49 -25.36 -15.78
C GLY J 221 26.85 -25.79 -17.09
N LEU J 222 26.28 -26.91 -17.06
CA LEU J 222 25.72 -27.53 -18.25
C LEU J 222 24.28 -27.11 -18.45
N PRO J 223 23.82 -26.91 -19.69
CA PRO J 223 24.55 -27.00 -20.96
C PRO J 223 25.34 -25.74 -21.24
N ALA J 224 26.66 -25.88 -21.33
CA ALA J 224 27.51 -24.73 -21.56
C ALA J 224 27.40 -24.23 -22.99
N VAL J 225 27.89 -23.01 -23.22
CA VAL J 225 27.99 -22.50 -24.57
C VAL J 225 29.17 -23.17 -25.26
N LYS J 226 29.15 -23.18 -26.59
CA LYS J 226 30.17 -23.87 -27.35
C LYS J 226 31.51 -23.14 -27.25
N GLY J 227 32.50 -23.80 -26.67
CA GLY J 227 33.82 -23.24 -26.53
C GLY J 227 34.21 -22.85 -25.11
N GLN J 228 33.37 -23.15 -24.13
CA GLN J 228 33.65 -22.76 -22.75
C GLN J 228 34.76 -23.63 -22.18
N GLN J 229 35.70 -23.01 -21.48
CA GLN J 229 36.84 -23.72 -20.91
C GLN J 229 36.98 -23.54 -19.40
N LEU J 230 36.08 -22.81 -18.75
CA LEU J 230 36.16 -22.56 -17.33
C LEU J 230 34.97 -23.17 -16.60
N ASN J 231 35.24 -23.75 -15.44
CA ASN J 231 34.19 -24.37 -14.63
C ASN J 231 34.61 -24.37 -13.18
N ALA J 232 33.73 -23.86 -12.30
CA ALA J 232 34.02 -23.80 -10.88
C ALA J 232 32.71 -23.66 -10.12
N THR J 233 32.63 -24.32 -8.97
CA THR J 233 31.46 -24.21 -8.12
C THR J 233 31.41 -22.84 -7.46
N ILE J 234 30.21 -22.31 -7.27
CA ILE J 234 30.02 -21.03 -6.60
C ILE J 234 29.60 -21.29 -5.17
N ILE J 235 30.31 -20.70 -4.22
CA ILE J 235 29.98 -20.81 -2.81
C ILE J 235 29.21 -19.55 -2.44
N GLY J 236 27.88 -19.68 -2.41
CA GLY J 236 27.03 -18.55 -2.09
C GLY J 236 26.91 -18.30 -0.59
N LYS J 237 25.69 -18.07 -0.14
CA LYS J 237 25.46 -17.85 1.29
C LYS J 237 25.58 -19.15 2.05
N THR J 238 26.28 -19.11 3.18
CA THR J 238 26.39 -20.25 4.07
C THR J 238 25.78 -19.89 5.41
N ARG J 239 25.65 -20.88 6.28
CA ARG J 239 25.10 -20.64 7.60
C ARG J 239 26.11 -19.94 8.48
N LEU J 240 25.60 -19.15 9.42
CA LEU J 240 26.47 -18.48 10.38
C LEU J 240 27.02 -19.48 11.38
N GLN J 241 28.20 -19.16 11.92
CA GLN J 241 28.89 -20.10 12.80
C GLN J 241 29.03 -19.57 14.22
N THR J 242 29.60 -18.39 14.40
CA THR J 242 29.81 -17.85 15.74
C THR J 242 28.62 -16.99 16.16
N ALA J 243 28.64 -16.56 17.42
CA ALA J 243 27.57 -15.71 17.92
C ALA J 243 27.70 -14.30 17.38
N GLU J 244 28.92 -13.88 17.02
CA GLU J 244 29.13 -12.54 16.50
C GLU J 244 28.56 -12.39 15.10
N GLN J 245 28.55 -13.47 14.33
CA GLN J 245 27.87 -13.45 13.04
C GLN J 245 26.36 -13.38 13.23
N PHE J 246 25.86 -13.94 14.33
CA PHE J 246 24.42 -13.92 14.59
C PHE J 246 23.98 -12.54 15.07
N GLU J 247 24.81 -11.88 15.86
CA GLU J 247 24.39 -10.62 16.46
C GLU J 247 24.50 -9.44 15.49
N ASN J 248 25.03 -9.63 14.30
CA ASN J 248 25.06 -8.60 13.28
C ASN J 248 23.96 -8.78 12.25
N ILE J 249 22.89 -9.50 12.60
CA ILE J 249 21.78 -9.69 11.68
C ILE J 249 20.95 -8.42 11.60
N LEU J 250 20.73 -7.94 10.39
CA LEU J 250 20.02 -6.68 10.16
C LEU J 250 18.53 -6.92 10.30
N LEU J 251 17.90 -6.24 11.25
CA LEU J 251 16.45 -6.36 11.38
C LEU J 251 15.73 -5.32 10.53
N LYS J 252 16.17 -4.07 10.58
CA LYS J 252 15.60 -3.03 9.74
C LYS J 252 16.68 -2.00 9.46
N VAL J 253 16.66 -1.45 8.25
CA VAL J 253 17.52 -0.33 7.89
C VAL J 253 16.67 0.75 7.23
N ASN J 254 17.25 1.91 7.09
CA ASN J 254 16.66 3.05 6.40
C ASN J 254 17.63 3.52 5.32
N PRO J 255 17.14 4.17 4.26
CA PRO J 255 18.04 4.55 3.16
C PRO J 255 19.07 5.61 3.50
N ASP J 256 18.97 6.28 4.64
CA ASP J 256 20.04 7.19 5.02
C ASP J 256 21.20 6.46 5.68
N GLY J 257 21.02 5.19 6.03
CA GLY J 257 22.08 4.37 6.58
C GLY J 257 21.86 3.92 8.00
N SER J 258 20.81 4.40 8.67
CA SER J 258 20.53 3.96 10.03
C SER J 258 20.01 2.52 10.02
N GLN J 259 20.32 1.78 11.08
CA GLN J 259 20.02 0.36 11.11
C GLN J 259 19.83 -0.10 12.54
N VAL J 260 19.10 -1.20 12.70
CA VAL J 260 18.90 -1.88 13.97
C VAL J 260 19.38 -3.31 13.77
N ARG J 261 20.39 -3.72 14.53
CA ARG J 261 20.92 -5.07 14.41
C ARG J 261 20.41 -5.94 15.55
N LEU J 262 20.77 -7.22 15.50
CA LEU J 262 20.34 -8.19 16.50
C LEU J 262 21.38 -8.33 17.61
N LYS J 263 21.82 -7.20 18.14
CA LYS J 263 22.73 -7.24 19.28
C LYS J 263 22.34 -6.32 20.41
N ASP J 264 21.47 -5.33 20.18
CA ASP J 264 20.90 -4.56 21.26
C ASP J 264 19.53 -5.08 21.68
N VAL J 265 18.68 -5.44 20.71
CA VAL J 265 17.32 -5.84 21.01
C VAL J 265 17.26 -7.24 21.60
N ALA J 266 18.34 -8.01 21.51
CA ALA J 266 18.35 -9.36 22.04
C ALA J 266 19.74 -9.66 22.56
N ASP J 267 19.89 -10.83 23.16
CA ASP J 267 21.16 -11.28 23.72
C ASP J 267 21.43 -12.70 23.23
N VAL J 268 22.45 -12.85 22.41
CA VAL J 268 22.77 -14.15 21.83
C VAL J 268 23.82 -14.84 22.69
N GLY J 269 23.87 -16.15 22.58
CA GLY J 269 24.91 -16.89 23.26
C GLY J 269 24.61 -18.37 23.21
N LEU J 270 25.67 -19.16 23.35
CA LEU J 270 25.51 -20.61 23.31
C LEU J 270 25.00 -21.12 24.64
N GLY J 271 23.88 -21.83 24.60
CA GLY J 271 23.29 -22.39 25.79
C GLY J 271 22.78 -23.79 25.55
N GLY J 272 21.85 -24.25 26.37
CA GLY J 272 21.34 -25.60 26.24
C GLY J 272 20.06 -25.66 25.42
N GLN J 273 19.85 -26.80 24.77
CA GLN J 273 18.62 -27.02 24.02
C GLN J 273 17.42 -27.16 24.94
N ASP J 274 17.59 -27.77 26.09
CA ASP J 274 16.51 -27.93 27.06
C ASP J 274 17.07 -27.76 28.45
N TYR J 275 16.25 -27.21 29.34
CA TYR J 275 16.66 -26.94 30.72
C TYR J 275 15.78 -27.66 31.73
N SER J 276 15.02 -28.66 31.30
CA SER J 276 14.09 -29.33 32.20
C SER J 276 14.84 -30.22 33.18
N ILE J 277 15.68 -31.11 32.67
CA ILE J 277 16.41 -32.04 33.52
C ILE J 277 17.60 -31.33 34.13
N ASN J 278 17.89 -31.65 35.39
CA ASN J 278 19.04 -31.04 36.07
C ASN J 278 19.57 -32.06 37.07
N ALA J 279 20.71 -32.66 36.74
CA ALA J 279 21.29 -33.71 37.56
C ALA J 279 22.61 -33.24 38.16
N GLN J 280 23.00 -33.87 39.26
CA GLN J 280 24.30 -33.66 39.85
C GLN J 280 24.73 -34.95 40.56
N PHE J 281 26.03 -35.01 40.85
CA PHE J 281 26.69 -36.20 41.35
C PHE J 281 27.50 -35.82 42.57
N ASN J 282 27.03 -36.26 43.75
CA ASN J 282 27.55 -35.85 45.05
C ASN J 282 27.53 -34.33 45.21
N GLY J 283 26.49 -33.69 44.71
CA GLY J 283 26.37 -32.25 44.73
C GLY J 283 26.94 -31.58 43.50
N SER J 284 28.10 -32.05 43.06
CA SER J 284 28.75 -31.46 41.89
C SER J 284 27.98 -31.84 40.63
N PRO J 285 27.81 -30.90 39.69
CA PRO J 285 27.00 -31.17 38.50
C PRO J 285 27.67 -32.16 37.57
N ALA J 286 26.83 -32.90 36.84
CA ALA J 286 27.31 -34.01 36.03
C ALA J 286 26.28 -34.32 34.96
N SER J 287 26.77 -34.97 33.90
CA SER J 287 25.92 -35.51 32.85
C SER J 287 26.48 -36.85 32.42
N GLY J 288 25.61 -37.77 32.05
CA GLY J 288 26.10 -39.11 31.79
C GLY J 288 25.47 -39.80 30.59
N ILE J 289 25.90 -41.03 30.35
CA ILE J 289 25.37 -41.85 29.27
C ILE J 289 25.15 -43.27 29.77
N ALA J 290 23.99 -43.83 29.42
CA ALA J 290 23.66 -45.22 29.70
C ALA J 290 23.89 -46.04 28.44
N ILE J 291 24.68 -47.10 28.57
CA ILE J 291 25.15 -47.90 27.45
C ILE J 291 24.62 -49.32 27.63
N LYS J 292 24.02 -49.86 26.57
CA LYS J 292 23.57 -51.23 26.51
C LYS J 292 24.57 -52.09 25.74
N LEU J 293 24.33 -53.39 25.75
CA LEU J 293 25.20 -54.35 25.08
C LEU J 293 24.65 -54.72 23.71
N ALA J 294 25.54 -54.81 22.72
CA ALA J 294 25.12 -55.24 21.39
C ALA J 294 24.86 -56.73 21.37
N THR J 295 23.81 -57.12 20.63
CA THR J 295 23.35 -58.51 20.63
C THR J 295 24.38 -59.43 19.99
N GLY J 296 24.83 -60.40 20.78
CA GLY J 296 25.87 -61.32 20.35
C GLY J 296 27.28 -60.95 20.79
N ALA J 297 27.42 -60.25 21.91
CA ALA J 297 28.72 -59.79 22.37
C ALA J 297 28.95 -60.15 23.82
N ASN J 298 30.20 -60.46 24.15
CA ASN J 298 30.62 -60.67 25.53
C ASN J 298 30.60 -59.33 26.28
N ALA J 299 30.37 -59.39 27.58
CA ALA J 299 30.18 -58.18 28.36
C ALA J 299 31.49 -57.66 28.96
N LEU J 300 32.35 -58.56 29.41
CA LEU J 300 33.54 -58.16 30.17
C LEU J 300 34.55 -57.46 29.29
N ASP J 301 34.77 -57.99 28.08
CA ASP J 301 35.74 -57.41 27.16
C ASP J 301 35.28 -56.05 26.66
N THR J 302 33.98 -55.90 26.39
CA THR J 302 33.51 -54.61 25.92
C THR J 302 33.44 -53.60 27.06
N ALA J 303 33.31 -54.07 28.30
CA ALA J 303 33.36 -53.16 29.45
C ALA J 303 34.76 -52.62 29.65
N LYS J 304 35.77 -53.49 29.62
CA LYS J 304 37.13 -53.00 29.74
C LYS J 304 37.57 -52.25 28.47
N ALA J 305 36.93 -52.53 27.34
CA ALA J 305 37.23 -51.80 26.12
C ALA J 305 36.72 -50.37 26.17
N ILE J 306 35.51 -50.17 26.71
CA ILE J 306 35.02 -48.80 26.78
C ILE J 306 35.70 -48.05 27.92
N ARG J 307 36.14 -48.77 28.96
CA ARG J 307 36.99 -48.17 29.98
C ARG J 307 38.31 -47.70 29.37
N GLN J 308 38.88 -48.49 28.47
CA GLN J 308 40.11 -48.11 27.80
C GLN J 308 39.89 -46.94 26.85
N THR J 309 38.77 -46.92 26.13
CA THR J 309 38.58 -45.87 25.14
C THR J 309 38.19 -44.55 25.79
N ILE J 310 37.74 -44.56 27.05
CA ILE J 310 37.57 -43.26 27.69
C ILE J 310 38.80 -42.92 28.53
N ALA J 311 39.63 -43.91 28.88
CA ALA J 311 40.92 -43.59 29.47
C ALA J 311 41.87 -42.98 28.44
N ASN J 312 41.66 -43.30 27.16
CA ASN J 312 42.43 -42.66 26.10
C ASN J 312 42.09 -41.18 25.98
N LEU J 313 40.83 -40.82 26.19
CA LEU J 313 40.41 -39.43 26.12
C LEU J 313 40.46 -38.73 27.46
N GLU J 314 40.81 -39.45 28.53
CA GLU J 314 40.95 -38.83 29.85
C GLU J 314 42.03 -37.74 29.95
N PRO J 315 43.25 -37.88 29.38
CA PRO J 315 44.18 -36.74 29.47
C PRO J 315 43.80 -35.53 28.63
N PHE J 316 42.92 -35.69 27.64
CA PHE J 316 42.52 -34.55 26.84
C PHE J 316 41.36 -33.77 27.44
N MET J 317 40.86 -34.18 28.59
CA MET J 317 39.75 -33.49 29.21
C MET J 317 40.26 -32.29 30.02
N PRO J 318 39.48 -31.20 30.09
CA PRO J 318 39.91 -30.02 30.85
C PRO J 318 39.92 -30.21 32.36
N GLN J 319 40.29 -29.15 33.07
CA GLN J 319 40.48 -29.22 34.51
C GLN J 319 39.14 -29.32 35.24
N GLY J 320 39.17 -30.01 36.38
CA GLY J 320 37.99 -30.17 37.21
C GLY J 320 36.94 -31.10 36.66
N MET J 321 37.22 -31.83 35.58
CA MET J 321 36.26 -32.68 34.91
C MET J 321 36.73 -34.12 35.02
N LYS J 322 35.90 -34.97 35.60
CA LYS J 322 36.28 -36.35 35.90
C LYS J 322 35.24 -37.31 35.36
N VAL J 323 35.65 -38.56 35.19
CA VAL J 323 34.78 -39.61 34.68
C VAL J 323 34.58 -40.65 35.78
N VAL J 324 33.31 -40.92 36.09
CA VAL J 324 32.98 -41.86 37.16
C VAL J 324 32.05 -42.94 36.61
N TYR J 325 32.06 -44.09 37.26
CA TYR J 325 31.19 -45.23 36.93
C TYR J 325 30.29 -45.50 38.12
N PRO J 326 29.08 -44.96 38.15
CA PRO J 326 28.21 -45.20 39.30
C PRO J 326 27.62 -46.60 39.34
N TYR J 327 27.27 -47.16 38.19
CA TYR J 327 26.54 -48.41 38.15
C TYR J 327 27.08 -49.30 37.05
N ASP J 328 27.24 -50.59 37.36
CA ASP J 328 27.84 -51.53 36.43
C ASP J 328 27.30 -52.93 36.73
N THR J 329 27.23 -53.76 35.69
CA THR J 329 26.73 -55.12 35.82
C THR J 329 27.77 -56.18 35.53
N THR J 330 28.99 -55.81 35.16
CA THR J 330 30.02 -56.83 34.98
C THR J 330 30.53 -57.49 36.26
N PRO J 331 30.55 -56.86 37.45
CA PRO J 331 30.88 -57.63 38.67
C PRO J 331 29.96 -58.80 38.96
N VAL J 332 28.66 -58.70 38.72
CA VAL J 332 27.78 -59.80 39.10
C VAL J 332 27.92 -60.97 38.14
N VAL J 333 28.21 -60.71 36.86
CA VAL J 333 28.35 -61.82 35.93
C VAL J 333 29.74 -62.45 36.06
N SER J 334 30.76 -61.63 36.38
CA SER J 334 32.07 -62.18 36.66
C SER J 334 32.07 -63.01 37.93
N ALA J 335 31.35 -62.54 38.96
CA ALA J 335 31.20 -63.30 40.18
C ALA J 335 30.38 -64.57 39.95
N SER J 336 29.43 -64.54 39.01
CA SER J 336 28.64 -65.73 38.71
C SER J 336 29.49 -66.81 38.05
N ILE J 337 30.29 -66.44 37.04
CA ILE J 337 31.08 -67.46 36.35
C ILE J 337 32.23 -67.94 37.23
N HIS J 338 32.82 -67.04 38.04
CA HIS J 338 33.88 -67.47 38.95
C HIS J 338 33.31 -68.32 40.07
N GLU J 339 32.08 -68.04 40.49
CA GLU J 339 31.42 -68.83 41.52
C GLU J 339 31.12 -70.22 41.02
N VAL J 340 30.66 -70.36 39.77
CA VAL J 340 30.28 -71.69 39.30
C VAL J 340 31.52 -72.53 39.01
N VAL J 341 32.61 -71.91 38.56
CA VAL J 341 33.81 -72.73 38.35
C VAL J 341 34.47 -73.09 39.68
N LYS J 342 34.37 -72.19 40.68
CA LYS J 342 34.91 -72.51 42.00
C LYS J 342 34.11 -73.61 42.67
N THR J 343 32.80 -73.60 42.49
CA THR J 343 32.00 -74.62 43.17
C THR J 343 32.05 -75.95 42.44
N LEU J 344 32.33 -75.96 41.12
CA LEU J 344 32.52 -77.25 40.46
C LEU J 344 33.88 -77.85 40.79
N GLY J 345 34.90 -77.00 40.94
CA GLY J 345 36.18 -77.49 41.43
C GLY J 345 36.09 -78.03 42.85
N GLU J 346 35.32 -77.34 43.70
CA GLU J 346 35.06 -77.83 45.06
C GLU J 346 34.33 -79.16 45.03
N ALA J 347 33.36 -79.30 44.12
CA ALA J 347 32.58 -80.53 44.02
C ALA J 347 33.44 -81.70 43.56
N ILE J 348 34.33 -81.48 42.59
CA ILE J 348 35.14 -82.60 42.10
C ILE J 348 36.20 -82.98 43.12
N LEU J 349 36.73 -82.02 43.88
CA LEU J 349 37.70 -82.39 44.90
C LEU J 349 37.03 -83.11 46.07
N LEU J 350 35.81 -82.70 46.43
CA LEU J 350 35.14 -83.36 47.54
C LEU J 350 34.67 -84.75 47.15
N VAL J 351 34.23 -84.94 45.90
CA VAL J 351 33.83 -86.29 45.51
C VAL J 351 35.05 -87.19 45.33
N PHE J 352 36.19 -86.60 44.93
CA PHE J 352 37.43 -87.37 44.81
C PHE J 352 37.93 -87.81 46.17
N LEU J 353 37.70 -87.00 47.21
CA LEU J 353 38.12 -87.45 48.53
C LEU J 353 37.11 -88.40 49.16
N VAL J 354 35.81 -88.19 48.93
CA VAL J 354 34.84 -88.99 49.68
C VAL J 354 34.65 -90.37 49.05
N MET J 355 34.84 -90.49 47.72
CA MET J 355 34.76 -91.83 47.16
C MET J 355 36.05 -92.60 47.40
N TYR J 356 37.14 -91.88 47.69
CA TYR J 356 38.33 -92.56 48.20
C TYR J 356 38.14 -92.99 49.64
N LEU J 357 37.41 -92.21 50.42
CA LEU J 357 37.10 -92.59 51.79
C LEU J 357 36.13 -93.76 51.85
N PHE J 358 35.33 -93.95 50.80
CA PHE J 358 34.41 -95.08 50.79
C PHE J 358 34.99 -96.30 50.07
N LEU J 359 35.89 -96.11 49.10
CA LEU J 359 36.36 -97.20 48.26
C LEU J 359 37.79 -97.63 48.56
N GLN J 360 38.62 -96.75 49.13
CA GLN J 360 40.01 -97.00 49.52
C GLN J 360 40.86 -97.47 48.36
N ASN J 361 40.66 -96.91 47.18
CA ASN J 361 41.46 -97.21 45.99
C ASN J 361 41.66 -95.91 45.21
N PHE J 362 42.84 -95.31 45.36
CA PHE J 362 43.11 -93.98 44.83
C PHE J 362 43.16 -93.92 43.31
N ARG J 363 43.19 -95.07 42.63
CA ARG J 363 43.16 -95.07 41.17
C ARG J 363 41.77 -94.82 40.64
N ALA J 364 40.78 -95.58 41.16
CA ALA J 364 39.41 -95.53 40.66
C ALA J 364 38.78 -94.16 40.86
N THR J 365 39.14 -93.47 41.94
CA THR J 365 38.67 -92.12 42.20
C THR J 365 39.10 -91.12 41.14
N LEU J 366 40.13 -91.42 40.36
CA LEU J 366 40.48 -90.55 39.25
C LEU J 366 39.51 -90.63 38.09
N ILE J 367 38.82 -91.77 37.90
CA ILE J 367 38.03 -91.93 36.67
C ILE J 367 36.71 -91.17 36.63
N PRO J 368 35.95 -90.86 37.75
CA PRO J 368 34.80 -89.97 37.54
C PRO J 368 35.25 -88.52 37.38
N THR J 369 36.32 -88.15 38.07
CA THR J 369 36.84 -86.79 37.98
C THR J 369 37.49 -86.51 36.64
N ILE J 370 37.86 -87.55 35.88
CA ILE J 370 38.30 -87.35 34.50
C ILE J 370 37.14 -87.43 33.53
N ALA J 371 35.96 -87.85 33.99
CA ALA J 371 34.78 -87.96 33.13
C ALA J 371 33.78 -86.83 33.34
N VAL J 372 33.64 -86.33 34.56
CA VAL J 372 32.69 -85.26 34.87
C VAL J 372 32.99 -83.89 34.25
N PRO J 373 34.23 -83.46 33.92
CA PRO J 373 34.29 -82.18 33.19
C PRO J 373 33.99 -82.31 31.71
N VAL J 374 34.20 -83.51 31.13
CA VAL J 374 34.01 -83.70 29.69
C VAL J 374 32.54 -83.54 29.32
N VAL J 375 31.64 -84.02 30.17
CA VAL J 375 30.23 -83.74 29.98
C VAL J 375 29.94 -82.27 30.30
N LEU J 376 30.64 -81.70 31.29
CA LEU J 376 30.28 -80.40 31.87
C LEU J 376 30.41 -79.28 30.88
N LEU J 377 31.40 -79.36 29.99
CA LEU J 377 31.50 -78.36 28.94
C LEU J 377 30.91 -78.84 27.63
N GLY J 378 30.68 -80.15 27.49
CA GLY J 378 30.08 -80.67 26.28
C GLY J 378 28.66 -80.19 26.06
N THR J 379 27.92 -80.00 27.16
CA THR J 379 26.58 -79.42 27.06
C THR J 379 26.63 -77.97 26.60
N PHE J 380 27.77 -77.30 26.83
CA PHE J 380 28.00 -75.96 26.29
C PHE J 380 27.90 -75.95 24.78
N GLY J 381 28.32 -77.05 24.15
CA GLY J 381 28.20 -77.18 22.70
C GLY J 381 26.77 -77.08 22.21
N VAL J 382 25.82 -77.64 22.97
CA VAL J 382 24.45 -77.55 22.45
C VAL J 382 23.87 -76.18 22.74
N LEU J 383 24.52 -75.42 23.64
CA LEU J 383 24.15 -74.01 23.79
C LEU J 383 24.52 -73.22 22.55
N ALA J 384 25.54 -73.68 21.82
CA ALA J 384 25.82 -73.08 20.52
C ALA J 384 24.85 -73.61 19.47
N ALA J 385 24.21 -74.75 19.73
CA ALA J 385 23.31 -75.31 18.74
C ALA J 385 21.94 -74.65 18.81
N PHE J 386 21.42 -74.48 20.02
CA PHE J 386 20.12 -73.85 20.20
C PHE J 386 20.21 -72.34 20.30
N GLY J 387 21.41 -71.77 20.23
CA GLY J 387 21.58 -70.33 20.26
C GLY J 387 21.46 -69.70 21.63
N PHE J 388 21.33 -70.48 22.69
CA PHE J 388 21.20 -69.92 24.02
C PHE J 388 22.55 -69.44 24.53
N SER J 389 22.55 -68.31 25.20
CA SER J 389 23.78 -67.63 25.61
C SER J 389 24.05 -67.83 27.09
N ILE J 390 25.31 -67.58 27.47
CA ILE J 390 25.68 -67.62 28.88
C ILE J 390 25.12 -66.40 29.57
N ASN J 391 24.35 -66.62 30.63
CA ASN J 391 23.81 -65.55 31.43
C ASN J 391 23.94 -65.94 32.89
N THR J 392 23.27 -65.18 33.77
CA THR J 392 23.32 -65.50 35.18
C THR J 392 22.44 -66.69 35.55
N LEU J 393 21.61 -67.17 34.63
CA LEU J 393 20.70 -68.26 34.95
C LEU J 393 21.10 -69.58 34.31
N THR J 394 21.86 -69.56 33.22
CA THR J 394 22.38 -70.81 32.67
C THR J 394 23.44 -71.41 33.58
N MET J 395 24.32 -70.57 34.13
CA MET J 395 25.27 -71.03 35.13
C MET J 395 24.57 -71.43 36.41
N PHE J 396 23.45 -70.76 36.71
CA PHE J 396 22.65 -71.13 37.87
C PHE J 396 21.87 -72.42 37.63
N GLY J 397 21.73 -72.82 36.37
CA GLY J 397 21.22 -74.16 36.10
C GLY J 397 22.30 -75.22 36.16
N MET J 398 23.52 -74.87 35.74
CA MET J 398 24.62 -75.82 35.81
C MET J 398 25.04 -76.11 37.24
N VAL J 399 24.89 -75.12 38.13
CA VAL J 399 25.34 -75.27 39.51
C VAL J 399 24.48 -76.27 40.28
N LEU J 400 23.26 -76.54 39.83
CA LEU J 400 22.54 -77.64 40.44
C LEU J 400 22.38 -78.80 39.47
N ALA J 401 22.85 -78.64 38.24
CA ALA J 401 23.03 -79.81 37.38
C ALA J 401 24.22 -80.66 37.82
N ILE J 402 25.22 -80.06 38.49
CA ILE J 402 26.46 -80.76 38.84
C ILE J 402 26.21 -81.90 39.84
N GLY J 403 25.15 -81.82 40.64
CA GLY J 403 24.89 -82.86 41.64
C GLY J 403 24.45 -84.16 41.00
N LEU J 404 23.43 -84.10 40.15
CA LEU J 404 23.04 -85.27 39.38
C LEU J 404 24.05 -85.59 38.27
N LEU J 405 24.98 -84.66 38.00
CA LEU J 405 26.06 -84.99 37.07
C LEU J 405 27.11 -85.88 37.72
N VAL J 406 27.41 -85.67 39.00
CA VAL J 406 28.35 -86.56 39.68
C VAL J 406 27.66 -87.82 40.22
N ASP J 407 26.33 -87.78 40.32
CA ASP J 407 25.54 -88.93 40.76
C ASP J 407 25.74 -90.15 39.86
N ASP J 408 25.42 -89.99 38.57
CA ASP J 408 25.61 -91.09 37.65
C ASP J 408 27.08 -91.31 37.32
N ALA J 409 27.93 -90.30 37.62
CA ALA J 409 29.36 -90.49 37.46
C ALA J 409 29.92 -91.46 38.49
N ILE J 410 29.31 -91.53 39.68
CA ILE J 410 29.87 -92.43 40.67
C ILE J 410 29.07 -93.71 40.86
N VAL J 411 27.79 -93.76 40.42
CA VAL J 411 26.98 -94.94 40.73
C VAL J 411 27.43 -96.15 39.90
N VAL J 412 27.91 -95.92 38.68
CA VAL J 412 28.29 -97.06 37.84
C VAL J 412 29.66 -97.60 38.26
N VAL J 413 30.55 -96.72 38.72
CA VAL J 413 31.85 -97.20 39.17
C VAL J 413 31.73 -97.85 40.55
N GLU J 414 30.75 -97.41 41.34
CA GLU J 414 30.46 -98.10 42.59
C GLU J 414 29.90 -99.49 42.33
N ASN J 415 29.05 -99.62 41.30
CA ASN J 415 28.49 -100.92 40.95
C ASN J 415 29.58 -101.87 40.46
N VAL J 416 30.50 -101.38 39.63
CA VAL J 416 31.53 -102.28 39.10
C VAL J 416 32.55 -102.65 40.17
N GLU J 417 32.85 -101.72 41.10
CA GLU J 417 33.77 -102.10 42.18
C GLU J 417 33.09 -103.02 43.18
N ARG J 418 31.76 -102.91 43.32
CA ARG J 418 31.05 -103.80 44.21
C ARG J 418 30.99 -105.22 43.65
N VAL J 419 30.76 -105.37 42.35
CA VAL J 419 30.75 -106.72 41.79
C VAL J 419 32.15 -107.28 41.70
N MET J 420 33.17 -106.42 41.61
CA MET J 420 34.54 -106.91 41.63
C MET J 420 34.96 -107.34 43.02
N ALA J 421 34.44 -106.67 44.05
CA ALA J 421 34.75 -107.09 45.41
C ALA J 421 33.96 -108.34 45.80
N GLU J 422 32.73 -108.46 45.31
CA GLU J 422 31.89 -109.60 45.68
C GLU J 422 32.31 -110.86 44.94
N GLU J 423 32.64 -110.74 43.66
CA GLU J 423 32.96 -111.92 42.86
C GLU J 423 34.44 -112.23 42.78
N GLY J 424 35.32 -111.25 43.02
CA GLY J 424 36.73 -111.45 42.77
C GLY J 424 37.05 -111.68 41.32
N LEU J 425 36.36 -110.99 40.43
CA LEU J 425 36.33 -111.33 39.02
C LEU J 425 37.19 -110.35 38.22
N SER J 426 37.53 -110.75 37.00
CA SER J 426 38.39 -109.94 36.14
C SER J 426 37.67 -108.66 35.73
N PRO J 427 38.35 -107.49 35.75
CA PRO J 427 37.65 -106.20 35.69
C PRO J 427 36.96 -105.92 34.36
N ARG J 428 37.48 -106.47 33.25
CA ARG J 428 36.81 -106.30 31.97
C ARG J 428 35.49 -107.06 31.94
N GLU J 429 35.54 -108.34 32.33
CA GLU J 429 34.30 -109.11 32.41
C GLU J 429 33.43 -108.66 33.57
N ALA J 430 34.02 -108.05 34.60
CA ALA J 430 33.22 -107.46 35.67
C ALA J 430 32.43 -106.27 35.17
N ALA J 431 33.03 -105.43 34.31
CA ALA J 431 32.30 -104.33 33.71
C ALA J 431 31.23 -104.83 32.75
N ARG J 432 31.58 -105.85 31.95
CA ARG J 432 30.63 -106.41 31.00
C ARG J 432 29.44 -107.08 31.69
N LYS J 433 29.67 -107.66 32.87
CA LYS J 433 28.56 -108.22 33.65
C LYS J 433 27.78 -107.12 34.34
N SER J 434 28.48 -106.13 34.91
CA SER J 434 27.84 -105.17 35.80
C SER J 434 27.01 -104.15 35.04
N MET J 435 27.37 -103.86 33.79
CA MET J 435 26.53 -102.93 33.04
C MET J 435 25.21 -103.55 32.64
N GLY J 436 25.15 -104.88 32.52
CA GLY J 436 24.00 -105.53 31.92
C GLY J 436 22.75 -105.44 32.78
N GLN J 437 22.91 -105.47 34.10
CA GLN J 437 21.75 -105.32 34.99
C GLN J 437 21.39 -103.86 35.22
N ILE J 438 22.25 -102.93 34.82
CA ILE J 438 21.96 -101.52 35.04
C ILE J 438 21.77 -100.73 33.74
N GLN J 439 21.95 -101.36 32.58
CA GLN J 439 21.90 -100.65 31.30
C GLN J 439 20.51 -100.10 31.03
N GLY J 440 19.49 -100.95 31.13
CA GLY J 440 18.12 -100.50 30.98
C GLY J 440 17.66 -99.58 32.08
N ALA J 441 18.31 -99.62 33.24
CA ALA J 441 18.02 -98.66 34.29
C ALA J 441 18.53 -97.27 33.92
N LEU J 442 19.80 -97.16 33.54
CA LEU J 442 20.32 -95.81 33.33
C LEU J 442 20.11 -95.31 31.90
N VAL J 443 19.53 -96.12 31.01
CA VAL J 443 19.06 -95.53 29.76
C VAL J 443 17.60 -95.11 29.89
N GLY J 444 16.87 -95.68 30.85
CA GLY J 444 15.54 -95.22 31.15
C GLY J 444 15.50 -94.06 32.11
N ILE J 445 16.60 -93.85 32.85
CA ILE J 445 16.66 -92.72 33.77
C ILE J 445 16.66 -91.40 33.00
N ALA J 446 17.13 -91.42 31.74
CA ALA J 446 17.10 -90.23 30.91
C ALA J 446 15.68 -89.84 30.54
N MET J 447 14.92 -90.79 29.98
CA MET J 447 13.57 -90.49 29.55
C MET J 447 12.58 -90.43 30.70
N VAL J 448 12.99 -90.81 31.91
CA VAL J 448 12.11 -90.55 33.05
C VAL J 448 12.50 -89.26 33.77
N LEU J 449 13.75 -88.80 33.68
CA LEU J 449 14.14 -87.66 34.50
C LEU J 449 14.11 -86.37 33.68
N SER J 450 14.19 -86.48 32.35
CA SER J 450 14.06 -85.28 31.54
C SER J 450 12.61 -84.84 31.46
N ALA J 451 11.66 -85.79 31.51
CA ALA J 451 10.25 -85.48 31.27
C ALA J 451 9.59 -84.73 32.42
N VAL J 452 10.32 -84.50 33.52
CA VAL J 452 9.85 -83.60 34.57
C VAL J 452 10.34 -82.17 34.36
N PHE J 453 11.04 -81.90 33.25
CA PHE J 453 11.58 -80.57 33.00
C PHE J 453 11.11 -79.94 31.70
N LEU J 454 11.07 -80.69 30.60
CA LEU J 454 10.63 -80.10 29.34
C LEU J 454 9.17 -79.66 29.30
N PRO J 455 8.19 -80.33 29.96
CA PRO J 455 6.90 -79.65 30.17
C PRO J 455 7.04 -78.35 30.96
N MET J 456 7.95 -78.31 31.92
CA MET J 456 8.30 -77.07 32.60
C MET J 456 8.92 -76.07 31.62
N ALA J 457 9.54 -76.55 30.54
CA ALA J 457 10.03 -75.67 29.49
C ALA J 457 8.93 -75.09 28.64
N PHE J 458 7.72 -75.62 28.68
CA PHE J 458 6.69 -75.21 27.75
C PHE J 458 5.73 -74.18 28.33
N PHE J 459 6.16 -73.42 29.33
CA PHE J 459 5.35 -72.33 29.85
C PHE J 459 5.37 -71.16 28.89
N GLY J 460 4.29 -70.37 28.92
CA GLY J 460 4.21 -69.15 28.15
C GLY J 460 4.52 -67.93 29.01
N GLY J 461 4.46 -66.77 28.35
CA GLY J 461 4.70 -65.52 29.03
C GLY J 461 6.17 -65.32 29.35
N SER J 462 6.43 -64.38 30.28
CA SER J 462 7.80 -64.06 30.63
C SER J 462 8.42 -65.10 31.53
N THR J 463 7.60 -65.93 32.19
CA THR J 463 8.14 -67.00 33.01
C THR J 463 8.71 -68.13 32.19
N GLY J 464 8.28 -68.26 30.93
CA GLY J 464 8.78 -69.34 30.10
C GLY J 464 10.23 -69.17 29.71
N VAL J 465 10.69 -67.93 29.57
CA VAL J 465 12.07 -67.70 29.15
C VAL J 465 13.02 -67.87 30.31
N ILE J 466 12.51 -67.91 31.54
CA ILE J 466 13.37 -68.24 32.67
C ILE J 466 13.16 -69.69 33.11
N TYR J 467 12.08 -70.33 32.67
CA TYR J 467 11.97 -71.78 32.87
C TYR J 467 12.87 -72.53 31.90
N ARG J 468 12.78 -72.19 30.62
CA ARG J 468 13.87 -72.50 29.70
C ARG J 468 15.10 -71.71 30.13
N GLN J 469 16.27 -72.23 29.76
CA GLN J 469 17.64 -71.93 30.16
C GLN J 469 17.94 -72.37 31.59
N PHE J 470 16.95 -72.86 32.35
CA PHE J 470 17.15 -73.86 33.37
C PHE J 470 16.93 -75.25 32.80
N SER J 471 15.78 -75.42 32.14
CA SER J 471 15.31 -76.72 31.71
C SER J 471 16.24 -77.35 30.68
N ILE J 472 16.56 -76.60 29.63
CA ILE J 472 17.36 -77.20 28.56
C ILE J 472 18.80 -77.39 29.00
N THR J 473 19.31 -76.51 29.87
CA THR J 473 20.70 -76.66 30.28
C THR J 473 20.84 -77.74 31.34
N ILE J 474 19.74 -78.21 31.93
CA ILE J 474 19.91 -79.39 32.77
C ILE J 474 19.59 -80.66 32.00
N VAL J 475 18.65 -80.62 31.03
CA VAL J 475 18.31 -81.86 30.36
C VAL J 475 19.38 -82.24 29.35
N SER J 476 20.06 -81.25 28.76
CA SER J 476 21.19 -81.57 27.88
C SER J 476 22.34 -82.15 28.69
N ALA J 477 22.52 -81.64 29.91
CA ALA J 477 23.56 -82.14 30.80
C ALA J 477 23.31 -83.59 31.18
N MET J 478 22.08 -83.92 31.60
CA MET J 478 21.82 -85.30 32.02
C MET J 478 21.76 -86.25 30.83
N ALA J 479 21.31 -85.77 29.66
CA ALA J 479 21.25 -86.64 28.48
C ALA J 479 22.64 -86.98 27.98
N LEU J 480 23.52 -85.97 27.88
CA LEU J 480 24.88 -86.26 27.47
C LEU J 480 25.64 -86.99 28.58
N SER J 481 25.19 -86.83 29.83
CA SER J 481 25.78 -87.58 30.94
C SER J 481 25.45 -89.05 30.85
N VAL J 482 24.22 -89.39 30.48
CA VAL J 482 23.89 -90.81 30.42
C VAL J 482 24.50 -91.45 29.18
N ILE J 483 24.69 -90.69 28.07
CA ILE J 483 25.33 -91.33 26.93
C ILE J 483 26.83 -91.51 27.18
N VAL J 484 27.44 -90.58 27.93
CA VAL J 484 28.87 -90.77 28.23
C VAL J 484 29.03 -91.80 29.34
N ALA J 485 28.02 -91.98 30.19
CA ALA J 485 28.08 -93.02 31.20
C ALA J 485 27.88 -94.39 30.58
N LEU J 486 27.14 -94.45 29.46
CA LEU J 486 27.05 -95.70 28.72
C LEU J 486 28.36 -96.03 28.04
N ILE J 487 29.03 -95.05 27.42
CA ILE J 487 30.13 -95.43 26.56
C ILE J 487 31.50 -95.39 27.27
N LEU J 488 31.77 -94.41 28.12
CA LEU J 488 33.13 -94.16 28.55
C LEU J 488 33.50 -94.97 29.79
N THR J 489 32.74 -94.79 30.86
CA THR J 489 33.15 -95.32 32.16
C THR J 489 33.22 -96.84 32.29
N PRO J 490 32.42 -97.67 31.59
CA PRO J 490 32.78 -99.11 31.56
C PRO J 490 34.09 -99.37 30.84
N ALA J 491 34.34 -98.70 29.73
CA ALA J 491 35.59 -98.88 29.00
C ALA J 491 36.78 -98.38 29.80
N LEU J 492 36.63 -97.23 30.45
CA LEU J 492 37.77 -96.65 31.15
C LEU J 492 37.99 -97.35 32.49
N CYS J 493 36.93 -97.91 33.08
CA CYS J 493 37.13 -98.73 34.27
C CYS J 493 37.64 -100.12 33.90
N ALA J 494 37.48 -100.53 32.64
CA ALA J 494 38.08 -101.77 32.19
C ALA J 494 39.57 -101.61 31.90
N THR J 495 39.97 -100.54 31.23
CA THR J 495 41.34 -100.45 30.74
C THR J 495 42.29 -99.70 31.68
N MET J 496 41.78 -98.88 32.59
CA MET J 496 42.63 -98.11 33.47
C MET J 496 42.53 -98.55 34.93
N LEU J 497 41.80 -99.63 35.21
CA LEU J 497 41.55 -100.06 36.57
C LEU J 497 41.64 -101.58 36.64
N LYS J 498 42.59 -102.08 37.43
CA LYS J 498 42.71 -103.52 37.61
C LYS J 498 42.83 -103.96 39.06
N PRO J 499 41.88 -103.58 39.96
CA PRO J 499 42.07 -103.87 41.39
C PRO J 499 41.66 -105.29 41.73
N ILE J 500 42.64 -106.15 41.98
CA ILE J 500 42.41 -107.47 42.54
C ILE J 500 43.21 -107.51 43.84
N GLU J 501 42.55 -107.16 44.95
CA GLU J 501 43.25 -106.87 46.19
C GLU J 501 43.31 -108.11 47.08
N LYS J 502 44.50 -108.38 47.61
CA LYS J 502 44.73 -109.52 48.49
C LYS J 502 45.50 -109.05 49.71
N GLY J 503 45.55 -109.90 50.74
CA GLY J 503 46.27 -109.60 51.95
C GLY J 503 45.46 -108.83 52.96
N ASP J 504 45.21 -107.55 52.69
CA ASP J 504 44.40 -106.74 53.58
C ASP J 504 42.92 -107.06 53.40
N HIS J 505 42.22 -107.18 54.52
CA HIS J 505 40.78 -107.45 54.50
C HIS J 505 40.05 -106.47 55.41
N GLY J 506 40.54 -105.23 55.46
CA GLY J 506 39.93 -104.20 56.27
C GLY J 506 40.52 -104.09 57.67
N GLU J 507 41.41 -105.00 58.06
CA GLU J 507 41.98 -104.93 59.40
C GLU J 507 43.10 -103.90 59.49
N HIS J 508 43.80 -103.65 58.38
CA HIS J 508 44.88 -102.66 58.36
C HIS J 508 44.46 -101.40 57.59
N LYS J 509 44.03 -101.56 56.33
CA LYS J 509 43.30 -100.59 55.51
C LYS J 509 44.17 -99.42 55.04
N GLY J 510 45.36 -99.28 55.60
CA GLY J 510 46.14 -98.07 55.38
C GLY J 510 45.76 -97.06 56.45
N GLY J 511 46.72 -96.69 57.30
CA GLY J 511 46.36 -95.89 58.46
C GLY J 511 45.69 -96.78 59.50
N PHE J 512 44.60 -96.28 60.10
CA PHE J 512 43.91 -97.02 61.13
C PHE J 512 42.39 -96.88 61.02
N PHE J 513 41.88 -96.68 59.81
CA PHE J 513 40.46 -96.42 59.60
C PHE J 513 39.69 -97.63 59.10
N GLY J 514 40.16 -98.85 59.37
CA GLY J 514 39.36 -100.03 59.08
C GLY J 514 38.19 -100.16 60.01
N TRP J 515 38.25 -99.51 61.17
CA TRP J 515 37.10 -99.42 62.06
C TRP J 515 35.95 -98.66 61.42
N PHE J 516 36.25 -97.76 60.47
CA PHE J 516 35.19 -97.11 59.72
C PHE J 516 34.48 -98.11 58.80
N ASN J 517 35.22 -99.03 58.20
CA ASN J 517 34.60 -100.07 57.39
C ASN J 517 33.77 -101.02 58.26
N ARG J 518 34.27 -101.33 59.47
CA ARG J 518 33.50 -102.14 60.40
C ARG J 518 32.24 -101.42 60.86
N MET J 519 32.34 -100.10 61.04
CA MET J 519 31.17 -99.29 61.40
C MET J 519 30.17 -99.24 60.26
N PHE J 520 30.66 -99.21 59.02
CA PHE J 520 29.78 -99.24 57.86
C PHE J 520 29.05 -100.56 57.76
N LEU J 521 29.75 -101.67 58.02
CA LEU J 521 29.11 -102.99 58.01
C LEU J 521 28.11 -103.12 59.14
N SER J 522 28.43 -102.56 60.31
CA SER J 522 27.51 -102.60 61.44
C SER J 522 26.26 -101.77 61.18
N THR J 523 26.42 -100.61 60.54
CA THR J 523 25.27 -99.77 60.26
C THR J 523 24.41 -100.34 59.14
N THR J 524 25.02 -101.02 58.16
CA THR J 524 24.19 -101.63 57.13
C THR J 524 23.51 -102.90 57.64
N HIS J 525 24.10 -103.58 58.64
CA HIS J 525 23.39 -104.68 59.27
C HIS J 525 22.26 -104.18 60.15
N GLY J 526 22.46 -103.03 60.79
CA GLY J 526 21.38 -102.39 61.53
C GLY J 526 20.26 -101.93 60.63
N TYR J 527 20.61 -101.46 59.42
CA TYR J 527 19.60 -101.11 58.43
C TYR J 527 18.85 -102.36 57.96
N GLU J 528 19.56 -103.48 57.82
CA GLU J 528 18.93 -104.75 57.45
C GLU J 528 17.91 -105.19 58.49
N ARG J 529 18.31 -105.19 59.77
CA ARG J 529 17.36 -105.60 60.81
C ARG J 529 16.26 -104.56 61.01
N GLY J 530 16.52 -103.29 60.68
CA GLY J 530 15.47 -102.28 60.78
C GLY J 530 14.41 -102.44 59.71
N VAL J 531 14.83 -102.70 58.47
CA VAL J 531 13.81 -102.90 57.43
C VAL J 531 13.15 -104.27 57.60
N ALA J 532 13.83 -105.23 58.23
CA ALA J 532 13.17 -106.47 58.60
C ALA J 532 12.11 -106.24 59.68
N SER J 533 12.40 -105.33 60.61
CA SER J 533 11.42 -105.02 61.66
C SER J 533 10.22 -104.27 61.10
N ILE J 534 10.44 -103.38 60.13
CA ILE J 534 9.29 -102.69 59.55
C ILE J 534 8.59 -103.59 58.52
N LEU J 535 9.26 -104.64 58.04
CA LEU J 535 8.59 -105.62 57.20
C LEU J 535 7.90 -106.69 58.02
N LYS J 536 8.14 -106.72 59.34
CA LYS J 536 7.48 -107.69 60.20
C LYS J 536 5.99 -107.41 60.31
N HIS J 537 5.62 -106.19 60.66
CA HIS J 537 4.23 -105.83 60.91
C HIS J 537 3.58 -105.18 59.70
N ARG J 538 4.18 -104.13 59.16
CA ARG J 538 3.78 -103.37 57.98
C ARG J 538 2.44 -102.65 58.10
N ALA J 539 1.79 -102.70 59.26
CA ALA J 539 0.50 -102.04 59.44
C ALA J 539 0.59 -100.54 59.72
N PRO J 540 1.45 -100.02 60.68
CA PRO J 540 1.45 -98.56 60.86
C PRO J 540 2.42 -97.85 59.93
N TYR J 541 3.27 -98.60 59.22
CA TYR J 541 4.33 -97.99 58.44
C TYR J 541 3.83 -97.39 57.13
N LEU J 542 2.61 -97.72 56.70
CA LEU J 542 2.00 -96.98 55.61
C LEU J 542 0.93 -96.02 56.10
N LEU J 543 0.40 -96.22 57.30
CA LEU J 543 -0.48 -95.21 57.89
C LEU J 543 0.29 -93.95 58.25
N ILE J 544 1.56 -94.09 58.64
CA ILE J 544 2.39 -92.91 58.86
C ILE J 544 2.70 -92.24 57.52
N TYR J 545 2.71 -92.99 56.43
CA TYR J 545 2.90 -92.39 55.11
C TYR J 545 1.65 -91.63 54.68
N VAL J 546 0.46 -92.21 54.91
CA VAL J 546 -0.75 -91.51 54.51
C VAL J 546 -1.13 -90.40 55.48
N VAL J 547 -0.48 -90.31 56.63
CA VAL J 547 -0.64 -89.10 57.44
C VAL J 547 0.47 -88.10 57.14
N ILE J 548 1.61 -88.53 56.59
CA ILE J 548 2.64 -87.58 56.21
C ILE J 548 2.38 -87.02 54.82
N VAL J 549 1.49 -87.64 54.05
CA VAL J 549 1.14 -87.08 52.75
C VAL J 549 0.24 -85.87 52.92
N ALA J 550 -0.40 -85.73 54.09
CA ALA J 550 -1.21 -84.56 54.39
C ALA J 550 -0.36 -83.31 54.60
N GLY J 551 0.94 -83.47 54.82
CA GLY J 551 1.82 -82.31 54.86
C GLY J 551 1.89 -81.59 53.53
N MET J 552 1.88 -82.36 52.43
CA MET J 552 1.93 -81.74 51.10
C MET J 552 0.65 -81.00 50.75
N ILE J 553 -0.44 -81.22 51.46
CA ILE J 553 -1.65 -80.49 51.16
C ILE J 553 -1.93 -79.40 52.19
N TRP J 554 -1.37 -79.53 53.40
CA TRP J 554 -1.52 -78.47 54.40
C TRP J 554 -0.46 -77.39 54.23
N MET J 555 0.81 -77.77 54.27
CA MET J 555 1.88 -76.78 54.35
C MET J 555 2.17 -76.17 52.98
N PHE J 556 1.69 -76.79 51.90
CA PHE J 556 1.69 -76.14 50.60
C PHE J 556 0.81 -74.89 50.62
N THR J 557 -0.37 -75.00 51.21
CA THR J 557 -1.26 -73.85 51.34
C THR J 557 -0.87 -72.94 52.50
N ARG J 558 -0.04 -73.44 53.43
CA ARG J 558 0.40 -72.60 54.53
C ARG J 558 1.42 -71.56 54.09
N ILE J 559 2.28 -71.91 53.14
CA ILE J 559 3.32 -71.01 52.65
C ILE J 559 2.73 -70.15 51.52
N PRO J 560 3.00 -68.86 51.48
CA PRO J 560 2.51 -68.05 50.36
C PRO J 560 3.40 -68.20 49.13
N THR J 561 2.86 -67.79 47.99
CA THR J 561 3.63 -67.81 46.75
C THR J 561 4.24 -66.45 46.49
N ALA J 562 5.34 -66.44 45.74
CA ALA J 562 6.02 -65.20 45.39
C ALA J 562 6.56 -65.28 43.97
N PHE J 563 7.36 -64.30 43.58
CA PHE J 563 7.84 -64.19 42.21
C PHE J 563 9.05 -63.29 42.19
N LEU J 564 10.21 -63.85 41.78
CA LEU J 564 11.46 -63.10 41.58
C LEU J 564 11.94 -62.42 42.86
N PRO J 565 12.59 -63.15 43.76
CA PRO J 565 12.76 -62.69 45.14
C PRO J 565 13.71 -61.51 45.27
N ASP J 566 13.87 -61.07 46.51
CA ASP J 566 14.64 -59.86 46.78
C ASP J 566 16.14 -60.12 46.64
N GLU J 567 16.81 -59.21 45.94
CA GLU J 567 18.25 -59.27 45.73
C GLU J 567 18.80 -57.85 45.81
N ASP J 568 19.99 -57.73 46.38
CA ASP J 568 20.57 -56.46 46.77
C ASP J 568 20.84 -55.51 45.60
N GLN J 569 21.72 -55.92 44.68
CA GLN J 569 22.08 -55.24 43.43
C GLN J 569 22.80 -53.91 43.62
N GLY J 570 23.03 -53.49 44.86
CA GLY J 570 23.84 -52.31 45.14
C GLY J 570 23.20 -50.97 44.85
N VAL J 571 21.98 -50.92 44.33
CA VAL J 571 21.33 -49.67 43.97
C VAL J 571 20.03 -49.53 44.76
N LEU J 572 19.59 -48.28 44.93
CA LEU J 572 18.33 -48.01 45.59
C LEU J 572 17.78 -46.69 45.06
N PHE J 573 16.46 -46.59 44.95
CA PHE J 573 15.83 -45.41 44.37
C PHE J 573 15.09 -44.65 45.46
N ALA J 574 15.08 -43.32 45.34
CA ALA J 574 14.33 -42.48 46.27
C ALA J 574 13.79 -41.29 45.50
N GLN J 575 12.48 -41.29 45.25
CA GLN J 575 11.88 -40.18 44.53
C GLN J 575 11.38 -39.13 45.50
N VAL J 576 11.33 -37.89 45.02
CA VAL J 576 10.85 -36.76 45.81
C VAL J 576 9.76 -36.05 45.02
N GLN J 577 8.70 -35.67 45.72
CA GLN J 577 7.54 -35.00 45.14
C GLN J 577 7.14 -33.88 46.08
N THR J 578 7.41 -32.64 45.68
CA THR J 578 7.04 -31.47 46.43
C THR J 578 5.55 -31.20 46.28
N PRO J 579 4.95 -30.33 47.10
CA PRO J 579 3.56 -29.92 46.87
C PRO J 579 3.37 -29.28 45.51
N PRO J 580 2.17 -29.39 44.93
CA PRO J 580 1.97 -28.95 43.55
C PRO J 580 2.12 -27.44 43.36
N GLY J 581 2.66 -27.07 42.21
CA GLY J 581 2.98 -25.69 41.93
C GLY J 581 4.35 -25.26 42.40
N SER J 582 5.16 -26.16 42.92
CA SER J 582 6.46 -25.79 43.43
C SER J 582 7.45 -25.55 42.29
N SER J 583 8.48 -24.77 42.58
CA SER J 583 9.51 -24.47 41.61
C SER J 583 10.64 -25.49 41.71
N ALA J 584 11.53 -25.43 40.72
CA ALA J 584 12.62 -26.42 40.67
C ALA J 584 13.67 -26.16 41.74
N GLU J 585 13.74 -24.93 42.24
CA GLU J 585 14.71 -24.62 43.29
C GLU J 585 14.34 -25.29 44.61
N ARG J 586 13.04 -25.40 44.88
CA ARG J 586 12.57 -26.03 46.12
C ARG J 586 12.86 -27.53 46.11
N THR J 587 12.55 -28.20 45.00
CA THR J 587 12.87 -29.62 44.87
C THR J 587 14.37 -29.84 44.85
N GLN J 588 15.12 -28.91 44.25
CA GLN J 588 16.57 -29.03 44.22
C GLN J 588 17.16 -28.95 45.61
N VAL J 589 16.70 -28.00 46.42
CA VAL J 589 17.27 -27.84 47.75
C VAL J 589 16.82 -28.97 48.67
N VAL J 590 15.61 -29.52 48.47
CA VAL J 590 15.21 -30.62 49.34
C VAL J 590 15.94 -31.91 48.95
N VAL J 591 16.24 -32.09 47.66
CA VAL J 591 16.87 -33.34 47.27
C VAL J 591 18.37 -33.30 47.57
N ASP J 592 19.00 -32.11 47.48
CA ASP J 592 20.41 -32.08 47.84
C ASP J 592 20.57 -32.06 49.36
N SER J 593 19.56 -31.53 50.08
CA SER J 593 19.51 -31.66 51.52
C SER J 593 19.45 -33.12 51.95
N MET J 594 18.60 -33.91 51.29
CA MET J 594 18.48 -35.31 51.69
C MET J 594 19.72 -36.12 51.36
N ARG J 595 20.32 -35.91 50.18
CA ARG J 595 21.51 -36.69 49.85
C ARG J 595 22.70 -36.27 50.71
N GLU J 596 22.81 -34.97 51.04
CA GLU J 596 23.95 -34.61 51.87
C GLU J 596 23.70 -34.88 53.35
N TYR J 597 22.44 -35.08 53.75
CA TYR J 597 22.21 -35.57 55.10
C TYR J 597 22.56 -37.04 55.22
N LEU J 598 22.07 -37.87 54.30
CA LEU J 598 22.27 -39.30 54.43
C LEU J 598 23.34 -39.84 53.49
N LEU J 599 24.31 -39.02 53.11
CA LEU J 599 25.54 -39.55 52.55
C LEU J 599 26.51 -39.97 53.64
N GLU J 600 26.93 -39.02 54.48
CA GLU J 600 27.93 -39.34 55.49
C GLU J 600 27.32 -39.99 56.72
N LYS J 601 26.02 -39.86 56.91
CA LYS J 601 25.37 -40.56 58.01
C LYS J 601 25.20 -42.04 57.71
N GLU J 602 25.13 -42.42 56.43
CA GLU J 602 25.04 -43.82 56.05
C GLU J 602 26.20 -44.20 55.14
N SER J 603 27.39 -43.65 55.42
CA SER J 603 28.55 -43.89 54.57
C SER J 603 29.11 -45.29 54.71
N SER J 604 28.65 -46.06 55.69
CA SER J 604 29.07 -47.45 55.81
C SER J 604 28.44 -48.34 54.74
N SER J 605 27.37 -47.86 54.08
CA SER J 605 26.69 -48.63 53.06
C SER J 605 26.81 -48.00 51.68
N VAL J 606 26.44 -46.74 51.53
CA VAL J 606 26.31 -46.15 50.21
C VAL J 606 27.70 -45.72 49.71
N SER J 607 27.96 -45.96 48.43
CA SER J 607 29.19 -45.47 47.82
C SER J 607 29.02 -44.05 47.32
N SER J 608 27.99 -43.79 46.52
CA SER J 608 27.76 -42.46 46.00
C SER J 608 26.28 -42.27 45.69
N VAL J 609 25.93 -41.04 45.36
CA VAL J 609 24.56 -40.64 45.06
C VAL J 609 24.54 -39.86 43.75
N PHE J 610 23.58 -40.20 42.89
CA PHE J 610 23.36 -39.51 41.62
C PHE J 610 21.95 -38.94 41.71
N THR J 611 21.84 -37.64 41.95
CA THR J 611 20.53 -37.04 42.15
C THR J 611 20.15 -36.18 40.96
N VAL J 612 18.84 -35.99 40.77
CA VAL J 612 18.34 -35.29 39.60
C VAL J 612 16.97 -34.71 39.93
N THR J 613 16.76 -33.47 39.52
CA THR J 613 15.46 -32.83 39.56
C THR J 613 14.98 -32.61 38.14
N GLY J 614 13.67 -32.46 37.99
CA GLY J 614 13.06 -32.34 36.68
C GLY J 614 12.54 -33.63 36.10
N PHE J 615 12.93 -34.78 36.64
CA PHE J 615 12.54 -36.07 36.11
C PHE J 615 12.26 -37.03 37.25
N ASN J 616 11.22 -37.84 37.09
CA ASN J 616 10.85 -38.82 38.09
C ASN J 616 10.20 -40.00 37.38
N PHE J 617 10.06 -41.11 38.10
CA PHE J 617 9.39 -42.27 37.51
C PHE J 617 7.89 -42.07 37.48
N ALA J 618 7.36 -41.22 38.35
CA ALA J 618 5.93 -40.94 38.39
C ALA J 618 5.52 -39.81 37.44
N GLY J 619 6.40 -39.41 36.52
CA GLY J 619 6.13 -38.30 35.64
C GLY J 619 7.25 -37.29 35.72
N ARG J 620 7.16 -36.19 34.98
CA ARG J 620 8.21 -35.17 35.09
C ARG J 620 7.60 -33.80 35.27
N GLY J 621 8.43 -32.78 35.21
CA GLY J 621 8.05 -31.43 35.60
C GLY J 621 8.99 -30.88 36.66
N GLN J 622 8.74 -29.63 37.04
CA GLN J 622 9.62 -28.97 37.99
C GLN J 622 9.49 -29.54 39.39
N SER J 623 8.29 -29.99 39.77
CA SER J 623 8.02 -30.42 41.13
C SER J 623 8.27 -31.90 41.34
N SER J 624 9.15 -32.52 40.56
CA SER J 624 9.41 -33.95 40.64
C SER J 624 10.89 -34.21 40.50
N GLY J 625 11.44 -35.05 41.39
CA GLY J 625 12.84 -35.43 41.29
C GLY J 625 13.05 -36.83 41.81
N MET J 626 14.29 -37.29 41.69
CA MET J 626 14.65 -38.60 42.25
C MET J 626 16.16 -38.66 42.45
N ALA J 627 16.58 -39.58 43.31
CA ALA J 627 17.98 -39.82 43.60
C ALA J 627 18.24 -41.32 43.55
N PHE J 628 19.27 -41.71 42.80
CA PHE J 628 19.72 -43.08 42.75
C PHE J 628 20.95 -43.18 43.65
N ILE J 629 20.85 -43.96 44.72
CA ILE J 629 22.01 -44.18 45.60
C ILE J 629 22.63 -45.52 45.23
N MET J 630 23.90 -45.48 44.85
CA MET J 630 24.65 -46.68 44.50
C MET J 630 25.54 -47.03 45.67
N LEU J 631 25.34 -48.22 46.22
CA LEU J 631 26.04 -48.63 47.42
C LEU J 631 27.41 -49.16 47.09
N LYS J 632 28.20 -49.40 48.14
CA LYS J 632 29.48 -50.05 47.99
C LYS J 632 29.28 -51.53 47.68
N PRO J 633 30.25 -52.18 47.05
CA PRO J 633 30.16 -53.63 46.82
C PRO J 633 30.17 -54.41 48.13
N TRP J 634 29.77 -55.68 48.02
CA TRP J 634 29.51 -56.50 49.21
C TRP J 634 30.79 -56.83 49.97
N GLU J 635 31.95 -56.71 49.33
CA GLU J 635 33.21 -56.91 50.03
C GLU J 635 33.52 -55.73 50.94
N GLU J 636 32.91 -54.58 50.70
CA GLU J 636 33.17 -53.39 51.50
C GLU J 636 32.12 -53.15 52.57
N ARG J 637 30.96 -53.81 52.49
CA ARG J 637 29.92 -53.69 53.50
C ARG J 637 29.50 -55.08 53.96
N PRO J 638 30.26 -55.66 54.89
CA PRO J 638 29.93 -57.02 55.35
C PRO J 638 28.76 -57.03 56.31
N GLY J 639 28.10 -58.17 56.39
CA GLY J 639 27.00 -58.36 57.30
C GLY J 639 25.68 -57.86 56.75
N GLY J 640 24.59 -58.34 57.35
CA GLY J 640 23.25 -57.97 56.96
C GLY J 640 22.79 -56.62 57.45
N GLU J 641 23.62 -55.91 58.21
CA GLU J 641 23.31 -54.57 58.69
C GLU J 641 23.59 -53.50 57.65
N ASN J 642 24.01 -53.87 56.45
CA ASN J 642 24.27 -52.93 55.37
C ASN J 642 23.59 -53.34 54.06
N SER J 643 22.63 -54.25 54.11
CA SER J 643 21.88 -54.59 52.91
C SER J 643 20.87 -53.50 52.60
N VAL J 644 20.38 -53.49 51.36
CA VAL J 644 19.52 -52.40 50.91
C VAL J 644 18.13 -52.50 51.51
N PHE J 645 17.73 -53.69 51.96
CA PHE J 645 16.36 -53.90 52.41
C PHE J 645 16.15 -53.33 53.81
N GLU J 646 17.07 -53.64 54.73
CA GLU J 646 17.02 -53.02 56.05
C GLU J 646 17.31 -51.54 55.97
N LEU J 647 18.13 -51.12 55.00
CA LEU J 647 18.45 -49.71 54.81
C LEU J 647 17.21 -48.92 54.41
N ALA J 648 16.48 -49.43 53.41
CA ALA J 648 15.22 -48.81 53.01
C ALA J 648 14.14 -49.00 54.07
N LYS J 649 14.31 -50.01 54.95
CA LYS J 649 13.35 -50.20 56.03
C LYS J 649 13.47 -49.11 57.08
N ARG J 650 14.67 -48.93 57.64
CA ARG J 650 14.83 -47.98 58.74
C ARG J 650 15.51 -46.69 58.31
N ALA J 651 16.68 -46.75 57.66
CA ALA J 651 17.65 -45.67 57.71
C ALA J 651 17.22 -44.44 56.94
N GLN J 652 16.26 -44.57 56.02
CA GLN J 652 15.70 -43.42 55.36
C GLN J 652 14.19 -43.39 55.32
N MET J 653 13.50 -44.51 55.55
CA MET J 653 12.06 -44.40 55.72
C MET J 653 11.67 -43.95 57.12
N HIS J 654 12.64 -43.84 58.03
CA HIS J 654 12.42 -43.16 59.30
C HIS J 654 13.01 -41.76 59.32
N PHE J 655 14.16 -41.56 58.68
CA PHE J 655 14.80 -40.26 58.64
C PHE J 655 14.16 -39.32 57.63
N PHE J 656 13.59 -39.87 56.56
CA PHE J 656 13.03 -39.06 55.48
C PHE J 656 11.63 -38.55 55.79
N SER J 657 11.07 -38.88 56.95
CA SER J 657 9.74 -38.39 57.32
C SER J 657 9.86 -36.95 57.82
N PHE J 658 10.10 -36.05 56.87
CA PHE J 658 10.29 -34.63 57.14
C PHE J 658 9.18 -33.83 56.48
N LYS J 659 9.33 -32.51 56.53
CA LYS J 659 8.18 -31.65 56.28
C LYS J 659 7.91 -31.44 54.80
N ASP J 660 8.92 -31.00 54.04
CA ASP J 660 8.67 -30.36 52.75
C ASP J 660 8.19 -31.34 51.69
N ALA J 661 9.02 -32.31 51.34
CA ALA J 661 8.74 -33.20 50.22
C ALA J 661 8.09 -34.49 50.69
N MET J 662 7.34 -35.11 49.80
CA MET J 662 6.77 -36.42 50.03
C MET J 662 7.69 -37.48 49.42
N VAL J 663 8.84 -37.64 50.06
CA VAL J 663 9.87 -38.53 49.54
C VAL J 663 9.51 -39.99 49.79
N PHE J 664 9.66 -40.81 48.75
CA PHE J 664 9.31 -42.22 48.78
C PHE J 664 10.51 -43.01 48.29
N ALA J 665 11.06 -43.86 49.14
CA ALA J 665 12.24 -44.64 48.81
C ALA J 665 11.90 -46.12 48.72
N PHE J 666 12.51 -46.80 47.77
CA PHE J 666 12.29 -48.22 47.57
C PHE J 666 13.49 -48.81 46.83
N ALA J 667 13.43 -50.12 46.63
CA ALA J 667 14.43 -50.89 45.90
C ALA J 667 13.81 -51.48 44.65
N PRO J 668 14.56 -51.57 43.55
CA PRO J 668 14.01 -52.15 42.32
C PRO J 668 13.85 -53.66 42.47
N PRO J 669 13.07 -54.29 41.59
CA PRO J 669 13.03 -55.76 41.58
C PRO J 669 14.34 -56.35 41.08
N SER J 670 14.48 -57.66 41.26
CA SER J 670 15.75 -58.33 41.00
C SER J 670 16.07 -58.36 39.51
N VAL J 671 15.06 -58.35 38.65
CA VAL J 671 15.26 -58.10 37.23
C VAL J 671 14.71 -56.71 36.93
N LEU J 672 15.62 -55.79 36.64
CA LEU J 672 15.22 -54.41 36.38
C LEU J 672 14.57 -54.29 35.01
N GLU J 673 14.87 -55.23 34.11
CA GLU J 673 14.25 -55.28 32.79
C GLU J 673 12.74 -55.48 32.89
N LEU J 674 12.29 -56.23 33.89
CA LEU J 674 10.86 -56.50 34.05
C LEU J 674 10.29 -55.58 35.13
N GLY J 675 9.81 -54.43 34.67
CA GLY J 675 9.14 -53.48 35.53
C GLY J 675 10.09 -52.72 36.43
N ASN J 676 9.50 -51.90 37.30
CA ASN J 676 10.25 -51.09 38.26
C ASN J 676 9.67 -51.16 39.67
N ALA J 677 8.58 -51.88 39.87
CA ALA J 677 7.97 -51.97 41.19
C ALA J 677 7.26 -53.31 41.30
N THR J 678 7.35 -53.90 42.48
CA THR J 678 6.67 -55.16 42.76
C THR J 678 5.20 -54.92 43.03
N GLY J 679 4.41 -55.97 42.89
CA GLY J 679 2.99 -55.90 43.16
C GLY J 679 2.19 -55.61 41.89
N PHE J 680 0.88 -55.53 42.09
CA PHE J 680 -0.05 -55.40 40.97
C PHE J 680 -0.10 -53.96 40.48
N ASP J 681 -0.67 -53.80 39.28
CA ASP J 681 -0.90 -52.49 38.69
C ASP J 681 -2.02 -52.63 37.66
N LEU J 682 -2.79 -51.55 37.49
CA LEU J 682 -3.93 -51.61 36.59
C LEU J 682 -4.22 -50.21 36.08
N PHE J 683 -5.04 -50.16 35.03
CA PHE J 683 -5.49 -48.92 34.41
C PHE J 683 -7.00 -48.81 34.55
N LEU J 684 -7.46 -47.57 34.68
CA LEU J 684 -8.88 -47.26 34.72
C LEU J 684 -9.18 -46.40 33.50
N GLN J 685 -10.01 -46.92 32.60
CA GLN J 685 -10.20 -46.36 31.27
C GLN J 685 -11.60 -45.78 31.12
N ASP J 686 -11.70 -44.76 30.27
CA ASP J 686 -12.97 -44.09 29.96
C ASP J 686 -13.46 -44.61 28.62
N GLN J 687 -14.52 -45.42 28.67
CA GLN J 687 -15.04 -46.01 27.44
C GLN J 687 -16.17 -45.18 26.84
N ALA J 688 -17.03 -44.59 27.69
CA ALA J 688 -18.24 -43.96 27.20
C ALA J 688 -18.02 -42.55 26.68
N GLY J 689 -16.82 -41.98 26.84
CA GLY J 689 -16.61 -40.61 26.45
C GLY J 689 -16.85 -39.59 27.55
N VAL J 690 -16.83 -40.02 28.81
CA VAL J 690 -17.03 -39.10 29.92
C VAL J 690 -15.75 -38.32 30.15
N GLY J 691 -15.88 -37.14 30.75
CA GLY J 691 -14.76 -36.21 30.87
C GLY J 691 -13.69 -36.68 31.83
N HIS J 692 -12.67 -35.82 31.96
CA HIS J 692 -11.49 -36.19 32.74
C HIS J 692 -11.76 -36.11 34.23
N GLU J 693 -12.58 -35.16 34.67
CA GLU J 693 -12.81 -34.97 36.10
C GLU J 693 -13.65 -36.09 36.69
N VAL J 694 -14.50 -36.73 35.86
CA VAL J 694 -15.27 -37.87 36.33
C VAL J 694 -14.37 -39.06 36.57
N LEU J 695 -13.40 -39.27 35.68
CA LEU J 695 -12.44 -40.34 35.88
C LEU J 695 -11.49 -40.03 37.03
N LEU J 696 -11.23 -38.74 37.27
CA LEU J 696 -10.39 -38.36 38.41
C LEU J 696 -11.10 -38.62 39.73
N GLN J 697 -12.38 -38.26 39.82
CA GLN J 697 -13.10 -38.54 41.05
C GLN J 697 -13.38 -40.02 41.21
N ALA J 698 -13.45 -40.77 40.10
CA ALA J 698 -13.53 -42.22 40.19
C ALA J 698 -12.23 -42.83 40.71
N ARG J 699 -11.10 -42.26 40.30
CA ARG J 699 -9.81 -42.71 40.82
C ARG J 699 -9.68 -42.39 42.31
N ASN J 700 -10.19 -41.23 42.72
CA ASN J 700 -10.17 -40.88 44.14
C ASN J 700 -11.08 -41.78 44.95
N LYS J 701 -12.23 -42.16 44.38
CA LYS J 701 -13.13 -43.10 45.04
C LYS J 701 -12.49 -44.48 45.16
N PHE J 702 -11.79 -44.92 44.11
CA PHE J 702 -11.10 -46.20 44.16
C PHE J 702 -9.96 -46.17 45.17
N LEU J 703 -9.27 -45.03 45.28
CA LEU J 703 -8.17 -44.93 46.23
C LEU J 703 -8.66 -44.93 47.67
N MET J 704 -9.76 -44.22 47.94
CA MET J 704 -10.29 -44.21 49.31
C MET J 704 -10.98 -45.53 49.65
N LEU J 705 -11.40 -46.30 48.65
CA LEU J 705 -11.92 -47.63 48.93
C LEU J 705 -10.80 -48.65 49.10
N ALA J 706 -9.66 -48.44 48.44
CA ALA J 706 -8.58 -49.41 48.52
C ALA J 706 -7.64 -49.14 49.69
N ALA J 707 -7.63 -47.92 50.22
CA ALA J 707 -6.75 -47.62 51.35
C ALA J 707 -7.24 -48.26 52.64
N GLN J 708 -8.55 -48.48 52.76
CA GLN J 708 -9.12 -49.09 53.95
C GLN J 708 -9.19 -50.61 53.87
N ASN J 709 -8.98 -51.19 52.70
CA ASN J 709 -9.04 -52.64 52.57
C ASN J 709 -7.78 -53.28 53.14
N PRO J 710 -7.91 -54.31 53.97
CA PRO J 710 -6.72 -54.89 54.62
C PRO J 710 -5.89 -55.80 53.74
N ALA J 711 -6.45 -56.31 52.63
CA ALA J 711 -5.71 -57.25 51.80
C ALA J 711 -4.70 -56.57 50.90
N LEU J 712 -4.70 -55.24 50.84
CA LEU J 712 -3.77 -54.50 49.99
C LEU J 712 -3.00 -53.50 50.82
N GLN J 713 -1.80 -53.15 50.35
CA GLN J 713 -1.00 -52.13 51.00
C GLN J 713 -0.26 -51.33 49.93
N ARG J 714 0.10 -50.11 50.29
CA ARG J 714 0.86 -49.16 49.46
C ARG J 714 0.17 -48.86 48.12
N VAL J 715 -1.15 -48.94 48.07
CA VAL J 715 -1.87 -48.65 46.83
C VAL J 715 -1.84 -47.15 46.56
N ARG J 716 -1.46 -46.78 45.34
CA ARG J 716 -1.21 -45.38 45.02
C ARG J 716 -1.32 -45.15 43.52
N PRO J 717 -1.69 -43.93 43.10
CA PRO J 717 -1.68 -43.63 41.67
C PRO J 717 -0.28 -43.30 41.19
N ASN J 718 -0.01 -43.64 39.94
CA ASN J 718 1.29 -43.36 39.36
C ASN J 718 1.37 -41.95 38.78
N GLY J 719 0.25 -41.36 38.42
CA GLY J 719 0.26 -39.99 37.94
C GLY J 719 0.45 -38.98 39.04
N MET J 720 0.86 -37.79 38.66
CA MET J 720 1.07 -36.72 39.61
C MET J 720 -0.26 -36.07 39.98
N SER J 721 -0.26 -35.37 41.11
CA SER J 721 -1.46 -34.69 41.56
C SER J 721 -1.69 -33.43 40.74
N ASP J 722 -2.91 -32.89 40.85
CA ASP J 722 -3.33 -31.78 40.00
C ASP J 722 -2.65 -30.48 40.41
N GLU J 723 -2.51 -29.59 39.44
CA GLU J 723 -1.74 -28.35 39.55
C GLU J 723 -2.64 -27.15 39.30
N PRO J 724 -2.26 -25.98 39.80
CA PRO J 724 -2.86 -24.74 39.30
C PRO J 724 -2.23 -24.35 37.96
N GLN J 725 -3.04 -23.73 37.11
CA GLN J 725 -2.62 -23.33 35.78
C GLN J 725 -3.15 -21.94 35.50
N TYR J 726 -2.27 -21.00 35.18
CA TYR J 726 -2.68 -19.63 34.90
C TYR J 726 -3.20 -19.57 33.48
N LYS J 727 -4.50 -19.76 33.30
CA LYS J 727 -5.09 -19.69 31.98
C LYS J 727 -5.39 -18.25 31.63
N LEU J 728 -4.77 -17.75 30.58
CA LEU J 728 -5.07 -16.41 30.09
C LEU J 728 -6.15 -16.50 29.02
N GLU J 729 -6.82 -15.39 28.81
CA GLU J 729 -7.77 -15.29 27.70
C GLU J 729 -7.65 -13.92 27.08
N ILE J 730 -7.84 -13.88 25.77
CA ILE J 730 -7.75 -12.67 24.98
C ILE J 730 -9.15 -12.33 24.48
N ASP J 731 -9.43 -11.04 24.38
CA ASP J 731 -10.71 -10.57 23.85
C ASP J 731 -10.51 -10.33 22.35
N ASP J 732 -11.01 -11.25 21.53
CA ASP J 732 -10.78 -11.16 20.10
C ASP J 732 -11.51 -9.99 19.48
N GLU J 733 -12.63 -9.58 20.08
CA GLU J 733 -13.33 -8.37 19.64
C GLU J 733 -12.46 -7.14 19.84
N LYS J 734 -11.92 -6.98 21.04
CA LYS J 734 -11.11 -5.80 21.33
C LYS J 734 -9.78 -5.84 20.60
N ALA J 735 -9.16 -7.03 20.54
CA ALA J 735 -7.88 -7.15 19.87
C ALA J 735 -8.00 -6.97 18.37
N SER J 736 -9.13 -7.38 17.79
CA SER J 736 -9.30 -7.18 16.36
C SER J 736 -9.73 -5.75 16.06
N ALA J 737 -10.53 -5.14 16.94
CA ALA J 737 -10.98 -3.78 16.73
C ALA J 737 -9.88 -2.77 16.97
N LEU J 738 -8.86 -3.15 17.73
CA LEU J 738 -7.70 -2.28 17.90
C LEU J 738 -6.72 -2.36 16.75
N GLY J 739 -7.04 -3.08 15.67
CA GLY J 739 -6.19 -3.15 14.51
C GLY J 739 -5.23 -4.30 14.49
N VAL J 740 -5.16 -5.09 15.56
CA VAL J 740 -4.24 -6.21 15.62
C VAL J 740 -4.90 -7.44 15.01
N SER J 741 -4.15 -8.17 14.19
CA SER J 741 -4.61 -9.45 13.73
C SER J 741 -4.34 -10.49 14.81
N LEU J 742 -4.73 -11.74 14.56
CA LEU J 742 -4.63 -12.76 15.59
C LEU J 742 -3.46 -13.72 15.39
N ALA J 743 -2.99 -13.86 14.14
CA ALA J 743 -1.86 -14.75 13.88
C ALA J 743 -0.58 -14.23 14.50
N ASP J 744 -0.38 -12.91 14.49
CA ASP J 744 0.81 -12.37 15.13
C ASP J 744 0.68 -12.40 16.65
N ILE J 745 -0.55 -12.37 17.17
CA ILE J 745 -0.75 -12.59 18.61
C ILE J 745 -0.33 -14.00 18.99
N ASN J 746 -0.77 -14.99 18.20
CA ASN J 746 -0.40 -16.38 18.45
C ASN J 746 1.10 -16.59 18.31
N SER J 747 1.72 -15.93 17.32
CA SER J 747 3.16 -16.07 17.14
C SER J 747 3.92 -15.40 18.27
N THR J 748 3.43 -14.26 18.75
CA THR J 748 4.08 -13.57 19.85
C THR J 748 4.02 -14.38 21.14
N VAL J 749 2.88 -14.99 21.42
CA VAL J 749 2.80 -15.78 22.65
C VAL J 749 3.50 -17.13 22.48
N SER J 750 3.70 -17.59 21.25
CA SER J 750 4.39 -18.87 21.10
C SER J 750 5.89 -18.72 20.98
N ILE J 751 6.39 -17.53 20.65
CA ILE J 751 7.83 -17.32 20.53
C ILE J 751 8.35 -16.71 21.83
N ALA J 752 7.57 -15.81 22.42
CA ALA J 752 8.04 -15.09 23.60
C ALA J 752 8.15 -15.96 24.82
N TRP J 753 7.33 -17.01 24.91
CA TRP J 753 7.37 -17.91 26.05
C TRP J 753 7.54 -19.38 25.69
N GLY J 754 7.46 -19.73 24.41
CA GLY J 754 7.44 -21.13 24.04
C GLY J 754 8.69 -21.68 23.39
N SER J 755 9.73 -20.84 23.22
CA SER J 755 11.04 -21.23 22.69
C SER J 755 10.91 -21.83 21.28
N SER J 756 10.54 -20.98 20.34
CA SER J 756 10.40 -21.42 18.96
C SER J 756 11.76 -21.75 18.36
N TYR J 757 11.84 -22.91 17.73
CA TYR J 757 13.08 -23.36 17.09
C TYR J 757 13.07 -22.86 15.64
N VAL J 758 14.08 -22.07 15.29
CA VAL J 758 14.01 -21.35 14.02
C VAL J 758 14.54 -22.17 12.87
N ASN J 759 15.84 -22.46 12.89
CA ASN J 759 16.49 -23.29 11.87
C ASN J 759 17.80 -23.81 12.48
N ASP J 760 18.72 -24.24 11.64
CA ASP J 760 19.97 -24.83 12.11
C ASP J 760 21.14 -23.93 11.78
N PHE J 761 22.29 -24.25 12.38
CA PHE J 761 23.52 -23.52 12.14
C PHE J 761 24.70 -24.41 12.43
N ILE J 762 25.82 -24.13 11.78
CA ILE J 762 27.01 -24.96 11.89
C ILE J 762 27.85 -24.51 13.07
N ASP J 763 28.34 -25.48 13.85
CA ASP J 763 29.22 -25.20 14.98
C ASP J 763 30.28 -26.29 15.00
N ARG J 764 31.52 -25.93 14.61
CA ARG J 764 32.68 -26.81 14.62
C ARG J 764 32.45 -28.08 13.81
N GLY J 765 31.73 -27.95 12.70
CA GLY J 765 31.40 -29.07 11.86
C GLY J 765 30.10 -29.76 12.20
N ARG J 766 29.59 -29.60 13.42
CA ARG J 766 28.33 -30.21 13.81
C ARG J 766 27.20 -29.23 13.59
N VAL J 767 26.00 -29.77 13.34
CA VAL J 767 24.84 -28.98 12.99
C VAL J 767 23.96 -28.87 14.23
N LYS J 768 24.09 -27.76 14.95
CA LYS J 768 23.26 -27.49 16.11
C LYS J 768 22.02 -26.71 15.68
N ARG J 769 21.24 -26.26 16.65
CA ARG J 769 20.00 -25.55 16.42
C ARG J 769 20.07 -24.14 16.99
N VAL J 770 19.09 -23.32 16.64
CA VAL J 770 18.93 -21.99 17.23
C VAL J 770 17.48 -21.81 17.66
N TYR J 771 17.30 -21.40 18.91
CA TYR J 771 16.00 -21.23 19.53
C TYR J 771 15.74 -19.76 19.82
N LEU J 772 14.48 -19.46 20.13
CA LEU J 772 14.05 -18.09 20.33
C LEU J 772 13.07 -18.05 21.49
N GLN J 773 13.42 -17.28 22.53
CA GLN J 773 12.55 -17.09 23.68
C GLN J 773 12.88 -15.73 24.26
N GLY J 774 11.99 -15.22 25.10
CA GLY J 774 12.26 -13.97 25.78
C GLY J 774 13.29 -14.12 26.87
N ARG J 775 13.59 -12.99 27.51
CA ARG J 775 14.47 -12.96 28.67
C ARG J 775 13.81 -13.70 29.83
N PRO J 776 14.59 -14.22 30.78
CA PRO J 776 13.97 -14.91 31.94
C PRO J 776 13.11 -14.01 32.80
N ASP J 777 13.63 -12.84 33.18
CA ASP J 777 12.87 -11.92 34.03
C ASP J 777 11.67 -11.31 33.30
N ALA J 778 11.62 -11.42 31.97
CA ALA J 778 10.44 -11.00 31.24
C ALA J 778 9.29 -11.97 31.37
N ARG J 779 9.55 -13.22 31.78
CA ARG J 779 8.48 -14.20 31.98
C ARG J 779 8.66 -14.89 33.32
N MET J 780 8.21 -14.25 34.38
CA MET J 780 8.27 -14.87 35.70
C MET J 780 6.98 -14.76 36.51
N ASN J 781 6.18 -13.74 36.29
CA ASN J 781 4.96 -13.49 37.05
C ASN J 781 3.88 -13.18 36.03
N PRO J 782 2.58 -13.21 36.40
CA PRO J 782 1.55 -12.89 35.40
C PRO J 782 1.57 -11.45 34.90
N ASP J 783 1.94 -10.49 35.75
CA ASP J 783 1.96 -9.10 35.29
C ASP J 783 3.09 -8.83 34.30
N ASP J 784 4.12 -9.68 34.33
CA ASP J 784 5.16 -9.64 33.30
C ASP J 784 4.62 -9.97 31.91
N LEU J 785 3.48 -10.68 31.84
CA LEU J 785 2.85 -10.90 30.54
C LEU J 785 2.30 -9.61 29.96
N SER J 786 2.12 -8.58 30.77
CA SER J 786 1.76 -7.26 30.25
C SER J 786 2.95 -6.53 29.64
N LYS J 787 4.17 -7.04 29.81
CA LYS J 787 5.33 -6.32 29.31
C LYS J 787 5.53 -6.49 27.81
N TRP J 788 4.82 -7.43 27.19
CA TRP J 788 5.02 -7.73 25.78
C TRP J 788 4.09 -6.89 24.92
N TYR J 789 4.58 -6.45 23.77
CA TYR J 789 3.87 -5.55 22.89
C TYR J 789 3.71 -6.19 21.52
N VAL J 790 2.68 -5.78 20.80
CA VAL J 790 2.42 -6.32 19.47
C VAL J 790 2.04 -5.16 18.55
N ARG J 791 2.62 -5.15 17.35
CA ARG J 791 2.36 -4.07 16.41
C ARG J 791 1.01 -4.27 15.74
N ASN J 792 0.23 -3.20 15.69
CA ASN J 792 -1.08 -3.25 15.03
C ASN J 792 -0.90 -3.03 13.53
N ASP J 793 -2.01 -2.82 12.82
CA ASP J 793 -1.92 -2.68 11.37
C ASP J 793 -1.44 -1.30 10.97
N LYS J 794 -1.56 -0.31 11.85
CA LYS J 794 -1.13 1.05 11.54
C LYS J 794 0.31 1.33 11.94
N GLY J 795 0.90 0.50 12.79
CA GLY J 795 2.28 0.67 13.17
C GLY J 795 2.53 1.01 14.62
N GLU J 796 1.50 1.05 15.46
CA GLU J 796 1.71 1.31 16.87
C GLU J 796 1.89 0.01 17.63
N MET J 797 2.49 0.11 18.82
CA MET J 797 2.75 -1.05 19.65
C MET J 797 1.69 -1.11 20.75
N VAL J 798 0.73 -1.99 20.56
CA VAL J 798 -0.31 -2.20 21.58
C VAL J 798 0.27 -3.04 22.71
N PRO J 799 0.08 -2.64 23.96
CA PRO J 799 0.44 -3.52 25.08
C PRO J 799 -0.50 -4.70 25.18
N PHE J 800 -0.06 -5.71 25.91
CA PHE J 800 -0.82 -6.96 25.96
C PHE J 800 -2.03 -6.85 26.86
N ASN J 801 -1.89 -6.24 28.03
CA ASN J 801 -2.98 -6.15 28.99
C ASN J 801 -4.08 -5.17 28.56
N ALA J 802 -3.90 -4.48 27.42
CA ALA J 802 -5.01 -3.76 26.82
C ALA J 802 -6.06 -4.69 26.24
N PHE J 803 -5.71 -5.95 25.95
CA PHE J 803 -6.70 -6.83 25.33
C PHE J 803 -6.67 -8.25 25.88
N ALA J 804 -6.04 -8.48 27.03
CA ALA J 804 -5.93 -9.84 27.54
C ALA J 804 -5.92 -9.81 29.05
N THR J 805 -6.54 -10.82 29.65
CA THR J 805 -6.54 -11.00 31.10
C THR J 805 -6.19 -12.45 31.39
N GLY J 806 -6.19 -12.81 32.67
CA GLY J 806 -5.91 -14.18 33.06
C GLY J 806 -6.56 -14.53 34.37
N LYS J 807 -6.72 -15.83 34.58
CA LYS J 807 -7.30 -16.34 35.82
C LYS J 807 -6.76 -17.74 36.05
N TRP J 808 -6.80 -18.16 37.31
CA TRP J 808 -6.25 -19.45 37.67
C TRP J 808 -7.29 -20.53 37.51
N GLU J 809 -6.85 -21.68 37.01
CA GLU J 809 -7.68 -22.86 36.87
C GLU J 809 -6.91 -24.04 37.46
N TYR J 810 -7.51 -25.22 37.39
CA TYR J 810 -6.98 -26.38 38.08
C TYR J 810 -6.88 -27.53 37.09
N GLY J 811 -5.67 -27.77 36.57
CA GLY J 811 -5.45 -28.78 35.56
C GLY J 811 -4.61 -29.93 36.07
N SER J 812 -4.20 -30.79 35.15
CA SER J 812 -3.38 -31.93 35.48
C SER J 812 -2.07 -31.87 34.70
N PRO J 813 -0.94 -32.16 35.35
CA PRO J 813 0.35 -32.04 34.68
C PRO J 813 0.77 -33.22 33.84
N LYS J 814 0.21 -34.41 34.06
CA LYS J 814 0.61 -35.59 33.33
C LYS J 814 -0.64 -36.35 32.92
N LEU J 815 -0.92 -36.38 31.63
CA LEU J 815 -2.07 -37.10 31.12
C LEU J 815 -1.60 -38.40 30.48
N GLU J 816 -2.44 -39.41 30.52
CA GLU J 816 -2.03 -40.71 30.00
C GLU J 816 -3.23 -41.44 29.43
N ARG J 817 -2.95 -42.28 28.44
CA ARG J 817 -3.96 -43.06 27.74
C ARG J 817 -3.51 -44.50 27.64
N TYR J 818 -4.48 -45.40 27.63
CA TYR J 818 -4.23 -46.83 27.54
C TYR J 818 -5.19 -47.41 26.51
N ASN J 819 -4.63 -48.06 25.49
CA ASN J 819 -5.36 -48.63 24.35
C ASN J 819 -6.23 -47.60 23.63
N GLY J 820 -5.74 -46.37 23.52
CA GLY J 820 -6.40 -45.36 22.73
C GLY J 820 -7.48 -44.58 23.44
N VAL J 821 -7.79 -44.89 24.69
CA VAL J 821 -8.79 -44.15 25.45
C VAL J 821 -8.10 -43.56 26.68
N PRO J 822 -8.64 -42.48 27.24
CA PRO J 822 -8.06 -41.92 28.47
C PRO J 822 -8.12 -42.90 29.63
N ALA J 823 -7.11 -42.84 30.49
CA ALA J 823 -6.96 -43.81 31.56
C ALA J 823 -6.08 -43.22 32.65
N MET J 824 -6.16 -43.83 33.83
CA MET J 824 -5.31 -43.48 34.95
C MET J 824 -4.74 -44.75 35.58
N GLU J 825 -3.55 -44.62 36.17
CA GLU J 825 -2.75 -45.77 36.55
C GLU J 825 -2.72 -45.92 38.06
N ILE J 826 -3.09 -47.10 38.56
CA ILE J 826 -3.08 -47.39 39.99
C ILE J 826 -2.21 -48.61 40.22
N LEU J 827 -1.19 -48.46 41.07
CA LEU J 827 -0.31 -49.58 41.35
C LEU J 827 -0.20 -49.78 42.85
N GLY J 828 0.07 -51.01 43.25
CA GLY J 828 0.23 -51.30 44.66
C GLY J 828 0.82 -52.68 44.87
N GLU J 829 0.77 -53.12 46.12
CA GLU J 829 1.32 -54.39 46.55
C GLU J 829 0.27 -55.14 47.34
N PRO J 830 0.36 -56.47 47.40
CA PRO J 830 -0.49 -57.22 48.34
C PRO J 830 -0.07 -56.97 49.77
N ALA J 831 -0.97 -57.37 50.69
CA ALA J 831 -0.67 -57.32 52.11
C ALA J 831 0.47 -58.27 52.44
N PRO J 832 1.30 -57.94 53.45
CA PRO J 832 2.44 -58.79 53.77
C PRO J 832 2.00 -60.16 54.30
N GLY J 833 2.50 -61.21 53.65
CA GLY J 833 2.08 -62.56 53.96
C GLY J 833 0.93 -63.06 53.13
N LEU J 834 0.56 -62.35 52.07
CA LEU J 834 -0.52 -62.75 51.20
C LEU J 834 -0.01 -62.94 49.79
N SER J 835 -0.83 -63.56 48.95
CA SER J 835 -0.47 -63.90 47.59
C SER J 835 -0.83 -62.77 46.63
N SER J 836 -0.60 -63.03 45.34
CA SER J 836 -0.99 -62.07 44.32
C SER J 836 -2.38 -62.35 43.77
N GLY J 837 -2.78 -63.62 43.78
CA GLY J 837 -4.08 -63.98 43.23
C GLY J 837 -5.23 -63.49 44.08
N ASP J 838 -5.13 -63.67 45.41
CA ASP J 838 -6.16 -63.15 46.30
C ASP J 838 -6.14 -61.63 46.35
N ALA J 839 -4.98 -61.01 46.15
CA ALA J 839 -4.90 -59.56 46.10
C ALA J 839 -5.61 -59.02 44.86
N MET J 840 -5.38 -59.64 43.70
CA MET J 840 -6.08 -59.23 42.49
C MET J 840 -7.57 -59.54 42.57
N ALA J 841 -7.94 -60.63 43.24
CA ALA J 841 -9.35 -60.94 43.45
C ALA J 841 -10.01 -59.90 44.37
N ALA J 842 -9.26 -59.41 45.35
CA ALA J 842 -9.76 -58.35 46.22
C ALA J 842 -9.87 -57.02 45.48
N VAL J 843 -9.00 -56.79 44.50
CA VAL J 843 -9.13 -55.60 43.67
C VAL J 843 -10.33 -55.72 42.72
N GLU J 844 -10.65 -56.96 42.30
CA GLU J 844 -11.63 -57.20 41.24
C GLU J 844 -13.05 -56.76 41.62
N GLU J 845 -13.37 -56.73 42.91
CA GLU J 845 -14.73 -56.33 43.27
C GLU J 845 -14.87 -54.83 43.49
N ILE J 846 -13.76 -54.11 43.68
CA ILE J 846 -13.83 -52.67 43.96
C ILE J 846 -14.31 -51.90 42.74
N VAL J 847 -14.10 -52.45 41.55
CA VAL J 847 -14.63 -51.83 40.33
C VAL J 847 -16.14 -51.98 40.22
N LYS J 848 -16.78 -52.72 41.13
CA LYS J 848 -18.22 -52.64 41.24
C LYS J 848 -18.65 -51.27 41.76
N GLN J 849 -17.83 -50.65 42.61
CA GLN J 849 -18.16 -49.33 43.19
C GLN J 849 -17.40 -48.25 42.44
N LEU J 850 -17.91 -47.93 41.25
CA LEU J 850 -17.46 -46.80 40.44
C LEU J 850 -18.57 -46.44 39.46
N PRO J 851 -18.60 -45.21 38.95
CA PRO J 851 -19.72 -44.78 38.09
C PRO J 851 -19.80 -45.54 36.77
N LYS J 852 -20.83 -45.18 36.01
CA LYS J 852 -21.12 -45.84 34.75
C LYS J 852 -20.29 -45.23 33.63
N GLY J 853 -19.84 -46.09 32.72
CA GLY J 853 -19.09 -45.64 31.57
C GLY J 853 -17.58 -45.70 31.71
N VAL J 854 -17.07 -46.11 32.86
CA VAL J 854 -15.64 -46.24 33.11
C VAL J 854 -15.35 -47.70 33.42
N GLY J 855 -14.38 -48.28 32.70
CA GLY J 855 -13.96 -49.63 32.92
C GLY J 855 -12.53 -49.71 33.45
N TYR J 856 -12.02 -50.94 33.49
CA TYR J 856 -10.67 -51.17 33.99
C TYR J 856 -9.97 -52.17 33.08
N SER J 857 -8.66 -52.24 33.23
CA SER J 857 -7.84 -53.22 32.52
C SER J 857 -6.58 -53.49 33.34
N TRP J 858 -5.98 -54.64 33.10
CA TRP J 858 -4.72 -55.02 33.72
C TRP J 858 -3.57 -54.76 32.78
N THR J 859 -2.37 -54.66 33.35
CA THR J 859 -1.16 -54.41 32.57
C THR J 859 0.03 -54.90 33.37
N GLY J 860 1.21 -54.81 32.76
CA GLY J 860 2.47 -55.11 33.40
C GLY J 860 2.61 -56.60 33.70
N LEU J 861 3.23 -56.88 34.84
CA LEU J 861 3.38 -58.26 35.28
C LEU J 861 2.07 -58.86 35.77
N SER J 862 1.08 -58.02 36.10
CA SER J 862 -0.22 -58.54 36.49
C SER J 862 -1.08 -58.96 35.31
N TYR J 863 -0.65 -58.66 34.09
CA TYR J 863 -1.47 -58.96 32.92
C TYR J 863 -1.36 -60.42 32.52
N GLU J 864 -0.13 -60.92 32.37
CA GLU J 864 0.07 -62.26 31.85
C GLU J 864 -0.25 -63.33 32.89
N GLU J 865 -0.40 -62.96 34.16
CA GLU J 865 -0.83 -63.90 35.17
C GLU J 865 -2.31 -64.22 35.07
N ARG J 866 -3.07 -63.46 34.27
CA ARG J 866 -4.48 -63.77 34.07
C ARG J 866 -4.65 -65.01 33.21
N LEU J 867 -3.70 -65.30 32.32
CA LEU J 867 -3.80 -66.46 31.45
C LEU J 867 -2.69 -67.49 31.67
N SER J 868 -1.62 -67.13 32.37
CA SER J 868 -0.53 -68.06 32.63
C SER J 868 -0.72 -68.85 33.92
N GLY J 869 -1.83 -68.66 34.63
CA GLY J 869 -2.09 -69.38 35.85
C GLY J 869 -2.77 -70.72 35.69
N SER J 870 -3.35 -70.98 34.52
CA SER J 870 -4.06 -72.23 34.26
C SER J 870 -3.17 -73.31 33.70
N GLN J 871 -2.11 -72.94 32.99
CA GLN J 871 -1.24 -73.93 32.36
C GLN J 871 -0.30 -74.60 33.35
N ALA J 872 -0.17 -74.07 34.56
CA ALA J 872 0.79 -74.63 35.53
C ALA J 872 0.38 -76.01 36.06
N PRO J 873 -0.85 -76.26 36.54
CA PRO J 873 -1.14 -77.63 36.96
C PRO J 873 -1.54 -78.55 35.82
N ALA J 874 -1.73 -78.02 34.62
CA ALA J 874 -2.17 -78.86 33.50
C ALA J 874 -1.05 -79.73 32.97
N LEU J 875 0.11 -79.14 32.69
CA LEU J 875 1.22 -79.90 32.12
C LEU J 875 1.91 -80.80 33.14
N TYR J 876 1.71 -80.55 34.43
CA TYR J 876 2.27 -81.45 35.44
C TYR J 876 1.57 -82.80 35.43
N ALA J 877 0.28 -82.79 35.09
CA ALA J 877 -0.46 -84.03 34.87
C ALA J 877 0.16 -84.83 33.73
N LEU J 878 0.48 -84.15 32.63
CA LEU J 878 1.14 -84.78 31.49
C LEU J 878 2.52 -85.28 31.87
N SER J 879 3.22 -84.57 32.74
CA SER J 879 4.57 -84.95 33.13
C SER J 879 4.58 -86.22 33.96
N LEU J 880 3.75 -86.28 35.01
CA LEU J 880 3.80 -87.49 35.83
C LEU J 880 3.12 -88.65 35.13
N LEU J 881 2.19 -88.36 34.21
CA LEU J 881 1.61 -89.41 33.39
C LEU J 881 2.65 -90.01 32.45
N VAL J 882 3.49 -89.18 31.82
CA VAL J 882 4.43 -89.74 30.85
C VAL J 882 5.59 -90.42 31.57
N VAL J 883 5.93 -90.00 32.80
CA VAL J 883 6.97 -90.74 33.50
C VAL J 883 6.40 -92.04 34.07
N PHE J 884 5.09 -92.09 34.36
CA PHE J 884 4.48 -93.34 34.74
C PHE J 884 4.46 -94.32 33.58
N LEU J 885 4.16 -93.83 32.38
CA LEU J 885 4.24 -94.68 31.18
C LEU J 885 5.68 -95.08 30.88
N CYS J 886 6.65 -94.22 31.22
CA CYS J 886 8.05 -94.57 31.00
C CYS J 886 8.51 -95.71 31.91
N LEU J 887 8.15 -95.65 33.19
CA LEU J 887 8.54 -96.74 34.09
C LEU J 887 7.72 -98.00 33.84
N ALA J 888 6.48 -97.85 33.37
CA ALA J 888 5.71 -99.00 32.93
C ALA J 888 6.29 -99.59 31.66
N ALA J 889 7.00 -98.78 30.86
CA ALA J 889 7.73 -99.33 29.74
C ALA J 889 8.97 -100.07 30.21
N LEU J 890 9.59 -99.58 31.28
CA LEU J 890 10.87 -100.14 31.70
C LEU J 890 10.68 -101.49 32.38
N TYR J 891 9.77 -101.60 33.34
CA TYR J 891 9.56 -102.86 34.04
C TYR J 891 8.56 -103.77 33.36
N GLU J 892 7.60 -103.21 32.61
CA GLU J 892 6.48 -103.91 31.99
C GLU J 892 5.59 -104.60 33.03
N SER J 893 4.98 -103.74 33.85
CA SER J 893 3.77 -104.10 34.56
C SER J 893 2.90 -102.86 34.66
N TRP J 894 1.90 -102.92 35.54
CA TRP J 894 1.08 -101.77 35.88
C TRP J 894 1.02 -101.60 37.39
N SER J 895 1.98 -102.17 38.10
CA SER J 895 1.95 -102.14 39.55
C SER J 895 3.08 -101.34 40.17
N ILE J 896 4.33 -101.69 39.89
CA ILE J 896 5.45 -100.97 40.51
C ILE J 896 5.64 -99.53 40.04
N PRO J 897 5.20 -99.05 38.84
CA PRO J 897 5.26 -97.59 38.65
C PRO J 897 4.28 -96.85 39.54
N PHE J 898 3.16 -97.47 39.92
CA PHE J 898 2.32 -96.91 40.97
C PHE J 898 3.00 -96.96 42.33
N SER J 899 3.98 -97.85 42.50
CA SER J 899 4.73 -97.88 43.75
C SER J 899 5.74 -96.74 43.78
N VAL J 900 6.59 -96.67 42.77
CA VAL J 900 7.79 -95.83 42.82
C VAL J 900 7.45 -94.35 42.71
N MET J 901 6.34 -94.00 42.03
CA MET J 901 5.87 -92.61 42.04
C MET J 901 5.53 -92.15 43.45
N LEU J 902 5.10 -93.06 44.31
CA LEU J 902 4.84 -92.70 45.69
C LEU J 902 6.10 -92.50 46.52
N VAL J 903 7.30 -92.45 45.93
CA VAL J 903 8.44 -91.92 46.68
C VAL J 903 8.52 -90.41 46.54
N VAL J 904 7.85 -89.82 45.54
CA VAL J 904 7.91 -88.35 45.39
C VAL J 904 7.22 -87.55 46.49
N PRO J 905 6.25 -88.08 47.27
CA PRO J 905 5.90 -87.35 48.50
C PRO J 905 6.96 -87.39 49.58
N LEU J 906 7.90 -88.34 49.53
CA LEU J 906 8.81 -88.52 50.66
C LEU J 906 9.96 -87.53 50.65
N GLY J 907 10.19 -86.84 49.55
CA GLY J 907 11.29 -85.91 49.51
C GLY J 907 10.86 -84.46 49.56
N VAL J 908 9.80 -84.15 48.80
CA VAL J 908 9.40 -82.77 48.57
C VAL J 908 8.86 -82.12 49.83
N ILE J 909 8.40 -82.95 50.78
CA ILE J 909 7.94 -82.47 52.07
C ILE J 909 9.07 -81.78 52.83
N GLY J 910 10.29 -82.32 52.72
CA GLY J 910 11.42 -81.67 53.33
C GLY J 910 11.84 -80.42 52.60
N ALA J 911 11.45 -80.30 51.33
CA ALA J 911 11.65 -79.05 50.63
C ALA J 911 10.75 -77.95 51.16
N LEU J 912 9.63 -78.30 51.78
CA LEU J 912 8.67 -77.28 52.17
C LEU J 912 9.09 -76.59 53.47
N LEU J 913 9.14 -77.35 54.57
CA LEU J 913 9.25 -76.75 55.90
C LEU J 913 10.61 -76.09 56.13
N ALA J 914 11.63 -76.51 55.38
CA ALA J 914 12.93 -75.86 55.47
C ALA J 914 12.85 -74.42 54.98
N THR J 915 12.05 -74.18 53.94
CA THR J 915 11.75 -72.80 53.57
C THR J 915 10.94 -72.11 54.66
N SER J 916 10.06 -72.86 55.32
CA SER J 916 9.39 -72.34 56.51
C SER J 916 10.37 -72.16 57.66
N MET J 917 11.48 -72.89 57.64
CA MET J 917 12.55 -72.64 58.60
C MET J 917 13.34 -71.39 58.25
N ARG J 918 13.26 -70.92 56.99
CA ARG J 918 13.96 -69.71 56.58
C ARG J 918 13.03 -68.55 56.27
N GLY J 919 11.73 -68.80 56.16
CA GLY J 919 10.79 -67.77 55.79
C GLY J 919 10.69 -67.49 54.30
N LEU J 920 11.40 -68.25 53.48
CA LEU J 920 11.36 -68.02 52.04
C LEU J 920 10.08 -68.61 51.46
N SER J 921 9.49 -67.91 50.49
CA SER J 921 8.20 -68.27 49.95
C SER J 921 8.35 -69.17 48.71
N ASN J 922 7.20 -69.60 48.19
CA ASN J 922 7.16 -70.35 46.94
C ASN J 922 7.57 -69.45 45.79
N ASP J 923 8.36 -70.00 44.88
CA ASP J 923 8.95 -69.21 43.81
C ASP J 923 9.31 -70.13 42.66
N VAL J 924 9.80 -69.54 41.57
CA VAL J 924 10.31 -70.32 40.44
C VAL J 924 11.58 -71.06 40.85
N PHE J 925 12.39 -70.46 41.73
CA PHE J 925 13.58 -71.14 42.21
C PHE J 925 13.21 -72.24 43.19
N PHE J 926 12.17 -72.02 44.00
CA PHE J 926 11.70 -73.05 44.92
C PHE J 926 11.08 -74.21 44.16
N GLN J 927 10.35 -73.92 43.07
CA GLN J 927 9.73 -75.02 42.36
C GLN J 927 10.72 -75.77 41.48
N VAL J 928 11.76 -75.11 40.97
CA VAL J 928 12.78 -75.87 40.26
C VAL J 928 13.65 -76.64 41.26
N GLY J 929 13.73 -76.17 42.51
CA GLY J 929 14.40 -76.95 43.53
C GLY J 929 13.63 -78.19 43.91
N LEU J 930 12.31 -78.09 44.03
CA LEU J 930 11.52 -79.29 44.31
C LEU J 930 11.48 -80.22 43.11
N LEU J 931 11.51 -79.67 41.90
CA LEU J 931 11.62 -80.50 40.70
C LEU J 931 12.93 -81.27 40.68
N THR J 932 14.03 -80.64 41.08
CA THR J 932 15.30 -81.35 41.08
C THR J 932 15.39 -82.35 42.22
N THR J 933 14.78 -82.04 43.37
CA THR J 933 14.88 -83.00 44.47
C THR J 933 13.98 -84.20 44.23
N ILE J 934 12.87 -84.04 43.49
CA ILE J 934 12.12 -85.23 43.13
C ILE J 934 12.80 -85.94 41.98
N GLY J 935 13.57 -85.21 41.17
CA GLY J 935 14.33 -85.85 40.10
C GLY J 935 15.43 -86.76 40.62
N LEU J 936 16.14 -86.32 41.65
CA LEU J 936 17.14 -87.24 42.19
C LEU J 936 16.63 -88.05 43.37
N SER J 937 15.37 -87.89 43.78
CA SER J 937 14.77 -88.90 44.64
C SER J 937 14.00 -89.95 43.85
N ALA J 938 13.91 -89.80 42.53
CA ALA J 938 13.39 -90.90 41.73
C ALA J 938 14.45 -91.97 41.46
N LYS J 939 15.73 -91.59 41.39
CA LYS J 939 16.77 -92.52 40.96
C LYS J 939 17.04 -93.61 42.00
N ASN J 940 17.09 -93.24 43.28
CA ASN J 940 17.43 -94.14 44.37
C ASN J 940 16.27 -95.04 44.72
N ALA J 941 15.10 -94.77 44.15
CA ALA J 941 14.00 -95.71 44.19
C ALA J 941 14.00 -96.62 42.97
N ILE J 942 14.22 -96.09 41.76
CA ILE J 942 14.07 -96.92 40.56
C ILE J 942 15.19 -97.95 40.46
N LEU J 943 16.44 -97.57 40.79
CA LEU J 943 17.53 -98.52 40.56
C LEU J 943 17.48 -99.64 41.59
N ILE J 944 17.08 -99.34 42.82
CA ILE J 944 16.98 -100.40 43.82
C ILE J 944 15.72 -101.23 43.59
N VAL J 945 14.67 -100.66 42.97
CA VAL J 945 13.49 -101.49 42.75
C VAL J 945 13.68 -102.39 41.54
N GLU J 946 14.49 -101.98 40.57
CA GLU J 946 14.79 -102.92 39.50
C GLU J 946 15.84 -103.95 39.91
N PHE J 947 16.70 -103.60 40.87
CA PHE J 947 17.54 -104.62 41.48
C PHE J 947 16.71 -105.63 42.25
N ALA J 948 15.65 -105.15 42.92
CA ALA J 948 14.74 -106.05 43.63
C ALA J 948 13.99 -106.94 42.65
N LYS J 949 13.55 -106.41 41.51
CA LYS J 949 12.80 -107.24 40.57
C LYS J 949 13.70 -108.26 39.89
N GLU J 950 14.96 -107.92 39.62
CA GLU J 950 15.82 -108.89 38.96
C GLU J 950 16.25 -109.98 39.94
N LEU J 951 16.46 -109.61 41.20
CA LEU J 951 16.74 -110.63 42.21
C LEU J 951 15.52 -111.47 42.54
N HIS J 952 14.31 -110.95 42.32
CA HIS J 952 13.12 -111.78 42.49
C HIS J 952 12.93 -112.72 41.31
N GLU J 953 13.11 -112.24 40.09
CA GLU J 953 12.86 -113.08 38.93
C GLU J 953 13.98 -114.07 38.67
N GLN J 954 15.16 -113.89 39.27
CA GLN J 954 16.20 -114.88 39.10
C GLN J 954 16.04 -116.08 40.03
N GLY J 955 14.98 -116.13 40.84
CA GLY J 955 14.70 -117.31 41.62
C GLY J 955 14.57 -117.12 43.12
N LYS J 956 14.19 -115.93 43.56
CA LYS J 956 13.99 -115.68 44.98
C LYS J 956 12.63 -115.03 45.21
N GLY J 957 12.16 -115.09 46.45
CA GLY J 957 10.95 -114.39 46.82
C GLY J 957 11.16 -112.89 46.89
N ILE J 958 10.05 -112.17 47.06
CA ILE J 958 10.10 -110.72 46.95
C ILE J 958 10.76 -110.10 48.18
N VAL J 959 10.61 -110.72 49.35
CA VAL J 959 11.13 -110.14 50.59
C VAL J 959 12.65 -110.32 50.64
N GLU J 960 13.14 -111.51 50.27
CA GLU J 960 14.58 -111.74 50.25
C GLU J 960 15.26 -110.94 49.15
N ALA J 961 14.59 -110.79 48.00
CA ALA J 961 15.12 -109.92 46.96
C ALA J 961 15.16 -108.47 47.41
N ALA J 962 14.16 -108.05 48.19
CA ALA J 962 14.12 -106.67 48.68
C ALA J 962 15.24 -106.39 49.68
N ILE J 963 15.44 -107.31 50.63
CA ILE J 963 16.49 -107.08 51.63
C ILE J 963 17.87 -107.18 50.98
N GLU J 964 18.04 -108.08 50.00
CA GLU J 964 19.32 -108.19 49.32
C GLU J 964 19.60 -106.96 48.46
N ALA J 965 18.56 -106.41 47.83
CA ALA J 965 18.73 -105.22 47.00
C ALA J 965 19.07 -103.99 47.83
N CYS J 966 18.38 -103.80 48.97
CA CYS J 966 18.65 -102.61 49.77
C CYS J 966 19.98 -102.73 50.50
N ARG J 967 20.36 -103.94 50.91
CA ARG J 967 21.70 -104.15 51.46
C ARG J 967 22.77 -103.96 50.40
N MET J 968 22.46 -104.29 49.15
CA MET J 968 23.41 -104.10 48.06
C MET J 968 23.58 -102.62 47.74
N ARG J 969 22.51 -101.84 47.87
CA ARG J 969 22.52 -100.47 47.36
C ARG J 969 22.49 -99.39 48.43
N LEU J 970 22.66 -99.72 49.72
CA LEU J 970 22.76 -98.68 50.72
C LEU J 970 23.98 -97.79 50.52
N ARG J 971 25.11 -98.39 50.12
CA ARG J 971 26.37 -97.66 50.00
C ARG J 971 26.37 -96.55 48.94
N PRO J 972 25.96 -96.77 47.67
CA PRO J 972 26.03 -95.66 46.72
C PRO J 972 25.02 -94.56 46.98
N ILE J 973 23.92 -94.84 47.69
CA ILE J 973 22.91 -93.82 47.93
C ILE J 973 23.43 -92.78 48.92
N VAL J 974 23.99 -93.23 50.03
CA VAL J 974 24.59 -92.31 50.99
C VAL J 974 25.86 -91.68 50.40
N MET J 975 26.56 -92.42 49.52
CA MET J 975 27.73 -91.88 48.85
C MET J 975 27.39 -90.72 47.92
N THR J 976 26.27 -90.81 47.20
CA THR J 976 25.78 -89.68 46.41
C THR J 976 25.28 -88.57 47.32
N SER J 977 24.61 -88.95 48.42
CA SER J 977 23.84 -88.00 49.20
C SER J 977 24.73 -87.01 49.95
N LEU J 978 25.76 -87.53 50.65
CA LEU J 978 26.58 -86.63 51.45
C LEU J 978 27.43 -85.74 50.56
N ALA J 979 27.85 -86.25 49.41
CA ALA J 979 28.59 -85.46 48.45
C ALA J 979 27.72 -84.36 47.85
N PHE J 980 26.44 -84.67 47.61
CA PHE J 980 25.54 -83.66 47.04
C PHE J 980 25.27 -82.53 48.02
N ILE J 981 24.96 -82.85 49.28
CA ILE J 981 24.66 -81.77 50.23
C ILE J 981 25.92 -81.01 50.61
N LEU J 982 27.06 -81.70 50.68
CA LEU J 982 28.31 -81.01 50.97
C LEU J 982 28.82 -80.22 49.78
N GLY J 983 28.33 -80.51 48.57
CA GLY J 983 28.67 -79.70 47.43
C GLY J 983 27.81 -78.47 47.29
N VAL J 984 26.53 -78.58 47.67
CA VAL J 984 25.63 -77.43 47.50
C VAL J 984 25.39 -76.65 48.78
N VAL J 985 26.03 -77.03 49.89
CA VAL J 985 25.95 -76.20 51.11
C VAL J 985 26.64 -74.83 51.02
N PRO J 986 27.76 -74.61 50.27
CA PRO J 986 28.25 -73.22 50.22
C PRO J 986 27.37 -72.28 49.43
N LEU J 987 26.56 -72.82 48.51
CA LEU J 987 25.54 -72.01 47.85
C LEU J 987 24.43 -71.64 48.82
N ALA J 988 24.09 -72.53 49.75
CA ALA J 988 23.03 -72.24 50.70
C ALA J 988 23.51 -71.31 51.81
N ILE J 989 24.82 -71.27 52.07
CA ILE J 989 25.36 -70.42 53.13
C ILE J 989 25.91 -69.10 52.58
N SER J 990 25.88 -68.92 51.26
CA SER J 990 26.49 -67.76 50.63
C SER J 990 25.70 -66.48 50.91
N THR J 991 26.44 -65.38 51.02
CA THR J 991 25.84 -64.05 51.13
C THR J 991 26.58 -63.12 50.16
N GLY J 992 25.83 -62.29 49.45
CA GLY J 992 26.41 -61.42 48.45
C GLY J 992 25.57 -61.29 47.20
N ALA J 993 26.20 -61.33 46.04
CA ALA J 993 25.48 -61.19 44.78
C ALA J 993 24.71 -62.47 44.48
N GLY J 994 23.45 -62.31 44.07
CA GLY J 994 22.60 -63.44 43.74
C GLY J 994 22.21 -64.31 44.91
N SER J 995 22.31 -63.79 46.14
CA SER J 995 22.10 -64.63 47.31
C SER J 995 20.62 -64.88 47.58
N GLY J 996 19.74 -64.00 47.10
CA GLY J 996 18.32 -64.21 47.28
C GLY J 996 17.80 -65.41 46.52
N SER J 997 18.42 -65.71 45.37
CA SER J 997 18.08 -66.92 44.64
C SER J 997 18.86 -68.12 45.17
N GLN J 998 20.07 -67.88 45.67
CA GLN J 998 20.90 -68.98 46.15
C GLN J 998 20.34 -69.58 47.44
N HIS J 999 19.83 -68.74 48.33
CA HIS J 999 19.16 -69.25 49.53
C HIS J 999 17.89 -69.99 49.17
N ALA J 1000 17.12 -69.45 48.23
CA ALA J 1000 15.85 -70.05 47.84
C ALA J 1000 16.03 -71.36 47.10
N ILE J 1001 17.19 -71.58 46.48
CA ILE J 1001 17.43 -72.89 45.88
C ILE J 1001 18.07 -73.84 46.90
N GLY J 1002 18.90 -73.32 47.80
CA GLY J 1002 19.68 -74.19 48.66
C GLY J 1002 18.88 -74.75 49.82
N THR J 1003 18.12 -73.89 50.50
CA THR J 1003 17.30 -74.36 51.62
C THR J 1003 16.16 -75.23 51.13
N GLY J 1004 15.77 -75.10 49.88
CA GLY J 1004 14.86 -76.05 49.27
C GLY J 1004 15.53 -77.39 49.04
N VAL J 1005 16.67 -77.39 48.35
CA VAL J 1005 17.20 -78.64 47.80
C VAL J 1005 17.83 -79.50 48.91
N ILE J 1006 18.48 -78.88 49.91
CA ILE J 1006 19.12 -79.71 50.93
C ILE J 1006 18.07 -80.29 51.87
N GLY J 1007 17.01 -79.52 52.15
CA GLY J 1007 15.96 -80.03 53.01
C GLY J 1007 15.11 -81.07 52.33
N GLY J 1008 14.92 -80.94 51.02
CA GLY J 1008 14.23 -81.95 50.28
C GLY J 1008 15.03 -83.23 50.21
N MET J 1009 16.32 -83.12 49.89
CA MET J 1009 17.08 -84.32 49.63
C MET J 1009 17.44 -85.06 50.91
N VAL J 1010 17.62 -84.34 52.02
CA VAL J 1010 18.07 -85.00 53.25
C VAL J 1010 16.95 -85.87 53.84
N THR J 1011 15.70 -85.54 53.54
CA THR J 1011 14.62 -86.44 53.88
C THR J 1011 14.29 -87.35 52.72
N ALA J 1012 14.82 -87.07 51.53
CA ALA J 1012 14.67 -88.02 50.43
C ALA J 1012 15.63 -89.19 50.55
N THR J 1013 16.70 -89.08 51.33
CA THR J 1013 17.67 -90.17 51.40
C THR J 1013 17.56 -91.00 52.69
N VAL J 1014 17.58 -90.37 53.87
CA VAL J 1014 17.67 -91.17 55.09
C VAL J 1014 16.29 -91.59 55.55
N LEU J 1015 15.24 -90.99 55.00
CA LEU J 1015 13.89 -91.40 55.37
C LEU J 1015 13.29 -92.32 54.32
N ALA J 1016 13.40 -91.96 53.04
CA ALA J 1016 12.77 -92.73 51.98
C ALA J 1016 13.51 -94.02 51.65
N ILE J 1017 14.62 -94.32 52.32
CA ILE J 1017 15.31 -95.59 52.12
C ILE J 1017 14.56 -96.72 52.79
N PHE J 1018 13.63 -96.41 53.71
CA PHE J 1018 12.86 -97.43 54.39
C PHE J 1018 11.51 -97.72 53.75
N TRP J 1019 10.87 -96.73 53.13
CA TRP J 1019 9.49 -96.91 52.69
C TRP J 1019 9.39 -97.53 51.31
N VAL J 1020 10.41 -97.37 50.46
CA VAL J 1020 10.33 -97.94 49.12
C VAL J 1020 10.39 -99.47 49.05
N PRO J 1021 11.06 -100.21 49.96
CA PRO J 1021 10.85 -101.67 49.91
C PRO J 1021 9.47 -102.10 50.37
N LEU J 1022 8.88 -101.43 51.36
CA LEU J 1022 7.50 -101.74 51.70
C LEU J 1022 6.53 -101.17 50.68
N PHE J 1023 6.96 -100.22 49.85
CA PHE J 1023 6.15 -99.82 48.71
C PHE J 1023 6.24 -100.82 47.57
N TYR J 1024 7.32 -101.62 47.54
CA TYR J 1024 7.47 -102.60 46.46
C TYR J 1024 6.46 -103.72 46.56
N VAL J 1025 6.04 -104.08 47.78
CA VAL J 1025 5.07 -105.15 47.96
C VAL J 1025 3.68 -104.53 47.75
N ALA J 1026 3.21 -104.61 46.51
CA ALA J 1026 1.90 -104.09 46.16
C ALA J 1026 0.81 -105.10 46.49
N VAL J 1027 -0.43 -104.74 46.14
CA VAL J 1027 -1.56 -105.59 46.48
C VAL J 1027 -1.73 -106.71 45.46
N SER J 1028 -1.37 -106.47 44.20
CA SER J 1028 -1.52 -107.46 43.14
C SER J 1028 -0.23 -108.24 42.90
N THR J 1029 0.68 -108.26 43.87
CA THR J 1029 1.93 -108.98 43.72
C THR J 1029 1.77 -110.49 43.86
N LEU J 1030 0.61 -110.94 44.34
CA LEU J 1030 0.34 -112.37 44.49
C LEU J 1030 0.13 -113.02 43.13
N MET K 1 24.87 -103.36 5.74
CA MET K 1 25.88 -104.34 5.42
C MET K 1 25.52 -105.13 4.16
N SER K 2 26.51 -105.84 3.62
CA SER K 2 26.31 -106.65 2.42
C SER K 2 25.81 -108.04 2.82
N LYS K 3 25.90 -108.99 1.88
CA LYS K 3 25.42 -110.37 1.85
C LYS K 3 23.90 -110.42 1.64
N PHE K 4 23.21 -109.30 1.77
CA PHE K 4 21.81 -109.18 1.43
C PHE K 4 21.58 -108.85 -0.03
N PHE K 5 22.66 -108.63 -0.79
CA PHE K 5 22.56 -108.07 -2.12
C PHE K 5 23.26 -108.88 -3.20
N ILE K 6 24.26 -109.69 -2.84
CA ILE K 6 24.92 -110.53 -3.85
C ILE K 6 23.99 -111.64 -4.31
N ASP K 7 23.06 -112.05 -3.46
CA ASP K 7 22.00 -112.96 -3.84
C ASP K 7 20.79 -112.25 -4.43
N ARG K 8 20.71 -110.93 -4.28
CA ARG K 8 19.55 -110.15 -4.72
C ARG K 8 20.04 -108.95 -5.53
N PRO K 9 20.42 -109.17 -6.78
CA PRO K 9 21.07 -108.09 -7.54
C PRO K 9 20.12 -107.04 -8.06
N ILE K 10 18.85 -107.40 -8.28
CA ILE K 10 17.87 -106.46 -8.82
C ILE K 10 17.59 -105.34 -7.83
N PHE K 11 17.63 -105.65 -6.53
CA PHE K 11 17.51 -104.64 -5.49
C PHE K 11 18.62 -103.60 -5.59
N ALA K 12 19.85 -104.07 -5.81
CA ALA K 12 21.00 -103.18 -5.94
C ALA K 12 20.91 -102.33 -7.21
N TRP K 13 20.47 -102.95 -8.33
CA TRP K 13 20.30 -102.20 -9.57
C TRP K 13 19.20 -101.14 -9.44
N VAL K 14 18.16 -101.44 -8.67
CA VAL K 14 17.08 -100.50 -8.46
C VAL K 14 17.54 -99.33 -7.60
N ILE K 15 18.34 -99.61 -6.57
CA ILE K 15 18.90 -98.53 -5.74
C ILE K 15 19.81 -97.62 -6.57
N ALA K 16 20.63 -98.22 -7.45
CA ALA K 16 21.50 -97.45 -8.32
C ALA K 16 20.70 -96.57 -9.27
N LEU K 17 19.67 -97.14 -9.90
CA LEU K 17 18.91 -96.38 -10.88
C LEU K 17 18.03 -95.32 -10.23
N VAL K 18 17.61 -95.55 -8.97
CA VAL K 18 16.75 -94.58 -8.34
C VAL K 18 17.57 -93.41 -7.81
N ILE K 19 18.83 -93.63 -7.41
CA ILE K 19 19.64 -92.46 -7.05
C ILE K 19 20.09 -91.72 -8.30
N MET K 20 20.33 -92.45 -9.41
CA MET K 20 20.62 -91.82 -10.70
C MET K 20 19.51 -90.89 -11.14
N LEU K 21 18.30 -91.41 -11.30
CA LEU K 21 17.20 -90.58 -11.76
C LEU K 21 16.45 -89.91 -10.62
N ALA K 22 17.03 -89.89 -9.41
CA ALA K 22 16.66 -88.91 -8.41
C ALA K 22 17.52 -87.66 -8.52
N GLY K 23 18.79 -87.82 -8.90
CA GLY K 23 19.60 -86.66 -9.20
C GLY K 23 19.37 -86.07 -10.58
N GLY K 24 19.03 -86.93 -11.55
CA GLY K 24 19.01 -86.50 -12.94
C GLY K 24 17.83 -85.62 -13.29
N LEU K 25 16.72 -85.76 -12.56
CA LEU K 25 15.65 -84.80 -12.72
C LEU K 25 15.85 -83.59 -11.82
N SER K 26 16.65 -83.73 -10.77
CA SER K 26 16.85 -82.61 -9.86
C SER K 26 17.90 -81.65 -10.38
N ILE K 27 18.67 -82.04 -11.41
CA ILE K 27 19.58 -81.06 -12.01
C ILE K 27 18.81 -80.01 -12.81
N LEU K 28 17.59 -80.32 -13.23
CA LEU K 28 16.84 -79.40 -14.08
C LEU K 28 16.02 -78.40 -13.29
N SER K 29 16.15 -78.36 -11.97
CA SER K 29 15.33 -77.50 -11.13
C SER K 29 16.14 -76.60 -10.20
N LEU K 30 17.47 -76.57 -10.34
CA LEU K 30 18.25 -75.65 -9.55
C LEU K 30 19.09 -74.78 -10.48
N PRO K 31 19.33 -73.53 -10.13
CA PRO K 31 20.00 -72.62 -11.05
C PRO K 31 21.49 -72.88 -11.17
N VAL K 32 22.08 -72.29 -12.21
CA VAL K 32 23.50 -72.39 -12.49
C VAL K 32 24.07 -70.99 -12.62
N ASN K 33 25.21 -70.75 -11.96
CA ASN K 33 25.89 -69.47 -12.05
C ASN K 33 27.39 -69.71 -12.01
N GLN K 34 28.15 -68.63 -12.08
CA GLN K 34 29.60 -68.76 -12.08
C GLN K 34 30.14 -68.93 -10.67
N TYR K 35 29.61 -68.19 -9.71
CA TYR K 35 30.14 -68.15 -8.37
C TYR K 35 28.99 -67.97 -7.38
N PRO K 36 29.16 -68.46 -6.15
CA PRO K 36 28.14 -68.20 -5.12
C PRO K 36 28.20 -66.79 -4.56
N ALA K 37 27.44 -66.53 -3.50
CA ALA K 37 27.43 -65.23 -2.84
C ALA K 37 28.72 -65.07 -2.05
N ILE K 38 29.77 -64.67 -2.76
CA ILE K 38 31.08 -64.50 -2.14
C ILE K 38 31.20 -63.10 -1.53
N ALA K 39 30.55 -62.11 -2.15
CA ALA K 39 30.65 -60.74 -1.70
C ALA K 39 29.90 -60.54 -0.38
N PRO K 40 30.43 -59.69 0.50
CA PRO K 40 29.73 -59.38 1.74
C PRO K 40 28.48 -58.55 1.47
N PRO K 41 27.46 -58.67 2.32
CA PRO K 41 26.27 -57.83 2.15
C PRO K 41 26.57 -56.38 2.47
N ALA K 42 25.95 -55.50 1.69
CA ALA K 42 26.19 -54.07 1.80
C ALA K 42 24.91 -53.31 1.48
N ILE K 43 24.63 -52.29 2.28
CA ILE K 43 23.48 -51.41 2.10
C ILE K 43 24.01 -50.01 1.83
N ALA K 44 23.46 -49.36 0.82
CA ALA K 44 23.91 -48.03 0.43
C ALA K 44 22.73 -47.07 0.48
N VAL K 45 22.92 -45.97 1.20
CA VAL K 45 21.99 -44.85 1.16
C VAL K 45 22.58 -43.81 0.21
N GLN K 46 21.70 -43.04 -0.40
CA GLN K 46 22.05 -42.20 -1.53
C GLN K 46 21.10 -41.00 -1.58
N VAL K 47 21.67 -39.79 -1.63
CA VAL K 47 20.85 -38.62 -1.94
C VAL K 47 21.54 -37.78 -3.00
N SER K 48 20.74 -36.96 -3.69
CA SER K 48 21.20 -35.98 -4.65
C SER K 48 20.61 -34.63 -4.32
N TYR K 49 21.41 -33.58 -4.49
CA TYR K 49 21.07 -32.23 -4.05
C TYR K 49 21.61 -31.21 -5.06
N PRO K 50 20.81 -30.77 -6.02
CA PRO K 50 21.34 -29.99 -7.14
C PRO K 50 21.74 -28.57 -6.73
N GLY K 51 22.92 -28.16 -7.20
CA GLY K 51 23.43 -26.83 -6.95
C GLY K 51 24.37 -26.69 -5.78
N ALA K 52 24.24 -27.53 -4.75
CA ALA K 52 25.07 -27.37 -3.56
C ALA K 52 26.45 -27.98 -3.77
N SER K 53 27.38 -27.62 -2.89
CA SER K 53 28.77 -28.04 -3.01
C SER K 53 29.09 -29.18 -2.05
N ALA K 54 30.35 -29.62 -2.11
CA ALA K 54 30.78 -30.73 -1.27
C ALA K 54 30.92 -30.33 0.19
N GLU K 55 31.18 -29.04 0.45
CA GLU K 55 31.30 -28.59 1.82
C GLU K 55 29.94 -28.46 2.49
N THR K 56 28.89 -28.24 1.69
CA THR K 56 27.53 -28.20 2.22
C THR K 56 27.09 -29.57 2.69
N VAL K 57 27.51 -30.62 1.98
CA VAL K 57 27.10 -31.98 2.29
C VAL K 57 28.22 -32.71 3.02
N GLN K 58 29.21 -31.95 3.51
CA GLN K 58 30.40 -32.53 4.12
C GLN K 58 30.09 -33.20 5.46
N ASP K 59 29.60 -32.42 6.42
CA ASP K 59 29.41 -32.92 7.78
C ASP K 59 28.01 -32.66 8.28
N THR K 60 27.10 -32.25 7.40
CA THR K 60 25.69 -32.19 7.77
C THR K 60 25.01 -33.52 7.49
N VAL K 61 24.96 -33.92 6.22
CA VAL K 61 24.20 -35.12 5.87
C VAL K 61 25.01 -36.37 6.13
N VAL K 62 26.33 -36.27 6.17
CA VAL K 62 27.16 -37.44 6.44
C VAL K 62 27.21 -37.71 7.94
N GLN K 63 27.54 -36.68 8.71
CA GLN K 63 27.62 -36.78 10.16
C GLN K 63 26.27 -36.58 10.85
N VAL K 64 25.16 -36.57 10.09
CA VAL K 64 23.86 -36.75 10.70
C VAL K 64 23.42 -38.21 10.67
N ILE K 65 24.23 -39.07 10.05
CA ILE K 65 23.87 -40.47 9.80
C ILE K 65 24.93 -41.40 10.38
N GLU K 66 26.20 -41.05 10.17
CA GLU K 66 27.30 -41.97 10.43
C GLU K 66 27.50 -42.23 11.92
N GLN K 67 27.02 -41.33 12.78
CA GLN K 67 27.12 -41.56 14.22
C GLN K 67 26.10 -42.58 14.68
N GLN K 68 24.96 -42.69 13.97
CA GLN K 68 23.98 -43.72 14.31
C GLN K 68 24.31 -45.04 13.64
N MET K 69 25.05 -44.99 12.52
CA MET K 69 25.33 -46.23 11.79
C MET K 69 26.31 -47.17 12.50
N ASN K 70 26.79 -46.87 13.69
CA ASN K 70 27.66 -47.79 14.39
C ASN K 70 26.90 -48.46 15.54
N GLY K 71 27.17 -49.75 15.70
CA GLY K 71 26.37 -50.59 16.56
C GLY K 71 25.45 -51.54 15.83
N ILE K 72 25.48 -51.56 14.50
CA ILE K 72 24.68 -52.52 13.75
C ILE K 72 25.31 -53.90 13.89
N ASP K 73 24.47 -54.94 13.75
CA ASP K 73 24.91 -56.31 13.97
C ASP K 73 25.89 -56.77 12.90
N ASN K 74 26.97 -57.44 13.35
CA ASN K 74 28.09 -57.98 12.57
C ASN K 74 28.56 -57.04 11.46
N LEU K 75 28.75 -55.77 11.84
CA LEU K 75 29.21 -54.76 10.90
C LEU K 75 30.67 -54.99 10.54
N ARG K 76 30.98 -54.90 9.24
CA ARG K 76 32.36 -54.98 8.81
C ARG K 76 33.00 -53.60 8.71
N TYR K 77 32.48 -52.72 7.83
CA TYR K 77 32.95 -51.33 7.82
C TYR K 77 31.95 -50.43 7.10
N ILE K 78 32.10 -49.14 7.37
CA ILE K 78 31.26 -48.09 6.79
C ILE K 78 32.14 -47.20 5.94
N SER K 79 31.63 -46.77 4.78
CA SER K 79 32.36 -45.89 3.88
C SER K 79 31.41 -44.85 3.32
N SER K 80 31.67 -43.58 3.61
CA SER K 80 30.83 -42.49 3.16
C SER K 80 31.56 -41.67 2.11
N GLU K 81 30.79 -40.98 1.26
CA GLU K 81 31.36 -40.24 0.15
C GLU K 81 30.42 -39.10 -0.24
N SER K 82 31.00 -37.94 -0.57
CA SER K 82 30.22 -36.75 -0.87
C SER K 82 30.90 -35.98 -2.00
N ASN K 83 30.10 -35.49 -2.95
CA ASN K 83 30.61 -34.83 -4.14
C ASN K 83 30.26 -33.34 -4.14
N SER K 84 30.90 -32.59 -5.04
CA SER K 84 30.60 -31.18 -5.20
C SER K 84 29.47 -30.90 -6.18
N ASP K 85 29.11 -31.89 -6.99
CA ASP K 85 27.94 -31.70 -7.85
C ASP K 85 26.64 -32.01 -7.13
N GLY K 86 26.69 -32.29 -5.83
CA GLY K 86 25.49 -32.44 -5.05
C GLY K 86 24.98 -33.86 -4.95
N SER K 87 25.83 -34.77 -4.49
CA SER K 87 25.42 -36.15 -4.26
C SER K 87 26.19 -36.68 -3.07
N MET K 88 25.58 -37.63 -2.35
CA MET K 88 26.35 -38.36 -1.36
C MET K 88 25.83 -39.78 -1.28
N THR K 89 26.75 -40.68 -0.95
CA THR K 89 26.50 -42.11 -0.90
C THR K 89 27.23 -42.70 0.29
N ILE K 90 26.49 -43.44 1.11
CA ILE K 90 27.07 -44.11 2.27
C ILE K 90 26.83 -45.60 2.12
N THR K 91 27.90 -46.39 2.04
CA THR K 91 27.80 -47.83 1.93
C THR K 91 28.30 -48.45 3.23
N VAL K 92 27.40 -49.09 3.95
CA VAL K 92 27.76 -49.90 5.11
C VAL K 92 27.80 -51.35 4.66
N THR K 93 28.77 -52.11 5.14
CA THR K 93 28.86 -53.51 4.78
C THR K 93 29.16 -54.36 6.01
N PHE K 94 28.62 -55.58 5.99
CA PHE K 94 28.62 -56.52 7.08
C PHE K 94 29.35 -57.79 6.66
N GLU K 95 29.64 -58.66 7.64
CA GLU K 95 30.26 -59.93 7.30
C GLU K 95 29.22 -60.87 6.69
N GLN K 96 29.71 -61.97 6.14
CA GLN K 96 28.86 -62.91 5.42
C GLN K 96 27.98 -63.70 6.39
N GLY K 97 26.98 -64.37 5.82
CA GLY K 97 26.08 -65.20 6.57
C GLY K 97 24.75 -64.53 6.89
N THR K 98 24.72 -63.22 7.03
CA THR K 98 23.48 -62.53 7.37
C THR K 98 22.65 -62.29 6.11
N ASP K 99 21.35 -62.39 6.25
CA ASP K 99 20.46 -62.11 5.14
C ASP K 99 20.31 -60.60 4.97
N PRO K 100 20.29 -60.10 3.73
CA PRO K 100 20.39 -58.64 3.54
C PRO K 100 19.11 -57.90 3.86
N ASP K 101 17.98 -58.59 3.95
CA ASP K 101 16.72 -57.91 4.24
C ASP K 101 16.66 -57.46 5.69
N ILE K 102 17.13 -58.30 6.61
CA ILE K 102 17.13 -57.90 8.02
C ILE K 102 18.16 -56.80 8.26
N ALA K 103 19.23 -56.77 7.47
CA ALA K 103 20.20 -55.70 7.59
C ALA K 103 19.65 -54.40 7.02
N GLN K 104 18.88 -54.51 5.94
CA GLN K 104 18.24 -53.33 5.37
C GLN K 104 17.21 -52.75 6.30
N VAL K 105 16.42 -53.60 6.97
CA VAL K 105 15.43 -53.05 7.89
C VAL K 105 16.10 -52.57 9.18
N GLN K 106 17.29 -53.09 9.51
CA GLN K 106 18.01 -52.56 10.66
C GLN K 106 18.56 -51.17 10.38
N VAL K 107 19.13 -50.98 9.18
CA VAL K 107 19.57 -49.65 8.76
C VAL K 107 18.38 -48.71 8.61
N GLN K 108 17.22 -49.26 8.20
CA GLN K 108 16.02 -48.45 8.06
C GLN K 108 15.50 -47.96 9.40
N ASN K 109 15.50 -48.83 10.43
CA ASN K 109 15.06 -48.34 11.72
C ASN K 109 16.14 -47.58 12.47
N LYS K 110 17.38 -47.61 11.98
CA LYS K 110 18.42 -46.82 12.63
C LYS K 110 18.57 -45.42 12.06
N LEU K 111 18.45 -45.24 10.74
CA LEU K 111 18.73 -43.91 10.18
C LEU K 111 17.61 -42.92 10.40
N GLN K 112 16.43 -43.38 10.79
CA GLN K 112 15.30 -42.49 11.05
C GLN K 112 15.36 -41.84 12.42
N LEU K 113 16.47 -42.00 13.14
CA LEU K 113 16.69 -41.20 14.34
C LEU K 113 16.95 -39.74 13.98
N ALA K 114 17.48 -39.48 12.80
CA ALA K 114 17.84 -38.12 12.39
C ALA K 114 17.39 -37.86 10.96
N THR K 115 16.21 -38.32 10.59
CA THR K 115 15.71 -38.07 9.24
C THR K 115 15.22 -36.64 8.93
N PRO K 116 14.67 -35.81 9.88
CA PRO K 116 14.46 -34.40 9.48
C PRO K 116 15.58 -33.48 9.93
N LEU K 117 16.62 -34.05 10.55
CA LEU K 117 17.73 -33.23 11.04
C LEU K 117 18.63 -32.76 9.91
N LEU K 118 18.55 -33.40 8.75
CA LEU K 118 19.17 -32.92 7.53
C LEU K 118 18.30 -31.80 6.95
N PRO K 119 18.80 -31.04 5.98
CA PRO K 119 17.97 -30.00 5.33
C PRO K 119 16.71 -30.54 4.68
N GLN K 120 15.60 -29.86 4.95
CA GLN K 120 14.28 -30.33 4.56
C GLN K 120 14.00 -30.16 3.07
N GLU K 121 14.83 -29.39 2.35
CA GLU K 121 14.56 -29.18 0.93
C GLU K 121 14.99 -30.37 0.10
N VAL K 122 16.04 -31.09 0.55
CA VAL K 122 16.47 -32.28 -0.17
C VAL K 122 15.64 -33.49 0.23
N GLN K 123 14.79 -33.34 1.26
CA GLN K 123 13.84 -34.38 1.62
C GLN K 123 12.77 -34.57 0.53
N ARG K 124 12.59 -33.55 -0.33
CA ARG K 124 11.72 -33.69 -1.49
C ARG K 124 12.25 -34.74 -2.47
N GLN K 125 13.56 -34.95 -2.50
CA GLN K 125 14.15 -35.99 -3.34
C GLN K 125 14.18 -37.35 -2.67
N GLY K 126 14.25 -37.41 -1.34
CA GLY K 126 14.16 -38.67 -0.62
C GLY K 126 15.47 -39.41 -0.48
N ILE K 127 15.63 -40.07 0.66
CA ILE K 127 16.81 -40.89 0.94
C ILE K 127 16.62 -42.25 0.29
N ARG K 128 17.45 -42.58 -0.70
CA ARG K 128 17.34 -43.88 -1.33
C ARG K 128 18.15 -44.92 -0.56
N VAL K 129 17.51 -46.02 -0.22
CA VAL K 129 18.15 -47.16 0.44
C VAL K 129 18.14 -48.32 -0.54
N THR K 130 19.33 -48.88 -0.80
CA THR K 130 19.47 -49.88 -1.85
C THR K 130 20.42 -50.96 -1.38
N LYS K 131 20.12 -52.20 -1.74
CA LYS K 131 21.07 -53.30 -1.60
C LYS K 131 21.90 -53.44 -2.87
N ALA K 132 22.62 -52.37 -3.20
CA ALA K 132 23.46 -52.37 -4.40
C ALA K 132 24.67 -53.26 -4.18
N VAL K 133 24.99 -54.09 -5.16
CA VAL K 133 25.94 -55.16 -4.89
C VAL K 133 27.39 -54.70 -4.97
N LYS K 134 27.95 -54.53 -6.17
CA LYS K 134 29.21 -53.82 -6.32
C LYS K 134 29.33 -53.14 -7.67
N ASN K 135 28.54 -53.60 -8.63
CA ASN K 135 28.90 -53.38 -10.03
C ASN K 135 27.69 -53.66 -10.90
N PHE K 136 27.88 -53.52 -12.21
CA PHE K 136 26.79 -53.66 -13.16
C PHE K 136 26.82 -55.02 -13.83
N LEU K 137 25.64 -55.49 -14.22
CA LEU K 137 25.54 -56.74 -14.95
C LEU K 137 25.62 -56.52 -16.45
N MET K 138 24.77 -55.66 -17.00
CA MET K 138 24.78 -55.39 -18.43
C MET K 138 24.18 -54.01 -18.69
N VAL K 139 24.48 -53.48 -19.87
CA VAL K 139 23.91 -52.23 -20.36
C VAL K 139 23.21 -52.49 -21.69
N VAL K 140 22.34 -51.57 -22.07
CA VAL K 140 21.53 -51.66 -23.30
C VAL K 140 21.47 -50.30 -23.96
N GLY K 141 20.70 -50.20 -25.06
CA GLY K 141 20.32 -48.93 -25.64
C GLY K 141 21.33 -48.28 -26.58
N VAL K 142 20.87 -47.81 -27.74
CA VAL K 142 21.74 -47.25 -28.77
C VAL K 142 20.90 -46.45 -29.74
N VAL K 143 21.55 -45.57 -30.51
CA VAL K 143 20.90 -44.90 -31.64
C VAL K 143 20.81 -45.88 -32.81
N SER K 144 19.98 -45.54 -33.78
CA SER K 144 19.96 -46.27 -35.04
C SER K 144 20.95 -45.67 -36.03
N THR K 145 21.04 -46.32 -37.19
CA THR K 145 22.02 -45.93 -38.20
C THR K 145 21.56 -44.68 -38.96
N ASP K 146 20.27 -44.38 -38.95
CA ASP K 146 19.74 -43.28 -39.74
C ASP K 146 20.02 -41.91 -39.13
N GLY K 147 20.55 -41.85 -37.91
CA GLY K 147 20.71 -40.55 -37.27
C GLY K 147 19.38 -40.04 -36.77
N SER K 148 19.19 -38.72 -36.91
CA SER K 148 17.95 -38.00 -36.57
C SER K 148 17.57 -38.14 -35.09
N MET K 149 18.55 -38.39 -34.23
CA MET K 149 18.34 -38.48 -32.79
C MET K 149 19.53 -37.85 -32.11
N THR K 150 19.29 -37.05 -31.08
CA THR K 150 20.38 -36.51 -30.29
C THR K 150 20.78 -37.52 -29.21
N LYS K 151 21.59 -37.11 -28.25
CA LYS K 151 21.89 -37.97 -27.12
C LYS K 151 20.95 -37.74 -25.95
N GLU K 152 19.89 -36.96 -26.15
CA GLU K 152 18.90 -36.67 -25.11
C GLU K 152 17.60 -37.44 -25.32
N ASP K 153 17.13 -37.50 -26.57
CA ASP K 153 15.87 -38.19 -26.85
C ASP K 153 16.00 -39.68 -26.69
N LEU K 154 17.18 -40.24 -26.91
CA LEU K 154 17.40 -41.66 -26.67
C LEU K 154 17.31 -41.98 -25.19
N SER K 155 17.93 -41.14 -24.36
CA SER K 155 17.86 -41.32 -22.91
C SER K 155 16.44 -41.11 -22.42
N ASN K 156 15.72 -40.16 -23.04
CA ASN K 156 14.31 -39.95 -22.72
C ASN K 156 13.47 -41.18 -23.04
N TYR K 157 13.68 -41.77 -24.22
CA TYR K 157 12.91 -42.95 -24.61
C TYR K 157 13.24 -44.15 -23.73
N ILE K 158 14.51 -44.25 -23.32
CA ILE K 158 14.92 -45.36 -22.46
C ILE K 158 14.29 -45.23 -21.08
N VAL K 159 14.36 -44.03 -20.50
CA VAL K 159 13.85 -43.87 -19.15
C VAL K 159 12.32 -43.74 -19.14
N SER K 160 11.71 -43.53 -20.30
CA SER K 160 10.26 -43.39 -20.35
C SER K 160 9.56 -44.68 -20.72
N ASN K 161 10.02 -45.37 -21.75
CA ASN K 161 9.26 -46.49 -22.30
C ASN K 161 9.79 -47.85 -21.88
N ILE K 162 11.09 -48.00 -21.69
CA ILE K 162 11.68 -49.31 -21.43
C ILE K 162 12.26 -49.44 -20.03
N GLN K 163 12.23 -48.38 -19.22
CA GLN K 163 12.92 -48.42 -17.93
C GLN K 163 12.21 -49.27 -16.88
N ASP K 164 10.99 -48.90 -16.53
CA ASP K 164 10.25 -49.67 -15.54
C ASP K 164 9.77 -51.06 -16.01
N PRO K 165 9.44 -51.33 -17.28
CA PRO K 165 9.34 -52.73 -17.69
C PRO K 165 10.63 -53.51 -17.54
N LEU K 166 11.78 -52.86 -17.65
CA LEU K 166 13.03 -53.55 -17.34
C LEU K 166 13.17 -53.76 -15.84
N SER K 167 12.69 -52.82 -15.03
CA SER K 167 12.92 -52.87 -13.60
C SER K 167 11.91 -53.74 -12.85
N ARG K 168 10.77 -54.03 -13.46
CA ARG K 168 9.80 -54.93 -12.84
C ARG K 168 10.06 -56.39 -13.15
N THR K 169 11.07 -56.68 -13.97
CA THR K 169 11.43 -58.07 -14.24
C THR K 169 12.16 -58.67 -13.04
N LYS K 170 12.45 -59.97 -13.15
CA LYS K 170 13.07 -60.68 -12.05
C LYS K 170 14.54 -60.29 -11.89
N GLY K 171 14.98 -60.22 -10.64
CA GLY K 171 16.38 -60.07 -10.32
C GLY K 171 17.00 -58.72 -10.57
N VAL K 172 16.26 -57.76 -11.10
CA VAL K 172 16.81 -56.43 -11.35
C VAL K 172 16.76 -55.65 -10.04
N GLY K 173 17.87 -55.61 -9.33
CA GLY K 173 17.89 -54.96 -8.03
C GLY K 173 18.14 -53.47 -8.08
N ASP K 174 18.91 -53.00 -9.05
CA ASP K 174 19.18 -51.57 -9.14
C ASP K 174 19.45 -51.22 -10.60
N PHE K 175 19.39 -49.94 -10.90
CA PHE K 175 19.69 -49.47 -12.25
C PHE K 175 20.37 -48.12 -12.16
N GLN K 176 21.02 -47.74 -13.25
CA GLN K 176 21.71 -46.46 -13.33
C GLN K 176 21.71 -46.04 -14.79
N VAL K 177 20.96 -45.01 -15.11
CA VAL K 177 20.75 -44.61 -16.49
C VAL K 177 21.59 -43.39 -16.83
N PHE K 178 22.30 -43.46 -17.94
CA PHE K 178 23.07 -42.33 -18.43
C PHE K 178 22.17 -41.38 -19.21
N GLY K 179 22.10 -40.14 -18.76
CA GLY K 179 21.14 -39.20 -19.28
C GLY K 179 19.96 -39.05 -18.33
N SER K 180 18.90 -38.46 -18.87
CA SER K 180 17.69 -38.22 -18.08
C SER K 180 16.50 -38.14 -19.02
N GLN K 181 15.34 -37.89 -18.43
CA GLN K 181 14.14 -37.74 -19.23
C GLN K 181 14.03 -36.34 -19.78
N TYR K 182 12.97 -36.11 -20.54
CA TYR K 182 12.63 -34.76 -20.92
C TYR K 182 12.14 -33.97 -19.72
N SER K 183 12.43 -32.68 -19.75
CA SER K 183 11.89 -31.73 -18.80
C SER K 183 11.70 -30.43 -19.55
N MET K 184 10.63 -29.72 -19.22
CA MET K 184 10.33 -28.47 -19.91
C MET K 184 11.27 -27.41 -19.39
N ARG K 185 12.43 -27.29 -20.03
CA ARG K 185 13.38 -26.27 -19.62
C ARG K 185 12.90 -24.90 -20.06
N ILE K 186 13.03 -23.94 -19.15
CA ILE K 186 12.61 -22.57 -19.39
C ILE K 186 13.84 -21.71 -19.16
N TRP K 187 14.48 -21.27 -20.24
CA TRP K 187 15.70 -20.48 -20.15
C TRP K 187 15.31 -19.02 -20.06
N LEU K 188 15.57 -18.40 -18.92
CA LEU K 188 15.29 -16.99 -18.73
C LEU K 188 16.41 -16.15 -19.33
N ASP K 189 16.04 -14.96 -19.81
CA ASP K 189 17.01 -13.98 -20.25
C ASP K 189 17.03 -12.84 -19.26
N PRO K 190 18.18 -12.46 -18.72
CA PRO K 190 18.19 -11.42 -17.68
C PRO K 190 17.94 -10.03 -18.23
N ALA K 191 18.22 -9.81 -19.52
CA ALA K 191 18.02 -8.50 -20.11
C ALA K 191 16.53 -8.17 -20.23
N LYS K 192 15.73 -9.12 -20.67
CA LYS K 192 14.30 -8.85 -20.79
C LYS K 192 13.61 -8.88 -19.44
N LEU K 193 14.18 -9.61 -18.49
CA LEU K 193 13.71 -9.53 -17.10
C LEU K 193 13.95 -8.15 -16.53
N ASN K 194 15.10 -7.55 -16.86
CA ASN K 194 15.35 -6.16 -16.49
C ASN K 194 14.44 -5.20 -17.25
N SER K 195 14.07 -5.57 -18.49
CA SER K 195 13.22 -4.73 -19.31
C SER K 195 11.80 -4.64 -18.75
N TYR K 196 11.22 -5.77 -18.38
CA TYR K 196 9.82 -5.80 -17.96
C TYR K 196 9.66 -5.68 -16.46
N GLN K 197 10.71 -5.30 -15.74
CA GLN K 197 10.73 -5.10 -14.29
C GLN K 197 10.29 -6.35 -13.53
N LEU K 198 10.75 -7.52 -13.96
CA LEU K 198 10.39 -8.77 -13.32
C LEU K 198 11.62 -9.45 -12.74
N THR K 199 11.36 -10.30 -11.76
CA THR K 199 12.35 -11.14 -11.11
C THR K 199 12.04 -12.59 -11.45
N PRO K 200 13.01 -13.50 -11.32
CA PRO K 200 12.69 -14.92 -11.55
C PRO K 200 11.70 -15.51 -10.56
N GLY K 201 11.61 -14.95 -9.35
CA GLY K 201 10.62 -15.41 -8.39
C GLY K 201 9.20 -15.17 -8.84
N ASP K 202 8.97 -14.07 -9.58
CA ASP K 202 7.65 -13.83 -10.14
C ASP K 202 7.31 -14.85 -11.21
N VAL K 203 8.32 -15.27 -11.98
CA VAL K 203 8.10 -16.30 -13.01
C VAL K 203 7.78 -17.63 -12.35
N SER K 204 8.48 -17.96 -11.26
CA SER K 204 8.23 -19.21 -10.56
C SER K 204 6.85 -19.21 -9.91
N SER K 205 6.44 -18.08 -9.34
CA SER K 205 5.12 -17.99 -8.74
C SER K 205 4.02 -18.04 -9.78
N ALA K 206 4.26 -17.45 -10.96
CA ALA K 206 3.26 -17.50 -12.02
C ALA K 206 3.14 -18.90 -12.60
N ILE K 207 4.25 -19.63 -12.67
CA ILE K 207 4.21 -21.02 -13.12
C ILE K 207 3.48 -21.88 -12.09
N GLN K 208 3.72 -21.63 -10.80
CA GLN K 208 3.02 -22.36 -9.75
C GLN K 208 1.53 -22.03 -9.72
N ALA K 209 1.16 -20.84 -10.18
CA ALA K 209 -0.25 -20.47 -10.18
C ALA K 209 -1.00 -20.94 -11.41
N GLN K 210 -0.37 -20.92 -12.59
CA GLN K 210 -1.08 -21.15 -13.84
C GLN K 210 -0.90 -22.56 -14.37
N ASN K 211 -0.09 -23.40 -13.72
CA ASN K 211 0.10 -24.80 -14.13
C ASN K 211 -0.22 -25.67 -12.92
N VAL K 212 -1.50 -25.99 -12.74
CA VAL K 212 -1.98 -26.77 -11.60
C VAL K 212 -3.03 -27.76 -12.09
N GLN K 213 -3.32 -28.75 -11.24
CA GLN K 213 -4.41 -29.69 -11.43
C GLN K 213 -5.27 -29.58 -10.19
N ILE K 214 -6.24 -28.70 -10.23
CA ILE K 214 -7.01 -28.34 -9.04
C ILE K 214 -8.15 -29.31 -8.84
N SER K 215 -8.54 -29.47 -7.58
CA SER K 215 -9.66 -30.33 -7.19
C SER K 215 -10.95 -29.54 -7.36
N SER K 216 -11.63 -29.75 -8.49
CA SER K 216 -12.83 -28.95 -8.75
C SER K 216 -14.01 -29.47 -7.95
N GLY K 217 -14.46 -30.69 -8.23
CA GLY K 217 -15.62 -31.23 -7.54
C GLY K 217 -16.64 -31.86 -8.45
N GLN K 218 -17.89 -31.89 -8.01
CA GLN K 218 -18.96 -32.48 -8.79
C GLN K 218 -20.14 -31.52 -8.89
N LEU K 219 -21.05 -31.82 -9.81
CA LEU K 219 -22.16 -30.92 -10.08
C LEU K 219 -23.32 -31.15 -9.12
N GLY K 220 -23.74 -32.40 -8.97
CA GLY K 220 -24.79 -32.74 -8.04
C GLY K 220 -24.27 -33.63 -6.94
N GLY K 221 -23.08 -33.30 -6.43
CA GLY K 221 -22.42 -34.16 -5.48
C GLY K 221 -23.09 -34.17 -4.12
N LEU K 222 -22.76 -35.20 -3.35
CA LEU K 222 -23.33 -35.37 -2.03
C LEU K 222 -22.74 -34.35 -1.06
N PRO K 223 -23.53 -33.88 -0.08
CA PRO K 223 -24.95 -34.13 0.20
C PRO K 223 -25.89 -33.38 -0.73
N ALA K 224 -26.57 -34.12 -1.58
CA ALA K 224 -27.38 -33.51 -2.61
C ALA K 224 -28.70 -33.00 -2.04
N VAL K 225 -29.26 -32.01 -2.73
CA VAL K 225 -30.59 -31.54 -2.38
C VAL K 225 -31.62 -32.57 -2.83
N LYS K 226 -32.80 -32.54 -2.22
CA LYS K 226 -33.80 -33.55 -2.50
C LYS K 226 -34.40 -33.34 -3.89
N GLY K 227 -34.43 -34.41 -4.67
CA GLY K 227 -34.97 -34.38 -6.01
C GLY K 227 -33.96 -34.15 -7.11
N GLN K 228 -32.67 -34.13 -6.78
CA GLN K 228 -31.64 -33.89 -7.78
C GLN K 228 -31.49 -35.11 -8.68
N GLN K 229 -31.44 -34.88 -10.00
CA GLN K 229 -31.32 -35.95 -10.98
C GLN K 229 -30.06 -35.86 -11.81
N LEU K 230 -29.21 -34.87 -11.59
CA LEU K 230 -28.05 -34.64 -12.44
C LEU K 230 -26.78 -34.75 -11.61
N ASN K 231 -25.81 -35.50 -12.12
CA ASN K 231 -24.55 -35.69 -11.42
C ASN K 231 -23.43 -35.90 -12.44
N ALA K 232 -22.44 -35.03 -12.43
CA ALA K 232 -21.30 -35.14 -13.32
C ALA K 232 -20.11 -34.44 -12.68
N THR K 233 -18.93 -35.02 -12.84
CA THR K 233 -17.74 -34.40 -12.28
C THR K 233 -17.35 -33.17 -13.08
N ILE K 234 -16.77 -32.20 -12.40
CA ILE K 234 -16.34 -30.95 -13.02
C ILE K 234 -14.86 -31.06 -13.34
N ILE K 235 -14.47 -30.62 -14.52
CA ILE K 235 -13.07 -30.63 -14.95
C ILE K 235 -12.59 -29.18 -14.87
N GLY K 236 -11.68 -28.92 -13.94
CA GLY K 236 -11.13 -27.59 -13.77
C GLY K 236 -9.90 -27.37 -14.63
N LYS K 237 -8.92 -26.65 -14.07
CA LYS K 237 -7.67 -26.46 -14.76
C LYS K 237 -6.83 -27.73 -14.69
N THR K 238 -6.21 -28.08 -15.80
CA THR K 238 -5.34 -29.24 -15.88
C THR K 238 -3.91 -28.76 -16.11
N ARG K 239 -2.97 -29.69 -15.97
CA ARG K 239 -1.58 -29.37 -16.24
C ARG K 239 -1.36 -29.22 -17.74
N LEU K 240 -0.38 -28.40 -18.11
CA LEU K 240 -0.11 -28.14 -19.51
C LEU K 240 0.68 -29.29 -20.12
N GLN K 241 0.52 -29.47 -21.43
CA GLN K 241 1.16 -30.56 -22.15
C GLN K 241 2.32 -30.09 -23.01
N THR K 242 2.08 -29.15 -23.92
CA THR K 242 3.06 -28.79 -24.92
C THR K 242 3.78 -27.50 -24.54
N ALA K 243 4.76 -27.13 -25.37
CA ALA K 243 5.60 -25.97 -25.07
C ALA K 243 4.87 -24.66 -25.36
N GLU K 244 4.06 -24.62 -26.41
CA GLU K 244 3.33 -23.40 -26.72
C GLU K 244 2.20 -23.17 -25.72
N GLN K 245 1.74 -24.22 -25.06
CA GLN K 245 0.83 -24.04 -23.93
C GLN K 245 1.55 -23.42 -22.75
N PHE K 246 2.84 -23.72 -22.60
CA PHE K 246 3.61 -23.13 -21.51
C PHE K 246 3.97 -21.69 -21.80
N GLU K 247 4.21 -21.37 -23.07
CA GLU K 247 4.70 -20.03 -23.37
C GLU K 247 3.59 -18.99 -23.45
N ASN K 248 2.33 -19.38 -23.32
CA ASN K 248 1.24 -18.42 -23.22
C ASN K 248 0.87 -18.11 -21.78
N ILE K 249 1.71 -18.45 -20.83
CA ILE K 249 1.45 -18.12 -19.43
C ILE K 249 1.64 -16.63 -19.22
N LEU K 250 0.61 -15.97 -18.72
CA LEU K 250 0.62 -14.52 -18.53
C LEU K 250 1.50 -14.19 -17.33
N LEU K 251 2.47 -13.30 -17.54
CA LEU K 251 3.24 -12.82 -16.40
C LEU K 251 2.57 -11.63 -15.75
N LYS K 252 2.28 -10.58 -16.51
CA LYS K 252 1.46 -9.53 -15.92
C LYS K 252 0.61 -8.87 -16.99
N VAL K 253 -0.60 -8.47 -16.58
CA VAL K 253 -1.59 -7.87 -17.46
C VAL K 253 -2.11 -6.61 -16.80
N ASN K 254 -2.02 -5.50 -17.51
CA ASN K 254 -2.58 -4.23 -17.10
C ASN K 254 -4.04 -4.15 -17.53
N PRO K 255 -4.88 -3.37 -16.83
CA PRO K 255 -6.33 -3.40 -17.13
C PRO K 255 -6.72 -2.76 -18.44
N ASP K 256 -5.82 -2.09 -19.15
CA ASP K 256 -6.16 -1.55 -20.46
C ASP K 256 -5.98 -2.55 -21.58
N GLY K 257 -5.68 -3.81 -21.27
CA GLY K 257 -5.48 -4.83 -22.26
C GLY K 257 -4.04 -5.16 -22.55
N SER K 258 -3.11 -4.35 -22.05
CA SER K 258 -1.69 -4.61 -22.26
C SER K 258 -1.24 -5.80 -21.43
N GLN K 259 -0.29 -6.57 -21.97
CA GLN K 259 0.11 -7.81 -21.32
C GLN K 259 1.53 -8.16 -21.70
N VAL K 260 2.18 -8.92 -20.82
CA VAL K 260 3.44 -9.58 -21.13
C VAL K 260 3.38 -11.00 -20.57
N ARG K 261 3.75 -11.97 -21.40
CA ARG K 261 3.63 -13.39 -21.16
C ARG K 261 5.01 -14.02 -20.99
N LEU K 262 5.01 -15.35 -20.84
CA LEU K 262 6.26 -16.12 -20.76
C LEU K 262 6.65 -16.64 -22.15
N LYS K 263 6.70 -15.71 -23.10
CA LYS K 263 7.04 -16.08 -24.47
C LYS K 263 8.26 -15.31 -24.91
N ASP K 264 8.38 -14.08 -24.43
CA ASP K 264 9.47 -13.20 -24.82
C ASP K 264 10.61 -13.18 -23.81
N VAL K 265 10.30 -13.14 -22.52
CA VAL K 265 11.33 -12.99 -21.50
C VAL K 265 12.12 -14.28 -21.32
N ALA K 266 11.58 -15.39 -21.82
CA ALA K 266 12.23 -16.69 -21.70
C ALA K 266 11.97 -17.44 -22.99
N ASP K 267 12.73 -18.50 -23.20
CA ASP K 267 12.38 -19.45 -24.25
C ASP K 267 12.19 -20.84 -23.64
N VAL K 268 11.14 -21.50 -24.07
CA VAL K 268 10.67 -22.76 -23.50
C VAL K 268 11.00 -23.87 -24.48
N GLY K 269 11.72 -24.87 -24.00
CA GLY K 269 12.06 -26.01 -24.84
C GLY K 269 12.04 -27.30 -24.07
N LEU K 270 11.53 -28.37 -24.68
CA LEU K 270 11.51 -29.68 -24.05
C LEU K 270 12.92 -30.26 -24.10
N GLY K 271 13.71 -29.92 -23.10
CA GLY K 271 15.11 -30.30 -23.06
C GLY K 271 15.36 -31.44 -22.11
N GLY K 272 16.63 -31.61 -21.74
CA GLY K 272 16.98 -32.63 -20.78
C GLY K 272 16.73 -32.18 -19.36
N GLN K 273 16.74 -33.15 -18.45
CA GLN K 273 16.59 -32.85 -17.03
C GLN K 273 17.92 -32.65 -16.34
N ASP K 274 18.91 -33.49 -16.64
CA ASP K 274 20.23 -33.31 -16.08
C ASP K 274 21.21 -33.55 -17.22
N TYR K 275 22.05 -32.55 -17.49
CA TYR K 275 23.01 -32.61 -18.57
C TYR K 275 24.39 -33.00 -18.09
N SER K 276 24.48 -33.76 -16.99
CA SER K 276 25.78 -34.07 -16.42
C SER K 276 26.48 -35.19 -17.20
N ILE K 277 25.81 -36.33 -17.38
CA ILE K 277 26.44 -37.51 -17.95
C ILE K 277 25.82 -37.79 -19.32
N ASN K 278 26.65 -38.29 -20.24
CA ASN K 278 26.17 -38.64 -21.57
C ASN K 278 27.12 -39.66 -22.18
N ALA K 279 26.58 -40.46 -23.12
CA ALA K 279 27.25 -41.67 -23.55
C ALA K 279 27.42 -41.74 -25.07
N GLN K 280 28.52 -42.36 -25.47
CA GLN K 280 28.82 -42.63 -26.87
C GLN K 280 29.13 -44.11 -27.04
N PHE K 281 28.69 -44.65 -28.17
CA PHE K 281 28.90 -46.03 -28.57
C PHE K 281 29.59 -46.00 -29.91
N ASN K 282 30.88 -46.38 -29.92
CA ASN K 282 31.74 -46.39 -31.11
C ASN K 282 31.79 -45.04 -31.80
N GLY K 283 31.76 -43.97 -31.00
CA GLY K 283 31.75 -42.62 -31.50
C GLY K 283 30.38 -42.03 -31.73
N SER K 284 29.38 -42.87 -31.96
CA SER K 284 28.07 -42.30 -32.24
C SER K 284 27.34 -42.05 -30.93
N PRO K 285 26.56 -40.97 -30.84
CA PRO K 285 25.88 -40.66 -29.58
C PRO K 285 24.77 -41.66 -29.27
N ALA K 286 24.70 -42.05 -28.00
CA ALA K 286 23.71 -43.03 -27.58
C ALA K 286 23.39 -42.78 -26.12
N SER K 287 22.69 -43.73 -25.52
CA SER K 287 22.37 -43.69 -24.11
C SER K 287 22.10 -45.11 -23.63
N GLY K 288 22.24 -45.31 -22.33
CA GLY K 288 22.10 -46.64 -21.80
C GLY K 288 21.64 -46.66 -20.36
N ILE K 289 21.35 -47.85 -19.87
CA ILE K 289 21.02 -48.05 -18.47
C ILE K 289 21.69 -49.33 -17.96
N ALA K 290 22.67 -49.16 -17.09
CA ALA K 290 23.34 -50.31 -16.49
C ALA K 290 22.46 -50.89 -15.39
N ILE K 291 22.30 -52.21 -15.38
CA ILE K 291 21.47 -52.84 -14.38
C ILE K 291 22.35 -53.63 -13.42
N LYS K 292 22.14 -53.41 -12.12
CA LYS K 292 22.77 -54.18 -11.07
C LYS K 292 21.80 -55.29 -10.64
N LEU K 293 22.31 -56.52 -10.62
CA LEU K 293 21.51 -57.67 -10.23
C LEU K 293 21.15 -57.60 -8.76
N ALA K 294 19.99 -58.16 -8.42
CA ALA K 294 19.55 -58.17 -7.03
C ALA K 294 20.39 -59.12 -6.20
N THR K 295 20.41 -58.87 -4.90
CA THR K 295 21.17 -59.71 -3.99
C THR K 295 20.50 -61.07 -3.84
N GLY K 296 21.22 -62.12 -4.22
CA GLY K 296 20.66 -63.45 -4.17
C GLY K 296 19.75 -63.74 -5.34
N ALA K 297 20.30 -63.71 -6.55
CA ALA K 297 19.52 -64.00 -7.75
C ALA K 297 20.46 -64.55 -8.82
N ASN K 298 19.96 -65.49 -9.61
CA ASN K 298 20.77 -66.08 -10.66
C ASN K 298 20.92 -65.10 -11.83
N ALA K 299 22.02 -65.24 -12.57
CA ALA K 299 22.35 -64.29 -13.61
C ALA K 299 21.76 -64.66 -14.97
N LEU K 300 21.79 -65.94 -15.34
CA LEU K 300 21.46 -66.32 -16.71
C LEU K 300 19.97 -66.22 -16.99
N ASP K 301 19.15 -66.65 -16.03
CA ASP K 301 17.70 -66.55 -16.18
C ASP K 301 17.24 -65.10 -16.20
N THR K 302 17.87 -64.25 -15.38
CA THR K 302 17.54 -62.84 -15.39
C THR K 302 17.98 -62.17 -16.68
N ALA K 303 19.12 -62.59 -17.23
CA ALA K 303 19.55 -62.05 -18.53
C ALA K 303 18.62 -62.47 -19.64
N LYS K 304 18.12 -63.71 -19.58
CA LYS K 304 17.13 -64.16 -20.54
C LYS K 304 15.82 -63.40 -20.38
N ALA K 305 15.47 -63.05 -19.14
CA ALA K 305 14.27 -62.26 -18.90
C ALA K 305 14.44 -60.84 -19.44
N ILE K 306 15.65 -60.28 -19.33
CA ILE K 306 15.93 -58.95 -19.88
C ILE K 306 15.83 -58.99 -21.40
N ARG K 307 16.38 -60.04 -22.02
CA ARG K 307 16.30 -60.17 -23.47
C ARG K 307 14.86 -60.36 -23.93
N GLN K 308 14.05 -61.07 -23.14
CA GLN K 308 12.65 -61.27 -23.51
C GLN K 308 11.83 -59.99 -23.33
N THR K 309 12.10 -59.23 -22.26
CA THR K 309 11.34 -58.00 -22.04
C THR K 309 11.85 -56.86 -22.92
N ILE K 310 12.98 -57.06 -23.59
CA ILE K 310 13.33 -56.17 -24.69
C ILE K 310 12.68 -56.63 -25.98
N ALA K 311 12.63 -57.94 -26.21
CA ALA K 311 12.16 -58.48 -27.49
C ALA K 311 10.65 -58.36 -27.63
N ASN K 312 9.90 -58.27 -26.52
CA ASN K 312 8.46 -58.17 -26.67
C ASN K 312 8.02 -56.75 -27.05
N LEU K 313 8.72 -55.73 -26.56
CA LEU K 313 8.32 -54.35 -26.80
C LEU K 313 9.22 -53.62 -27.79
N GLU K 314 10.20 -54.30 -28.38
CA GLU K 314 10.89 -53.71 -29.52
C GLU K 314 10.04 -53.44 -30.78
N PRO K 315 8.89 -54.10 -31.05
CA PRO K 315 8.09 -53.60 -32.19
C PRO K 315 7.48 -52.22 -31.97
N PHE K 316 7.30 -51.80 -30.73
CA PHE K 316 6.70 -50.50 -30.47
C PHE K 316 7.69 -49.35 -30.55
N MET K 317 8.97 -49.63 -30.82
CA MET K 317 9.96 -48.58 -30.93
C MET K 317 9.85 -47.92 -32.30
N PRO K 318 10.30 -46.66 -32.44
CA PRO K 318 10.25 -45.99 -33.74
C PRO K 318 11.21 -46.62 -34.75
N GLN K 319 11.06 -46.16 -36.00
CA GLN K 319 11.88 -46.68 -37.09
C GLN K 319 13.33 -46.24 -36.93
N GLY K 320 13.55 -45.04 -36.41
CA GLY K 320 14.89 -44.53 -36.24
C GLY K 320 15.49 -44.84 -34.89
N MET K 321 15.30 -46.07 -34.40
CA MET K 321 15.88 -46.49 -33.14
C MET K 321 16.31 -47.95 -33.26
N LYS K 322 17.19 -48.35 -32.35
CA LYS K 322 17.73 -49.70 -32.32
C LYS K 322 18.21 -49.97 -30.91
N VAL K 323 18.57 -51.22 -30.63
CA VAL K 323 19.08 -51.62 -29.33
C VAL K 323 20.20 -52.64 -29.51
N VAL K 324 21.33 -52.37 -28.85
CA VAL K 324 22.45 -53.29 -28.78
C VAL K 324 22.79 -53.53 -27.31
N TYR K 325 23.77 -54.39 -27.08
CA TYR K 325 24.23 -54.73 -25.73
C TYR K 325 25.72 -54.42 -25.66
N PRO K 326 26.07 -53.17 -25.32
CA PRO K 326 27.49 -52.79 -25.32
C PRO K 326 28.33 -53.44 -24.24
N TYR K 327 27.72 -53.94 -23.17
CA TYR K 327 28.49 -54.53 -22.09
C TYR K 327 27.66 -55.60 -21.39
N ASP K 328 28.17 -56.82 -21.39
CA ASP K 328 27.49 -57.97 -20.82
C ASP K 328 28.53 -58.89 -20.19
N THR K 329 28.08 -59.68 -19.21
CA THR K 329 28.96 -60.61 -18.51
C THR K 329 28.44 -62.04 -18.47
N THR K 330 27.31 -62.35 -19.09
CA THR K 330 26.83 -63.72 -19.12
C THR K 330 27.57 -64.69 -20.07
N PRO K 331 28.13 -64.28 -21.24
CA PRO K 331 28.90 -65.25 -22.04
C PRO K 331 30.12 -65.84 -21.35
N VAL K 332 30.77 -65.12 -20.43
CA VAL K 332 31.90 -65.74 -19.74
C VAL K 332 31.42 -66.81 -18.77
N VAL K 333 30.21 -66.67 -18.23
CA VAL K 333 29.65 -67.69 -17.35
C VAL K 333 29.26 -68.92 -18.15
N SER K 334 28.63 -68.70 -19.30
CA SER K 334 28.25 -69.81 -20.19
C SER K 334 29.49 -70.55 -20.69
N ALA K 335 30.52 -69.81 -21.08
CA ALA K 335 31.74 -70.43 -21.58
C ALA K 335 32.49 -71.15 -20.47
N SER K 336 32.42 -70.63 -19.23
CA SER K 336 33.12 -71.27 -18.12
C SER K 336 32.47 -72.59 -17.74
N ILE K 337 31.13 -72.62 -17.69
CA ILE K 337 30.48 -73.88 -17.33
C ILE K 337 30.59 -74.87 -18.49
N HIS K 338 30.65 -74.39 -19.73
CA HIS K 338 30.87 -75.29 -20.87
C HIS K 338 32.26 -75.89 -20.83
N GLU K 339 33.27 -75.08 -20.50
CA GLU K 339 34.64 -75.56 -20.39
C GLU K 339 34.77 -76.58 -19.27
N VAL K 340 34.06 -76.36 -18.16
CA VAL K 340 34.25 -77.28 -17.05
C VAL K 340 33.48 -78.59 -17.26
N VAL K 341 32.34 -78.57 -17.96
CA VAL K 341 31.70 -79.86 -18.24
C VAL K 341 32.45 -80.59 -19.35
N LYS K 342 33.15 -79.86 -20.23
CA LYS K 342 33.97 -80.51 -21.23
C LYS K 342 35.17 -81.20 -20.59
N THR K 343 35.83 -80.54 -19.64
CA THR K 343 36.97 -81.19 -19.00
C THR K 343 36.51 -82.30 -18.05
N LEU K 344 35.27 -82.22 -17.54
CA LEU K 344 34.71 -83.34 -16.81
C LEU K 344 34.53 -84.57 -17.69
N GLY K 345 33.96 -84.39 -18.89
CA GLY K 345 33.79 -85.51 -19.79
C GLY K 345 35.10 -86.11 -20.27
N GLU K 346 36.07 -85.24 -20.58
CA GLU K 346 37.40 -85.71 -20.99
C GLU K 346 38.07 -86.47 -19.86
N ALA K 347 37.92 -86.00 -18.62
CA ALA K 347 38.56 -86.65 -17.49
C ALA K 347 37.93 -88.01 -17.19
N ILE K 348 36.61 -88.13 -17.30
CA ILE K 348 35.98 -89.40 -16.96
C ILE K 348 36.25 -90.45 -18.05
N LEU K 349 36.29 -90.03 -19.32
CA LEU K 349 36.65 -91.01 -20.37
C LEU K 349 38.13 -91.41 -20.26
N LEU K 350 38.98 -90.47 -19.83
CA LEU K 350 40.40 -90.76 -19.69
C LEU K 350 40.66 -91.72 -18.53
N VAL K 351 39.96 -91.54 -17.42
CA VAL K 351 40.01 -92.47 -16.29
C VAL K 351 39.50 -93.85 -16.71
N PHE K 352 38.46 -93.87 -17.54
CA PHE K 352 37.90 -95.14 -18.00
C PHE K 352 38.92 -95.94 -18.81
N LEU K 353 39.57 -95.30 -19.79
CA LEU K 353 40.45 -96.12 -20.62
C LEU K 353 41.77 -96.43 -19.92
N VAL K 354 42.22 -95.60 -18.97
CA VAL K 354 43.45 -95.98 -18.27
C VAL K 354 43.19 -97.13 -17.30
N MET K 355 41.98 -97.20 -16.71
CA MET K 355 41.72 -98.35 -15.86
C MET K 355 41.34 -99.57 -16.70
N TYR K 356 40.93 -99.37 -17.96
CA TYR K 356 40.81 -100.49 -18.87
C TYR K 356 42.18 -101.03 -19.26
N LEU K 357 43.16 -100.15 -19.40
CA LEU K 357 44.53 -100.58 -19.63
C LEU K 357 45.07 -101.36 -18.44
N PHE K 358 44.64 -100.99 -17.23
CA PHE K 358 45.05 -101.76 -16.06
C PHE K 358 44.34 -103.11 -15.99
N LEU K 359 43.01 -103.11 -16.15
CA LEU K 359 42.25 -104.33 -15.90
C LEU K 359 42.34 -105.32 -17.06
N GLN K 360 42.55 -104.82 -18.28
CA GLN K 360 42.71 -105.62 -19.51
C GLN K 360 41.51 -106.52 -19.79
N ASN K 361 40.30 -106.07 -19.46
CA ASN K 361 39.10 -106.85 -19.73
C ASN K 361 37.93 -105.89 -19.93
N PHE K 362 37.37 -105.88 -21.15
CA PHE K 362 36.32 -104.93 -21.47
C PHE K 362 35.00 -105.27 -20.79
N ARG K 363 34.81 -106.53 -20.39
CA ARG K 363 33.60 -106.93 -19.70
C ARG K 363 33.63 -106.58 -18.22
N ALA K 364 34.79 -106.24 -17.68
CA ALA K 364 34.93 -105.92 -16.27
C ALA K 364 35.27 -104.47 -16.01
N THR K 365 35.96 -103.80 -16.94
CA THR K 365 36.39 -102.42 -16.71
C THR K 365 35.22 -101.44 -16.72
N LEU K 366 34.10 -101.80 -17.33
CA LEU K 366 32.94 -100.93 -17.24
C LEU K 366 32.17 -101.15 -15.95
N ILE K 367 32.56 -102.13 -15.15
CA ILE K 367 31.93 -102.43 -13.87
C ILE K 367 32.12 -101.28 -12.88
N PRO K 368 33.33 -100.65 -12.71
CA PRO K 368 33.36 -99.47 -11.84
C PRO K 368 33.03 -98.16 -12.56
N THR K 369 33.14 -98.13 -13.89
CA THR K 369 32.83 -96.88 -14.60
C THR K 369 31.35 -96.74 -14.91
N ILE K 370 30.53 -97.74 -14.58
CA ILE K 370 29.11 -97.47 -14.41
C ILE K 370 28.80 -97.10 -12.97
N ALA K 371 29.81 -97.13 -12.11
CA ALA K 371 29.66 -96.61 -10.76
C ALA K 371 29.96 -95.12 -10.70
N VAL K 372 30.53 -94.56 -11.76
CA VAL K 372 30.79 -93.12 -11.78
C VAL K 372 29.58 -92.25 -12.15
N PRO K 373 28.61 -92.65 -13.00
CA PRO K 373 27.47 -91.72 -13.16
C PRO K 373 26.44 -91.84 -12.07
N VAL K 374 26.53 -92.86 -11.22
CA VAL K 374 25.49 -93.05 -10.20
C VAL K 374 25.75 -92.19 -8.96
N VAL K 375 26.91 -91.55 -8.88
CA VAL K 375 27.31 -90.87 -7.65
C VAL K 375 27.28 -89.35 -7.81
N LEU K 376 27.80 -88.80 -8.90
CA LEU K 376 27.87 -87.35 -9.04
C LEU K 376 26.48 -86.77 -9.25
N LEU K 377 25.63 -87.49 -9.99
CA LEU K 377 24.21 -87.18 -10.02
C LEU K 377 23.60 -87.28 -8.64
N GLY K 378 24.03 -88.27 -7.85
CA GLY K 378 23.62 -88.35 -6.46
C GLY K 378 24.08 -87.16 -5.64
N THR K 379 25.24 -86.57 -5.98
CA THR K 379 25.65 -85.36 -5.29
C THR K 379 24.77 -84.19 -5.69
N PHE K 380 24.22 -84.25 -6.91
CA PHE K 380 23.20 -83.27 -7.29
C PHE K 380 21.91 -83.49 -6.50
N GLY K 381 21.70 -84.69 -5.99
CA GLY K 381 20.62 -84.90 -5.04
C GLY K 381 20.88 -84.25 -3.68
N VAL K 382 22.14 -83.98 -3.36
CA VAL K 382 22.46 -83.38 -2.07
C VAL K 382 22.33 -81.86 -2.14
N LEU K 383 22.85 -81.27 -3.21
CA LEU K 383 22.89 -79.81 -3.35
C LEU K 383 21.49 -79.21 -3.42
N ALA K 384 20.60 -79.85 -4.18
CA ALA K 384 19.21 -79.42 -4.21
C ALA K 384 18.52 -79.67 -2.88
N ALA K 385 19.03 -80.63 -2.09
CA ALA K 385 18.52 -80.80 -0.74
C ALA K 385 19.06 -79.75 0.21
N PHE K 386 20.14 -79.06 -0.16
CA PHE K 386 20.75 -78.07 0.72
C PHE K 386 20.72 -76.66 0.14
N GLY K 387 20.13 -76.47 -1.02
CA GLY K 387 20.05 -75.16 -1.63
C GLY K 387 21.33 -74.67 -2.26
N PHE K 388 22.38 -75.49 -2.33
CA PHE K 388 23.61 -75.10 -2.98
C PHE K 388 23.42 -75.13 -4.49
N SER K 389 23.62 -74.00 -5.14
CA SER K 389 23.43 -73.90 -6.58
C SER K 389 24.64 -74.44 -7.32
N ILE K 390 24.42 -74.82 -8.59
CA ILE K 390 25.51 -75.29 -9.41
C ILE K 390 26.41 -74.12 -9.79
N ASN K 391 27.67 -74.22 -9.42
CA ASN K 391 28.66 -73.23 -9.81
C ASN K 391 29.89 -73.98 -10.31
N THR K 392 30.94 -73.22 -10.64
CA THR K 392 32.14 -73.83 -11.17
C THR K 392 32.91 -74.59 -10.09
N LEU K 393 32.71 -74.22 -8.83
CA LEU K 393 33.43 -74.90 -7.76
C LEU K 393 32.91 -76.30 -7.49
N THR K 394 31.61 -76.52 -7.70
CA THR K 394 31.06 -77.87 -7.55
C THR K 394 31.60 -78.79 -8.63
N MET K 395 31.67 -78.31 -9.86
CA MET K 395 32.27 -79.09 -10.93
C MET K 395 33.77 -79.27 -10.72
N PHE K 396 34.43 -78.27 -10.12
CA PHE K 396 35.84 -78.40 -9.75
C PHE K 396 36.04 -79.50 -8.73
N GLY K 397 35.14 -79.56 -7.75
CA GLY K 397 35.20 -80.62 -6.76
C GLY K 397 34.98 -81.99 -7.36
N MET K 398 34.02 -82.10 -8.29
CA MET K 398 33.76 -83.39 -8.91
C MET K 398 34.92 -83.85 -9.80
N VAL K 399 35.57 -82.92 -10.50
CA VAL K 399 36.68 -83.35 -11.35
C VAL K 399 37.94 -83.59 -10.52
N LEU K 400 38.03 -83.02 -9.32
CA LEU K 400 39.12 -83.47 -8.45
C LEU K 400 38.74 -84.70 -7.63
N ALA K 401 37.46 -85.09 -7.65
CA ALA K 401 36.99 -86.19 -6.85
C ALA K 401 36.75 -87.48 -7.63
N ILE K 402 36.76 -87.44 -8.97
CA ILE K 402 36.57 -88.69 -9.71
C ILE K 402 37.76 -89.63 -9.56
N GLY K 403 38.96 -89.09 -9.32
CA GLY K 403 40.09 -89.95 -9.05
C GLY K 403 40.01 -90.57 -7.66
N LEU K 404 39.49 -89.81 -6.69
CA LEU K 404 39.28 -90.33 -5.35
C LEU K 404 38.01 -91.18 -5.27
N LEU K 405 37.22 -91.19 -6.34
CA LEU K 405 35.87 -91.74 -6.29
C LEU K 405 35.84 -93.25 -6.54
N VAL K 406 36.44 -93.71 -7.63
CA VAL K 406 36.32 -95.11 -8.03
C VAL K 406 37.35 -96.00 -7.37
N ASP K 407 38.10 -95.49 -6.38
CA ASP K 407 39.16 -96.27 -5.76
C ASP K 407 38.62 -97.42 -4.93
N ASP K 408 37.52 -97.21 -4.20
CA ASP K 408 36.98 -98.28 -3.38
C ASP K 408 36.32 -99.36 -4.22
N ALA K 409 35.95 -99.04 -5.45
CA ALA K 409 35.48 -100.05 -6.38
C ALA K 409 36.62 -100.78 -7.08
N ILE K 410 37.71 -100.07 -7.40
CA ILE K 410 38.79 -100.77 -8.09
C ILE K 410 39.55 -101.67 -7.13
N VAL K 411 39.56 -101.35 -5.83
CA VAL K 411 40.22 -102.26 -4.91
C VAL K 411 39.39 -103.52 -4.69
N VAL K 412 38.06 -103.43 -4.77
CA VAL K 412 37.26 -104.63 -4.54
C VAL K 412 37.23 -105.48 -5.81
N VAL K 413 37.29 -104.86 -6.99
CA VAL K 413 37.37 -105.68 -8.20
C VAL K 413 38.78 -106.25 -8.35
N GLU K 414 39.79 -105.55 -7.81
CA GLU K 414 41.14 -106.09 -7.80
C GLU K 414 41.25 -107.26 -6.84
N ASN K 415 40.59 -107.19 -5.69
CA ASN K 415 40.60 -108.28 -4.74
C ASN K 415 39.84 -109.49 -5.28
N VAL K 416 38.73 -109.27 -5.97
CA VAL K 416 37.98 -110.41 -6.47
C VAL K 416 38.68 -111.05 -7.68
N GLU K 417 39.39 -110.25 -8.49
CA GLU K 417 40.12 -110.87 -9.58
C GLU K 417 41.40 -111.54 -9.08
N ARG K 418 41.95 -111.04 -7.97
CA ARG K 418 43.11 -111.70 -7.37
C ARG K 418 42.71 -113.04 -6.76
N VAL K 419 41.55 -113.10 -6.09
CA VAL K 419 41.15 -114.35 -5.48
C VAL K 419 40.56 -115.31 -6.52
N MET K 420 40.17 -114.79 -7.69
CA MET K 420 39.79 -115.67 -8.78
C MET K 420 40.95 -116.07 -9.68
N ALA K 421 42.08 -115.36 -9.62
CA ALA K 421 43.25 -115.75 -10.38
C ALA K 421 44.14 -116.71 -9.58
N GLU K 422 44.35 -116.40 -8.30
CA GLU K 422 45.15 -117.27 -7.45
C GLU K 422 44.41 -118.56 -7.12
N GLU K 423 43.10 -118.48 -6.89
CA GLU K 423 42.29 -119.64 -6.60
C GLU K 423 41.19 -119.77 -7.65
N GLY K 424 40.82 -121.00 -7.97
CA GLY K 424 39.86 -121.22 -9.05
C GLY K 424 38.40 -121.17 -8.61
N LEU K 425 38.07 -120.27 -7.70
CA LEU K 425 36.71 -120.21 -7.18
C LEU K 425 35.79 -119.44 -8.12
N SER K 426 34.49 -119.76 -8.06
CA SER K 426 33.48 -119.01 -8.76
C SER K 426 33.33 -117.64 -8.09
N PRO K 427 32.95 -116.60 -8.86
CA PRO K 427 32.84 -115.25 -8.27
C PRO K 427 31.74 -115.10 -7.22
N ARG K 428 30.76 -116.00 -7.21
CA ARG K 428 29.66 -115.91 -6.26
C ARG K 428 30.14 -116.14 -4.82
N GLU K 429 31.13 -117.01 -4.65
CA GLU K 429 31.76 -117.18 -3.35
C GLU K 429 33.07 -116.44 -3.21
N ALA K 430 33.70 -116.07 -4.34
CA ALA K 430 34.90 -115.25 -4.29
C ALA K 430 34.58 -113.86 -3.76
N ALA K 431 33.39 -113.33 -4.09
CA ALA K 431 32.96 -112.06 -3.53
C ALA K 431 32.68 -112.20 -2.04
N ARG K 432 32.14 -113.34 -1.61
CA ARG K 432 31.93 -113.60 -0.19
C ARG K 432 33.24 -113.66 0.58
N LYS K 433 34.28 -114.24 -0.04
CA LYS K 433 35.59 -114.28 0.59
C LYS K 433 36.26 -112.91 0.59
N SER K 434 36.00 -112.10 -0.45
CA SER K 434 36.70 -110.82 -0.59
C SER K 434 36.11 -109.75 0.31
N MET K 435 34.78 -109.56 0.28
CA MET K 435 34.19 -108.44 1.00
C MET K 435 34.18 -108.68 2.50
N GLY K 436 34.35 -109.94 2.93
CA GLY K 436 34.53 -110.21 4.34
C GLY K 436 35.91 -109.84 4.84
N GLN K 437 36.89 -109.71 3.95
CA GLN K 437 38.25 -109.43 4.37
C GLN K 437 38.74 -108.04 4.02
N ILE K 438 38.06 -107.32 3.10
CA ILE K 438 38.43 -105.92 2.85
C ILE K 438 37.35 -104.94 3.25
N GLN K 439 36.46 -105.32 4.17
CA GLN K 439 35.40 -104.42 4.61
C GLN K 439 35.94 -103.29 5.48
N GLY K 440 37.08 -103.47 6.12
CA GLY K 440 37.64 -102.48 7.01
C GLY K 440 38.56 -101.46 6.37
N ALA K 441 38.62 -101.39 5.04
CA ALA K 441 39.50 -100.45 4.36
C ALA K 441 38.75 -99.48 3.45
N LEU K 442 37.74 -99.97 2.74
CA LEU K 442 37.01 -99.11 1.80
C LEU K 442 36.11 -98.14 2.54
N VAL K 443 35.67 -98.49 3.74
CA VAL K 443 34.98 -97.53 4.59
C VAL K 443 35.99 -96.62 5.27
N GLY K 444 37.22 -97.12 5.47
CA GLY K 444 38.22 -96.35 6.19
C GLY K 444 38.77 -95.20 5.37
N ILE K 445 39.01 -95.43 4.08
CA ILE K 445 39.53 -94.37 3.22
C ILE K 445 38.47 -93.28 3.03
N ALA K 446 37.19 -93.66 2.99
CA ALA K 446 36.13 -92.69 2.84
C ALA K 446 35.93 -91.89 4.12
N MET K 447 36.03 -92.55 5.28
CA MET K 447 35.82 -91.83 6.53
C MET K 447 37.02 -90.92 6.83
N VAL K 448 38.22 -91.30 6.40
CA VAL K 448 39.37 -90.44 6.64
C VAL K 448 39.49 -89.37 5.56
N LEU K 449 38.82 -89.55 4.42
CA LEU K 449 38.86 -88.54 3.39
C LEU K 449 37.72 -87.53 3.55
N SER K 450 36.66 -87.91 4.25
CA SER K 450 35.64 -86.92 4.61
C SER K 450 36.16 -85.95 5.66
N ALA K 451 37.02 -86.42 6.56
CA ALA K 451 37.47 -85.60 7.67
C ALA K 451 38.48 -84.54 7.27
N VAL K 452 39.03 -84.58 6.06
CA VAL K 452 39.87 -83.48 5.62
C VAL K 452 39.04 -82.30 5.14
N PHE K 453 37.74 -82.48 4.96
CA PHE K 453 36.89 -81.44 4.42
C PHE K 453 35.70 -81.09 5.31
N LEU K 454 35.43 -81.90 6.33
CA LEU K 454 34.44 -81.50 7.33
C LEU K 454 34.80 -80.23 8.13
N PRO K 455 36.00 -80.05 8.71
CA PRO K 455 36.18 -78.84 9.54
C PRO K 455 36.40 -77.57 8.72
N MET K 456 36.59 -77.68 7.42
CA MET K 456 36.79 -76.47 6.63
C MET K 456 35.48 -75.76 6.32
N ALA K 457 34.34 -76.42 6.51
CA ALA K 457 33.07 -75.84 6.14
C ALA K 457 32.50 -74.93 7.23
N PHE K 458 32.97 -75.07 8.46
CA PHE K 458 32.44 -74.31 9.57
C PHE K 458 33.13 -72.95 9.74
N PHE K 459 34.12 -72.65 8.93
CA PHE K 459 34.83 -71.38 9.07
C PHE K 459 34.04 -70.24 8.44
N GLY K 460 34.16 -69.06 9.03
CA GLY K 460 33.45 -67.89 8.55
C GLY K 460 34.21 -67.14 7.50
N GLY K 461 33.87 -65.86 7.34
CA GLY K 461 34.52 -65.01 6.37
C GLY K 461 34.09 -65.29 4.96
N SER K 462 34.64 -64.53 4.01
CA SER K 462 34.31 -64.76 2.61
C SER K 462 35.01 -65.99 2.07
N THR K 463 36.07 -66.44 2.74
CA THR K 463 36.70 -67.69 2.35
C THR K 463 35.98 -68.91 2.91
N GLY K 464 35.08 -68.72 3.87
CA GLY K 464 34.30 -69.85 4.35
C GLY K 464 33.30 -70.33 3.32
N VAL K 465 32.67 -69.39 2.60
CA VAL K 465 31.69 -69.77 1.59
C VAL K 465 32.40 -70.29 0.35
N ILE K 466 33.68 -69.97 0.17
CA ILE K 466 34.39 -70.55 -0.94
C ILE K 466 35.03 -71.88 -0.51
N TYR K 467 35.13 -72.11 0.80
CA TYR K 467 35.51 -73.44 1.27
C TYR K 467 34.33 -74.39 1.18
N ARG K 468 33.13 -73.89 1.42
CA ARG K 468 31.94 -74.60 1.00
C ARG K 468 31.88 -74.63 -0.53
N GLN K 469 31.20 -75.66 -1.05
CA GLN K 469 31.16 -76.18 -2.42
C GLN K 469 32.49 -76.83 -2.82
N PHE K 470 33.51 -76.81 -1.96
CA PHE K 470 34.65 -77.71 -2.02
C PHE K 470 34.61 -78.73 -0.91
N SER K 471 33.75 -78.51 0.08
CA SER K 471 33.57 -79.47 1.16
C SER K 471 32.41 -80.41 0.86
N ILE K 472 31.23 -79.83 0.60
CA ILE K 472 29.99 -80.60 0.60
C ILE K 472 29.92 -81.54 -0.59
N THR K 473 30.43 -81.09 -1.76
CA THR K 473 30.38 -81.92 -2.95
C THR K 473 31.40 -83.05 -2.92
N ILE K 474 32.32 -83.05 -1.96
CA ILE K 474 33.25 -84.15 -1.79
C ILE K 474 32.78 -85.08 -0.69
N VAL K 475 32.29 -84.52 0.42
CA VAL K 475 31.88 -85.38 1.51
C VAL K 475 30.58 -86.09 1.20
N SER K 476 29.72 -85.52 0.35
CA SER K 476 28.54 -86.25 -0.09
C SER K 476 28.92 -87.37 -1.04
N ALA K 477 29.91 -87.11 -1.91
CA ALA K 477 30.39 -88.13 -2.83
C ALA K 477 31.03 -89.29 -2.10
N MET K 478 31.98 -89.01 -1.21
CA MET K 478 32.63 -90.06 -0.42
C MET K 478 31.68 -90.69 0.61
N ALA K 479 30.59 -90.01 0.95
CA ALA K 479 29.61 -90.63 1.83
C ALA K 479 28.73 -91.59 1.05
N LEU K 480 28.55 -91.36 -0.24
CA LEU K 480 27.78 -92.34 -0.99
C LEU K 480 28.65 -93.18 -1.91
N SER K 481 29.94 -92.83 -2.07
CA SER K 481 30.85 -93.74 -2.75
C SER K 481 31.10 -94.99 -1.92
N VAL K 482 31.11 -94.86 -0.59
CA VAL K 482 31.32 -96.03 0.24
C VAL K 482 30.10 -96.95 0.20
N ILE K 483 28.89 -96.40 0.12
CA ILE K 483 27.71 -97.27 0.10
C ILE K 483 27.54 -97.87 -1.30
N VAL K 484 27.91 -97.12 -2.36
CA VAL K 484 27.82 -97.73 -3.69
C VAL K 484 28.95 -98.73 -3.88
N ALA K 485 30.02 -98.63 -3.08
CA ALA K 485 31.04 -99.65 -3.10
C ALA K 485 30.63 -100.88 -2.32
N LEU K 486 29.84 -100.73 -1.26
CA LEU K 486 29.52 -101.89 -0.42
C LEU K 486 28.17 -102.53 -0.74
N ILE K 487 27.32 -101.94 -1.57
CA ILE K 487 25.95 -102.40 -1.73
C ILE K 487 25.73 -103.11 -3.08
N LEU K 488 26.44 -102.68 -4.13
CA LEU K 488 26.03 -103.13 -5.45
C LEU K 488 27.15 -103.70 -6.30
N THR K 489 28.34 -103.09 -6.31
CA THR K 489 29.41 -103.64 -7.14
C THR K 489 29.94 -105.02 -6.72
N PRO K 490 29.89 -105.46 -5.44
CA PRO K 490 30.10 -106.91 -5.23
C PRO K 490 29.01 -107.77 -5.82
N ALA K 491 27.77 -107.28 -5.84
CA ALA K 491 26.68 -108.05 -6.43
C ALA K 491 26.83 -108.18 -7.93
N LEU K 492 27.14 -107.08 -8.62
CA LEU K 492 27.21 -107.14 -10.08
C LEU K 492 28.61 -107.53 -10.55
N CYS K 493 29.55 -107.73 -9.63
CA CYS K 493 30.75 -108.47 -9.98
C CYS K 493 30.62 -109.94 -9.62
N ALA K 494 29.64 -110.30 -8.79
CA ALA K 494 29.51 -111.65 -8.27
C ALA K 494 28.56 -112.52 -9.08
N THR K 495 27.74 -111.94 -9.96
CA THR K 495 26.76 -112.73 -10.69
C THR K 495 27.41 -113.71 -11.65
N MET K 496 27.89 -113.21 -12.79
CA MET K 496 28.79 -114.00 -13.62
C MET K 496 29.78 -113.09 -14.36
N LEU K 497 29.77 -111.78 -14.10
CA LEU K 497 30.51 -110.78 -14.87
C LEU K 497 32.02 -110.93 -14.77
N LYS K 498 32.54 -111.82 -13.93
CA LYS K 498 33.92 -112.25 -13.97
C LYS K 498 33.91 -113.75 -14.26
N PRO K 499 34.00 -114.13 -15.54
CA PRO K 499 34.05 -115.55 -15.87
C PRO K 499 35.42 -116.13 -15.53
N ILE K 500 35.45 -117.42 -15.26
CA ILE K 500 36.70 -118.09 -14.91
C ILE K 500 37.55 -118.23 -16.18
N GLU K 501 38.67 -117.52 -16.21
CA GLU K 501 39.58 -117.53 -17.35
C GLU K 501 40.94 -118.03 -16.89
N LYS K 502 41.28 -119.26 -17.26
CA LYS K 502 42.56 -119.84 -16.91
C LYS K 502 43.37 -120.15 -18.16
N GLY K 503 44.53 -120.80 -17.99
CA GLY K 503 45.40 -121.07 -19.11
C GLY K 503 46.34 -119.90 -19.38
N ASP K 504 45.79 -118.79 -19.85
CA ASP K 504 46.55 -117.56 -20.06
C ASP K 504 46.27 -116.66 -18.84
N HIS K 505 47.07 -116.83 -17.80
CA HIS K 505 46.92 -116.07 -16.57
C HIS K 505 47.67 -114.74 -16.60
N GLY K 506 48.11 -114.29 -17.76
CA GLY K 506 48.85 -113.05 -17.88
C GLY K 506 50.35 -113.18 -17.76
N GLU K 507 50.90 -114.39 -17.89
CA GLU K 507 52.35 -114.54 -17.82
C GLU K 507 53.01 -114.03 -19.11
N HIS K 508 52.36 -114.23 -20.25
CA HIS K 508 52.79 -113.62 -21.50
C HIS K 508 51.69 -112.83 -22.18
N LYS K 509 50.45 -113.34 -22.16
CA LYS K 509 49.19 -112.67 -22.49
C LYS K 509 49.04 -112.30 -23.97
N GLY K 510 50.09 -112.46 -24.77
CA GLY K 510 50.05 -112.11 -26.18
C GLY K 510 49.91 -110.64 -26.50
N GLY K 511 50.09 -110.29 -27.78
CA GLY K 511 49.86 -108.93 -28.23
C GLY K 511 50.88 -107.91 -27.78
N PHE K 512 50.65 -106.65 -28.14
CA PHE K 512 51.57 -105.58 -27.76
C PHE K 512 51.38 -105.15 -26.30
N PHE K 513 50.25 -105.51 -25.70
CA PHE K 513 50.03 -105.21 -24.29
C PHE K 513 50.49 -106.32 -23.37
N GLY K 514 51.07 -107.40 -23.91
CA GLY K 514 51.38 -108.56 -23.10
C GLY K 514 52.62 -108.40 -22.26
N TRP K 515 53.48 -107.46 -22.59
CA TRP K 515 54.67 -107.22 -21.77
C TRP K 515 54.43 -106.19 -20.68
N PHE K 516 53.21 -105.66 -20.56
CA PHE K 516 52.91 -104.66 -19.55
C PHE K 516 53.00 -105.25 -18.14
N ASN K 517 52.23 -106.33 -17.89
CA ASN K 517 52.33 -107.01 -16.62
C ASN K 517 53.66 -107.73 -16.44
N ARG K 518 54.31 -108.08 -17.56
CA ARG K 518 55.64 -108.69 -17.50
C ARG K 518 56.68 -107.71 -16.98
N MET K 519 56.56 -106.43 -17.34
CA MET K 519 57.38 -105.41 -16.73
C MET K 519 56.90 -105.08 -15.33
N PHE K 520 55.59 -105.22 -15.09
CA PHE K 520 55.01 -104.78 -13.83
C PHE K 520 55.44 -105.69 -12.66
N LEU K 521 55.44 -107.00 -12.86
CA LEU K 521 55.83 -107.86 -11.74
C LEU K 521 57.34 -107.81 -11.51
N SER K 522 58.11 -107.48 -12.54
CA SER K 522 59.53 -107.21 -12.36
C SER K 522 59.73 -105.95 -11.54
N THR K 523 58.89 -104.94 -11.75
CA THR K 523 58.97 -103.74 -10.91
C THR K 523 58.54 -104.03 -9.48
N THR K 524 57.61 -104.97 -9.29
CA THR K 524 57.26 -105.37 -7.92
C THR K 524 58.40 -106.12 -7.26
N HIS K 525 59.14 -106.92 -8.03
CA HIS K 525 60.32 -107.60 -7.49
C HIS K 525 61.41 -106.60 -7.11
N GLY K 526 61.65 -105.61 -7.97
CA GLY K 526 62.56 -104.53 -7.62
C GLY K 526 62.08 -103.72 -6.43
N TYR K 527 60.76 -103.59 -6.29
CA TYR K 527 60.18 -102.85 -5.17
C TYR K 527 60.35 -103.58 -3.85
N GLU K 528 60.14 -104.90 -3.86
CA GLU K 528 60.28 -105.65 -2.61
C GLU K 528 61.76 -105.79 -2.23
N ARG K 529 62.65 -105.91 -3.22
CA ARG K 529 64.08 -105.89 -2.93
C ARG K 529 64.51 -104.52 -2.40
N GLY K 530 63.91 -103.45 -2.94
CA GLY K 530 64.23 -102.11 -2.47
C GLY K 530 63.75 -101.86 -1.07
N VAL K 531 62.55 -102.32 -0.73
CA VAL K 531 62.03 -102.08 0.62
C VAL K 531 62.75 -102.99 1.62
N ALA K 532 63.25 -104.15 1.17
CA ALA K 532 64.08 -104.98 2.03
C ALA K 532 65.40 -104.30 2.34
N SER K 533 66.02 -103.68 1.32
CA SER K 533 67.26 -102.93 1.55
C SER K 533 66.98 -101.66 2.36
N ILE K 534 65.75 -101.14 2.29
CA ILE K 534 65.35 -99.99 3.10
C ILE K 534 65.27 -100.39 4.57
N LEU K 535 64.60 -101.49 4.88
CA LEU K 535 64.51 -101.92 6.27
C LEU K 535 65.77 -102.62 6.77
N LYS K 536 66.75 -102.86 5.90
CA LYS K 536 68.03 -103.38 6.35
C LYS K 536 68.78 -102.37 7.21
N HIS K 537 69.10 -101.20 6.64
CA HIS K 537 69.96 -100.25 7.34
C HIS K 537 69.18 -99.28 8.22
N ARG K 538 68.28 -98.49 7.60
CA ARG K 538 67.39 -97.50 8.20
C ARG K 538 68.10 -96.32 8.86
N ALA K 539 69.43 -96.21 8.76
CA ALA K 539 70.12 -95.12 9.43
C ALA K 539 70.03 -93.79 8.66
N PRO K 540 70.35 -93.70 7.33
CA PRO K 540 70.26 -92.39 6.68
C PRO K 540 68.83 -92.02 6.30
N TYR K 541 67.93 -93.00 6.39
CA TYR K 541 66.57 -92.80 5.93
C TYR K 541 65.67 -92.15 6.98
N LEU K 542 66.26 -91.59 8.03
CA LEU K 542 65.55 -90.68 8.92
C LEU K 542 66.14 -89.27 8.84
N LEU K 543 67.45 -89.16 8.67
CA LEU K 543 68.05 -87.85 8.47
C LEU K 543 67.69 -87.25 7.12
N ILE K 544 67.46 -88.09 6.10
CA ILE K 544 66.99 -87.53 4.84
C ILE K 544 65.54 -87.06 4.97
N TYR K 545 64.76 -87.69 5.85
CA TYR K 545 63.42 -87.21 6.16
C TYR K 545 63.46 -85.85 6.86
N VAL K 546 64.41 -85.71 7.80
CA VAL K 546 64.55 -84.46 8.53
C VAL K 546 65.03 -83.35 7.60
N VAL K 547 65.90 -83.67 6.63
CA VAL K 547 66.38 -82.62 5.75
C VAL K 547 65.34 -82.27 4.69
N ILE K 548 64.46 -83.21 4.33
CA ILE K 548 63.44 -82.81 3.35
C ILE K 548 62.30 -82.06 4.02
N VAL K 549 62.02 -82.29 5.31
CA VAL K 549 61.02 -81.45 5.96
C VAL K 549 61.61 -80.07 6.29
N ALA K 550 62.93 -80.02 6.53
CA ALA K 550 63.58 -78.73 6.72
C ALA K 550 63.66 -77.94 5.42
N GLY K 551 63.74 -78.64 4.29
CA GLY K 551 63.59 -77.96 3.01
C GLY K 551 62.15 -77.61 2.71
N MET K 552 61.21 -78.39 3.25
CA MET K 552 59.79 -78.14 3.01
C MET K 552 59.32 -76.87 3.67
N ILE K 553 59.75 -76.62 4.91
CA ILE K 553 59.31 -75.39 5.60
C ILE K 553 59.90 -74.16 4.93
N TRP K 554 61.12 -74.27 4.40
CA TRP K 554 61.74 -73.16 3.70
C TRP K 554 61.08 -72.92 2.35
N MET K 555 60.70 -73.99 1.65
CA MET K 555 59.97 -73.85 0.39
C MET K 555 58.57 -73.30 0.63
N PHE K 556 57.98 -73.60 1.79
CA PHE K 556 56.68 -73.08 2.14
C PHE K 556 56.73 -71.59 2.40
N THR K 557 57.68 -71.15 3.23
CA THR K 557 57.78 -69.73 3.53
C THR K 557 58.41 -68.93 2.38
N ARG K 558 58.98 -69.61 1.39
CA ARG K 558 59.49 -68.91 0.22
C ARG K 558 58.40 -68.56 -0.78
N ILE K 559 57.27 -69.27 -0.77
CA ILE K 559 56.20 -69.07 -1.73
C ILE K 559 55.41 -67.82 -1.37
N PRO K 560 55.20 -66.89 -2.29
CA PRO K 560 54.43 -65.68 -1.99
C PRO K 560 52.94 -65.97 -1.93
N THR K 561 52.24 -65.10 -1.21
CA THR K 561 50.80 -65.26 -1.05
C THR K 561 50.04 -64.39 -2.05
N ALA K 562 48.79 -64.80 -2.32
CA ALA K 562 47.90 -64.12 -3.25
C ALA K 562 46.48 -64.58 -2.94
N PHE K 563 45.55 -64.24 -3.83
CA PHE K 563 44.16 -64.65 -3.72
C PHE K 563 43.49 -64.49 -5.08
N LEU K 564 42.80 -65.55 -5.53
CA LEU K 564 41.97 -65.58 -6.73
C LEU K 564 42.71 -65.12 -7.99
N PRO K 565 43.50 -66.01 -8.61
CA PRO K 565 44.31 -65.62 -9.77
C PRO K 565 43.48 -65.10 -10.93
N ASP K 566 44.05 -64.13 -11.64
CA ASP K 566 43.34 -63.30 -12.60
C ASP K 566 42.89 -64.10 -13.81
N GLU K 567 41.68 -63.79 -14.28
CA GLU K 567 41.12 -64.37 -15.48
C GLU K 567 40.84 -63.27 -16.49
N ASP K 568 40.65 -63.67 -17.75
CA ASP K 568 40.51 -62.71 -18.83
C ASP K 568 39.16 -62.00 -18.81
N GLN K 569 38.08 -62.77 -18.99
CA GLN K 569 36.66 -62.36 -18.97
C GLN K 569 36.26 -61.42 -20.10
N GLY K 570 37.17 -61.04 -21.00
CA GLY K 570 36.80 -60.30 -22.19
C GLY K 570 36.35 -58.87 -21.99
N VAL K 571 36.60 -58.29 -20.82
CA VAL K 571 36.20 -56.92 -20.54
C VAL K 571 37.40 -56.10 -20.11
N LEU K 572 37.28 -54.79 -20.24
CA LEU K 572 38.31 -53.87 -19.79
C LEU K 572 37.66 -52.56 -19.38
N PHE K 573 38.25 -51.89 -18.39
CA PHE K 573 37.76 -50.59 -17.95
C PHE K 573 38.84 -49.55 -18.20
N ALA K 574 38.42 -48.35 -18.56
CA ALA K 574 39.36 -47.24 -18.67
C ALA K 574 38.72 -45.99 -18.06
N GLN K 575 39.54 -45.16 -17.42
CA GLN K 575 39.01 -43.94 -16.82
C GLN K 575 40.00 -42.80 -17.01
N VAL K 576 39.45 -41.60 -17.22
CA VAL K 576 40.25 -40.41 -17.44
C VAL K 576 39.87 -39.37 -16.40
N GLN K 577 40.87 -38.57 -16.01
CA GLN K 577 40.71 -37.43 -15.11
C GLN K 577 41.53 -36.30 -15.71
N THR K 578 40.86 -35.34 -16.32
CA THR K 578 41.52 -34.13 -16.83
C THR K 578 41.90 -33.26 -15.64
N PRO K 579 42.80 -32.30 -15.79
CA PRO K 579 43.17 -31.42 -14.65
C PRO K 579 41.99 -30.64 -14.12
N PRO K 580 41.99 -30.30 -12.82
CA PRO K 580 40.79 -29.76 -12.19
C PRO K 580 40.45 -28.36 -12.70
N GLY K 581 39.16 -28.12 -12.85
CA GLY K 581 38.66 -26.89 -13.44
C GLY K 581 38.44 -26.95 -14.92
N SER K 582 38.73 -28.07 -15.57
CA SER K 582 38.56 -28.19 -17.00
C SER K 582 37.10 -28.46 -17.34
N SER K 583 36.70 -28.01 -18.53
CA SER K 583 35.30 -28.16 -18.93
C SER K 583 35.04 -29.54 -19.50
N ALA K 584 33.80 -29.76 -19.94
CA ALA K 584 33.38 -31.08 -20.37
C ALA K 584 33.93 -31.42 -21.75
N GLU K 585 34.08 -30.42 -22.62
CA GLU K 585 34.57 -30.70 -23.96
C GLU K 585 36.07 -31.01 -23.96
N ARG K 586 36.79 -30.53 -22.95
CA ARG K 586 38.19 -30.89 -22.81
C ARG K 586 38.34 -32.36 -22.43
N THR K 587 37.36 -32.90 -21.71
CA THR K 587 37.35 -34.33 -21.43
C THR K 587 36.85 -35.12 -22.63
N GLN K 588 35.91 -34.54 -23.39
CA GLN K 588 35.39 -35.18 -24.59
C GLN K 588 36.47 -35.36 -25.64
N VAL K 589 37.35 -34.36 -25.77
CA VAL K 589 38.38 -34.38 -26.79
C VAL K 589 39.48 -35.38 -26.45
N VAL K 590 39.53 -35.90 -25.22
CA VAL K 590 40.48 -36.97 -24.95
C VAL K 590 39.78 -38.34 -24.94
N VAL K 591 38.49 -38.41 -24.57
CA VAL K 591 37.85 -39.72 -24.58
C VAL K 591 37.56 -40.18 -26.00
N ASP K 592 37.27 -39.25 -26.91
CA ASP K 592 37.06 -39.68 -28.29
C ASP K 592 38.37 -40.08 -28.95
N SER K 593 39.48 -39.47 -28.53
CA SER K 593 40.79 -39.82 -29.07
C SER K 593 41.22 -41.22 -28.61
N MET K 594 41.07 -41.51 -27.32
CA MET K 594 41.40 -42.85 -26.86
C MET K 594 40.41 -43.88 -27.38
N ARG K 595 39.17 -43.46 -27.65
CA ARG K 595 38.17 -44.35 -28.23
C ARG K 595 38.54 -44.74 -29.66
N GLU K 596 38.94 -43.76 -30.48
CA GLU K 596 39.30 -44.09 -31.86
C GLU K 596 40.63 -44.82 -31.91
N TYR K 597 41.52 -44.58 -30.92
CA TYR K 597 42.75 -45.37 -30.84
C TYR K 597 42.45 -46.83 -30.57
N LEU K 598 41.56 -47.10 -29.60
CA LEU K 598 41.18 -48.48 -29.31
C LEU K 598 40.41 -49.10 -30.47
N LEU K 599 39.71 -48.29 -31.25
CA LEU K 599 38.94 -48.84 -32.35
C LEU K 599 39.81 -49.23 -33.54
N GLU K 600 40.74 -48.37 -33.95
CA GLU K 600 41.50 -48.70 -35.16
C GLU K 600 42.84 -49.37 -34.89
N LYS K 601 43.48 -49.09 -33.75
CA LYS K 601 44.79 -49.70 -33.51
C LYS K 601 44.69 -51.10 -32.94
N GLU K 602 43.62 -51.41 -32.21
CA GLU K 602 43.47 -52.69 -31.52
C GLU K 602 42.25 -53.42 -32.03
N SER K 603 42.11 -53.47 -33.36
CA SER K 603 40.95 -54.13 -33.97
C SER K 603 41.02 -55.66 -33.85
N SER K 604 42.16 -56.20 -33.44
CA SER K 604 42.29 -57.65 -33.33
C SER K 604 41.53 -58.20 -32.12
N SER K 605 41.41 -57.43 -31.05
CA SER K 605 40.94 -57.99 -29.79
C SER K 605 39.66 -57.34 -29.28
N VAL K 606 39.48 -56.03 -29.48
CA VAL K 606 38.29 -55.38 -28.95
C VAL K 606 37.11 -55.65 -29.88
N SER K 607 35.90 -55.63 -29.32
CA SER K 607 34.71 -55.73 -30.14
C SER K 607 33.98 -54.40 -30.21
N SER K 608 33.74 -53.77 -29.06
CA SER K 608 33.16 -52.44 -29.07
C SER K 608 33.54 -51.70 -27.80
N VAL K 609 33.66 -50.38 -27.91
CA VAL K 609 33.91 -49.50 -26.79
C VAL K 609 32.64 -48.69 -26.54
N PHE K 610 32.32 -48.47 -25.27
CA PHE K 610 31.16 -47.70 -24.87
C PHE K 610 31.62 -46.73 -23.79
N THR K 611 31.71 -45.46 -24.13
CA THR K 611 32.25 -44.47 -23.22
C THR K 611 31.14 -43.58 -22.66
N VAL K 612 31.32 -43.14 -21.43
CA VAL K 612 30.45 -42.13 -20.84
C VAL K 612 31.32 -41.01 -20.29
N THR K 613 30.77 -39.80 -20.32
CA THR K 613 31.41 -38.61 -19.78
C THR K 613 30.51 -38.03 -18.70
N GLY K 614 31.14 -37.57 -17.63
CA GLY K 614 30.46 -37.06 -16.46
C GLY K 614 30.54 -37.95 -15.25
N PHE K 615 30.94 -39.21 -15.42
CA PHE K 615 30.89 -40.18 -14.34
C PHE K 615 31.92 -41.26 -14.58
N ASN K 616 32.69 -41.57 -13.54
CA ASN K 616 33.61 -42.69 -13.56
C ASN K 616 33.62 -43.32 -12.18
N PHE K 617 34.55 -44.24 -11.95
CA PHE K 617 34.58 -44.92 -10.66
C PHE K 617 35.25 -44.06 -9.60
N ALA K 618 36.12 -43.14 -10.00
CA ALA K 618 36.82 -42.31 -9.04
C ALA K 618 35.98 -41.12 -8.57
N GLY K 619 34.88 -40.83 -9.25
CA GLY K 619 34.05 -39.72 -8.84
C GLY K 619 33.08 -39.31 -9.94
N ARG K 620 32.68 -38.05 -9.91
CA ARG K 620 31.80 -37.52 -10.93
C ARG K 620 32.00 -36.02 -11.01
N GLY K 621 31.70 -35.48 -12.18
CA GLY K 621 31.92 -34.08 -12.47
C GLY K 621 32.26 -33.90 -13.93
N GLN K 622 32.71 -32.70 -14.28
CA GLN K 622 33.09 -32.44 -15.65
C GLN K 622 34.46 -33.04 -15.97
N SER K 623 35.33 -33.14 -14.99
CA SER K 623 36.70 -33.61 -15.21
C SER K 623 36.82 -35.09 -14.84
N SER K 624 36.06 -35.91 -15.56
CA SER K 624 36.05 -37.36 -15.36
C SER K 624 35.40 -38.01 -16.55
N GLY K 625 35.86 -39.22 -16.88
CA GLY K 625 35.16 -39.96 -17.93
C GLY K 625 35.61 -41.39 -18.09
N MET K 626 34.67 -42.32 -18.23
CA MET K 626 35.08 -43.73 -18.25
C MET K 626 34.63 -44.39 -19.53
N ALA K 627 35.13 -45.61 -19.73
CA ALA K 627 34.85 -46.35 -20.96
C ALA K 627 34.90 -47.84 -20.66
N PHE K 628 33.82 -48.55 -21.00
CA PHE K 628 33.77 -50.00 -20.94
C PHE K 628 34.18 -50.55 -22.29
N ILE K 629 35.18 -51.42 -22.31
CA ILE K 629 35.69 -52.00 -23.53
C ILE K 629 35.31 -53.48 -23.51
N MET K 630 34.36 -53.86 -24.36
CA MET K 630 33.99 -55.25 -24.50
C MET K 630 34.79 -55.85 -25.65
N LEU K 631 35.57 -56.89 -25.34
CA LEU K 631 36.48 -57.50 -26.30
C LEU K 631 35.75 -58.53 -27.16
N LYS K 632 36.51 -59.13 -28.07
CA LYS K 632 36.02 -60.21 -28.90
C LYS K 632 35.81 -61.46 -28.05
N PRO K 633 34.99 -62.40 -28.52
CA PRO K 633 34.97 -63.73 -27.88
C PRO K 633 36.29 -64.45 -28.03
N TRP K 634 36.40 -65.55 -27.28
CA TRP K 634 37.70 -66.11 -26.91
C TRP K 634 38.42 -66.72 -28.11
N GLU K 635 37.73 -67.58 -28.85
CA GLU K 635 38.34 -68.26 -29.99
C GLU K 635 38.61 -67.32 -31.15
N GLU K 636 38.00 -66.13 -31.16
CA GLU K 636 38.35 -65.13 -32.16
C GLU K 636 39.65 -64.41 -31.83
N ARG K 637 40.17 -64.54 -30.62
CA ARG K 637 41.44 -63.94 -30.25
C ARG K 637 42.37 -65.01 -29.65
N PRO K 638 42.98 -65.85 -30.47
CA PRO K 638 43.90 -66.85 -29.95
C PRO K 638 45.27 -66.27 -29.67
N GLY K 639 45.94 -66.84 -28.68
CA GLY K 639 47.27 -66.40 -28.33
C GLY K 639 47.27 -65.51 -27.11
N GLY K 640 48.39 -65.54 -26.37
CA GLY K 640 48.52 -64.74 -25.17
C GLY K 640 48.71 -63.25 -25.43
N GLU K 641 49.07 -62.88 -26.66
CA GLU K 641 49.23 -61.47 -26.99
C GLU K 641 47.90 -60.75 -27.12
N ASN K 642 46.80 -61.48 -27.24
CA ASN K 642 45.48 -60.89 -27.33
C ASN K 642 44.68 -61.02 -26.05
N SER K 643 45.33 -61.37 -24.94
CA SER K 643 44.66 -61.38 -23.66
C SER K 643 44.49 -59.95 -23.14
N VAL K 644 43.69 -59.81 -22.09
CA VAL K 644 43.38 -58.48 -21.57
C VAL K 644 44.57 -57.90 -20.83
N PHE K 645 45.51 -58.75 -20.37
CA PHE K 645 46.64 -58.24 -19.62
C PHE K 645 47.71 -57.67 -20.55
N GLU K 646 47.97 -58.36 -21.66
CA GLU K 646 48.92 -57.86 -22.65
C GLU K 646 48.38 -56.61 -23.33
N LEU K 647 47.10 -56.63 -23.71
CA LEU K 647 46.48 -55.45 -24.29
C LEU K 647 46.40 -54.31 -23.28
N ALA K 648 46.19 -54.65 -22.00
CA ALA K 648 46.12 -53.63 -20.96
C ALA K 648 47.47 -52.95 -20.77
N LYS K 649 48.54 -53.72 -20.75
CA LYS K 649 49.85 -53.11 -20.53
C LYS K 649 50.32 -52.34 -21.78
N ARG K 650 49.97 -52.81 -22.98
CA ARG K 650 50.40 -52.07 -24.16
C ARG K 650 49.54 -50.83 -24.38
N ALA K 651 48.26 -50.88 -24.00
CA ALA K 651 47.43 -49.68 -24.09
C ALA K 651 47.82 -48.68 -23.01
N GLN K 652 48.24 -49.16 -21.83
CA GLN K 652 48.72 -48.26 -20.81
C GLN K 652 50.04 -47.63 -21.22
N MET K 653 50.88 -48.37 -21.95
CA MET K 653 52.11 -47.81 -22.48
C MET K 653 51.82 -46.76 -23.55
N HIS K 654 50.77 -46.98 -24.35
CA HIS K 654 50.39 -45.97 -25.33
C HIS K 654 49.76 -44.75 -24.67
N PHE K 655 49.10 -44.94 -23.53
CA PHE K 655 48.31 -43.87 -22.93
C PHE K 655 49.16 -42.77 -22.31
N PHE K 656 50.47 -42.97 -22.17
CA PHE K 656 51.31 -41.89 -21.70
C PHE K 656 51.57 -40.84 -22.77
N SER K 657 51.23 -41.14 -24.03
CA SER K 657 51.29 -40.12 -25.07
C SER K 657 50.22 -39.06 -24.88
N PHE K 658 49.11 -39.42 -24.22
CA PHE K 658 48.05 -38.47 -23.92
C PHE K 658 48.51 -37.60 -22.77
N LYS K 659 49.11 -36.45 -23.11
CA LYS K 659 49.62 -35.55 -22.09
C LYS K 659 48.51 -34.76 -21.41
N ASP K 660 47.30 -34.75 -21.99
CA ASP K 660 46.24 -33.89 -21.45
C ASP K 660 45.66 -34.47 -20.17
N ALA K 661 45.31 -35.76 -20.17
CA ALA K 661 44.61 -36.36 -19.05
C ALA K 661 45.43 -37.49 -18.46
N MET K 662 45.08 -37.86 -17.23
CA MET K 662 45.73 -38.97 -16.52
C MET K 662 44.88 -40.22 -16.69
N VAL K 663 44.94 -40.77 -17.91
CA VAL K 663 44.12 -41.93 -18.26
C VAL K 663 44.74 -43.22 -17.74
N PHE K 664 43.91 -44.05 -17.13
CA PHE K 664 44.32 -45.37 -16.67
C PHE K 664 43.42 -46.42 -17.28
N ALA K 665 43.96 -47.63 -17.42
CA ALA K 665 43.20 -48.76 -17.93
C ALA K 665 43.51 -49.98 -17.08
N PHE K 666 42.47 -50.73 -16.74
CA PHE K 666 42.64 -51.89 -15.88
C PHE K 666 41.55 -52.91 -16.19
N ALA K 667 41.57 -54.00 -15.44
CA ALA K 667 40.62 -55.09 -15.58
C ALA K 667 39.97 -55.36 -14.23
N PRO K 668 38.74 -55.86 -14.22
CA PRO K 668 38.12 -56.27 -12.96
C PRO K 668 38.69 -57.61 -12.51
N PRO K 669 38.53 -57.97 -11.23
CA PRO K 669 39.07 -59.26 -10.77
C PRO K 669 38.28 -60.47 -11.27
N SER K 670 38.65 -61.65 -10.78
CA SER K 670 38.08 -62.90 -11.27
C SER K 670 36.61 -63.01 -10.91
N VAL K 671 36.23 -62.56 -9.72
CA VAL K 671 34.84 -62.40 -9.35
C VAL K 671 34.45 -60.95 -9.61
N LEU K 672 33.26 -60.75 -10.15
CA LEU K 672 32.84 -59.39 -10.50
C LEU K 672 32.20 -58.69 -9.31
N GLU K 673 31.78 -59.46 -8.31
CA GLU K 673 31.05 -58.88 -7.18
C GLU K 673 31.98 -58.38 -6.08
N LEU K 674 33.27 -58.67 -6.17
CA LEU K 674 34.25 -58.15 -5.20
C LEU K 674 35.07 -57.06 -5.87
N GLY K 675 34.53 -55.85 -5.86
CA GLY K 675 35.18 -54.74 -6.53
C GLY K 675 35.02 -54.80 -8.03
N ASN K 676 35.65 -53.84 -8.70
CA ASN K 676 35.62 -53.73 -10.15
C ASN K 676 37.00 -53.44 -10.71
N ALA K 677 38.04 -53.72 -9.93
CA ALA K 677 39.42 -53.56 -10.35
C ALA K 677 40.29 -54.45 -9.48
N THR K 678 41.39 -54.94 -10.04
CA THR K 678 42.30 -55.81 -9.30
C THR K 678 43.23 -54.97 -8.44
N GLY K 679 44.24 -55.60 -7.85
CA GLY K 679 45.19 -54.90 -7.05
C GLY K 679 44.68 -54.65 -5.64
N PHE K 680 45.45 -53.84 -4.92
CA PHE K 680 45.14 -53.51 -3.53
C PHE K 680 44.28 -52.25 -3.49
N ASP K 681 43.90 -51.84 -2.28
CA ASP K 681 43.18 -50.61 -2.01
C ASP K 681 43.33 -50.31 -0.53
N LEU K 682 43.65 -49.07 -0.20
CA LEU K 682 43.86 -48.76 1.21
C LEU K 682 43.49 -47.30 1.48
N PHE K 683 43.00 -47.04 2.69
CA PHE K 683 42.59 -45.71 3.09
C PHE K 683 43.64 -45.10 4.01
N LEU K 684 43.86 -43.79 3.88
CA LEU K 684 44.81 -43.06 4.71
C LEU K 684 44.01 -42.31 5.78
N GLN K 685 43.65 -43.04 6.83
CA GLN K 685 42.79 -42.51 7.87
C GLN K 685 43.58 -41.59 8.80
N ASP K 686 42.96 -40.47 9.22
CA ASP K 686 43.65 -39.55 10.13
C ASP K 686 43.15 -39.74 11.57
N GLN K 687 43.72 -40.74 12.25
CA GLN K 687 43.24 -41.14 13.56
C GLN K 687 43.52 -40.09 14.63
N ALA K 688 44.56 -39.28 14.44
CA ALA K 688 44.89 -38.28 15.44
C ALA K 688 44.11 -36.98 15.28
N GLY K 689 43.24 -36.87 14.29
CA GLY K 689 42.50 -35.64 14.11
C GLY K 689 43.29 -34.51 13.53
N VAL K 690 44.29 -34.81 12.70
CA VAL K 690 45.10 -33.78 12.04
C VAL K 690 44.30 -33.18 10.89
N GLY K 691 44.81 -32.08 10.33
CA GLY K 691 44.08 -31.33 9.33
C GLY K 691 43.93 -32.08 8.01
N HIS K 692 43.15 -31.47 7.12
CA HIS K 692 42.88 -32.10 5.84
C HIS K 692 44.07 -31.97 4.90
N GLU K 693 44.81 -30.86 4.99
CA GLU K 693 45.87 -30.59 4.03
C GLU K 693 47.10 -31.45 4.32
N VAL K 694 47.32 -31.82 5.58
CA VAL K 694 48.46 -32.66 5.88
C VAL K 694 48.19 -34.10 5.43
N LEU K 695 46.92 -34.48 5.34
CA LEU K 695 46.59 -35.81 4.84
C LEU K 695 46.85 -35.92 3.34
N LEU K 696 46.46 -34.89 2.58
CA LEU K 696 46.75 -34.93 1.15
C LEU K 696 48.23 -34.69 0.88
N GLN K 697 48.92 -33.99 1.79
CA GLN K 697 50.37 -33.92 1.72
C GLN K 697 51.00 -35.29 1.89
N ALA K 698 50.50 -36.07 2.85
CA ALA K 698 50.97 -37.43 3.05
C ALA K 698 50.61 -38.31 1.87
N ARG K 699 49.45 -38.06 1.25
CA ARG K 699 49.05 -38.82 0.07
C ARG K 699 49.96 -38.54 -1.12
N ASN K 700 50.31 -37.26 -1.32
CA ASN K 700 51.23 -36.91 -2.41
C ASN K 700 52.63 -37.46 -2.15
N LYS K 701 53.06 -37.46 -0.88
CA LYS K 701 54.34 -38.06 -0.52
C LYS K 701 54.31 -39.58 -0.76
N PHE K 702 53.18 -40.21 -0.44
CA PHE K 702 53.02 -41.65 -0.68
C PHE K 702 53.03 -41.96 -2.18
N LEU K 703 52.42 -41.09 -2.98
CA LEU K 703 52.38 -41.31 -4.42
C LEU K 703 53.75 -41.15 -5.05
N MET K 704 54.47 -40.08 -4.67
CA MET K 704 55.81 -39.89 -5.22
C MET K 704 56.80 -40.90 -4.68
N LEU K 705 56.50 -41.51 -3.53
CA LEU K 705 57.34 -42.58 -3.01
C LEU K 705 57.04 -43.92 -3.67
N ALA K 706 55.77 -44.17 -4.01
CA ALA K 706 55.41 -45.42 -4.66
C ALA K 706 55.67 -45.38 -6.16
N ALA K 707 55.86 -44.19 -6.73
CA ALA K 707 56.18 -44.11 -8.15
C ALA K 707 57.60 -44.62 -8.43
N GLN K 708 58.51 -44.47 -7.48
CA GLN K 708 59.88 -44.92 -7.65
C GLN K 708 60.13 -46.30 -7.06
N ASN K 709 59.09 -47.01 -6.64
CA ASN K 709 59.23 -48.37 -6.13
C ASN K 709 58.97 -49.35 -7.26
N PRO K 710 59.95 -50.20 -7.64
CA PRO K 710 59.77 -51.16 -8.73
C PRO K 710 59.06 -52.44 -8.31
N ALA K 711 57.92 -52.29 -7.63
CA ALA K 711 57.10 -53.42 -7.24
C ALA K 711 55.64 -53.16 -7.61
N LEU K 712 55.30 -51.89 -7.76
CA LEU K 712 53.93 -51.47 -7.98
C LEU K 712 53.77 -50.86 -9.36
N GLN K 713 52.51 -50.75 -9.79
CA GLN K 713 52.17 -50.08 -11.03
C GLN K 713 50.75 -49.57 -10.96
N ARG K 714 50.47 -48.58 -11.80
CA ARG K 714 49.15 -47.95 -11.96
C ARG K 714 48.61 -47.41 -10.64
N VAL K 715 49.49 -46.92 -9.78
CA VAL K 715 49.09 -46.41 -8.48
C VAL K 715 48.43 -45.05 -8.66
N ARG K 716 47.13 -44.98 -8.38
CA ARG K 716 46.34 -43.79 -8.64
C ARG K 716 45.49 -43.47 -7.42
N PRO K 717 45.19 -42.20 -7.18
CA PRO K 717 44.20 -41.87 -6.15
C PRO K 717 42.80 -42.08 -6.70
N ASN K 718 41.94 -42.65 -5.86
CA ASN K 718 40.56 -42.87 -6.25
C ASN K 718 39.66 -41.69 -5.92
N GLY K 719 40.22 -40.60 -5.43
CA GLY K 719 39.51 -39.34 -5.30
C GLY K 719 39.79 -38.44 -6.47
N MET K 720 39.90 -37.14 -6.18
CA MET K 720 40.32 -36.17 -7.18
C MET K 720 41.00 -35.02 -6.46
N SER K 721 41.88 -34.33 -7.19
CA SER K 721 42.65 -33.23 -6.61
C SER K 721 41.75 -32.03 -6.36
N ASP K 722 42.27 -31.07 -5.59
CA ASP K 722 41.50 -29.91 -5.21
C ASP K 722 41.33 -28.97 -6.40
N GLU K 723 40.35 -28.08 -6.28
CA GLU K 723 39.86 -27.33 -7.43
C GLU K 723 39.57 -25.91 -6.99
N PRO K 724 39.85 -24.92 -7.83
CA PRO K 724 39.52 -23.53 -7.47
C PRO K 724 38.02 -23.27 -7.52
N GLN K 725 37.54 -22.56 -6.51
CA GLN K 725 36.13 -22.24 -6.38
C GLN K 725 35.96 -20.73 -6.30
N TYR K 726 34.72 -20.29 -6.45
CA TYR K 726 34.40 -18.86 -6.54
C TYR K 726 33.40 -18.50 -5.44
N LYS K 727 33.88 -17.85 -4.39
CA LYS K 727 32.99 -17.36 -3.36
C LYS K 727 32.33 -16.06 -3.81
N LEU K 728 31.04 -15.95 -3.53
CA LEU K 728 30.23 -14.80 -3.92
C LEU K 728 29.76 -14.11 -2.65
N GLU K 729 30.45 -13.04 -2.26
CA GLU K 729 30.07 -12.31 -1.06
C GLU K 729 29.09 -11.21 -1.40
N ILE K 730 28.12 -11.00 -0.51
CA ILE K 730 27.02 -10.07 -0.73
C ILE K 730 26.98 -9.13 0.45
N ASP K 731 27.17 -7.84 0.20
CA ASP K 731 27.04 -6.83 1.25
C ASP K 731 25.56 -6.61 1.50
N ASP K 732 25.04 -7.27 2.52
CA ASP K 732 23.61 -7.17 2.82
C ASP K 732 23.25 -5.81 3.39
N GLU K 733 24.23 -5.10 3.96
CA GLU K 733 23.99 -3.77 4.52
C GLU K 733 23.64 -2.79 3.41
N LYS K 734 24.50 -2.72 2.38
CA LYS K 734 24.23 -1.83 1.26
C LYS K 734 23.04 -2.29 0.44
N ALA K 735 22.83 -3.61 0.34
CA ALA K 735 21.71 -4.13 -0.42
C ALA K 735 20.38 -3.79 0.24
N SER K 736 20.31 -3.92 1.57
CA SER K 736 19.12 -3.53 2.27
C SER K 736 18.95 -2.02 2.29
N ALA K 737 20.06 -1.27 2.32
CA ALA K 737 19.97 0.18 2.35
C ALA K 737 19.50 0.73 1.00
N LEU K 738 19.77 0.00 -0.09
CA LEU K 738 19.27 0.42 -1.38
C LEU K 738 17.79 0.15 -1.56
N GLY K 739 17.17 -0.58 -0.64
CA GLY K 739 15.75 -0.83 -0.69
C GLY K 739 15.36 -2.26 -1.00
N VAL K 740 16.24 -3.04 -1.63
CA VAL K 740 15.89 -4.41 -1.97
C VAL K 740 16.00 -5.27 -0.71
N SER K 741 15.25 -6.37 -0.69
CA SER K 741 15.27 -7.30 0.42
C SER K 741 16.45 -8.26 0.26
N LEU K 742 16.47 -9.31 1.08
CA LEU K 742 17.49 -10.35 0.98
C LEU K 742 16.95 -11.68 0.53
N ALA K 743 15.67 -11.96 0.81
CA ALA K 743 15.08 -13.23 0.41
C ALA K 743 14.92 -13.31 -1.10
N ASP K 744 14.65 -12.18 -1.75
CA ASP K 744 14.56 -12.16 -3.20
C ASP K 744 15.94 -12.29 -3.83
N ILE K 745 16.96 -11.78 -3.16
CA ILE K 745 18.35 -11.97 -3.61
C ILE K 745 18.71 -13.45 -3.56
N ASN K 746 18.39 -14.10 -2.44
CA ASN K 746 18.64 -15.53 -2.29
C ASN K 746 17.86 -16.34 -3.31
N SER K 747 16.61 -15.94 -3.58
CA SER K 747 15.79 -16.67 -4.52
C SER K 747 16.31 -16.52 -5.94
N THR K 748 16.73 -15.32 -6.33
CA THR K 748 17.16 -15.14 -7.71
C THR K 748 18.54 -15.74 -7.94
N VAL K 749 19.37 -15.85 -6.89
CA VAL K 749 20.66 -16.48 -7.10
C VAL K 749 20.53 -17.99 -7.01
N SER K 750 19.47 -18.49 -6.36
CA SER K 750 19.23 -19.92 -6.34
C SER K 750 18.43 -20.38 -7.56
N ILE K 751 17.78 -19.46 -8.26
CA ILE K 751 17.01 -19.84 -9.43
C ILE K 751 17.82 -19.64 -10.71
N ALA K 752 18.51 -18.50 -10.84
CA ALA K 752 19.16 -18.16 -12.10
C ALA K 752 20.38 -19.03 -12.35
N TRP K 753 21.00 -19.54 -11.29
CA TRP K 753 22.11 -20.48 -11.43
C TRP K 753 21.76 -21.88 -10.94
N GLY K 754 20.99 -21.99 -9.86
CA GLY K 754 20.79 -23.27 -9.22
C GLY K 754 19.77 -24.17 -9.90
N SER K 755 19.04 -23.64 -10.90
CA SER K 755 18.07 -24.37 -11.72
C SER K 755 16.98 -25.00 -10.85
N SER K 756 16.15 -24.11 -10.29
CA SER K 756 15.11 -24.54 -9.37
C SER K 756 14.03 -25.33 -10.09
N TYR K 757 13.73 -26.51 -9.56
CA TYR K 757 12.66 -27.36 -10.07
C TYR K 757 11.35 -26.90 -9.45
N VAL K 758 10.40 -26.49 -10.27
CA VAL K 758 9.27 -25.72 -9.74
C VAL K 758 8.06 -26.61 -9.46
N ASN K 759 7.56 -27.38 -10.42
CA ASN K 759 6.44 -28.29 -10.20
C ASN K 759 6.49 -29.38 -11.27
N ASP K 760 5.39 -30.08 -11.46
CA ASP K 760 5.31 -31.17 -12.43
C ASP K 760 4.35 -30.81 -13.56
N PHE K 761 4.42 -31.60 -14.63
CA PHE K 761 3.49 -31.46 -15.74
C PHE K 761 3.39 -32.80 -16.45
N ILE K 762 2.40 -32.92 -17.32
CA ILE K 762 2.10 -34.17 -18.00
C ILE K 762 2.66 -34.13 -19.42
N ASP K 763 3.29 -35.23 -19.82
CA ASP K 763 3.82 -35.35 -21.18
C ASP K 763 3.62 -36.79 -21.62
N ARG K 764 2.78 -36.98 -22.65
CA ARG K 764 2.48 -38.28 -23.26
C ARG K 764 1.95 -39.28 -22.22
N GLY K 765 1.14 -38.80 -21.29
CA GLY K 765 0.64 -39.62 -20.23
C GLY K 765 1.61 -39.89 -19.11
N ARG K 766 2.78 -39.27 -19.13
CA ARG K 766 3.78 -39.45 -18.09
C ARG K 766 4.02 -38.15 -17.35
N VAL K 767 4.14 -38.24 -16.04
CA VAL K 767 4.46 -37.07 -15.22
C VAL K 767 5.94 -36.77 -15.33
N LYS K 768 6.27 -35.52 -15.67
CA LYS K 768 7.65 -35.09 -15.77
C LYS K 768 7.81 -33.77 -15.03
N ARG K 769 9.07 -33.36 -14.86
CA ARG K 769 9.41 -32.18 -14.10
C ARG K 769 9.59 -30.97 -15.00
N VAL K 770 9.48 -29.78 -14.41
CA VAL K 770 9.76 -28.53 -15.11
C VAL K 770 10.71 -27.70 -14.26
N TYR K 771 11.77 -27.22 -14.88
CA TYR K 771 12.87 -26.52 -14.22
C TYR K 771 12.90 -25.06 -14.64
N LEU K 772 13.69 -24.29 -13.91
CA LEU K 772 13.83 -22.86 -14.18
C LEU K 772 15.27 -22.47 -13.93
N GLN K 773 15.90 -21.87 -14.93
CA GLN K 773 17.30 -21.46 -14.87
C GLN K 773 17.53 -20.42 -15.95
N GLY K 774 18.54 -19.58 -15.75
CA GLY K 774 18.90 -18.61 -16.76
C GLY K 774 19.49 -19.26 -17.99
N ARG K 775 19.52 -18.50 -19.08
CA ARG K 775 20.05 -18.99 -20.34
C ARG K 775 21.55 -19.23 -20.23
N PRO K 776 22.11 -20.12 -21.06
CA PRO K 776 23.54 -20.43 -20.94
C PRO K 776 24.47 -19.27 -21.27
N ASP K 777 24.00 -18.26 -22.00
CA ASP K 777 24.86 -17.11 -22.27
C ASP K 777 25.00 -16.22 -21.05
N ALA K 778 24.09 -16.34 -20.08
CA ALA K 778 24.05 -15.44 -18.95
C ALA K 778 24.80 -15.95 -17.73
N ARG K 779 25.25 -17.20 -17.73
CA ARG K 779 26.05 -17.74 -16.62
C ARG K 779 27.22 -18.53 -17.19
N MET K 780 28.31 -17.83 -17.52
CA MET K 780 29.54 -18.51 -17.91
C MET K 780 30.79 -17.94 -17.25
N ASN K 781 30.82 -16.67 -16.90
CA ASN K 781 31.99 -15.98 -16.38
C ASN K 781 31.53 -15.19 -15.17
N PRO K 782 32.45 -14.77 -14.30
CA PRO K 782 32.03 -14.00 -13.11
C PRO K 782 31.39 -12.66 -13.41
N ASP K 783 31.80 -11.98 -14.48
CA ASP K 783 31.19 -10.68 -14.79
C ASP K 783 29.76 -10.83 -15.32
N ASP K 784 29.39 -12.02 -15.80
CA ASP K 784 28.00 -12.31 -16.11
C ASP K 784 27.13 -12.30 -14.86
N LEU K 785 27.74 -12.50 -13.68
CA LEU K 785 27.06 -12.26 -12.41
C LEU K 785 26.53 -10.83 -12.29
N SER K 786 27.17 -9.87 -12.95
CA SER K 786 26.68 -8.50 -12.97
C SER K 786 25.51 -8.29 -13.92
N LYS K 787 25.10 -9.32 -14.67
CA LYS K 787 24.06 -9.13 -15.67
C LYS K 787 22.66 -9.38 -15.13
N TRP K 788 22.50 -9.60 -13.83
CA TRP K 788 21.21 -9.92 -13.25
C TRP K 788 20.74 -8.79 -12.36
N TYR K 789 19.42 -8.59 -12.31
CA TYR K 789 18.82 -7.45 -11.65
C TYR K 789 17.77 -7.92 -10.65
N VAL K 790 17.60 -7.15 -9.58
CA VAL K 790 16.55 -7.41 -8.60
C VAL K 790 15.71 -6.16 -8.42
N ARG K 791 14.42 -6.34 -8.18
CA ARG K 791 13.50 -5.23 -8.01
C ARG K 791 13.45 -4.86 -6.54
N ASN K 792 13.70 -3.58 -6.24
CA ASN K 792 13.66 -3.14 -4.85
C ASN K 792 12.22 -2.89 -4.41
N ASP K 793 12.06 -2.34 -3.21
CA ASP K 793 10.73 -2.08 -2.69
C ASP K 793 10.07 -0.90 -3.39
N LYS K 794 10.85 0.04 -3.92
CA LYS K 794 10.28 1.17 -4.62
C LYS K 794 9.87 0.85 -6.04
N GLY K 795 10.29 -0.30 -6.57
CA GLY K 795 9.82 -0.75 -7.87
C GLY K 795 10.83 -0.65 -8.99
N GLU K 796 12.06 -0.27 -8.72
CA GLU K 796 13.07 -0.17 -9.76
C GLU K 796 14.08 -1.30 -9.65
N MET K 797 14.78 -1.57 -10.76
CA MET K 797 15.74 -2.65 -10.81
C MET K 797 17.13 -2.15 -10.45
N VAL K 798 17.77 -2.90 -9.56
CA VAL K 798 19.15 -2.62 -9.15
C VAL K 798 20.01 -3.81 -9.59
N PRO K 799 21.17 -3.57 -10.19
CA PRO K 799 22.00 -4.67 -10.66
C PRO K 799 22.64 -5.43 -9.51
N PHE K 800 23.15 -6.61 -9.86
CA PHE K 800 23.69 -7.50 -8.83
C PHE K 800 25.08 -7.07 -8.37
N ASN K 801 25.84 -6.41 -9.24
CA ASN K 801 27.17 -5.95 -8.87
C ASN K 801 27.17 -4.63 -8.12
N ALA K 802 26.00 -4.06 -7.86
CA ALA K 802 25.94 -2.86 -7.03
C ALA K 802 26.17 -3.17 -5.56
N PHE K 803 26.01 -4.43 -5.14
CA PHE K 803 26.19 -4.77 -3.75
C PHE K 803 27.01 -6.03 -3.52
N ALA K 804 27.30 -6.81 -4.54
CA ALA K 804 27.97 -8.09 -4.36
C ALA K 804 29.24 -8.17 -5.20
N THR K 805 30.16 -9.02 -4.77
CA THR K 805 31.40 -9.25 -5.50
C THR K 805 31.87 -10.67 -5.24
N GLY K 806 33.02 -11.02 -5.82
CA GLY K 806 33.51 -12.38 -5.80
C GLY K 806 34.96 -12.47 -5.40
N LYS K 807 35.38 -13.71 -5.15
CA LYS K 807 36.74 -14.02 -4.72
C LYS K 807 37.04 -15.46 -5.08
N TRP K 808 38.32 -15.78 -5.22
CA TRP K 808 38.76 -17.11 -5.61
C TRP K 808 39.33 -17.85 -4.42
N GLU K 809 38.87 -19.07 -4.20
CA GLU K 809 39.33 -19.95 -3.14
C GLU K 809 39.70 -21.30 -3.72
N TYR K 810 39.97 -22.26 -2.85
CA TYR K 810 40.55 -23.53 -3.26
C TYR K 810 39.98 -24.63 -2.38
N GLY K 811 39.12 -25.48 -2.94
CA GLY K 811 38.45 -26.50 -2.18
C GLY K 811 38.37 -27.81 -2.93
N SER K 812 38.26 -28.89 -2.17
CA SER K 812 38.22 -30.21 -2.78
C SER K 812 36.80 -30.56 -3.22
N PRO K 813 36.64 -31.18 -4.38
CA PRO K 813 35.29 -31.47 -4.89
C PRO K 813 34.69 -32.76 -4.36
N LYS K 814 35.51 -33.69 -3.90
CA LYS K 814 35.01 -34.97 -3.43
C LYS K 814 35.71 -35.36 -2.15
N LEU K 815 34.93 -35.64 -1.11
CA LEU K 815 35.49 -36.02 0.18
C LEU K 815 34.80 -37.27 0.69
N GLU K 816 35.60 -38.14 1.29
CA GLU K 816 35.10 -39.44 1.76
C GLU K 816 35.54 -39.67 3.20
N ARG K 817 34.89 -40.65 3.82
CA ARG K 817 35.12 -40.98 5.21
C ARG K 817 35.12 -42.49 5.38
N TYR K 818 36.02 -42.98 6.22
CA TYR K 818 36.15 -44.41 6.49
C TYR K 818 36.02 -44.63 7.99
N ASN K 819 34.92 -45.28 8.39
CA ASN K 819 34.60 -45.62 9.78
C ASN K 819 34.54 -44.37 10.67
N GLY K 820 33.88 -43.33 10.18
CA GLY K 820 33.70 -42.11 10.95
C GLY K 820 34.87 -41.16 10.96
N VAL K 821 36.03 -41.57 10.45
CA VAL K 821 37.25 -40.78 10.51
C VAL K 821 37.64 -40.50 9.07
N PRO K 822 38.05 -39.27 8.72
CA PRO K 822 38.39 -38.97 7.32
C PRO K 822 39.60 -39.73 6.80
N ALA K 823 39.63 -39.90 5.47
CA ALA K 823 40.62 -40.69 4.77
C ALA K 823 40.54 -40.38 3.29
N MET K 824 41.62 -40.66 2.59
CA MET K 824 41.64 -40.74 1.13
C MET K 824 42.19 -42.09 0.74
N GLU K 825 41.61 -42.71 -0.27
CA GLU K 825 41.98 -44.09 -0.60
C GLU K 825 42.84 -44.12 -1.85
N ILE K 826 43.74 -45.10 -1.89
CA ILE K 826 44.67 -45.30 -2.99
C ILE K 826 44.46 -46.71 -3.51
N LEU K 827 44.43 -46.85 -4.84
CA LEU K 827 44.42 -48.14 -5.51
C LEU K 827 45.76 -48.35 -6.20
N GLY K 828 45.96 -49.55 -6.71
CA GLY K 828 47.17 -49.87 -7.44
C GLY K 828 47.24 -51.37 -7.70
N GLU K 829 47.93 -51.71 -8.78
CA GLU K 829 48.14 -53.08 -9.17
C GLU K 829 49.59 -53.45 -8.93
N PRO K 830 49.90 -54.73 -8.73
CA PRO K 830 51.30 -55.12 -8.67
C PRO K 830 51.95 -55.09 -10.05
N ALA K 831 53.27 -54.96 -10.05
CA ALA K 831 54.04 -55.04 -11.28
C ALA K 831 53.96 -56.46 -11.84
N PRO K 832 54.13 -56.64 -13.15
CA PRO K 832 54.04 -58.00 -13.72
C PRO K 832 55.16 -58.91 -13.24
N GLY K 833 54.86 -60.21 -13.23
CA GLY K 833 55.77 -61.19 -12.67
C GLY K 833 55.47 -61.54 -11.24
N LEU K 834 55.58 -60.58 -10.33
CA LEU K 834 55.43 -60.90 -8.92
C LEU K 834 53.95 -60.90 -8.52
N SER K 835 53.71 -61.34 -7.29
CA SER K 835 52.37 -61.58 -6.77
C SER K 835 51.77 -60.29 -6.22
N SER K 836 50.65 -60.43 -5.51
CA SER K 836 50.01 -59.32 -4.82
C SER K 836 50.39 -59.22 -3.35
N GLY K 837 50.79 -60.34 -2.73
CA GLY K 837 51.15 -60.32 -1.33
C GLY K 837 52.44 -59.56 -1.06
N ASP K 838 53.43 -59.74 -1.94
CA ASP K 838 54.65 -58.95 -1.82
C ASP K 838 54.41 -57.50 -2.22
N ALA K 839 53.42 -57.24 -3.07
CA ALA K 839 53.01 -55.86 -3.34
C ALA K 839 52.42 -55.22 -2.09
N MET K 840 51.63 -55.97 -1.34
CA MET K 840 51.11 -55.47 -0.07
C MET K 840 52.23 -55.31 0.96
N ALA K 841 53.23 -56.18 0.91
CA ALA K 841 54.40 -56.00 1.78
C ALA K 841 55.18 -54.74 1.39
N ALA K 842 55.23 -54.43 0.10
CA ALA K 842 55.89 -53.22 -0.36
C ALA K 842 55.15 -51.97 0.09
N VAL K 843 53.81 -51.99 0.03
CA VAL K 843 53.09 -50.82 0.52
C VAL K 843 53.12 -50.78 2.04
N GLU K 844 53.36 -51.91 2.71
CA GLU K 844 53.57 -51.91 4.15
C GLU K 844 54.87 -51.21 4.52
N GLU K 845 55.97 -51.60 3.86
CA GLU K 845 57.26 -50.99 4.17
C GLU K 845 57.34 -49.55 3.67
N ILE K 846 56.47 -49.15 2.74
CA ILE K 846 56.46 -47.76 2.33
C ILE K 846 55.46 -46.96 3.16
N VAL K 847 54.54 -47.62 3.86
CA VAL K 847 53.66 -46.87 4.75
C VAL K 847 54.24 -46.83 6.15
N LYS K 848 55.34 -47.55 6.39
CA LYS K 848 56.11 -47.29 7.62
C LYS K 848 56.68 -45.88 7.62
N GLN K 849 57.09 -45.37 6.47
CA GLN K 849 57.58 -44.00 6.34
C GLN K 849 56.43 -43.10 5.90
N LEU K 850 55.96 -42.26 6.82
CA LEU K 850 54.77 -41.45 6.63
C LEU K 850 54.76 -40.35 7.68
N PRO K 851 54.01 -39.26 7.49
CA PRO K 851 53.81 -38.30 8.58
C PRO K 851 53.03 -38.93 9.73
N LYS K 852 53.37 -38.50 10.94
CA LYS K 852 52.76 -39.08 12.13
C LYS K 852 51.30 -38.62 12.26
N GLY K 853 50.52 -39.43 12.97
CA GLY K 853 49.14 -39.11 13.23
C GLY K 853 48.14 -39.75 12.30
N VAL K 854 48.59 -40.33 11.19
CA VAL K 854 47.71 -40.98 10.24
C VAL K 854 48.11 -42.44 10.13
N GLY K 855 47.14 -43.30 9.81
CA GLY K 855 47.37 -44.71 9.63
C GLY K 855 46.74 -45.22 8.35
N TYR K 856 47.04 -46.47 8.03
CA TYR K 856 46.50 -47.11 6.85
C TYR K 856 45.43 -48.10 7.26
N SER K 857 44.40 -48.22 6.44
CA SER K 857 43.30 -49.15 6.69
C SER K 857 43.07 -49.97 5.43
N TRP K 858 43.19 -51.29 5.56
CA TRP K 858 42.90 -52.17 4.44
C TRP K 858 41.39 -52.27 4.22
N THR K 859 41.01 -52.52 2.98
CA THR K 859 39.60 -52.60 2.63
C THR K 859 39.43 -53.51 1.42
N GLY K 860 38.19 -53.94 1.20
CA GLY K 860 37.79 -54.68 0.02
C GLY K 860 38.42 -56.06 -0.07
N LEU K 861 38.82 -56.40 -1.29
CA LEU K 861 39.40 -57.71 -1.55
C LEU K 861 40.77 -57.86 -0.91
N SER K 862 41.47 -56.74 -0.69
CA SER K 862 42.71 -56.78 0.07
C SER K 862 42.47 -57.16 1.51
N TYR K 863 41.41 -56.60 2.11
CA TYR K 863 41.02 -56.96 3.48
C TYR K 863 40.61 -58.42 3.56
N GLU K 864 39.89 -58.88 2.54
CA GLU K 864 39.50 -60.28 2.46
C GLU K 864 40.72 -61.19 2.34
N GLU K 865 41.69 -60.77 1.55
CA GLU K 865 42.93 -61.53 1.39
C GLU K 865 43.72 -61.59 2.69
N ARG K 866 43.72 -60.50 3.45
CA ARG K 866 44.42 -60.48 4.73
C ARG K 866 43.76 -61.44 5.73
N LEU K 867 42.43 -61.46 5.76
CA LEU K 867 41.73 -62.39 6.65
C LEU K 867 41.92 -63.85 6.21
N SER K 868 41.92 -64.10 4.90
CA SER K 868 42.09 -65.45 4.40
C SER K 868 43.51 -65.95 4.64
N GLY K 869 44.49 -65.06 4.56
CA GLY K 869 45.84 -65.45 4.91
C GLY K 869 46.04 -65.61 6.40
N SER K 870 45.24 -64.90 7.21
CA SER K 870 45.39 -65.03 8.65
C SER K 870 44.77 -66.33 9.18
N GLN K 871 43.62 -66.73 8.66
CA GLN K 871 42.87 -67.82 9.27
C GLN K 871 43.30 -69.21 8.80
N ALA K 872 44.40 -69.33 8.08
CA ALA K 872 44.87 -70.61 7.53
C ALA K 872 45.54 -71.60 8.49
N PRO K 873 46.43 -71.21 9.43
CA PRO K 873 47.07 -72.25 10.26
C PRO K 873 46.14 -72.98 11.20
N ALA K 874 45.11 -72.30 11.72
CA ALA K 874 44.10 -72.97 12.53
C ALA K 874 43.31 -73.97 11.71
N LEU K 875 43.06 -73.64 10.44
CA LEU K 875 42.41 -74.56 9.51
C LEU K 875 43.24 -75.82 9.31
N TYR K 876 44.54 -75.65 9.05
CA TYR K 876 45.43 -76.80 8.85
C TYR K 876 45.53 -77.65 10.12
N ALA K 877 45.62 -76.98 11.28
CA ALA K 877 45.80 -77.67 12.54
C ALA K 877 44.58 -78.51 12.90
N LEU K 878 43.39 -77.90 12.82
CA LEU K 878 42.17 -78.62 13.13
C LEU K 878 41.89 -79.73 12.11
N SER K 879 42.29 -79.52 10.86
CA SER K 879 42.09 -80.53 9.82
C SER K 879 42.93 -81.77 10.09
N LEU K 880 44.25 -81.60 10.26
CA LEU K 880 45.06 -82.81 10.42
C LEU K 880 44.86 -83.42 11.80
N LEU K 881 44.45 -82.60 12.78
CA LEU K 881 44.07 -83.12 14.09
C LEU K 881 42.86 -84.05 13.98
N VAL K 882 41.83 -83.63 13.24
CA VAL K 882 40.63 -84.45 13.21
C VAL K 882 40.84 -85.68 12.33
N VAL K 883 41.74 -85.61 11.34
CA VAL K 883 41.96 -86.82 10.55
C VAL K 883 42.83 -87.82 11.31
N PHE K 884 43.81 -87.34 12.10
CA PHE K 884 44.55 -88.22 12.99
C PHE K 884 43.64 -88.85 14.02
N LEU K 885 42.71 -88.07 14.54
CA LEU K 885 41.94 -88.51 15.69
C LEU K 885 40.82 -89.47 15.26
N CYS K 886 40.20 -89.23 14.10
CA CYS K 886 39.24 -90.22 13.59
C CYS K 886 39.95 -91.44 13.02
N LEU K 887 41.21 -91.30 12.60
CA LEU K 887 41.93 -92.46 12.12
C LEU K 887 42.32 -93.36 13.28
N ALA K 888 42.62 -92.75 14.44
CA ALA K 888 42.81 -93.53 15.66
C ALA K 888 41.49 -94.12 16.14
N ALA K 889 40.37 -93.45 15.85
CA ALA K 889 39.07 -94.02 16.14
C ALA K 889 38.83 -95.30 15.36
N LEU K 890 39.18 -95.31 14.07
CA LEU K 890 38.88 -96.49 13.27
C LEU K 890 39.94 -97.58 13.45
N TYR K 891 41.19 -97.24 13.78
CA TYR K 891 42.25 -98.24 13.76
C TYR K 891 42.73 -98.67 15.14
N GLU K 892 42.09 -98.18 16.21
CA GLU K 892 42.14 -98.78 17.55
C GLU K 892 43.53 -98.73 18.20
N SER K 893 44.37 -97.79 17.77
CA SER K 893 45.62 -97.53 18.47
C SER K 893 46.05 -96.10 18.18
N TRP K 894 47.05 -95.64 18.92
CA TRP K 894 47.59 -94.31 18.68
C TRP K 894 48.86 -94.37 17.84
N SER K 895 49.51 -95.52 17.82
CA SER K 895 50.85 -95.64 17.26
C SER K 895 50.84 -95.57 15.73
N ILE K 896 49.94 -96.31 15.09
CA ILE K 896 49.87 -96.24 13.63
C ILE K 896 49.29 -94.91 13.09
N PRO K 897 48.35 -94.19 13.75
CA PRO K 897 48.09 -92.83 13.23
C PRO K 897 49.23 -91.85 13.50
N PHE K 898 49.91 -91.98 14.63
CA PHE K 898 51.06 -91.12 14.91
C PHE K 898 52.21 -91.40 13.93
N SER K 899 52.29 -92.62 13.41
CA SER K 899 53.31 -92.92 12.41
C SER K 899 52.87 -92.52 11.01
N VAL K 900 51.57 -92.62 10.72
CA VAL K 900 51.11 -92.39 9.36
C VAL K 900 50.83 -90.90 9.10
N MET K 901 50.78 -90.07 10.14
CA MET K 901 50.66 -88.63 9.88
C MET K 901 51.99 -88.06 9.40
N LEU K 902 53.09 -88.81 9.54
CA LEU K 902 54.43 -88.34 9.22
C LEU K 902 54.72 -88.30 7.73
N VAL K 903 53.75 -88.64 6.87
CA VAL K 903 54.01 -88.68 5.44
C VAL K 903 53.26 -87.60 4.68
N VAL K 904 52.47 -86.78 5.35
CA VAL K 904 51.91 -85.59 4.69
C VAL K 904 52.95 -84.52 4.32
N PRO K 905 54.15 -84.40 4.96
CA PRO K 905 55.19 -83.61 4.27
C PRO K 905 55.62 -84.18 2.95
N LEU K 906 55.53 -85.51 2.80
CA LEU K 906 55.95 -86.16 1.57
C LEU K 906 54.89 -86.05 0.47
N GLY K 907 53.80 -85.31 0.71
CA GLY K 907 52.93 -84.86 -0.35
C GLY K 907 53.01 -83.35 -0.53
N VAL K 908 53.14 -82.61 0.58
CA VAL K 908 53.12 -81.17 0.42
C VAL K 908 54.45 -80.65 -0.14
N ILE K 909 55.53 -81.43 -0.07
CA ILE K 909 56.78 -80.99 -0.71
C ILE K 909 56.63 -80.97 -2.22
N GLY K 910 55.87 -81.91 -2.77
CA GLY K 910 55.66 -81.90 -4.21
C GLY K 910 54.62 -80.91 -4.63
N ALA K 911 53.61 -80.67 -3.78
CA ALA K 911 52.70 -79.55 -4.01
C ALA K 911 53.45 -78.22 -4.08
N LEU K 912 54.36 -78.00 -3.14
CA LEU K 912 55.17 -76.78 -3.10
C LEU K 912 56.07 -76.64 -4.33
N LEU K 913 56.78 -77.71 -4.69
CA LEU K 913 57.71 -77.59 -5.80
C LEU K 913 56.99 -77.50 -7.14
N ALA K 914 55.80 -78.11 -7.25
CA ALA K 914 55.03 -77.99 -8.49
C ALA K 914 54.49 -76.58 -8.66
N THR K 915 53.96 -75.99 -7.58
CA THR K 915 53.46 -74.61 -7.73
C THR K 915 54.59 -73.59 -7.81
N SER K 916 55.80 -73.96 -7.36
CA SER K 916 56.92 -73.05 -7.52
C SER K 916 57.46 -73.10 -8.95
N MET K 917 57.62 -74.30 -9.51
CA MET K 917 58.15 -74.41 -10.86
C MET K 917 57.10 -74.08 -11.91
N ARG K 918 55.82 -74.11 -11.54
CA ARG K 918 54.79 -73.58 -12.42
C ARG K 918 54.75 -72.06 -12.36
N GLY K 919 54.91 -71.49 -11.17
CA GLY K 919 54.91 -70.06 -10.97
C GLY K 919 53.67 -69.53 -10.29
N LEU K 920 52.64 -70.34 -10.13
CA LEU K 920 51.41 -69.87 -9.49
C LEU K 920 51.60 -69.77 -7.99
N SER K 921 51.00 -68.75 -7.40
CA SER K 921 51.25 -68.39 -6.01
C SER K 921 50.26 -69.05 -5.06
N ASN K 922 50.49 -68.84 -3.77
CA ASN K 922 49.59 -69.35 -2.75
C ASN K 922 48.31 -68.53 -2.72
N ASP K 923 47.19 -69.24 -2.68
CA ASP K 923 45.85 -68.64 -2.67
C ASP K 923 44.93 -69.65 -2.00
N VAL K 924 43.62 -69.46 -2.16
CA VAL K 924 42.66 -70.38 -1.56
C VAL K 924 42.68 -71.73 -2.28
N PHE K 925 42.99 -71.70 -3.58
CA PHE K 925 43.04 -72.93 -4.35
C PHE K 925 44.24 -73.78 -3.96
N PHE K 926 45.36 -73.13 -3.63
CA PHE K 926 46.51 -73.86 -3.14
C PHE K 926 46.23 -74.46 -1.77
N GLN K 927 45.40 -73.79 -0.96
CA GLN K 927 45.06 -74.32 0.35
C GLN K 927 44.18 -75.55 0.24
N VAL K 928 43.15 -75.50 -0.61
CA VAL K 928 42.30 -76.68 -0.77
C VAL K 928 43.06 -77.78 -1.51
N GLY K 929 44.06 -77.42 -2.32
CA GLY K 929 44.89 -78.42 -2.94
C GLY K 929 45.81 -79.13 -1.97
N LEU K 930 46.33 -78.40 -0.98
CA LEU K 930 47.18 -79.08 0.01
C LEU K 930 46.33 -79.89 0.98
N LEU K 931 45.10 -79.46 1.27
CA LEU K 931 44.19 -80.30 2.05
C LEU K 931 43.85 -81.59 1.34
N THR K 932 43.55 -81.52 0.04
CA THR K 932 43.23 -82.77 -0.65
C THR K 932 44.47 -83.60 -0.91
N THR K 933 45.67 -83.01 -0.95
CA THR K 933 46.84 -83.86 -1.15
C THR K 933 47.24 -84.55 0.14
N ILE K 934 46.97 -83.95 1.31
CA ILE K 934 47.23 -84.72 2.52
C ILE K 934 46.14 -85.76 2.72
N GLY K 935 44.94 -85.51 2.18
CA GLY K 935 43.91 -86.54 2.20
C GLY K 935 44.29 -87.77 1.38
N LEU K 936 44.78 -87.54 0.15
CA LEU K 936 45.16 -88.69 -0.67
C LEU K 936 46.44 -89.35 -0.18
N SER K 937 47.34 -88.59 0.45
CA SER K 937 48.53 -89.19 1.05
C SER K 937 48.13 -90.12 2.19
N ALA K 938 47.20 -89.69 3.03
CA ALA K 938 46.67 -90.55 4.08
C ALA K 938 45.97 -91.77 3.48
N LYS K 939 45.27 -91.59 2.36
CA LYS K 939 44.56 -92.69 1.70
C LYS K 939 45.52 -93.78 1.23
N ASN K 940 46.48 -93.41 0.38
CA ASN K 940 47.35 -94.44 -0.18
C ASN K 940 48.44 -94.88 0.80
N ALA K 941 48.51 -94.27 1.99
CA ALA K 941 49.34 -94.86 3.04
C ALA K 941 48.55 -95.88 3.87
N ILE K 942 47.32 -95.53 4.26
CA ILE K 942 46.59 -96.44 5.14
C ILE K 942 46.11 -97.67 4.38
N LEU K 943 45.98 -97.57 3.04
CA LEU K 943 45.48 -98.70 2.25
C LEU K 943 46.46 -99.87 2.26
N ILE K 944 47.73 -99.63 2.59
CA ILE K 944 48.67 -100.72 2.75
C ILE K 944 49.06 -100.91 4.21
N VAL K 945 48.92 -99.87 5.03
CA VAL K 945 49.32 -100.09 6.43
C VAL K 945 48.26 -100.87 7.18
N GLU K 946 47.01 -100.89 6.70
CA GLU K 946 46.01 -101.73 7.33
C GLU K 946 46.25 -103.20 6.99
N PHE K 947 46.74 -103.47 5.78
CA PHE K 947 47.07 -104.84 5.41
C PHE K 947 48.30 -105.31 6.16
N ALA K 948 49.27 -104.42 6.38
CA ALA K 948 50.42 -104.74 7.22
C ALA K 948 49.99 -105.01 8.67
N LYS K 949 49.02 -104.24 9.16
CA LYS K 949 48.55 -104.42 10.53
C LYS K 949 47.83 -105.76 10.71
N GLU K 950 46.92 -106.10 9.79
CA GLU K 950 46.20 -107.37 9.93
C GLU K 950 47.11 -108.56 9.64
N LEU K 951 48.12 -108.38 8.77
CA LEU K 951 49.04 -109.47 8.49
C LEU K 951 49.99 -109.69 9.64
N HIS K 952 50.31 -108.64 10.40
CA HIS K 952 51.12 -108.83 11.61
C HIS K 952 50.28 -109.44 12.73
N GLU K 953 49.06 -108.95 12.90
CA GLU K 953 48.23 -109.38 14.02
C GLU K 953 47.42 -110.64 13.73
N GLN K 954 47.63 -111.27 12.58
CA GLN K 954 47.10 -112.61 12.37
C GLN K 954 48.10 -113.69 12.80
N GLY K 955 49.26 -113.30 13.32
CA GLY K 955 50.23 -114.27 13.79
C GLY K 955 51.58 -114.23 13.08
N LYS K 956 51.99 -113.05 12.63
CA LYS K 956 53.29 -112.87 12.00
C LYS K 956 54.06 -111.77 12.73
N GLY K 957 55.30 -111.57 12.30
CA GLY K 957 56.08 -110.44 12.80
C GLY K 957 55.81 -109.19 12.01
N ILE K 958 56.37 -108.08 12.50
CA ILE K 958 56.06 -106.78 11.90
C ILE K 958 56.82 -106.57 10.60
N VAL K 959 57.98 -107.20 10.46
CA VAL K 959 58.86 -106.85 9.34
C VAL K 959 58.49 -107.65 8.09
N GLU K 960 58.04 -108.89 8.25
CA GLU K 960 57.66 -109.67 7.08
C GLU K 960 56.24 -109.34 6.64
N ALA K 961 55.39 -108.90 7.56
CA ALA K 961 54.02 -108.55 7.21
C ALA K 961 53.98 -107.30 6.35
N ALA K 962 54.87 -106.35 6.60
CA ALA K 962 54.94 -105.14 5.78
C ALA K 962 55.40 -105.46 4.37
N ILE K 963 56.36 -106.37 4.24
CA ILE K 963 56.85 -106.79 2.93
C ILE K 963 55.75 -107.52 2.16
N GLU K 964 55.04 -108.43 2.83
CA GLU K 964 53.98 -109.16 2.15
C GLU K 964 52.81 -108.24 1.80
N ALA K 965 52.52 -107.25 2.65
CA ALA K 965 51.42 -106.34 2.39
C ALA K 965 51.73 -105.41 1.23
N CYS K 966 52.95 -104.87 1.18
CA CYS K 966 53.30 -103.98 0.09
C CYS K 966 53.45 -104.74 -1.22
N ARG K 967 53.92 -105.99 -1.15
CA ARG K 967 53.96 -106.84 -2.34
C ARG K 967 52.55 -107.16 -2.85
N MET K 968 51.61 -107.42 -1.95
CA MET K 968 50.25 -107.71 -2.39
C MET K 968 49.48 -106.47 -2.78
N ARG K 969 49.91 -105.28 -2.36
CA ARG K 969 49.12 -104.07 -2.53
C ARG K 969 49.79 -102.99 -3.36
N LEU K 970 50.92 -103.27 -4.02
CA LEU K 970 51.55 -102.27 -4.87
C LEU K 970 50.69 -101.94 -6.09
N ARG K 971 49.98 -102.94 -6.62
CA ARG K 971 49.17 -102.73 -7.82
C ARG K 971 47.96 -101.81 -7.62
N PRO K 972 47.13 -101.93 -6.56
CA PRO K 972 46.03 -100.96 -6.44
C PRO K 972 46.49 -99.55 -6.09
N ILE K 973 47.66 -99.41 -5.46
CA ILE K 973 48.20 -98.08 -5.15
C ILE K 973 48.52 -97.33 -6.44
N VAL K 974 49.28 -97.96 -7.34
CA VAL K 974 49.63 -97.32 -8.60
C VAL K 974 48.40 -97.22 -9.50
N MET K 975 47.41 -98.10 -9.30
CA MET K 975 46.15 -98.00 -10.04
C MET K 975 45.39 -96.74 -9.67
N THR K 976 45.17 -96.52 -8.37
CA THR K 976 44.51 -95.30 -7.89
C THR K 976 45.30 -94.05 -8.25
N SER K 977 46.63 -94.14 -8.20
CA SER K 977 47.46 -92.98 -8.48
C SER K 977 47.37 -92.57 -9.94
N LEU K 978 47.53 -93.52 -10.86
CA LEU K 978 47.47 -93.16 -12.27
C LEU K 978 46.05 -92.80 -12.69
N ALA K 979 45.03 -93.39 -12.05
CA ALA K 979 43.65 -92.99 -12.30
C ALA K 979 43.42 -91.54 -11.87
N PHE K 980 43.92 -91.16 -10.70
CA PHE K 980 43.78 -89.80 -10.22
C PHE K 980 44.54 -88.81 -11.10
N ILE K 981 45.75 -89.18 -11.51
CA ILE K 981 46.58 -88.24 -12.26
C ILE K 981 46.03 -88.05 -13.68
N LEU K 982 45.42 -89.08 -14.26
CA LEU K 982 44.76 -88.86 -15.54
C LEU K 982 43.39 -88.23 -15.38
N GLY K 983 42.82 -88.28 -14.17
CA GLY K 983 41.61 -87.54 -13.91
C GLY K 983 41.81 -86.05 -13.74
N VAL K 984 42.94 -85.64 -13.19
CA VAL K 984 43.17 -84.21 -12.92
C VAL K 984 44.25 -83.58 -13.79
N VAL K 985 44.82 -84.30 -14.76
CA VAL K 985 45.60 -83.67 -15.82
C VAL K 985 44.80 -82.76 -16.78
N PRO K 986 43.50 -82.99 -17.13
CA PRO K 986 42.91 -82.07 -18.13
C PRO K 986 42.60 -80.69 -17.60
N LEU K 987 42.67 -80.50 -16.28
CA LEU K 987 42.56 -79.16 -15.73
C LEU K 987 43.87 -78.41 -15.91
N ALA K 988 44.99 -79.12 -15.76
CA ALA K 988 46.28 -78.47 -15.91
C ALA K 988 46.60 -78.19 -17.37
N ILE K 989 46.11 -79.01 -18.29
CA ILE K 989 46.47 -78.80 -19.69
C ILE K 989 45.51 -77.86 -20.42
N SER K 990 44.37 -77.52 -19.83
CA SER K 990 43.36 -76.75 -20.56
C SER K 990 43.64 -75.26 -20.53
N THR K 991 43.32 -74.59 -21.62
CA THR K 991 43.35 -73.15 -21.70
C THR K 991 42.03 -72.66 -22.29
N GLY K 992 41.66 -71.43 -21.93
CA GLY K 992 40.40 -70.87 -22.39
C GLY K 992 39.68 -70.09 -21.31
N ALA K 993 38.35 -70.17 -21.30
CA ALA K 993 37.56 -69.40 -20.35
C ALA K 993 37.66 -70.01 -18.96
N GLY K 994 38.03 -69.18 -17.98
CA GLY K 994 38.16 -69.63 -16.62
C GLY K 994 39.32 -70.57 -16.38
N SER K 995 40.31 -70.57 -17.26
CA SER K 995 41.40 -71.54 -17.17
C SER K 995 42.43 -71.19 -16.11
N GLY K 996 42.41 -69.96 -15.60
CA GLY K 996 43.37 -69.59 -14.57
C GLY K 996 43.10 -70.29 -13.26
N SER K 997 41.82 -70.43 -12.89
CA SER K 997 41.46 -71.17 -11.68
C SER K 997 41.76 -72.66 -11.84
N GLN K 998 41.55 -73.20 -13.04
CA GLN K 998 41.88 -74.60 -13.30
C GLN K 998 43.38 -74.84 -13.22
N HIS K 999 44.17 -73.90 -13.75
CA HIS K 999 45.62 -74.02 -13.65
C HIS K 999 46.08 -73.88 -12.20
N ALA K 1000 45.38 -73.04 -11.42
CA ALA K 1000 45.75 -72.90 -10.02
C ALA K 1000 45.40 -74.13 -9.19
N ILE K 1001 44.33 -74.84 -9.57
CA ILE K 1001 43.90 -75.98 -8.77
C ILE K 1001 44.53 -77.28 -9.25
N GLY K 1002 45.09 -77.33 -10.47
CA GLY K 1002 45.60 -78.58 -10.97
C GLY K 1002 47.03 -78.92 -10.65
N THR K 1003 47.93 -77.94 -10.77
CA THR K 1003 49.36 -78.20 -10.63
C THR K 1003 49.73 -78.62 -9.22
N GLY K 1004 49.05 -78.05 -8.23
CA GLY K 1004 49.32 -78.40 -6.84
C GLY K 1004 48.95 -79.84 -6.53
N VAL K 1005 47.80 -80.29 -7.04
CA VAL K 1005 47.36 -81.64 -6.71
C VAL K 1005 48.14 -82.68 -7.51
N ILE K 1006 48.56 -82.34 -8.74
CA ILE K 1006 49.37 -83.31 -9.48
C ILE K 1006 50.76 -83.44 -8.85
N GLY K 1007 51.34 -82.31 -8.40
CA GLY K 1007 52.64 -82.37 -7.79
C GLY K 1007 52.62 -82.98 -6.41
N GLY K 1008 51.51 -82.83 -5.69
CA GLY K 1008 51.37 -83.51 -4.42
C GLY K 1008 51.18 -85.00 -4.59
N MET K 1009 50.39 -85.40 -5.58
CA MET K 1009 50.01 -86.80 -5.69
C MET K 1009 51.17 -87.65 -6.19
N VAL K 1010 51.96 -87.14 -7.16
CA VAL K 1010 53.03 -87.97 -7.73
C VAL K 1010 54.12 -88.24 -6.70
N THR K 1011 54.33 -87.31 -5.76
CA THR K 1011 55.34 -87.54 -4.74
C THR K 1011 54.75 -88.23 -3.51
N ALA K 1012 53.42 -88.22 -3.37
CA ALA K 1012 52.83 -89.08 -2.35
C ALA K 1012 52.81 -90.53 -2.81
N THR K 1013 52.83 -90.75 -4.12
CA THR K 1013 52.83 -92.10 -4.65
C THR K 1013 54.22 -92.68 -4.82
N VAL K 1014 55.10 -91.97 -5.53
CA VAL K 1014 56.37 -92.58 -5.96
C VAL K 1014 57.37 -92.69 -4.81
N LEU K 1015 57.11 -92.03 -3.69
CA LEU K 1015 58.10 -91.96 -2.62
C LEU K 1015 57.65 -92.68 -1.35
N ALA K 1016 56.41 -92.44 -0.92
CA ALA K 1016 55.94 -92.91 0.39
C ALA K 1016 55.74 -94.42 0.45
N ILE K 1017 55.72 -95.12 -0.68
CA ILE K 1017 55.54 -96.57 -0.68
C ILE K 1017 56.75 -97.27 -0.07
N PHE K 1018 57.92 -96.64 -0.14
CA PHE K 1018 59.07 -97.14 0.60
C PHE K 1018 58.97 -96.77 2.08
N TRP K 1019 58.20 -95.75 2.40
CA TRP K 1019 58.43 -95.04 3.65
C TRP K 1019 57.45 -95.40 4.74
N VAL K 1020 56.17 -95.57 4.41
CA VAL K 1020 55.21 -96.02 5.43
C VAL K 1020 55.45 -97.44 5.95
N PRO K 1021 56.16 -98.36 5.24
CA PRO K 1021 56.67 -99.52 6.00
C PRO K 1021 57.72 -99.16 7.01
N LEU K 1022 58.64 -98.23 6.69
CA LEU K 1022 59.69 -97.86 7.64
C LEU K 1022 59.10 -97.16 8.86
N PHE K 1023 58.02 -96.40 8.66
CA PHE K 1023 57.36 -95.78 9.81
C PHE K 1023 56.47 -96.76 10.53
N TYR K 1024 56.06 -97.85 9.87
CA TYR K 1024 55.25 -98.85 10.57
C TYR K 1024 56.12 -99.79 11.41
N VAL K 1025 57.34 -100.10 10.96
CA VAL K 1025 58.16 -101.08 11.65
C VAL K 1025 59.03 -100.45 12.73
N ALA K 1026 58.71 -99.21 13.10
CA ALA K 1026 59.28 -98.59 14.29
C ALA K 1026 58.95 -99.43 15.52
N VAL K 1027 59.97 -100.05 16.11
CA VAL K 1027 59.78 -101.08 17.11
C VAL K 1027 59.37 -100.51 18.46
N SER K 1028 59.41 -99.19 18.62
CA SER K 1028 58.84 -98.57 19.81
C SER K 1028 57.32 -98.68 19.83
N THR K 1029 56.71 -98.86 18.65
CA THR K 1029 55.30 -99.21 18.53
C THR K 1029 55.14 -100.72 18.75
N LEU K 1030 55.26 -101.12 20.00
CA LEU K 1030 55.20 -102.54 20.34
C LEU K 1030 53.93 -102.87 21.12
N MET L 1 18.90 -105.37 16.12
CA MET L 1 18.37 -105.97 17.34
C MET L 1 16.84 -105.88 17.39
N SER L 2 16.20 -106.38 16.34
CA SER L 2 14.75 -106.37 16.25
C SER L 2 14.18 -107.63 16.91
N LYS L 3 12.88 -107.85 16.69
CA LYS L 3 12.11 -109.03 17.09
C LYS L 3 12.05 -109.24 18.60
N PHE L 4 12.26 -108.19 19.39
CA PHE L 4 12.18 -108.27 20.84
C PHE L 4 10.87 -107.70 21.37
N PHE L 5 9.91 -107.43 20.50
CA PHE L 5 8.64 -106.85 20.87
C PHE L 5 7.59 -107.90 21.22
N ILE L 6 7.81 -109.16 20.82
CA ILE L 6 6.81 -110.21 21.06
C ILE L 6 6.77 -110.58 22.53
N ASP L 7 7.94 -110.73 23.16
CA ASP L 7 8.02 -111.00 24.59
C ASP L 7 7.78 -109.77 25.44
N ARG L 8 7.70 -108.59 24.83
CA ARG L 8 7.48 -107.33 25.54
C ARG L 8 6.25 -106.66 24.95
N PRO L 9 5.05 -107.15 25.29
CA PRO L 9 3.85 -106.64 24.60
C PRO L 9 3.43 -105.24 25.06
N ILE L 10 3.45 -104.97 26.36
CA ILE L 10 3.01 -103.67 26.81
C ILE L 10 4.10 -102.62 26.61
N PHE L 11 5.33 -103.05 26.35
CA PHE L 11 6.36 -102.11 25.90
C PHE L 11 6.06 -101.55 24.51
N ALA L 12 5.27 -102.26 23.71
CA ALA L 12 4.78 -101.70 22.45
C ALA L 12 3.42 -101.01 22.62
N TRP L 13 2.61 -101.52 23.54
CA TRP L 13 1.35 -100.85 23.88
C TRP L 13 1.59 -99.44 24.40
N VAL L 14 2.70 -99.24 25.13
CA VAL L 14 2.98 -97.93 25.69
C VAL L 14 3.48 -96.96 24.61
N ILE L 15 4.13 -97.47 23.56
CA ILE L 15 4.55 -96.54 22.52
C ILE L 15 3.37 -96.21 21.61
N ALA L 16 2.41 -97.13 21.50
CA ALA L 16 1.14 -96.80 20.87
C ALA L 16 0.42 -95.69 21.65
N LEU L 17 0.43 -95.80 22.99
CA LEU L 17 -0.20 -94.75 23.80
C LEU L 17 0.56 -93.43 23.75
N VAL L 18 1.89 -93.45 23.61
CA VAL L 18 2.60 -92.18 23.58
C VAL L 18 2.41 -91.49 22.22
N ILE L 19 2.24 -92.28 21.14
CA ILE L 19 1.84 -91.73 19.86
C ILE L 19 0.44 -91.14 19.96
N MET L 20 -0.43 -91.81 20.74
CA MET L 20 -1.81 -91.35 20.92
C MET L 20 -1.85 -90.00 21.63
N LEU L 21 -1.14 -89.84 22.75
CA LEU L 21 -1.25 -88.57 23.46
C LEU L 21 -0.42 -87.48 22.79
N ALA L 22 0.60 -87.86 22.02
CA ALA L 22 1.30 -86.86 21.19
C ALA L 22 0.36 -86.27 20.16
N GLY L 23 -0.43 -87.13 19.50
CA GLY L 23 -1.45 -86.63 18.61
C GLY L 23 -2.54 -85.85 19.32
N GLY L 24 -2.90 -86.29 20.53
CA GLY L 24 -3.96 -85.64 21.28
C GLY L 24 -3.59 -84.26 21.80
N LEU L 25 -2.30 -84.00 22.00
CA LEU L 25 -1.90 -82.63 22.30
C LEU L 25 -1.64 -81.83 21.03
N SER L 26 -1.18 -82.48 19.95
CA SER L 26 -0.91 -81.77 18.72
C SER L 26 -2.20 -81.29 18.06
N ILE L 27 -3.32 -81.97 18.28
CA ILE L 27 -4.59 -81.50 17.73
C ILE L 27 -5.10 -80.31 18.54
N LEU L 28 -4.69 -80.19 19.80
CA LEU L 28 -5.10 -79.04 20.59
C LEU L 28 -4.15 -77.88 20.42
N SER L 29 -2.97 -78.10 19.81
CA SER L 29 -2.00 -77.03 19.64
C SER L 29 -1.67 -76.71 18.18
N LEU L 30 -2.67 -76.55 17.33
CA LEU L 30 -2.44 -76.11 15.96
C LEU L 30 -3.66 -75.33 15.48
N PRO L 31 -3.48 -74.41 14.52
CA PRO L 31 -4.61 -73.65 14.00
C PRO L 31 -5.33 -74.39 12.87
N VAL L 32 -6.57 -73.97 12.64
CA VAL L 32 -7.49 -74.62 11.70
C VAL L 32 -7.87 -73.61 10.63
N ASN L 33 -7.82 -74.03 9.36
CA ASN L 33 -8.37 -73.25 8.25
C ASN L 33 -8.84 -74.22 7.19
N GLN L 34 -9.85 -73.83 6.42
CA GLN L 34 -10.46 -74.77 5.47
C GLN L 34 -9.59 -74.98 4.23
N TYR L 35 -8.64 -74.09 3.97
CA TYR L 35 -7.78 -74.18 2.81
C TYR L 35 -6.43 -73.57 3.14
N PRO L 36 -5.34 -74.05 2.54
CA PRO L 36 -4.04 -73.41 2.74
C PRO L 36 -3.90 -72.12 1.94
N ALA L 37 -2.70 -71.55 1.96
CA ALA L 37 -2.43 -70.31 1.24
C ALA L 37 -2.10 -70.62 -0.21
N ILE L 38 -3.01 -70.25 -1.12
CA ILE L 38 -2.78 -70.44 -2.55
C ILE L 38 -2.53 -69.08 -3.17
N ALA L 39 -3.29 -68.08 -2.74
CA ALA L 39 -3.16 -66.74 -3.31
C ALA L 39 -1.87 -66.09 -2.84
N PRO L 40 -1.16 -65.38 -3.71
CA PRO L 40 0.07 -64.72 -3.29
C PRO L 40 -0.24 -63.51 -2.44
N PRO L 41 0.72 -63.03 -1.64
CA PRO L 41 0.47 -61.80 -0.87
C PRO L 41 0.37 -60.58 -1.77
N ALA L 42 -0.36 -59.59 -1.27
CA ALA L 42 -0.65 -58.39 -2.05
C ALA L 42 -0.74 -57.22 -1.08
N ILE L 43 0.16 -56.25 -1.24
CA ILE L 43 0.11 -55.05 -0.42
C ILE L 43 -0.75 -54.00 -1.10
N ALA L 44 -1.67 -53.41 -0.34
CA ALA L 44 -2.62 -52.46 -0.91
C ALA L 44 -2.38 -51.09 -0.29
N VAL L 45 -2.20 -50.09 -1.12
CA VAL L 45 -2.01 -48.72 -0.68
C VAL L 45 -3.18 -47.89 -1.18
N GLN L 46 -3.86 -47.22 -0.26
CA GLN L 46 -5.04 -46.49 -0.68
C GLN L 46 -5.14 -45.16 0.08
N VAL L 47 -5.74 -44.17 -0.59
CA VAL L 47 -5.94 -42.86 0.03
C VAL L 47 -7.09 -42.15 -0.69
N SER L 48 -7.64 -41.12 -0.07
CA SER L 48 -8.76 -40.37 -0.62
C SER L 48 -8.40 -38.89 -0.75
N TYR L 49 -8.41 -38.40 -1.98
CA TYR L 49 -8.29 -36.99 -2.30
C TYR L 49 -9.68 -36.43 -2.46
N PRO L 50 -10.18 -35.59 -1.54
CA PRO L 50 -11.61 -35.23 -1.56
C PRO L 50 -11.94 -34.25 -2.68
N GLY L 51 -12.87 -34.65 -3.53
CA GLY L 51 -13.39 -33.81 -4.58
C GLY L 51 -12.67 -33.89 -5.91
N ALA L 52 -11.69 -34.77 -6.05
CA ALA L 52 -10.92 -34.82 -7.29
C ALA L 52 -11.69 -35.56 -8.37
N SER L 53 -11.26 -35.38 -9.61
CA SER L 53 -11.69 -36.24 -10.70
C SER L 53 -10.80 -37.47 -10.75
N ALA L 54 -11.20 -38.44 -11.57
CA ALA L 54 -10.37 -39.63 -11.74
C ALA L 54 -9.11 -39.31 -12.52
N GLU L 55 -9.21 -38.44 -13.52
CA GLU L 55 -8.06 -38.02 -14.31
C GLU L 55 -7.09 -37.21 -13.46
N THR L 56 -7.63 -36.34 -12.62
CA THR L 56 -6.79 -35.49 -11.76
C THR L 56 -6.04 -36.33 -10.74
N VAL L 57 -6.73 -37.24 -10.07
CA VAL L 57 -6.09 -38.04 -9.03
C VAL L 57 -5.13 -39.05 -9.66
N GLN L 58 -5.44 -39.51 -10.88
CA GLN L 58 -4.53 -40.42 -11.58
C GLN L 58 -3.25 -39.71 -11.98
N ASP L 59 -3.35 -38.49 -12.48
CA ASP L 59 -2.16 -37.78 -12.89
C ASP L 59 -1.47 -37.05 -11.74
N THR L 60 -2.04 -37.06 -10.52
CA THR L 60 -1.32 -36.40 -9.44
C THR L 60 -0.84 -37.32 -8.33
N VAL L 61 -1.39 -38.54 -8.15
CA VAL L 61 -0.80 -39.38 -7.10
C VAL L 61 -0.34 -40.74 -7.62
N VAL L 62 -1.13 -41.41 -8.47
CA VAL L 62 -0.82 -42.80 -8.73
C VAL L 62 0.35 -42.93 -9.69
N GLN L 63 0.56 -41.92 -10.54
CA GLN L 63 1.69 -41.97 -11.46
C GLN L 63 2.99 -41.67 -10.71
N VAL L 64 2.97 -40.66 -9.85
CA VAL L 64 4.17 -40.31 -9.09
C VAL L 64 4.45 -41.34 -8.00
N ILE L 65 3.46 -42.15 -7.62
CA ILE L 65 3.74 -43.24 -6.69
C ILE L 65 4.30 -44.45 -7.43
N GLU L 66 3.66 -44.87 -8.52
CA GLU L 66 4.09 -46.06 -9.23
C GLU L 66 5.36 -45.83 -10.05
N GLN L 67 5.79 -44.58 -10.22
CA GLN L 67 7.09 -44.37 -10.84
C GLN L 67 8.22 -44.70 -9.88
N GLN L 68 7.98 -44.65 -8.57
CA GLN L 68 8.98 -45.04 -7.59
C GLN L 68 8.89 -46.51 -7.20
N MET L 69 7.80 -47.19 -7.55
CA MET L 69 7.64 -48.61 -7.23
C MET L 69 8.50 -49.43 -8.17
N ASN L 70 9.78 -49.56 -7.82
CA ASN L 70 10.73 -50.33 -8.60
C ASN L 70 11.86 -50.78 -7.69
N GLY L 71 12.36 -51.99 -7.92
CA GLY L 71 13.38 -52.56 -7.07
C GLY L 71 12.85 -53.38 -5.93
N ILE L 72 11.60 -53.80 -5.97
CA ILE L 72 11.00 -54.59 -4.90
C ILE L 72 11.34 -56.05 -5.12
N ASP L 73 11.59 -56.76 -4.02
CA ASP L 73 11.89 -58.18 -4.09
C ASP L 73 10.65 -59.00 -4.44
N ASN L 74 10.83 -59.96 -5.36
CA ASN L 74 9.81 -60.94 -5.76
C ASN L 74 8.53 -60.29 -6.28
N LEU L 75 8.67 -59.18 -6.99
CA LEU L 75 7.50 -58.48 -7.50
C LEU L 75 6.89 -59.24 -8.67
N ARG L 76 5.63 -59.60 -8.54
CA ARG L 76 4.91 -60.24 -9.64
C ARG L 76 4.25 -59.20 -10.54
N TYR L 77 3.30 -58.43 -10.03
CA TYR L 77 2.76 -57.31 -10.81
C TYR L 77 2.10 -56.31 -9.88
N ILE L 78 2.04 -55.06 -10.35
CA ILE L 78 1.31 -54.01 -9.66
C ILE L 78 0.08 -53.65 -10.49
N SER L 79 -0.89 -53.02 -9.83
CA SER L 79 -2.08 -52.53 -10.50
C SER L 79 -2.56 -51.29 -9.77
N SER L 80 -3.22 -50.39 -10.50
CA SER L 80 -3.67 -49.14 -9.90
C SER L 80 -5.05 -48.80 -10.40
N GLU L 81 -5.87 -48.24 -9.51
CA GLU L 81 -7.26 -47.93 -9.78
C GLU L 81 -7.61 -46.64 -9.08
N SER L 82 -8.26 -45.73 -9.82
CA SER L 82 -8.59 -44.40 -9.33
C SER L 82 -10.02 -44.08 -9.70
N ASN L 83 -10.79 -43.58 -8.74
CA ASN L 83 -12.22 -43.42 -8.91
C ASN L 83 -12.62 -41.97 -9.10
N SER L 84 -13.91 -41.75 -9.34
CA SER L 84 -14.40 -40.41 -9.60
C SER L 84 -14.67 -39.64 -8.32
N ASP L 85 -15.00 -40.34 -7.24
CA ASP L 85 -15.24 -39.64 -5.98
C ASP L 85 -13.95 -39.25 -5.28
N GLY L 86 -12.80 -39.63 -5.82
CA GLY L 86 -11.54 -39.18 -5.27
C GLY L 86 -10.90 -40.20 -4.37
N SER L 87 -10.83 -41.46 -4.81
CA SER L 87 -10.14 -42.49 -4.06
C SER L 87 -9.20 -43.24 -4.98
N MET L 88 -7.99 -43.50 -4.50
CA MET L 88 -7.06 -44.32 -5.25
C MET L 88 -6.67 -45.52 -4.43
N THR L 89 -6.43 -46.62 -5.11
CA THR L 89 -5.80 -47.80 -4.55
C THR L 89 -4.81 -48.36 -5.55
N ILE L 90 -3.71 -48.88 -5.03
CA ILE L 90 -2.77 -49.66 -5.83
C ILE L 90 -2.57 -50.98 -5.10
N THR L 91 -2.41 -52.06 -5.86
CA THR L 91 -2.21 -53.39 -5.32
C THR L 91 -0.93 -53.95 -5.91
N VAL L 92 0.02 -54.26 -5.05
CA VAL L 92 1.30 -54.82 -5.43
C VAL L 92 1.24 -56.30 -5.06
N THR L 93 1.00 -57.16 -6.03
CA THR L 93 0.95 -58.60 -5.77
C THR L 93 2.32 -59.20 -6.04
N PHE L 94 2.74 -60.07 -5.13
CA PHE L 94 4.09 -60.58 -5.07
C PHE L 94 4.16 -62.01 -5.60
N GLU L 95 5.34 -62.59 -5.52
CA GLU L 95 5.52 -63.99 -5.85
C GLU L 95 4.96 -64.86 -4.74
N GLN L 96 4.83 -66.15 -5.03
CA GLN L 96 4.28 -67.09 -4.08
C GLN L 96 5.31 -67.47 -3.03
N GLY L 97 4.88 -67.52 -1.77
CA GLY L 97 5.69 -68.03 -0.70
C GLY L 97 6.50 -67.00 0.06
N THR L 98 6.55 -65.76 -0.40
CA THR L 98 7.32 -64.75 0.31
C THR L 98 6.57 -64.25 1.55
N ASP L 99 7.35 -63.76 2.51
CA ASP L 99 6.77 -63.25 3.75
C ASP L 99 6.27 -61.83 3.55
N PRO L 100 5.10 -61.49 4.10
CA PRO L 100 4.48 -60.20 3.75
C PRO L 100 5.08 -59.02 4.48
N ASP L 101 5.79 -59.24 5.58
CA ASP L 101 6.23 -58.13 6.42
C ASP L 101 7.36 -57.34 5.76
N ILE L 102 8.38 -58.05 5.26
CA ILE L 102 9.47 -57.36 4.59
C ILE L 102 9.01 -56.83 3.24
N ALA L 103 8.00 -57.47 2.65
CA ALA L 103 7.38 -56.95 1.44
C ALA L 103 6.73 -55.60 1.70
N GLN L 104 5.98 -55.49 2.79
CA GLN L 104 5.28 -54.22 3.04
C GLN L 104 6.25 -53.14 3.53
N VAL L 105 7.34 -53.51 4.20
CA VAL L 105 8.28 -52.45 4.58
C VAL L 105 9.11 -52.01 3.37
N GLN L 106 9.30 -52.90 2.39
CA GLN L 106 9.93 -52.46 1.14
C GLN L 106 9.00 -51.54 0.36
N VAL L 107 7.71 -51.86 0.34
CA VAL L 107 6.73 -51.03 -0.35
C VAL L 107 6.63 -49.66 0.31
N GLN L 108 6.63 -49.62 1.65
CA GLN L 108 6.57 -48.34 2.35
C GLN L 108 7.87 -47.56 2.21
N ASN L 109 9.01 -48.26 2.13
CA ASN L 109 10.28 -47.58 1.94
C ASN L 109 10.36 -46.93 0.57
N LYS L 110 9.79 -47.56 -0.45
CA LYS L 110 9.76 -46.91 -1.76
C LYS L 110 8.64 -45.88 -1.84
N LEU L 111 7.64 -45.99 -0.97
CA LEU L 111 6.58 -44.98 -0.94
C LEU L 111 7.04 -43.70 -0.27
N GLN L 112 7.99 -43.80 0.66
CA GLN L 112 8.48 -42.62 1.35
C GLN L 112 9.26 -41.68 0.44
N LEU L 113 9.74 -42.16 -0.70
CA LEU L 113 10.38 -41.27 -1.66
C LEU L 113 9.35 -40.43 -2.40
N ALA L 114 8.17 -40.99 -2.66
CA ALA L 114 7.14 -40.28 -3.39
C ALA L 114 6.24 -39.46 -2.48
N THR L 115 6.29 -39.73 -1.18
CA THR L 115 5.44 -39.01 -0.24
C THR L 115 5.67 -37.48 -0.18
N PRO L 116 6.87 -36.92 -0.38
CA PRO L 116 6.93 -35.45 -0.48
C PRO L 116 6.47 -34.89 -1.81
N LEU L 117 6.51 -35.68 -2.89
CA LEU L 117 6.11 -35.18 -4.20
C LEU L 117 4.60 -35.09 -4.34
N LEU L 118 3.84 -35.64 -3.41
CA LEU L 118 2.40 -35.53 -3.44
C LEU L 118 1.96 -34.11 -3.11
N PRO L 119 0.74 -33.73 -3.47
CA PRO L 119 0.19 -32.45 -2.99
C PRO L 119 0.01 -32.46 -1.47
N GLN L 120 -0.13 -31.26 -0.92
CA GLN L 120 -0.18 -31.10 0.53
C GLN L 120 -1.48 -31.66 1.11
N GLU L 121 -2.59 -31.48 0.39
CA GLU L 121 -3.88 -31.86 0.93
C GLU L 121 -4.10 -33.36 0.88
N VAL L 122 -3.28 -34.11 0.16
CA VAL L 122 -3.37 -35.56 0.25
C VAL L 122 -2.37 -36.10 1.26
N GLN L 123 -1.29 -35.36 1.55
CA GLN L 123 -0.42 -35.73 2.65
C GLN L 123 -1.12 -35.52 3.97
N ARG L 124 -1.98 -34.49 4.06
CA ARG L 124 -2.74 -34.27 5.28
C ARG L 124 -3.94 -35.19 5.41
N GLN L 125 -4.20 -36.02 4.39
CA GLN L 125 -5.32 -36.96 4.50
C GLN L 125 -4.88 -38.23 5.20
N GLY L 126 -3.71 -38.77 4.87
CA GLY L 126 -3.23 -39.97 5.50
C GLY L 126 -3.33 -41.20 4.62
N ILE L 127 -2.18 -41.67 4.13
CA ILE L 127 -2.14 -42.87 3.31
C ILE L 127 -2.45 -44.08 4.19
N ARG L 128 -2.89 -45.18 3.56
CA ARG L 128 -3.06 -46.43 4.27
C ARG L 128 -2.39 -47.55 3.50
N VAL L 129 -1.40 -48.19 4.12
CA VAL L 129 -0.69 -49.33 3.55
C VAL L 129 -1.05 -50.57 4.35
N THR L 130 -1.75 -51.52 3.72
CA THR L 130 -2.23 -52.69 4.41
C THR L 130 -1.78 -53.94 3.69
N LYS L 131 -1.84 -55.06 4.41
CA LYS L 131 -1.49 -56.38 3.90
C LYS L 131 -2.68 -57.33 3.97
N ALA L 132 -3.87 -56.86 3.61
CA ALA L 132 -5.05 -57.70 3.64
C ALA L 132 -5.00 -58.72 2.50
N VAL L 133 -5.85 -59.74 2.60
CA VAL L 133 -5.71 -60.84 1.66
C VAL L 133 -6.34 -60.53 0.29
N LYS L 134 -7.68 -60.52 0.19
CA LYS L 134 -8.30 -60.02 -1.03
C LYS L 134 -9.63 -59.33 -0.71
N ASN L 135 -10.28 -59.74 0.37
CA ASN L 135 -11.71 -59.54 0.48
C ASN L 135 -12.13 -59.62 1.95
N PHE L 136 -13.44 -59.49 2.15
CA PHE L 136 -14.00 -59.37 3.48
C PHE L 136 -14.14 -60.73 4.15
N LEU L 137 -14.05 -60.72 5.48
CA LEU L 137 -14.32 -61.88 6.30
C LEU L 137 -15.62 -61.74 7.08
N MET L 138 -15.90 -60.56 7.63
CA MET L 138 -17.11 -60.31 8.39
C MET L 138 -17.52 -58.87 8.16
N VAL L 139 -18.78 -58.57 8.45
CA VAL L 139 -19.21 -57.19 8.67
C VAL L 139 -19.91 -57.12 10.03
N VAL L 140 -19.74 -55.98 10.70
CA VAL L 140 -20.15 -55.80 12.08
C VAL L 140 -20.88 -54.47 12.19
N GLY L 141 -22.01 -54.46 12.88
CA GLY L 141 -22.63 -53.21 13.28
C GLY L 141 -23.97 -53.00 12.60
N VAL L 142 -24.94 -52.48 13.33
CA VAL L 142 -26.31 -52.41 12.84
C VAL L 142 -27.09 -51.41 13.69
N VAL L 143 -28.21 -50.93 13.15
CA VAL L 143 -29.12 -50.05 13.86
C VAL L 143 -29.89 -50.84 14.91
N SER L 144 -30.41 -50.14 15.91
CA SER L 144 -31.62 -50.53 16.60
C SER L 144 -32.72 -49.61 16.11
N THR L 145 -33.82 -50.19 15.61
CA THR L 145 -34.89 -49.39 15.02
C THR L 145 -35.92 -48.97 16.07
N ASP L 146 -35.49 -48.84 17.34
CA ASP L 146 -36.32 -48.20 18.35
C ASP L 146 -36.50 -46.71 18.07
N GLY L 147 -35.59 -46.10 17.32
CA GLY L 147 -35.73 -44.74 16.87
C GLY L 147 -34.56 -43.88 17.32
N SER L 148 -34.69 -42.59 17.01
CA SER L 148 -33.82 -41.50 17.46
C SER L 148 -32.37 -41.65 16.98
N MET L 149 -32.13 -42.45 15.94
CA MET L 149 -30.77 -42.62 15.42
C MET L 149 -30.82 -42.73 13.91
N THR L 150 -30.04 -41.89 13.23
CA THR L 150 -29.88 -41.96 11.78
C THR L 150 -28.77 -42.97 11.47
N LYS L 151 -28.27 -42.95 10.24
CA LYS L 151 -27.09 -43.75 9.94
C LYS L 151 -25.80 -43.00 10.24
N GLU L 152 -25.85 -41.67 10.29
CA GLU L 152 -24.65 -40.87 10.45
C GLU L 152 -24.08 -40.98 11.86
N ASP L 153 -24.96 -40.89 12.87
CA ASP L 153 -24.51 -41.07 14.24
C ASP L 153 -24.08 -42.50 14.51
N LEU L 154 -24.67 -43.46 13.79
CA LEU L 154 -24.25 -44.85 13.92
C LEU L 154 -22.84 -45.06 13.38
N SER L 155 -22.56 -44.49 12.21
CA SER L 155 -21.22 -44.56 11.65
C SER L 155 -20.21 -43.83 12.51
N ASN L 156 -20.63 -42.70 13.10
CA ASN L 156 -19.76 -41.98 14.02
C ASN L 156 -19.45 -42.81 15.27
N TYR L 157 -20.45 -43.55 15.77
CA TYR L 157 -20.22 -44.41 16.92
C TYR L 157 -19.29 -45.57 16.57
N ILE L 158 -19.47 -46.14 15.37
CA ILE L 158 -18.65 -47.26 14.93
C ILE L 158 -17.19 -46.84 14.82
N VAL L 159 -16.93 -45.69 14.19
CA VAL L 159 -15.56 -45.29 14.00
C VAL L 159 -14.97 -44.59 15.22
N SER L 160 -15.79 -44.23 16.22
CA SER L 160 -15.22 -43.59 17.40
C SER L 160 -14.94 -44.62 18.49
N ASN L 161 -15.94 -45.42 18.85
CA ASN L 161 -15.82 -46.28 20.01
C ASN L 161 -15.51 -47.73 19.67
N ILE L 162 -15.65 -48.14 18.42
CA ILE L 162 -15.63 -49.56 18.10
C ILE L 162 -14.46 -49.90 17.18
N GLN L 163 -14.06 -48.95 16.33
CA GLN L 163 -13.17 -49.24 15.21
C GLN L 163 -11.76 -49.59 15.68
N ASP L 164 -11.17 -48.73 16.52
CA ASP L 164 -9.79 -48.93 16.92
C ASP L 164 -9.47 -50.17 17.78
N PRO L 165 -10.31 -50.62 18.74
CA PRO L 165 -9.95 -51.87 19.44
C PRO L 165 -9.94 -53.10 18.54
N LEU L 166 -10.93 -53.27 17.67
CA LEU L 166 -10.87 -54.39 16.75
C LEU L 166 -9.86 -54.16 15.65
N SER L 167 -9.48 -52.91 15.39
CA SER L 167 -8.42 -52.65 14.43
C SER L 167 -7.06 -53.00 15.01
N ARG L 168 -6.93 -53.02 16.34
CA ARG L 168 -5.68 -53.48 16.95
C ARG L 168 -5.70 -54.95 17.35
N THR L 169 -6.75 -55.69 17.01
CA THR L 169 -6.78 -57.11 17.36
C THR L 169 -5.91 -57.92 16.40
N LYS L 170 -5.83 -59.22 16.69
CA LYS L 170 -5.00 -60.11 15.89
C LYS L 170 -5.65 -60.40 14.55
N GLY L 171 -4.83 -60.52 13.50
CA GLY L 171 -5.27 -60.97 12.20
C GLY L 171 -6.04 -59.96 11.37
N VAL L 172 -6.42 -58.82 11.93
CA VAL L 172 -7.19 -57.82 11.21
C VAL L 172 -6.20 -57.02 10.36
N GLY L 173 -6.21 -57.27 9.05
CA GLY L 173 -5.29 -56.57 8.18
C GLY L 173 -5.82 -55.25 7.63
N ASP L 174 -7.12 -55.14 7.44
CA ASP L 174 -7.71 -53.94 6.87
C ASP L 174 -9.17 -53.86 7.31
N PHE L 175 -9.64 -52.64 7.47
CA PHE L 175 -11.02 -52.39 7.85
C PHE L 175 -11.58 -51.36 6.87
N GLN L 176 -12.83 -51.57 6.45
CA GLN L 176 -13.47 -50.67 5.51
C GLN L 176 -14.86 -50.35 6.05
N VAL L 177 -15.09 -49.09 6.36
CA VAL L 177 -16.31 -48.70 7.06
C VAL L 177 -17.30 -48.08 6.07
N PHE L 178 -18.58 -48.20 6.36
CA PHE L 178 -19.63 -47.55 5.59
C PHE L 178 -20.16 -46.36 6.37
N GLY L 179 -19.88 -45.16 5.87
CA GLY L 179 -20.20 -43.96 6.61
C GLY L 179 -19.02 -43.49 7.43
N SER L 180 -18.81 -42.18 7.49
CA SER L 180 -17.63 -41.62 8.12
C SER L 180 -17.97 -41.12 9.52
N GLN L 181 -17.01 -40.42 10.13
CA GLN L 181 -17.18 -39.87 11.46
C GLN L 181 -17.96 -38.57 11.42
N TYR L 182 -18.00 -37.89 12.55
CA TYR L 182 -18.48 -36.53 12.58
C TYR L 182 -17.39 -35.58 12.09
N SER L 183 -17.83 -34.43 11.61
CA SER L 183 -16.95 -33.37 11.18
C SER L 183 -17.75 -32.08 11.23
N MET L 184 -17.07 -31.00 11.59
CA MET L 184 -17.73 -29.71 11.73
C MET L 184 -17.91 -29.11 10.34
N ARG L 185 -19.00 -29.50 9.68
CA ARG L 185 -19.25 -29.04 8.33
C ARG L 185 -19.72 -27.59 8.34
N ILE L 186 -19.03 -26.77 7.55
CA ILE L 186 -19.37 -25.36 7.43
C ILE L 186 -19.83 -25.08 6.01
N TRP L 187 -21.13 -24.89 5.83
CA TRP L 187 -21.70 -24.60 4.52
C TRP L 187 -21.70 -23.10 4.31
N LEU L 188 -20.97 -22.64 3.29
CA LEU L 188 -20.94 -21.24 2.95
C LEU L 188 -22.06 -20.90 1.98
N ASP L 189 -22.59 -19.69 2.12
CA ASP L 189 -23.58 -19.17 1.20
C ASP L 189 -22.91 -18.11 0.33
N PRO L 190 -23.07 -18.17 -1.00
CA PRO L 190 -22.33 -17.22 -1.85
C PRO L 190 -22.90 -15.82 -1.82
N ALA L 191 -24.19 -15.67 -1.54
CA ALA L 191 -24.81 -14.35 -1.56
C ALA L 191 -24.33 -13.50 -0.38
N LYS L 192 -24.22 -14.12 0.79
CA LYS L 192 -23.73 -13.38 1.95
C LYS L 192 -22.24 -13.08 1.83
N LEU L 193 -21.50 -13.96 1.16
CA LEU L 193 -20.11 -13.70 0.85
C LEU L 193 -19.97 -12.53 -0.10
N ASN L 194 -20.91 -12.41 -1.05
CA ASN L 194 -20.91 -11.26 -1.95
C ASN L 194 -21.29 -9.98 -1.22
N SER L 195 -22.19 -10.09 -0.25
CA SER L 195 -22.66 -8.91 0.46
C SER L 195 -21.59 -8.36 1.39
N TYR L 196 -20.90 -9.23 2.11
CA TYR L 196 -19.91 -8.78 3.08
C TYR L 196 -18.51 -8.65 2.48
N GLN L 197 -18.40 -8.69 1.15
CA GLN L 197 -17.15 -8.53 0.39
C GLN L 197 -16.10 -9.57 0.82
N LEU L 198 -16.48 -10.83 0.78
CA LEU L 198 -15.65 -11.90 1.32
C LEU L 198 -15.51 -13.02 0.30
N THR L 199 -14.47 -13.83 0.50
CA THR L 199 -14.15 -15.00 -0.29
C THR L 199 -14.25 -16.21 0.63
N PRO L 200 -14.17 -17.43 0.09
CA PRO L 200 -13.93 -18.57 0.98
C PRO L 200 -12.50 -18.67 1.46
N GLY L 201 -11.56 -18.00 0.78
CA GLY L 201 -10.16 -18.13 1.16
C GLY L 201 -9.84 -17.47 2.48
N ASP L 202 -10.30 -16.23 2.67
CA ASP L 202 -10.06 -15.58 3.95
C ASP L 202 -10.93 -16.16 5.06
N VAL L 203 -12.05 -16.81 4.69
CA VAL L 203 -12.80 -17.60 5.66
C VAL L 203 -11.95 -18.76 6.16
N SER L 204 -11.26 -19.44 5.24
CA SER L 204 -10.39 -20.55 5.64
C SER L 204 -9.19 -20.06 6.44
N SER L 205 -8.67 -18.88 6.11
CA SER L 205 -7.54 -18.35 6.86
C SER L 205 -7.96 -17.91 8.26
N ALA L 206 -9.17 -17.36 8.38
CA ALA L 206 -9.67 -16.98 9.70
C ALA L 206 -9.97 -18.20 10.55
N ILE L 207 -10.42 -19.30 9.92
CA ILE L 207 -10.60 -20.55 10.64
C ILE L 207 -9.26 -21.09 11.11
N GLN L 208 -8.24 -21.03 10.24
CA GLN L 208 -6.92 -21.50 10.63
C GLN L 208 -6.21 -20.58 11.61
N ALA L 209 -6.69 -19.36 11.77
CA ALA L 209 -6.09 -18.45 12.74
C ALA L 209 -6.78 -18.49 14.10
N GLN L 210 -8.11 -18.60 14.12
CA GLN L 210 -8.85 -18.51 15.37
C GLN L 210 -9.19 -19.87 15.97
N ASN L 211 -8.78 -20.96 15.35
CA ASN L 211 -9.00 -22.31 15.87
C ASN L 211 -7.65 -23.01 15.87
N VAL L 212 -6.86 -22.79 16.92
CA VAL L 212 -5.51 -23.33 17.02
C VAL L 212 -5.29 -23.84 18.44
N GLN L 213 -4.24 -24.64 18.60
CA GLN L 213 -3.79 -25.13 19.89
C GLN L 213 -2.32 -24.73 19.99
N ILE L 214 -2.07 -23.56 20.54
CA ILE L 214 -0.75 -22.94 20.45
C ILE L 214 0.07 -23.25 21.69
N SER L 215 1.38 -23.31 21.49
CA SER L 215 2.34 -23.44 22.58
C SER L 215 2.35 -22.15 23.38
N SER L 216 2.36 -22.26 24.71
CA SER L 216 2.30 -21.09 25.58
C SER L 216 3.35 -21.09 26.68
N GLY L 217 3.95 -22.23 26.99
CA GLY L 217 4.97 -22.21 28.02
C GLY L 217 4.39 -22.17 29.43
N GLN L 218 5.20 -21.67 30.36
CA GLN L 218 4.83 -21.67 31.75
C GLN L 218 5.47 -20.47 32.44
N LEU L 219 4.89 -20.10 33.58
CA LEU L 219 5.28 -18.90 34.32
C LEU L 219 6.71 -19.00 34.84
N GLY L 220 6.96 -19.95 35.71
CA GLY L 220 8.32 -20.15 36.18
C GLY L 220 9.11 -21.06 35.26
N GLY L 221 9.28 -20.64 34.01
CA GLY L 221 9.97 -21.45 33.03
C GLY L 221 11.45 -21.55 33.28
N LEU L 222 12.10 -22.50 32.61
CA LEU L 222 13.51 -22.69 32.81
C LEU L 222 14.29 -22.23 31.58
N PRO L 223 15.45 -21.57 31.76
CA PRO L 223 16.13 -21.21 33.00
C PRO L 223 15.49 -20.01 33.71
N ALA L 224 15.60 -19.97 35.02
CA ALA L 224 14.83 -19.03 35.82
C ALA L 224 15.73 -18.03 36.54
N VAL L 225 15.09 -16.96 37.00
CA VAL L 225 15.76 -16.02 37.90
C VAL L 225 15.99 -16.70 39.24
N LYS L 226 17.15 -16.42 39.85
CA LYS L 226 17.49 -17.02 41.13
C LYS L 226 16.55 -16.54 42.22
N GLY L 227 15.83 -17.48 42.82
CA GLY L 227 14.87 -17.16 43.86
C GLY L 227 13.42 -17.30 43.46
N GLN L 228 13.13 -17.90 42.31
CA GLN L 228 11.76 -18.04 41.86
C GLN L 228 11.05 -19.12 42.68
N GLN L 229 9.84 -18.78 43.14
CA GLN L 229 9.06 -19.72 43.94
C GLN L 229 7.69 -20.00 43.34
N LEU L 230 7.50 -19.74 42.05
CA LEU L 230 6.21 -19.89 41.41
C LEU L 230 6.39 -20.49 40.03
N ASN L 231 5.59 -21.51 39.72
CA ASN L 231 5.66 -22.17 38.43
C ASN L 231 4.33 -22.82 38.07
N ALA L 232 3.76 -22.42 36.94
CA ALA L 232 2.48 -22.97 36.52
C ALA L 232 2.37 -22.86 35.01
N THR L 233 1.78 -23.88 34.40
CA THR L 233 1.63 -23.91 32.95
C THR L 233 0.59 -22.89 32.50
N ILE L 234 0.89 -22.17 31.42
CA ILE L 234 -0.05 -21.23 30.84
C ILE L 234 -0.89 -21.95 29.81
N ILE L 235 -2.18 -21.71 29.83
CA ILE L 235 -3.13 -22.34 28.92
C ILE L 235 -3.58 -21.30 27.93
N GLY L 236 -3.04 -21.36 26.71
CA GLY L 236 -3.38 -20.41 25.68
C GLY L 236 -4.65 -20.77 24.94
N LYS L 237 -4.66 -20.47 23.65
CA LYS L 237 -5.82 -20.78 22.81
C LYS L 237 -5.89 -22.27 22.55
N THR L 238 -7.07 -22.85 22.78
CA THR L 238 -7.31 -24.26 22.55
C THR L 238 -8.26 -24.42 21.38
N ARG L 239 -8.45 -25.67 20.96
CA ARG L 239 -9.39 -25.94 19.88
C ARG L 239 -10.82 -25.82 20.37
N LEU L 240 -11.74 -25.70 19.43
CA LEU L 240 -13.14 -25.46 19.74
C LEU L 240 -13.90 -26.77 19.80
N GLN L 241 -14.86 -26.85 20.73
CA GLN L 241 -15.63 -28.06 20.95
C GLN L 241 -17.00 -28.00 20.27
N THR L 242 -17.81 -27.01 20.62
CA THR L 242 -19.18 -26.96 20.16
C THR L 242 -19.26 -26.27 18.80
N ALA L 243 -20.48 -26.17 18.27
CA ALA L 243 -20.71 -25.50 17.01
C ALA L 243 -20.92 -24.00 17.18
N GLU L 244 -21.44 -23.59 18.33
CA GLU L 244 -21.63 -22.16 18.58
C GLU L 244 -20.30 -21.47 18.84
N GLN L 245 -19.28 -22.22 19.26
CA GLN L 245 -17.93 -21.66 19.31
C GLN L 245 -17.40 -21.42 17.90
N PHE L 246 -17.79 -22.26 16.94
CA PHE L 246 -17.43 -22.02 15.56
C PHE L 246 -18.25 -20.91 14.95
N GLU L 247 -19.44 -20.66 15.47
CA GLU L 247 -20.30 -19.64 14.91
C GLU L 247 -19.82 -18.23 15.25
N ASN L 248 -18.98 -18.06 16.26
CA ASN L 248 -18.54 -16.74 16.69
C ASN L 248 -17.12 -16.42 16.24
N ILE L 249 -16.65 -17.05 15.17
CA ILE L 249 -15.32 -16.72 14.66
C ILE L 249 -15.39 -15.39 13.92
N LEU L 250 -14.58 -14.43 14.36
CA LEU L 250 -14.62 -13.08 13.83
C LEU L 250 -14.00 -13.06 12.45
N LEU L 251 -14.80 -12.72 11.44
CA LEU L 251 -14.26 -12.62 10.08
C LEU L 251 -13.72 -11.23 9.80
N LYS L 252 -14.51 -10.20 10.05
CA LYS L 252 -14.05 -8.86 9.71
C LYS L 252 -14.66 -7.84 10.64
N VAL L 253 -13.80 -7.05 11.28
CA VAL L 253 -14.25 -5.97 12.16
C VAL L 253 -13.70 -4.65 11.65
N ASN L 254 -14.23 -3.56 12.21
CA ASN L 254 -13.80 -2.20 11.94
C ASN L 254 -13.59 -1.49 13.27
N PRO L 255 -12.77 -0.44 13.31
CA PRO L 255 -12.46 0.20 14.61
C PRO L 255 -13.63 0.91 15.28
N ASP L 256 -14.75 1.13 14.58
CA ASP L 256 -15.91 1.68 15.26
C ASP L 256 -16.63 0.64 16.09
N GLY L 257 -16.36 -0.65 15.85
CA GLY L 257 -16.97 -1.73 16.56
C GLY L 257 -17.80 -2.66 15.69
N SER L 258 -18.04 -2.29 14.43
CA SER L 258 -18.86 -3.11 13.56
C SER L 258 -18.12 -4.39 13.18
N GLN L 259 -18.85 -5.49 13.11
CA GLN L 259 -18.22 -6.79 12.93
C GLN L 259 -19.13 -7.70 12.14
N VAL L 260 -18.51 -8.65 11.45
CA VAL L 260 -19.20 -9.75 10.78
C VAL L 260 -18.46 -11.04 11.11
N ARG L 261 -19.23 -12.04 11.57
CA ARG L 261 -18.74 -13.29 12.12
C ARG L 261 -19.07 -14.45 11.18
N LEU L 262 -18.78 -15.66 11.65
CA LEU L 262 -19.07 -16.88 10.90
C LEU L 262 -20.42 -17.46 11.32
N LYS L 263 -21.45 -16.63 11.30
CA LYS L 263 -22.81 -17.15 11.41
C LYS L 263 -23.80 -16.51 10.47
N ASP L 264 -23.53 -15.30 9.98
CA ASP L 264 -24.38 -14.65 8.99
C ASP L 264 -23.83 -14.79 7.58
N VAL L 265 -22.79 -15.59 7.39
CA VAL L 265 -22.26 -15.88 6.06
C VAL L 265 -22.25 -17.38 5.79
N ALA L 266 -22.42 -18.19 6.81
CA ALA L 266 -22.32 -19.64 6.71
C ALA L 266 -23.17 -20.23 7.81
N ASP L 267 -23.59 -21.48 7.63
CA ASP L 267 -24.33 -22.17 8.69
C ASP L 267 -23.52 -23.38 9.13
N VAL L 268 -22.98 -23.31 10.35
CA VAL L 268 -22.13 -24.38 10.86
C VAL L 268 -23.01 -25.50 11.40
N GLY L 269 -22.57 -26.73 11.20
CA GLY L 269 -23.29 -27.86 11.73
C GLY L 269 -22.47 -29.13 11.80
N LEU L 270 -22.74 -29.96 12.79
CA LEU L 270 -22.07 -31.26 12.88
C LEU L 270 -22.64 -32.20 11.84
N GLY L 271 -21.80 -32.64 10.91
CA GLY L 271 -22.27 -33.51 9.85
C GLY L 271 -21.28 -34.61 9.55
N GLY L 272 -21.41 -35.26 8.40
CA GLY L 272 -20.52 -36.35 8.06
C GLY L 272 -19.23 -35.86 7.43
N GLN L 273 -18.17 -36.62 7.64
CA GLN L 273 -16.91 -36.33 6.97
C GLN L 273 -16.99 -36.68 5.49
N ASP L 274 -17.63 -37.79 5.15
CA ASP L 274 -17.85 -38.13 3.75
C ASP L 274 -19.26 -38.68 3.62
N TYR L 275 -19.94 -38.27 2.54
CA TYR L 275 -21.30 -38.70 2.27
C TYR L 275 -21.39 -39.70 1.13
N SER L 276 -20.27 -40.30 0.74
CA SER L 276 -20.28 -41.17 -0.43
C SER L 276 -20.89 -42.53 -0.13
N ILE L 277 -20.61 -43.10 1.02
CA ILE L 277 -20.99 -44.47 1.34
C ILE L 277 -21.97 -44.45 2.50
N ASN L 278 -23.10 -45.15 2.33
CA ASN L 278 -24.04 -45.40 3.41
C ASN L 278 -24.80 -46.67 3.07
N ALA L 279 -25.40 -47.27 4.11
CA ALA L 279 -25.91 -48.63 4.00
C ALA L 279 -27.18 -48.77 4.81
N GLN L 280 -27.92 -49.84 4.51
CA GLN L 280 -29.08 -50.20 5.29
C GLN L 280 -29.20 -51.72 5.37
N PHE L 281 -29.97 -52.14 6.36
CA PHE L 281 -30.12 -53.54 6.72
C PHE L 281 -31.61 -53.80 6.86
N ASN L 282 -32.16 -54.60 5.93
CA ASN L 282 -33.59 -54.90 5.82
C ASN L 282 -34.44 -53.65 5.73
N GLY L 283 -33.93 -52.62 5.05
CA GLY L 283 -34.62 -51.35 4.94
C GLY L 283 -34.29 -50.34 6.01
N SER L 284 -33.82 -50.79 7.19
CA SER L 284 -33.57 -49.77 8.20
C SER L 284 -32.14 -49.26 8.08
N PRO L 285 -31.90 -47.95 8.16
CA PRO L 285 -30.57 -47.40 7.85
C PRO L 285 -29.56 -47.76 8.93
N ALA L 286 -28.44 -48.32 8.50
CA ALA L 286 -27.49 -48.87 9.46
C ALA L 286 -26.09 -48.86 8.87
N SER L 287 -25.13 -48.43 9.66
CA SER L 287 -23.73 -48.46 9.25
C SER L 287 -23.09 -49.78 9.65
N GLY L 288 -21.89 -50.00 9.13
CA GLY L 288 -21.17 -51.23 9.40
C GLY L 288 -19.71 -51.09 9.09
N ILE L 289 -18.95 -52.05 9.59
CA ILE L 289 -17.50 -52.12 9.38
C ILE L 289 -17.18 -53.50 8.82
N ALA L 290 -16.39 -53.54 7.75
CA ALA L 290 -16.06 -54.77 7.06
C ALA L 290 -14.60 -55.12 7.36
N ILE L 291 -14.38 -56.32 7.84
CA ILE L 291 -13.07 -56.78 8.27
C ILE L 291 -12.45 -57.63 7.18
N LYS L 292 -11.21 -57.33 6.81
CA LYS L 292 -10.41 -58.21 6.00
C LYS L 292 -9.36 -58.86 6.90
N LEU L 293 -8.84 -59.99 6.47
CA LEU L 293 -7.91 -60.78 7.25
C LEU L 293 -6.49 -60.46 6.81
N ALA L 294 -5.56 -60.41 7.76
CA ALA L 294 -4.17 -60.19 7.42
C ALA L 294 -3.60 -61.42 6.73
N THR L 295 -2.58 -61.20 5.91
CA THR L 295 -1.98 -62.28 5.13
C THR L 295 -1.19 -63.21 6.03
N GLY L 296 -1.51 -64.50 5.95
CA GLY L 296 -0.89 -65.49 6.80
C GLY L 296 -1.52 -65.66 8.16
N ALA L 297 -2.71 -65.10 8.37
CA ALA L 297 -3.41 -65.23 9.64
C ALA L 297 -4.50 -66.28 9.53
N ASN L 298 -4.93 -66.78 10.69
CA ASN L 298 -5.96 -67.80 10.75
C ASN L 298 -7.34 -67.15 10.91
N ALA L 299 -8.37 -67.87 10.48
CA ALA L 299 -9.70 -67.27 10.34
C ALA L 299 -10.54 -67.36 11.62
N LEU L 300 -10.74 -68.58 12.14
CA LEU L 300 -11.75 -68.78 13.18
C LEU L 300 -11.31 -68.20 14.52
N ASP L 301 -10.02 -68.27 14.82
CA ASP L 301 -9.52 -67.67 16.06
C ASP L 301 -9.64 -66.15 16.03
N THR L 302 -9.43 -65.55 14.86
CA THR L 302 -9.59 -64.11 14.75
C THR L 302 -11.06 -63.71 14.79
N ALA L 303 -11.94 -64.57 14.27
CA ALA L 303 -13.37 -64.30 14.40
C ALA L 303 -13.81 -64.38 15.85
N LYS L 304 -13.27 -65.34 16.59
CA LYS L 304 -13.55 -65.43 18.02
C LYS L 304 -12.96 -64.23 18.77
N ALA L 305 -11.79 -63.76 18.33
CA ALA L 305 -11.18 -62.59 18.95
C ALA L 305 -12.01 -61.33 18.70
N ILE L 306 -12.59 -61.21 17.51
CA ILE L 306 -13.48 -60.10 17.21
C ILE L 306 -14.74 -60.18 18.07
N ARG L 307 -15.34 -61.37 18.14
CA ARG L 307 -16.57 -61.54 18.91
C ARG L 307 -16.36 -61.35 20.39
N GLN L 308 -15.14 -61.54 20.89
CA GLN L 308 -14.91 -61.27 22.31
C GLN L 308 -14.40 -59.85 22.54
N THR L 309 -13.81 -59.22 21.52
CA THR L 309 -13.34 -57.85 21.71
C THR L 309 -14.44 -56.83 21.50
N ILE L 310 -15.58 -57.24 20.96
CA ILE L 310 -16.75 -56.37 21.02
C ILE L 310 -17.67 -56.72 22.18
N ALA L 311 -17.52 -57.92 22.77
CA ALA L 311 -18.43 -58.35 23.82
C ALA L 311 -18.20 -57.58 25.11
N ASN L 312 -17.00 -57.05 25.31
CA ASN L 312 -16.76 -56.16 26.42
C ASN L 312 -17.05 -54.70 26.09
N LEU L 313 -17.43 -54.40 24.85
CA LEU L 313 -17.78 -53.04 24.48
C LEU L 313 -19.29 -52.80 24.49
N GLU L 314 -20.08 -53.85 24.29
CA GLU L 314 -21.54 -53.70 24.37
C GLU L 314 -22.11 -53.30 25.74
N PRO L 315 -21.45 -53.47 26.90
CA PRO L 315 -21.98 -52.78 28.10
C PRO L 315 -21.94 -51.27 28.01
N PHE L 316 -21.00 -50.69 27.27
CA PHE L 316 -20.89 -49.24 27.17
C PHE L 316 -21.69 -48.67 26.02
N MET L 317 -22.40 -49.50 25.26
CA MET L 317 -23.23 -48.98 24.19
C MET L 317 -24.50 -48.36 24.78
N PRO L 318 -25.05 -47.35 24.11
CA PRO L 318 -26.35 -46.80 24.55
C PRO L 318 -27.48 -47.77 24.26
N GLN L 319 -28.66 -47.42 24.80
CA GLN L 319 -29.80 -48.33 24.76
C GLN L 319 -30.42 -48.45 23.38
N GLY L 320 -30.14 -47.51 22.48
CA GLY L 320 -30.73 -47.56 21.16
C GLY L 320 -29.81 -48.20 20.15
N MET L 321 -29.09 -49.24 20.56
CA MET L 321 -28.09 -49.85 19.70
C MET L 321 -28.01 -51.34 19.97
N LYS L 322 -27.50 -52.06 18.98
CA LYS L 322 -27.17 -53.48 19.08
C LYS L 322 -26.21 -53.80 17.93
N VAL L 323 -25.58 -54.95 18.01
CA VAL L 323 -24.70 -55.42 16.95
C VAL L 323 -25.18 -56.77 16.46
N VAL L 324 -25.22 -56.93 15.14
CA VAL L 324 -25.45 -58.22 14.49
C VAL L 324 -24.32 -58.44 13.50
N TYR L 325 -24.30 -59.63 12.91
CA TYR L 325 -23.29 -60.00 11.92
C TYR L 325 -24.00 -60.33 10.62
N PRO L 326 -24.20 -59.34 9.75
CA PRO L 326 -24.91 -59.60 8.49
C PRO L 326 -24.14 -60.45 7.50
N TYR L 327 -22.82 -60.47 7.59
CA TYR L 327 -22.01 -61.24 6.65
C TYR L 327 -20.86 -61.87 7.42
N ASP L 328 -20.73 -63.19 7.27
CA ASP L 328 -19.76 -64.00 8.00
C ASP L 328 -19.44 -65.22 7.17
N THR L 329 -18.17 -65.63 7.21
CA THR L 329 -17.69 -66.75 6.40
C THR L 329 -17.19 -67.93 7.21
N THR L 330 -16.86 -67.77 8.49
CA THR L 330 -16.39 -68.90 9.29
C THR L 330 -17.40 -70.03 9.59
N PRO L 331 -18.74 -69.84 9.63
CA PRO L 331 -19.60 -71.01 9.85
C PRO L 331 -19.52 -72.10 8.79
N VAL L 332 -19.25 -71.77 7.53
CA VAL L 332 -19.14 -72.84 6.54
C VAL L 332 -17.85 -73.60 6.72
N VAL L 333 -16.81 -72.95 7.25
CA VAL L 333 -15.56 -73.63 7.57
C VAL L 333 -15.76 -74.59 8.73
N SER L 334 -16.43 -74.12 9.80
CA SER L 334 -16.69 -74.97 10.95
C SER L 334 -17.61 -76.13 10.60
N ALA L 335 -18.62 -75.86 9.76
CA ALA L 335 -19.55 -76.92 9.37
C ALA L 335 -18.89 -77.93 8.44
N SER L 336 -17.95 -77.47 7.61
CA SER L 336 -17.26 -78.39 6.71
C SER L 336 -16.33 -79.32 7.47
N ILE L 337 -15.56 -78.78 8.42
CA ILE L 337 -14.67 -79.65 9.19
C ILE L 337 -15.47 -80.55 10.12
N HIS L 338 -16.60 -80.08 10.64
CA HIS L 338 -17.43 -80.92 11.50
C HIS L 338 -18.08 -82.04 10.71
N GLU L 339 -18.49 -81.75 9.47
CA GLU L 339 -19.10 -82.77 8.62
C GLU L 339 -18.09 -83.83 8.21
N VAL L 340 -16.85 -83.42 7.87
CA VAL L 340 -15.89 -84.43 7.42
C VAL L 340 -15.40 -85.29 8.59
N VAL L 341 -15.30 -84.72 9.80
CA VAL L 341 -14.94 -85.58 10.92
C VAL L 341 -16.12 -86.42 11.37
N LYS L 342 -17.36 -85.97 11.11
CA LYS L 342 -18.51 -86.83 11.39
C LYS L 342 -18.55 -88.03 10.45
N THR L 343 -18.23 -87.80 9.18
CA THR L 343 -18.18 -88.91 8.22
C THR L 343 -17.06 -89.88 8.56
N LEU L 344 -15.91 -89.37 8.98
CA LEU L 344 -14.80 -90.26 9.35
C LEU L 344 -15.11 -91.04 10.62
N GLY L 345 -15.78 -90.40 11.59
CA GLY L 345 -16.13 -91.09 12.82
C GLY L 345 -17.18 -92.15 12.63
N GLU L 346 -18.12 -91.92 11.71
CA GLU L 346 -19.04 -92.99 11.35
C GLU L 346 -18.33 -94.10 10.58
N ALA L 347 -17.39 -93.73 9.71
CA ALA L 347 -16.72 -94.69 8.83
C ALA L 347 -15.88 -95.68 9.61
N ILE L 348 -15.11 -95.20 10.60
CA ILE L 348 -14.19 -96.08 11.31
C ILE L 348 -14.90 -97.06 12.22
N LEU L 349 -16.16 -96.81 12.59
CA LEU L 349 -16.90 -97.81 13.34
C LEU L 349 -17.69 -98.74 12.43
N LEU L 350 -18.19 -98.21 11.30
CA LEU L 350 -18.99 -99.06 10.41
C LEU L 350 -18.11 -100.11 9.74
N VAL L 351 -16.87 -99.76 9.38
CA VAL L 351 -15.99 -100.77 8.78
C VAL L 351 -15.61 -101.81 9.83
N PHE L 352 -15.56 -101.41 11.11
CA PHE L 352 -15.29 -102.34 12.19
C PHE L 352 -16.39 -103.39 12.33
N LEU L 353 -17.65 -102.96 12.35
CA LEU L 353 -18.69 -103.98 12.52
C LEU L 353 -18.91 -104.78 11.24
N VAL L 354 -18.66 -104.20 10.07
CA VAL L 354 -18.82 -105.04 8.87
C VAL L 354 -17.56 -105.88 8.61
N MET L 355 -16.52 -105.73 9.43
CA MET L 355 -15.44 -106.71 9.39
C MET L 355 -15.64 -107.79 10.45
N TYR L 356 -16.25 -107.42 11.58
CA TYR L 356 -16.78 -108.40 12.53
C TYR L 356 -17.84 -109.29 11.89
N LEU L 357 -18.57 -108.74 10.89
CA LEU L 357 -19.43 -109.50 9.99
C LEU L 357 -18.75 -110.72 9.37
N PHE L 358 -17.43 -110.70 9.23
CA PHE L 358 -16.72 -111.81 8.62
C PHE L 358 -15.84 -112.60 9.58
N LEU L 359 -15.17 -111.99 10.57
CA LEU L 359 -14.36 -112.87 11.41
C LEU L 359 -15.08 -113.34 12.68
N GLN L 360 -16.24 -112.76 12.99
CA GLN L 360 -17.23 -113.26 13.96
C GLN L 360 -16.77 -113.28 15.42
N ASN L 361 -15.53 -112.89 15.73
CA ASN L 361 -15.02 -113.01 17.11
C ASN L 361 -15.31 -111.70 17.83
N PHE L 362 -16.46 -111.65 18.51
CA PHE L 362 -16.96 -110.40 19.09
C PHE L 362 -16.07 -109.87 20.20
N ARG L 363 -15.35 -110.75 20.90
CA ARG L 363 -14.41 -110.32 21.92
C ARG L 363 -13.00 -110.13 21.38
N ALA L 364 -12.75 -110.43 20.09
CA ALA L 364 -11.40 -110.32 19.56
C ALA L 364 -11.36 -109.69 18.16
N THR L 365 -12.45 -109.07 17.71
CA THR L 365 -12.40 -108.31 16.47
C THR L 365 -11.93 -106.88 16.70
N LEU L 366 -11.81 -106.46 17.96
CA LEU L 366 -11.49 -105.07 18.32
C LEU L 366 -10.01 -104.76 18.24
N ILE L 367 -9.19 -105.69 17.74
CA ILE L 367 -7.75 -105.44 17.65
C ILE L 367 -7.32 -104.66 16.41
N PRO L 368 -7.80 -104.92 15.19
CA PRO L 368 -7.41 -104.03 14.10
C PRO L 368 -8.21 -102.74 14.01
N THR L 369 -9.16 -102.51 14.92
CA THR L 369 -9.73 -101.17 15.02
C THR L 369 -9.03 -100.33 16.09
N ILE L 370 -8.18 -100.94 16.92
CA ILE L 370 -7.38 -100.13 17.85
C ILE L 370 -6.09 -99.69 17.18
N ALA L 371 -5.81 -100.21 15.99
CA ALA L 371 -4.67 -99.72 15.24
C ALA L 371 -4.99 -98.41 14.51
N VAL L 372 -6.24 -98.16 14.16
CA VAL L 372 -6.58 -96.94 13.41
C VAL L 372 -6.49 -95.62 14.20
N PRO L 373 -6.92 -95.53 15.49
CA PRO L 373 -6.91 -94.18 16.08
C PRO L 373 -5.52 -93.68 16.40
N VAL L 374 -4.61 -94.58 16.80
CA VAL L 374 -3.24 -94.18 17.09
C VAL L 374 -2.52 -93.78 15.80
N VAL L 375 -2.87 -94.37 14.66
CA VAL L 375 -2.15 -93.99 13.46
C VAL L 375 -2.68 -92.69 12.87
N LEU L 376 -3.99 -92.41 12.97
CA LEU L 376 -4.39 -91.11 12.44
C LEU L 376 -4.02 -89.99 13.41
N LEU L 377 -3.95 -90.27 14.71
CA LEU L 377 -3.40 -89.29 15.64
C LEU L 377 -1.90 -89.11 15.43
N GLY L 378 -1.20 -90.16 14.99
CA GLY L 378 0.21 -89.99 14.65
C GLY L 378 0.41 -89.14 13.40
N THR L 379 -0.50 -89.26 12.42
CA THR L 379 -0.46 -88.35 11.27
C THR L 379 -0.72 -86.92 11.69
N PHE L 380 -1.63 -86.73 12.65
CA PHE L 380 -1.87 -85.41 13.23
C PHE L 380 -0.61 -84.85 13.86
N GLY L 381 0.12 -85.69 14.60
CA GLY L 381 1.38 -85.26 15.18
C GLY L 381 2.44 -84.94 14.13
N VAL L 382 2.48 -85.70 13.04
CA VAL L 382 3.46 -85.47 11.98
C VAL L 382 3.17 -84.16 11.26
N LEU L 383 1.90 -83.90 10.94
CA LEU L 383 1.57 -82.64 10.26
C LEU L 383 1.70 -81.45 11.20
N ALA L 384 1.55 -81.66 12.51
CA ALA L 384 1.85 -80.57 13.44
C ALA L 384 3.35 -80.33 13.54
N ALA L 385 4.16 -81.38 13.41
CA ALA L 385 5.60 -81.21 13.48
C ALA L 385 6.14 -80.55 12.22
N PHE L 386 5.55 -80.83 11.07
CA PHE L 386 5.98 -80.23 9.82
C PHE L 386 5.37 -78.85 9.58
N GLY L 387 4.46 -78.41 10.43
CA GLY L 387 3.86 -77.10 10.29
C GLY L 387 2.71 -77.01 9.31
N PHE L 388 2.37 -78.10 8.62
CA PHE L 388 1.27 -78.09 7.67
C PHE L 388 -0.03 -78.21 8.47
N SER L 389 -0.86 -77.18 8.41
CA SER L 389 -2.02 -77.11 9.28
C SER L 389 -3.13 -78.02 8.80
N ILE L 390 -4.08 -78.25 9.71
CA ILE L 390 -5.27 -79.03 9.40
C ILE L 390 -6.18 -78.27 8.45
N ASN L 391 -6.67 -78.97 7.42
CA ASN L 391 -7.65 -78.41 6.51
C ASN L 391 -8.61 -79.51 6.12
N THR L 392 -9.53 -79.18 5.19
CA THR L 392 -10.39 -80.20 4.63
C THR L 392 -9.61 -81.16 3.75
N LEU L 393 -8.47 -80.70 3.23
CA LEU L 393 -7.67 -81.53 2.33
C LEU L 393 -6.95 -82.64 3.09
N THR L 394 -6.39 -82.33 4.27
CA THR L 394 -5.79 -83.38 5.08
C THR L 394 -6.83 -84.32 5.65
N MET L 395 -8.05 -83.83 5.88
CA MET L 395 -9.12 -84.71 6.30
C MET L 395 -9.55 -85.64 5.18
N PHE L 396 -9.53 -85.15 3.94
CA PHE L 396 -9.78 -86.02 2.80
C PHE L 396 -8.67 -87.03 2.63
N GLY L 397 -7.42 -86.62 2.89
CA GLY L 397 -6.32 -87.57 2.86
C GLY L 397 -6.43 -88.65 3.92
N MET L 398 -6.88 -88.27 5.12
CA MET L 398 -7.07 -89.26 6.19
C MET L 398 -8.23 -90.20 5.88
N VAL L 399 -9.33 -89.67 5.36
CA VAL L 399 -10.49 -90.52 5.11
C VAL L 399 -10.27 -91.37 3.86
N LEU L 400 -9.32 -91.00 3.00
CA LEU L 400 -8.95 -91.87 1.90
C LEU L 400 -7.93 -92.92 2.33
N ALA L 401 -7.04 -92.57 3.27
CA ALA L 401 -6.04 -93.53 3.71
C ALA L 401 -6.60 -94.53 4.71
N ILE L 402 -7.72 -94.20 5.36
CA ILE L 402 -8.28 -95.09 6.38
C ILE L 402 -8.90 -96.33 5.74
N GLY L 403 -9.24 -96.25 4.46
CA GLY L 403 -9.66 -97.45 3.75
C GLY L 403 -8.53 -98.22 3.13
N LEU L 404 -7.33 -97.65 3.11
CA LEU L 404 -6.16 -98.30 2.52
C LEU L 404 -5.26 -98.92 3.59
N LEU L 405 -5.35 -98.45 4.83
CA LEU L 405 -4.44 -98.94 5.87
C LEU L 405 -4.95 -100.14 6.64
N VAL L 406 -6.21 -100.55 6.43
CA VAL L 406 -6.77 -101.61 7.26
C VAL L 406 -6.25 -102.98 6.87
N ASP L 407 -5.83 -103.16 5.61
CA ASP L 407 -5.42 -104.48 5.13
C ASP L 407 -4.11 -104.92 5.76
N ASP L 408 -3.30 -103.96 6.22
CA ASP L 408 -2.01 -104.29 6.82
C ASP L 408 -2.17 -104.94 8.19
N ALA L 409 -3.32 -104.78 8.84
CA ALA L 409 -3.65 -105.56 10.03
C ALA L 409 -4.56 -106.73 9.71
N ILE L 410 -5.34 -106.62 8.62
CA ILE L 410 -6.14 -107.76 8.17
C ILE L 410 -5.25 -108.93 7.77
N VAL L 411 -4.07 -108.66 7.20
CA VAL L 411 -3.19 -109.75 6.76
C VAL L 411 -2.62 -110.51 7.96
N VAL L 412 -2.28 -109.80 9.04
CA VAL L 412 -1.69 -110.51 10.17
C VAL L 412 -2.75 -111.22 10.98
N VAL L 413 -3.96 -110.64 11.12
CA VAL L 413 -5.00 -111.35 11.86
C VAL L 413 -5.51 -112.55 11.05
N GLU L 414 -5.54 -112.42 9.72
CA GLU L 414 -5.98 -113.52 8.88
C GLU L 414 -4.94 -114.61 8.80
N ASN L 415 -3.65 -114.24 8.79
CA ASN L 415 -2.59 -115.23 8.71
C ASN L 415 -2.47 -116.01 10.00
N VAL L 416 -2.57 -115.32 11.14
CA VAL L 416 -2.55 -116.01 12.44
C VAL L 416 -3.78 -116.92 12.57
N GLU L 417 -4.95 -116.45 12.15
CA GLU L 417 -6.15 -117.26 12.29
C GLU L 417 -6.14 -118.45 11.32
N ARG L 418 -5.49 -118.32 10.15
CA ARG L 418 -5.47 -119.45 9.23
C ARG L 418 -4.40 -120.47 9.64
N VAL L 419 -3.28 -120.03 10.22
CA VAL L 419 -2.31 -121.01 10.67
C VAL L 419 -2.72 -121.60 12.01
N MET L 420 -3.69 -120.99 12.69
CA MET L 420 -4.29 -121.66 13.84
C MET L 420 -5.44 -122.55 13.40
N ALA L 421 -6.03 -122.27 12.24
CA ALA L 421 -7.02 -123.19 11.69
C ALA L 421 -6.38 -124.45 11.12
N GLU L 422 -5.18 -124.34 10.55
CA GLU L 422 -4.54 -125.51 9.95
C GLU L 422 -3.53 -126.18 10.88
N GLU L 423 -3.00 -125.48 11.87
CA GLU L 423 -1.96 -126.04 12.71
C GLU L 423 -2.26 -125.74 14.17
N GLY L 424 -2.10 -126.75 15.02
CA GLY L 424 -2.34 -126.60 16.45
C GLY L 424 -1.10 -126.23 17.23
N LEU L 425 -0.33 -125.27 16.72
CA LEU L 425 0.87 -124.82 17.39
C LEU L 425 0.54 -123.85 18.51
N SER L 426 1.57 -123.39 19.21
CA SER L 426 1.39 -122.25 20.10
C SER L 426 1.15 -120.99 19.26
N PRO L 427 0.24 -120.13 19.68
CA PRO L 427 -0.08 -118.95 18.86
C PRO L 427 1.01 -117.90 18.85
N ARG L 428 1.93 -117.93 19.84
CA ARG L 428 3.11 -117.08 19.77
C ARG L 428 4.04 -117.51 18.66
N GLU L 429 4.22 -118.83 18.48
CA GLU L 429 5.00 -119.32 17.36
C GLU L 429 4.27 -119.12 16.04
N ALA L 430 2.94 -119.07 16.10
CA ALA L 430 2.16 -118.66 14.93
C ALA L 430 2.44 -117.21 14.58
N ALA L 431 2.62 -116.35 15.59
CA ALA L 431 3.00 -114.97 15.33
C ALA L 431 4.42 -114.89 14.76
N ARG L 432 5.31 -115.78 15.23
CA ARG L 432 6.66 -115.86 14.66
C ARG L 432 6.63 -116.22 13.18
N LYS L 433 5.85 -117.25 12.83
CA LYS L 433 5.73 -117.67 11.44
C LYS L 433 5.05 -116.60 10.59
N SER L 434 4.04 -115.93 11.16
CA SER L 434 3.30 -114.91 10.40
C SER L 434 4.16 -113.69 10.13
N MET L 435 4.93 -113.24 11.12
CA MET L 435 5.83 -112.12 10.86
C MET L 435 6.95 -112.52 9.90
N GLY L 436 7.43 -113.76 10.01
CA GLY L 436 8.52 -114.19 9.15
C GLY L 436 8.10 -114.40 7.71
N GLN L 437 6.80 -114.60 7.46
CA GLN L 437 6.35 -114.75 6.08
C GLN L 437 5.57 -113.56 5.55
N ILE L 438 5.22 -112.56 6.38
CA ILE L 438 4.40 -111.45 5.90
C ILE L 438 5.16 -110.12 6.02
N GLN L 439 6.18 -110.06 6.88
CA GLN L 439 6.83 -108.79 7.21
C GLN L 439 7.55 -108.18 6.02
N GLY L 440 8.35 -108.99 5.33
CA GLY L 440 9.04 -108.52 4.14
C GLY L 440 8.12 -108.23 2.98
N ALA L 441 6.91 -108.80 2.98
CA ALA L 441 5.95 -108.46 1.94
C ALA L 441 5.26 -107.13 2.26
N LEU L 442 4.98 -106.87 3.54
CA LEU L 442 4.24 -105.66 3.90
C LEU L 442 5.12 -104.43 3.96
N VAL L 443 6.41 -104.56 4.31
CA VAL L 443 7.29 -103.40 4.28
C VAL L 443 7.53 -102.97 2.82
N GLY L 444 7.52 -103.92 1.90
CA GLY L 444 7.63 -103.58 0.50
C GLY L 444 6.35 -102.97 -0.07
N ILE L 445 5.20 -103.41 0.45
CA ILE L 445 3.95 -102.81 0.00
C ILE L 445 3.83 -101.39 0.54
N ALA L 446 4.39 -101.14 1.74
CA ALA L 446 4.44 -99.78 2.26
C ALA L 446 5.41 -98.92 1.45
N MET L 447 6.51 -99.53 1.00
CA MET L 447 7.49 -98.80 0.20
C MET L 447 6.93 -98.42 -1.16
N VAL L 448 6.24 -99.34 -1.84
CA VAL L 448 5.74 -99.02 -3.18
C VAL L 448 4.53 -98.09 -3.10
N LEU L 449 3.73 -98.20 -2.03
CA LEU L 449 2.61 -97.28 -1.91
C LEU L 449 3.03 -95.90 -1.43
N SER L 450 4.15 -95.79 -0.72
CA SER L 450 4.73 -94.48 -0.47
C SER L 450 5.39 -93.93 -1.72
N ALA L 451 5.91 -94.81 -2.58
CA ALA L 451 6.54 -94.38 -3.82
C ALA L 451 5.55 -93.90 -4.85
N VAL L 452 4.29 -94.35 -4.77
CA VAL L 452 3.32 -93.82 -5.73
C VAL L 452 2.80 -92.45 -5.30
N PHE L 453 3.06 -92.03 -4.06
CA PHE L 453 2.55 -90.74 -3.59
C PHE L 453 3.61 -89.68 -3.37
N LEU L 454 4.83 -90.01 -2.95
CA LEU L 454 5.76 -88.95 -2.57
C LEU L 454 6.34 -88.11 -3.73
N PRO L 455 6.53 -88.59 -4.97
CA PRO L 455 6.92 -87.63 -6.02
C PRO L 455 5.82 -86.69 -6.46
N MET L 456 4.57 -86.93 -6.07
CA MET L 456 3.50 -85.98 -6.34
C MET L 456 3.65 -84.69 -5.55
N ALA L 457 4.36 -84.74 -4.41
CA ALA L 457 4.64 -83.53 -3.65
C ALA L 457 5.78 -82.71 -4.24
N PHE L 458 6.68 -83.34 -4.99
CA PHE L 458 7.84 -82.64 -5.53
C PHE L 458 7.49 -81.68 -6.65
N PHE L 459 6.32 -81.82 -7.26
CA PHE L 459 5.86 -80.85 -8.24
C PHE L 459 5.55 -79.52 -7.55
N GLY L 460 5.97 -78.44 -8.17
CA GLY L 460 5.84 -77.11 -7.61
C GLY L 460 4.66 -76.34 -8.15
N GLY L 461 4.71 -75.02 -7.99
CA GLY L 461 3.64 -74.15 -8.42
C GLY L 461 2.62 -73.92 -7.31
N SER L 462 1.57 -73.17 -7.66
CA SER L 462 0.51 -72.93 -6.71
C SER L 462 -0.33 -74.17 -6.47
N THR L 463 -0.45 -75.03 -7.49
CA THR L 463 -1.05 -76.34 -7.27
C THR L 463 -0.08 -77.32 -6.65
N GLY L 464 1.21 -76.98 -6.62
CA GLY L 464 2.17 -77.82 -5.92
C GLY L 464 1.91 -77.85 -4.42
N VAL L 465 1.50 -76.72 -3.85
CA VAL L 465 1.23 -76.71 -2.42
C VAL L 465 -0.14 -77.32 -2.14
N ILE L 466 -1.04 -77.35 -3.12
CA ILE L 466 -2.32 -78.04 -2.90
C ILE L 466 -2.11 -79.53 -3.07
N TYR L 467 -1.03 -79.93 -3.76
CA TYR L 467 -0.66 -81.32 -3.84
C TYR L 467 0.18 -81.76 -2.66
N ARG L 468 0.83 -80.82 -1.97
CA ARG L 468 1.79 -81.17 -0.94
C ARG L 468 1.14 -81.74 0.31
N GLN L 469 -0.01 -81.18 0.73
CA GLN L 469 -0.67 -81.73 1.90
C GLN L 469 -1.42 -83.01 1.57
N PHE L 470 -1.63 -83.30 0.29
CA PHE L 470 -2.20 -84.58 -0.10
C PHE L 470 -1.20 -85.70 0.13
N SER L 471 0.08 -85.46 -0.17
CA SER L 471 1.06 -86.53 -0.14
C SER L 471 1.46 -86.88 1.28
N ILE L 472 1.73 -85.86 2.11
CA ILE L 472 2.46 -86.07 3.36
C ILE L 472 1.59 -86.79 4.38
N THR L 473 0.27 -86.59 4.33
CA THR L 473 -0.60 -87.29 5.27
C THR L 473 -0.71 -88.77 4.89
N ILE L 474 -0.67 -89.09 3.60
CA ILE L 474 -0.83 -90.47 3.18
C ILE L 474 0.46 -91.24 3.37
N VAL L 475 1.60 -90.62 3.04
CA VAL L 475 2.88 -91.32 3.23
C VAL L 475 3.22 -91.39 4.70
N SER L 476 2.76 -90.42 5.51
CA SER L 476 2.97 -90.51 6.95
C SER L 476 2.09 -91.60 7.55
N ALA L 477 0.85 -91.72 7.04
CA ALA L 477 -0.05 -92.78 7.48
C ALA L 477 0.51 -94.15 7.16
N MET L 478 1.08 -94.32 5.97
CA MET L 478 1.60 -95.64 5.60
C MET L 478 2.92 -95.92 6.30
N ALA L 479 3.70 -94.88 6.60
CA ALA L 479 4.92 -95.06 7.37
C ALA L 479 4.63 -95.52 8.79
N LEU L 480 3.76 -94.83 9.52
CA LEU L 480 3.52 -95.34 10.87
C LEU L 480 2.57 -96.53 10.86
N SER L 481 1.90 -96.82 9.74
CA SER L 481 1.14 -98.05 9.65
C SER L 481 2.06 -99.26 9.53
N VAL L 482 3.16 -99.14 8.76
CA VAL L 482 4.10 -100.26 8.71
C VAL L 482 4.88 -100.34 10.02
N ILE L 483 5.07 -99.20 10.69
CA ILE L 483 5.67 -99.21 12.03
C ILE L 483 4.79 -99.97 13.01
N VAL L 484 3.48 -99.66 13.04
CA VAL L 484 2.61 -100.33 14.00
C VAL L 484 2.35 -101.76 13.57
N ALA L 485 2.45 -102.05 12.27
CA ALA L 485 2.27 -103.41 11.78
C ALA L 485 3.43 -104.30 12.16
N LEU L 486 4.63 -103.74 12.29
CA LEU L 486 5.75 -104.57 12.76
C LEU L 486 6.07 -104.37 14.24
N ILE L 487 5.35 -103.51 14.97
CA ILE L 487 5.62 -103.32 16.38
C ILE L 487 4.48 -103.81 17.27
N LEU L 488 3.23 -103.81 16.77
CA LEU L 488 2.17 -104.06 17.75
C LEU L 488 1.23 -105.19 17.36
N THR L 489 0.83 -105.27 16.10
CA THR L 489 -0.26 -106.18 15.73
C THR L 489 0.07 -107.68 15.80
N PRO L 490 1.30 -108.17 15.57
CA PRO L 490 1.59 -109.55 15.98
C PRO L 490 2.09 -109.68 17.40
N ALA L 491 2.08 -108.60 18.18
CA ALA L 491 2.76 -108.62 19.47
C ALA L 491 1.80 -108.47 20.64
N LEU L 492 0.74 -107.66 20.49
CA LEU L 492 -0.03 -107.22 21.65
C LEU L 492 -0.95 -108.32 22.18
N CYS L 493 -1.50 -109.13 21.29
CA CYS L 493 -2.57 -110.06 21.64
C CYS L 493 -2.48 -111.38 20.89
N ALA L 494 -1.30 -111.74 20.39
CA ALA L 494 -1.17 -112.92 19.54
C ALA L 494 -1.44 -114.21 20.28
N THR L 495 -1.32 -114.19 21.61
CA THR L 495 -1.85 -115.24 22.47
C THR L 495 -2.81 -114.67 23.53
N MET L 496 -2.75 -113.37 23.82
CA MET L 496 -3.53 -112.78 24.90
C MET L 496 -5.02 -112.74 24.56
N LEU L 497 -5.37 -112.12 23.43
CA LEU L 497 -6.74 -112.14 22.92
C LEU L 497 -6.84 -113.03 21.70
N LYS L 498 -6.10 -114.14 21.69
CA LYS L 498 -6.20 -115.14 20.64
C LYS L 498 -6.27 -116.55 21.23
N PRO L 499 -7.44 -116.96 21.76
CA PRO L 499 -7.61 -118.39 22.08
C PRO L 499 -8.31 -119.14 20.96
N ILE L 500 -8.41 -120.46 21.09
CA ILE L 500 -9.16 -121.29 20.15
C ILE L 500 -10.19 -122.06 20.98
N GLU L 501 -11.41 -121.52 21.06
CA GLU L 501 -12.46 -122.13 21.86
C GLU L 501 -13.39 -122.96 20.98
N LYS L 502 -14.12 -123.86 21.62
CA LYS L 502 -15.08 -124.73 20.94
C LYS L 502 -16.46 -124.08 21.00
N GLY L 503 -17.49 -124.83 20.59
CA GLY L 503 -18.86 -124.38 20.69
C GLY L 503 -19.61 -124.37 19.38
N ASP L 504 -18.95 -123.91 18.31
CA ASP L 504 -19.52 -123.83 16.98
C ASP L 504 -18.39 -123.63 15.99
N HIS L 505 -18.67 -123.98 14.73
CA HIS L 505 -17.73 -123.78 13.63
C HIS L 505 -18.43 -123.24 12.40
N GLY L 506 -19.44 -122.41 12.60
CA GLY L 506 -20.21 -121.84 11.51
C GLY L 506 -21.54 -122.52 11.25
N GLU L 507 -22.24 -122.99 12.28
CA GLU L 507 -23.47 -123.72 12.06
C GLU L 507 -24.70 -122.81 12.14
N HIS L 508 -24.91 -122.17 13.28
CA HIS L 508 -26.04 -121.27 13.44
C HIS L 508 -25.65 -119.82 13.68
N LYS L 509 -24.50 -119.57 14.33
CA LYS L 509 -23.82 -118.29 14.46
C LYS L 509 -24.61 -117.23 15.21
N GLY L 510 -25.74 -117.56 15.82
CA GLY L 510 -26.49 -116.62 16.63
C GLY L 510 -27.38 -115.69 15.83
N GLY L 511 -28.64 -115.58 16.24
CA GLY L 511 -29.55 -114.66 15.56
C GLY L 511 -29.95 -115.17 14.20
N PHE L 512 -29.99 -114.26 13.23
CA PHE L 512 -30.30 -114.59 11.84
C PHE L 512 -29.04 -114.76 11.00
N PHE L 513 -27.91 -115.07 11.63
CA PHE L 513 -26.63 -115.20 10.96
C PHE L 513 -26.35 -116.64 10.53
N GLY L 514 -27.38 -117.45 10.31
CA GLY L 514 -27.16 -118.87 10.10
C GLY L 514 -26.61 -119.19 8.72
N TRP L 515 -27.13 -118.53 7.68
CA TRP L 515 -26.76 -118.85 6.30
C TRP L 515 -25.87 -117.72 5.78
N PHE L 516 -24.60 -117.79 6.12
CA PHE L 516 -23.61 -116.86 5.59
C PHE L 516 -22.36 -117.56 5.08
N ASN L 517 -21.88 -118.58 5.79
CA ASN L 517 -20.59 -119.15 5.47
C ASN L 517 -20.68 -120.13 4.31
N ARG L 518 -21.80 -120.82 4.15
CA ARG L 518 -21.97 -121.68 2.99
C ARG L 518 -22.12 -120.83 1.72
N MET L 519 -22.71 -119.64 1.85
CA MET L 519 -22.74 -118.71 0.73
C MET L 519 -21.35 -118.20 0.40
N PHE L 520 -20.54 -117.94 1.42
CA PHE L 520 -19.16 -117.49 1.20
C PHE L 520 -18.33 -118.57 0.51
N LEU L 521 -18.45 -119.82 0.98
CA LEU L 521 -17.73 -120.92 0.35
C LEU L 521 -18.25 -121.23 -1.05
N SER L 522 -19.55 -121.01 -1.30
CA SER L 522 -20.08 -121.14 -2.65
C SER L 522 -19.50 -120.08 -3.57
N THR L 523 -19.29 -118.87 -3.07
CA THR L 523 -18.66 -117.83 -3.88
C THR L 523 -17.19 -118.14 -4.13
N THR L 524 -16.51 -118.76 -3.16
CA THR L 524 -15.12 -119.17 -3.39
C THR L 524 -15.02 -120.25 -4.46
N HIS L 525 -15.94 -121.22 -4.41
CA HIS L 525 -15.95 -122.28 -5.42
C HIS L 525 -16.33 -121.73 -6.79
N GLY L 526 -17.22 -120.73 -6.82
CA GLY L 526 -17.52 -120.05 -8.06
C GLY L 526 -16.33 -119.29 -8.61
N TYR L 527 -15.52 -118.70 -7.72
CA TYR L 527 -14.27 -118.06 -8.14
C TYR L 527 -13.29 -119.08 -8.71
N GLU L 528 -13.21 -120.26 -8.07
CA GLU L 528 -12.31 -121.32 -8.52
C GLU L 528 -12.69 -121.84 -9.91
N ARG L 529 -13.98 -122.02 -10.15
CA ARG L 529 -14.37 -122.46 -11.50
C ARG L 529 -14.34 -121.30 -12.49
N GLY L 530 -14.50 -120.07 -12.02
CA GLY L 530 -14.49 -118.94 -12.93
C GLY L 530 -13.12 -118.62 -13.49
N VAL L 531 -12.07 -118.72 -12.66
CA VAL L 531 -10.72 -118.47 -13.17
C VAL L 531 -10.31 -119.55 -14.15
N ALA L 532 -10.76 -120.80 -13.93
CA ALA L 532 -10.46 -121.88 -14.86
C ALA L 532 -11.26 -121.74 -16.14
N SER L 533 -12.47 -121.18 -16.07
CA SER L 533 -13.24 -120.92 -17.27
C SER L 533 -12.62 -119.78 -18.07
N ILE L 534 -12.01 -118.82 -17.38
CA ILE L 534 -11.43 -117.67 -18.08
C ILE L 534 -10.09 -118.05 -18.73
N LEU L 535 -9.27 -118.89 -18.08
CA LEU L 535 -7.95 -119.19 -18.64
C LEU L 535 -7.98 -120.20 -19.80
N LYS L 536 -9.16 -120.50 -20.37
CA LYS L 536 -9.23 -121.51 -21.44
C LYS L 536 -8.65 -120.98 -22.75
N HIS L 537 -9.28 -119.94 -23.31
CA HIS L 537 -8.90 -119.42 -24.61
C HIS L 537 -7.80 -118.36 -24.53
N ARG L 538 -7.99 -117.36 -23.68
CA ARG L 538 -7.07 -116.28 -23.34
C ARG L 538 -6.80 -115.29 -24.47
N ALA L 539 -7.39 -115.50 -25.64
CA ALA L 539 -7.39 -114.48 -26.69
C ALA L 539 -8.46 -113.41 -26.47
N PRO L 540 -9.77 -113.72 -26.30
CA PRO L 540 -10.71 -112.60 -26.15
C PRO L 540 -10.63 -111.94 -24.79
N TYR L 541 -10.12 -112.65 -23.78
CA TYR L 541 -9.94 -112.08 -22.45
C TYR L 541 -8.79 -111.08 -22.41
N LEU L 542 -7.90 -111.10 -23.40
CA LEU L 542 -6.90 -110.06 -23.57
C LEU L 542 -7.34 -109.00 -24.59
N LEU L 543 -8.16 -109.39 -25.56
CA LEU L 543 -8.69 -108.40 -26.50
C LEU L 543 -9.70 -107.48 -25.84
N ILE L 544 -10.39 -107.95 -24.79
CA ILE L 544 -11.28 -107.03 -24.06
C ILE L 544 -10.45 -106.05 -23.24
N TYR L 545 -9.27 -106.47 -22.76
CA TYR L 545 -8.35 -105.55 -22.10
C TYR L 545 -7.81 -104.51 -23.07
N VAL L 546 -7.50 -104.92 -24.30
CA VAL L 546 -6.96 -103.93 -25.23
C VAL L 546 -8.08 -103.01 -25.74
N VAL L 547 -9.33 -103.46 -25.76
CA VAL L 547 -10.38 -102.54 -26.21
C VAL L 547 -10.79 -101.58 -25.09
N ILE L 548 -10.65 -101.99 -23.82
CA ILE L 548 -10.97 -101.02 -22.77
C ILE L 548 -9.83 -100.03 -22.59
N VAL L 549 -8.58 -100.45 -22.83
CA VAL L 549 -7.50 -99.46 -22.79
C VAL L 549 -7.48 -98.61 -24.05
N ALA L 550 -8.14 -99.07 -25.12
CA ALA L 550 -8.34 -98.19 -26.27
C ALA L 550 -9.44 -97.15 -26.01
N GLY L 551 -10.52 -97.56 -25.33
CA GLY L 551 -11.58 -96.62 -25.02
C GLY L 551 -11.27 -95.64 -23.92
N MET L 552 -10.32 -96.00 -23.04
CA MET L 552 -10.04 -95.19 -21.86
C MET L 552 -9.43 -93.84 -22.22
N ILE L 553 -8.62 -93.77 -23.27
CA ILE L 553 -7.97 -92.51 -23.61
C ILE L 553 -8.96 -91.55 -24.26
N TRP L 554 -9.89 -92.09 -25.06
CA TRP L 554 -10.93 -91.24 -25.64
C TRP L 554 -11.90 -90.76 -24.58
N MET L 555 -12.21 -91.62 -23.59
CA MET L 555 -13.02 -91.16 -22.47
C MET L 555 -12.27 -90.16 -21.59
N PHE L 556 -10.94 -90.26 -21.56
CA PHE L 556 -10.13 -89.36 -20.74
C PHE L 556 -10.05 -87.98 -21.37
N THR L 557 -9.82 -87.92 -22.67
CA THR L 557 -9.82 -86.62 -23.35
C THR L 557 -11.22 -86.12 -23.65
N ARG L 558 -12.25 -86.95 -23.42
CA ARG L 558 -13.63 -86.49 -23.63
C ARG L 558 -14.08 -85.57 -22.50
N ILE L 559 -13.75 -85.91 -21.25
CA ILE L 559 -14.21 -85.12 -20.11
C ILE L 559 -13.38 -83.83 -20.02
N PRO L 560 -13.99 -82.68 -19.78
CA PRO L 560 -13.22 -81.44 -19.70
C PRO L 560 -12.53 -81.27 -18.36
N THR L 561 -11.54 -80.39 -18.35
CA THR L 561 -10.79 -80.07 -17.13
C THR L 561 -11.45 -78.94 -16.38
N ALA L 562 -11.16 -78.86 -15.08
CA ALA L 562 -11.63 -77.78 -14.23
C ALA L 562 -10.63 -77.58 -13.11
N PHE L 563 -11.00 -76.75 -12.14
CA PHE L 563 -10.09 -76.37 -11.06
C PHE L 563 -10.88 -75.84 -9.86
N LEU L 564 -10.89 -76.60 -8.76
CA LEU L 564 -11.59 -76.34 -7.49
C LEU L 564 -13.07 -76.01 -7.72
N PRO L 565 -13.90 -77.03 -7.89
CA PRO L 565 -15.30 -76.80 -8.28
C PRO L 565 -16.11 -76.08 -7.21
N ASP L 566 -17.26 -75.56 -7.63
CA ASP L 566 -18.06 -74.64 -6.83
C ASP L 566 -18.90 -75.36 -5.80
N GLU L 567 -19.25 -74.63 -4.74
CA GLU L 567 -20.17 -75.12 -3.72
C GLU L 567 -21.01 -73.93 -3.25
N ASP L 568 -21.84 -74.16 -2.22
CA ASP L 568 -22.84 -73.19 -1.82
C ASP L 568 -22.25 -72.02 -1.05
N GLN L 569 -21.62 -72.30 0.10
CA GLN L 569 -20.98 -71.34 1.01
C GLN L 569 -21.91 -70.30 1.62
N GLY L 570 -23.22 -70.42 1.42
CA GLY L 570 -24.21 -69.69 2.17
C GLY L 570 -24.30 -68.19 1.93
N VAL L 571 -23.59 -67.66 0.93
CA VAL L 571 -23.57 -66.22 0.69
C VAL L 571 -23.86 -65.94 -0.78
N LEU L 572 -24.31 -64.72 -1.04
CA LEU L 572 -24.63 -64.31 -2.41
C LEU L 572 -24.34 -62.82 -2.56
N PHE L 573 -23.78 -62.42 -3.70
CA PHE L 573 -23.52 -61.02 -3.98
C PHE L 573 -24.48 -60.55 -5.07
N ALA L 574 -24.91 -59.30 -4.98
CA ALA L 574 -25.75 -58.72 -6.02
C ALA L 574 -25.38 -57.26 -6.19
N GLN L 575 -24.80 -56.91 -7.33
CA GLN L 575 -24.43 -55.54 -7.62
C GLN L 575 -25.45 -54.89 -8.54
N VAL L 576 -25.58 -53.58 -8.44
CA VAL L 576 -26.48 -52.82 -9.29
C VAL L 576 -25.66 -51.78 -10.05
N GLN L 577 -26.24 -51.30 -11.15
CA GLN L 577 -25.56 -50.32 -11.98
C GLN L 577 -26.60 -49.55 -12.79
N THR L 578 -26.80 -48.29 -12.44
CA THR L 578 -27.70 -47.43 -13.17
C THR L 578 -27.01 -46.90 -14.43
N PRO L 579 -27.76 -46.29 -15.34
CA PRO L 579 -27.13 -45.54 -16.45
C PRO L 579 -26.23 -44.44 -15.92
N PRO L 580 -25.15 -44.11 -16.66
CA PRO L 580 -24.17 -43.17 -16.15
C PRO L 580 -24.71 -41.75 -16.07
N GLY L 581 -24.21 -41.00 -15.09
CA GLY L 581 -24.70 -39.67 -14.82
C GLY L 581 -25.89 -39.61 -13.90
N SER L 582 -26.41 -40.74 -13.46
CA SER L 582 -27.58 -40.75 -12.61
C SER L 582 -27.22 -40.37 -11.17
N SER L 583 -28.24 -39.97 -10.42
CA SER L 583 -28.03 -39.57 -9.04
C SER L 583 -28.06 -40.78 -8.12
N ALA L 584 -27.78 -40.53 -6.84
CA ALA L 584 -27.69 -41.62 -5.87
C ALA L 584 -29.07 -42.15 -5.49
N GLU L 585 -30.07 -41.27 -5.48
CA GLU L 585 -31.41 -41.69 -5.08
C GLU L 585 -32.04 -42.60 -6.12
N ARG L 586 -31.65 -42.46 -7.39
CA ARG L 586 -32.12 -43.38 -8.41
C ARG L 586 -31.53 -44.77 -8.23
N THR L 587 -30.35 -44.87 -7.63
CA THR L 587 -29.82 -46.18 -7.28
C THR L 587 -30.50 -46.72 -6.03
N GLN L 588 -30.83 -45.82 -5.09
CA GLN L 588 -31.50 -46.24 -3.87
C GLN L 588 -32.89 -46.81 -4.17
N VAL L 589 -33.60 -46.19 -5.11
CA VAL L 589 -34.98 -46.58 -5.40
C VAL L 589 -35.03 -47.90 -6.17
N VAL L 590 -33.92 -48.38 -6.70
CA VAL L 590 -33.93 -49.70 -7.31
C VAL L 590 -33.29 -50.74 -6.38
N VAL L 591 -32.36 -50.33 -5.52
CA VAL L 591 -31.72 -51.32 -4.66
C VAL L 591 -32.64 -51.69 -3.51
N ASP L 592 -33.51 -50.77 -3.07
CA ASP L 592 -34.50 -51.17 -2.08
C ASP L 592 -35.59 -52.02 -2.71
N SER L 593 -35.81 -51.84 -4.01
CA SER L 593 -36.81 -52.66 -4.72
C SER L 593 -36.34 -54.09 -4.83
N MET L 594 -35.10 -54.31 -5.24
CA MET L 594 -34.59 -55.68 -5.31
C MET L 594 -34.42 -56.28 -3.91
N ARG L 595 -34.13 -55.42 -2.92
CA ARG L 595 -34.06 -55.86 -1.53
C ARG L 595 -35.40 -56.38 -1.04
N GLU L 596 -36.48 -55.63 -1.27
CA GLU L 596 -37.78 -56.07 -0.79
C GLU L 596 -38.30 -57.24 -1.62
N TYR L 597 -37.88 -57.35 -2.89
CA TYR L 597 -38.25 -58.54 -3.66
C TYR L 597 -37.63 -59.79 -3.09
N LEU L 598 -36.31 -59.78 -2.87
CA LEU L 598 -35.71 -61.01 -2.35
C LEU L 598 -35.95 -61.19 -0.86
N LEU L 599 -36.50 -60.20 -0.18
CA LEU L 599 -36.98 -60.44 1.17
C LEU L 599 -38.36 -61.10 1.17
N GLU L 600 -39.25 -60.69 0.25
CA GLU L 600 -40.60 -61.24 0.26
C GLU L 600 -40.67 -62.59 -0.45
N LYS L 601 -40.27 -62.63 -1.71
CA LYS L 601 -40.55 -63.82 -2.52
C LYS L 601 -39.58 -64.96 -2.23
N GLU L 602 -38.34 -64.66 -1.86
CA GLU L 602 -37.30 -65.67 -1.75
C GLU L 602 -36.97 -66.00 -0.29
N SER L 603 -37.95 -65.86 0.61
CA SER L 603 -37.70 -66.02 2.03
C SER L 603 -37.47 -67.47 2.44
N SER L 604 -37.65 -68.42 1.51
CA SER L 604 -37.37 -69.82 1.82
C SER L 604 -35.87 -70.09 1.93
N SER L 605 -35.03 -69.22 1.38
CA SER L 605 -33.59 -69.46 1.34
C SER L 605 -32.78 -68.39 2.05
N VAL L 606 -33.16 -67.11 1.94
CA VAL L 606 -32.35 -66.06 2.52
C VAL L 606 -32.68 -65.90 4.00
N SER L 607 -31.64 -65.72 4.81
CA SER L 607 -31.86 -65.28 6.18
C SER L 607 -32.04 -63.77 6.23
N SER L 608 -31.06 -63.03 5.72
CA SER L 608 -31.17 -61.58 5.69
C SER L 608 -30.35 -61.02 4.54
N VAL L 609 -30.56 -59.73 4.27
CA VAL L 609 -29.86 -59.02 3.21
C VAL L 609 -29.41 -57.66 3.73
N PHE L 610 -28.16 -57.32 3.44
CA PHE L 610 -27.54 -56.09 3.90
C PHE L 610 -27.02 -55.34 2.69
N THR L 611 -27.60 -54.19 2.38
CA THR L 611 -27.27 -53.48 1.16
C THR L 611 -26.55 -52.18 1.47
N VAL L 612 -25.74 -51.73 0.51
CA VAL L 612 -24.96 -50.51 0.65
C VAL L 612 -24.95 -49.81 -0.69
N THR L 613 -25.09 -48.49 -0.67
CA THR L 613 -25.09 -47.72 -1.90
C THR L 613 -23.85 -46.84 -1.94
N GLY L 614 -23.42 -46.52 -3.16
CA GLY L 614 -22.19 -45.78 -3.36
C GLY L 614 -20.96 -46.62 -3.49
N PHE L 615 -21.02 -47.90 -3.15
CA PHE L 615 -19.86 -48.78 -3.20
C PHE L 615 -20.22 -50.05 -3.97
N ASN L 616 -19.27 -50.53 -4.74
CA ASN L 616 -19.49 -51.71 -5.57
C ASN L 616 -18.14 -52.38 -5.78
N PHE L 617 -18.20 -53.63 -6.28
CA PHE L 617 -16.96 -54.29 -6.66
C PHE L 617 -16.45 -53.76 -7.98
N ALA L 618 -17.33 -53.20 -8.81
CA ALA L 618 -16.94 -52.66 -10.10
C ALA L 618 -16.55 -51.20 -10.04
N GLY L 619 -16.37 -50.64 -8.86
CA GLY L 619 -16.01 -49.25 -8.72
C GLY L 619 -16.88 -48.60 -7.66
N ARG L 620 -16.89 -47.28 -7.65
CA ARG L 620 -17.76 -46.56 -6.73
C ARG L 620 -18.30 -45.30 -7.40
N GLY L 621 -18.89 -44.43 -6.60
CA GLY L 621 -19.58 -43.26 -7.10
C GLY L 621 -21.08 -43.35 -6.85
N GLN L 622 -21.78 -42.34 -7.36
CA GLN L 622 -23.22 -42.27 -7.15
C GLN L 622 -23.97 -43.33 -7.94
N SER L 623 -23.39 -43.82 -9.03
CA SER L 623 -24.10 -44.70 -9.95
C SER L 623 -23.98 -46.17 -9.61
N SER L 624 -23.49 -46.52 -8.42
CA SER L 624 -23.21 -47.91 -8.10
C SER L 624 -23.67 -48.26 -6.70
N GLY L 625 -23.96 -49.55 -6.50
CA GLY L 625 -24.34 -50.07 -5.20
C GLY L 625 -24.29 -51.58 -5.22
N MET L 626 -24.29 -52.17 -4.04
CA MET L 626 -24.24 -53.62 -3.95
C MET L 626 -25.03 -54.10 -2.74
N ALA L 627 -25.22 -55.41 -2.66
CA ALA L 627 -25.99 -56.01 -1.58
C ALA L 627 -25.43 -57.39 -1.30
N PHE L 628 -25.14 -57.65 -0.02
CA PHE L 628 -24.79 -58.98 0.44
C PHE L 628 -26.05 -59.70 0.88
N ILE L 629 -26.11 -60.99 0.58
CA ILE L 629 -27.27 -61.82 0.85
C ILE L 629 -26.77 -62.99 1.67
N MET L 630 -27.12 -63.00 2.96
CA MET L 630 -26.79 -64.10 3.86
C MET L 630 -27.96 -65.06 3.91
N LEU L 631 -27.75 -66.28 3.45
CA LEU L 631 -28.83 -67.25 3.34
C LEU L 631 -29.10 -67.91 4.69
N LYS L 632 -30.10 -68.80 4.69
CA LYS L 632 -30.40 -69.60 5.84
C LYS L 632 -29.28 -70.61 6.11
N PRO L 633 -29.18 -71.13 7.33
CA PRO L 633 -28.25 -72.24 7.58
C PRO L 633 -28.61 -73.49 6.78
N TRP L 634 -27.64 -74.41 6.71
CA TRP L 634 -27.66 -75.48 5.72
C TRP L 634 -28.79 -76.47 5.97
N GLU L 635 -29.10 -76.73 7.24
CA GLU L 635 -30.22 -77.61 7.54
C GLU L 635 -31.55 -76.91 7.32
N GLU L 636 -31.57 -75.57 7.36
CA GLU L 636 -32.82 -74.84 7.22
C GLU L 636 -33.31 -74.77 5.78
N ARG L 637 -32.44 -75.01 4.81
CA ARG L 637 -32.81 -75.00 3.39
C ARG L 637 -32.46 -76.36 2.77
N PRO L 638 -33.34 -77.35 2.91
CA PRO L 638 -33.09 -78.64 2.28
C PRO L 638 -33.46 -78.62 0.81
N GLY L 639 -32.93 -79.58 0.08
CA GLY L 639 -33.25 -79.70 -1.34
C GLY L 639 -32.34 -78.85 -2.20
N GLY L 640 -32.19 -79.29 -3.46
CA GLY L 640 -31.37 -78.57 -4.41
C GLY L 640 -32.00 -77.31 -4.94
N GLU L 641 -33.32 -77.15 -4.78
CA GLU L 641 -33.99 -75.96 -5.27
C GLU L 641 -33.72 -74.76 -4.38
N ASN L 642 -33.23 -74.98 -3.17
CA ASN L 642 -32.87 -73.90 -2.25
C ASN L 642 -31.36 -73.69 -2.16
N SER L 643 -30.60 -74.19 -3.13
CA SER L 643 -29.17 -73.94 -3.14
C SER L 643 -28.86 -72.53 -3.61
N VAL L 644 -27.58 -72.17 -3.60
CA VAL L 644 -27.21 -70.81 -3.98
C VAL L 644 -27.25 -70.66 -5.49
N PHE L 645 -27.15 -71.77 -6.23
CA PHE L 645 -27.13 -71.66 -7.69
C PHE L 645 -28.53 -71.55 -8.26
N GLU L 646 -29.51 -72.19 -7.62
CA GLU L 646 -30.90 -72.03 -8.03
C GLU L 646 -31.38 -70.62 -7.77
N LEU L 647 -30.94 -70.03 -6.66
CA LEU L 647 -31.22 -68.62 -6.41
C LEU L 647 -30.47 -67.74 -7.38
N ALA L 648 -29.24 -68.11 -7.72
CA ALA L 648 -28.41 -67.30 -8.61
C ALA L 648 -28.92 -67.32 -10.04
N LYS L 649 -29.71 -68.32 -10.41
CA LYS L 649 -30.36 -68.24 -11.72
C LYS L 649 -31.78 -67.68 -11.64
N ARG L 650 -32.51 -67.94 -10.55
CA ARG L 650 -33.89 -67.50 -10.45
C ARG L 650 -33.98 -65.99 -10.23
N ALA L 651 -33.16 -65.46 -9.30
CA ALA L 651 -33.14 -64.02 -9.09
C ALA L 651 -32.56 -63.29 -10.29
N GLN L 652 -31.62 -63.92 -11.01
CA GLN L 652 -31.09 -63.30 -12.22
C GLN L 652 -32.15 -63.25 -13.32
N MET L 653 -33.02 -64.27 -13.38
CA MET L 653 -34.15 -64.21 -14.31
C MET L 653 -35.15 -63.14 -13.89
N HIS L 654 -35.35 -62.95 -12.59
CA HIS L 654 -36.29 -61.94 -12.13
C HIS L 654 -35.73 -60.53 -12.29
N PHE L 655 -34.40 -60.37 -12.27
CA PHE L 655 -33.79 -59.05 -12.29
C PHE L 655 -33.89 -58.36 -13.65
N PHE L 656 -34.34 -59.07 -14.68
CA PHE L 656 -34.59 -58.42 -15.96
C PHE L 656 -35.87 -57.60 -15.95
N SER L 657 -36.70 -57.74 -14.91
CA SER L 657 -37.87 -56.89 -14.78
C SER L 657 -37.49 -55.46 -14.43
N PHE L 658 -36.37 -55.28 -13.74
CA PHE L 658 -35.88 -53.93 -13.44
C PHE L 658 -35.29 -53.32 -14.70
N LYS L 659 -35.88 -52.23 -15.17
CA LYS L 659 -35.50 -51.68 -16.45
C LYS L 659 -34.34 -50.71 -16.36
N ASP L 660 -34.33 -49.83 -15.35
CA ASP L 660 -33.32 -48.77 -15.26
C ASP L 660 -32.09 -49.18 -14.46
N ALA L 661 -31.78 -50.47 -14.39
CA ALA L 661 -30.60 -50.92 -13.67
C ALA L 661 -30.13 -52.25 -14.24
N MET L 662 -28.84 -52.34 -14.53
CA MET L 662 -28.23 -53.58 -14.99
C MET L 662 -27.73 -54.37 -13.78
N VAL L 663 -28.68 -55.01 -13.10
CA VAL L 663 -28.39 -55.72 -11.87
C VAL L 663 -27.75 -57.06 -12.20
N PHE L 664 -26.72 -57.43 -11.44
CA PHE L 664 -25.95 -58.64 -11.71
C PHE L 664 -25.76 -59.36 -10.38
N ALA L 665 -26.33 -60.55 -10.27
CA ALA L 665 -26.18 -61.38 -9.08
C ALA L 665 -25.28 -62.56 -9.36
N PHE L 666 -24.43 -62.88 -8.40
CA PHE L 666 -23.45 -63.95 -8.57
C PHE L 666 -23.02 -64.44 -7.20
N ALA L 667 -22.11 -65.41 -7.18
CA ALA L 667 -21.62 -66.06 -5.98
C ALA L 667 -20.10 -66.09 -6.00
N PRO L 668 -19.46 -65.96 -4.85
CA PRO L 668 -17.99 -66.01 -4.81
C PRO L 668 -17.49 -67.42 -5.07
N PRO L 669 -16.24 -67.60 -5.48
CA PRO L 669 -15.74 -68.95 -5.77
C PRO L 669 -15.52 -69.78 -4.50
N SER L 670 -15.00 -70.99 -4.72
CA SER L 670 -14.81 -71.94 -3.63
C SER L 670 -13.75 -71.45 -2.66
N VAL L 671 -12.55 -71.17 -3.15
CA VAL L 671 -11.54 -70.53 -2.34
C VAL L 671 -11.86 -69.03 -2.29
N LEU L 672 -11.60 -68.40 -1.15
CA LEU L 672 -11.99 -67.01 -0.95
C LEU L 672 -10.83 -66.04 -0.98
N GLU L 673 -9.59 -66.54 -0.91
CA GLU L 673 -8.45 -65.63 -0.85
C GLU L 673 -8.05 -65.10 -2.21
N LEU L 674 -8.65 -65.61 -3.29
CA LEU L 674 -8.36 -65.13 -4.64
C LEU L 674 -9.65 -65.07 -5.43
N GLY L 675 -9.91 -63.91 -6.04
CA GLY L 675 -11.04 -63.73 -6.92
C GLY L 675 -12.36 -63.52 -6.21
N ASN L 676 -13.13 -62.52 -6.64
CA ASN L 676 -14.47 -62.32 -6.13
C ASN L 676 -15.54 -62.97 -7.00
N ALA L 677 -15.16 -63.48 -8.16
CA ALA L 677 -16.08 -64.18 -9.04
C ALA L 677 -15.28 -65.19 -9.86
N THR L 678 -15.92 -66.29 -10.20
CA THR L 678 -15.25 -67.35 -10.93
C THR L 678 -15.03 -66.95 -12.39
N GLY L 679 -14.06 -67.60 -13.02
CA GLY L 679 -13.82 -67.38 -14.43
C GLY L 679 -12.39 -67.06 -14.78
N PHE L 680 -12.17 -65.88 -15.35
CA PHE L 680 -10.86 -65.45 -15.80
C PHE L 680 -10.83 -63.93 -15.83
N ASP L 681 -9.73 -63.36 -16.30
CA ASP L 681 -9.59 -61.92 -16.41
C ASP L 681 -8.60 -61.61 -17.54
N LEU L 682 -8.64 -60.36 -18.00
CA LEU L 682 -7.76 -59.97 -19.09
C LEU L 682 -7.53 -58.46 -19.02
N PHE L 683 -6.30 -58.04 -19.32
CA PHE L 683 -5.94 -56.63 -19.32
C PHE L 683 -5.43 -56.22 -20.70
N LEU L 684 -5.67 -54.98 -21.07
CA LEU L 684 -5.26 -54.43 -22.37
C LEU L 684 -4.52 -53.12 -22.13
N GLN L 685 -3.22 -53.13 -22.43
CA GLN L 685 -2.33 -52.02 -22.17
C GLN L 685 -2.07 -51.19 -23.42
N ASP L 686 -1.73 -49.91 -23.24
CA ASP L 686 -1.25 -49.09 -24.36
C ASP L 686 0.27 -48.90 -24.27
N GLN L 687 0.98 -49.92 -24.74
CA GLN L 687 2.44 -49.87 -24.70
C GLN L 687 3.01 -48.89 -25.72
N ALA L 688 2.26 -48.58 -26.78
CA ALA L 688 2.74 -47.66 -27.80
C ALA L 688 2.61 -46.20 -27.38
N GLY L 689 1.91 -45.91 -26.29
CA GLY L 689 1.64 -44.53 -25.93
C GLY L 689 0.44 -43.91 -26.60
N VAL L 690 -0.48 -44.73 -27.12
CA VAL L 690 -1.68 -44.21 -27.75
C VAL L 690 -2.65 -43.68 -26.70
N GLY L 691 -3.68 -42.98 -27.17
CA GLY L 691 -4.60 -42.29 -26.30
C GLY L 691 -5.53 -43.23 -25.55
N HIS L 692 -6.43 -42.61 -24.78
CA HIS L 692 -7.39 -43.38 -23.99
C HIS L 692 -8.60 -43.79 -24.83
N GLU L 693 -9.00 -42.95 -25.78
CA GLU L 693 -10.21 -43.22 -26.54
C GLU L 693 -10.00 -44.33 -27.57
N VAL L 694 -8.77 -44.46 -28.07
CA VAL L 694 -8.48 -45.56 -29.00
C VAL L 694 -8.45 -46.89 -28.26
N LEU L 695 -7.99 -46.88 -27.01
CA LEU L 695 -8.07 -48.08 -26.19
C LEU L 695 -9.51 -48.38 -25.80
N LEU L 696 -10.33 -47.34 -25.65
CA LEU L 696 -11.76 -47.55 -25.40
C LEU L 696 -12.43 -48.19 -26.61
N GLN L 697 -12.05 -47.77 -27.81
CA GLN L 697 -12.55 -48.39 -29.03
C GLN L 697 -12.09 -49.83 -29.13
N ALA L 698 -10.86 -50.10 -28.68
CA ALA L 698 -10.34 -51.47 -28.64
C ALA L 698 -11.15 -52.33 -27.67
N ARG L 699 -11.47 -51.77 -26.50
CA ARG L 699 -12.28 -52.47 -25.52
C ARG L 699 -13.69 -52.75 -26.05
N ASN L 700 -14.27 -51.79 -26.77
CA ASN L 700 -15.60 -51.99 -27.32
C ASN L 700 -15.59 -53.01 -28.45
N LYS L 701 -14.52 -53.04 -29.25
CA LYS L 701 -14.38 -54.06 -30.27
C LYS L 701 -14.22 -55.45 -29.66
N PHE L 702 -13.48 -55.54 -28.57
CA PHE L 702 -13.35 -56.82 -27.88
C PHE L 702 -14.67 -57.24 -27.24
N LEU L 703 -15.46 -56.28 -26.77
CA LEU L 703 -16.74 -56.60 -26.16
C LEU L 703 -17.75 -57.05 -27.20
N MET L 704 -17.72 -56.44 -28.39
CA MET L 704 -18.64 -56.87 -29.44
C MET L 704 -18.17 -58.17 -30.10
N LEU L 705 -16.87 -58.49 -29.99
CA LEU L 705 -16.40 -59.78 -30.48
C LEU L 705 -16.55 -60.88 -29.44
N ALA L 706 -16.75 -60.52 -28.17
CA ALA L 706 -16.80 -61.54 -27.12
C ALA L 706 -18.20 -62.08 -26.90
N ALA L 707 -19.24 -61.27 -27.17
CA ALA L 707 -20.60 -61.74 -26.96
C ALA L 707 -21.02 -62.74 -28.02
N GLN L 708 -20.41 -62.68 -29.20
CA GLN L 708 -20.72 -63.59 -30.30
C GLN L 708 -19.92 -64.88 -30.25
N ASN L 709 -19.06 -65.06 -29.24
CA ASN L 709 -18.25 -66.26 -29.14
C ASN L 709 -19.01 -67.34 -28.37
N PRO L 710 -19.07 -68.58 -28.87
CA PRO L 710 -19.83 -69.61 -28.16
C PRO L 710 -19.08 -70.22 -27.00
N ALA L 711 -17.75 -70.16 -27.00
CA ALA L 711 -16.97 -70.78 -25.92
C ALA L 711 -17.02 -69.95 -24.65
N LEU L 712 -17.35 -68.67 -24.74
CA LEU L 712 -17.39 -67.78 -23.60
C LEU L 712 -18.81 -67.26 -23.40
N GLN L 713 -19.10 -66.87 -22.17
CA GLN L 713 -20.37 -66.25 -21.84
C GLN L 713 -20.20 -65.41 -20.59
N ARG L 714 -21.09 -64.42 -20.44
CA ARG L 714 -21.06 -63.42 -19.37
C ARG L 714 -19.73 -62.65 -19.33
N VAL L 715 -19.17 -62.34 -20.49
CA VAL L 715 -17.97 -61.52 -20.55
C VAL L 715 -18.35 -60.06 -20.40
N ARG L 716 -17.74 -59.38 -19.44
CA ARG L 716 -18.07 -57.98 -19.19
C ARG L 716 -16.86 -57.31 -18.55
N PRO L 717 -16.73 -56.00 -18.72
CA PRO L 717 -15.71 -55.28 -17.94
C PRO L 717 -16.24 -54.90 -16.57
N ASN L 718 -15.36 -55.02 -15.58
CA ASN L 718 -15.65 -54.51 -14.25
C ASN L 718 -15.30 -53.04 -14.09
N GLY L 719 -15.00 -52.35 -15.19
CA GLY L 719 -14.91 -50.91 -15.14
C GLY L 719 -16.27 -50.27 -15.29
N MET L 720 -16.30 -48.98 -15.56
CA MET L 720 -17.56 -48.28 -15.74
C MET L 720 -17.56 -47.62 -17.10
N SER L 721 -18.74 -47.48 -17.70
CA SER L 721 -18.84 -46.82 -18.99
C SER L 721 -18.59 -45.33 -18.84
N ASP L 722 -18.28 -44.67 -19.95
CA ASP L 722 -18.00 -43.25 -19.91
C ASP L 722 -19.25 -42.45 -19.62
N GLU L 723 -19.12 -41.51 -18.70
CA GLU L 723 -20.19 -40.62 -18.29
C GLU L 723 -19.86 -39.22 -18.78
N PRO L 724 -20.88 -38.37 -18.93
CA PRO L 724 -20.62 -36.96 -19.22
C PRO L 724 -19.98 -36.26 -18.03
N GLN L 725 -19.30 -35.16 -18.34
CA GLN L 725 -18.64 -34.37 -17.33
C GLN L 725 -18.53 -32.94 -17.82
N TYR L 726 -18.90 -32.01 -16.95
CA TYR L 726 -18.79 -30.60 -17.25
C TYR L 726 -17.34 -30.17 -17.17
N LYS L 727 -16.91 -29.35 -18.12
CA LYS L 727 -15.59 -28.75 -18.08
C LYS L 727 -15.75 -27.25 -18.22
N LEU L 728 -15.31 -26.52 -17.21
CA LEU L 728 -15.34 -25.07 -17.25
C LEU L 728 -13.94 -24.57 -17.61
N GLU L 729 -13.89 -23.57 -18.48
CA GLU L 729 -12.65 -22.91 -18.85
C GLU L 729 -12.76 -21.45 -18.46
N ILE L 730 -11.69 -20.93 -17.87
CA ILE L 730 -11.62 -19.55 -17.43
C ILE L 730 -10.75 -18.79 -18.40
N ASP L 731 -11.18 -17.59 -18.75
CA ASP L 731 -10.38 -16.69 -19.58
C ASP L 731 -9.41 -15.98 -18.66
N ASP L 732 -8.21 -16.56 -18.52
CA ASP L 732 -7.21 -15.99 -17.63
C ASP L 732 -6.71 -14.63 -18.12
N GLU L 733 -6.72 -14.42 -19.43
CA GLU L 733 -6.45 -13.09 -19.98
C GLU L 733 -7.48 -12.09 -19.49
N LYS L 734 -8.76 -12.43 -19.61
CA LYS L 734 -9.82 -11.52 -19.19
C LYS L 734 -9.87 -11.39 -17.67
N ALA L 735 -9.64 -12.49 -16.95
CA ALA L 735 -9.69 -12.45 -15.49
C ALA L 735 -8.55 -11.61 -14.93
N SER L 736 -7.35 -11.77 -15.47
CA SER L 736 -6.24 -10.96 -15.02
C SER L 736 -6.34 -9.53 -15.52
N ALA L 737 -7.05 -9.29 -16.62
CA ALA L 737 -7.28 -7.92 -17.06
C ALA L 737 -8.32 -7.22 -16.20
N LEU L 738 -9.28 -7.98 -15.66
CA LEU L 738 -10.30 -7.39 -14.80
C LEU L 738 -9.78 -7.06 -13.41
N GLY L 739 -8.58 -7.49 -13.05
CA GLY L 739 -7.97 -7.14 -11.80
C GLY L 739 -7.85 -8.28 -10.81
N VAL L 740 -8.64 -9.33 -10.97
CA VAL L 740 -8.57 -10.45 -10.04
C VAL L 740 -7.38 -11.32 -10.44
N SER L 741 -6.79 -11.99 -9.44
CA SER L 741 -5.65 -12.87 -9.65
C SER L 741 -6.14 -14.21 -10.18
N LEU L 742 -5.27 -15.22 -10.15
CA LEU L 742 -5.64 -16.57 -10.58
C LEU L 742 -5.59 -17.58 -9.45
N ALA L 743 -4.66 -17.41 -8.50
CA ALA L 743 -4.55 -18.33 -7.38
C ALA L 743 -5.78 -18.27 -6.49
N ASP L 744 -6.40 -17.10 -6.36
CA ASP L 744 -7.64 -16.99 -5.61
C ASP L 744 -8.80 -17.65 -6.35
N ILE L 745 -8.73 -17.67 -7.69
CA ILE L 745 -9.75 -18.41 -8.46
C ILE L 745 -9.61 -19.90 -8.22
N ASN L 746 -8.36 -20.39 -8.21
CA ASN L 746 -8.12 -21.80 -7.92
C ASN L 746 -8.55 -22.15 -6.50
N SER L 747 -8.27 -21.27 -5.54
CA SER L 747 -8.66 -21.53 -4.16
C SER L 747 -10.17 -21.49 -4.00
N THR L 748 -10.85 -20.56 -4.70
CA THR L 748 -12.28 -20.44 -4.50
C THR L 748 -13.03 -21.59 -5.17
N VAL L 749 -12.49 -22.17 -6.25
CA VAL L 749 -13.19 -23.32 -6.82
C VAL L 749 -12.89 -24.57 -6.00
N SER L 750 -11.65 -24.71 -5.51
CA SER L 750 -11.30 -25.90 -4.74
C SER L 750 -11.85 -25.86 -3.33
N ILE L 751 -12.34 -24.71 -2.86
CA ILE L 751 -13.02 -24.69 -1.58
C ILE L 751 -14.54 -24.72 -1.76
N ALA L 752 -15.08 -23.93 -2.69
CA ALA L 752 -16.52 -23.85 -2.85
C ALA L 752 -17.13 -25.13 -3.41
N TRP L 753 -16.39 -25.88 -4.20
CA TRP L 753 -16.93 -27.16 -4.66
C TRP L 753 -16.04 -28.35 -4.32
N GLY L 754 -14.84 -28.12 -3.80
CA GLY L 754 -13.91 -29.21 -3.57
C GLY L 754 -13.84 -29.76 -2.16
N SER L 755 -14.58 -29.16 -1.22
CA SER L 755 -14.68 -29.61 0.18
C SER L 755 -13.31 -29.60 0.86
N SER L 756 -12.76 -28.41 1.02
CA SER L 756 -11.43 -28.29 1.60
C SER L 756 -11.44 -28.59 3.09
N TYR L 757 -10.46 -29.37 3.53
CA TYR L 757 -10.31 -29.76 4.93
C TYR L 757 -9.28 -28.83 5.56
N VAL L 758 -9.68 -28.09 6.59
CA VAL L 758 -8.78 -27.02 7.04
C VAL L 758 -7.87 -27.44 8.19
N ASN L 759 -8.42 -27.81 9.33
CA ASN L 759 -7.62 -28.27 10.46
C ASN L 759 -8.47 -29.25 11.28
N ASP L 760 -8.08 -29.46 12.52
CA ASP L 760 -8.75 -30.41 13.40
C ASP L 760 -9.51 -29.68 14.51
N PHE L 761 -10.38 -30.43 15.18
CA PHE L 761 -11.10 -29.90 16.33
C PHE L 761 -11.47 -31.05 17.25
N ILE L 762 -11.57 -30.76 18.53
CA ILE L 762 -11.84 -31.78 19.53
C ILE L 762 -13.35 -31.97 19.70
N ASP L 763 -13.77 -33.22 19.80
CA ASP L 763 -15.18 -33.54 19.97
C ASP L 763 -15.29 -34.76 20.84
N ARG L 764 -15.88 -34.59 22.04
CA ARG L 764 -16.09 -35.65 23.04
C ARG L 764 -14.79 -36.34 23.41
N GLY L 765 -13.69 -35.59 23.45
CA GLY L 765 -12.39 -36.15 23.73
C GLY L 765 -11.66 -36.71 22.53
N ARG L 766 -12.34 -36.89 21.40
CA ARG L 766 -11.72 -37.44 20.20
C ARG L 766 -11.47 -36.33 19.19
N VAL L 767 -10.35 -36.45 18.47
CA VAL L 767 -9.98 -35.47 17.46
C VAL L 767 -10.70 -35.79 16.15
N LYS L 768 -11.39 -34.80 15.60
CA LYS L 768 -12.09 -34.94 14.34
C LYS L 768 -11.70 -33.78 13.43
N ARG L 769 -12.41 -33.65 12.32
CA ARG L 769 -12.01 -32.71 11.28
C ARG L 769 -13.07 -31.63 11.07
N VAL L 770 -12.67 -30.58 10.37
CA VAL L 770 -13.55 -29.51 9.94
C VAL L 770 -13.31 -29.24 8.45
N TYR L 771 -14.39 -29.31 7.68
CA TYR L 771 -14.39 -29.14 6.24
C TYR L 771 -15.08 -27.84 5.88
N LEU L 772 -14.96 -27.48 4.60
CA LEU L 772 -15.46 -26.20 4.11
C LEU L 772 -15.92 -26.40 2.68
N GLN L 773 -17.18 -26.06 2.42
CA GLN L 773 -17.80 -26.24 1.13
C GLN L 773 -19.00 -25.31 1.05
N GLY L 774 -19.47 -25.06 -0.17
CA GLY L 774 -20.69 -24.31 -0.35
C GLY L 774 -21.91 -25.12 0.04
N ARG L 775 -23.04 -24.42 0.16
CA ARG L 775 -24.31 -25.07 0.44
C ARG L 775 -24.75 -25.89 -0.77
N PRO L 776 -25.64 -26.88 -0.59
CA PRO L 776 -26.05 -27.72 -1.74
C PRO L 776 -26.73 -26.97 -2.87
N ASP L 777 -27.65 -26.06 -2.55
CA ASP L 777 -28.35 -25.33 -3.60
C ASP L 777 -27.45 -24.34 -4.33
N ALA L 778 -26.27 -24.03 -3.78
CA ALA L 778 -25.30 -23.24 -4.52
C ALA L 778 -24.59 -24.05 -5.58
N ARG L 779 -24.60 -25.38 -5.51
CA ARG L 779 -23.96 -26.22 -6.52
C ARG L 779 -24.85 -27.40 -6.85
N MET L 780 -25.78 -27.20 -7.78
CA MET L 780 -26.61 -28.30 -8.28
C MET L 780 -26.76 -28.29 -9.79
N ASN L 781 -26.61 -27.16 -10.46
CA ASN L 781 -26.78 -26.98 -11.88
C ASN L 781 -25.58 -26.20 -12.37
N PRO L 782 -25.31 -26.20 -13.69
CA PRO L 782 -24.16 -25.43 -14.19
C PRO L 782 -24.26 -23.92 -13.96
N ASP L 783 -25.44 -23.33 -14.12
CA ASP L 783 -25.56 -21.89 -13.91
C ASP L 783 -25.44 -21.50 -12.45
N ASP L 784 -25.64 -22.44 -11.53
CA ASP L 784 -25.35 -22.20 -10.13
C ASP L 784 -23.86 -21.97 -9.91
N LEU L 785 -23.01 -22.52 -10.76
CA LEU L 785 -21.58 -22.22 -10.70
C LEU L 785 -21.31 -20.78 -11.10
N SER L 786 -22.25 -20.14 -11.81
CA SER L 786 -22.18 -18.72 -12.06
C SER L 786 -22.59 -17.86 -10.87
N LYS L 787 -22.98 -18.47 -9.75
CA LYS L 787 -23.45 -17.71 -8.61
C LYS L 787 -22.32 -17.24 -7.70
N TRP L 788 -21.08 -17.62 -7.96
CA TRP L 788 -19.98 -17.35 -7.06
C TRP L 788 -19.21 -16.11 -7.50
N TYR L 789 -18.63 -15.41 -6.54
CA TYR L 789 -18.00 -14.12 -6.76
C TYR L 789 -16.59 -14.16 -6.22
N VAL L 790 -15.70 -13.40 -6.87
CA VAL L 790 -14.31 -13.28 -6.43
C VAL L 790 -13.97 -11.81 -6.26
N ARG L 791 -13.11 -11.50 -5.30
CA ARG L 791 -12.72 -10.12 -5.04
C ARG L 791 -11.49 -9.79 -5.86
N ASN L 792 -11.52 -8.68 -6.58
CA ASN L 792 -10.39 -8.29 -7.41
C ASN L 792 -9.39 -7.49 -6.56
N ASP L 793 -8.43 -6.85 -7.22
CA ASP L 793 -7.33 -6.23 -6.49
C ASP L 793 -7.76 -4.96 -5.78
N LYS L 794 -8.63 -4.16 -6.41
CA LYS L 794 -9.02 -2.89 -5.83
C LYS L 794 -10.20 -3.00 -4.88
N GLY L 795 -10.74 -4.19 -4.65
CA GLY L 795 -11.68 -4.37 -3.58
C GLY L 795 -13.04 -4.96 -3.93
N GLU L 796 -13.53 -4.70 -5.13
CA GLU L 796 -14.90 -5.08 -5.43
C GLU L 796 -15.01 -6.52 -5.89
N MET L 797 -16.24 -7.01 -5.96
CA MET L 797 -16.51 -8.38 -6.35
C MET L 797 -16.91 -8.46 -7.82
N VAL L 798 -16.49 -9.54 -8.45
CA VAL L 798 -16.79 -9.82 -9.86
C VAL L 798 -17.34 -11.24 -9.96
N PRO L 799 -18.45 -11.44 -10.68
CA PRO L 799 -19.05 -12.77 -10.76
C PRO L 799 -18.22 -13.73 -11.59
N PHE L 800 -18.53 -15.01 -11.44
CA PHE L 800 -17.71 -16.05 -12.05
C PHE L 800 -18.00 -16.19 -13.52
N ASN L 801 -19.25 -15.95 -13.94
CA ASN L 801 -19.59 -16.08 -15.34
C ASN L 801 -19.06 -14.94 -16.20
N ALA L 802 -18.52 -13.89 -15.59
CA ALA L 802 -17.91 -12.82 -16.36
C ALA L 802 -16.63 -13.27 -17.05
N PHE L 803 -15.91 -14.23 -16.47
CA PHE L 803 -14.64 -14.65 -17.06
C PHE L 803 -14.56 -16.16 -17.29
N ALA L 804 -15.67 -16.87 -17.18
CA ALA L 804 -15.63 -18.31 -17.31
C ALA L 804 -16.81 -18.79 -18.14
N THR L 805 -16.63 -19.94 -18.76
CA THR L 805 -17.72 -20.61 -19.45
C THR L 805 -17.51 -22.11 -19.32
N GLY L 806 -18.42 -22.89 -19.89
CA GLY L 806 -18.34 -24.33 -19.74
C GLY L 806 -18.95 -25.08 -20.89
N LYS L 807 -18.52 -26.32 -21.05
CA LYS L 807 -19.09 -27.24 -22.01
C LYS L 807 -19.01 -28.65 -21.43
N TRP L 808 -19.21 -29.66 -22.28
CA TRP L 808 -19.33 -31.03 -21.80
C TRP L 808 -18.41 -31.95 -22.58
N GLU L 809 -17.76 -32.87 -21.86
CA GLU L 809 -16.97 -33.93 -22.47
C GLU L 809 -17.32 -35.24 -21.78
N TYR L 810 -16.58 -36.29 -22.11
CA TYR L 810 -16.90 -37.64 -21.67
C TYR L 810 -15.68 -38.32 -21.10
N GLY L 811 -15.87 -39.05 -20.01
CA GLY L 811 -14.73 -39.65 -19.34
C GLY L 811 -15.13 -40.86 -18.54
N SER L 812 -14.13 -41.64 -18.21
CA SER L 812 -14.36 -42.78 -17.34
C SER L 812 -14.35 -42.33 -15.89
N PRO L 813 -15.37 -42.69 -15.09
CA PRO L 813 -15.30 -42.43 -13.66
C PRO L 813 -14.33 -43.33 -12.92
N LYS L 814 -13.83 -44.38 -13.57
CA LYS L 814 -12.86 -45.29 -12.98
C LYS L 814 -11.74 -45.48 -13.99
N LEU L 815 -10.56 -44.98 -13.66
CA LEU L 815 -9.37 -45.16 -14.48
C LEU L 815 -8.44 -46.17 -13.82
N GLU L 816 -7.70 -46.90 -14.64
CA GLU L 816 -6.90 -47.99 -14.11
C GLU L 816 -5.68 -48.21 -14.98
N ARG L 817 -4.58 -48.56 -14.33
CA ARG L 817 -3.33 -48.86 -15.02
C ARG L 817 -2.78 -50.18 -14.53
N TYR L 818 -2.02 -50.85 -15.40
CA TYR L 818 -1.42 -52.13 -15.08
C TYR L 818 0.04 -52.10 -15.52
N ASN L 819 0.94 -52.45 -14.60
CA ASN L 819 2.39 -52.43 -14.80
C ASN L 819 2.88 -51.05 -15.23
N GLY L 820 2.30 -50.02 -14.64
CA GLY L 820 2.72 -48.66 -14.88
C GLY L 820 2.14 -47.99 -16.10
N VAL L 821 1.48 -48.73 -16.98
CA VAL L 821 0.98 -48.17 -18.23
C VAL L 821 -0.54 -48.32 -18.20
N PRO L 822 -1.31 -47.43 -18.82
CA PRO L 822 -2.78 -47.57 -18.82
C PRO L 822 -3.26 -48.84 -19.49
N ALA L 823 -4.35 -49.38 -18.96
CA ALA L 823 -4.83 -50.71 -19.31
C ALA L 823 -6.27 -50.83 -18.86
N MET L 824 -7.16 -51.18 -19.78
CA MET L 824 -8.53 -51.50 -19.40
C MET L 824 -8.72 -53.00 -19.36
N GLU L 825 -9.62 -53.45 -18.48
CA GLU L 825 -9.62 -54.86 -18.12
C GLU L 825 -11.03 -55.41 -17.99
N ILE L 826 -11.16 -56.69 -18.34
CA ILE L 826 -12.43 -57.38 -18.44
C ILE L 826 -12.33 -58.71 -17.72
N LEU L 827 -13.50 -59.32 -17.49
CA LEU L 827 -13.54 -60.63 -16.85
C LEU L 827 -14.78 -61.38 -17.31
N GLY L 828 -14.73 -62.70 -17.16
CA GLY L 828 -15.85 -63.54 -17.49
C GLY L 828 -15.65 -64.97 -17.04
N GLU L 829 -16.33 -65.91 -17.70
CA GLU L 829 -16.21 -67.32 -17.37
C GLU L 829 -16.51 -68.10 -18.64
N PRO L 830 -16.00 -69.33 -18.76
CA PRO L 830 -16.31 -70.13 -19.95
C PRO L 830 -17.76 -70.58 -19.97
N ALA L 831 -18.15 -71.13 -21.13
CA ALA L 831 -19.49 -71.66 -21.31
C ALA L 831 -19.69 -72.90 -20.44
N PRO L 832 -20.93 -73.19 -20.04
CA PRO L 832 -21.19 -74.38 -19.23
C PRO L 832 -20.91 -75.66 -20.00
N GLY L 833 -20.22 -76.58 -19.36
CA GLY L 833 -19.77 -77.81 -20.00
C GLY L 833 -18.47 -77.70 -20.76
N LEU L 834 -17.80 -76.55 -20.71
CA LEU L 834 -16.55 -76.34 -21.42
C LEU L 834 -15.41 -76.10 -20.43
N SER L 835 -14.20 -76.36 -20.90
CA SER L 835 -13.02 -76.21 -20.07
C SER L 835 -12.62 -74.74 -19.92
N SER L 836 -11.51 -74.52 -19.21
CA SER L 836 -10.95 -73.17 -19.13
C SER L 836 -9.86 -72.95 -20.16
N GLY L 837 -9.19 -74.02 -20.59
CA GLY L 837 -8.10 -73.87 -21.55
C GLY L 837 -8.58 -73.49 -22.93
N ASP L 838 -9.71 -74.05 -23.37
CA ASP L 838 -10.25 -73.66 -24.67
C ASP L 838 -10.83 -72.25 -24.62
N ALA L 839 -11.33 -71.82 -23.46
CA ALA L 839 -11.77 -70.44 -23.32
C ALA L 839 -10.58 -69.49 -23.36
N MET L 840 -9.45 -69.90 -22.77
CA MET L 840 -8.21 -69.13 -22.86
C MET L 840 -7.72 -69.03 -24.30
N ALA L 841 -7.81 -70.15 -25.02
CA ALA L 841 -7.44 -70.16 -26.44
C ALA L 841 -8.37 -69.28 -27.27
N ALA L 842 -9.66 -69.28 -26.91
CA ALA L 842 -10.64 -68.47 -27.64
C ALA L 842 -10.40 -66.99 -27.43
N VAL L 843 -10.09 -66.58 -26.21
CA VAL L 843 -9.86 -65.15 -25.99
C VAL L 843 -8.50 -64.73 -26.54
N GLU L 844 -7.50 -65.62 -26.55
CA GLU L 844 -6.23 -65.22 -27.13
C GLU L 844 -6.25 -65.27 -28.65
N GLU L 845 -7.23 -65.93 -29.26
CA GLU L 845 -7.36 -65.79 -30.70
C GLU L 845 -8.30 -64.66 -31.08
N ILE L 846 -9.22 -64.29 -30.18
CA ILE L 846 -10.08 -63.13 -30.41
C ILE L 846 -9.28 -61.85 -30.27
N VAL L 847 -8.26 -61.84 -29.39
CA VAL L 847 -7.46 -60.64 -29.19
C VAL L 847 -6.52 -60.35 -30.37
N LYS L 848 -6.44 -61.24 -31.35
CA LYS L 848 -5.65 -60.96 -32.55
C LYS L 848 -6.30 -59.87 -33.40
N GLN L 849 -7.62 -59.77 -33.37
CA GLN L 849 -8.33 -58.74 -34.15
C GLN L 849 -8.42 -57.43 -33.39
N LEU L 850 -7.27 -56.88 -33.02
CA LEU L 850 -7.12 -55.68 -32.21
C LEU L 850 -6.25 -54.69 -32.95
N PRO L 851 -6.38 -53.39 -32.66
CA PRO L 851 -5.48 -52.41 -33.26
C PRO L 851 -4.04 -52.59 -32.81
N LYS L 852 -3.14 -51.99 -33.58
CA LYS L 852 -1.72 -52.17 -33.33
C LYS L 852 -1.23 -51.15 -32.31
N GLY L 853 -0.51 -51.65 -31.31
CA GLY L 853 0.00 -50.82 -30.25
C GLY L 853 -0.61 -51.04 -28.89
N VAL L 854 -1.54 -51.98 -28.77
CA VAL L 854 -2.17 -52.30 -27.49
C VAL L 854 -1.94 -53.79 -27.21
N GLY L 855 -1.33 -54.08 -26.06
CA GLY L 855 -1.04 -55.46 -25.72
C GLY L 855 -2.06 -56.03 -24.75
N TYR L 856 -1.96 -57.34 -24.54
CA TYR L 856 -2.85 -58.03 -23.62
C TYR L 856 -2.03 -58.76 -22.56
N SER L 857 -2.63 -58.92 -21.40
CA SER L 857 -1.92 -59.51 -20.26
C SER L 857 -2.90 -60.24 -19.36
N TRP L 858 -2.36 -61.16 -18.57
CA TRP L 858 -3.14 -62.01 -17.69
C TRP L 858 -2.76 -61.75 -16.25
N THR L 859 -3.78 -61.62 -15.39
CA THR L 859 -3.59 -61.49 -13.96
C THR L 859 -4.37 -62.59 -13.27
N GLY L 860 -4.38 -62.52 -11.94
CA GLY L 860 -5.16 -63.30 -11.01
C GLY L 860 -4.95 -64.79 -11.14
N LEU L 861 -6.04 -65.54 -10.91
CA LEU L 861 -5.99 -66.99 -10.87
C LEU L 861 -5.67 -67.61 -12.22
N SER L 862 -5.80 -66.85 -13.30
CA SER L 862 -5.45 -67.35 -14.62
C SER L 862 -3.98 -67.10 -14.97
N TYR L 863 -3.28 -66.30 -14.18
CA TYR L 863 -1.92 -65.88 -14.54
C TYR L 863 -0.94 -67.05 -14.53
N GLU L 864 -1.10 -67.96 -13.57
CA GLU L 864 -0.30 -69.18 -13.54
C GLU L 864 -0.59 -70.09 -14.73
N GLU L 865 -1.79 -70.00 -15.31
CA GLU L 865 -2.06 -70.74 -16.54
C GLU L 865 -1.26 -70.20 -17.72
N ARG L 866 -0.75 -68.97 -17.61
CA ARG L 866 0.20 -68.47 -18.58
C ARG L 866 1.61 -69.04 -18.39
N LEU L 867 2.00 -69.39 -17.15
CA LEU L 867 3.32 -70.00 -16.98
C LEU L 867 3.20 -71.52 -17.19
N SER L 868 4.24 -72.26 -16.80
CA SER L 868 4.28 -73.71 -16.98
C SER L 868 3.12 -74.39 -16.27
N GLY L 869 2.18 -74.91 -17.08
CA GLY L 869 0.91 -75.36 -16.60
C GLY L 869 0.90 -76.76 -16.01
N SER L 870 -0.08 -77.56 -16.43
CA SER L 870 -0.25 -78.90 -15.87
C SER L 870 0.88 -79.82 -16.32
N GLN L 871 1.69 -80.26 -15.35
CA GLN L 871 2.72 -81.27 -15.59
C GLN L 871 2.23 -82.67 -15.24
N ALA L 872 0.92 -82.88 -15.35
CA ALA L 872 0.33 -84.19 -15.11
C ALA L 872 0.80 -85.31 -16.05
N PRO L 873 1.10 -85.09 -17.35
CA PRO L 873 1.75 -86.18 -18.10
C PRO L 873 3.15 -86.52 -17.62
N ALA L 874 3.85 -85.57 -17.00
CA ALA L 874 5.19 -85.86 -16.49
C ALA L 874 5.13 -86.67 -15.21
N LEU L 875 4.30 -86.23 -14.25
CA LEU L 875 4.28 -86.84 -12.93
C LEU L 875 3.68 -88.23 -12.96
N TYR L 876 2.71 -88.46 -13.85
CA TYR L 876 2.15 -89.79 -14.03
C TYR L 876 3.21 -90.78 -14.51
N ALA L 877 3.99 -90.37 -15.51
CA ALA L 877 4.99 -91.25 -16.10
C ALA L 877 6.12 -91.54 -15.11
N LEU L 878 6.60 -90.52 -14.40
CA LEU L 878 7.69 -90.78 -13.45
C LEU L 878 7.19 -91.56 -12.24
N SER L 879 5.94 -91.32 -11.82
CA SER L 879 5.40 -92.04 -10.67
C SER L 879 5.09 -93.49 -11.00
N LEU L 880 4.74 -93.79 -12.26
CA LEU L 880 4.57 -95.20 -12.61
C LEU L 880 5.93 -95.86 -12.77
N LEU L 881 6.93 -95.12 -13.25
CA LEU L 881 8.25 -95.73 -13.44
C LEU L 881 8.92 -96.04 -12.11
N VAL L 882 8.75 -95.19 -11.09
CA VAL L 882 9.42 -95.46 -9.82
C VAL L 882 8.76 -96.63 -9.08
N VAL L 883 7.44 -96.80 -9.25
CA VAL L 883 6.83 -97.95 -8.60
C VAL L 883 7.11 -99.22 -9.40
N PHE L 884 7.28 -99.09 -10.72
CA PHE L 884 7.67 -100.23 -11.54
C PHE L 884 9.05 -100.74 -11.17
N LEU L 885 9.98 -99.84 -10.82
CA LEU L 885 11.26 -100.32 -10.34
C LEU L 885 11.22 -100.76 -8.88
N CYS L 886 10.36 -100.15 -8.05
CA CYS L 886 10.34 -100.48 -6.63
C CYS L 886 9.78 -101.87 -6.39
N LEU L 887 8.69 -102.23 -7.06
CA LEU L 887 8.19 -103.59 -6.90
C LEU L 887 9.03 -104.58 -7.69
N ALA L 888 9.84 -104.11 -8.64
CA ALA L 888 10.84 -104.99 -9.26
C ALA L 888 11.93 -105.35 -8.26
N ALA L 889 12.32 -104.39 -7.43
CA ALA L 889 13.23 -104.68 -6.32
C ALA L 889 12.56 -105.61 -5.31
N LEU L 890 11.25 -105.48 -5.16
CA LEU L 890 10.52 -106.42 -4.30
C LEU L 890 10.52 -107.82 -4.88
N TYR L 891 10.46 -107.96 -6.20
CA TYR L 891 10.24 -109.27 -6.83
C TYR L 891 11.52 -109.95 -7.29
N GLU L 892 12.63 -109.21 -7.39
CA GLU L 892 13.88 -109.67 -8.03
C GLU L 892 13.62 -110.16 -9.45
N SER L 893 12.80 -109.42 -10.18
CA SER L 893 12.46 -109.77 -11.55
C SER L 893 12.15 -108.50 -12.33
N TRP L 894 11.96 -108.66 -13.63
CA TRP L 894 11.64 -107.54 -14.51
C TRP L 894 10.34 -107.74 -15.27
N SER L 895 10.07 -108.96 -15.75
CA SER L 895 8.85 -109.18 -16.52
C SER L 895 7.67 -109.53 -15.62
N ILE L 896 7.92 -110.18 -14.49
CA ILE L 896 6.88 -110.36 -13.47
C ILE L 896 6.36 -109.03 -12.92
N PRO L 897 7.19 -107.97 -12.74
CA PRO L 897 6.62 -106.63 -12.50
C PRO L 897 5.61 -106.11 -13.53
N PHE L 898 5.75 -106.49 -14.80
CA PHE L 898 4.83 -106.00 -15.82
C PHE L 898 3.41 -106.49 -15.58
N SER L 899 3.29 -107.73 -15.13
CA SER L 899 2.01 -108.40 -14.91
C SER L 899 1.19 -107.75 -13.81
N VAL L 900 1.81 -106.95 -12.95
CA VAL L 900 1.10 -106.23 -11.91
C VAL L 900 1.19 -104.72 -12.08
N MET L 901 2.02 -104.21 -12.98
CA MET L 901 1.95 -102.79 -13.25
C MET L 901 1.01 -102.45 -14.39
N LEU L 902 0.52 -103.43 -15.15
CA LEU L 902 -0.43 -103.06 -16.20
C LEU L 902 -1.88 -103.00 -15.70
N VAL L 903 -2.12 -103.07 -14.39
CA VAL L 903 -3.47 -103.02 -13.83
C VAL L 903 -3.93 -101.59 -13.54
N VAL L 904 -3.23 -100.59 -14.07
CA VAL L 904 -3.68 -99.20 -13.89
C VAL L 904 -4.92 -98.82 -14.70
N PRO L 905 -5.12 -99.24 -15.97
CA PRO L 905 -6.40 -98.90 -16.60
C PRO L 905 -7.59 -99.63 -16.00
N LEU L 906 -7.32 -100.81 -15.44
CA LEU L 906 -8.29 -101.63 -14.69
C LEU L 906 -9.02 -100.85 -13.63
N GLY L 907 -8.34 -99.90 -12.99
CA GLY L 907 -8.97 -99.04 -12.02
C GLY L 907 -9.33 -97.67 -12.56
N VAL L 908 -8.55 -97.13 -13.51
CA VAL L 908 -8.76 -95.73 -13.84
C VAL L 908 -9.96 -95.56 -14.77
N ILE L 909 -10.34 -96.60 -15.54
CA ILE L 909 -11.43 -96.40 -16.50
C ILE L 909 -12.78 -96.35 -15.78
N GLY L 910 -12.91 -97.06 -14.66
CA GLY L 910 -14.17 -97.05 -13.94
C GLY L 910 -14.39 -95.74 -13.22
N ALA L 911 -13.33 -95.20 -12.62
CA ALA L 911 -13.41 -93.90 -11.97
C ALA L 911 -13.63 -92.79 -12.99
N LEU L 912 -13.02 -92.92 -14.17
CA LEU L 912 -13.17 -91.92 -15.23
C LEU L 912 -14.61 -91.86 -15.72
N LEU L 913 -15.19 -93.01 -16.10
CA LEU L 913 -16.57 -92.98 -16.54
C LEU L 913 -17.55 -92.78 -15.37
N ALA L 914 -17.11 -92.98 -14.13
CA ALA L 914 -17.96 -92.67 -12.98
C ALA L 914 -18.10 -91.17 -12.81
N THR L 915 -17.00 -90.42 -12.92
CA THR L 915 -17.10 -88.97 -12.89
C THR L 915 -17.76 -88.42 -14.14
N SER L 916 -17.67 -89.16 -15.25
CA SER L 916 -18.42 -88.75 -16.44
C SER L 916 -19.91 -89.00 -16.27
N MET L 917 -20.28 -90.05 -15.56
CA MET L 917 -21.69 -90.35 -15.32
C MET L 917 -22.29 -89.37 -14.32
N ARG L 918 -21.56 -89.04 -13.26
CA ARG L 918 -22.01 -88.03 -12.32
C ARG L 918 -22.04 -86.64 -12.95
N GLY L 919 -21.11 -86.35 -13.85
CA GLY L 919 -21.08 -85.08 -14.54
C GLY L 919 -20.03 -84.11 -14.03
N LEU L 920 -19.28 -84.49 -12.99
CA LEU L 920 -18.22 -83.62 -12.51
C LEU L 920 -17.03 -83.64 -13.48
N SER L 921 -16.20 -82.61 -13.38
CA SER L 921 -15.09 -82.44 -14.29
C SER L 921 -13.78 -82.79 -13.62
N ASN L 922 -12.75 -82.95 -14.45
CA ASN L 922 -11.42 -83.30 -13.96
C ASN L 922 -10.80 -82.10 -13.25
N ASP L 923 -10.27 -82.34 -12.06
CA ASP L 923 -9.63 -81.31 -11.25
C ASP L 923 -8.49 -81.98 -10.49
N VAL L 924 -8.02 -81.31 -9.44
CA VAL L 924 -7.01 -81.92 -8.58
C VAL L 924 -7.62 -83.05 -7.75
N PHE L 925 -8.92 -82.95 -7.47
CA PHE L 925 -9.60 -83.97 -6.68
C PHE L 925 -9.72 -85.27 -7.46
N PHE L 926 -10.08 -85.17 -8.75
CA PHE L 926 -10.14 -86.36 -9.58
C PHE L 926 -8.75 -86.94 -9.80
N GLN L 927 -7.72 -86.10 -9.83
CA GLN L 927 -6.36 -86.59 -10.02
C GLN L 927 -5.88 -87.39 -8.83
N VAL L 928 -6.08 -86.86 -7.62
CA VAL L 928 -5.66 -87.61 -6.42
C VAL L 928 -6.57 -88.81 -6.20
N GLY L 929 -7.82 -88.75 -6.69
CA GLY L 929 -8.70 -89.89 -6.60
C GLY L 929 -8.28 -91.04 -7.51
N LEU L 930 -7.93 -90.72 -8.76
CA LEU L 930 -7.48 -91.76 -9.68
C LEU L 930 -6.14 -92.32 -9.23
N LEU L 931 -5.30 -91.48 -8.63
CA LEU L 931 -4.01 -91.96 -8.15
C LEU L 931 -4.17 -92.89 -6.96
N THR L 932 -5.10 -92.58 -6.04
CA THR L 932 -5.28 -93.49 -4.91
C THR L 932 -6.04 -94.76 -5.31
N THR L 933 -6.87 -94.70 -6.36
CA THR L 933 -7.55 -95.92 -6.81
C THR L 933 -6.56 -96.86 -7.50
N ILE L 934 -5.68 -96.30 -8.34
CA ILE L 934 -4.67 -97.18 -8.95
C ILE L 934 -3.66 -97.64 -7.90
N GLY L 935 -3.49 -96.87 -6.82
CA GLY L 935 -2.67 -97.34 -5.71
C GLY L 935 -3.24 -98.56 -5.02
N LEU L 936 -4.53 -98.52 -4.66
CA LEU L 936 -5.09 -99.69 -3.97
C LEU L 936 -5.29 -100.85 -4.95
N SER L 937 -5.48 -100.56 -6.24
CA SER L 937 -5.54 -101.63 -7.23
C SER L 937 -4.19 -102.34 -7.35
N ALA L 938 -3.10 -101.56 -7.34
CA ALA L 938 -1.77 -102.15 -7.41
C ALA L 938 -1.46 -103.00 -6.19
N LYS L 939 -1.86 -102.53 -4.99
CA LYS L 939 -1.55 -103.34 -3.81
C LYS L 939 -2.42 -104.60 -3.75
N ASN L 940 -3.70 -104.52 -4.15
CA ASN L 940 -4.49 -105.75 -4.11
C ASN L 940 -4.13 -106.70 -5.25
N ALA L 941 -3.42 -106.21 -6.27
CA ALA L 941 -2.79 -107.15 -7.20
C ALA L 941 -1.58 -107.82 -6.57
N ILE L 942 -0.68 -107.04 -5.97
CA ILE L 942 0.64 -107.61 -5.64
C ILE L 942 0.57 -108.49 -4.41
N LEU L 943 -0.32 -108.19 -3.44
CA LEU L 943 -0.27 -109.01 -2.24
C LEU L 943 -0.96 -110.35 -2.44
N ILE L 944 -1.81 -110.48 -3.47
CA ILE L 944 -2.33 -111.79 -3.82
C ILE L 944 -1.50 -112.49 -4.87
N VAL L 945 -0.66 -111.77 -5.61
CA VAL L 945 0.19 -112.49 -6.57
C VAL L 945 1.52 -112.90 -5.94
N GLU L 946 1.88 -112.34 -4.77
CA GLU L 946 3.12 -112.78 -4.14
C GLU L 946 2.99 -114.19 -3.55
N PHE L 947 1.77 -114.62 -3.21
CA PHE L 947 1.57 -116.00 -2.77
C PHE L 947 1.77 -116.97 -3.94
N ALA L 948 1.44 -116.55 -5.16
CA ALA L 948 1.75 -117.36 -6.33
C ALA L 948 3.22 -117.27 -6.69
N LYS L 949 3.85 -116.13 -6.39
CA LYS L 949 5.28 -115.96 -6.62
C LYS L 949 6.10 -116.91 -5.75
N GLU L 950 5.75 -116.98 -4.46
CA GLU L 950 6.45 -117.86 -3.53
C GLU L 950 6.14 -119.34 -3.74
N LEU L 951 5.15 -119.68 -4.57
CA LEU L 951 4.81 -121.08 -4.83
C LEU L 951 4.88 -121.42 -6.31
N HIS L 952 5.49 -120.55 -7.14
CA HIS L 952 5.55 -120.80 -8.58
C HIS L 952 6.45 -121.98 -8.90
N GLU L 953 7.73 -121.88 -8.53
CA GLU L 953 8.68 -122.96 -8.75
C GLU L 953 9.04 -123.67 -7.45
N GLN L 954 8.18 -123.55 -6.44
CA GLN L 954 8.35 -124.23 -5.17
C GLN L 954 7.98 -125.72 -5.26
N GLY L 955 7.31 -126.14 -6.32
CA GLY L 955 6.87 -127.50 -6.46
C GLY L 955 5.43 -127.59 -6.92
N LYS L 956 4.88 -126.45 -7.34
CA LYS L 956 3.52 -126.36 -7.83
C LYS L 956 3.55 -125.94 -9.30
N GLY L 957 2.41 -126.11 -9.96
CA GLY L 957 2.27 -125.60 -11.31
C GLY L 957 2.13 -124.08 -11.31
N ILE L 958 2.40 -123.48 -12.46
CA ILE L 958 2.27 -122.03 -12.58
C ILE L 958 0.80 -121.63 -12.53
N VAL L 959 -0.07 -122.41 -13.17
CA VAL L 959 -1.51 -122.15 -13.04
C VAL L 959 -2.01 -122.64 -11.69
N GLU L 960 -1.37 -123.68 -11.13
CA GLU L 960 -1.84 -124.27 -9.88
C GLU L 960 -1.56 -123.35 -8.71
N ALA L 961 -0.36 -122.74 -8.69
CA ALA L 961 -0.03 -121.78 -7.65
C ALA L 961 -0.91 -120.54 -7.75
N ALA L 962 -1.27 -120.15 -8.98
CA ALA L 962 -2.14 -118.99 -9.18
C ALA L 962 -3.54 -119.25 -8.65
N ILE L 963 -4.12 -120.40 -9.00
CA ILE L 963 -5.49 -120.69 -8.55
C ILE L 963 -5.51 -120.99 -7.06
N GLU L 964 -4.43 -121.55 -6.51
CA GLU L 964 -4.40 -121.79 -5.07
C GLU L 964 -4.22 -120.50 -4.29
N ALA L 965 -3.42 -119.57 -4.82
CA ALA L 965 -3.25 -118.27 -4.17
C ALA L 965 -4.53 -117.46 -4.21
N CYS L 966 -5.23 -117.47 -5.36
CA CYS L 966 -6.46 -116.70 -5.45
C CYS L 966 -7.58 -117.33 -4.62
N ARG L 967 -7.65 -118.67 -4.60
CA ARG L 967 -8.60 -119.39 -3.78
C ARG L 967 -8.35 -119.19 -2.29
N MET L 968 -7.08 -119.05 -1.89
CA MET L 968 -6.78 -118.87 -0.48
C MET L 968 -6.96 -117.42 -0.05
N ARG L 969 -6.68 -116.46 -0.94
CA ARG L 969 -6.62 -115.06 -0.53
C ARG L 969 -7.57 -114.16 -1.32
N LEU L 970 -8.71 -114.69 -1.78
CA LEU L 970 -9.77 -113.79 -2.21
C LEU L 970 -10.50 -113.18 -1.03
N ARG L 971 -10.28 -113.69 0.19
CA ARG L 971 -10.93 -113.11 1.37
C ARG L 971 -10.48 -111.67 1.65
N PRO L 972 -9.20 -111.39 2.01
CA PRO L 972 -8.92 -110.09 2.64
C PRO L 972 -9.04 -108.89 1.71
N ILE L 973 -8.90 -109.13 0.40
CA ILE L 973 -9.04 -108.06 -0.58
C ILE L 973 -10.48 -107.57 -0.63
N VAL L 974 -11.44 -108.49 -0.66
CA VAL L 974 -12.83 -108.05 -0.71
C VAL L 974 -13.29 -107.61 0.67
N MET L 975 -12.65 -108.14 1.73
CA MET L 975 -12.85 -107.65 3.10
C MET L 975 -12.56 -106.17 3.22
N THR L 976 -11.40 -105.74 2.76
CA THR L 976 -11.06 -104.33 2.87
C THR L 976 -11.70 -103.50 1.76
N SER L 977 -12.10 -104.12 0.66
CA SER L 977 -12.72 -103.36 -0.43
C SER L 977 -14.13 -102.91 -0.06
N LEU L 978 -14.92 -103.81 0.55
CA LEU L 978 -16.25 -103.44 1.00
C LEU L 978 -16.17 -102.40 2.10
N ALA L 979 -15.15 -102.49 2.96
CA ALA L 979 -14.92 -101.48 3.98
C ALA L 979 -14.58 -100.14 3.35
N PHE L 980 -13.75 -100.14 2.30
CA PHE L 980 -13.38 -98.93 1.58
C PHE L 980 -14.60 -98.22 1.03
N ILE L 981 -15.40 -98.91 0.22
CA ILE L 981 -16.54 -98.24 -0.41
C ILE L 981 -17.63 -97.90 0.59
N LEU L 982 -17.88 -98.77 1.58
CA LEU L 982 -18.97 -98.51 2.50
C LEU L 982 -18.57 -97.44 3.51
N GLY L 983 -17.28 -97.20 3.71
CA GLY L 983 -16.85 -96.11 4.55
C GLY L 983 -16.69 -94.79 3.85
N VAL L 984 -16.44 -94.80 2.54
CA VAL L 984 -16.35 -93.52 1.83
C VAL L 984 -17.65 -93.14 1.13
N VAL L 985 -18.66 -94.00 1.14
CA VAL L 985 -19.97 -93.65 0.61
C VAL L 985 -20.71 -92.50 1.34
N PRO L 986 -20.47 -92.14 2.63
CA PRO L 986 -21.11 -90.90 3.10
C PRO L 986 -20.55 -89.64 2.47
N LEU L 987 -19.32 -89.69 1.94
CA LEU L 987 -18.84 -88.57 1.13
C LEU L 987 -19.55 -88.54 -0.22
N ALA L 988 -19.97 -89.72 -0.71
CA ALA L 988 -20.70 -89.76 -1.97
C ALA L 988 -22.12 -89.28 -1.81
N ILE L 989 -22.75 -89.55 -0.68
CA ILE L 989 -24.12 -89.10 -0.43
C ILE L 989 -24.15 -87.83 0.41
N SER L 990 -23.04 -87.09 0.45
CA SER L 990 -22.94 -85.91 1.31
C SER L 990 -23.78 -84.77 0.76
N THR L 991 -24.70 -84.26 1.60
CA THR L 991 -25.52 -83.10 1.28
C THR L 991 -25.33 -82.09 2.42
N GLY L 992 -24.37 -81.19 2.25
CA GLY L 992 -24.08 -80.20 3.29
C GLY L 992 -22.97 -79.28 2.86
N ALA L 993 -22.19 -78.86 3.83
CA ALA L 993 -21.05 -77.98 3.56
C ALA L 993 -19.96 -78.75 2.83
N GLY L 994 -19.52 -78.20 1.69
CA GLY L 994 -18.50 -78.85 0.90
C GLY L 994 -18.95 -80.11 0.22
N SER L 995 -20.22 -80.19 -0.18
CA SER L 995 -20.74 -81.39 -0.82
C SER L 995 -20.13 -81.59 -2.20
N GLY L 996 -19.85 -80.50 -2.91
CA GLY L 996 -19.20 -80.62 -4.20
C GLY L 996 -17.78 -81.12 -4.09
N SER L 997 -17.05 -80.64 -3.09
CA SER L 997 -15.68 -81.08 -2.88
C SER L 997 -15.62 -82.52 -2.37
N GLN L 998 -16.70 -83.00 -1.75
CA GLN L 998 -16.75 -84.40 -1.33
C GLN L 998 -17.16 -85.30 -2.49
N HIS L 999 -18.08 -84.83 -3.34
CA HIS L 999 -18.48 -85.62 -4.49
C HIS L 999 -17.37 -85.67 -5.53
N ALA L 1000 -16.47 -84.67 -5.53
CA ALA L 1000 -15.36 -84.66 -6.47
C ALA L 1000 -14.32 -85.74 -6.16
N ILE L 1001 -14.37 -86.37 -4.99
CA ILE L 1001 -13.49 -87.49 -4.66
C ILE L 1001 -14.25 -88.79 -4.49
N GLY L 1002 -15.34 -88.79 -3.71
CA GLY L 1002 -15.97 -90.04 -3.30
C GLY L 1002 -16.69 -90.80 -4.40
N THR L 1003 -17.55 -90.08 -5.14
CA THR L 1003 -18.26 -90.69 -6.26
C THR L 1003 -17.30 -91.06 -7.39
N GLY L 1004 -16.14 -90.40 -7.45
CA GLY L 1004 -15.11 -90.84 -8.38
C GLY L 1004 -14.44 -92.13 -7.94
N VAL L 1005 -14.04 -92.21 -6.67
CA VAL L 1005 -13.25 -93.36 -6.25
C VAL L 1005 -14.05 -94.63 -6.06
N ILE L 1006 -15.36 -94.54 -5.82
CA ILE L 1006 -16.15 -95.76 -5.59
C ILE L 1006 -16.27 -96.59 -6.86
N GLY L 1007 -16.42 -95.92 -8.01
CA GLY L 1007 -16.53 -96.64 -9.27
C GLY L 1007 -15.21 -97.27 -9.69
N GLY L 1008 -14.11 -96.52 -9.56
CA GLY L 1008 -12.80 -97.06 -9.84
C GLY L 1008 -12.43 -98.21 -8.91
N MET L 1009 -12.91 -98.13 -7.66
CA MET L 1009 -12.63 -99.20 -6.71
C MET L 1009 -13.41 -100.46 -7.06
N VAL L 1010 -14.69 -100.33 -7.38
CA VAL L 1010 -15.48 -101.54 -7.65
C VAL L 1010 -15.05 -102.18 -8.97
N THR L 1011 -14.61 -101.38 -9.95
CA THR L 1011 -14.04 -101.98 -11.15
C THR L 1011 -12.70 -102.65 -10.84
N ALA L 1012 -11.83 -101.96 -10.10
CA ALA L 1012 -10.51 -102.48 -9.75
C ALA L 1012 -10.56 -103.59 -8.70
N THR L 1013 -11.73 -103.97 -8.20
CA THR L 1013 -11.81 -105.26 -7.54
C THR L 1013 -12.51 -106.32 -8.39
N VAL L 1014 -13.71 -106.06 -8.91
CA VAL L 1014 -14.48 -107.16 -9.50
C VAL L 1014 -14.01 -107.50 -10.91
N LEU L 1015 -13.17 -106.67 -11.53
CA LEU L 1015 -12.59 -107.07 -12.80
C LEU L 1015 -11.14 -107.49 -12.63
N ALA L 1016 -10.48 -106.95 -11.61
CA ALA L 1016 -9.08 -107.26 -11.38
C ALA L 1016 -8.89 -108.64 -10.76
N ILE L 1017 -9.82 -109.09 -9.92
CA ILE L 1017 -9.66 -110.42 -9.33
C ILE L 1017 -9.84 -111.52 -10.36
N PHE L 1018 -10.48 -111.21 -11.49
CA PHE L 1018 -10.55 -112.16 -12.58
C PHE L 1018 -9.43 -111.96 -13.59
N TRP L 1019 -8.94 -110.73 -13.75
CA TRP L 1019 -7.96 -110.46 -14.80
C TRP L 1019 -6.51 -110.48 -14.33
N VAL L 1020 -6.22 -110.55 -13.03
CA VAL L 1020 -4.83 -110.60 -12.59
C VAL L 1020 -4.11 -111.94 -12.83
N PRO L 1021 -4.73 -113.14 -12.68
CA PRO L 1021 -3.89 -114.33 -12.85
C PRO L 1021 -3.58 -114.64 -14.30
N LEU L 1022 -4.46 -114.25 -15.23
CA LEU L 1022 -4.15 -114.38 -16.66
C LEU L 1022 -3.02 -113.45 -17.05
N PHE L 1023 -2.91 -112.30 -16.39
CA PHE L 1023 -1.75 -111.45 -16.56
C PHE L 1023 -0.51 -112.12 -15.98
N TYR L 1024 -0.68 -112.87 -14.89
CA TYR L 1024 0.46 -113.55 -14.27
C TYR L 1024 0.97 -114.73 -15.09
N VAL L 1025 0.10 -115.42 -15.84
CA VAL L 1025 0.50 -116.68 -16.44
C VAL L 1025 0.75 -116.51 -17.95
N ALA L 1026 1.14 -115.30 -18.34
CA ALA L 1026 1.52 -115.03 -19.73
C ALA L 1026 2.69 -115.92 -20.17
N VAL L 1027 2.65 -116.34 -21.44
CA VAL L 1027 3.49 -117.45 -21.87
C VAL L 1027 4.95 -117.01 -22.02
N SER L 1028 5.17 -115.71 -22.23
CA SER L 1028 6.55 -115.21 -22.30
C SER L 1028 7.20 -115.12 -20.93
N THR L 1029 6.42 -115.16 -19.85
CA THR L 1029 6.94 -115.17 -18.50
C THR L 1029 7.46 -116.58 -18.19
N LEU L 1030 8.74 -116.79 -18.51
CA LEU L 1030 9.37 -118.08 -18.27
C LEU L 1030 9.75 -118.24 -16.80
#